data_6TCL
#
_entry.id   6TCL
#
_cell.length_a   1.00
_cell.length_b   1.00
_cell.length_c   1.00
_cell.angle_alpha   90.00
_cell.angle_beta   90.00
_cell.angle_gamma   90.00
#
_symmetry.space_group_name_H-M   'P 1'
#
loop_
_entity.id
_entity.type
_entity.pdbx_description
1 polymer 'Photosystem I P700 chlorophyll a apoprotein A1'
2 polymer 'Photosystem I P700 chlorophyll a apoprotein A2 1'
3 polymer 'Photosystem I iron-sulfur center'
4 polymer 'Photosystem I reaction center subunit II'
5 polymer 'Photosystem I reaction center subunit IV'
6 polymer 'Photosystem I reaction center subunit III'
7 polymer 'Photosystem I reaction center subunit VIII'
8 polymer 'Photosystem I reaction center subunit IX'
9 polymer 'Photosystem I reaction center subunit PsaK 1'
10 polymer 'Photosystem I reaction center subunit XI'
11 polymer 'Photosystem I reaction center subunit XII'
12 polymer 'Photosystem I 4.8 kDa protein'
13 polymer 'Photosystem I reaction center subunit III'
14 polymer 'Photosystem I reaction center subunit VIII'
15 polymer 'Photosystem I reaction center subunit PsaK 1'
16 polymer 'Photosystem I reaction center subunit XI'
17 polymer 'Photosystem I reaction center subunit IV'
18 polymer 'Photosystem I reaction center subunit XI'
19 non-polymer 'CHLOROPHYLL A'
20 non-polymer 'CHLOROPHYLL A ISOMER'
21 non-polymer PHYLLOQUINONE
22 non-polymer 1,2-DIPALMITOYL-PHOSPHATIDYL-GLYCEROLE
23 non-polymer BETA-CAROTENE
24 non-polymer Digitonin
25 non-polymer 1,2-DISTEAROYL-MONOGALACTOSYL-DIGLYCERIDE
26 non-polymer beta,beta-caroten-4-one
27 non-polymer 'IRON/SULFUR CLUSTER'
28 non-polymer 'DIGALACTOSYL DIACYL GLYCEROL (DGDG)'
#
loop_
_entity_poly.entity_id
_entity_poly.type
_entity_poly.pdbx_seq_one_letter_code
_entity_poly.pdbx_strand_id
1 'polypeptide(L)'
;KARVIVDKDPVPTSFEKWAQPGHFDRTLARGPKTTTWIWNLHALAHDFDTHTSDLEDISRKIFAAHFGHLAVVTIWLSGM
IFHGAKFSNYEAWLSDPLNVRPSAQVVWPIVGQDILNGDVGGGFHGIQITSGLFQVWRGWGITNSFQLYCTAIGGLVLAG
LFLFAGWFHYHKRAPKLEWFQNVESMLNHHLQVLLGCGSLGWAGHLIHVSAPINKLMDAGVAVKDIPLPHEFILNKSLLI
DLFPGFAAGLTPFFTLNWGQYADFLTFKGGLNPVTGGLWMTDIAHHHLAIAVVFIIAGHQYRTNWGIGHSIKEILENHKG
PFTGEGHKGLYENLTTSWHAQLATNLAFLGSLTIIIAHHMYAMPPYPYLATDYATQLCIFTHHIWIGGFLIVGGAAHAAI
FMVRDYDPVVNQNNVLDRVIRHRDAIISHLNWVCIFLGFHSFGLYIHNDTMRALGRPQDMFSDTAIQLQPVFAQWVQNLH
TLAPGGTAPNALEPVSYAFGGGVLAVGGKVAMMPIALGTADFLIHHIHAFTIHVTVLILLKGVLFARSSRLIPDKANLGF
RFPCDGPGRGGTCQVSGWDHVFLGLFWMYNSLSIVIFHFSWKMQSDVWGTVDAAGNVSHITGGNFAQSAITINGWLRDFL
WAQASQVINSYGSALSAYGLMFLGAHFVWAFSLMFLFSGRGYWQELIESIVWAHNKLKVAPAIQPRALSITQGRAVGVAH
YLLGGIATTWAFFHAHILSV
;
A1,A2,A,AA
2 'polypeptide(L)'
;TKFPKFSQDLAQDPTTRRIWYAMAMGNDFESHDGMTEENLYQKIFATHFGHLAIIFLWASSLLFHVAWQGNFEQWIKDPL
HVRPIAHAIWDPHFGKPAIEAFTQAGANGPVNIAYSGVYHWWYTIGMRTNTELYTGSVFLLLFASLFLFAGWLHLQPKFR
PSLAWFKSAESRLNHHLAGLFGVSSLAWAGHLIHVAIPESRGQHVGWDNFLSTAPHPAGLQPFFTGNWGVYAQNPDTAGH
IFSTSQGAGTAILTFLGGFHPQTESLWLTDMAHHHLAIAVLFIVAGHMYRTNFGIGHSIKEMMNAKTFFGKPVEGPFNMP
HQGIYDTYNNSLHFQLGWHLACLGVVTSWVAQHMYSLPSYAFIAKDYTTQAALYTHHQYIAIFLMVGAFAHGAIFLVRDY
DPEQNKGNVLERVLQHKEAIISHLSWVSLFLGFHTLGLYVHNDVVVAFGTPEKQILIEPVFAQFIQAAHGKVLYGLDTLL
SNPDSVAYTAYPNYANVWLPGWLDAINSGTNSLFLTIGPGDFLVHHAIALGLHTTTLILVKGALDARGSKLMPDKKDFGY
AFPCDGPGRGGTCDISAWDSFYLSLFWALNTVGWVTFYWHWKHLGIWQGNVAQFNENSTYLMGWFRDYLWANSAQLINGY
NPYGVNNLSVWAWMFLFGHLVWATGFMFLISWRGYWQELIETLVWAHERTPIANLVRWKDKPVALSIVQARVVGLAHFTV
GYVLTYAAFLIASTAGKFG
;
B1,B2,B,BB
3 'polypeptide(L)' SHTVKIYDTCIGCTQCVRACPTDVLEMVPWDGCKAAQVASSPRTEDCVGCKRCETACPTDFLSIRVYLGAETTRSMGLAY C1,C2,C,CC
4 'polypeptide(L)'
;LSGKTPLFAGSTGGLLTKAVEEEKYAITWTSPKAQVFELPTGGAATMHEGENLLYIARKEYGIALGGQLRKFKITNYKIY
RILPSGETTFIHPADGVFPEKVNAGREKVRFNARSIGENPNPSQVKFSGKATYD
;
D1,D2,D,DD
5 'polypeptide(L)' VQRGSKVRILRPESYWFQDVGTVASVDQSGIKYPVIVRFDKVNYAGINTNNFAVDELIEV E1,E2
6 'polypeptide(L)'
;GADLTPCAENPAFQALAKNARNTTADPQSGQKRFERYSQALCGPEGYPHLIVDGRLDRAGDFLIPSILFLYIAGWIGWVG
RAYLQAIKKDSDTEQKEIQLDLGIALPIIATGFAWPAAAVKELLSGELTAKDSEITVSP
;
F1,F,FF
7 'polypeptide(L)' ASFLSSIFVPVIGWVVPIATFSFLFLYIERE I1,I,II
8 'polypeptide(L)' ADKADQSSYLIKFISTAPVAATIWLTITAGILIEFNRFFPDLLFHPLP J1,J2,J,JJ
9 'polypeptide(L)' AATTPLEWSPTVGIIMVIANVIAITFGRQTIKYPSAEPALPSAKFFGGFGAPALLATTAFGHILGVGLVLGLHN K1,K,KK
10 'polypeptide(L)'
;AQAVDASKNLPSDPRNREVVFPAGRDPQWGNLETPVNASPLVKWFINNLPAYRPGLTPFRRGLEVGMAHGYFLFGPFAKL
GPLRDAANANLAGLLGAIGLVVLFTLALSLYANSNPPTALASVTVPNPPDAFQSKEGWNNFASAFLIGGIGGAVVAYFLT
SNLALI
;
L1
11 'polypeptide(L)' SSISDTQVYIALVVALIPGLLAWRLATELYK M1,M2,M,MM
12 'polypeptide(L)' KISPVANTGAKPPYTFRTGWALLLLAVNFLVAAYYFHII X1,X2,X,XX
13 'polypeptide(L)'
;GADLTPCAENPAFQALAKNARNTTADPQSGQKRFERYSQALCGPEGYPHLIVDGRLDRAGDFLIPSILFLYIAGWIGWVG
RAYLQAIKKDSDTEQKEIQLDLGIALPIIATGFAWPAAAVKELLSGELTAKDSEITV
;
F2
14 'polypeptide(L)' ASFLSSIFVPVIGWVVPIATFSFLFLYIEREDV I2
15 'polypeptide(L)' ATTPLEWSPTVGIIMVIANVIAITFGRQTIKYPSAEPALPSAKFFGGFGAPALLATTAFGHILGVGLVLGLHN K2
16 'polypeptide(L)'
;AQAVDASKNLPSDPRNREVVFPAGRDPQWGNLETPVNASPLVKWFINNLPAYRPGLTPFRRGLEVGMAHGYFLFGPFAKL
GPLRDAANANLAGLLGAIGLVVLFTLALSLYANSNPPTALASVTVPNPPDAFQSKEGWNNFASAFLIGGIGGAVVAYFLT
SNLALIQ
;
L2
17 'polypeptide(L)' VQRGSKVRILRPESYWFQDVGTVASVDQSGIKYPVIVRFDKVNYAGINTNNFAVDELIEVEAP E,EE
18 'polypeptide(L)'
;NREVVFPAGRDPQWGNLETPVNASPLVKWFINNLPAYRPGLTPFRRGLEVGMAHGYFLFGPFAKLGPLRDAANANLAGLL
GAIGLVVLFTLALSLYANSNPPTALASVTVPNPPDAFQSKEGWNNFASAFLIGGIGGAVVAYFLTSNLALIQGL
;
L,LL
#
# COMPACT_ATOMS: atom_id res chain seq x y z
N LYS A 1 15.63 -49.94 82.23
CA LYS A 1 15.51 -50.74 81.02
C LYS A 1 16.85 -50.94 80.32
N ALA A 2 17.94 -50.85 81.09
CA ALA A 2 19.29 -51.13 80.59
C ALA A 2 19.99 -52.00 81.63
N ARG A 3 19.29 -53.03 82.08
CA ARG A 3 19.76 -53.90 83.14
C ARG A 3 20.99 -54.69 82.70
N VAL A 4 21.64 -55.31 83.67
CA VAL A 4 22.79 -56.17 83.45
C VAL A 4 22.35 -57.60 83.65
N ILE A 5 22.12 -58.32 82.55
CA ILE A 5 21.82 -59.74 82.56
C ILE A 5 23.06 -60.48 82.11
N VAL A 6 23.42 -61.52 82.85
CA VAL A 6 24.63 -62.29 82.60
C VAL A 6 24.31 -63.77 82.81
N ASP A 7 24.60 -64.58 81.80
CA ASP A 7 24.37 -66.01 81.90
C ASP A 7 25.49 -66.67 82.68
N LYS A 8 25.17 -67.83 83.27
CA LYS A 8 26.07 -68.53 84.18
C LYS A 8 26.60 -69.80 83.51
N ASP A 9 27.92 -69.87 83.36
CA ASP A 9 28.61 -71.03 82.80
C ASP A 9 28.06 -71.40 81.42
N PRO A 10 28.18 -70.52 80.42
CA PRO A 10 27.68 -70.87 79.09
C PRO A 10 28.40 -72.04 78.45
N VAL A 11 29.74 -71.98 78.35
CA VAL A 11 30.53 -72.99 77.67
C VAL A 11 31.64 -73.46 78.61
N PRO A 12 32.06 -74.73 78.56
CA PRO A 12 33.20 -75.14 79.38
C PRO A 12 34.51 -74.56 78.87
N THR A 13 35.60 -74.93 79.54
CA THR A 13 36.94 -74.51 79.19
C THR A 13 37.87 -75.69 78.91
N SER A 14 37.40 -76.66 78.12
CA SER A 14 38.20 -77.84 77.83
C SER A 14 39.20 -77.56 76.72
N PHE A 15 40.26 -78.36 76.68
CA PHE A 15 41.26 -78.32 75.63
C PHE A 15 40.90 -79.23 74.45
N GLU A 16 39.76 -79.91 74.50
CA GLU A 16 39.44 -80.91 73.47
C GLU A 16 39.21 -80.25 72.12
N LYS A 17 38.64 -79.06 72.10
CA LYS A 17 38.36 -78.40 70.82
C LYS A 17 39.64 -78.00 70.10
N TRP A 18 40.71 -77.76 70.86
CA TRP A 18 42.01 -77.47 70.24
C TRP A 18 42.47 -78.66 69.42
N ALA A 19 42.18 -79.87 69.89
CA ALA A 19 42.66 -81.07 69.22
C ALA A 19 42.00 -81.27 67.87
N GLN A 20 40.70 -80.99 67.78
CA GLN A 20 39.95 -81.20 66.54
C GLN A 20 39.83 -79.88 65.79
N PRO A 21 40.65 -79.62 64.76
CA PRO A 21 40.42 -78.40 63.98
C PRO A 21 39.16 -78.52 63.13
N GLY A 22 38.58 -77.36 62.81
CA GLY A 22 37.36 -77.32 62.05
C GLY A 22 36.09 -77.36 62.86
N HIS A 23 36.16 -77.08 64.17
CA HIS A 23 34.97 -77.07 64.99
C HIS A 23 34.06 -75.87 64.70
N PHE A 24 34.53 -74.93 63.86
CA PHE A 24 33.72 -73.79 63.47
C PHE A 24 32.38 -74.23 62.89
N ASP A 25 32.41 -74.95 61.78
CA ASP A 25 31.25 -75.21 60.96
C ASP A 25 31.09 -76.72 60.75
N ARG A 26 29.88 -77.10 60.35
CA ARG A 26 29.58 -78.52 60.15
C ARG A 26 30.35 -79.08 58.96
N THR A 27 30.65 -78.23 57.97
CA THR A 27 31.39 -78.68 56.81
C THR A 27 32.86 -78.93 57.15
N LEU A 28 33.52 -77.95 57.77
CA LEU A 28 34.92 -78.11 58.13
C LEU A 28 35.08 -79.18 59.20
N ALA A 29 34.07 -79.36 60.06
CA ALA A 29 34.18 -80.33 61.14
C ALA A 29 34.23 -81.75 60.63
N ARG A 30 33.70 -81.99 59.42
CA ARG A 30 33.62 -83.35 58.92
C ARG A 30 35.00 -83.95 58.67
N GLY A 31 35.81 -83.29 57.84
CA GLY A 31 37.18 -83.73 57.65
C GLY A 31 37.90 -83.01 56.53
N PRO A 32 39.25 -83.12 56.50
CA PRO A 32 40.06 -82.45 55.46
C PRO A 32 40.28 -83.33 54.23
N LYS A 33 39.25 -83.45 53.39
CA LYS A 33 39.36 -84.32 52.22
C LYS A 33 40.30 -83.73 51.18
N THR A 34 40.43 -82.40 51.13
CA THR A 34 41.29 -81.72 50.16
C THR A 34 42.03 -80.59 50.84
N THR A 35 43.00 -80.04 50.12
CA THR A 35 43.83 -78.97 50.68
C THR A 35 43.09 -77.64 50.78
N THR A 36 41.98 -77.48 50.05
CA THR A 36 41.20 -76.26 50.17
C THR A 36 40.58 -76.13 51.56
N TRP A 37 40.39 -77.26 52.26
CA TRP A 37 39.92 -77.22 53.63
C TRP A 37 40.87 -76.42 54.52
N ILE A 38 42.18 -76.52 54.24
CA ILE A 38 43.17 -75.80 55.05
C ILE A 38 43.00 -74.30 54.85
N TRP A 39 42.93 -73.85 53.61
CA TRP A 39 42.75 -72.43 53.34
C TRP A 39 41.39 -71.94 53.83
N ASN A 40 40.38 -72.81 53.78
CA ASN A 40 39.06 -72.41 54.24
C ASN A 40 38.98 -72.35 55.76
N LEU A 41 39.83 -73.13 56.44
CA LEU A 41 39.86 -73.10 57.91
C LEU A 41 40.24 -71.72 58.42
N HIS A 42 41.13 -71.03 57.72
CA HIS A 42 41.56 -69.70 58.12
C HIS A 42 40.64 -68.59 57.67
N ALA A 43 40.14 -68.65 56.43
CA ALA A 43 39.30 -67.60 55.88
C ALA A 43 37.96 -67.47 56.58
N LEU A 44 37.54 -68.49 57.33
CA LEU A 44 36.29 -68.47 58.07
C LEU A 44 36.47 -68.37 59.58
N ALA A 45 37.71 -68.28 60.07
CA ALA A 45 37.95 -68.40 61.51
C ALA A 45 37.28 -67.26 62.27
N HIS A 46 37.38 -66.05 61.74
CA HIS A 46 36.79 -64.87 62.38
C HIS A 46 35.45 -64.49 61.76
N ASP A 47 34.84 -65.38 60.99
CA ASP A 47 33.53 -65.14 60.40
C ASP A 47 32.44 -65.81 61.24
N PHE A 48 32.16 -65.19 62.39
CA PHE A 48 31.25 -65.79 63.35
C PHE A 48 29.81 -65.84 62.86
N ASP A 49 29.47 -64.99 61.89
CA ASP A 49 28.11 -64.99 61.37
C ASP A 49 27.76 -66.31 60.69
N THR A 50 28.77 -67.03 60.19
CA THR A 50 28.53 -68.28 59.49
C THR A 50 28.39 -69.45 60.46
N HIS A 51 29.05 -69.36 61.62
CA HIS A 51 29.11 -70.51 62.52
C HIS A 51 27.75 -70.82 63.13
N THR A 52 27.07 -69.79 63.63
CA THR A 52 25.82 -69.96 64.34
C THR A 52 24.88 -68.83 63.96
N SER A 53 23.60 -69.17 63.81
CA SER A 53 22.59 -68.16 63.50
C SER A 53 22.17 -67.39 64.74
N ASP A 54 22.38 -67.96 65.92
CA ASP A 54 22.00 -67.30 67.16
C ASP A 54 22.84 -66.06 67.38
N LEU A 55 22.19 -64.89 67.36
CA LEU A 55 22.90 -63.62 67.43
C LEU A 55 23.62 -63.45 68.76
N GLU A 56 23.16 -64.12 69.82
CA GLU A 56 23.83 -64.03 71.10
C GLU A 56 25.25 -64.55 71.02
N ASP A 57 25.43 -65.73 70.41
CA ASP A 57 26.77 -66.31 70.32
C ASP A 57 27.68 -65.47 69.45
N ILE A 58 27.11 -64.72 68.50
CA ILE A 58 27.93 -63.83 67.69
C ILE A 58 28.49 -62.71 68.54
N SER A 59 27.63 -62.07 69.34
CA SER A 59 28.05 -60.92 70.13
C SER A 59 29.00 -61.34 71.24
N ARG A 60 28.72 -62.48 71.90
CA ARG A 60 29.59 -62.95 72.97
C ARG A 60 30.98 -63.26 72.45
N LYS A 61 31.06 -63.88 71.27
CA LYS A 61 32.35 -64.16 70.66
C LYS A 61 33.10 -62.88 70.36
N ILE A 62 32.40 -61.86 69.87
CA ILE A 62 33.03 -60.61 69.48
C ILE A 62 33.52 -59.85 70.71
N PHE A 63 32.66 -59.77 71.73
CA PHE A 63 33.02 -59.02 72.93
C PHE A 63 34.23 -59.62 73.62
N ALA A 64 34.35 -60.95 73.60
CA ALA A 64 35.52 -61.59 74.18
C ALA A 64 36.73 -61.48 73.25
N ALA A 65 36.48 -61.43 71.94
CA ALA A 65 37.58 -61.34 70.99
C ALA A 65 38.32 -60.01 71.11
N HIS A 66 37.58 -58.92 71.37
CA HIS A 66 38.22 -57.62 71.52
C HIS A 66 39.18 -57.63 72.70
N PHE A 67 38.84 -58.35 73.76
CA PHE A 67 39.68 -58.37 74.96
C PHE A 67 41.03 -59.01 74.67
N GLY A 68 41.04 -60.13 73.95
CA GLY A 68 42.30 -60.74 73.57
C GLY A 68 43.10 -59.85 72.65
N HIS A 69 42.41 -59.04 71.85
CA HIS A 69 43.10 -58.10 70.97
C HIS A 69 43.79 -57.00 71.77
N LEU A 70 43.10 -56.46 72.78
CA LEU A 70 43.70 -55.43 73.60
C LEU A 70 44.93 -55.96 74.34
N ALA A 71 44.92 -57.25 74.68
CA ALA A 71 46.10 -57.85 75.28
C ALA A 71 47.29 -57.78 74.34
N VAL A 72 47.04 -57.93 73.04
CA VAL A 72 48.11 -57.86 72.06
C VAL A 72 48.67 -56.44 71.99
N VAL A 73 47.78 -55.45 71.94
CA VAL A 73 48.22 -54.06 71.80
C VAL A 73 48.96 -53.61 73.05
N THR A 74 48.49 -54.05 74.22
CA THR A 74 49.15 -53.68 75.47
C THR A 74 50.52 -54.32 75.57
N ILE A 75 50.63 -55.58 75.13
CA ILE A 75 51.93 -56.25 75.10
C ILE A 75 52.86 -55.53 74.14
N TRP A 76 52.30 -55.05 73.02
CA TRP A 76 53.11 -54.31 72.05
C TRP A 76 53.60 -53.00 72.63
N LEU A 77 52.69 -52.22 73.23
CA LEU A 77 53.07 -50.93 73.79
C LEU A 77 54.02 -51.10 74.97
N SER A 78 53.84 -52.16 75.75
CA SER A 78 54.74 -52.41 76.86
C SER A 78 56.14 -52.77 76.35
N GLY A 79 56.22 -53.45 75.22
CA GLY A 79 57.52 -53.80 74.67
C GLY A 79 58.29 -52.59 74.19
N MET A 80 57.59 -51.63 73.58
CA MET A 80 58.24 -50.39 73.19
C MET A 80 58.81 -49.66 74.39
N ILE A 81 58.04 -49.64 75.49
CA ILE A 81 58.48 -48.94 76.69
C ILE A 81 59.60 -49.72 77.37
N PHE A 82 59.57 -51.05 77.27
CA PHE A 82 60.64 -51.85 77.84
C PHE A 82 61.94 -51.66 77.07
N HIS A 83 61.86 -51.68 75.73
CA HIS A 83 63.04 -51.44 74.91
C HIS A 83 63.61 -50.05 75.18
N GLY A 84 62.75 -49.08 75.48
CA GLY A 84 63.22 -47.76 75.84
C GLY A 84 64.00 -47.76 77.14
N ALA A 85 63.75 -48.74 78.00
CA ALA A 85 64.44 -48.80 79.28
C ALA A 85 65.82 -49.41 79.15
N LYS A 86 65.90 -50.64 78.65
CA LYS A 86 67.16 -51.38 78.61
C LYS A 86 67.99 -51.03 77.37
N PHE A 87 67.45 -51.31 76.19
CA PHE A 87 68.18 -51.14 74.93
C PHE A 87 67.74 -49.83 74.25
N SER A 88 68.36 -48.74 74.68
CA SER A 88 67.98 -47.43 74.20
C SER A 88 69.03 -46.41 74.62
N ASN A 89 68.97 -45.24 73.96
CA ASN A 89 69.80 -44.09 74.29
C ASN A 89 68.97 -42.91 74.77
N TYR A 90 67.82 -43.18 75.40
CA TYR A 90 66.90 -42.12 75.79
C TYR A 90 67.52 -41.19 76.83
N GLU A 91 68.20 -41.75 77.82
CA GLU A 91 68.78 -40.93 78.88
C GLU A 91 69.85 -40.00 78.31
N ALA A 92 70.57 -40.43 77.28
CA ALA A 92 71.51 -39.55 76.61
C ALA A 92 70.81 -38.58 75.68
N TRP A 93 69.66 -38.99 75.13
CA TRP A 93 68.92 -38.12 74.22
C TRP A 93 68.37 -36.90 74.94
N LEU A 94 68.02 -37.04 76.22
CA LEU A 94 67.46 -35.92 76.96
C LEU A 94 68.49 -34.80 77.14
N SER A 95 69.75 -35.16 77.34
CA SER A 95 70.79 -34.15 77.57
C SER A 95 71.08 -33.36 76.30
N ASP A 96 71.08 -34.04 75.15
CA ASP A 96 71.42 -33.44 73.86
C ASP A 96 70.45 -33.96 72.82
N PRO A 97 69.20 -33.50 72.81
CA PRO A 97 68.22 -34.06 71.88
C PRO A 97 68.49 -33.71 70.43
N LEU A 98 69.08 -32.55 70.16
CA LEU A 98 69.25 -32.11 68.78
C LEU A 98 70.37 -32.88 68.07
N ASN A 99 71.52 -33.02 68.71
CA ASN A 99 72.69 -33.61 68.09
C ASN A 99 72.81 -35.11 68.31
N VAL A 100 71.81 -35.75 68.93
CA VAL A 100 71.81 -37.18 69.19
C VAL A 100 70.60 -37.79 68.49
N ARG A 101 70.83 -38.88 67.76
CA ARG A 101 69.74 -39.56 67.08
C ARG A 101 69.09 -40.57 68.03
N PRO A 102 67.78 -40.82 67.87
CA PRO A 102 67.11 -41.77 68.77
C PRO A 102 67.22 -43.20 68.29
N SER A 103 67.59 -44.12 69.20
CA SER A 103 67.72 -45.53 68.88
C SER A 103 67.16 -46.36 70.02
N ALA A 104 66.56 -47.50 69.67
CA ALA A 104 65.95 -48.40 70.65
C ALA A 104 66.17 -49.87 70.36
N GLN A 105 67.02 -50.23 69.38
CA GLN A 105 67.20 -51.61 68.96
C GLN A 105 68.68 -51.89 68.78
N VAL A 106 69.10 -53.09 69.19
CA VAL A 106 70.49 -53.52 69.09
C VAL A 106 70.50 -54.96 68.56
N VAL A 107 71.10 -55.15 67.39
CA VAL A 107 71.29 -56.48 66.84
C VAL A 107 72.51 -57.10 67.50
N TRP A 108 72.59 -58.42 67.45
CA TRP A 108 73.58 -59.16 68.21
C TRP A 108 74.84 -59.39 67.38
N PRO A 109 75.99 -59.62 68.05
CA PRO A 109 77.23 -59.84 67.29
C PRO A 109 77.29 -61.24 66.69
N ILE A 110 76.66 -61.37 65.53
CA ILE A 110 76.54 -62.62 64.78
C ILE A 110 76.94 -62.28 63.36
N VAL A 111 76.57 -63.12 62.38
CA VAL A 111 77.14 -63.23 61.03
C VAL A 111 77.53 -61.92 60.34
N GLY A 112 77.04 -60.78 60.81
CA GLY A 112 77.32 -59.48 60.21
C GLY A 112 76.18 -58.49 60.27
N GLN A 113 75.16 -58.79 61.08
CA GLN A 113 74.18 -57.80 61.47
C GLN A 113 74.81 -56.58 62.14
N ASP A 114 75.94 -56.77 62.82
CA ASP A 114 76.50 -55.77 63.73
C ASP A 114 76.79 -54.43 63.05
N ILE A 115 76.94 -54.44 61.72
CA ILE A 115 77.08 -53.17 61.00
C ILE A 115 75.82 -52.33 61.13
N LEU A 116 74.66 -52.98 61.33
CA LEU A 116 73.42 -52.25 61.50
C LEU A 116 73.45 -51.39 62.76
N ASN A 117 74.11 -51.88 63.81
CA ASN A 117 74.34 -51.05 64.98
C ASN A 117 75.30 -49.93 64.63
N GLY A 118 74.76 -48.73 64.45
CA GLY A 118 75.54 -47.60 64.00
C GLY A 118 75.58 -46.52 65.06
N ASP A 119 76.56 -45.63 64.91
CA ASP A 119 76.74 -44.55 65.87
C ASP A 119 75.58 -43.56 65.76
N VAL A 120 74.67 -43.62 66.72
CA VAL A 120 73.52 -42.72 66.79
C VAL A 120 73.64 -41.71 67.91
N GLY A 121 74.81 -41.57 68.53
CA GLY A 121 75.00 -40.64 69.62
C GLY A 121 74.61 -41.24 70.96
N GLY A 122 75.25 -40.74 72.02
CA GLY A 122 74.97 -41.22 73.36
C GLY A 122 75.72 -42.47 73.74
N GLY A 123 76.81 -42.81 73.06
CA GLY A 123 77.53 -44.02 73.35
C GLY A 123 76.79 -45.30 73.06
N PHE A 124 75.73 -45.23 72.24
CA PHE A 124 74.88 -46.36 71.91
C PHE A 124 74.99 -46.65 70.42
N HIS A 125 75.23 -47.91 70.09
CA HIS A 125 75.32 -48.37 68.71
C HIS A 125 74.09 -49.22 68.43
N GLY A 126 73.15 -48.68 67.65
CA GLY A 126 71.89 -49.37 67.41
C GLY A 126 71.16 -48.76 66.23
N ILE A 127 69.97 -49.32 65.98
CA ILE A 127 69.17 -48.87 64.86
C ILE A 127 68.43 -47.59 65.24
N GLN A 128 68.39 -46.64 64.31
CA GLN A 128 67.73 -45.36 64.54
C GLN A 128 66.24 -45.52 64.31
N ILE A 129 65.45 -45.27 65.35
CA ILE A 129 64.00 -45.44 65.26
C ILE A 129 63.39 -44.19 64.63
N THR A 130 62.21 -44.36 64.04
CA THR A 130 61.44 -43.26 63.46
C THR A 130 60.01 -43.22 63.98
N SER A 131 59.69 -43.99 65.02
CA SER A 131 58.34 -44.00 65.55
C SER A 131 58.05 -42.74 66.37
N GLY A 132 59.08 -42.14 66.95
CA GLY A 132 58.92 -40.93 67.73
C GLY A 132 58.60 -41.15 69.18
N LEU A 133 58.84 -42.35 69.71
CA LEU A 133 58.52 -42.64 71.11
C LEU A 133 59.35 -41.78 72.06
N PHE A 134 60.56 -41.39 71.65
CA PHE A 134 61.40 -40.54 72.48
C PHE A 134 60.73 -39.20 72.72
N GLN A 135 60.11 -38.64 71.69
CA GLN A 135 59.40 -37.38 71.84
C GLN A 135 58.14 -37.57 72.67
N VAL A 136 57.54 -38.75 72.62
CA VAL A 136 56.33 -39.01 73.40
C VAL A 136 56.68 -39.11 74.88
N TRP A 137 57.69 -39.90 75.21
CA TRP A 137 58.04 -40.11 76.62
C TRP A 137 58.53 -38.81 77.25
N ARG A 138 59.18 -37.95 76.46
CA ARG A 138 59.59 -36.65 76.97
C ARG A 138 58.39 -35.77 77.28
N GLY A 139 57.41 -35.76 76.37
CA GLY A 139 56.20 -35.01 76.63
C GLY A 139 55.43 -35.55 77.82
N TRP A 140 55.57 -36.84 78.08
CA TRP A 140 54.95 -37.43 79.27
C TRP A 140 55.69 -37.07 80.55
N GLY A 141 56.92 -36.59 80.44
CA GLY A 141 57.70 -36.20 81.60
C GLY A 141 58.57 -37.28 82.18
N ILE A 142 59.01 -38.25 81.37
CA ILE A 142 59.87 -39.33 81.83
C ILE A 142 61.31 -38.89 81.63
N THR A 143 62.09 -38.88 82.71
CA THR A 143 63.45 -38.37 82.74
C THR A 143 64.49 -39.40 83.14
N ASN A 144 64.08 -40.64 83.43
CA ASN A 144 65.03 -41.69 83.80
C ASN A 144 64.47 -43.05 83.40
N SER A 145 65.33 -44.06 83.51
CA SER A 145 65.02 -45.37 82.95
C SER A 145 64.08 -46.17 83.84
N PHE A 146 64.35 -46.19 85.15
CA PHE A 146 63.50 -46.94 86.07
C PHE A 146 62.06 -46.47 86.00
N GLN A 147 61.85 -45.15 85.90
CA GLN A 147 60.51 -44.61 85.72
C GLN A 147 59.90 -45.13 84.43
N LEU A 148 60.72 -45.33 83.40
CA LEU A 148 60.25 -45.93 82.16
C LEU A 148 60.07 -47.43 82.30
N TYR A 149 60.83 -48.05 83.21
CA TYR A 149 60.71 -49.49 83.44
C TYR A 149 59.37 -49.84 84.05
N CYS A 150 58.90 -49.03 85.00
CA CYS A 150 57.67 -49.37 85.72
C CYS A 150 56.46 -49.35 84.80
N THR A 151 56.44 -48.44 83.83
CA THR A 151 55.30 -48.34 82.93
C THR A 151 55.17 -49.58 82.06
N ALA A 152 56.30 -50.20 81.71
CA ALA A 152 56.24 -51.43 80.91
C ALA A 152 55.58 -52.56 81.68
N ILE A 153 55.89 -52.67 82.98
CA ILE A 153 55.34 -53.76 83.78
C ILE A 153 53.84 -53.61 83.90
N GLY A 154 53.36 -52.38 84.06
CA GLY A 154 51.93 -52.16 84.22
C GLY A 154 51.14 -52.57 82.98
N GLY A 155 51.72 -52.38 81.80
CA GLY A 155 51.05 -52.80 80.59
C GLY A 155 50.89 -54.31 80.52
N LEU A 156 51.93 -55.04 80.93
CA LEU A 156 51.83 -56.49 80.95
C LEU A 156 50.79 -56.95 81.96
N VAL A 157 50.76 -56.31 83.14
CA VAL A 157 49.70 -56.59 84.10
C VAL A 157 48.34 -56.22 83.51
N LEU A 158 48.26 -55.04 82.89
CA LEU A 158 47.02 -54.65 82.23
C LEU A 158 46.67 -55.61 81.10
N ALA A 159 47.68 -56.18 80.45
CA ALA A 159 47.42 -57.16 79.39
C ALA A 159 46.76 -58.41 79.96
N GLY A 160 47.22 -58.87 81.12
CA GLY A 160 46.65 -60.06 81.71
C GLY A 160 45.21 -59.86 82.14
N LEU A 161 44.88 -58.66 82.61
CA LEU A 161 43.51 -58.37 83.02
C LEU A 161 42.57 -58.41 81.84
N PHE A 162 42.99 -57.87 80.70
CA PHE A 162 42.19 -57.99 79.48
C PHE A 162 42.06 -59.45 79.08
N LEU A 163 43.16 -60.19 79.11
CA LEU A 163 43.12 -61.60 78.73
C LEU A 163 42.27 -62.40 79.71
N PHE A 164 42.33 -62.06 81.00
CA PHE A 164 41.48 -62.72 81.98
C PHE A 164 40.01 -62.39 81.73
N ALA A 165 39.73 -61.17 81.26
CA ALA A 165 38.35 -60.74 81.11
C ALA A 165 37.63 -61.55 80.05
N GLY A 166 38.27 -61.74 78.90
CA GLY A 166 37.64 -62.49 77.82
C GLY A 166 37.31 -63.92 78.21
N TRP A 167 38.23 -64.57 78.92
CA TRP A 167 37.91 -65.86 79.53
C TRP A 167 36.74 -65.71 80.49
N PHE A 168 36.79 -64.66 81.31
CA PHE A 168 35.76 -64.45 82.32
C PHE A 168 34.40 -64.18 81.68
N HIS A 169 34.40 -63.50 80.54
CA HIS A 169 33.16 -63.04 79.92
C HIS A 169 32.67 -63.95 78.81
N TYR A 170 33.36 -65.05 78.52
CA TYR A 170 32.92 -66.03 77.53
C TYR A 170 32.69 -67.39 78.16
N HIS A 171 33.46 -67.76 79.19
CA HIS A 171 33.35 -69.09 79.78
C HIS A 171 32.46 -69.08 81.02
N LYS A 172 32.51 -68.00 81.81
CA LYS A 172 31.82 -67.91 83.09
C LYS A 172 30.62 -66.98 83.06
N ARG A 173 30.80 -65.75 82.58
CA ARG A 173 29.81 -64.68 82.76
C ARG A 173 29.53 -64.04 81.40
N ALA A 174 28.60 -64.63 80.65
CA ALA A 174 28.27 -64.17 79.31
C ALA A 174 27.09 -63.23 79.35
N PRO A 175 27.18 -61.98 78.88
CA PRO A 175 25.98 -61.15 78.78
C PRO A 175 25.04 -61.63 77.70
N LYS A 176 23.76 -61.37 77.90
CA LYS A 176 22.76 -61.66 76.88
C LYS A 176 22.76 -60.56 75.83
N LEU A 177 21.90 -60.74 74.81
CA LEU A 177 21.90 -59.83 73.67
C LEU A 177 21.51 -58.41 74.08
N GLU A 178 20.46 -58.25 74.88
CA GLU A 178 19.91 -56.92 75.13
C GLU A 178 20.87 -56.07 75.95
N TRP A 179 21.84 -56.69 76.62
CA TRP A 179 22.90 -55.92 77.26
C TRP A 179 23.74 -55.19 76.22
N PHE A 180 23.96 -55.83 75.07
CA PHE A 180 24.73 -55.19 74.00
C PHE A 180 23.90 -54.14 73.27
N GLN A 181 22.59 -54.37 73.15
CA GLN A 181 21.74 -53.49 72.36
C GLN A 181 21.45 -52.16 73.04
N ASN A 182 21.88 -51.98 74.29
CA ASN A 182 21.71 -50.70 74.99
C ASN A 182 22.77 -49.72 74.47
N VAL A 183 22.57 -49.29 73.23
CA VAL A 183 23.52 -48.38 72.60
C VAL A 183 23.52 -47.03 73.30
N GLU A 184 22.36 -46.61 73.81
CA GLU A 184 22.26 -45.32 74.48
C GLU A 184 23.13 -45.29 75.73
N SER A 185 23.22 -46.41 76.45
CA SER A 185 24.14 -46.51 77.57
C SER A 185 25.57 -46.61 77.08
N MET A 186 25.79 -47.24 75.92
CA MET A 186 27.13 -47.40 75.40
C MET A 186 27.73 -46.04 75.04
N LEU A 187 26.91 -45.13 74.52
CA LEU A 187 27.42 -43.84 74.06
C LEU A 187 27.68 -42.90 75.23
N ASN A 188 26.81 -42.90 76.24
CA ASN A 188 27.04 -42.09 77.42
C ASN A 188 28.34 -42.50 78.11
N HIS A 189 28.54 -43.80 78.26
CA HIS A 189 29.70 -44.30 78.98
C HIS A 189 30.99 -44.04 78.21
N HIS A 190 30.97 -44.22 76.90
CA HIS A 190 32.18 -44.04 76.10
C HIS A 190 32.51 -42.57 75.94
N LEU A 191 31.50 -41.72 75.77
CA LEU A 191 31.75 -40.30 75.57
C LEU A 191 32.28 -39.66 76.85
N GLN A 192 31.61 -39.88 77.97
CA GLN A 192 31.91 -39.12 79.18
C GLN A 192 33.11 -39.72 79.92
N VAL A 193 33.16 -41.04 80.03
CA VAL A 193 34.19 -41.69 80.83
C VAL A 193 35.45 -41.93 80.01
N LEU A 194 35.34 -42.69 78.92
CA LEU A 194 36.51 -43.07 78.15
C LEU A 194 37.16 -41.85 77.51
N LEU A 195 36.35 -41.00 76.86
CA LEU A 195 36.86 -39.83 76.16
C LEU A 195 36.85 -38.59 77.04
N GLY A 196 35.79 -38.40 77.81
CA GLY A 196 35.71 -37.21 78.65
C GLY A 196 36.63 -37.28 79.85
N CYS A 197 36.39 -38.23 80.74
CA CYS A 197 37.21 -38.33 81.95
C CYS A 197 38.64 -38.72 81.60
N GLY A 198 38.83 -39.52 80.56
CA GLY A 198 40.17 -39.84 80.11
C GLY A 198 40.96 -38.62 79.72
N SER A 199 40.29 -37.66 79.07
CA SER A 199 40.95 -36.40 78.74
C SER A 199 41.11 -35.53 79.98
N LEU A 200 40.13 -35.58 80.88
CA LEU A 200 40.19 -34.77 82.10
C LEU A 200 41.40 -35.17 82.95
N GLY A 201 41.63 -36.47 83.12
CA GLY A 201 42.78 -36.92 83.87
C GLY A 201 44.08 -36.49 83.24
N TRP A 202 44.16 -36.57 81.91
CA TRP A 202 45.38 -36.19 81.22
C TRP A 202 45.68 -34.71 81.41
N ALA A 203 44.63 -33.89 81.52
CA ALA A 203 44.83 -32.48 81.85
C ALA A 203 45.45 -32.34 83.22
N GLY A 204 45.09 -33.22 84.16
CA GLY A 204 45.71 -33.19 85.47
C GLY A 204 47.17 -33.60 85.41
N HIS A 205 47.49 -34.54 84.51
CA HIS A 205 48.88 -34.97 84.36
C HIS A 205 49.73 -33.89 83.73
N LEU A 206 49.23 -33.26 82.66
CA LEU A 206 50.01 -32.24 81.97
C LEU A 206 50.26 -31.05 82.87
N ILE A 207 49.30 -30.73 83.74
CA ILE A 207 49.43 -29.56 84.60
C ILE A 207 50.39 -29.85 85.74
N HIS A 208 50.25 -31.01 86.37
CA HIS A 208 51.07 -31.32 87.54
C HIS A 208 52.47 -31.78 87.15
N VAL A 209 52.56 -32.64 86.14
CA VAL A 209 53.77 -33.41 85.86
C VAL A 209 54.50 -32.86 84.63
N SER A 210 53.86 -32.89 83.47
CA SER A 210 54.56 -32.65 82.22
C SER A 210 54.99 -31.19 82.09
N ALA A 211 54.05 -30.26 82.24
CA ALA A 211 54.34 -28.86 81.96
C ALA A 211 55.43 -28.28 82.84
N PRO A 212 55.48 -28.53 84.16
CA PRO A 212 56.65 -28.07 84.93
C PRO A 212 57.92 -28.78 84.54
N ILE A 213 57.85 -30.08 84.27
CA ILE A 213 59.05 -30.83 83.89
C ILE A 213 59.57 -30.33 82.56
N ASN A 214 58.69 -30.14 81.59
CA ASN A 214 59.11 -29.65 80.28
C ASN A 214 59.65 -28.23 80.39
N LYS A 215 59.06 -27.41 81.26
CA LYS A 215 59.51 -26.03 81.38
C LYS A 215 60.91 -25.96 81.98
N LEU A 216 61.18 -26.76 83.00
CA LEU A 216 62.51 -26.76 83.61
C LEU A 216 63.55 -27.31 82.65
N MET A 217 63.24 -28.43 81.99
CA MET A 217 64.17 -29.03 81.04
C MET A 217 64.41 -28.10 79.86
N ASP A 218 63.42 -27.28 79.52
CA ASP A 218 63.55 -26.36 78.39
C ASP A 218 64.39 -25.14 78.75
N ALA A 219 64.36 -24.72 80.01
CA ALA A 219 65.06 -23.52 80.45
C ALA A 219 66.54 -23.76 80.75
N GLY A 220 67.09 -24.91 80.38
CA GLY A 220 68.49 -25.21 80.58
C GLY A 220 68.80 -26.02 81.82
N VAL A 221 67.80 -26.43 82.59
CA VAL A 221 68.04 -27.22 83.78
C VAL A 221 68.44 -28.63 83.38
N ALA A 222 69.53 -29.12 83.96
CA ALA A 222 69.98 -30.48 83.69
C ALA A 222 68.98 -31.49 84.27
N VAL A 223 68.96 -32.67 83.66
CA VAL A 223 67.98 -33.68 84.05
C VAL A 223 68.23 -34.16 85.47
N LYS A 224 69.50 -34.15 85.90
CA LYS A 224 69.81 -34.55 87.27
C LYS A 224 69.23 -33.57 88.27
N ASP A 225 69.11 -32.30 87.88
CA ASP A 225 68.62 -31.27 88.80
C ASP A 225 67.10 -31.20 88.81
N ILE A 226 66.45 -31.70 87.77
CA ILE A 226 64.99 -31.60 87.68
C ILE A 226 64.38 -32.45 88.80
N PRO A 227 63.46 -31.92 89.62
CA PRO A 227 62.82 -32.78 90.63
C PRO A 227 61.95 -33.84 90.00
N LEU A 228 61.57 -34.82 90.81
CA LEU A 228 60.69 -35.88 90.36
C LEU A 228 59.25 -35.41 90.41
N PRO A 229 58.33 -36.13 89.73
CA PRO A 229 56.94 -35.65 89.67
C PRO A 229 56.25 -35.58 91.02
N HIS A 230 56.53 -36.54 91.92
CA HIS A 230 55.85 -36.56 93.21
C HIS A 230 56.18 -35.33 94.04
N GLU A 231 57.37 -34.76 93.85
CA GLU A 231 57.79 -33.63 94.68
C GLU A 231 56.96 -32.39 94.37
N PHE A 232 56.41 -32.29 93.15
CA PHE A 232 55.56 -31.15 92.82
C PHE A 232 54.27 -31.16 93.62
N ILE A 233 53.73 -32.36 93.87
CA ILE A 233 52.49 -32.46 94.63
C ILE A 233 52.72 -32.10 96.09
N LEU A 234 53.78 -32.66 96.68
CA LEU A 234 54.07 -32.39 98.08
C LEU A 234 54.51 -30.96 98.29
N ASN A 235 55.55 -30.53 97.57
CA ASN A 235 56.07 -29.17 97.66
C ASN A 235 55.44 -28.33 96.56
N LYS A 236 54.60 -27.38 96.96
CA LYS A 236 53.93 -26.49 96.02
C LYS A 236 54.75 -25.25 95.68
N SER A 237 55.81 -24.98 96.43
CA SER A 237 56.65 -23.82 96.13
C SER A 237 57.31 -23.96 94.76
N LEU A 238 57.61 -25.20 94.36
CA LEU A 238 58.22 -25.42 93.06
C LEU A 238 57.28 -25.03 91.93
N LEU A 239 56.00 -25.45 92.03
CA LEU A 239 55.03 -25.08 91.00
C LEU A 239 54.78 -23.57 91.00
N ILE A 240 54.81 -22.94 92.17
CA ILE A 240 54.50 -21.53 92.25
C ILE A 240 55.60 -20.70 91.59
N ASP A 241 56.84 -21.17 91.68
CA ASP A 241 57.95 -20.48 91.04
C ASP A 241 57.82 -20.52 89.53
N LEU A 242 57.35 -21.65 89.00
CA LEU A 242 57.17 -21.80 87.56
C LEU A 242 55.82 -21.27 87.12
N PHE A 243 54.76 -21.70 87.79
CA PHE A 243 53.39 -21.30 87.47
C PHE A 243 52.80 -20.64 88.71
N PRO A 244 52.85 -19.30 88.83
CA PRO A 244 52.29 -18.65 90.03
C PRO A 244 50.78 -18.80 90.17
N GLY A 245 50.08 -19.32 89.17
CA GLY A 245 48.63 -19.47 89.29
C GLY A 245 48.22 -20.38 90.43
N PHE A 246 49.10 -21.30 90.83
CA PHE A 246 48.78 -22.23 91.91
C PHE A 246 48.71 -21.54 93.27
N ALA A 247 49.26 -20.35 93.41
CA ALA A 247 49.25 -19.66 94.70
C ALA A 247 47.82 -19.36 95.14
N ALA A 248 46.94 -19.03 94.19
CA ALA A 248 45.56 -18.74 94.53
C ALA A 248 44.83 -20.01 94.99
N GLY A 249 45.22 -21.16 94.46
CA GLY A 249 44.61 -22.42 94.83
C GLY A 249 43.44 -22.78 93.94
N LEU A 250 42.50 -23.52 94.52
CA LEU A 250 41.30 -23.96 93.83
C LEU A 250 40.13 -22.99 94.00
N THR A 251 40.26 -21.98 94.85
CA THR A 251 39.18 -21.02 95.04
C THR A 251 38.83 -20.26 93.76
N PRO A 252 39.78 -19.81 92.93
CA PRO A 252 39.37 -19.12 91.68
C PRO A 252 38.59 -20.02 90.74
N PHE A 253 38.77 -21.33 90.82
CA PHE A 253 38.05 -22.24 89.95
C PHE A 253 36.55 -22.20 90.22
N PHE A 254 36.17 -22.30 91.50
CA PHE A 254 34.76 -22.39 91.84
C PHE A 254 34.09 -21.03 91.77
N THR A 255 34.83 -19.96 92.07
CA THR A 255 34.30 -18.61 91.97
C THR A 255 34.34 -18.05 90.55
N LEU A 256 34.68 -18.88 89.56
CA LEU A 256 34.75 -18.48 88.15
C LEU A 256 35.79 -17.40 87.88
N ASN A 257 36.77 -17.24 88.77
CA ASN A 257 37.88 -16.31 88.55
C ASN A 257 39.00 -17.08 87.85
N TRP A 258 38.68 -17.56 86.66
CA TRP A 258 39.59 -18.42 85.90
C TRP A 258 40.73 -17.66 85.25
N GLY A 259 40.83 -16.34 85.46
CA GLY A 259 41.98 -15.60 84.95
C GLY A 259 43.23 -15.86 85.76
N GLN A 260 43.09 -16.30 86.99
CA GLN A 260 44.23 -16.59 87.85
C GLN A 260 45.07 -17.73 87.27
N TYR A 261 44.42 -18.65 86.57
CA TYR A 261 45.09 -19.79 85.95
C TYR A 261 45.62 -19.48 84.56
N ALA A 262 45.80 -18.20 84.20
CA ALA A 262 46.31 -17.85 82.88
C ALA A 262 47.78 -18.22 82.73
N ASP A 263 48.49 -18.50 83.81
CA ASP A 263 49.90 -18.86 83.72
C ASP A 263 50.07 -20.21 83.03
N PHE A 264 49.34 -21.22 83.48
CA PHE A 264 49.45 -22.59 82.97
C PHE A 264 48.24 -23.04 82.17
N LEU A 265 47.39 -22.11 81.75
CA LEU A 265 46.31 -22.37 80.81
C LEU A 265 46.22 -21.18 79.87
N THR A 266 46.56 -21.40 78.60
CA THR A 266 46.81 -20.30 77.68
C THR A 266 46.17 -20.59 76.33
N PHE A 267 46.26 -19.59 75.44
CA PHE A 267 45.83 -19.70 74.06
C PHE A 267 46.91 -19.08 73.17
N LYS A 268 48.15 -19.45 73.44
CA LYS A 268 49.27 -18.92 72.66
C LYS A 268 49.16 -19.33 71.20
N GLY A 269 48.63 -20.53 70.95
CA GLY A 269 48.32 -20.96 69.61
C GLY A 269 49.49 -21.13 68.67
N GLY A 270 50.71 -21.25 69.19
CA GLY A 270 51.89 -21.40 68.36
C GLY A 270 52.84 -22.40 68.97
N LEU A 271 54.01 -22.51 68.33
CA LEU A 271 55.01 -23.47 68.78
C LEU A 271 56.02 -22.81 69.71
N ASN A 272 56.56 -23.60 70.63
CA ASN A 272 57.59 -23.11 71.53
C ASN A 272 58.87 -22.85 70.73
N PRO A 273 59.46 -21.64 70.80
CA PRO A 273 60.65 -21.40 69.96
C PRO A 273 61.83 -22.29 70.29
N VAL A 274 62.02 -22.65 71.55
CA VAL A 274 63.23 -23.38 71.94
C VAL A 274 63.14 -24.83 71.49
N THR A 275 61.98 -25.45 71.71
CA THR A 275 61.72 -26.83 71.30
C THR A 275 60.56 -26.82 70.32
N GLY A 276 60.78 -27.35 69.12
CA GLY A 276 59.70 -27.43 68.15
C GLY A 276 58.57 -28.26 68.70
N GLY A 277 57.50 -27.61 69.10
CA GLY A 277 56.41 -28.25 69.81
C GLY A 277 55.43 -27.24 70.34
N LEU A 278 54.17 -27.64 70.38
CA LEU A 278 53.13 -26.79 70.93
C LEU A 278 53.37 -26.57 72.42
N TRP A 279 52.94 -25.42 72.91
CA TRP A 279 53.10 -25.10 74.32
C TRP A 279 52.30 -26.07 75.18
N MET A 280 52.95 -26.61 76.21
CA MET A 280 52.29 -27.58 77.07
C MET A 280 51.11 -26.96 77.81
N THR A 281 51.15 -25.65 78.06
CA THR A 281 50.03 -24.98 78.71
C THR A 281 48.79 -25.03 77.84
N ASP A 282 48.95 -24.88 76.53
CA ASP A 282 47.81 -25.01 75.62
C ASP A 282 47.28 -26.44 75.62
N ILE A 283 48.18 -27.42 75.74
CA ILE A 283 47.74 -28.82 75.78
C ILE A 283 47.05 -29.10 77.11
N ALA A 284 47.36 -28.33 78.15
CA ALA A 284 46.62 -28.44 79.40
C ALA A 284 45.25 -27.80 79.27
N HIS A 285 45.20 -26.57 78.74
CA HIS A 285 43.94 -25.92 78.44
C HIS A 285 43.14 -26.74 77.43
N HIS A 286 43.85 -27.45 76.54
CA HIS A 286 43.20 -28.26 75.52
C HIS A 286 42.29 -29.32 76.14
N HIS A 287 42.88 -30.26 76.88
CA HIS A 287 42.13 -31.41 77.36
C HIS A 287 41.06 -30.99 78.36
N LEU A 288 41.33 -29.94 79.13
CA LEU A 288 40.34 -29.45 80.09
C LEU A 288 39.10 -28.96 79.37
N ALA A 289 39.27 -28.33 78.21
CA ALA A 289 38.14 -27.82 77.46
C ALA A 289 37.30 -28.95 76.86
N ILE A 290 37.95 -30.02 76.44
CA ILE A 290 37.27 -31.07 75.69
C ILE A 290 36.56 -32.02 76.63
N ALA A 291 37.11 -32.24 77.82
CA ALA A 291 36.47 -33.11 78.78
C ALA A 291 35.10 -32.59 79.18
N VAL A 292 34.99 -31.28 79.41
CA VAL A 292 33.70 -30.67 79.68
C VAL A 292 32.74 -30.91 78.52
N VAL A 293 33.25 -30.81 77.30
CA VAL A 293 32.41 -30.97 76.12
C VAL A 293 31.94 -32.41 76.00
N PHE A 294 32.85 -33.37 76.16
CA PHE A 294 32.47 -34.78 76.05
C PHE A 294 31.56 -35.19 77.18
N ILE A 295 31.84 -34.71 78.40
CA ILE A 295 30.99 -35.07 79.54
C ILE A 295 29.59 -34.53 79.35
N ILE A 296 29.48 -33.31 78.82
CA ILE A 296 28.17 -32.75 78.50
C ILE A 296 27.51 -33.54 77.38
N ALA A 297 28.29 -33.88 76.36
CA ALA A 297 27.72 -34.46 75.15
C ALA A 297 27.11 -35.84 75.40
N GLY A 298 27.56 -36.52 76.45
CA GLY A 298 27.13 -37.90 76.65
C GLY A 298 25.73 -38.01 77.23
N HIS A 299 25.30 -37.00 77.97
CA HIS A 299 24.01 -37.06 78.65
C HIS A 299 22.81 -36.97 77.70
N GLN A 300 23.02 -36.88 76.38
CA GLN A 300 21.91 -36.68 75.46
C GLN A 300 20.92 -37.83 75.49
N TYR A 301 21.40 -39.06 75.63
CA TYR A 301 20.57 -40.24 75.47
C TYR A 301 19.98 -40.70 76.82
N ARG A 302 18.96 -41.56 76.73
CA ARG A 302 17.96 -41.67 77.81
C ARG A 302 18.48 -42.48 78.99
N THR A 303 18.72 -43.77 78.79
CA THR A 303 19.38 -44.63 79.77
C THR A 303 18.62 -44.71 81.10
N ASN A 304 17.40 -45.24 81.04
CA ASN A 304 16.59 -45.76 82.16
C ASN A 304 15.89 -44.73 83.01
N TRP A 305 16.23 -43.44 82.90
CA TRP A 305 15.68 -42.40 83.77
C TRP A 305 14.80 -41.39 83.03
N GLY A 306 14.45 -41.66 81.77
CA GLY A 306 13.50 -40.86 81.02
C GLY A 306 14.03 -39.55 80.48
N ILE A 307 15.23 -39.13 80.88
CA ILE A 307 15.80 -37.85 80.50
C ILE A 307 16.77 -38.09 79.35
N GLY A 308 16.37 -37.67 78.16
CA GLY A 308 17.20 -37.81 76.98
C GLY A 308 16.35 -38.19 75.78
N HIS A 309 17.04 -38.50 74.69
CA HIS A 309 16.42 -38.83 73.42
C HIS A 309 16.46 -40.33 73.20
N SER A 310 15.42 -40.85 72.56
CA SER A 310 15.55 -42.09 71.82
C SER A 310 16.13 -41.77 70.44
N ILE A 311 17.21 -42.44 70.09
CA ILE A 311 17.85 -42.18 68.80
C ILE A 311 16.91 -42.53 67.66
N LYS A 312 15.98 -43.46 67.90
CA LYS A 312 14.92 -43.72 66.93
C LYS A 312 14.10 -42.48 66.66
N GLU A 313 13.80 -41.70 67.69
CA GLU A 313 12.98 -40.50 67.51
C GLU A 313 13.72 -39.45 66.69
N ILE A 314 15.02 -39.30 66.90
CA ILE A 314 15.78 -38.27 66.20
C ILE A 314 15.87 -38.61 64.73
N LEU A 315 16.11 -39.88 64.42
CA LEU A 315 16.27 -40.30 63.03
C LEU A 315 14.95 -40.22 62.29
N GLU A 316 13.88 -40.74 62.88
CA GLU A 316 12.58 -40.76 62.20
C GLU A 316 12.07 -39.35 61.95
N ASN A 317 12.45 -38.38 62.79
CA ASN A 317 12.02 -37.01 62.63
C ASN A 317 12.89 -36.20 61.67
N HIS A 318 13.92 -36.81 61.08
CA HIS A 318 14.82 -36.13 60.16
C HIS A 318 14.47 -36.42 58.70
N LYS A 319 13.23 -36.79 58.43
CA LYS A 319 12.78 -36.99 57.06
C LYS A 319 12.67 -35.62 56.37
N GLY A 320 12.24 -35.66 55.11
CA GLY A 320 12.12 -34.44 54.34
C GLY A 320 11.30 -34.64 53.07
N PRO A 321 11.25 -33.61 52.24
CA PRO A 321 10.49 -33.76 50.97
C PRO A 321 11.10 -34.75 50.01
N PHE A 322 12.40 -34.60 49.72
CA PHE A 322 13.04 -35.45 48.73
C PHE A 322 13.26 -36.88 49.21
N THR A 323 13.37 -37.09 50.52
CA THR A 323 13.49 -38.42 51.10
C THR A 323 12.18 -38.75 51.80
N GLY A 324 11.51 -39.79 51.31
CA GLY A 324 10.14 -40.06 51.71
C GLY A 324 9.93 -40.28 53.19
N GLU A 325 10.43 -41.40 53.71
CA GLU A 325 10.32 -41.72 55.12
C GLU A 325 11.57 -41.35 55.90
N GLY A 326 12.59 -40.81 55.25
CA GLY A 326 13.78 -40.39 55.97
C GLY A 326 14.54 -41.58 56.53
N HIS A 327 15.08 -41.39 57.73
CA HIS A 327 15.95 -42.37 58.37
C HIS A 327 15.16 -43.44 59.12
N LYS A 328 13.86 -43.58 58.85
CA LYS A 328 13.06 -44.63 59.46
C LYS A 328 13.60 -46.00 59.07
N GLY A 329 13.94 -46.81 60.06
CA GLY A 329 14.43 -48.16 59.85
C GLY A 329 15.93 -48.31 60.00
N LEU A 330 16.70 -47.22 59.99
CA LEU A 330 18.15 -47.35 60.11
C LEU A 330 18.57 -47.81 61.49
N TYR A 331 17.91 -47.30 62.55
CA TYR A 331 18.27 -47.68 63.90
C TYR A 331 18.13 -49.19 64.12
N GLU A 332 17.19 -49.81 63.41
CA GLU A 332 17.07 -51.26 63.48
C GLU A 332 18.26 -51.95 62.79
N ASN A 333 18.78 -51.34 61.72
CA ASN A 333 19.92 -51.91 61.02
C ASN A 333 21.17 -51.90 61.89
N LEU A 334 21.49 -50.73 62.46
CA LEU A 334 22.70 -50.60 63.26
C LEU A 334 22.63 -51.47 64.52
N THR A 335 21.42 -51.69 65.03
CA THR A 335 21.25 -52.52 66.23
C THR A 335 21.19 -53.99 65.87
N THR A 336 20.78 -54.31 64.64
CA THR A 336 20.65 -55.71 64.26
C THR A 336 21.98 -56.27 63.78
N SER A 337 22.68 -55.54 62.92
CA SER A 337 23.86 -56.03 62.23
C SER A 337 25.12 -55.49 62.89
N TRP A 338 26.07 -56.38 63.15
CA TRP A 338 27.39 -55.96 63.58
C TRP A 338 28.18 -55.36 62.43
N HIS A 339 27.93 -55.82 61.21
CA HIS A 339 28.70 -55.37 60.06
C HIS A 339 28.46 -53.90 59.77
N ALA A 340 27.20 -53.45 59.88
CA ALA A 340 26.89 -52.05 59.63
C ALA A 340 27.60 -51.14 60.63
N GLN A 341 27.62 -51.55 61.91
CA GLN A 341 28.34 -50.77 62.90
C GLN A 341 29.83 -50.75 62.61
N LEU A 342 30.37 -51.88 62.14
CA LEU A 342 31.78 -51.91 61.76
C LEU A 342 32.05 -50.98 60.59
N ALA A 343 31.13 -50.93 59.63
CA ALA A 343 31.33 -50.10 58.45
C ALA A 343 31.41 -48.62 58.82
N THR A 344 30.51 -48.18 59.70
CA THR A 344 30.54 -46.78 60.14
C THR A 344 31.77 -46.51 61.00
N ASN A 345 32.03 -47.37 61.98
CA ASN A 345 33.12 -47.13 62.91
C ASN A 345 34.47 -47.22 62.22
N LEU A 346 34.58 -48.08 61.22
CA LEU A 346 35.86 -48.27 60.54
C LEU A 346 36.12 -47.18 59.51
N ALA A 347 35.07 -46.76 58.80
CA ALA A 347 35.23 -45.76 57.76
C ALA A 347 35.62 -44.41 58.35
N PHE A 348 34.91 -43.99 59.39
CA PHE A 348 35.18 -42.68 59.98
C PHE A 348 36.46 -42.68 60.81
N LEU A 349 36.76 -43.81 61.46
CA LEU A 349 38.02 -43.92 62.17
C LEU A 349 39.19 -43.84 61.20
N GLY A 350 39.02 -44.38 60.00
CA GLY A 350 40.06 -44.24 58.99
C GLY A 350 40.29 -42.80 58.61
N SER A 351 39.21 -42.04 58.44
CA SER A 351 39.34 -40.64 58.05
C SER A 351 39.97 -39.81 59.17
N LEU A 352 39.73 -40.19 60.42
CA LEU A 352 40.44 -39.57 61.53
C LEU A 352 41.95 -39.75 61.38
N THR A 353 42.37 -40.97 61.03
CA THR A 353 43.79 -41.28 61.00
C THR A 353 44.50 -40.47 59.93
N ILE A 354 43.79 -40.13 58.85
CA ILE A 354 44.33 -39.25 57.84
C ILE A 354 44.33 -37.81 58.34
N ILE A 355 43.24 -37.40 58.99
CA ILE A 355 43.16 -36.04 59.54
C ILE A 355 44.21 -35.85 60.61
N ILE A 356 44.48 -36.89 61.39
CA ILE A 356 45.50 -36.81 62.44
C ILE A 356 46.86 -36.56 61.82
N ALA A 357 47.18 -37.25 60.74
CA ALA A 357 48.46 -37.08 60.08
C ALA A 357 48.63 -35.66 59.57
N HIS A 358 47.55 -35.03 59.14
CA HIS A 358 47.63 -33.69 58.57
C HIS A 358 47.84 -32.64 59.65
N HIS A 359 47.16 -32.79 60.78
CA HIS A 359 47.29 -31.81 61.85
C HIS A 359 48.67 -31.90 62.49
N MET A 360 49.25 -33.09 62.53
CA MET A 360 50.47 -33.30 63.31
C MET A 360 51.69 -32.68 62.66
N TYR A 361 51.78 -32.73 61.33
CA TYR A 361 52.98 -32.23 60.68
C TYR A 361 53.04 -30.70 60.73
N ALA A 362 51.89 -30.05 60.54
CA ALA A 362 51.87 -28.60 60.55
C ALA A 362 51.91 -28.05 61.97
N MET A 363 51.34 -28.80 62.92
CA MET A 363 51.35 -28.46 64.33
C MET A 363 52.05 -29.59 65.07
N PRO A 364 53.38 -29.63 65.06
CA PRO A 364 54.09 -30.66 65.82
C PRO A 364 53.74 -30.58 67.29
N PRO A 365 53.07 -31.59 67.86
CA PRO A 365 52.59 -31.48 69.25
C PRO A 365 53.51 -32.06 70.32
N TYR A 366 54.71 -32.50 69.96
CA TYR A 366 55.69 -33.03 70.90
C TYR A 366 56.97 -32.22 70.81
N PRO A 367 57.82 -32.26 71.83
CA PRO A 367 59.09 -31.53 71.74
C PRO A 367 60.07 -32.22 70.78
N TYR A 368 60.69 -31.42 69.93
CA TYR A 368 61.77 -31.82 69.04
C TYR A 368 61.33 -32.79 67.95
N LEU A 369 60.04 -32.76 67.55
CA LEU A 369 59.62 -33.57 66.42
C LEU A 369 59.96 -32.90 65.09
N ALA A 370 59.77 -31.59 65.00
CA ALA A 370 59.93 -30.90 63.74
C ALA A 370 61.37 -30.98 63.24
N THR A 371 62.34 -30.88 64.15
CA THR A 371 63.74 -31.02 63.75
C THR A 371 64.01 -32.43 63.24
N ASP A 372 63.32 -33.44 63.80
CA ASP A 372 63.49 -34.82 63.37
C ASP A 372 62.61 -35.05 62.14
N TYR A 373 63.17 -34.72 60.98
CA TYR A 373 62.45 -34.92 59.73
C TYR A 373 62.13 -36.40 59.49
N ALA A 374 62.96 -37.30 60.01
CA ALA A 374 62.72 -38.73 59.84
C ALA A 374 61.42 -39.14 60.50
N THR A 375 61.18 -38.66 61.72
CA THR A 375 60.01 -39.10 62.47
C THR A 375 58.73 -38.52 61.89
N GLN A 376 58.81 -37.34 61.27
CA GLN A 376 57.61 -36.71 60.73
C GLN A 376 57.08 -37.46 59.51
N LEU A 377 57.97 -37.80 58.57
CA LEU A 377 57.52 -38.50 57.38
C LEU A 377 56.97 -39.87 57.71
N CYS A 378 57.70 -40.64 58.52
CA CYS A 378 57.27 -42.00 58.84
C CYS A 378 55.94 -41.99 59.59
N ILE A 379 55.70 -40.96 60.40
CA ILE A 379 54.44 -40.84 61.10
C ILE A 379 53.32 -40.40 60.15
N PHE A 380 53.63 -39.42 59.31
CA PHE A 380 52.64 -38.91 58.35
C PHE A 380 52.26 -39.98 57.35
N THR A 381 53.22 -40.83 56.97
CA THR A 381 52.94 -41.87 55.99
C THR A 381 52.17 -43.02 56.60
N HIS A 382 52.63 -43.51 57.76
CA HIS A 382 52.00 -44.65 58.41
C HIS A 382 50.53 -44.40 58.69
N HIS A 383 50.19 -43.19 59.14
CA HIS A 383 48.81 -42.91 59.52
C HIS A 383 47.90 -42.84 58.32
N ILE A 384 48.37 -42.23 57.23
CA ILE A 384 47.58 -42.18 56.01
C ILE A 384 47.34 -43.57 55.46
N TRP A 385 48.37 -44.42 55.49
CA TRP A 385 48.23 -45.77 54.97
C TRP A 385 47.25 -46.58 55.80
N ILE A 386 47.30 -46.42 57.13
CA ILE A 386 46.36 -47.10 58.00
C ILE A 386 44.93 -46.65 57.69
N GLY A 387 44.71 -45.33 57.64
CA GLY A 387 43.38 -44.83 57.35
C GLY A 387 42.87 -45.25 55.99
N GLY A 388 43.78 -45.40 55.02
CA GLY A 388 43.37 -45.88 53.71
C GLY A 388 42.85 -47.30 53.77
N PHE A 389 43.51 -48.17 54.53
CA PHE A 389 43.05 -49.55 54.65
C PHE A 389 41.70 -49.61 55.34
N LEU A 390 41.51 -48.82 56.39
CA LEU A 390 40.28 -48.90 57.17
C LEU A 390 39.09 -48.41 56.35
N ILE A 391 39.28 -47.35 55.56
CA ILE A 391 38.18 -46.81 54.76
C ILE A 391 37.71 -47.86 53.76
N VAL A 392 38.63 -48.65 53.22
CA VAL A 392 38.24 -49.68 52.27
C VAL A 392 37.47 -50.78 52.97
N GLY A 393 37.85 -51.10 54.21
CA GLY A 393 37.11 -52.11 54.95
C GLY A 393 35.69 -51.67 55.25
N GLY A 394 35.48 -50.36 55.42
CA GLY A 394 34.15 -49.86 55.67
C GLY A 394 33.21 -50.12 54.51
N ALA A 395 33.73 -50.08 53.29
CA ALA A 395 32.91 -50.39 52.12
C ALA A 395 32.65 -51.88 52.01
N ALA A 396 33.62 -52.70 52.41
CA ALA A 396 33.44 -54.14 52.35
C ALA A 396 32.30 -54.58 53.25
N HIS A 397 32.35 -54.17 54.51
CA HIS A 397 31.32 -54.58 55.47
C HIS A 397 29.98 -53.93 55.16
N ALA A 398 30.00 -52.78 54.48
CA ALA A 398 28.75 -52.20 53.99
C ALA A 398 28.08 -53.13 52.99
N ALA A 399 28.88 -53.81 52.17
CA ALA A 399 28.33 -54.77 51.23
C ALA A 399 27.90 -56.05 51.93
N ILE A 400 28.65 -56.47 52.94
CA ILE A 400 28.31 -57.68 53.68
C ILE A 400 26.98 -57.50 54.40
N PHE A 401 26.72 -56.29 54.90
CA PHE A 401 25.42 -56.00 55.49
C PHE A 401 24.32 -56.14 54.43
N MET A 402 24.59 -55.68 53.21
CA MET A 402 23.57 -55.64 52.19
C MET A 402 23.24 -57.04 51.68
N VAL A 403 24.24 -57.93 51.67
CA VAL A 403 24.00 -59.28 51.18
C VAL A 403 23.32 -60.13 52.24
N ARG A 404 23.69 -59.94 53.51
CA ARG A 404 23.27 -60.82 54.60
C ARG A 404 22.17 -60.22 55.46
N ASP A 405 22.36 -59.02 55.98
CA ASP A 405 21.54 -58.47 57.05
C ASP A 405 20.50 -57.46 56.56
N TYR A 406 20.54 -57.06 55.30
CA TYR A 406 19.59 -56.07 54.81
C TYR A 406 18.21 -56.71 54.63
N ASP A 407 17.21 -56.12 55.28
CA ASP A 407 15.83 -56.56 55.20
C ASP A 407 15.03 -55.54 54.38
N PRO A 408 14.22 -55.97 53.40
CA PRO A 408 13.46 -54.96 52.64
C PRO A 408 12.29 -54.39 53.43
N VAL A 409 11.76 -55.14 54.40
CA VAL A 409 10.65 -54.67 55.20
C VAL A 409 11.07 -53.47 56.03
N VAL A 410 12.21 -53.59 56.72
CA VAL A 410 12.70 -52.51 57.57
C VAL A 410 13.01 -51.28 56.73
N ASN A 411 13.80 -51.47 55.67
CA ASN A 411 14.23 -50.37 54.81
C ASN A 411 13.24 -50.22 53.66
N GLN A 412 12.07 -49.68 54.01
CA GLN A 412 10.96 -49.51 53.07
C GLN A 412 10.76 -48.02 52.81
N ASN A 413 11.22 -47.57 51.64
CA ASN A 413 11.14 -46.16 51.26
C ASN A 413 11.90 -45.26 52.24
N ASN A 414 12.89 -45.81 52.92
CA ASN A 414 13.75 -45.04 53.79
C ASN A 414 14.85 -44.39 52.95
N VAL A 415 15.86 -43.84 53.61
CA VAL A 415 16.95 -43.20 52.87
C VAL A 415 17.75 -44.24 52.11
N LEU A 416 17.97 -45.41 52.72
CA LEU A 416 18.77 -46.44 52.08
C LEU A 416 18.04 -47.04 50.88
N ASP A 417 16.73 -47.24 51.00
CA ASP A 417 15.96 -47.87 49.93
C ASP A 417 15.97 -47.00 48.68
N ARG A 418 15.90 -45.68 48.85
CA ARG A 418 15.89 -44.79 47.69
C ARG A 418 17.24 -44.80 46.97
N VAL A 419 18.34 -44.88 47.73
CA VAL A 419 19.67 -44.89 47.14
C VAL A 419 19.85 -46.10 46.24
N ILE A 420 19.28 -47.24 46.64
CA ILE A 420 19.38 -48.44 45.82
C ILE A 420 18.56 -48.30 44.54
N ARG A 421 17.49 -47.50 44.59
CA ARG A 421 16.61 -47.39 43.44
C ARG A 421 17.25 -46.61 42.30
N HIS A 422 17.98 -45.53 42.62
CA HIS A 422 18.66 -44.72 41.62
C HIS A 422 20.17 -44.90 41.68
N ARG A 423 20.62 -46.13 41.95
CA ARG A 423 22.04 -46.43 41.95
C ARG A 423 22.66 -46.16 40.58
N ASP A 424 21.87 -46.27 39.51
CA ASP A 424 22.37 -45.99 38.18
C ASP A 424 22.80 -44.55 38.04
N ALA A 425 21.99 -43.61 38.53
CA ALA A 425 22.31 -42.19 38.38
C ALA A 425 23.51 -41.80 39.22
N ILE A 426 23.68 -42.43 40.37
CA ILE A 426 24.80 -42.10 41.26
C ILE A 426 26.11 -42.47 40.58
N ILE A 427 26.13 -43.59 39.87
CA ILE A 427 27.38 -44.12 39.32
C ILE A 427 27.69 -43.50 37.97
N SER A 428 26.66 -43.27 37.15
CA SER A 428 26.88 -42.69 35.83
C SER A 428 27.43 -41.28 35.96
N HIS A 429 27.00 -40.53 36.97
CA HIS A 429 27.50 -39.19 37.18
C HIS A 429 28.88 -39.21 37.84
N LEU A 430 29.08 -40.12 38.80
CA LEU A 430 30.40 -40.29 39.39
C LEU A 430 31.40 -40.75 38.34
N ASN A 431 30.94 -41.56 37.38
CA ASN A 431 31.79 -41.95 36.27
C ASN A 431 32.21 -40.74 35.46
N TRP A 432 31.29 -39.80 35.24
CA TRP A 432 31.63 -38.60 34.47
C TRP A 432 32.68 -37.77 35.19
N VAL A 433 32.61 -37.72 36.53
CA VAL A 433 33.57 -36.93 37.29
C VAL A 433 34.94 -37.57 37.22
N CYS A 434 35.00 -38.91 37.22
CA CYS A 434 36.27 -39.60 37.20
C CYS A 434 36.97 -39.40 35.87
N ILE A 435 36.21 -39.41 34.77
CA ILE A 435 36.80 -39.17 33.46
C ILE A 435 37.18 -37.71 33.31
N PHE A 436 36.30 -36.81 33.77
CA PHE A 436 36.59 -35.38 33.72
C PHE A 436 37.87 -35.04 34.47
N LEU A 437 38.02 -35.57 35.68
CA LEU A 437 39.19 -35.27 36.49
C LEU A 437 40.44 -35.93 35.92
N GLY A 438 40.33 -37.18 35.50
CA GLY A 438 41.49 -37.89 34.98
C GLY A 438 42.04 -37.25 33.74
N PHE A 439 41.17 -36.78 32.84
CA PHE A 439 41.61 -36.06 31.66
C PHE A 439 42.31 -34.77 32.07
N HIS A 440 41.64 -33.95 32.88
CA HIS A 440 42.14 -32.62 33.19
C HIS A 440 43.34 -32.69 34.13
N SER A 441 43.19 -33.40 35.25
CA SER A 441 44.23 -33.43 36.26
C SER A 441 45.53 -34.02 35.73
N PHE A 442 45.43 -35.16 35.06
CA PHE A 442 46.62 -35.86 34.57
C PHE A 442 47.02 -35.45 33.16
N GLY A 443 46.04 -35.11 32.31
CA GLY A 443 46.37 -34.69 30.96
C GLY A 443 47.21 -33.43 30.93
N LEU A 444 47.05 -32.58 31.94
CA LEU A 444 47.84 -31.35 32.00
C LEU A 444 49.31 -31.65 32.26
N TYR A 445 49.59 -32.77 32.95
CA TYR A 445 50.97 -33.21 33.09
C TYR A 445 51.53 -33.64 31.74
N ILE A 446 50.72 -34.35 30.96
CA ILE A 446 51.15 -34.81 29.65
C ILE A 446 51.43 -33.63 28.73
N HIS A 447 50.59 -32.60 28.80
CA HIS A 447 50.81 -31.41 27.99
C HIS A 447 52.13 -30.75 28.37
N ASN A 448 52.42 -30.66 29.66
CA ASN A 448 53.68 -30.08 30.09
C ASN A 448 54.84 -31.00 29.74
N ASP A 449 54.66 -32.30 29.92
CA ASP A 449 55.69 -33.26 29.55
C ASP A 449 55.92 -33.26 28.05
N THR A 450 54.86 -33.05 27.27
CA THR A 450 54.99 -32.97 25.82
C THR A 450 55.63 -31.66 25.39
N MET A 451 55.15 -30.54 25.95
CA MET A 451 55.62 -29.23 25.50
C MET A 451 57.09 -29.02 25.83
N ARG A 452 57.53 -29.51 26.99
CA ARG A 452 58.92 -29.35 27.36
C ARG A 452 59.83 -30.14 26.43
N ALA A 453 59.39 -31.31 25.99
CA ALA A 453 60.18 -32.11 25.07
C ALA A 453 60.24 -31.47 23.69
N LEU A 454 59.15 -30.82 23.28
CA LEU A 454 59.16 -30.12 22.00
C LEU A 454 59.95 -28.82 22.06
N GLY A 455 60.31 -28.38 23.25
CA GLY A 455 61.01 -27.13 23.44
C GLY A 455 60.11 -25.92 23.50
N ARG A 456 58.88 -26.06 23.99
CA ARG A 456 57.90 -24.98 24.07
C ARG A 456 57.53 -24.76 25.54
N PRO A 457 58.46 -24.27 26.36
CA PRO A 457 58.10 -23.99 27.76
C PRO A 457 57.12 -22.85 27.90
N GLN A 458 57.00 -22.00 26.88
CA GLN A 458 56.02 -20.91 26.92
C GLN A 458 54.60 -21.42 27.02
N ASP A 459 54.35 -22.64 26.54
CA ASP A 459 53.01 -23.21 26.47
C ASP A 459 52.70 -24.16 27.63
N MET A 460 53.64 -24.35 28.56
CA MET A 460 53.40 -25.26 29.67
C MET A 460 52.39 -24.67 30.65
N PHE A 461 51.86 -25.55 31.50
CA PHE A 461 51.00 -25.14 32.62
C PHE A 461 51.86 -24.99 33.86
N SER A 462 52.68 -23.95 33.85
CA SER A 462 53.70 -23.69 34.87
C SER A 462 53.40 -22.39 35.59
N ASP A 463 54.33 -21.99 36.46
CA ASP A 463 54.16 -20.78 37.25
C ASP A 463 54.51 -19.54 36.44
N THR A 464 55.49 -19.64 35.53
CA THR A 464 55.88 -18.52 34.68
C THR A 464 55.00 -18.44 33.44
N ALA A 465 54.71 -19.59 32.85
CA ALA A 465 53.82 -19.72 31.71
C ALA A 465 52.38 -19.69 32.20
N ILE A 466 51.45 -20.15 31.35
CA ILE A 466 50.05 -20.33 31.71
C ILE A 466 49.98 -20.98 33.09
N GLN A 467 49.25 -20.35 34.01
CA GLN A 467 49.30 -20.74 35.41
C GLN A 467 47.89 -20.93 35.96
N LEU A 468 47.76 -21.92 36.83
CA LEU A 468 46.51 -22.26 37.50
C LEU A 468 46.73 -22.12 39.01
N GLN A 469 46.55 -20.90 39.51
CA GLN A 469 46.84 -20.62 40.90
C GLN A 469 45.66 -21.05 41.78
N PRO A 470 45.92 -21.75 42.90
CA PRO A 470 44.79 -22.07 43.79
C PRO A 470 44.41 -20.88 44.66
N VAL A 471 43.61 -19.99 44.07
CA VAL A 471 43.28 -18.72 44.72
C VAL A 471 42.48 -18.94 46.00
N PHE A 472 41.62 -19.96 46.00
CA PHE A 472 40.79 -20.20 47.18
C PHE A 472 41.63 -20.65 48.37
N ALA A 473 42.60 -21.52 48.13
CA ALA A 473 43.46 -21.98 49.21
C ALA A 473 44.43 -20.89 49.64
N GLN A 474 44.90 -20.08 48.69
CA GLN A 474 45.72 -18.92 49.04
C GLN A 474 44.93 -17.95 49.90
N TRP A 475 43.61 -17.89 49.70
CA TRP A 475 42.78 -16.97 50.45
C TRP A 475 42.49 -17.50 51.85
N VAL A 476 42.10 -18.77 51.95
CA VAL A 476 41.86 -19.39 53.25
C VAL A 476 43.13 -19.39 54.08
N GLN A 477 44.29 -19.50 53.41
CA GLN A 477 45.55 -19.36 54.11
C GLN A 477 45.67 -17.99 54.74
N ASN A 478 45.30 -16.94 54.01
CA ASN A 478 45.52 -15.58 54.48
C ASN A 478 44.68 -15.26 55.71
N LEU A 479 43.48 -15.84 55.80
CA LEU A 479 42.61 -15.56 56.94
C LEU A 479 43.22 -16.06 58.24
N HIS A 480 43.92 -17.20 58.17
CA HIS A 480 44.47 -17.79 59.38
C HIS A 480 45.69 -17.01 59.87
N THR A 481 46.34 -16.28 58.97
CA THR A 481 47.45 -15.43 59.38
C THR A 481 46.93 -14.19 60.10
N LEU A 482 45.81 -13.65 59.64
CA LEU A 482 45.23 -12.44 60.19
C LEU A 482 44.22 -12.71 61.30
N ALA A 483 43.92 -13.97 61.60
CA ALA A 483 42.97 -14.28 62.67
C ALA A 483 43.48 -13.86 64.05
N PRO A 484 44.76 -14.09 64.41
CA PRO A 484 45.26 -13.53 65.67
C PRO A 484 45.14 -12.01 65.73
N GLY A 485 44.39 -11.52 66.70
CA GLY A 485 44.08 -10.11 66.80
C GLY A 485 42.87 -9.67 66.00
N GLY A 486 42.36 -10.53 65.12
CA GLY A 486 41.18 -10.24 64.32
C GLY A 486 39.99 -11.08 64.76
N THR A 487 39.75 -12.17 64.04
CA THR A 487 38.71 -13.13 64.40
C THR A 487 39.17 -14.12 65.47
N ALA A 488 40.34 -13.91 66.07
CA ALA A 488 40.82 -14.72 67.18
C ALA A 488 41.62 -13.80 68.09
N PRO A 489 40.96 -12.86 68.77
CA PRO A 489 41.68 -11.76 69.43
C PRO A 489 42.60 -12.21 70.56
N ASN A 490 42.26 -13.32 71.21
CA ASN A 490 43.06 -13.84 72.32
C ASN A 490 44.17 -14.77 71.85
N ALA A 491 44.44 -14.84 70.54
CA ALA A 491 45.50 -15.67 70.00
C ALA A 491 46.73 -14.80 69.74
N LEU A 492 47.89 -15.24 70.22
CA LEU A 492 49.10 -14.47 70.04
C LEU A 492 49.71 -14.69 68.66
N GLU A 493 49.78 -15.94 68.22
CA GLU A 493 50.37 -16.34 66.96
C GLU A 493 49.34 -17.09 66.14
N PRO A 494 49.55 -17.24 64.83
CA PRO A 494 48.66 -18.10 64.04
C PRO A 494 48.75 -19.54 64.52
N VAL A 495 47.69 -20.29 64.22
CA VAL A 495 47.55 -21.65 64.72
C VAL A 495 48.72 -22.52 64.27
N SER A 496 49.06 -22.41 62.99
CA SER A 496 50.20 -23.12 62.42
C SER A 496 50.98 -22.16 61.53
N TYR A 497 52.31 -22.26 61.57
CA TYR A 497 53.14 -21.46 60.70
C TYR A 497 53.11 -21.94 59.25
N ALA A 498 52.44 -23.06 58.98
CA ALA A 498 52.27 -23.50 57.60
C ALA A 498 51.38 -22.55 56.82
N PHE A 499 50.32 -22.05 57.46
CA PHE A 499 49.45 -21.09 56.80
C PHE A 499 50.18 -19.79 56.52
N GLY A 500 51.05 -19.37 57.43
CA GLY A 500 51.78 -18.14 57.23
C GLY A 500 52.64 -17.83 58.44
N GLY A 501 52.71 -16.55 58.78
CA GLY A 501 53.52 -16.11 59.89
C GLY A 501 54.97 -15.93 59.49
N GLY A 502 55.88 -16.45 60.33
CA GLY A 502 57.30 -16.33 60.06
C GLY A 502 57.99 -17.67 60.22
N VAL A 503 59.24 -17.70 59.75
CA VAL A 503 60.04 -18.91 59.86
C VAL A 503 60.37 -19.17 61.32
N LEU A 504 60.27 -20.43 61.72
CA LEU A 504 60.65 -20.88 63.06
C LEU A 504 61.82 -21.85 62.93
N ALA A 505 62.95 -21.48 63.54
CA ALA A 505 64.19 -22.24 63.43
C ALA A 505 64.58 -22.76 64.80
N VAL A 506 64.47 -24.08 64.99
CA VAL A 506 64.91 -24.75 66.20
C VAL A 506 66.29 -25.32 65.92
N GLY A 507 67.32 -24.68 66.46
CA GLY A 507 68.67 -25.00 66.09
C GLY A 507 68.96 -24.48 64.69
N GLY A 508 69.77 -25.25 63.96
CA GLY A 508 70.04 -24.92 62.58
C GLY A 508 68.89 -25.24 61.65
N LYS A 509 68.07 -26.23 62.04
CA LYS A 509 66.98 -26.69 61.18
C LYS A 509 65.75 -25.83 61.36
N VAL A 510 64.89 -25.84 60.34
CA VAL A 510 63.61 -25.14 60.37
C VAL A 510 62.56 -26.13 60.85
N ALA A 511 61.75 -25.71 61.83
CA ALA A 511 60.69 -26.55 62.34
C ALA A 511 59.46 -26.49 61.44
N MET A 512 58.99 -25.29 61.13
CA MET A 512 57.86 -25.10 60.24
C MET A 512 58.05 -23.79 59.50
N MET A 513 57.40 -23.69 58.34
CA MET A 513 57.57 -22.57 57.43
C MET A 513 56.29 -22.42 56.62
N PRO A 514 55.97 -21.21 56.17
CA PRO A 514 54.79 -21.05 55.31
C PRO A 514 54.93 -21.85 54.03
N ILE A 515 53.84 -22.52 53.65
CA ILE A 515 53.80 -23.37 52.47
C ILE A 515 53.10 -22.59 51.37
N ALA A 516 53.89 -21.99 50.48
CA ALA A 516 53.32 -21.25 49.36
C ALA A 516 52.76 -22.22 48.32
N LEU A 517 51.52 -21.97 47.90
CA LEU A 517 50.83 -22.82 46.95
C LEU A 517 50.94 -22.20 45.56
N GLY A 518 51.54 -22.93 44.63
CA GLY A 518 51.68 -22.51 43.26
C GLY A 518 50.85 -23.34 42.32
N THR A 519 51.20 -23.27 41.03
CA THR A 519 50.47 -24.02 40.02
C THR A 519 50.71 -25.52 40.17
N ALA A 520 51.89 -25.90 40.67
CA ALA A 520 52.19 -27.32 40.84
C ALA A 520 51.27 -27.95 41.87
N ASP A 521 50.94 -27.21 42.92
CA ASP A 521 50.07 -27.75 43.96
C ASP A 521 48.62 -27.79 43.51
N PHE A 522 48.25 -26.90 42.59
CA PHE A 522 46.91 -26.95 42.01
C PHE A 522 46.65 -28.30 41.36
N LEU A 523 47.60 -28.75 40.53
CA LEU A 523 47.41 -29.99 39.79
C LEU A 523 47.35 -31.19 40.73
N ILE A 524 48.23 -31.22 41.73
CA ILE A 524 48.38 -32.40 42.56
C ILE A 524 47.15 -32.59 43.45
N HIS A 525 46.57 -31.50 43.93
CA HIS A 525 45.38 -31.60 44.76
C HIS A 525 44.21 -32.17 43.98
N HIS A 526 44.18 -31.92 42.67
CA HIS A 526 43.15 -32.53 41.83
C HIS A 526 43.48 -33.99 41.52
N ILE A 527 44.77 -34.30 41.40
CA ILE A 527 45.18 -35.69 41.23
C ILE A 527 44.72 -36.52 42.42
N HIS A 528 44.85 -35.96 43.63
CA HIS A 528 44.38 -36.66 44.81
C HIS A 528 42.87 -36.79 44.82
N ALA A 529 42.17 -35.72 44.45
CA ALA A 529 40.72 -35.79 44.32
C ALA A 529 40.32 -36.76 43.21
N PHE A 530 41.11 -36.80 42.13
CA PHE A 530 40.85 -37.73 41.06
C PHE A 530 40.95 -39.17 41.55
N THR A 531 42.05 -39.51 42.23
CA THR A 531 42.25 -40.89 42.64
C THR A 531 41.27 -41.29 43.74
N ILE A 532 40.79 -40.33 44.52
CA ILE A 532 39.85 -40.64 45.59
C ILE A 532 38.48 -40.94 45.00
N HIS A 533 38.07 -40.19 43.98
CA HIS A 533 36.76 -40.41 43.38
C HIS A 533 36.66 -41.77 42.74
N VAL A 534 37.70 -42.19 42.03
CA VAL A 534 37.68 -43.51 41.40
C VAL A 534 37.63 -44.60 42.46
N THR A 535 38.32 -44.38 43.59
CA THR A 535 38.28 -45.36 44.66
C THR A 535 36.88 -45.46 45.25
N VAL A 536 36.14 -44.36 45.25
CA VAL A 536 34.77 -44.39 45.73
C VAL A 536 33.87 -45.05 44.70
N LEU A 537 34.15 -44.83 43.42
CA LEU A 537 33.37 -45.44 42.36
C LEU A 537 33.44 -46.95 42.43
N ILE A 538 34.63 -47.49 42.65
CA ILE A 538 34.80 -48.94 42.72
C ILE A 538 34.11 -49.49 43.95
N LEU A 539 34.24 -48.78 45.08
CA LEU A 539 33.73 -49.29 46.34
C LEU A 539 32.23 -49.05 46.46
N LEU A 540 31.77 -47.85 46.11
CA LEU A 540 30.34 -47.55 46.18
C LEU A 540 29.55 -48.46 45.24
N LYS A 541 30.07 -48.68 44.03
CA LYS A 541 29.42 -49.61 43.12
C LYS A 541 29.38 -51.01 43.70
N GLY A 542 30.40 -51.38 44.47
CA GLY A 542 30.40 -52.68 45.11
C GLY A 542 29.28 -52.82 46.11
N VAL A 543 28.93 -51.74 46.81
CA VAL A 543 27.90 -51.81 47.83
C VAL A 543 26.52 -51.87 47.19
N LEU A 544 26.24 -50.97 46.26
CA LEU A 544 24.89 -50.86 45.71
C LEU A 544 24.53 -52.07 44.87
N PHE A 545 25.44 -52.51 44.01
CA PHE A 545 25.19 -53.64 43.12
C PHE A 545 25.56 -54.98 43.73
N ALA A 546 25.89 -55.02 45.03
CA ALA A 546 26.17 -56.30 45.68
C ALA A 546 24.92 -57.17 45.73
N ARG A 547 23.75 -56.55 45.89
CA ARG A 547 22.52 -57.32 46.03
C ARG A 547 21.98 -57.76 44.68
N SER A 548 22.11 -56.91 43.66
CA SER A 548 21.54 -57.22 42.36
C SER A 548 22.19 -56.35 41.30
N SER A 549 21.90 -56.69 40.05
CA SER A 549 22.37 -55.93 38.90
C SER A 549 21.54 -56.34 37.71
N ARG A 550 21.55 -55.49 36.67
CA ARG A 550 20.89 -55.86 35.42
C ARG A 550 21.54 -57.09 34.81
N LEU A 551 22.85 -57.25 35.00
CA LEU A 551 23.55 -58.41 34.48
C LEU A 551 23.19 -59.66 35.28
N ILE A 552 23.22 -59.55 36.60
CA ILE A 552 22.90 -60.64 37.51
C ILE A 552 21.79 -60.17 38.45
N PRO A 553 20.56 -60.66 38.27
CA PRO A 553 19.49 -60.22 39.21
C PRO A 553 19.64 -60.79 40.60
N ASP A 554 20.06 -62.06 40.73
CA ASP A 554 20.18 -62.74 42.02
C ASP A 554 21.67 -62.88 42.34
N LYS A 555 22.23 -61.82 42.93
CA LYS A 555 23.62 -61.83 43.37
C LYS A 555 23.76 -62.10 44.86
N ALA A 556 22.65 -62.04 45.61
CA ALA A 556 22.72 -62.26 47.05
C ALA A 556 22.79 -63.74 47.39
N ASN A 557 22.00 -64.56 46.69
CA ASN A 557 22.00 -65.99 46.97
C ASN A 557 23.36 -66.61 46.68
N LEU A 558 24.11 -66.04 45.74
CA LEU A 558 25.46 -66.51 45.48
C LEU A 558 26.39 -66.15 46.62
N GLY A 559 26.16 -65.00 47.25
CA GLY A 559 26.92 -64.55 48.39
C GLY A 559 27.69 -63.28 48.11
N PHE A 560 28.28 -62.76 49.19
CA PHE A 560 29.12 -61.57 49.06
C PHE A 560 30.44 -61.90 48.39
N ARG A 561 30.98 -63.08 48.67
CA ARG A 561 32.28 -63.52 48.16
C ARG A 561 32.06 -64.71 47.24
N PHE A 562 32.02 -64.45 45.93
CA PHE A 562 31.97 -65.50 44.93
C PHE A 562 32.73 -65.02 43.71
N PRO A 563 33.39 -65.92 42.97
CA PRO A 563 34.26 -65.46 41.87
C PRO A 563 33.50 -64.94 40.67
N CYS A 564 32.47 -65.65 40.24
CA CYS A 564 31.78 -65.33 39.00
C CYS A 564 30.44 -66.05 38.99
N ASP A 565 29.71 -65.86 37.88
CA ASP A 565 28.62 -66.73 37.49
C ASP A 565 28.82 -67.12 36.03
N GLY A 566 29.65 -68.12 35.80
CA GLY A 566 29.87 -68.67 34.48
C GLY A 566 30.44 -67.68 33.47
N PRO A 567 30.76 -68.19 32.28
CA PRO A 567 31.18 -67.30 31.18
C PRO A 567 30.02 -66.82 30.33
N GLY A 568 28.79 -66.92 30.84
CA GLY A 568 27.63 -66.42 30.15
C GLY A 568 27.56 -64.91 30.29
N ARG A 569 26.59 -64.31 29.61
CA ARG A 569 26.33 -62.88 29.67
C ARG A 569 27.58 -62.10 29.29
N GLY A 570 28.27 -62.60 28.27
CA GLY A 570 29.62 -62.13 28.01
C GLY A 570 30.56 -62.79 28.98
N GLY A 571 30.94 -62.05 30.02
CA GLY A 571 31.68 -62.59 31.14
C GLY A 571 31.26 -61.90 32.41
N THR A 572 30.92 -62.70 33.42
CA THR A 572 30.41 -62.22 34.69
C THR A 572 31.47 -62.27 35.77
N CYS A 573 32.70 -61.96 35.41
CA CYS A 573 33.84 -62.14 36.31
C CYS A 573 34.09 -60.89 37.14
N GLN A 574 34.49 -61.11 38.39
CA GLN A 574 34.76 -60.02 39.34
C GLN A 574 33.52 -59.15 39.53
N VAL A 575 32.36 -59.79 39.56
CA VAL A 575 31.09 -59.08 39.73
C VAL A 575 30.65 -58.99 41.19
N SER A 576 31.27 -59.75 42.09
CA SER A 576 30.85 -59.78 43.48
C SER A 576 31.25 -58.50 44.20
N GLY A 577 30.65 -58.31 45.38
CA GLY A 577 31.05 -57.20 46.23
C GLY A 577 32.47 -57.36 46.74
N TRP A 578 32.90 -58.61 46.91
CA TRP A 578 34.28 -58.87 47.33
C TRP A 578 35.26 -58.37 46.27
N ASP A 579 34.97 -58.67 45.00
CA ASP A 579 35.92 -58.37 43.95
C ASP A 579 36.04 -56.86 43.71
N HIS A 580 34.98 -56.11 44.03
CA HIS A 580 35.08 -54.66 44.01
C HIS A 580 36.07 -54.17 45.05
N VAL A 581 36.02 -54.74 46.25
CA VAL A 581 36.96 -54.38 47.30
C VAL A 581 38.38 -54.73 46.87
N PHE A 582 38.52 -55.86 46.18
CA PHE A 582 39.84 -56.27 45.70
C PHE A 582 40.42 -55.26 44.73
N LEU A 583 39.55 -54.62 43.95
CA LEU A 583 40.01 -53.62 42.98
C LEU A 583 40.29 -52.28 43.65
N GLY A 584 39.49 -51.91 44.64
CA GLY A 584 39.66 -50.62 45.28
C GLY A 584 40.96 -50.50 46.03
N LEU A 585 41.50 -51.62 46.49
CA LEU A 585 42.74 -51.59 47.26
C LEU A 585 43.92 -51.14 46.40
N PHE A 586 43.93 -51.53 45.12
CA PHE A 586 44.95 -51.04 44.21
C PHE A 586 44.83 -49.52 44.05
N TRP A 587 43.60 -49.02 43.98
CA TRP A 587 43.40 -47.58 43.83
C TRP A 587 43.64 -46.85 45.13
N MET A 588 43.29 -47.47 46.27
CA MET A 588 43.68 -46.91 47.55
C MET A 588 45.19 -46.77 47.63
N TYR A 589 45.92 -47.72 47.06
CA TYR A 589 47.37 -47.62 47.03
C TYR A 589 47.80 -46.47 46.12
N ASN A 590 47.27 -46.43 44.90
CA ASN A 590 47.61 -45.36 43.98
C ASN A 590 47.12 -44.01 44.49
N SER A 591 46.03 -44.02 45.26
CA SER A 591 45.52 -42.77 45.83
C SER A 591 46.48 -42.20 46.85
N LEU A 592 47.01 -43.06 47.72
CA LEU A 592 47.80 -42.59 48.87
C LEU A 592 49.28 -42.55 48.55
N SER A 593 49.73 -43.33 47.56
CA SER A 593 51.13 -43.34 47.20
C SER A 593 51.57 -41.98 46.68
N ILE A 594 50.66 -41.23 46.06
CA ILE A 594 50.98 -39.88 45.60
C ILE A 594 50.96 -38.91 46.76
N VAL A 595 50.12 -39.18 47.77
CA VAL A 595 50.03 -38.28 48.92
C VAL A 595 51.35 -38.21 49.65
N ILE A 596 51.99 -39.36 49.87
CA ILE A 596 53.23 -39.39 50.63
C ILE A 596 54.37 -38.80 49.81
N PHE A 597 54.31 -38.92 48.47
CA PHE A 597 55.33 -38.30 47.63
C PHE A 597 55.11 -36.80 47.53
N HIS A 598 53.86 -36.36 47.46
CA HIS A 598 53.57 -34.93 47.48
C HIS A 598 54.07 -34.31 48.78
N PHE A 599 53.92 -35.04 49.89
CA PHE A 599 54.41 -34.54 51.17
C PHE A 599 55.93 -34.61 51.24
N SER A 600 56.52 -35.69 50.72
CA SER A 600 57.95 -35.88 50.87
C SER A 600 58.74 -34.87 50.06
N TRP A 601 58.30 -34.58 48.84
CA TRP A 601 59.08 -33.70 47.96
C TRP A 601 58.86 -32.24 48.33
N LYS A 602 57.62 -31.86 48.64
CA LYS A 602 57.34 -30.46 48.94
C LYS A 602 58.01 -30.02 50.22
N MET A 603 57.88 -30.81 51.28
CA MET A 603 58.48 -30.45 52.55
C MET A 603 60.00 -30.40 52.44
N GLN A 604 60.59 -31.31 51.67
CA GLN A 604 62.02 -31.25 51.41
C GLN A 604 62.37 -30.01 50.59
N SER A 605 61.47 -29.57 49.72
CA SER A 605 61.80 -28.53 48.75
C SER A 605 61.51 -27.14 49.28
N ASP A 606 60.35 -26.96 49.92
CA ASP A 606 59.86 -25.65 50.31
C ASP A 606 59.98 -25.40 51.80
N VAL A 607 59.73 -26.41 52.63
CA VAL A 607 59.63 -26.20 54.08
C VAL A 607 60.96 -26.53 54.76
N TRP A 608 61.36 -27.79 54.72
CA TRP A 608 62.46 -28.26 55.54
C TRP A 608 63.80 -27.85 54.93
N GLY A 609 64.82 -27.82 55.79
CA GLY A 609 66.15 -27.42 55.40
C GLY A 609 66.82 -26.57 56.47
N THR A 610 68.15 -26.48 56.40
CA THR A 610 68.89 -25.69 57.39
C THR A 610 68.69 -24.20 57.15
N VAL A 611 68.62 -23.45 58.23
CA VAL A 611 68.42 -22.00 58.20
C VAL A 611 69.64 -21.34 58.82
N ASP A 612 70.10 -20.26 58.18
CA ASP A 612 71.23 -19.49 58.69
C ASP A 612 70.75 -18.49 59.73
N ALA A 613 71.70 -18.03 60.55
CA ALA A 613 71.37 -17.06 61.59
C ALA A 613 70.95 -15.73 60.98
N ALA A 614 71.50 -15.38 59.81
CA ALA A 614 71.17 -14.12 59.16
C ALA A 614 69.75 -14.09 58.62
N GLY A 615 69.09 -15.25 58.46
CA GLY A 615 67.74 -15.34 57.98
C GLY A 615 67.58 -15.95 56.60
N ASN A 616 68.59 -16.64 56.10
CA ASN A 616 68.54 -17.30 54.79
C ASN A 616 68.31 -18.80 55.00
N VAL A 617 67.35 -19.34 54.28
CA VAL A 617 66.96 -20.75 54.38
C VAL A 617 67.49 -21.48 53.17
N SER A 618 68.14 -22.62 53.41
CA SER A 618 68.69 -23.48 52.36
C SER A 618 67.93 -24.79 52.39
N HIS A 619 66.91 -24.90 51.54
CA HIS A 619 66.09 -26.10 51.50
C HIS A 619 66.89 -27.27 50.96
N ILE A 620 66.36 -28.47 51.17
CA ILE A 620 67.11 -29.69 50.87
C ILE A 620 67.33 -29.83 49.37
N THR A 621 66.29 -29.63 48.57
CA THR A 621 66.36 -29.75 47.12
C THR A 621 66.38 -28.40 46.42
N GLY A 622 66.06 -27.31 47.12
CA GLY A 622 66.21 -25.98 46.57
C GLY A 622 65.22 -25.64 45.47
N GLY A 623 63.94 -25.53 45.82
CA GLY A 623 62.93 -25.11 44.88
C GLY A 623 62.74 -26.03 43.70
N ASN A 624 63.11 -27.31 43.85
CA ASN A 624 62.97 -28.25 42.74
C ASN A 624 61.51 -28.58 42.46
N PHE A 625 60.63 -28.32 43.43
CA PHE A 625 59.24 -28.73 43.31
C PHE A 625 58.46 -27.82 42.37
N ALA A 626 58.88 -26.56 42.25
CA ALA A 626 58.08 -25.58 41.53
C ALA A 626 57.98 -25.90 40.05
N GLN A 627 59.13 -26.10 39.39
CA GLN A 627 59.19 -26.25 37.95
C GLN A 627 59.24 -27.69 37.47
N SER A 628 59.65 -28.63 38.32
CA SER A 628 59.82 -30.02 37.90
C SER A 628 58.62 -30.89 38.23
N ALA A 629 57.85 -30.56 39.26
CA ALA A 629 56.71 -31.37 39.65
C ALA A 629 55.50 -31.20 38.74
N ILE A 630 55.61 -30.40 37.68
CA ILE A 630 54.52 -30.26 36.70
C ILE A 630 54.65 -31.22 35.54
N THR A 631 55.67 -32.08 35.52
CA THR A 631 55.87 -33.06 34.47
C THR A 631 56.21 -34.41 35.10
N ILE A 632 55.82 -35.47 34.41
CA ILE A 632 56.05 -36.82 34.93
C ILE A 632 57.53 -37.14 34.96
N ASN A 633 58.30 -36.57 34.03
CA ASN A 633 59.73 -36.85 34.01
C ASN A 633 60.42 -36.24 35.21
N GLY A 634 59.90 -35.13 35.72
CA GLY A 634 60.48 -34.53 36.91
C GLY A 634 60.31 -35.40 38.14
N TRP A 635 59.13 -36.01 38.30
CA TRP A 635 58.93 -36.96 39.38
C TRP A 635 59.81 -38.17 39.21
N LEU A 636 60.09 -38.54 37.96
CA LEU A 636 60.99 -39.66 37.69
C LEU A 636 62.44 -39.25 37.88
N ARG A 637 62.78 -38.02 37.52
CA ARG A 637 64.16 -37.56 37.60
C ARG A 637 64.49 -37.01 38.97
N ASP A 638 63.82 -35.94 39.38
CA ASP A 638 64.23 -35.16 40.53
C ASP A 638 63.80 -35.76 41.86
N PHE A 639 62.85 -36.69 41.86
CA PHE A 639 62.32 -37.29 43.09
C PHE A 639 62.74 -38.74 43.24
N LEU A 640 62.45 -39.60 42.26
CA LEU A 640 62.74 -41.02 42.42
C LEU A 640 64.21 -41.32 42.16
N TRP A 641 64.74 -40.86 41.02
CA TRP A 641 66.13 -41.16 40.68
C TRP A 641 67.10 -40.46 41.62
N ALA A 642 66.76 -39.24 42.03
CA ALA A 642 67.71 -38.43 42.80
C ALA A 642 67.76 -38.86 44.25
N GLN A 643 66.60 -38.96 44.91
CA GLN A 643 66.54 -39.24 46.33
C GLN A 643 66.82 -40.70 46.66
N ALA A 644 66.79 -41.59 45.68
CA ALA A 644 67.08 -43.00 45.90
C ALA A 644 68.57 -43.33 45.82
N SER A 645 69.42 -42.31 45.73
CA SER A 645 70.86 -42.56 45.64
C SER A 645 71.40 -43.14 46.95
N GLN A 646 70.91 -42.64 48.09
CA GLN A 646 71.37 -43.15 49.37
C GLN A 646 70.94 -44.58 49.59
N VAL A 647 69.82 -44.98 49.00
CA VAL A 647 69.29 -46.33 49.21
C VAL A 647 70.19 -47.37 48.55
N ILE A 648 70.45 -47.20 47.25
CA ILE A 648 71.25 -48.19 46.52
C ILE A 648 72.69 -48.20 47.01
N ASN A 649 73.23 -47.04 47.40
CA ASN A 649 74.58 -46.94 47.92
C ASN A 649 74.66 -47.23 49.42
N SER A 650 73.59 -47.79 50.01
CA SER A 650 73.60 -48.05 51.45
C SER A 650 74.40 -49.30 51.80
N TYR A 651 74.85 -50.06 50.81
CA TYR A 651 75.56 -51.30 51.10
C TYR A 651 76.88 -51.02 51.77
N GLY A 652 77.19 -51.79 52.80
CA GLY A 652 78.38 -51.58 53.60
C GLY A 652 78.24 -50.51 54.65
N SER A 653 77.02 -50.23 55.11
CA SER A 653 76.76 -49.22 56.12
C SER A 653 75.62 -49.67 57.02
N ALA A 654 75.26 -48.82 57.98
CA ALA A 654 74.18 -49.15 58.90
C ALA A 654 72.83 -49.18 58.20
N LEU A 655 72.67 -48.39 57.14
CA LEU A 655 71.42 -48.33 56.39
C LEU A 655 71.36 -49.40 55.31
N SER A 656 72.24 -50.40 55.34
CA SER A 656 72.30 -51.37 54.27
C SER A 656 71.05 -52.24 54.24
N ALA A 657 70.42 -52.46 55.39
CA ALA A 657 69.22 -53.28 55.44
C ALA A 657 68.07 -52.62 54.69
N TYR A 658 68.02 -51.29 54.68
CA TYR A 658 66.99 -50.60 53.92
C TYR A 658 67.15 -50.87 52.43
N GLY A 659 68.39 -50.83 51.93
CA GLY A 659 68.62 -51.14 50.53
C GLY A 659 68.22 -52.56 50.19
N LEU A 660 68.30 -53.47 51.16
CA LEU A 660 67.90 -54.85 50.90
C LEU A 660 66.39 -54.98 50.81
N MET A 661 65.68 -54.57 51.88
CA MET A 661 64.22 -54.65 51.84
C MET A 661 63.63 -53.75 50.76
N PHE A 662 64.32 -52.65 50.43
CA PHE A 662 63.93 -51.88 49.25
C PHE A 662 63.99 -52.75 48.01
N LEU A 663 65.02 -53.59 47.93
CA LEU A 663 65.18 -54.48 46.78
C LEU A 663 64.26 -55.67 46.89
N GLY A 664 64.20 -56.30 48.08
CA GLY A 664 63.34 -57.45 48.26
C GLY A 664 61.87 -57.13 48.11
N ALA A 665 61.50 -55.87 48.36
CA ALA A 665 60.10 -55.46 48.19
C ALA A 665 59.70 -55.49 46.72
N HIS A 666 60.65 -55.19 45.83
CA HIS A 666 60.34 -55.26 44.40
C HIS A 666 60.02 -56.68 43.98
N PHE A 667 60.63 -57.67 44.64
CA PHE A 667 60.34 -59.06 44.33
C PHE A 667 58.88 -59.40 44.62
N VAL A 668 58.42 -59.10 45.84
CA VAL A 668 57.07 -59.50 46.25
C VAL A 668 56.04 -58.82 45.37
N TRP A 669 56.30 -57.58 44.95
CA TRP A 669 55.38 -56.90 44.06
C TRP A 669 55.23 -57.63 42.74
N ALA A 670 56.36 -58.03 42.14
CA ALA A 670 56.30 -58.81 40.91
C ALA A 670 55.75 -60.21 41.18
N PHE A 671 56.05 -60.76 42.35
CA PHE A 671 55.52 -62.06 42.71
C PHE A 671 54.00 -62.03 42.78
N SER A 672 53.43 -60.86 43.08
CA SER A 672 51.98 -60.71 43.08
C SER A 672 51.40 -60.91 41.70
N LEU A 673 52.10 -60.42 40.67
CA LEU A 673 51.58 -60.47 39.31
C LEU A 673 51.42 -61.91 38.82
N MET A 674 52.16 -62.85 39.43
CA MET A 674 52.01 -64.25 39.10
C MET A 674 50.60 -64.74 39.39
N PHE A 675 49.97 -64.18 40.42
CA PHE A 675 48.65 -64.62 40.83
C PHE A 675 47.55 -63.82 40.15
N LEU A 676 47.75 -62.51 39.99
CA LEU A 676 46.70 -61.66 39.43
C LEU A 676 46.48 -61.96 37.97
N PHE A 677 47.56 -62.10 37.20
CA PHE A 677 47.44 -62.30 35.77
C PHE A 677 47.01 -63.72 35.44
N SER A 678 47.55 -64.70 36.17
CA SER A 678 47.34 -66.10 35.88
C SER A 678 45.96 -66.55 36.34
N GLY A 679 45.71 -67.87 36.27
CA GLY A 679 44.44 -68.42 36.66
C GLY A 679 44.55 -69.87 37.09
N ARG A 680 43.59 -70.27 37.93
CA ARG A 680 43.57 -71.61 38.50
C ARG A 680 43.54 -72.70 37.43
N GLY A 681 42.89 -72.43 36.30
CA GLY A 681 42.75 -73.46 35.28
C GLY A 681 44.07 -74.01 34.79
N TYR A 682 45.10 -73.17 34.78
CA TYR A 682 46.43 -73.64 34.43
C TYR A 682 47.04 -74.44 35.57
N TRP A 683 46.86 -73.98 36.80
CA TRP A 683 47.67 -74.47 37.91
C TRP A 683 47.22 -75.84 38.38
N GLN A 684 45.92 -76.13 38.28
CA GLN A 684 45.45 -77.47 38.63
C GLN A 684 45.96 -78.50 37.64
N GLU A 685 46.17 -78.10 36.38
CA GLU A 685 46.71 -79.00 35.39
C GLU A 685 48.17 -79.31 35.65
N LEU A 686 48.92 -78.31 36.14
CA LEU A 686 50.32 -78.54 36.46
C LEU A 686 50.46 -79.42 37.69
N ILE A 687 49.62 -79.17 38.70
CA ILE A 687 49.62 -80.01 39.90
C ILE A 687 49.21 -81.43 39.55
N GLU A 688 48.37 -81.57 38.51
CA GLU A 688 47.97 -82.91 38.07
C GLU A 688 49.17 -83.73 37.63
N SER A 689 50.00 -83.18 36.75
CA SER A 689 51.14 -83.92 36.22
C SER A 689 52.18 -84.16 37.31
N ILE A 690 52.26 -83.26 38.29
CA ILE A 690 53.21 -83.44 39.38
C ILE A 690 52.72 -84.55 40.32
N VAL A 691 51.41 -84.68 40.44
CA VAL A 691 50.85 -85.76 41.27
C VAL A 691 51.15 -87.11 40.65
N TRP A 692 51.23 -87.17 39.32
CA TRP A 692 51.57 -88.43 38.66
C TRP A 692 52.94 -88.93 39.08
N ALA A 693 53.90 -88.01 39.21
CA ALA A 693 55.24 -88.40 39.63
C ALA A 693 55.22 -88.96 41.05
N HIS A 694 54.34 -88.43 41.90
CA HIS A 694 54.26 -88.91 43.27
C HIS A 694 53.51 -90.24 43.35
N ASN A 695 52.47 -90.39 42.53
CA ASN A 695 51.79 -91.68 42.44
C ASN A 695 52.74 -92.74 41.89
N LYS A 696 53.66 -92.34 41.02
CA LYS A 696 54.67 -93.28 40.53
C LYS A 696 55.56 -93.76 41.66
N LEU A 697 56.19 -92.82 42.38
CA LEU A 697 57.09 -93.15 43.48
C LEU A 697 56.36 -93.44 44.79
N LYS A 698 55.02 -93.52 44.76
CA LYS A 698 54.22 -93.81 45.95
C LYS A 698 54.43 -92.78 47.05
N VAL A 699 54.69 -91.53 46.66
CA VAL A 699 54.75 -90.40 47.57
C VAL A 699 53.46 -89.59 47.49
N ALA A 700 52.37 -90.23 47.06
CA ALA A 700 51.14 -89.49 46.84
C ALA A 700 50.53 -89.07 48.17
N PRO A 701 49.98 -87.85 48.27
CA PRO A 701 49.45 -87.40 49.56
C PRO A 701 48.02 -87.87 49.77
N ALA A 702 47.65 -88.10 51.04
CA ALA A 702 46.29 -88.47 51.36
C ALA A 702 45.33 -87.30 51.09
N ILE A 703 45.65 -86.14 51.63
CA ILE A 703 44.90 -84.92 51.33
C ILE A 703 45.24 -84.54 49.89
N GLN A 704 44.27 -84.68 49.01
CA GLN A 704 44.53 -84.51 47.59
C GLN A 704 44.84 -83.04 47.31
N PRO A 705 45.90 -82.74 46.56
CA PRO A 705 46.27 -81.33 46.37
C PRO A 705 45.33 -80.64 45.40
N ARG A 706 45.07 -79.36 45.67
CA ARG A 706 44.17 -78.56 44.87
C ARG A 706 44.75 -77.15 44.75
N ALA A 707 44.65 -76.59 43.55
CA ALA A 707 45.09 -75.23 43.33
C ALA A 707 44.24 -74.26 44.14
N LEU A 708 44.79 -73.06 44.37
CA LEU A 708 44.08 -72.05 45.12
C LEU A 708 42.83 -71.62 44.37
N SER A 709 41.78 -71.30 45.13
CA SER A 709 40.53 -70.87 44.54
C SER A 709 40.73 -69.57 43.77
N ILE A 710 39.73 -69.23 42.96
CA ILE A 710 39.84 -68.06 42.10
C ILE A 710 39.98 -66.79 42.93
N THR A 711 39.02 -66.54 43.82
CA THR A 711 39.04 -65.33 44.62
C THR A 711 40.22 -65.31 45.58
N GLN A 712 40.70 -66.49 45.98
CA GLN A 712 41.91 -66.54 46.81
C GLN A 712 43.12 -66.09 46.03
N GLY A 713 43.24 -66.53 44.77
CA GLY A 713 44.36 -66.08 43.95
C GLY A 713 44.37 -64.58 43.77
N ARG A 714 43.20 -63.97 43.70
CA ARG A 714 43.12 -62.52 43.70
C ARG A 714 43.48 -61.96 45.07
N ALA A 715 43.09 -62.67 46.13
CA ALA A 715 43.40 -62.21 47.49
C ALA A 715 44.90 -62.24 47.76
N VAL A 716 45.56 -63.32 47.34
CA VAL A 716 47.00 -63.42 47.57
C VAL A 716 47.73 -62.35 46.78
N GLY A 717 47.26 -62.05 45.58
CA GLY A 717 47.94 -61.07 44.75
C GLY A 717 47.95 -59.69 45.37
N VAL A 718 46.76 -59.19 45.74
CA VAL A 718 46.68 -57.85 46.33
C VAL A 718 47.44 -57.79 47.64
N ALA A 719 47.56 -58.93 48.34
CA ALA A 719 48.37 -58.96 49.54
C ALA A 719 49.84 -58.69 49.23
N HIS A 720 50.40 -59.44 48.29
CA HIS A 720 51.78 -59.22 47.88
C HIS A 720 51.94 -57.85 47.22
N TYR A 721 50.98 -57.48 46.37
CA TYR A 721 51.07 -56.26 45.59
C TYR A 721 51.19 -55.04 46.50
N LEU A 722 50.46 -55.05 47.62
CA LEU A 722 50.54 -53.94 48.56
C LEU A 722 51.74 -54.09 49.48
N LEU A 723 52.05 -55.33 49.89
CA LEU A 723 53.19 -55.55 50.76
C LEU A 723 54.49 -55.16 50.07
N GLY A 724 54.70 -55.66 48.85
CA GLY A 724 55.90 -55.28 48.11
C GLY A 724 55.87 -53.84 47.65
N GLY A 725 54.67 -53.28 47.51
CA GLY A 725 54.56 -51.89 47.09
C GLY A 725 54.89 -50.93 48.21
N ILE A 726 54.23 -51.11 49.37
CA ILE A 726 54.41 -50.16 50.47
C ILE A 726 55.81 -50.29 51.04
N ALA A 727 56.32 -51.52 51.14
CA ALA A 727 57.62 -51.74 51.76
C ALA A 727 58.74 -51.09 50.96
N THR A 728 58.52 -50.89 49.66
CA THR A 728 59.51 -50.19 48.84
C THR A 728 59.64 -48.74 49.28
N THR A 729 58.52 -48.02 49.35
CA THR A 729 58.55 -46.64 49.82
C THR A 729 58.98 -46.54 51.27
N TRP A 730 58.73 -47.59 52.06
CA TRP A 730 59.14 -47.60 53.46
C TRP A 730 60.66 -47.47 53.58
N ALA A 731 61.40 -48.24 52.79
CA ALA A 731 62.86 -48.18 52.85
C ALA A 731 63.39 -46.96 52.12
N PHE A 732 62.71 -46.55 51.05
CA PHE A 732 63.13 -45.36 50.32
C PHE A 732 63.01 -44.12 51.20
N PHE A 733 61.93 -44.02 51.97
CA PHE A 733 61.72 -42.86 52.83
C PHE A 733 62.65 -42.92 54.04
N HIS A 734 62.89 -44.11 54.57
CA HIS A 734 63.75 -44.24 55.74
C HIS A 734 65.19 -43.85 55.41
N ALA A 735 65.79 -44.51 54.42
CA ALA A 735 67.22 -44.36 54.19
C ALA A 735 67.56 -42.99 53.62
N HIS A 736 66.65 -42.42 52.83
CA HIS A 736 66.92 -41.12 52.22
C HIS A 736 66.98 -40.02 53.28
N ILE A 737 66.14 -40.14 54.32
CA ILE A 737 66.04 -39.07 55.31
C ILE A 737 67.01 -39.31 56.45
N LEU A 738 67.25 -40.57 56.81
CA LEU A 738 68.20 -40.88 57.87
C LEU A 738 69.61 -40.44 57.48
N SER A 739 69.91 -40.42 56.17
CA SER A 739 71.16 -39.86 55.70
C SER A 739 71.08 -38.35 55.60
N VAL A 740 69.93 -37.83 55.17
CA VAL A 740 69.72 -36.39 55.01
C VAL A 740 68.95 -35.85 56.21
N THR B 1 23.81 -57.74 9.24
CA THR B 1 24.54 -56.53 8.88
C THR B 1 25.69 -56.85 7.91
N LYS B 2 26.22 -58.06 8.02
CA LYS B 2 27.19 -58.60 7.06
C LYS B 2 28.47 -57.77 6.99
N PHE B 3 29.07 -57.45 8.14
CA PHE B 3 30.46 -56.98 8.11
C PHE B 3 31.41 -58.14 7.92
N PRO B 4 31.46 -59.14 8.82
CA PRO B 4 32.23 -60.35 8.49
C PRO B 4 31.43 -61.27 7.59
N LYS B 5 31.76 -61.28 6.30
CA LYS B 5 31.08 -62.20 5.39
C LYS B 5 31.51 -63.63 5.65
N PHE B 6 32.71 -63.83 6.20
CA PHE B 6 33.17 -65.18 6.50
C PHE B 6 32.40 -65.79 7.67
N SER B 7 31.93 -64.96 8.59
CA SER B 7 31.26 -65.43 9.81
C SER B 7 29.81 -64.96 9.81
N GLN B 8 28.90 -65.88 9.51
CA GLN B 8 27.48 -65.59 9.67
C GLN B 8 27.13 -65.41 11.14
N ASP B 9 27.86 -66.08 12.03
CA ASP B 9 27.59 -65.97 13.46
C ASP B 9 27.90 -64.58 13.97
N LEU B 10 29.08 -64.05 13.65
CA LEU B 10 29.44 -62.72 14.12
C LEU B 10 28.57 -61.65 13.48
N ALA B 11 28.17 -61.86 12.23
CA ALA B 11 27.35 -60.86 11.54
C ALA B 11 26.00 -60.71 12.20
N GLN B 12 25.45 -61.80 12.74
CA GLN B 12 24.18 -61.78 13.46
C GLN B 12 24.42 -61.54 14.95
N ASP B 13 25.11 -60.43 15.24
CA ASP B 13 25.45 -60.03 16.60
C ASP B 13 25.07 -58.56 16.76
N PRO B 14 24.11 -58.21 17.62
CA PRO B 14 23.76 -56.79 17.75
C PRO B 14 24.81 -55.98 18.48
N THR B 15 25.67 -56.63 19.25
CA THR B 15 26.66 -55.91 20.04
C THR B 15 27.81 -55.44 19.16
N THR B 16 28.73 -54.73 19.78
CA THR B 16 29.98 -54.33 19.13
C THR B 16 31.04 -55.43 19.17
N ARG B 17 30.72 -56.58 19.76
CA ARG B 17 31.65 -57.72 19.75
C ARG B 17 31.92 -58.20 18.33
N ARG B 18 31.00 -57.94 17.40
CA ARG B 18 31.23 -58.26 16.00
C ARG B 18 32.48 -57.58 15.47
N ILE B 19 32.66 -56.30 15.82
CA ILE B 19 33.74 -55.51 15.24
C ILE B 19 35.09 -56.03 15.72
N TRP B 20 35.17 -56.41 16.99
CA TRP B 20 36.45 -56.80 17.56
C TRP B 20 36.86 -58.20 17.09
N TYR B 21 35.95 -59.16 17.19
CA TYR B 21 36.31 -60.53 16.84
C TYR B 21 36.52 -60.68 15.34
N ALA B 22 35.88 -59.82 14.54
CA ALA B 22 36.12 -59.86 13.10
C ALA B 22 37.56 -59.51 12.78
N MET B 23 38.11 -58.52 13.48
CA MET B 23 39.54 -58.23 13.36
C MET B 23 40.38 -59.44 13.74
N ALA B 24 39.93 -60.18 14.76
CA ALA B 24 40.76 -61.26 15.29
C ALA B 24 40.90 -62.40 14.30
N MET B 25 39.80 -63.09 14.00
CA MET B 25 39.85 -64.28 13.17
C MET B 25 39.67 -63.99 11.68
N GLY B 26 40.00 -62.78 11.24
CA GLY B 26 39.90 -62.48 9.82
C GLY B 26 40.94 -63.21 8.98
N ASN B 27 42.14 -63.38 9.53
CA ASN B 27 43.20 -64.10 8.86
C ASN B 27 43.10 -65.61 8.99
N ASP B 28 42.22 -66.12 9.84
CA ASP B 28 42.07 -67.56 10.04
C ASP B 28 41.19 -68.11 8.93
N PHE B 29 41.82 -68.53 7.84
CA PHE B 29 41.07 -69.05 6.70
C PHE B 29 40.46 -70.41 7.00
N GLU B 30 41.01 -71.14 7.96
CA GLU B 30 40.44 -72.44 8.31
C GLU B 30 39.07 -72.29 8.94
N SER B 31 38.81 -71.15 9.58
CA SER B 31 37.56 -70.89 10.27
C SER B 31 36.53 -70.16 9.42
N HIS B 32 36.94 -69.58 8.29
CA HIS B 32 35.98 -68.90 7.43
C HIS B 32 34.98 -69.90 6.87
N ASP B 33 33.73 -69.47 6.78
CA ASP B 33 32.67 -70.35 6.31
C ASP B 33 32.84 -70.66 4.83
N GLY B 34 32.63 -71.93 4.47
CA GLY B 34 32.66 -72.33 3.08
C GLY B 34 34.03 -72.53 2.49
N MET B 35 35.06 -72.66 3.33
CA MET B 35 36.43 -72.83 2.84
C MET B 35 36.76 -74.32 2.76
N THR B 36 36.97 -74.81 1.55
CA THR B 36 37.51 -76.14 1.34
C THR B 36 39.03 -76.11 1.42
N GLU B 37 39.63 -77.29 1.42
CA GLU B 37 41.08 -77.38 1.48
C GLU B 37 41.72 -76.78 0.23
N GLU B 38 41.08 -76.98 -0.93
CA GLU B 38 41.63 -76.44 -2.17
C GLU B 38 41.64 -74.92 -2.15
N ASN B 39 40.51 -74.31 -1.80
CA ASN B 39 40.45 -72.85 -1.72
C ASN B 39 41.34 -72.32 -0.60
N LEU B 40 41.55 -73.12 0.45
CA LEU B 40 42.38 -72.68 1.56
C LEU B 40 43.83 -72.47 1.12
N TYR B 41 44.41 -73.47 0.46
CA TYR B 41 45.81 -73.36 0.03
C TYR B 41 45.97 -72.24 -1.01
N GLN B 42 44.96 -72.06 -1.86
CA GLN B 42 45.05 -71.05 -2.90
C GLN B 42 45.02 -69.64 -2.31
N LYS B 43 44.15 -69.44 -1.31
CA LYS B 43 44.07 -68.14 -0.65
C LYS B 43 45.38 -67.83 0.07
N ILE B 44 45.98 -68.84 0.69
CA ILE B 44 47.26 -68.65 1.38
C ILE B 44 48.35 -68.29 0.38
N PHE B 45 48.32 -68.91 -0.79
CA PHE B 45 49.40 -68.77 -1.75
C PHE B 45 49.50 -67.35 -2.27
N ALA B 46 48.35 -66.72 -2.51
CA ALA B 46 48.35 -65.35 -3.02
C ALA B 46 48.72 -64.36 -1.92
N THR B 47 48.37 -64.66 -0.68
CA THR B 47 48.67 -63.77 0.44
C THR B 47 50.18 -63.66 0.65
N HIS B 48 50.89 -64.76 0.45
CA HIS B 48 52.35 -64.72 0.54
C HIS B 48 52.93 -63.76 -0.49
N PHE B 49 52.38 -63.77 -1.70
CA PHE B 49 52.86 -62.85 -2.74
C PHE B 49 52.64 -61.40 -2.32
N GLY B 50 51.48 -61.11 -1.74
CA GLY B 50 51.19 -59.77 -1.27
C GLY B 50 52.10 -59.38 -0.12
N HIS B 51 52.36 -60.33 0.77
CA HIS B 51 53.21 -60.06 1.92
C HIS B 51 54.66 -59.86 1.50
N LEU B 52 55.10 -60.61 0.49
CA LEU B 52 56.45 -60.45 -0.02
C LEU B 52 56.67 -59.05 -0.56
N ALA B 53 55.63 -58.48 -1.19
CA ALA B 53 55.74 -57.13 -1.74
C ALA B 53 55.98 -56.12 -0.63
N ILE B 54 55.34 -56.32 0.53
CA ILE B 54 55.47 -55.38 1.63
C ILE B 54 56.92 -55.34 2.13
N ILE B 55 57.59 -56.50 2.11
CA ILE B 55 58.97 -56.60 2.54
C ILE B 55 59.84 -55.78 1.61
N PHE B 56 59.70 -56.01 0.30
CA PHE B 56 60.57 -55.35 -0.66
C PHE B 56 60.29 -53.86 -0.74
N LEU B 57 59.02 -53.46 -0.58
CA LEU B 57 58.69 -52.04 -0.52
C LEU B 57 59.31 -51.40 0.71
N TRP B 58 59.29 -52.09 1.83
CA TRP B 58 59.95 -51.60 3.03
C TRP B 58 61.44 -51.48 2.81
N ALA B 59 62.03 -52.41 2.06
CA ALA B 59 63.44 -52.31 1.71
C ALA B 59 63.70 -51.11 0.84
N SER B 60 62.76 -50.79 -0.05
CA SER B 60 62.91 -49.61 -0.90
C SER B 60 62.87 -48.33 -0.08
N SER B 61 62.10 -48.33 1.01
CA SER B 61 62.01 -47.15 1.86
C SER B 61 63.35 -46.82 2.49
N LEU B 62 64.10 -47.85 2.90
CA LEU B 62 65.41 -47.62 3.49
C LEU B 62 66.35 -46.97 2.49
N LEU B 63 66.24 -47.36 1.22
CA LEU B 63 67.14 -46.84 0.20
C LEU B 63 66.74 -45.43 -0.20
N PHE B 64 65.44 -45.17 -0.30
CA PHE B 64 64.97 -43.86 -0.77
C PHE B 64 65.33 -42.76 0.21
N HIS B 65 64.99 -42.95 1.49
CA HIS B 65 65.18 -41.87 2.46
C HIS B 65 66.65 -41.69 2.80
N VAL B 66 67.42 -42.78 2.85
CA VAL B 66 68.86 -42.67 3.03
C VAL B 66 69.48 -41.95 1.84
N ALA B 67 68.87 -42.07 0.67
CA ALA B 67 69.42 -41.43 -0.53
C ALA B 67 68.95 -39.99 -0.63
N TRP B 68 67.65 -39.77 -0.48
CA TRP B 68 67.10 -38.43 -0.65
C TRP B 68 67.41 -37.54 0.56
N GLN B 69 67.37 -38.13 1.76
CA GLN B 69 67.47 -37.37 3.01
C GLN B 69 68.60 -37.85 3.90
N GLY B 70 69.57 -38.60 3.36
CA GLY B 70 70.64 -39.15 4.15
C GLY B 70 72.00 -38.73 3.63
N ASN B 71 72.95 -38.66 4.55
CA ASN B 71 74.31 -38.20 4.27
C ASN B 71 75.24 -39.40 4.07
N PHE B 72 74.89 -40.21 3.07
CA PHE B 72 75.64 -41.45 2.83
C PHE B 72 77.00 -41.14 2.22
N GLU B 73 77.09 -40.10 1.41
CA GLU B 73 78.35 -39.78 0.75
C GLU B 73 79.39 -39.31 1.76
N GLN B 74 79.01 -38.37 2.63
CA GLN B 74 79.95 -37.86 3.62
C GLN B 74 80.31 -38.93 4.65
N TRP B 75 79.40 -39.85 4.93
CA TRP B 75 79.68 -40.92 5.87
C TRP B 75 80.78 -41.84 5.35
N ILE B 76 80.90 -41.97 4.03
CA ILE B 76 81.94 -42.83 3.46
C ILE B 76 83.32 -42.28 3.77
N LYS B 77 83.46 -40.97 3.79
CA LYS B 77 84.78 -40.36 3.98
C LYS B 77 85.29 -40.60 5.39
N ASP B 78 84.41 -40.59 6.38
CA ASP B 78 84.78 -40.78 7.79
C ASP B 78 83.67 -41.60 8.45
N PRO B 79 83.66 -42.91 8.23
CA PRO B 79 82.57 -43.73 8.82
C PRO B 79 82.55 -43.72 10.33
N LEU B 80 83.71 -43.56 10.97
CA LEU B 80 83.76 -43.66 12.43
C LEU B 80 83.21 -42.41 13.09
N HIS B 81 83.67 -41.23 12.65
CA HIS B 81 83.35 -39.98 13.32
C HIS B 81 82.15 -39.26 12.70
N VAL B 82 81.41 -39.92 11.81
CA VAL B 82 80.19 -39.37 11.23
C VAL B 82 79.04 -40.31 11.57
N ARG B 83 77.93 -39.74 11.97
CA ARG B 83 76.77 -40.52 12.38
C ARG B 83 75.84 -40.73 11.19
N PRO B 84 75.41 -41.96 10.88
CA PRO B 84 74.49 -42.13 9.75
C PRO B 84 73.11 -41.64 10.12
N ILE B 85 72.46 -40.97 9.16
CA ILE B 85 71.13 -40.39 9.37
C ILE B 85 70.15 -41.15 8.50
N ALA B 86 68.97 -41.43 9.07
CA ALA B 86 68.00 -42.29 8.41
C ALA B 86 67.02 -41.49 7.56
N HIS B 87 66.41 -40.46 8.14
CA HIS B 87 65.36 -39.71 7.46
C HIS B 87 65.19 -38.38 8.14
N ALA B 88 64.49 -37.48 7.46
CA ALA B 88 64.26 -36.13 7.94
C ALA B 88 63.06 -36.10 8.88
N ILE B 89 62.86 -34.93 9.50
CA ILE B 89 61.78 -34.68 10.44
C ILE B 89 60.99 -33.49 9.93
N TRP B 90 59.67 -33.60 9.95
CA TRP B 90 58.78 -32.48 9.68
C TRP B 90 57.60 -32.56 10.66
N ASP B 91 57.75 -31.87 11.79
CA ASP B 91 56.73 -31.79 12.84
C ASP B 91 56.33 -30.34 13.04
N PRO B 92 55.08 -29.94 12.78
CA PRO B 92 54.69 -28.56 13.11
C PRO B 92 54.72 -28.26 14.59
N HIS B 93 54.73 -29.28 15.44
CA HIS B 93 54.73 -29.05 16.88
C HIS B 93 56.11 -28.63 17.38
N PHE B 94 57.16 -29.00 16.66
CA PHE B 94 58.52 -28.73 17.13
C PHE B 94 58.77 -27.25 17.24
N GLY B 95 59.18 -26.83 18.44
CA GLY B 95 59.61 -25.46 18.65
C GLY B 95 61.02 -25.24 18.15
N LYS B 96 61.40 -23.96 18.15
CA LYS B 96 62.74 -23.60 17.67
C LYS B 96 63.86 -24.22 18.49
N PRO B 97 63.78 -24.37 19.82
CA PRO B 97 64.86 -25.07 20.53
C PRO B 97 65.02 -26.51 20.12
N ALA B 98 63.95 -27.15 19.64
CA ALA B 98 64.04 -28.55 19.24
C ALA B 98 64.67 -28.70 17.87
N ILE B 99 64.32 -27.80 16.94
CA ILE B 99 64.85 -27.89 15.59
C ILE B 99 66.36 -27.70 15.59
N GLU B 100 66.85 -26.78 16.43
CA GLU B 100 68.29 -26.61 16.56
C GLU B 100 68.94 -27.78 17.30
N ALA B 101 68.15 -28.55 18.04
CA ALA B 101 68.68 -29.72 18.74
C ALA B 101 68.78 -30.93 17.81
N PHE B 102 67.81 -31.08 16.91
CA PHE B 102 67.74 -32.25 16.03
C PHE B 102 68.41 -32.02 14.69
N THR B 103 68.82 -30.79 14.37
CA THR B 103 69.66 -30.55 13.20
C THR B 103 71.08 -30.99 13.57
N GLN B 104 71.44 -32.20 13.15
CA GLN B 104 72.66 -32.84 13.58
C GLN B 104 73.28 -33.60 12.41
N ALA B 105 74.54 -33.98 12.58
CA ALA B 105 75.29 -34.69 11.55
C ALA B 105 75.37 -33.88 10.27
N GLY B 106 75.47 -32.56 10.41
CA GLY B 106 75.63 -31.68 9.25
C GLY B 106 74.42 -31.67 8.33
N ALA B 107 73.25 -31.34 8.86
CA ALA B 107 72.03 -31.21 8.08
C ALA B 107 71.37 -29.87 8.36
N ASN B 108 70.68 -29.33 7.36
CA ASN B 108 70.02 -28.04 7.53
C ASN B 108 68.81 -28.16 8.45
N GLY B 109 67.97 -29.17 8.22
CA GLY B 109 66.77 -29.35 8.99
C GLY B 109 66.93 -30.36 10.10
N PRO B 110 65.84 -30.65 10.82
CA PRO B 110 65.91 -31.66 11.88
C PRO B 110 65.91 -33.06 11.29
N VAL B 111 66.80 -33.90 11.83
CA VAL B 111 67.09 -35.21 11.26
C VAL B 111 67.27 -36.21 12.40
N ASN B 112 66.87 -37.46 12.13
CA ASN B 112 67.03 -38.57 13.05
C ASN B 112 68.29 -39.36 12.68
N ILE B 113 69.15 -39.59 13.67
CA ILE B 113 70.33 -40.42 13.43
C ILE B 113 69.91 -41.88 13.34
N ALA B 114 70.51 -42.59 12.39
CA ALA B 114 70.20 -43.98 12.11
C ALA B 114 70.97 -44.88 13.08
N TYR B 115 70.33 -45.96 13.50
CA TYR B 115 70.95 -46.97 14.35
C TYR B 115 70.68 -48.39 13.85
N SER B 116 70.23 -48.55 12.61
CA SER B 116 69.91 -49.87 12.10
C SER B 116 71.16 -50.62 11.63
N GLY B 117 72.26 -49.90 11.43
CA GLY B 117 73.46 -50.51 10.89
C GLY B 117 73.42 -50.74 9.40
N VAL B 118 72.61 -49.98 8.66
CA VAL B 118 72.39 -50.25 7.25
C VAL B 118 73.46 -49.57 6.40
N TYR B 119 73.97 -48.42 6.85
CA TYR B 119 75.04 -47.74 6.12
C TYR B 119 76.27 -48.63 6.03
N HIS B 120 76.57 -49.37 7.11
CA HIS B 120 77.71 -50.27 7.11
C HIS B 120 77.47 -51.47 6.21
N TRP B 121 76.21 -51.82 6.00
CA TRP B 121 75.89 -52.97 5.17
C TRP B 121 76.05 -52.65 3.69
N TRP B 122 75.37 -51.60 3.21
CA TRP B 122 75.47 -51.24 1.80
C TRP B 122 76.88 -50.84 1.43
N TYR B 123 77.60 -50.20 2.35
CA TYR B 123 78.97 -49.79 2.07
C TYR B 123 79.87 -50.99 1.82
N THR B 124 79.68 -52.05 2.60
CA THR B 124 80.48 -53.26 2.41
C THR B 124 80.03 -54.01 1.16
N ILE B 125 78.76 -53.86 0.78
CA ILE B 125 78.26 -54.55 -0.39
C ILE B 125 78.92 -54.05 -1.66
N GLY B 126 79.17 -52.75 -1.74
CA GLY B 126 79.78 -52.15 -2.92
C GLY B 126 79.25 -50.78 -3.27
N MET B 127 78.14 -50.37 -2.67
CA MET B 127 77.55 -49.07 -2.91
C MET B 127 78.48 -48.00 -2.35
N ARG B 128 78.79 -46.99 -3.17
CA ARG B 128 79.68 -45.90 -2.79
C ARG B 128 79.14 -44.54 -3.17
N THR B 129 77.92 -44.45 -3.70
CA THR B 129 77.37 -43.18 -4.17
C THR B 129 75.89 -43.09 -3.80
N ASN B 130 75.36 -41.88 -3.95
CA ASN B 130 73.97 -41.61 -3.58
C ASN B 130 73.01 -42.07 -4.66
N THR B 131 73.42 -41.95 -5.93
CA THR B 131 72.52 -42.28 -7.03
C THR B 131 72.28 -43.78 -7.13
N GLU B 132 73.26 -44.58 -6.72
CA GLU B 132 73.12 -46.03 -6.80
C GLU B 132 72.00 -46.53 -5.89
N LEU B 133 71.77 -45.83 -4.78
CA LEU B 133 70.68 -46.20 -3.89
C LEU B 133 69.32 -46.02 -4.57
N TYR B 134 69.19 -44.97 -5.38
CA TYR B 134 67.93 -44.72 -6.08
C TYR B 134 67.60 -45.87 -7.02
N THR B 135 68.61 -46.47 -7.63
CA THR B 135 68.37 -47.58 -8.55
C THR B 135 67.89 -48.82 -7.79
N GLY B 136 68.42 -49.03 -6.59
CA GLY B 136 67.99 -50.18 -5.81
C GLY B 136 66.55 -50.06 -5.36
N SER B 137 66.13 -48.85 -4.98
CA SER B 137 64.75 -48.64 -4.54
C SER B 137 63.78 -48.85 -5.68
N VAL B 138 64.06 -48.26 -6.84
CA VAL B 138 63.16 -48.38 -7.97
C VAL B 138 63.11 -49.81 -8.48
N PHE B 139 64.25 -50.52 -8.39
CA PHE B 139 64.26 -51.92 -8.77
C PHE B 139 63.36 -52.74 -7.86
N LEU B 140 63.35 -52.42 -6.57
CA LEU B 140 62.54 -53.18 -5.62
C LEU B 140 61.06 -52.84 -5.76
N LEU B 141 60.76 -51.61 -6.18
CA LEU B 141 59.37 -51.25 -6.44
C LEU B 141 58.79 -52.11 -7.55
N LEU B 142 59.52 -52.25 -8.65
CA LEU B 142 59.08 -53.12 -9.73
C LEU B 142 59.13 -54.58 -9.30
N PHE B 143 60.15 -54.95 -8.52
CA PHE B 143 60.23 -56.32 -8.01
C PHE B 143 59.05 -56.63 -7.11
N ALA B 144 58.56 -55.63 -6.36
CA ALA B 144 57.38 -55.84 -5.52
C ALA B 144 56.11 -55.82 -6.36
N SER B 145 56.04 -54.93 -7.34
CA SER B 145 54.90 -54.92 -8.26
C SER B 145 54.82 -56.24 -9.03
N LEU B 146 55.98 -56.84 -9.31
CA LEU B 146 56.00 -58.13 -9.99
C LEU B 146 55.29 -59.20 -9.18
N PHE B 147 55.50 -59.20 -7.87
CA PHE B 147 54.92 -60.23 -7.03
C PHE B 147 53.43 -59.98 -6.81
N LEU B 148 53.03 -58.72 -6.71
CA LEU B 148 51.62 -58.39 -6.54
C LEU B 148 50.80 -58.89 -7.73
N PHE B 149 51.37 -58.78 -8.93
CA PHE B 149 50.68 -59.31 -10.10
C PHE B 149 50.61 -60.84 -10.06
N ALA B 150 51.66 -61.47 -9.54
CA ALA B 150 51.65 -62.93 -9.44
C ALA B 150 50.56 -63.41 -8.50
N GLY B 151 50.38 -62.72 -7.37
CA GLY B 151 49.34 -63.11 -6.43
C GLY B 151 47.95 -62.96 -7.03
N TRP B 152 47.72 -61.84 -7.72
CA TRP B 152 46.44 -61.64 -8.40
C TRP B 152 46.29 -62.63 -9.55
N LEU B 153 47.41 -63.03 -10.16
CA LEU B 153 47.35 -63.94 -11.30
C LEU B 153 46.86 -65.32 -10.87
N HIS B 154 47.37 -65.83 -9.76
CA HIS B 154 47.09 -67.20 -9.35
C HIS B 154 45.75 -67.34 -8.62
N LEU B 155 45.07 -66.24 -8.30
CA LEU B 155 43.71 -66.32 -7.78
C LEU B 155 42.68 -66.52 -8.89
N GLN B 156 43.06 -66.28 -10.14
CA GLN B 156 42.15 -66.35 -11.27
C GLN B 156 42.06 -67.79 -11.77
N PRO B 157 40.95 -68.17 -12.42
CA PRO B 157 40.59 -69.60 -12.52
C PRO B 157 41.61 -70.49 -13.22
N LYS B 158 42.05 -70.12 -14.43
CA LYS B 158 42.95 -71.01 -15.16
C LYS B 158 44.28 -71.18 -14.45
N PHE B 159 44.73 -70.15 -13.74
CA PHE B 159 46.03 -70.15 -13.10
C PHE B 159 46.00 -70.64 -11.66
N ARG B 160 44.83 -70.94 -11.11
CA ARG B 160 44.76 -71.43 -9.74
C ARG B 160 45.40 -72.82 -9.66
N PRO B 161 46.48 -72.99 -8.89
CA PRO B 161 47.08 -74.33 -8.79
C PRO B 161 46.14 -75.31 -8.11
N SER B 162 46.40 -76.59 -8.36
CA SER B 162 45.61 -77.65 -7.77
C SER B 162 46.15 -78.02 -6.39
N LEU B 163 45.31 -78.70 -5.61
CA LEU B 163 45.69 -79.08 -4.26
C LEU B 163 46.82 -80.11 -4.30
N ALA B 164 46.81 -81.00 -5.29
CA ALA B 164 47.89 -81.97 -5.41
C ALA B 164 49.22 -81.29 -5.69
N TRP B 165 49.19 -80.19 -6.43
CA TRP B 165 50.41 -79.44 -6.69
C TRP B 165 50.94 -78.81 -5.41
N PHE B 166 50.05 -78.31 -4.56
CA PHE B 166 50.47 -77.75 -3.28
C PHE B 166 51.08 -78.82 -2.39
N LYS B 167 50.48 -80.00 -2.36
CA LYS B 167 50.96 -81.07 -1.50
C LYS B 167 52.25 -81.71 -2.01
N SER B 168 52.72 -81.35 -3.21
CA SER B 168 54.00 -81.85 -3.68
C SER B 168 55.12 -81.36 -2.79
N ALA B 169 55.71 -82.30 -2.04
CA ALA B 169 56.73 -81.98 -1.05
C ALA B 169 58.13 -82.24 -1.56
N GLU B 170 58.36 -83.37 -2.22
CA GLU B 170 59.69 -83.68 -2.72
C GLU B 170 60.16 -82.64 -3.72
N SER B 171 59.26 -82.16 -4.59
CA SER B 171 59.64 -81.16 -5.58
C SER B 171 60.00 -79.83 -4.91
N ARG B 172 59.14 -79.37 -3.99
CA ARG B 172 59.37 -78.06 -3.36
C ARG B 172 60.66 -78.06 -2.56
N LEU B 173 60.96 -79.16 -1.88
CA LEU B 173 62.21 -79.26 -1.13
C LEU B 173 63.40 -79.32 -2.08
N ASN B 174 63.20 -79.88 -3.27
CA ASN B 174 64.30 -79.99 -4.23
C ASN B 174 64.69 -78.63 -4.78
N HIS B 175 63.70 -77.83 -5.16
CA HIS B 175 63.99 -76.55 -5.79
C HIS B 175 64.50 -75.54 -4.78
N HIS B 176 63.92 -75.54 -3.58
CA HIS B 176 64.29 -74.55 -2.58
C HIS B 176 65.74 -74.72 -2.14
N LEU B 177 66.14 -75.95 -1.83
CA LEU B 177 67.51 -76.20 -1.41
C LEU B 177 68.51 -75.81 -2.49
N ALA B 178 68.21 -76.20 -3.73
CA ALA B 178 69.15 -75.95 -4.82
C ALA B 178 69.01 -74.53 -5.36
N GLY B 179 67.81 -74.14 -5.76
CA GLY B 179 67.62 -72.88 -6.44
C GLY B 179 67.41 -71.70 -5.52
N LEU B 180 66.50 -71.83 -4.56
CA LEU B 180 66.22 -70.72 -3.65
C LEU B 180 67.43 -70.46 -2.75
N PHE B 181 67.88 -71.47 -2.03
CA PHE B 181 69.06 -71.34 -1.17
C PHE B 181 70.35 -71.33 -1.98
N GLY B 182 70.57 -72.39 -2.75
CA GLY B 182 71.89 -72.62 -3.34
C GLY B 182 72.25 -71.59 -4.39
N VAL B 183 71.41 -71.44 -5.41
CA VAL B 183 71.74 -70.56 -6.53
C VAL B 183 71.81 -69.11 -6.05
N SER B 184 70.99 -68.74 -5.07
CA SER B 184 71.08 -67.41 -4.50
C SER B 184 72.41 -67.24 -3.78
N SER B 185 72.89 -68.28 -3.11
CA SER B 185 74.20 -68.22 -2.48
C SER B 185 75.29 -68.16 -3.54
N LEU B 186 75.14 -68.92 -4.62
CA LEU B 186 76.06 -68.82 -5.74
C LEU B 186 76.04 -67.42 -6.34
N ALA B 187 74.86 -66.83 -6.45
CA ALA B 187 74.75 -65.49 -7.02
C ALA B 187 75.45 -64.46 -6.16
N TRP B 188 75.24 -64.52 -4.84
CA TRP B 188 75.81 -63.51 -3.96
C TRP B 188 77.32 -63.55 -3.99
N ALA B 189 77.90 -64.73 -4.22
CA ALA B 189 79.33 -64.83 -4.43
C ALA B 189 79.73 -64.05 -5.69
N GLY B 190 78.83 -63.97 -6.66
CA GLY B 190 79.13 -63.21 -7.87
C GLY B 190 79.28 -61.73 -7.59
N HIS B 191 78.32 -61.14 -6.89
CA HIS B 191 78.42 -59.71 -6.56
C HIS B 191 79.63 -59.44 -5.69
N LEU B 192 79.94 -60.34 -4.76
CA LEU B 192 81.10 -60.14 -3.89
C LEU B 192 82.39 -60.09 -4.70
N ILE B 193 82.45 -60.87 -5.78
CA ILE B 193 83.69 -60.98 -6.56
C ILE B 193 83.71 -59.92 -7.65
N HIS B 194 82.55 -59.59 -8.22
CA HIS B 194 82.50 -58.71 -9.38
C HIS B 194 82.30 -57.25 -8.98
N VAL B 195 81.75 -57.01 -7.79
CA VAL B 195 81.37 -55.66 -7.36
C VAL B 195 82.04 -55.30 -6.04
N ALA B 196 81.83 -56.10 -5.00
CA ALA B 196 82.26 -55.71 -3.66
C ALA B 196 83.77 -55.67 -3.56
N ILE B 197 84.43 -56.80 -3.83
CA ILE B 197 85.87 -56.94 -3.66
C ILE B 197 86.61 -55.98 -4.57
N PRO B 198 86.20 -55.79 -5.83
CA PRO B 198 86.81 -54.71 -6.62
C PRO B 198 86.68 -53.33 -5.99
N GLU B 199 85.46 -52.92 -5.63
CA GLU B 199 85.27 -51.60 -5.07
C GLU B 199 85.86 -51.50 -3.67
N SER B 200 86.02 -52.62 -2.97
CA SER B 200 86.72 -52.60 -1.69
C SER B 200 88.20 -52.26 -1.90
N ARG B 201 88.76 -52.64 -3.04
CA ARG B 201 90.14 -52.36 -3.39
C ARG B 201 90.30 -51.10 -4.24
N GLY B 202 89.22 -50.33 -4.43
CA GLY B 202 89.29 -49.06 -5.12
C GLY B 202 88.83 -49.08 -6.56
N GLN B 203 88.55 -50.24 -7.13
CA GLN B 203 88.14 -50.35 -8.53
C GLN B 203 86.63 -50.21 -8.62
N HIS B 204 86.18 -49.10 -9.22
CA HIS B 204 84.75 -48.91 -9.43
C HIS B 204 84.25 -49.89 -10.47
N VAL B 205 83.16 -50.59 -10.14
CA VAL B 205 82.55 -51.57 -11.02
C VAL B 205 81.03 -51.39 -10.94
N GLY B 206 80.44 -50.93 -12.04
CA GLY B 206 79.01 -50.72 -12.13
C GLY B 206 78.42 -51.51 -13.28
N TRP B 207 77.12 -51.29 -13.50
CA TRP B 207 76.43 -51.98 -14.59
C TRP B 207 77.02 -51.60 -15.95
N ASP B 208 77.59 -50.40 -16.05
CA ASP B 208 78.10 -49.95 -17.35
C ASP B 208 79.35 -50.71 -17.76
N ASN B 209 80.15 -51.18 -16.79
CA ASN B 209 81.49 -51.69 -17.06
C ASN B 209 81.75 -53.07 -16.45
N PHE B 210 80.73 -53.76 -15.92
CA PHE B 210 80.98 -55.06 -15.30
C PHE B 210 81.31 -56.11 -16.35
N LEU B 211 80.85 -55.92 -17.58
CA LEU B 211 81.18 -56.85 -18.65
C LEU B 211 82.62 -56.69 -19.11
N SER B 212 83.14 -55.46 -19.06
CA SER B 212 84.48 -55.20 -19.57
C SER B 212 85.54 -55.68 -18.58
N THR B 213 85.54 -55.12 -17.37
CA THR B 213 86.55 -55.46 -16.38
C THR B 213 86.39 -56.90 -15.91
N ALA B 214 87.51 -57.48 -15.49
CA ALA B 214 87.56 -58.85 -15.00
C ALA B 214 87.75 -58.84 -13.49
N PRO B 215 87.23 -59.82 -12.74
CA PRO B 215 87.49 -59.82 -11.29
C PRO B 215 88.92 -60.20 -10.95
N HIS B 216 89.50 -61.14 -11.69
CA HIS B 216 90.85 -61.63 -11.49
C HIS B 216 91.69 -61.25 -12.71
N PRO B 217 93.00 -61.04 -12.54
CA PRO B 217 93.85 -60.82 -13.74
C PRO B 217 93.79 -61.98 -14.71
N ALA B 218 93.98 -63.20 -14.23
CA ALA B 218 93.74 -64.38 -15.04
C ALA B 218 92.25 -64.47 -15.37
N GLY B 219 91.94 -65.07 -16.50
CA GLY B 219 90.57 -65.24 -16.94
C GLY B 219 89.84 -66.28 -16.10
N LEU B 220 88.81 -66.85 -16.70
CA LEU B 220 88.07 -67.94 -16.08
C LEU B 220 88.66 -69.31 -16.40
N GLN B 221 89.75 -69.36 -17.16
CA GLN B 221 90.38 -70.64 -17.47
C GLN B 221 91.00 -71.36 -16.26
N PRO B 222 91.48 -70.70 -15.20
CA PRO B 222 92.03 -71.49 -14.08
C PRO B 222 91.01 -72.41 -13.43
N PHE B 223 89.73 -72.06 -13.48
CA PHE B 223 88.70 -72.92 -12.92
C PHE B 223 88.51 -74.17 -13.77
N PHE B 224 88.42 -74.00 -15.10
CA PHE B 224 88.18 -75.13 -15.98
C PHE B 224 89.43 -76.00 -16.11
N THR B 225 90.62 -75.37 -16.08
CA THR B 225 91.86 -76.12 -16.18
C THR B 225 92.25 -76.82 -14.89
N GLY B 226 91.49 -76.64 -13.81
CA GLY B 226 91.83 -77.20 -12.52
C GLY B 226 92.78 -76.38 -11.69
N ASN B 227 93.23 -75.22 -12.19
CA ASN B 227 94.16 -74.37 -11.48
C ASN B 227 93.39 -73.48 -10.50
N TRP B 228 92.85 -74.13 -9.47
CA TRP B 228 92.06 -73.42 -8.47
C TRP B 228 92.92 -72.48 -7.64
N GLY B 229 94.19 -72.84 -7.44
CA GLY B 229 95.04 -72.08 -6.53
C GLY B 229 95.32 -70.66 -6.97
N VAL B 230 95.12 -70.36 -8.26
CA VAL B 230 95.46 -69.05 -8.80
C VAL B 230 94.60 -67.96 -8.14
N TYR B 231 93.36 -68.30 -7.79
CA TYR B 231 92.45 -67.30 -7.26
C TYR B 231 92.82 -66.90 -5.84
N ALA B 232 93.65 -67.68 -5.16
CA ALA B 232 94.08 -67.41 -3.80
C ALA B 232 95.59 -67.24 -3.67
N GLN B 233 96.28 -66.82 -4.73
CA GLN B 233 97.73 -66.69 -4.67
C GLN B 233 98.14 -65.47 -3.86
N ASN B 234 97.74 -64.28 -4.29
CA ASN B 234 98.14 -63.03 -3.65
C ASN B 234 97.00 -62.50 -2.79
N PRO B 235 97.07 -62.59 -1.44
CA PRO B 235 95.97 -62.06 -0.62
C PRO B 235 96.15 -60.60 -0.28
N ASP B 236 95.09 -59.97 0.22
CA ASP B 236 95.18 -58.58 0.66
C ASP B 236 96.11 -58.47 1.87
N THR B 237 96.82 -57.35 1.96
CA THR B 237 97.79 -57.16 3.02
C THR B 237 97.11 -56.68 4.30
N ALA B 238 97.87 -56.74 5.40
CA ALA B 238 97.34 -56.29 6.69
C ALA B 238 97.11 -54.78 6.70
N GLY B 239 97.96 -54.04 5.99
CA GLY B 239 97.84 -52.60 5.89
C GLY B 239 96.87 -52.12 4.84
N HIS B 240 96.00 -53.00 4.34
CA HIS B 240 95.02 -52.59 3.34
C HIS B 240 94.04 -51.60 3.93
N ILE B 241 93.88 -50.46 3.25
CA ILE B 241 92.90 -49.45 3.61
C ILE B 241 91.67 -49.66 2.74
N PHE B 242 90.51 -49.80 3.38
CA PHE B 242 89.30 -50.22 2.67
C PHE B 242 88.89 -49.19 1.63
N SER B 243 88.31 -49.69 0.53
CA SER B 243 87.82 -48.84 -0.56
C SER B 243 88.96 -48.07 -1.21
N THR B 244 90.15 -48.66 -1.21
CA THR B 244 91.34 -48.01 -1.79
C THR B 244 92.26 -49.09 -2.32
N SER B 245 93.22 -48.65 -3.14
CA SER B 245 94.21 -49.54 -3.74
C SER B 245 95.42 -49.78 -2.86
N GLN B 246 95.56 -49.05 -1.75
CA GLN B 246 96.71 -49.23 -0.86
C GLN B 246 96.64 -50.60 -0.22
N GLY B 247 97.69 -51.40 -0.42
CA GLY B 247 97.71 -52.76 0.08
C GLY B 247 96.76 -53.70 -0.62
N ALA B 248 96.22 -53.30 -1.77
CA ALA B 248 95.21 -54.11 -2.44
C ALA B 248 95.85 -55.32 -3.12
N GLY B 249 95.09 -56.42 -3.17
CA GLY B 249 95.50 -57.61 -3.88
C GLY B 249 94.60 -57.84 -5.07
N THR B 250 94.62 -59.10 -5.53
CA THR B 250 93.75 -59.53 -6.63
C THR B 250 93.08 -60.86 -6.36
N ALA B 251 93.38 -61.53 -5.25
CA ALA B 251 92.73 -62.80 -4.96
C ALA B 251 91.24 -62.58 -4.70
N ILE B 252 90.42 -63.36 -5.39
CA ILE B 252 88.96 -63.24 -5.30
C ILE B 252 88.45 -64.22 -4.26
N LEU B 253 89.10 -65.37 -4.13
CA LEU B 253 88.77 -66.38 -3.14
C LEU B 253 89.98 -66.64 -2.28
N THR B 254 89.76 -66.83 -0.98
CA THR B 254 90.84 -67.10 -0.04
C THR B 254 90.23 -67.62 1.25
N PHE B 255 91.11 -68.03 2.17
CA PHE B 255 90.71 -68.60 3.46
C PHE B 255 91.61 -67.99 4.55
N LEU B 256 91.72 -66.66 4.55
CA LEU B 256 92.54 -65.97 5.55
C LEU B 256 92.13 -66.35 6.97
N GLY B 257 90.82 -66.37 7.23
CA GLY B 257 90.29 -66.91 8.47
C GLY B 257 90.09 -65.92 9.59
N GLY B 258 90.75 -64.77 9.56
CA GLY B 258 90.67 -63.79 10.62
C GLY B 258 89.87 -62.56 10.25
N PHE B 259 90.00 -61.50 11.04
CA PHE B 259 89.32 -60.23 10.78
C PHE B 259 90.24 -59.31 10.01
N HIS B 260 89.64 -58.29 9.41
CA HIS B 260 90.40 -57.20 8.84
C HIS B 260 91.01 -56.37 9.97
N PRO B 261 92.30 -55.99 9.88
CA PRO B 261 92.85 -55.17 10.98
C PRO B 261 92.19 -53.80 11.11
N GLN B 262 92.08 -53.06 10.00
CA GLN B 262 91.48 -51.72 10.05
C GLN B 262 90.03 -51.77 10.51
N THR B 263 89.17 -52.42 9.73
CA THR B 263 87.73 -52.32 9.94
C THR B 263 87.21 -53.22 11.06
N GLU B 264 88.03 -54.13 11.57
CA GLU B 264 87.58 -55.13 12.55
C GLU B 264 86.38 -55.90 12.02
N SER B 265 86.45 -56.26 10.74
CA SER B 265 85.38 -56.99 10.07
C SER B 265 85.99 -58.12 9.25
N LEU B 266 85.18 -59.13 8.97
CA LEU B 266 85.66 -60.30 8.27
C LEU B 266 86.01 -59.95 6.83
N TRP B 267 86.91 -60.75 6.24
CA TRP B 267 87.41 -60.48 4.91
C TRP B 267 86.33 -60.69 3.87
N LEU B 268 86.20 -59.73 2.95
CA LEU B 268 85.29 -59.89 1.83
C LEU B 268 85.70 -61.04 0.94
N THR B 269 87.02 -61.27 0.81
CA THR B 269 87.50 -62.38 0.01
C THR B 269 87.08 -63.71 0.59
N ASP B 270 87.03 -63.81 1.92
CA ASP B 270 86.55 -65.03 2.56
C ASP B 270 85.06 -65.21 2.33
N MET B 271 84.30 -64.11 2.35
CA MET B 271 82.86 -64.21 2.16
C MET B 271 82.52 -64.68 0.75
N ALA B 272 83.38 -64.38 -0.22
CA ALA B 272 83.15 -64.85 -1.59
C ALA B 272 83.40 -66.35 -1.69
N HIS B 273 84.55 -66.81 -1.20
CA HIS B 273 84.82 -68.24 -1.10
C HIS B 273 83.78 -68.92 -0.24
N HIS B 274 83.25 -68.22 0.75
CA HIS B 274 82.30 -68.79 1.69
C HIS B 274 81.02 -69.26 1.00
N HIS B 275 80.29 -68.33 0.38
CA HIS B 275 78.98 -68.66 -0.18
C HIS B 275 79.10 -69.68 -1.30
N LEU B 276 80.22 -69.66 -2.03
CA LEU B 276 80.37 -70.57 -3.15
C LEU B 276 80.42 -72.02 -2.68
N ALA B 277 81.08 -72.27 -1.55
CA ALA B 277 81.13 -73.62 -1.00
C ALA B 277 79.75 -74.08 -0.56
N ILE B 278 78.93 -73.16 -0.08
CA ILE B 278 77.61 -73.51 0.43
C ILE B 278 76.66 -73.80 -0.71
N ALA B 279 76.75 -73.03 -1.80
CA ALA B 279 75.87 -73.24 -2.94
C ALA B 279 76.09 -74.60 -3.56
N VAL B 280 77.34 -75.07 -3.57
CA VAL B 280 77.63 -76.41 -4.08
C VAL B 280 77.00 -77.46 -3.19
N LEU B 281 77.22 -77.34 -1.87
CA LEU B 281 76.69 -78.34 -0.94
C LEU B 281 75.17 -78.35 -0.93
N PHE B 282 74.56 -77.20 -1.21
CA PHE B 282 73.11 -77.12 -1.17
C PHE B 282 72.49 -77.65 -2.46
N ILE B 283 73.09 -77.34 -3.61
CA ILE B 283 72.61 -77.89 -4.86
C ILE B 283 72.71 -79.40 -4.85
N VAL B 284 73.81 -79.93 -4.32
CA VAL B 284 73.96 -81.38 -4.16
C VAL B 284 72.85 -81.93 -3.28
N ALA B 285 72.48 -81.18 -2.23
CA ALA B 285 71.43 -81.63 -1.34
C ALA B 285 70.05 -81.58 -1.98
N GLY B 286 69.87 -80.76 -3.02
CA GLY B 286 68.58 -80.65 -3.65
C GLY B 286 68.14 -81.94 -4.33
N HIS B 287 69.06 -82.60 -5.03
CA HIS B 287 68.71 -83.71 -5.90
C HIS B 287 68.40 -85.01 -5.16
N MET B 288 68.29 -84.97 -3.82
CA MET B 288 68.07 -86.20 -3.06
C MET B 288 66.72 -86.85 -3.39
N TYR B 289 65.72 -86.04 -3.74
CA TYR B 289 64.35 -86.51 -3.79
C TYR B 289 63.92 -86.84 -5.22
N ARG B 290 62.73 -87.45 -5.33
CA ARG B 290 62.32 -88.07 -6.59
C ARG B 290 62.00 -87.03 -7.65
N THR B 291 60.96 -86.23 -7.43
CA THR B 291 60.63 -85.08 -8.28
C THR B 291 60.36 -85.48 -9.73
N ASN B 292 59.56 -86.52 -9.91
CA ASN B 292 58.99 -86.86 -11.21
C ASN B 292 60.03 -87.19 -12.26
N PHE B 293 61.13 -87.82 -11.88
CA PHE B 293 62.15 -88.28 -12.83
C PHE B 293 62.56 -89.73 -12.59
N GLY B 294 61.93 -90.44 -11.65
CA GLY B 294 62.20 -91.84 -11.43
C GLY B 294 63.39 -92.14 -10.54
N ILE B 295 64.25 -91.17 -10.28
CA ILE B 295 65.44 -91.36 -9.44
C ILE B 295 65.35 -90.39 -8.27
N GLY B 296 65.58 -90.90 -7.07
CA GLY B 296 65.54 -90.08 -5.88
C GLY B 296 64.82 -90.80 -4.76
N HIS B 297 64.74 -90.12 -3.62
CA HIS B 297 64.16 -90.67 -2.40
C HIS B 297 62.69 -90.31 -2.31
N SER B 298 61.91 -91.17 -1.65
CA SER B 298 60.54 -90.89 -1.28
C SER B 298 60.45 -90.81 0.23
N ILE B 299 60.10 -89.62 0.74
CA ILE B 299 60.07 -89.41 2.18
C ILE B 299 59.02 -90.30 2.84
N LYS B 300 57.92 -90.56 2.12
CA LYS B 300 56.89 -91.45 2.65
C LYS B 300 57.43 -92.87 2.81
N GLU B 301 58.23 -93.32 1.85
CA GLU B 301 58.83 -94.65 1.95
C GLU B 301 59.91 -94.69 3.01
N MET B 302 60.67 -93.61 3.15
CA MET B 302 61.72 -93.57 4.17
C MET B 302 61.12 -93.62 5.56
N MET B 303 59.96 -92.99 5.74
CA MET B 303 59.34 -92.93 7.06
C MET B 303 58.62 -94.22 7.40
N ASN B 304 57.96 -94.83 6.41
CA ASN B 304 57.25 -96.08 6.60
C ASN B 304 58.13 -97.31 6.50
N ALA B 305 59.44 -97.14 6.31
CA ALA B 305 60.34 -98.27 6.21
C ALA B 305 60.37 -99.05 7.52
N LYS B 306 60.47 -100.38 7.40
CA LYS B 306 60.48 -101.26 8.56
C LYS B 306 61.47 -102.41 8.41
N THR B 307 62.48 -102.27 7.55
CA THR B 307 63.49 -103.30 7.36
C THR B 307 64.84 -102.64 7.10
N PHE B 308 65.87 -103.13 7.77
CA PHE B 308 67.23 -102.62 7.65
C PHE B 308 68.14 -103.75 7.23
N PHE B 309 68.45 -103.82 5.93
CA PHE B 309 69.29 -104.86 5.36
C PHE B 309 68.72 -106.25 5.67
N GLY B 310 67.41 -106.37 5.52
CA GLY B 310 66.73 -107.63 5.74
C GLY B 310 66.37 -107.93 7.18
N LYS B 311 66.87 -107.15 8.15
CA LYS B 311 66.59 -107.38 9.56
C LYS B 311 65.37 -106.58 9.98
N PRO B 312 64.47 -107.10 10.82
CA PRO B 312 63.30 -106.30 11.18
C PRO B 312 63.67 -105.12 12.06
N VAL B 313 62.96 -104.01 11.86
CA VAL B 313 63.09 -102.82 12.68
C VAL B 313 61.74 -102.13 12.76
N GLU B 314 61.49 -101.49 13.90
CA GLU B 314 60.27 -100.69 14.04
C GLU B 314 60.26 -99.53 13.05
N GLY B 315 61.44 -99.01 12.72
CA GLY B 315 61.54 -97.91 11.79
C GLY B 315 62.93 -97.30 11.81
N PRO B 316 63.06 -96.09 11.29
CA PRO B 316 64.33 -95.36 11.41
C PRO B 316 64.76 -95.22 12.86
N PHE B 317 66.01 -95.58 13.14
CA PHE B 317 66.54 -95.71 14.50
C PHE B 317 65.71 -96.69 15.34
N ASN B 318 65.03 -97.64 14.68
CA ASN B 318 64.12 -98.55 15.35
C ASN B 318 63.02 -97.79 16.09
N MET B 319 62.58 -96.67 15.50
CA MET B 319 61.54 -95.81 16.07
C MET B 319 60.41 -95.69 15.06
N PRO B 320 59.15 -95.72 15.48
CA PRO B 320 58.06 -95.71 14.48
C PRO B 320 57.78 -94.30 13.99
N HIS B 321 57.75 -94.15 12.67
CA HIS B 321 57.42 -92.89 12.01
C HIS B 321 56.40 -93.15 10.90
N GLN B 322 55.35 -93.90 11.24
CA GLN B 322 54.44 -94.41 10.22
C GLN B 322 53.67 -93.30 9.54
N GLY B 323 52.95 -92.48 10.32
CA GLY B 323 52.12 -91.42 9.79
C GLY B 323 52.70 -90.03 9.90
N ILE B 324 54.02 -89.88 9.83
CA ILE B 324 54.63 -88.56 10.00
C ILE B 324 54.56 -87.77 8.70
N TYR B 325 54.71 -88.44 7.56
CA TYR B 325 54.68 -87.75 6.28
C TYR B 325 53.32 -87.12 6.04
N ASP B 326 52.24 -87.85 6.33
CA ASP B 326 50.90 -87.30 6.15
C ASP B 326 50.62 -86.22 7.18
N THR B 327 51.18 -86.35 8.38
CA THR B 327 50.96 -85.35 9.41
C THR B 327 51.57 -84.01 9.02
N TYR B 328 52.78 -84.04 8.46
CA TYR B 328 53.45 -82.81 8.05
C TYR B 328 52.73 -82.15 6.87
N ASN B 329 52.41 -82.94 5.85
CA ASN B 329 51.92 -82.37 4.60
C ASN B 329 50.46 -81.95 4.71
N ASN B 330 49.65 -82.72 5.44
CA ASN B 330 48.22 -82.43 5.49
C ASN B 330 47.92 -81.28 6.44
N SER B 331 48.55 -81.27 7.62
CA SER B 331 48.30 -80.25 8.63
C SER B 331 49.22 -79.07 8.38
N LEU B 332 48.63 -77.89 8.17
CA LEU B 332 49.43 -76.70 7.94
C LEU B 332 49.96 -76.12 9.23
N HIS B 333 49.19 -76.22 10.31
CA HIS B 333 49.65 -75.73 11.60
C HIS B 333 50.88 -76.49 12.08
N PHE B 334 50.99 -77.76 11.70
CA PHE B 334 52.21 -78.50 11.99
C PHE B 334 53.39 -77.91 11.24
N GLN B 335 53.21 -77.58 9.96
CA GLN B 335 54.28 -76.98 9.19
C GLN B 335 54.67 -75.63 9.77
N LEU B 336 53.68 -74.76 9.97
CA LEU B 336 53.96 -73.42 10.45
C LEU B 336 54.53 -73.44 11.86
N GLY B 337 53.91 -74.20 12.76
CA GLY B 337 54.44 -74.33 14.10
C GLY B 337 55.84 -74.91 14.12
N TRP B 338 56.15 -75.73 13.12
CA TRP B 338 57.50 -76.26 12.98
C TRP B 338 58.44 -75.20 12.41
N HIS B 339 58.06 -74.56 11.31
CA HIS B 339 58.99 -73.71 10.58
C HIS B 339 59.40 -72.50 11.43
N LEU B 340 58.49 -71.98 12.24
CA LEU B 340 58.83 -70.84 13.08
C LEU B 340 59.90 -71.20 14.09
N ALA B 341 59.87 -72.43 14.59
CA ALA B 341 60.91 -72.88 15.50
C ALA B 341 62.27 -72.90 14.82
N CYS B 342 62.33 -73.47 13.61
CA CYS B 342 63.58 -73.49 12.86
C CYS B 342 64.03 -72.08 12.53
N LEU B 343 63.10 -71.20 12.18
CA LEU B 343 63.44 -69.83 11.87
C LEU B 343 63.81 -69.05 13.13
N GLY B 344 63.13 -69.35 14.25
CA GLY B 344 63.45 -68.66 15.48
C GLY B 344 64.83 -69.00 15.99
N VAL B 345 65.24 -70.26 15.86
CA VAL B 345 66.58 -70.66 16.26
C VAL B 345 67.61 -69.96 15.41
N VAL B 346 67.37 -69.88 14.10
CA VAL B 346 68.30 -69.23 13.19
C VAL B 346 68.44 -67.75 13.54
N THR B 347 67.35 -67.14 14.02
CA THR B 347 67.39 -65.72 14.35
C THR B 347 68.34 -65.46 15.51
N SER B 348 68.29 -66.31 16.54
CA SER B 348 69.24 -66.20 17.64
C SER B 348 70.65 -66.49 17.15
N TRP B 349 70.79 -67.45 16.24
CA TRP B 349 72.10 -67.79 15.69
C TRP B 349 72.71 -66.58 14.99
N VAL B 350 71.88 -65.80 14.31
CA VAL B 350 72.35 -64.55 13.72
C VAL B 350 72.79 -63.59 14.80
N ALA B 351 71.94 -63.38 15.80
CA ALA B 351 72.25 -62.43 16.86
C ALA B 351 73.49 -62.83 17.63
N GLN B 352 73.66 -64.13 17.89
CA GLN B 352 74.82 -64.60 18.63
C GLN B 352 76.11 -64.42 17.83
N HIS B 353 76.00 -64.21 16.51
CA HIS B 353 77.17 -64.15 15.65
C HIS B 353 77.50 -62.72 15.21
N MET B 354 76.47 -61.92 14.93
CA MET B 354 76.69 -60.56 14.45
C MET B 354 77.39 -59.68 15.48
N TYR B 355 77.37 -60.06 16.76
CA TYR B 355 78.14 -59.36 17.78
C TYR B 355 79.54 -59.94 17.93
N SER B 356 79.68 -61.25 17.74
CA SER B 356 80.96 -61.90 17.93
C SER B 356 81.84 -61.80 16.68
N LEU B 357 81.21 -61.89 15.50
CA LEU B 357 81.93 -61.88 14.23
C LEU B 357 81.33 -60.78 13.37
N PRO B 358 81.70 -59.52 13.59
CA PRO B 358 81.16 -58.45 12.75
C PRO B 358 81.57 -58.62 11.29
N SER B 359 80.56 -58.59 10.43
CA SER B 359 80.72 -58.85 9.01
C SER B 359 80.76 -57.61 8.14
N TYR B 360 80.62 -56.42 8.73
CA TYR B 360 80.54 -55.17 7.99
C TYR B 360 81.57 -54.19 8.53
N ALA B 361 82.00 -53.28 7.68
CA ALA B 361 83.11 -52.41 8.01
C ALA B 361 82.68 -51.34 9.01
N PHE B 362 83.48 -51.20 10.07
CA PHE B 362 83.30 -50.13 11.06
C PHE B 362 81.97 -50.23 11.79
N ILE B 363 81.40 -51.43 11.86
CA ILE B 363 80.15 -51.63 12.58
C ILE B 363 80.39 -51.91 14.07
N ALA B 364 81.52 -52.53 14.41
CA ALA B 364 81.83 -52.78 15.81
C ALA B 364 82.07 -51.48 16.56
N LYS B 365 82.71 -50.51 15.91
CA LYS B 365 82.98 -49.23 16.56
C LYS B 365 81.70 -48.42 16.72
N ASP B 366 80.74 -48.59 15.81
CA ASP B 366 79.41 -48.01 15.99
C ASP B 366 78.70 -48.86 17.02
N TYR B 367 78.86 -48.49 18.30
CA TYR B 367 78.45 -49.36 19.39
C TYR B 367 76.94 -49.46 19.49
N THR B 368 76.23 -48.37 19.22
CA THR B 368 74.78 -48.38 19.37
C THR B 368 74.13 -49.30 18.35
N THR B 369 74.60 -49.26 17.10
CA THR B 369 74.04 -50.13 16.08
C THR B 369 74.26 -51.59 16.40
N GLN B 370 75.44 -51.92 16.93
CA GLN B 370 75.75 -53.30 17.29
C GLN B 370 74.83 -53.80 18.39
N ALA B 371 74.40 -52.90 19.27
CA ALA B 371 73.54 -53.29 20.38
C ALA B 371 72.09 -53.42 19.92
N ALA B 372 71.58 -52.41 19.22
CA ALA B 372 70.20 -52.44 18.76
C ALA B 372 69.98 -53.60 17.79
N LEU B 373 70.99 -53.91 16.99
CA LEU B 373 70.89 -55.02 16.06
C LEU B 373 70.78 -56.35 16.80
N TYR B 374 71.46 -56.46 17.95
CA TYR B 374 71.44 -57.73 18.67
C TYR B 374 70.07 -57.98 19.28
N THR B 375 69.63 -57.10 20.18
CA THR B 375 68.35 -57.29 20.84
C THR B 375 67.18 -57.27 19.87
N HIS B 376 67.36 -56.64 18.70
CA HIS B 376 66.36 -56.76 17.63
C HIS B 376 66.08 -58.23 17.33
N HIS B 377 67.11 -58.95 16.88
CA HIS B 377 66.94 -60.33 16.47
C HIS B 377 66.55 -61.25 17.62
N GLN B 378 66.96 -60.90 18.85
CA GLN B 378 66.64 -61.74 19.99
C GLN B 378 65.16 -61.65 20.33
N TYR B 379 64.63 -60.42 20.42
CA TYR B 379 63.20 -60.23 20.59
C TYR B 379 62.42 -60.96 19.50
N ILE B 380 62.91 -60.86 18.25
CA ILE B 380 62.23 -61.51 17.14
C ILE B 380 62.34 -63.03 17.28
N ALA B 381 63.47 -63.51 17.78
CA ALA B 381 63.67 -64.94 17.96
C ALA B 381 62.65 -65.52 18.93
N ILE B 382 62.22 -64.71 19.90
CA ILE B 382 61.25 -65.19 20.88
C ILE B 382 59.93 -65.51 20.21
N PHE B 383 59.33 -64.52 19.54
CA PHE B 383 57.98 -64.68 19.02
C PHE B 383 57.90 -65.84 18.05
N LEU B 384 58.92 -66.03 17.22
CA LEU B 384 58.94 -67.20 16.35
C LEU B 384 59.04 -68.48 17.16
N MET B 385 59.82 -68.46 18.24
CA MET B 385 59.94 -69.63 19.09
C MET B 385 58.68 -69.84 19.92
N VAL B 386 58.05 -68.75 20.34
CA VAL B 386 56.81 -68.86 21.12
C VAL B 386 55.64 -69.19 20.20
N GLY B 387 55.63 -68.61 19.00
CA GLY B 387 54.56 -68.91 18.05
C GLY B 387 54.60 -70.34 17.56
N ALA B 388 55.78 -70.96 17.60
CA ALA B 388 55.91 -72.35 17.17
C ALA B 388 55.06 -73.27 18.01
N PHE B 389 55.08 -73.08 19.33
CA PHE B 389 54.34 -73.96 20.22
C PHE B 389 52.84 -73.69 20.15
N ALA B 390 52.45 -72.44 19.88
CA ALA B 390 51.04 -72.11 19.77
C ALA B 390 50.41 -72.88 18.61
N HIS B 391 51.07 -72.89 17.47
CA HIS B 391 50.56 -73.64 16.33
C HIS B 391 50.75 -75.14 16.53
N GLY B 392 51.82 -75.54 17.21
CA GLY B 392 51.96 -76.94 17.60
C GLY B 392 50.84 -77.38 18.51
N ALA B 393 50.33 -76.46 19.33
CA ALA B 393 49.18 -76.76 20.17
C ALA B 393 47.90 -76.81 19.34
N ILE B 394 47.79 -75.91 18.36
CA ILE B 394 46.59 -75.88 17.52
C ILE B 394 46.49 -77.15 16.70
N PHE B 395 47.63 -77.66 16.22
CA PHE B 395 47.61 -78.89 15.44
C PHE B 395 47.06 -80.06 16.25
N LEU B 396 47.48 -80.16 17.52
CA LEU B 396 46.98 -81.24 18.37
C LEU B 396 45.48 -81.10 18.61
N VAL B 397 44.96 -79.88 18.53
CA VAL B 397 43.53 -79.67 18.76
C VAL B 397 42.72 -80.15 17.56
N ARG B 398 42.93 -79.53 16.41
CA ARG B 398 42.03 -79.67 15.27
C ARG B 398 42.58 -80.56 14.15
N ASP B 399 43.89 -80.59 13.96
CA ASP B 399 44.49 -81.29 12.82
C ASP B 399 45.15 -82.62 13.19
N TYR B 400 44.92 -83.12 14.41
CA TYR B 400 45.54 -84.35 14.88
C TYR B 400 44.52 -85.47 14.92
N ASP B 401 44.85 -86.60 14.30
CA ASP B 401 44.01 -87.79 14.29
C ASP B 401 44.75 -88.94 14.96
N PRO B 402 44.30 -89.47 16.10
CA PRO B 402 45.06 -90.58 16.71
C PRO B 402 45.02 -91.86 15.87
N GLU B 403 43.95 -92.08 15.12
CA GLU B 403 43.83 -93.31 14.36
C GLU B 403 44.82 -93.34 13.19
N GLN B 404 45.02 -92.20 12.53
CA GLN B 404 45.97 -92.13 11.44
C GLN B 404 47.38 -92.45 11.91
N ASN B 405 47.74 -91.95 13.09
CA ASN B 405 49.08 -92.20 13.62
C ASN B 405 49.19 -93.60 14.20
N LYS B 406 48.47 -93.86 15.28
CA LYS B 406 48.33 -95.18 15.90
C LYS B 406 49.68 -95.86 16.13
N GLY B 407 50.48 -95.26 17.01
CA GLY B 407 51.68 -95.87 17.51
C GLY B 407 52.99 -95.25 17.05
N ASN B 408 52.95 -94.11 16.38
CA ASN B 408 54.18 -93.46 15.98
C ASN B 408 54.82 -92.75 17.17
N VAL B 409 55.93 -92.05 16.89
CA VAL B 409 56.61 -91.27 17.91
C VAL B 409 55.69 -90.20 18.49
N LEU B 410 54.81 -89.64 17.67
CA LEU B 410 53.93 -88.57 18.15
C LEU B 410 52.95 -89.10 19.18
N GLU B 411 52.26 -90.19 18.87
CA GLU B 411 51.37 -90.79 19.85
C GLU B 411 52.15 -91.30 21.06
N ARG B 412 53.37 -91.77 20.83
CA ARG B 412 54.17 -92.30 21.93
C ARG B 412 54.57 -91.19 22.91
N VAL B 413 54.63 -89.94 22.43
CA VAL B 413 54.92 -88.82 23.33
C VAL B 413 53.76 -88.60 24.28
N LEU B 414 52.54 -88.54 23.76
CA LEU B 414 51.39 -88.20 24.59
C LEU B 414 51.12 -89.26 25.65
N GLN B 415 51.66 -90.46 25.49
CA GLN B 415 51.41 -91.52 26.45
C GLN B 415 52.15 -91.28 27.76
N HIS B 416 53.41 -90.82 27.68
CA HIS B 416 54.17 -90.40 28.85
C HIS B 416 54.15 -88.88 29.04
N LYS B 417 53.03 -88.26 28.67
CA LYS B 417 52.91 -86.80 28.71
C LYS B 417 53.25 -86.23 30.09
N GLU B 418 52.90 -86.94 31.16
CA GLU B 418 53.09 -86.42 32.50
C GLU B 418 54.57 -86.33 32.86
N ALA B 419 55.37 -87.27 32.36
CA ALA B 419 56.80 -87.26 32.69
C ALA B 419 57.50 -86.05 32.08
N ILE B 420 57.02 -85.60 30.92
CA ILE B 420 57.62 -84.43 30.26
C ILE B 420 57.32 -83.18 31.08
N ILE B 421 56.07 -83.02 31.49
CA ILE B 421 55.67 -81.83 32.23
C ILE B 421 56.25 -81.88 33.64
N SER B 422 56.28 -83.07 34.23
CA SER B 422 56.72 -83.20 35.62
C SER B 422 58.20 -82.88 35.76
N HIS B 423 59.04 -83.51 34.95
CA HIS B 423 60.48 -83.32 35.08
C HIS B 423 60.87 -81.90 34.69
N LEU B 424 60.11 -81.27 33.80
CA LEU B 424 60.37 -79.87 33.47
C LEU B 424 60.16 -78.98 34.68
N SER B 425 59.18 -79.31 35.53
CA SER B 425 58.97 -78.55 36.75
C SER B 425 60.15 -78.68 37.70
N TRP B 426 60.74 -79.87 37.75
CA TRP B 426 61.91 -80.06 38.61
C TRP B 426 63.07 -79.22 38.12
N VAL B 427 63.29 -79.17 36.80
CA VAL B 427 64.43 -78.44 36.25
C VAL B 427 64.30 -76.95 36.53
N SER B 428 63.09 -76.42 36.38
CA SER B 428 62.88 -75.00 36.64
C SER B 428 63.03 -74.72 38.14
N LEU B 429 62.41 -75.54 38.97
CA LEU B 429 62.52 -75.35 40.42
C LEU B 429 63.96 -75.55 40.89
N PHE B 430 64.63 -76.56 40.36
CA PHE B 430 65.99 -76.87 40.79
C PHE B 430 66.96 -75.74 40.43
N LEU B 431 66.61 -74.94 39.41
CA LEU B 431 67.46 -73.82 39.03
C LEU B 431 67.22 -72.60 39.91
N GLY B 432 65.97 -72.16 40.00
CA GLY B 432 65.69 -70.87 40.60
C GLY B 432 65.91 -70.83 42.10
N PHE B 433 65.55 -71.91 42.80
CA PHE B 433 65.83 -72.00 44.22
C PHE B 433 67.33 -71.81 44.48
N HIS B 434 68.15 -72.41 43.63
CA HIS B 434 69.59 -72.40 43.84
C HIS B 434 70.23 -71.17 43.21
N THR B 435 69.70 -70.74 42.06
CA THR B 435 70.29 -69.59 41.37
C THR B 435 70.00 -68.30 42.11
N LEU B 436 68.74 -68.11 42.54
CA LEU B 436 68.39 -66.89 43.25
C LEU B 436 69.13 -66.82 44.59
N GLY B 437 69.18 -67.93 45.32
CA GLY B 437 69.75 -67.90 46.66
C GLY B 437 71.21 -67.50 46.67
N LEU B 438 71.92 -67.74 45.56
CA LEU B 438 73.29 -67.27 45.47
C LEU B 438 73.34 -65.77 45.21
N TYR B 439 72.50 -65.28 44.30
CA TYR B 439 72.34 -63.82 44.16
C TYR B 439 71.94 -63.21 45.49
N VAL B 440 71.08 -63.89 46.23
CA VAL B 440 70.58 -63.36 47.50
C VAL B 440 71.64 -63.50 48.58
N HIS B 441 72.39 -64.60 48.57
CA HIS B 441 73.51 -64.73 49.50
C HIS B 441 74.56 -63.68 49.22
N ASN B 442 74.85 -63.43 47.95
CA ASN B 442 75.82 -62.40 47.58
C ASN B 442 75.28 -61.01 47.83
N ASP B 443 73.96 -60.83 47.69
CA ASP B 443 73.35 -59.53 47.99
C ASP B 443 73.54 -59.18 49.46
N VAL B 444 73.16 -60.10 50.33
CA VAL B 444 73.15 -59.84 51.76
C VAL B 444 74.57 -59.70 52.30
N VAL B 445 75.42 -60.69 52.02
CA VAL B 445 76.71 -60.76 52.67
C VAL B 445 77.62 -59.63 52.21
N VAL B 446 77.34 -59.08 51.03
CA VAL B 446 78.00 -57.86 50.60
C VAL B 446 77.45 -56.67 51.37
N ALA B 447 76.14 -56.65 51.60
CA ALA B 447 75.52 -55.54 52.31
C ALA B 447 76.02 -55.45 53.74
N PHE B 448 76.39 -56.59 54.33
CA PHE B 448 76.96 -56.61 55.67
C PHE B 448 78.44 -56.27 55.70
N GLY B 449 79.01 -55.85 54.57
CA GLY B 449 80.41 -55.45 54.54
C GLY B 449 81.39 -56.59 54.47
N THR B 450 80.99 -57.74 53.93
CA THR B 450 81.84 -58.91 53.79
C THR B 450 81.72 -59.45 52.37
N PRO B 451 82.31 -58.76 51.38
CA PRO B 451 82.21 -59.27 50.01
C PRO B 451 83.02 -60.53 49.77
N GLU B 452 84.04 -60.78 50.58
CA GLU B 452 84.88 -61.95 50.39
C GLU B 452 84.09 -63.25 50.57
N LYS B 453 83.01 -63.21 51.33
CA LYS B 453 82.18 -64.38 51.56
C LYS B 453 81.22 -64.66 50.40
N GLN B 454 81.27 -63.87 49.32
CA GLN B 454 80.41 -64.12 48.18
C GLN B 454 80.71 -65.48 47.57
N ILE B 455 79.66 -66.18 47.16
CA ILE B 455 79.80 -67.44 46.45
C ILE B 455 80.10 -67.11 45.00
N LEU B 456 81.39 -66.99 44.67
CA LEU B 456 81.86 -66.75 43.32
C LEU B 456 82.49 -68.04 42.81
N ILE B 457 81.90 -68.62 41.77
CA ILE B 457 82.43 -69.82 41.14
C ILE B 457 82.56 -69.52 39.65
N GLU B 458 83.74 -69.77 39.11
CA GLU B 458 84.01 -69.37 37.74
C GLU B 458 83.38 -70.36 36.77
N PRO B 459 83.02 -69.91 35.55
CA PRO B 459 82.45 -70.83 34.57
C PRO B 459 83.54 -71.69 33.93
N VAL B 460 84.06 -72.63 34.71
CA VAL B 460 85.31 -73.33 34.37
C VAL B 460 85.23 -74.00 33.00
N PHE B 461 84.30 -74.94 32.83
CA PHE B 461 84.29 -75.72 31.59
C PHE B 461 83.95 -74.84 30.38
N ALA B 462 83.32 -73.70 30.61
CA ALA B 462 83.13 -72.75 29.51
C ALA B 462 84.45 -72.10 29.11
N GLN B 463 85.36 -71.91 30.07
CA GLN B 463 86.70 -71.45 29.71
C GLN B 463 87.42 -72.49 28.88
N PHE B 464 87.16 -73.77 29.16
CA PHE B 464 87.82 -74.85 28.43
C PHE B 464 87.44 -74.82 26.95
N ILE B 465 86.21 -74.39 26.65
CA ILE B 465 85.80 -74.24 25.26
C ILE B 465 86.51 -73.04 24.64
N GLN B 466 86.66 -71.96 25.40
CA GLN B 466 87.39 -70.81 24.90
C GLN B 466 88.85 -71.13 24.70
N ALA B 467 89.45 -71.88 25.64
CA ALA B 467 90.82 -72.32 25.48
C ALA B 467 90.93 -73.39 24.40
N ALA B 468 89.84 -74.14 24.16
CA ALA B 468 89.87 -75.17 23.14
C ALA B 468 89.92 -74.58 21.74
N HIS B 469 89.70 -73.27 21.61
CA HIS B 469 89.73 -72.60 20.32
C HIS B 469 91.02 -71.80 20.10
N GLY B 470 91.73 -71.44 21.16
CA GLY B 470 93.00 -70.75 21.03
C GLY B 470 93.28 -69.70 22.09
N LYS B 471 92.30 -69.39 22.93
CA LYS B 471 92.50 -68.36 23.94
C LYS B 471 93.49 -68.85 25.00
N VAL B 472 94.60 -68.13 25.13
CA VAL B 472 95.69 -68.51 26.01
C VAL B 472 95.63 -67.80 27.36
N LEU B 473 94.69 -66.86 27.54
CA LEU B 473 94.61 -66.12 28.80
C LEU B 473 94.37 -67.05 29.98
N TYR B 474 93.58 -68.11 29.78
CA TYR B 474 93.23 -68.99 30.88
C TYR B 474 94.38 -69.93 31.23
N GLY B 475 95.27 -70.20 30.27
CA GLY B 475 96.44 -71.01 30.53
C GLY B 475 96.19 -72.51 30.57
N LEU B 476 95.05 -72.98 30.07
CA LEU B 476 94.79 -74.41 30.07
C LEU B 476 95.75 -75.16 29.17
N ASP B 477 96.10 -74.56 28.02
CA ASP B 477 96.97 -75.21 27.03
C ASP B 477 96.32 -76.50 26.51
N THR B 478 95.05 -76.37 26.12
CA THR B 478 94.27 -77.47 25.57
C THR B 478 94.35 -77.44 24.04
N LEU B 479 93.44 -78.17 23.39
CA LEU B 479 93.37 -78.25 21.94
C LEU B 479 93.34 -76.86 21.31
N LEU B 480 94.17 -76.66 20.28
CA LEU B 480 94.38 -75.39 19.59
C LEU B 480 95.01 -74.31 20.47
N SER B 481 95.42 -74.67 21.69
CA SER B 481 96.21 -73.78 22.53
C SER B 481 97.62 -74.34 22.74
N ASN B 482 97.74 -75.68 22.69
CA ASN B 482 99.00 -76.39 22.81
C ASN B 482 99.50 -76.77 21.43
N PRO B 483 100.67 -76.33 20.97
CA PRO B 483 101.12 -76.75 19.63
C PRO B 483 101.44 -78.23 19.54
N ASP B 484 101.69 -78.89 20.67
CA ASP B 484 101.99 -80.31 20.64
C ASP B 484 100.75 -81.13 20.26
N SER B 485 99.57 -80.58 20.47
CA SER B 485 98.34 -81.32 20.21
C SER B 485 98.17 -81.57 18.71
N VAL B 486 97.35 -82.56 18.40
CA VAL B 486 97.12 -82.94 17.00
C VAL B 486 96.18 -81.95 16.32
N ALA B 487 95.26 -81.35 17.08
CA ALA B 487 94.29 -80.45 16.47
C ALA B 487 94.92 -79.13 16.09
N TYR B 488 95.90 -78.67 16.88
CA TYR B 488 96.62 -77.44 16.53
C TYR B 488 97.32 -77.59 15.19
N THR B 489 97.95 -78.75 14.98
CA THR B 489 98.68 -79.04 13.75
C THR B 489 98.30 -80.45 13.31
N ALA B 490 97.51 -80.53 12.25
CA ALA B 490 96.99 -81.81 11.77
C ALA B 490 98.14 -82.66 11.24
N TYR B 491 98.49 -83.69 11.99
CA TYR B 491 99.59 -84.57 11.58
C TYR B 491 99.37 -85.21 10.21
N PRO B 492 98.19 -85.75 9.87
CA PRO B 492 98.03 -86.32 8.52
C PRO B 492 98.16 -85.29 7.42
N ASN B 493 97.45 -84.17 7.52
CA ASN B 493 97.40 -83.16 6.48
C ASN B 493 97.51 -81.78 7.09
N TYR B 494 98.69 -81.17 6.97
CA TYR B 494 98.98 -79.87 7.58
C TYR B 494 98.29 -78.76 6.77
N ALA B 495 96.97 -78.70 6.91
CA ALA B 495 96.12 -77.80 6.13
C ALA B 495 95.22 -76.93 6.99
N ASN B 496 95.65 -76.63 8.23
CA ASN B 496 94.86 -75.78 9.13
C ASN B 496 95.18 -74.31 8.85
N VAL B 497 94.67 -73.83 7.72
CA VAL B 497 94.92 -72.45 7.30
C VAL B 497 94.10 -71.47 8.13
N TRP B 498 93.00 -71.94 8.73
CA TRP B 498 92.23 -71.08 9.62
C TRP B 498 93.04 -70.61 10.82
N LEU B 499 93.96 -71.45 11.31
CA LEU B 499 94.50 -71.24 12.64
C LEU B 499 95.36 -69.98 12.79
N PRO B 500 96.20 -69.58 11.84
CA PRO B 500 96.94 -68.31 12.02
C PRO B 500 96.03 -67.10 12.19
N GLY B 501 94.97 -66.99 11.38
CA GLY B 501 94.10 -65.83 11.49
C GLY B 501 93.20 -65.89 12.71
N TRP B 502 92.63 -67.07 12.97
CA TRP B 502 91.71 -67.21 14.10
C TRP B 502 92.43 -67.03 15.43
N LEU B 503 93.65 -67.57 15.53
CA LEU B 503 94.39 -67.50 16.78
C LEU B 503 94.71 -66.06 17.17
N ASP B 504 94.87 -65.19 16.17
CA ASP B 504 95.20 -63.80 16.45
C ASP B 504 94.00 -63.07 17.07
N ALA B 505 92.83 -63.21 16.46
CA ALA B 505 91.66 -62.45 16.90
C ALA B 505 91.18 -62.89 18.27
N ILE B 506 91.20 -64.20 18.53
CA ILE B 506 90.69 -64.70 19.81
C ILE B 506 91.60 -64.27 20.95
N ASN B 507 92.91 -64.20 20.69
CA ASN B 507 93.88 -63.79 21.69
C ASN B 507 94.17 -62.30 21.69
N SER B 508 93.60 -61.54 20.75
CA SER B 508 93.84 -60.10 20.71
C SER B 508 93.23 -59.41 21.91
N GLY B 509 91.94 -59.65 22.17
CA GLY B 509 91.23 -58.99 23.23
C GLY B 509 90.72 -57.61 22.89
N THR B 510 91.04 -57.09 21.71
CA THR B 510 90.56 -55.75 21.33
C THR B 510 89.11 -55.81 20.88
N ASN B 511 88.74 -56.87 20.17
CA ASN B 511 87.39 -57.01 19.61
C ASN B 511 86.54 -57.81 20.60
N SER B 512 85.31 -58.14 20.19
CA SER B 512 84.43 -59.04 20.94
C SER B 512 84.37 -60.36 20.19
N LEU B 513 85.20 -61.31 20.60
CA LEU B 513 85.24 -62.64 20.00
C LEU B 513 85.64 -63.63 21.08
N PHE B 514 84.66 -64.39 21.58
CA PHE B 514 84.86 -65.25 22.74
C PHE B 514 85.44 -64.45 23.89
N LEU B 515 84.69 -63.44 24.33
CA LEU B 515 85.17 -62.52 25.34
C LEU B 515 85.47 -63.25 26.64
N THR B 516 86.16 -62.58 27.56
CA THR B 516 86.57 -63.21 28.80
C THR B 516 85.37 -63.40 29.72
N ILE B 517 85.08 -64.66 30.01
CA ILE B 517 83.98 -65.02 30.92
C ILE B 517 84.50 -64.94 32.35
N GLY B 518 83.58 -64.76 33.28
CA GLY B 518 83.91 -64.62 34.68
C GLY B 518 82.79 -65.12 35.57
N PRO B 519 82.95 -64.97 36.90
CA PRO B 519 81.94 -65.49 37.82
C PRO B 519 80.57 -64.85 37.64
N GLY B 520 80.52 -63.56 37.32
CA GLY B 520 79.24 -62.93 37.06
C GLY B 520 78.55 -63.50 35.83
N ASP B 521 79.34 -63.91 34.84
CA ASP B 521 78.77 -64.56 33.66
C ASP B 521 78.14 -65.90 34.01
N PHE B 522 78.63 -66.55 35.06
CA PHE B 522 78.17 -67.89 35.39
C PHE B 522 76.70 -67.90 35.78
N LEU B 523 76.34 -67.09 36.78
CA LEU B 523 74.98 -67.13 37.32
C LEU B 523 73.95 -66.69 36.28
N VAL B 524 74.26 -65.64 35.53
CA VAL B 524 73.30 -65.09 34.57
C VAL B 524 73.00 -66.11 33.48
N HIS B 525 73.97 -66.96 33.14
CA HIS B 525 73.70 -68.02 32.18
C HIS B 525 72.68 -69.02 32.73
N HIS B 526 72.67 -69.19 34.05
CA HIS B 526 71.68 -70.08 34.66
C HIS B 526 70.34 -69.39 34.80
N ALA B 527 70.34 -68.07 34.98
CA ALA B 527 69.11 -67.32 34.88
C ALA B 527 68.48 -67.51 33.50
N ILE B 528 69.30 -67.56 32.47
CA ILE B 528 68.80 -67.81 31.12
C ILE B 528 68.31 -69.25 31.01
N ALA B 529 68.92 -70.16 31.76
CA ALA B 529 68.44 -71.53 31.81
C ALA B 529 67.00 -71.60 32.28
N LEU B 530 66.69 -70.85 33.33
CA LEU B 530 65.37 -70.94 33.93
C LEU B 530 64.30 -70.37 33.00
N GLY B 531 64.66 -69.39 32.20
CA GLY B 531 63.68 -68.78 31.30
C GLY B 531 63.24 -69.73 30.21
N LEU B 532 64.20 -70.37 29.54
CA LEU B 532 63.86 -71.27 28.46
C LEU B 532 63.18 -72.53 28.96
N HIS B 533 63.67 -73.08 30.07
CA HIS B 533 63.06 -74.28 30.62
C HIS B 533 61.63 -74.00 31.09
N THR B 534 61.43 -72.90 31.80
CA THR B 534 60.11 -72.60 32.33
C THR B 534 59.17 -72.15 31.22
N THR B 535 59.67 -71.35 30.28
CA THR B 535 58.85 -70.99 29.12
C THR B 535 58.47 -72.21 28.32
N THR B 536 59.39 -73.18 28.23
CA THR B 536 59.08 -74.43 27.54
C THR B 536 58.05 -75.23 28.33
N LEU B 537 58.16 -75.23 29.66
CA LEU B 537 57.22 -75.96 30.49
C LEU B 537 55.80 -75.47 30.27
N ILE B 538 55.60 -74.16 30.24
CA ILE B 538 54.27 -73.60 30.05
C ILE B 538 53.75 -73.97 28.67
N LEU B 539 54.59 -73.80 27.65
CA LEU B 539 54.15 -74.03 26.28
C LEU B 539 53.96 -75.53 26.01
N VAL B 540 54.89 -76.36 26.47
CA VAL B 540 54.76 -77.80 26.28
C VAL B 540 53.53 -78.32 27.01
N LYS B 541 53.23 -77.76 28.18
CA LYS B 541 52.09 -78.23 28.95
C LYS B 541 50.79 -78.01 28.21
N GLY B 542 50.50 -76.75 27.86
CA GLY B 542 49.24 -76.45 27.19
C GLY B 542 49.10 -77.16 25.87
N ALA B 543 50.21 -77.33 25.16
CA ALA B 543 50.18 -78.03 23.88
C ALA B 543 49.75 -79.48 24.05
N LEU B 544 50.47 -80.22 24.90
CA LEU B 544 50.14 -81.64 25.10
C LEU B 544 48.80 -81.80 25.81
N ASP B 545 48.47 -80.88 26.71
CA ASP B 545 47.20 -80.92 27.42
C ASP B 545 46.08 -80.21 26.67
N ALA B 546 46.35 -79.69 25.46
CA ALA B 546 45.31 -79.02 24.69
C ALA B 546 44.18 -79.98 24.35
N ARG B 547 44.50 -81.25 24.13
CA ARG B 547 43.48 -82.21 23.74
C ARG B 547 42.61 -82.61 24.91
N GLY B 548 43.14 -82.55 26.13
CA GLY B 548 42.35 -82.84 27.30
C GLY B 548 43.19 -82.87 28.56
N SER B 549 42.48 -82.78 29.69
CA SER B 549 43.08 -82.91 31.01
C SER B 549 42.01 -83.45 31.95
N LYS B 550 42.43 -83.85 33.14
CA LYS B 550 41.46 -84.41 34.09
C LYS B 550 40.43 -83.39 34.51
N LEU B 551 40.79 -82.11 34.50
CA LEU B 551 39.85 -81.06 34.88
C LEU B 551 38.88 -80.76 33.75
N MET B 552 39.35 -80.81 32.50
CA MET B 552 38.53 -80.56 31.32
C MET B 552 38.94 -81.54 30.23
N PRO B 553 38.47 -82.80 30.31
CA PRO B 553 38.90 -83.79 29.31
C PRO B 553 38.42 -83.48 27.90
N ASP B 554 37.21 -82.95 27.76
CA ASP B 554 36.65 -82.65 26.44
C ASP B 554 37.02 -81.22 26.01
N LYS B 555 38.33 -80.95 26.06
CA LYS B 555 38.83 -79.64 25.67
C LYS B 555 39.00 -79.52 24.16
N LYS B 556 39.21 -80.64 23.48
CA LYS B 556 39.36 -80.62 22.03
C LYS B 556 38.11 -80.10 21.33
N ASP B 557 36.94 -80.33 21.93
CA ASP B 557 35.69 -79.92 21.30
C ASP B 557 35.58 -78.40 21.23
N PHE B 558 36.04 -77.70 22.28
CA PHE B 558 35.85 -76.25 22.32
C PHE B 558 36.78 -75.54 21.35
N GLY B 559 38.06 -75.88 21.38
CA GLY B 559 39.04 -75.32 20.48
C GLY B 559 40.26 -74.80 21.21
N TYR B 560 41.06 -74.03 20.48
CA TYR B 560 42.30 -73.49 21.04
C TYR B 560 42.02 -72.35 22.01
N ALA B 561 41.22 -71.38 21.58
CA ALA B 561 40.94 -70.17 22.35
C ALA B 561 39.50 -70.21 22.85
N PHE B 562 39.34 -70.38 24.16
CA PHE B 562 38.06 -70.26 24.81
C PHE B 562 38.28 -69.74 26.23
N PRO B 563 37.33 -68.98 26.79
CA PRO B 563 37.62 -68.31 28.07
C PRO B 563 37.79 -69.26 29.24
N CYS B 564 36.83 -70.14 29.47
CA CYS B 564 36.87 -71.05 30.61
C CYS B 564 35.84 -72.14 30.37
N ASP B 565 35.63 -72.95 31.42
CA ASP B 565 34.54 -73.91 31.48
C ASP B 565 33.58 -73.62 32.63
N GLY B 566 33.78 -72.51 33.35
CA GLY B 566 32.92 -72.14 34.45
C GLY B 566 33.63 -72.23 35.78
N PRO B 567 32.97 -71.80 36.85
CA PRO B 567 33.55 -71.87 38.19
C PRO B 567 33.46 -73.24 38.84
N GLY B 568 32.62 -74.14 38.32
CA GLY B 568 32.49 -75.46 38.88
C GLY B 568 33.79 -76.24 38.83
N ARG B 569 33.84 -77.31 39.63
CA ARG B 569 35.02 -78.14 39.76
C ARG B 569 36.21 -77.31 40.25
N GLY B 570 35.93 -76.35 41.12
CA GLY B 570 36.94 -75.48 41.67
C GLY B 570 37.28 -74.26 40.85
N GLY B 571 36.95 -74.27 39.55
CA GLY B 571 37.29 -73.17 38.66
C GLY B 571 38.21 -73.59 37.53
N THR B 572 37.95 -73.05 36.33
CA THR B 572 38.71 -73.40 35.12
C THR B 572 39.07 -72.11 34.38
N CYS B 573 39.58 -71.14 35.14
CA CYS B 573 39.64 -69.76 34.66
C CYS B 573 40.65 -69.57 33.55
N ASP B 574 41.71 -70.38 33.53
CA ASP B 574 42.73 -70.34 32.48
C ASP B 574 43.06 -71.75 32.01
N ILE B 575 42.03 -72.55 31.72
CA ILE B 575 42.23 -73.94 31.33
C ILE B 575 42.68 -74.04 29.88
N SER B 576 42.28 -73.09 29.04
CA SER B 576 42.47 -73.24 27.60
C SER B 576 43.94 -73.25 27.21
N ALA B 577 44.23 -73.93 26.10
CA ALA B 577 45.60 -74.00 25.61
C ALA B 577 46.07 -72.65 25.07
N TRP B 578 45.15 -71.77 24.71
CA TRP B 578 45.53 -70.43 24.31
C TRP B 578 46.19 -69.69 25.47
N ASP B 579 45.77 -69.99 26.69
CA ASP B 579 46.29 -69.26 27.85
C ASP B 579 47.70 -69.71 28.20
N SER B 580 48.12 -70.87 27.73
CA SER B 580 49.52 -71.26 27.91
C SER B 580 50.43 -70.32 27.14
N PHE B 581 50.07 -70.00 25.90
CA PHE B 581 50.79 -68.98 25.14
C PHE B 581 50.76 -67.64 25.88
N TYR B 582 49.59 -67.29 26.41
CA TYR B 582 49.40 -66.01 27.08
C TYR B 582 50.39 -65.85 28.23
N LEU B 583 50.57 -66.91 29.00
CA LEU B 583 51.43 -66.84 30.19
C LEU B 583 52.90 -67.04 29.83
N SER B 584 53.18 -67.43 28.59
CA SER B 584 54.56 -67.74 28.20
C SER B 584 55.30 -66.47 27.80
N LEU B 585 54.62 -65.54 27.13
CA LEU B 585 55.29 -64.34 26.66
C LEU B 585 55.81 -63.50 27.80
N PHE B 586 55.14 -63.56 28.96
CA PHE B 586 55.63 -62.86 30.13
C PHE B 586 57.02 -63.34 30.52
N TRP B 587 57.27 -64.64 30.33
CA TRP B 587 58.62 -65.17 30.55
C TRP B 587 59.54 -64.82 29.40
N ALA B 588 59.13 -65.14 28.18
CA ALA B 588 60.01 -65.04 27.04
C ALA B 588 60.41 -63.59 26.77
N LEU B 589 59.59 -62.63 27.23
CA LEU B 589 60.03 -61.25 27.24
C LEU B 589 61.06 -61.03 28.33
N ASN B 590 60.76 -61.52 29.54
CA ASN B 590 61.72 -61.40 30.63
C ASN B 590 63.04 -62.07 30.29
N THR B 591 62.99 -63.25 29.70
CA THR B 591 64.21 -64.01 29.44
C THR B 591 65.13 -63.25 28.51
N VAL B 592 64.57 -62.49 27.57
CA VAL B 592 65.42 -61.62 26.75
C VAL B 592 65.97 -60.48 27.59
N GLY B 593 65.18 -60.00 28.55
CA GLY B 593 65.67 -58.93 29.42
C GLY B 593 66.89 -59.35 30.20
N TRP B 594 66.88 -60.57 30.74
CA TRP B 594 68.07 -61.11 31.38
C TRP B 594 69.20 -61.29 30.38
N VAL B 595 68.86 -61.63 29.14
CA VAL B 595 69.87 -61.81 28.10
C VAL B 595 70.44 -60.46 27.69
N THR B 596 69.57 -59.48 27.49
CA THR B 596 69.98 -58.23 26.90
C THR B 596 70.69 -57.33 27.91
N PHE B 597 70.20 -57.31 29.14
CA PHE B 597 70.93 -56.60 30.20
C PHE B 597 72.31 -57.20 30.40
N TYR B 598 72.41 -58.53 30.27
CA TYR B 598 73.71 -59.18 30.36
C TYR B 598 74.61 -58.72 29.21
N TRP B 599 74.08 -58.66 28.00
CA TRP B 599 74.87 -58.21 26.87
C TRP B 599 75.26 -56.76 27.02
N HIS B 600 74.29 -55.92 27.38
CA HIS B 600 74.50 -54.47 27.35
C HIS B 600 75.50 -54.04 28.41
N TRP B 601 75.35 -54.54 29.64
CA TRP B 601 76.22 -54.11 30.72
C TRP B 601 77.63 -54.65 30.52
N LYS B 602 77.77 -55.89 30.04
CA LYS B 602 79.08 -56.47 29.82
C LYS B 602 79.82 -55.72 28.71
N HIS B 603 79.08 -55.32 27.67
CA HIS B 603 79.71 -54.64 26.55
C HIS B 603 80.04 -53.19 26.89
N LEU B 604 79.21 -52.56 27.72
CA LEU B 604 79.46 -51.17 28.09
C LEU B 604 80.76 -51.02 28.84
N GLY B 605 81.07 -51.95 29.74
CA GLY B 605 82.35 -51.92 30.42
C GLY B 605 83.51 -52.11 29.47
N ILE B 606 83.34 -52.97 28.47
CA ILE B 606 84.38 -53.16 27.47
C ILE B 606 84.54 -51.91 26.63
N TRP B 607 83.44 -51.36 26.15
CA TRP B 607 83.50 -50.17 25.30
C TRP B 607 84.05 -48.97 26.06
N GLN B 608 83.72 -48.87 27.35
CA GLN B 608 84.26 -47.81 28.20
C GLN B 608 85.67 -48.11 28.70
N GLY B 609 86.15 -49.33 28.52
CA GLY B 609 87.45 -49.70 29.06
C GLY B 609 87.46 -49.99 30.54
N ASN B 610 86.30 -50.34 31.11
CA ASN B 610 86.17 -50.67 32.53
C ASN B 610 85.43 -52.00 32.66
N VAL B 611 86.19 -53.09 32.56
CA VAL B 611 85.62 -54.42 32.73
C VAL B 611 85.41 -54.76 34.20
N ALA B 612 86.04 -54.02 35.11
CA ALA B 612 86.01 -54.39 36.52
C ALA B 612 84.60 -54.26 37.11
N GLN B 613 83.84 -53.27 36.65
CA GLN B 613 82.55 -53.00 37.27
C GLN B 613 81.58 -54.17 37.07
N PHE B 614 81.70 -54.88 35.95
CA PHE B 614 80.85 -56.04 35.73
C PHE B 614 81.35 -57.24 36.53
N ASN B 615 82.62 -57.59 36.37
CA ASN B 615 83.14 -58.81 37.00
C ASN B 615 83.08 -58.72 38.52
N GLU B 616 83.12 -57.49 39.06
CA GLU B 616 83.07 -57.32 40.51
C GLU B 616 81.65 -57.24 41.02
N ASN B 617 80.80 -56.41 40.38
CA ASN B 617 79.51 -56.04 40.93
C ASN B 617 78.33 -56.77 40.32
N SER B 618 78.54 -57.58 39.29
CA SER B 618 77.44 -58.32 38.68
C SER B 618 77.04 -59.56 39.46
N THR B 619 77.76 -59.90 40.53
CA THR B 619 77.35 -61.02 41.36
C THR B 619 76.13 -60.67 42.20
N TYR B 620 76.20 -59.58 42.96
CA TYR B 620 75.07 -59.11 43.75
C TYR B 620 74.15 -58.26 42.87
N LEU B 621 72.84 -58.46 43.06
CA LEU B 621 71.86 -57.86 42.17
C LEU B 621 71.87 -56.34 42.23
N MET B 622 72.31 -55.77 43.34
CA MET B 622 72.26 -54.31 43.49
C MET B 622 73.19 -53.63 42.49
N GLY B 623 74.22 -54.34 42.02
CA GLY B 623 75.06 -53.80 40.98
C GLY B 623 74.29 -53.56 39.69
N TRP B 624 73.33 -54.43 39.39
CA TRP B 624 72.50 -54.24 38.21
C TRP B 624 71.62 -53.00 38.35
N PHE B 625 71.27 -52.64 39.58
CA PHE B 625 70.50 -51.42 39.81
C PHE B 625 71.39 -50.19 39.74
N ARG B 626 72.45 -50.17 40.56
CA ARG B 626 73.26 -48.98 40.71
C ARG B 626 74.10 -48.72 39.45
N ASP B 627 74.85 -49.73 39.01
CA ASP B 627 75.83 -49.50 37.96
C ASP B 627 75.16 -49.44 36.59
N TYR B 628 74.21 -50.32 36.33
CA TYR B 628 73.61 -50.45 35.00
C TYR B 628 72.34 -49.62 34.87
N LEU B 629 71.33 -49.89 35.69
CA LEU B 629 70.03 -49.24 35.53
C LEU B 629 70.08 -47.79 36.02
N TRP B 630 70.65 -47.56 37.19
CA TRP B 630 70.59 -46.22 37.79
C TRP B 630 71.51 -45.26 37.05
N ALA B 631 72.78 -45.64 36.88
CA ALA B 631 73.76 -44.69 36.37
C ALA B 631 73.52 -44.37 34.90
N ASN B 632 73.32 -45.40 34.08
CA ASN B 632 73.20 -45.18 32.63
C ASN B 632 71.93 -44.43 32.25
N SER B 633 70.93 -44.37 33.14
CA SER B 633 69.70 -43.67 32.87
C SER B 633 69.80 -42.17 33.13
N ALA B 634 70.98 -41.64 33.47
CA ALA B 634 71.10 -40.25 33.87
C ALA B 634 70.83 -39.31 32.72
N GLN B 635 71.46 -39.55 31.56
CA GLN B 635 71.31 -38.65 30.44
C GLN B 635 69.93 -38.79 29.80
N LEU B 636 69.31 -39.97 29.93
CA LEU B 636 68.00 -40.19 29.34
C LEU B 636 66.94 -39.33 30.02
N ILE B 637 66.82 -39.45 31.35
CA ILE B 637 65.84 -38.67 32.10
C ILE B 637 66.08 -37.18 31.94
N ASN B 638 67.34 -36.78 31.72
CA ASN B 638 67.69 -35.40 31.48
C ASN B 638 67.58 -35.01 30.00
N GLY B 639 66.83 -35.78 29.21
CA GLY B 639 66.63 -35.43 27.82
C GLY B 639 65.96 -34.07 27.67
N TYR B 640 64.78 -33.92 28.27
CA TYR B 640 64.13 -32.62 28.41
C TYR B 640 64.07 -32.28 29.89
N ASN B 641 64.67 -31.16 30.25
CA ASN B 641 64.74 -30.68 31.61
C ASN B 641 64.25 -29.24 31.63
N PRO B 642 64.02 -28.63 32.79
CA PRO B 642 63.57 -27.23 32.80
C PRO B 642 64.56 -26.26 32.19
N TYR B 643 65.83 -26.65 32.05
CA TYR B 643 66.83 -25.76 31.49
C TYR B 643 66.76 -25.70 29.98
N GLY B 644 66.57 -26.84 29.33
CA GLY B 644 66.52 -26.86 27.88
C GLY B 644 66.13 -28.22 27.36
N VAL B 645 66.52 -28.48 26.10
CA VAL B 645 66.19 -29.71 25.40
C VAL B 645 67.41 -30.12 24.59
N ASN B 646 67.80 -31.39 24.71
CA ASN B 646 68.90 -31.96 23.94
C ASN B 646 68.35 -32.85 22.83
N ASN B 647 69.24 -33.56 22.15
CA ASN B 647 68.85 -34.46 21.06
C ASN B 647 68.22 -35.76 21.56
N LEU B 648 68.33 -36.06 22.85
CA LEU B 648 67.75 -37.27 23.43
C LEU B 648 66.34 -37.05 23.96
N SER B 649 65.66 -36.02 23.50
CA SER B 649 64.33 -35.71 24.04
C SER B 649 63.31 -36.77 23.65
N VAL B 650 63.47 -37.37 22.48
CA VAL B 650 62.48 -38.34 22.01
C VAL B 650 62.54 -39.59 22.86
N TRP B 651 63.74 -40.08 23.15
CA TRP B 651 63.88 -41.33 23.87
C TRP B 651 63.33 -41.21 25.28
N ALA B 652 63.53 -40.06 25.92
CA ALA B 652 62.92 -39.81 27.22
C ALA B 652 61.41 -39.87 27.13
N TRP B 653 60.83 -39.20 26.13
CA TRP B 653 59.40 -39.28 25.91
C TRP B 653 58.98 -40.71 25.60
N MET B 654 59.77 -41.43 24.81
CA MET B 654 59.47 -42.82 24.53
C MET B 654 59.65 -43.68 25.77
N PHE B 655 60.61 -43.33 26.62
CA PHE B 655 60.83 -44.07 27.85
C PHE B 655 59.60 -44.03 28.74
N LEU B 656 59.06 -42.83 28.96
CA LEU B 656 57.85 -42.70 29.74
C LEU B 656 56.64 -43.25 29.00
N PHE B 657 56.69 -43.26 27.66
CA PHE B 657 55.58 -43.77 26.88
C PHE B 657 55.36 -45.25 27.13
N GLY B 658 56.43 -46.05 27.04
CA GLY B 658 56.31 -47.47 27.29
C GLY B 658 55.92 -47.79 28.71
N HIS B 659 56.34 -46.94 29.65
CA HIS B 659 55.94 -47.09 31.04
C HIS B 659 54.44 -47.00 31.18
N LEU B 660 53.83 -46.00 30.55
CA LEU B 660 52.38 -45.86 30.60
C LEU B 660 51.69 -47.03 29.94
N VAL B 661 52.17 -47.43 28.76
CA VAL B 661 51.54 -48.53 28.03
C VAL B 661 51.73 -49.84 28.78
N TRP B 662 52.93 -50.04 29.35
CA TRP B 662 53.18 -51.24 30.15
C TRP B 662 52.22 -51.30 31.34
N ALA B 663 51.88 -50.16 31.91
CA ALA B 663 51.01 -50.12 33.07
C ALA B 663 49.54 -50.18 32.67
N THR B 664 49.20 -49.64 31.50
CA THR B 664 47.82 -49.68 31.06
C THR B 664 47.37 -51.11 30.80
N GLY B 665 48.30 -52.00 30.46
CA GLY B 665 47.95 -53.38 30.30
C GLY B 665 47.45 -54.01 31.58
N PHE B 666 48.05 -53.63 32.72
CA PHE B 666 47.74 -54.27 34.00
C PHE B 666 46.26 -54.18 34.33
N MET B 667 45.56 -53.17 33.80
CA MET B 667 44.11 -53.10 33.95
C MET B 667 43.44 -54.33 33.37
N PHE B 668 43.77 -54.68 32.13
CA PHE B 668 43.07 -55.75 31.44
C PHE B 668 43.47 -57.10 32.00
N LEU B 669 44.68 -57.21 32.54
CA LEU B 669 45.13 -58.47 33.11
C LEU B 669 44.51 -58.70 34.48
N ILE B 670 44.28 -57.62 35.24
CA ILE B 670 43.83 -57.73 36.62
C ILE B 670 42.32 -57.59 36.71
N SER B 671 41.80 -56.45 36.27
CA SER B 671 40.39 -56.10 36.45
C SER B 671 39.58 -56.72 35.33
N TRP B 672 39.13 -57.95 35.53
CA TRP B 672 38.45 -58.69 34.49
C TRP B 672 37.06 -58.11 34.23
N ARG B 673 36.32 -58.77 33.33
CA ARG B 673 35.23 -58.12 32.60
C ARG B 673 34.06 -57.74 33.50
N GLY B 674 33.46 -58.73 34.17
CA GLY B 674 32.11 -58.60 34.72
C GLY B 674 31.88 -57.39 35.60
N TYR B 675 32.94 -56.81 36.16
CA TYR B 675 32.81 -55.55 36.85
C TYR B 675 32.50 -54.42 35.86
N TRP B 676 33.18 -54.43 34.71
CA TRP B 676 33.03 -53.35 33.74
C TRP B 676 31.68 -53.38 33.06
N GLN B 677 31.13 -54.58 32.81
CA GLN B 677 29.87 -54.69 32.09
C GLN B 677 28.75 -54.00 32.86
N GLU B 678 28.79 -54.05 34.18
CA GLU B 678 27.81 -53.31 34.98
C GLU B 678 28.00 -51.81 34.82
N LEU B 679 29.26 -51.36 34.73
CA LEU B 679 29.53 -49.94 34.56
C LEU B 679 29.00 -49.44 33.22
N ILE B 680 29.05 -50.28 32.19
CA ILE B 680 28.56 -49.88 30.88
C ILE B 680 27.05 -49.70 30.90
N GLU B 681 26.35 -50.53 31.68
CA GLU B 681 24.89 -50.44 31.74
C GLU B 681 24.44 -49.11 32.32
N THR B 682 25.26 -48.50 33.18
CA THR B 682 24.89 -47.21 33.75
C THR B 682 25.01 -46.09 32.72
N LEU B 683 26.09 -46.13 31.92
CA LEU B 683 26.26 -45.11 30.89
C LEU B 683 25.17 -45.21 29.84
N VAL B 684 24.72 -46.43 29.54
CA VAL B 684 23.61 -46.62 28.62
C VAL B 684 22.36 -45.96 29.16
N TRP B 685 22.13 -46.05 30.47
CA TRP B 685 20.98 -45.39 31.07
C TRP B 685 21.09 -43.88 30.96
N ALA B 686 22.28 -43.34 31.21
CA ALA B 686 22.46 -41.89 31.19
C ALA B 686 22.25 -41.34 29.79
N HIS B 687 22.75 -42.04 28.77
CA HIS B 687 22.60 -41.56 27.40
C HIS B 687 21.16 -41.66 26.92
N GLU B 688 20.47 -42.75 27.29
CA GLU B 688 19.09 -42.92 26.90
C GLU B 688 18.14 -42.03 27.68
N ARG B 689 18.61 -41.34 28.71
CA ARG B 689 17.77 -40.53 29.58
C ARG B 689 18.16 -39.07 29.63
N THR B 690 19.36 -38.73 29.19
CA THR B 690 19.74 -37.32 29.08
C THR B 690 18.97 -36.70 27.91
N PRO B 691 18.47 -35.47 28.03
CA PRO B 691 17.49 -35.00 27.05
C PRO B 691 18.03 -34.80 25.65
N ILE B 692 19.14 -34.06 25.49
CA ILE B 692 19.58 -33.65 24.16
C ILE B 692 20.37 -34.73 23.44
N ALA B 693 21.11 -35.58 24.16
CA ALA B 693 21.86 -36.65 23.53
C ALA B 693 20.99 -37.88 23.25
N ASN B 694 19.69 -37.80 23.51
CA ASN B 694 18.78 -38.88 23.11
C ASN B 694 18.67 -38.98 21.60
N LEU B 695 18.96 -37.89 20.89
CA LEU B 695 18.83 -37.89 19.43
C LEU B 695 19.81 -38.86 18.80
N VAL B 696 21.07 -38.80 19.22
CA VAL B 696 22.12 -39.63 18.66
C VAL B 696 22.22 -40.90 19.52
N ARG B 697 22.31 -42.06 18.86
CA ARG B 697 22.38 -43.32 19.55
C ARG B 697 23.18 -44.33 18.75
N TRP B 698 23.82 -45.24 19.48
CA TRP B 698 24.57 -46.33 18.90
C TRP B 698 23.67 -47.21 18.03
N LYS B 699 24.24 -47.76 16.96
CA LYS B 699 23.61 -48.87 16.26
C LYS B 699 24.06 -50.19 16.84
N ASP B 700 25.34 -50.30 17.21
CA ASP B 700 25.89 -51.49 17.82
C ASP B 700 25.82 -51.33 19.34
N LYS B 701 25.17 -52.28 20.00
CA LYS B 701 25.00 -52.19 21.44
C LYS B 701 26.37 -52.27 22.13
N PRO B 702 26.70 -51.35 23.04
CA PRO B 702 28.04 -51.38 23.66
C PRO B 702 28.10 -52.37 24.80
N VAL B 703 29.05 -53.29 24.73
CA VAL B 703 29.28 -54.30 25.75
C VAL B 703 30.76 -54.31 26.09
N ALA B 704 31.06 -54.82 27.28
CA ALA B 704 32.44 -54.92 27.72
C ALA B 704 33.21 -55.92 26.86
N LEU B 705 34.52 -55.79 26.87
CA LEU B 705 35.37 -56.69 26.11
C LEU B 705 35.32 -58.08 26.71
N SER B 706 35.43 -59.09 25.85
CA SER B 706 35.36 -60.47 26.32
C SER B 706 36.59 -60.80 27.17
N ILE B 707 36.58 -62.02 27.72
CA ILE B 707 37.68 -62.45 28.57
C ILE B 707 38.94 -62.69 27.74
N VAL B 708 38.79 -63.40 26.63
CA VAL B 708 39.95 -63.72 25.81
C VAL B 708 40.46 -62.46 25.13
N GLN B 709 39.57 -61.54 24.79
CA GLN B 709 39.98 -60.29 24.16
C GLN B 709 40.86 -59.48 25.10
N ALA B 710 40.49 -59.41 26.38
CA ALA B 710 41.26 -58.62 27.33
C ALA B 710 42.66 -59.16 27.51
N ARG B 711 42.79 -60.49 27.54
CA ARG B 711 44.11 -61.11 27.59
C ARG B 711 44.95 -60.72 26.39
N VAL B 712 44.30 -60.56 25.23
CA VAL B 712 45.01 -60.09 24.05
C VAL B 712 45.37 -58.62 24.19
N VAL B 713 44.39 -57.78 24.50
CA VAL B 713 44.63 -56.35 24.58
C VAL B 713 45.59 -56.02 25.72
N GLY B 714 45.48 -56.74 26.83
CA GLY B 714 46.37 -56.48 27.95
C GLY B 714 47.80 -56.89 27.65
N LEU B 715 47.98 -58.07 27.06
CA LEU B 715 49.33 -58.56 26.79
C LEU B 715 50.02 -57.70 25.73
N ALA B 716 49.27 -57.22 24.75
CA ALA B 716 49.84 -56.32 23.76
C ALA B 716 50.36 -55.04 24.41
N HIS B 717 49.64 -54.55 25.42
CA HIS B 717 50.11 -53.40 26.16
C HIS B 717 51.36 -53.73 26.97
N PHE B 718 51.36 -54.89 27.62
CA PHE B 718 52.51 -55.33 28.38
C PHE B 718 53.75 -55.45 27.50
N THR B 719 53.56 -55.84 26.25
CA THR B 719 54.69 -56.11 25.37
C THR B 719 55.16 -54.84 24.68
N VAL B 720 54.22 -54.02 24.21
CA VAL B 720 54.58 -52.77 23.54
C VAL B 720 55.34 -51.86 24.49
N GLY B 721 54.93 -51.81 25.75
CA GLY B 721 55.68 -51.05 26.73
C GLY B 721 57.03 -51.65 27.02
N TYR B 722 57.07 -52.96 27.25
CA TYR B 722 58.33 -53.68 27.49
C TYR B 722 59.31 -53.46 26.35
N VAL B 723 58.81 -53.32 25.13
CA VAL B 723 59.68 -53.14 23.98
C VAL B 723 60.22 -51.71 23.95
N LEU B 724 59.32 -50.73 23.98
CA LEU B 724 59.72 -49.34 23.73
C LEU B 724 60.63 -48.81 24.83
N THR B 725 60.28 -49.03 26.10
CA THR B 725 61.01 -48.37 27.17
C THR B 725 62.42 -48.91 27.30
N TYR B 726 62.66 -50.15 26.88
CA TYR B 726 64.03 -50.67 26.86
C TYR B 726 64.79 -50.14 25.66
N ALA B 727 64.12 -49.99 24.52
CA ALA B 727 64.77 -49.46 23.33
C ALA B 727 65.28 -48.06 23.57
N ALA B 728 64.48 -47.23 24.23
CA ALA B 728 64.91 -45.87 24.55
C ALA B 728 66.09 -45.88 25.50
N PHE B 729 66.12 -46.83 26.43
CA PHE B 729 67.23 -46.94 27.35
C PHE B 729 68.50 -47.38 26.63
N LEU B 730 68.38 -48.45 25.83
CA LEU B 730 69.54 -48.99 25.15
C LEU B 730 70.14 -48.00 24.18
N ILE B 731 69.30 -47.28 23.43
CA ILE B 731 69.80 -46.34 22.44
C ILE B 731 70.38 -45.11 23.12
N ALA B 732 69.63 -44.50 24.04
CA ALA B 732 70.06 -43.25 24.63
C ALA B 732 71.27 -43.43 25.53
N SER B 733 71.30 -44.54 26.28
CA SER B 733 72.44 -44.80 27.15
C SER B 733 73.72 -44.98 26.34
N THR B 734 73.65 -45.76 25.26
CA THR B 734 74.82 -45.94 24.40
C THR B 734 75.11 -44.68 23.60
N ALA B 735 74.08 -44.09 22.98
CA ALA B 735 74.30 -42.93 22.14
C ALA B 735 74.69 -41.71 22.97
N GLY B 736 74.12 -41.57 24.16
CA GLY B 736 74.47 -40.45 25.01
C GLY B 736 75.94 -40.48 25.41
N LYS B 737 76.48 -41.68 25.61
CA LYS B 737 77.89 -41.85 25.93
C LYS B 737 78.72 -42.06 24.67
N PHE B 738 78.12 -42.65 23.65
CA PHE B 738 78.79 -43.08 22.42
C PHE B 738 79.89 -44.08 22.73
N GLY B 739 79.70 -44.89 23.78
CA GLY B 739 80.70 -45.86 24.19
C GLY B 739 80.11 -46.90 25.10
N SER C 1 22.32 -69.54 18.62
CA SER C 1 22.72 -69.27 20.00
C SER C 1 23.50 -70.46 20.56
N HIS C 2 23.65 -70.50 21.88
CA HIS C 2 24.38 -71.59 22.50
C HIS C 2 23.60 -72.90 22.39
N THR C 3 24.30 -74.00 22.57
CA THR C 3 23.73 -75.34 22.46
C THR C 3 24.04 -76.13 23.73
N VAL C 4 23.00 -76.64 24.36
CA VAL C 4 23.12 -77.49 25.54
C VAL C 4 22.85 -78.92 25.12
N LYS C 5 23.87 -79.76 25.24
CA LYS C 5 23.81 -81.16 24.85
C LYS C 5 23.78 -82.04 26.09
N ILE C 6 22.90 -83.04 26.07
CA ILE C 6 22.66 -83.91 27.21
C ILE C 6 22.94 -85.33 26.76
N TYR C 7 23.76 -86.04 27.54
CA TYR C 7 24.32 -87.32 27.13
C TYR C 7 23.67 -88.47 27.91
N ASP C 8 24.10 -89.68 27.58
CA ASP C 8 23.45 -90.89 28.08
C ASP C 8 23.62 -91.06 29.58
N THR C 9 24.65 -90.44 30.17
CA THR C 9 24.95 -90.69 31.57
C THR C 9 24.05 -89.94 32.54
N CYS C 10 22.96 -89.33 32.07
CA CYS C 10 21.98 -88.77 32.97
C CYS C 10 21.40 -89.83 33.88
N ILE C 11 21.10 -89.44 35.12
CA ILE C 11 20.50 -90.31 36.12
C ILE C 11 19.20 -89.76 36.68
N GLY C 12 18.88 -88.50 36.38
CA GLY C 12 17.61 -87.92 36.82
C GLY C 12 17.68 -87.26 38.17
N CYS C 13 18.70 -86.44 38.41
CA CYS C 13 18.76 -85.69 39.66
C CYS C 13 17.79 -84.52 39.65
N THR C 14 17.52 -83.96 38.48
CA THR C 14 16.69 -82.77 38.24
C THR C 14 17.40 -81.49 38.68
N GLN C 15 18.62 -81.57 39.24
CA GLN C 15 19.27 -80.39 39.78
C GLN C 15 19.61 -79.38 38.70
N CYS C 16 19.87 -79.86 37.48
CA CYS C 16 20.19 -78.97 36.37
C CYS C 16 19.03 -78.03 36.07
N VAL C 17 17.81 -78.54 36.17
CA VAL C 17 16.64 -77.71 35.88
C VAL C 17 16.44 -76.66 36.97
N ARG C 18 16.82 -76.99 38.21
CA ARG C 18 16.62 -76.06 39.31
C ARG C 18 17.65 -74.93 39.27
N ALA C 19 18.92 -75.28 39.05
CA ALA C 19 19.98 -74.26 39.06
C ALA C 19 19.85 -73.30 37.89
N CYS C 20 19.17 -73.71 36.83
CA CYS C 20 19.04 -72.86 35.65
C CYS C 20 18.23 -71.61 35.98
N PRO C 21 18.71 -70.40 35.63
CA PRO C 21 17.88 -69.21 35.88
C PRO C 21 16.90 -68.92 34.77
N THR C 22 17.16 -69.37 33.54
CA THR C 22 16.39 -68.95 32.37
C THR C 22 15.40 -70.01 31.88
N ASP C 23 15.30 -71.15 32.56
CA ASP C 23 14.34 -72.19 32.20
C ASP C 23 14.60 -72.74 30.79
N VAL C 24 15.87 -72.73 30.39
CA VAL C 24 16.29 -73.39 29.16
C VAL C 24 16.08 -74.90 29.21
N LEU C 25 16.04 -75.49 30.41
CA LEU C 25 16.03 -76.93 30.58
C LEU C 25 14.65 -77.40 31.00
N GLU C 26 14.37 -78.67 30.74
CA GLU C 26 13.12 -79.31 31.14
C GLU C 26 13.36 -80.80 31.29
N MET C 27 12.72 -81.39 32.30
CA MET C 27 12.86 -82.81 32.59
C MET C 27 11.74 -83.56 31.86
N VAL C 28 12.13 -84.52 31.02
CA VAL C 28 11.19 -85.29 30.20
C VAL C 28 11.29 -86.76 30.59
N PRO C 29 10.28 -87.58 30.27
CA PRO C 29 10.37 -89.01 30.61
C PRO C 29 11.13 -89.78 29.55
N TRP C 30 11.65 -90.94 29.94
CA TRP C 30 12.33 -91.86 29.04
C TRP C 30 11.44 -93.07 28.80
N ASP C 31 11.24 -93.41 27.52
CA ASP C 31 10.53 -94.64 27.20
C ASP C 31 11.26 -95.85 27.77
N GLY C 32 12.58 -95.78 27.85
CA GLY C 32 13.37 -96.87 28.38
C GLY C 32 13.07 -97.16 29.83
N CYS C 33 13.69 -98.24 30.34
CA CYS C 33 13.52 -98.69 31.71
C CYS C 33 14.46 -97.98 32.69
N LYS C 34 15.34 -97.11 32.19
CA LYS C 34 16.34 -96.47 33.04
C LYS C 34 15.70 -95.63 34.13
N ALA C 35 14.85 -94.69 33.75
CA ALA C 35 14.10 -93.88 34.70
C ALA C 35 13.00 -93.14 33.95
N ALA C 36 12.14 -92.48 34.72
CA ALA C 36 11.09 -91.64 34.16
C ALA C 36 11.53 -90.19 34.05
N GLN C 37 12.83 -89.93 33.93
CA GLN C 37 13.36 -88.57 33.98
C GLN C 37 14.62 -88.47 33.13
N VAL C 38 14.60 -87.52 32.20
CA VAL C 38 15.79 -87.14 31.43
C VAL C 38 15.75 -85.64 31.25
N ALA C 39 16.92 -85.02 31.32
CA ALA C 39 17.00 -83.59 31.06
C ALA C 39 16.92 -83.32 29.56
N SER C 40 16.33 -82.18 29.21
CA SER C 40 16.21 -81.74 27.83
C SER C 40 16.62 -80.27 27.76
N SER C 41 16.83 -79.81 26.53
CA SER C 41 17.17 -78.41 26.23
C SER C 41 16.23 -77.90 25.15
N PRO C 42 14.94 -77.77 25.45
CA PRO C 42 13.97 -77.41 24.40
C PRO C 42 14.12 -75.98 23.90
N ARG C 43 14.31 -75.01 24.79
CA ARG C 43 14.38 -73.60 24.43
C ARG C 43 15.81 -73.11 24.64
N THR C 44 16.69 -73.39 23.68
CA THR C 44 18.09 -73.00 23.78
C THR C 44 18.32 -71.53 23.45
N GLU C 45 17.32 -70.83 22.90
CA GLU C 45 17.50 -69.42 22.58
C GLU C 45 17.71 -68.60 23.83
N ASP C 46 17.12 -69.03 24.95
CA ASP C 46 17.26 -68.32 26.21
C ASP C 46 18.52 -68.71 26.98
N CYS C 47 19.29 -69.67 26.50
CA CYS C 47 20.53 -70.06 27.17
C CYS C 47 21.52 -68.91 27.16
N VAL C 48 22.01 -68.54 28.34
CA VAL C 48 22.98 -67.45 28.48
C VAL C 48 24.39 -67.96 28.65
N GLY C 49 24.57 -69.21 29.11
CA GLY C 49 25.88 -69.78 29.25
C GLY C 49 26.53 -69.56 30.59
N CYS C 50 25.76 -69.59 31.67
CA CYS C 50 26.29 -69.36 33.00
C CYS C 50 26.82 -70.63 33.67
N LYS C 51 26.67 -71.78 33.01
CA LYS C 51 27.29 -73.04 33.45
C LYS C 51 26.86 -73.47 34.85
N ARG C 52 25.75 -72.94 35.36
CA ARG C 52 25.23 -73.41 36.64
C ARG C 52 24.75 -74.84 36.55
N CYS C 53 24.23 -75.24 35.39
CA CYS C 53 23.84 -76.63 35.19
C CYS C 53 25.03 -77.57 35.33
N GLU C 54 26.18 -77.15 34.81
CA GLU C 54 27.38 -77.98 34.88
C GLU C 54 27.99 -78.02 36.27
N THR C 55 27.53 -77.17 37.19
CA THR C 55 28.01 -77.22 38.56
C THR C 55 27.17 -78.16 39.41
N ALA C 56 25.95 -78.46 38.99
CA ALA C 56 25.03 -79.29 39.74
C ALA C 56 24.90 -80.71 39.20
N CYS C 57 25.80 -81.13 38.32
CA CYS C 57 25.75 -82.44 37.69
C CYS C 57 26.71 -83.42 38.39
N PRO C 58 26.22 -84.38 39.20
CA PRO C 58 27.14 -85.26 39.91
C PRO C 58 27.52 -86.51 39.13
N THR C 59 28.27 -86.33 38.05
CA THR C 59 28.80 -87.42 37.25
C THR C 59 30.32 -87.44 37.33
N ASP C 60 30.93 -88.53 36.83
CA ASP C 60 32.39 -88.57 36.75
C ASP C 60 32.91 -87.42 35.90
N PHE C 61 32.23 -87.14 34.79
CA PHE C 61 32.29 -85.86 34.12
C PHE C 61 30.95 -85.63 33.45
N LEU C 62 30.73 -84.39 33.01
CA LEU C 62 29.43 -83.84 32.70
C LEU C 62 28.59 -84.67 31.73
N SER C 63 27.43 -85.13 32.21
CA SER C 63 26.41 -85.65 31.32
C SER C 63 25.78 -84.54 30.48
N ILE C 64 25.62 -83.36 31.06
CA ILE C 64 25.06 -82.19 30.38
C ILE C 64 26.21 -81.22 30.13
N ARG C 65 26.39 -80.85 28.87
CA ARG C 65 27.50 -80.00 28.44
C ARG C 65 26.97 -78.80 27.68
N VAL C 66 27.54 -77.64 27.96
CA VAL C 66 27.14 -76.38 27.35
C VAL C 66 28.27 -75.93 26.43
N TYR C 67 27.99 -75.86 25.14
CA TYR C 67 28.94 -75.43 24.13
C TYR C 67 28.58 -74.01 23.70
N LEU C 68 29.51 -73.08 23.90
CA LEU C 68 29.27 -71.70 23.53
C LEU C 68 29.27 -71.54 22.02
N GLY C 69 28.68 -70.45 21.55
CA GLY C 69 28.56 -70.22 20.14
C GLY C 69 28.17 -68.79 19.82
N ALA C 70 27.29 -68.65 18.82
CA ALA C 70 26.87 -67.34 18.37
C ALA C 70 26.12 -66.61 19.48
N GLU C 71 26.28 -65.29 19.50
CA GLU C 71 25.70 -64.46 20.54
C GLU C 71 24.45 -63.74 20.04
N THR C 72 23.63 -63.32 21.00
CA THR C 72 22.40 -62.59 20.73
C THR C 72 22.14 -61.64 21.90
N THR C 73 21.08 -60.85 21.78
CA THR C 73 20.68 -59.98 22.88
C THR C 73 20.33 -60.79 24.12
N ARG C 74 19.68 -61.94 23.92
CA ARG C 74 19.22 -62.73 25.05
C ARG C 74 20.38 -63.50 25.69
N SER C 75 21.23 -64.12 24.88
CA SER C 75 22.34 -64.90 25.41
C SER C 75 23.37 -64.02 26.11
N MET C 76 23.49 -62.75 25.73
CA MET C 76 24.39 -61.83 26.40
C MET C 76 23.77 -61.15 27.61
N GLY C 77 22.47 -61.37 27.86
CA GLY C 77 21.83 -60.79 29.03
C GLY C 77 21.81 -59.28 29.02
N LEU C 78 21.56 -58.69 27.87
CA LEU C 78 21.53 -57.24 27.72
C LEU C 78 20.09 -56.76 27.87
N ALA C 79 19.83 -55.99 28.92
CA ALA C 79 18.55 -55.34 29.10
C ALA C 79 18.41 -54.03 28.33
N TYR C 80 19.38 -53.72 27.46
CA TYR C 80 19.36 -52.49 26.67
C TYR C 80 19.58 -52.80 25.20
N LEU D 1 -3.28 -59.56 29.58
CA LEU D 1 -2.67 -59.58 30.91
C LEU D 1 -3.42 -58.64 31.85
N SER D 2 -3.86 -59.18 32.98
CA SER D 2 -4.64 -58.45 33.97
C SER D 2 -3.99 -58.61 35.33
N GLY D 3 -3.72 -57.48 36.00
CA GLY D 3 -3.19 -57.53 37.35
C GLY D 3 -2.82 -56.14 37.81
N LYS D 4 -2.63 -56.03 39.12
CA LYS D 4 -2.25 -54.77 39.76
C LYS D 4 -0.74 -54.67 39.85
N THR D 5 -0.21 -53.50 39.52
CA THR D 5 1.22 -53.28 39.66
C THR D 5 1.59 -53.17 41.14
N PRO D 6 2.67 -53.81 41.59
CA PRO D 6 3.14 -53.54 42.95
C PRO D 6 3.51 -52.08 43.13
N LEU D 7 3.19 -51.55 44.31
CA LEU D 7 3.34 -50.11 44.57
C LEU D 7 4.78 -49.81 44.95
N PHE D 8 5.47 -49.09 44.07
CA PHE D 8 6.81 -48.59 44.35
C PHE D 8 7.01 -47.30 43.55
N ALA D 9 7.77 -46.38 44.12
CA ALA D 9 7.84 -45.03 43.56
C ALA D 9 8.56 -45.00 42.22
N GLY D 10 9.41 -45.98 41.95
CA GLY D 10 10.16 -46.05 40.72
C GLY D 10 11.64 -46.21 40.98
N SER D 11 12.37 -46.52 39.91
CA SER D 11 13.79 -46.79 40.04
C SER D 11 14.44 -46.72 38.66
N THR D 12 15.65 -46.18 38.63
CA THR D 12 16.44 -46.17 37.40
C THR D 12 16.72 -47.56 36.88
N GLY D 13 16.87 -48.54 37.77
CA GLY D 13 16.99 -49.93 37.36
C GLY D 13 15.63 -50.47 36.99
N GLY D 14 15.40 -50.63 35.69
CA GLY D 14 14.11 -51.07 35.21
C GLY D 14 14.12 -51.13 33.69
N LEU D 15 12.93 -50.93 33.12
CA LEU D 15 12.77 -51.04 31.69
C LEU D 15 13.45 -49.88 30.97
N LEU D 16 14.11 -50.20 29.87
CA LEU D 16 14.75 -49.23 28.98
C LEU D 16 14.04 -49.29 27.63
N THR D 17 14.58 -48.54 26.66
CA THR D 17 13.99 -48.50 25.32
C THR D 17 14.01 -49.86 24.62
N LYS D 18 14.88 -50.77 25.07
CA LYS D 18 14.88 -52.12 24.51
C LYS D 18 13.53 -52.81 24.73
N ALA D 19 12.82 -52.44 25.80
CA ALA D 19 11.50 -52.99 26.04
C ALA D 19 10.55 -52.63 24.91
N VAL D 20 10.52 -51.35 24.53
CA VAL D 20 9.58 -50.89 23.51
C VAL D 20 10.05 -51.32 22.13
N GLU D 21 11.36 -51.37 21.91
CA GLU D 21 11.88 -51.57 20.55
C GLU D 21 11.92 -53.06 20.19
N GLU D 22 12.43 -53.91 21.09
CA GLU D 22 12.74 -55.29 20.77
C GLU D 22 11.77 -56.27 21.41
N GLU D 23 11.66 -56.28 22.74
CA GLU D 23 10.75 -57.17 23.45
C GLU D 23 10.80 -56.83 24.93
N LYS D 24 9.71 -57.14 25.62
CA LYS D 24 9.65 -57.05 27.06
C LYS D 24 8.87 -58.23 27.60
N TYR D 25 9.27 -58.71 28.78
CA TYR D 25 8.64 -59.83 29.44
C TYR D 25 7.82 -59.30 30.61
N ALA D 26 6.81 -60.07 31.01
CA ALA D 26 5.93 -59.71 32.12
C ALA D 26 5.62 -60.93 32.95
N ILE D 27 5.71 -60.76 34.27
CA ILE D 27 5.49 -61.84 35.23
C ILE D 27 4.20 -61.53 35.98
N THR D 28 3.37 -62.56 36.17
CA THR D 28 2.09 -62.44 36.85
C THR D 28 2.01 -63.50 37.94
N TRP D 29 1.37 -63.16 39.05
CA TRP D 29 1.21 -64.10 40.15
C TRP D 29 0.09 -63.63 41.07
N THR D 30 -0.39 -64.56 41.88
CA THR D 30 -1.49 -64.33 42.81
C THR D 30 -1.01 -64.60 44.23
N SER D 31 -1.43 -63.76 45.16
CA SER D 31 -0.94 -63.79 46.54
C SER D 31 -2.10 -64.06 47.50
N PRO D 32 -1.84 -64.66 48.67
CA PRO D 32 -2.87 -64.66 49.71
C PRO D 32 -2.86 -63.39 50.56
N LYS D 33 -1.69 -62.78 50.73
CA LYS D 33 -1.50 -61.66 51.63
C LYS D 33 -0.67 -60.60 50.94
N ALA D 34 -0.90 -59.35 51.32
CA ALA D 34 -0.07 -58.23 50.88
C ALA D 34 1.18 -58.18 51.75
N GLN D 35 2.35 -58.26 51.12
CA GLN D 35 3.62 -58.31 51.81
C GLN D 35 4.60 -57.37 51.13
N VAL D 36 5.82 -57.35 51.64
CA VAL D 36 6.93 -56.60 51.04
C VAL D 36 7.89 -57.60 50.42
N PHE D 37 8.34 -57.31 49.21
CA PHE D 37 9.25 -58.17 48.46
C PHE D 37 10.27 -57.31 47.73
N GLU D 38 11.51 -57.79 47.67
CA GLU D 38 12.56 -57.09 46.95
C GLU D 38 12.36 -57.27 45.45
N LEU D 39 12.41 -56.16 44.71
CA LEU D 39 12.24 -56.21 43.27
C LEU D 39 13.44 -56.91 42.63
N PRO D 40 13.31 -57.34 41.38
CA PRO D 40 14.46 -57.99 40.73
C PRO D 40 15.64 -57.06 40.55
N THR D 41 15.38 -55.76 40.35
CA THR D 41 16.43 -54.76 40.11
C THR D 41 16.21 -53.59 41.07
N GLY D 42 16.74 -53.71 42.27
CA GLY D 42 16.78 -52.57 43.18
C GLY D 42 15.43 -52.30 43.83
N GLY D 43 15.49 -52.06 45.14
CA GLY D 43 14.35 -51.52 45.84
C GLY D 43 13.42 -52.59 46.39
N ALA D 44 12.38 -52.12 47.07
CA ALA D 44 11.34 -52.95 47.64
C ALA D 44 9.99 -52.46 47.13
N ALA D 45 9.00 -53.34 47.22
CA ALA D 45 7.66 -53.02 46.75
C ALA D 45 6.65 -53.81 47.58
N THR D 46 5.41 -53.32 47.58
CA THR D 46 4.33 -53.90 48.36
C THR D 46 3.36 -54.59 47.42
N MET D 47 3.50 -55.91 47.29
CA MET D 47 2.60 -56.70 46.47
C MET D 47 1.17 -56.63 47.03
N HIS D 48 0.20 -56.58 46.13
CA HIS D 48 -1.19 -56.42 46.51
C HIS D 48 -1.80 -57.77 46.89
N GLU D 49 -3.09 -57.74 47.25
CA GLU D 49 -3.72 -58.91 47.83
C GLU D 49 -3.88 -60.04 46.81
N GLY D 50 -4.16 -59.71 45.56
CA GLY D 50 -4.40 -60.71 44.54
C GLY D 50 -4.16 -60.18 43.15
N GLU D 51 -3.72 -61.09 42.27
CA GLU D 51 -3.54 -60.81 40.85
C GLU D 51 -2.55 -59.65 40.63
N ASN D 52 -1.30 -59.89 41.02
CA ASN D 52 -0.24 -58.93 40.79
C ASN D 52 0.38 -59.12 39.41
N LEU D 53 0.84 -58.01 38.83
CA LEU D 53 1.47 -58.00 37.52
C LEU D 53 2.70 -57.11 37.57
N LEU D 54 3.76 -57.53 36.88
CA LEU D 54 4.99 -56.77 36.81
C LEU D 54 5.67 -57.00 35.48
N TYR D 55 6.10 -55.91 34.86
CA TYR D 55 6.83 -55.93 33.61
C TYR D 55 8.32 -55.91 33.91
N ILE D 56 9.06 -56.83 33.28
CA ILE D 56 10.48 -57.01 33.53
C ILE D 56 11.21 -56.99 32.19
N ALA D 57 12.42 -56.45 32.19
CA ALA D 57 13.15 -56.27 30.94
C ALA D 57 13.67 -57.59 30.39
N ARG D 58 14.00 -58.54 31.26
CA ARG D 58 14.56 -59.82 30.87
C ARG D 58 13.81 -60.96 31.54
N LYS D 59 13.94 -62.14 30.94
CA LYS D 59 13.33 -63.34 31.50
C LYS D 59 14.02 -63.76 32.79
N GLU D 60 15.31 -63.47 32.93
CA GLU D 60 16.04 -63.87 34.13
C GLU D 60 15.51 -63.14 35.36
N TYR D 61 15.02 -61.92 35.19
CA TYR D 61 14.51 -61.17 36.33
C TYR D 61 13.26 -61.83 36.90
N GLY D 62 12.51 -62.54 36.07
CA GLY D 62 11.25 -63.11 36.54
C GLY D 62 11.46 -64.41 37.29
N ILE D 63 12.24 -65.32 36.71
CA ILE D 63 12.54 -66.59 37.38
C ILE D 63 13.32 -66.34 38.65
N ALA D 64 14.23 -65.36 38.63
CA ALA D 64 14.90 -64.95 39.85
C ALA D 64 13.90 -64.44 40.88
N LEU D 65 12.90 -63.69 40.41
CA LEU D 65 11.84 -63.23 41.30
C LEU D 65 10.95 -64.40 41.74
N GLY D 66 10.72 -65.34 40.83
CA GLY D 66 9.88 -66.49 41.17
C GLY D 66 10.46 -67.31 42.31
N GLY D 67 11.78 -67.44 42.35
CA GLY D 67 12.41 -68.12 43.46
C GLY D 67 12.17 -67.41 44.78
N GLN D 68 12.15 -66.08 44.77
CA GLN D 68 11.88 -65.33 45.98
C GLN D 68 10.42 -65.51 46.42
N LEU D 69 9.50 -65.54 45.46
CA LEU D 69 8.09 -65.72 45.79
C LEU D 69 7.83 -67.10 46.36
N ARG D 70 8.61 -68.10 45.93
CA ARG D 70 8.45 -69.44 46.48
C ARG D 70 8.79 -69.47 47.96
N LYS D 71 9.71 -68.61 48.40
CA LYS D 71 10.04 -68.54 49.82
C LYS D 71 8.91 -67.90 50.60
N PHE D 72 8.08 -67.10 49.94
CA PHE D 72 6.80 -66.64 50.51
C PHE D 72 5.68 -67.64 50.27
N LYS D 73 5.99 -68.87 49.84
CA LYS D 73 5.00 -69.91 49.60
C LYS D 73 4.00 -69.51 48.52
N ILE D 74 4.50 -69.02 47.39
CA ILE D 74 3.70 -68.69 46.22
C ILE D 74 4.34 -69.40 45.03
N THR D 75 3.62 -70.36 44.45
CA THR D 75 4.09 -71.12 43.31
C THR D 75 3.27 -70.89 42.05
N ASN D 76 2.26 -70.02 42.09
CA ASN D 76 1.43 -69.73 40.92
C ASN D 76 1.97 -68.48 40.22
N TYR D 77 3.25 -68.55 39.85
CA TYR D 77 3.92 -67.48 39.13
C TYR D 77 3.99 -67.85 37.65
N LYS D 78 3.67 -66.89 36.80
CA LYS D 78 3.58 -67.09 35.36
C LYS D 78 4.29 -65.94 34.66
N ILE D 79 5.00 -66.25 33.58
CA ILE D 79 5.79 -65.28 32.84
C ILE D 79 5.26 -65.24 31.42
N TYR D 80 5.29 -64.05 30.81
CA TYR D 80 4.87 -63.85 29.43
C TYR D 80 5.97 -63.13 28.67
N ARG D 81 5.94 -63.25 27.34
CA ARG D 81 6.87 -62.55 26.45
C ARG D 81 6.05 -61.60 25.58
N ILE D 82 6.23 -60.30 25.81
CA ILE D 82 5.48 -59.26 25.12
C ILE D 82 6.38 -58.67 24.05
N LEU D 83 5.95 -58.79 22.80
CA LEU D 83 6.67 -58.24 21.65
C LEU D 83 6.14 -56.84 21.38
N PRO D 84 6.84 -56.01 20.59
CA PRO D 84 6.37 -54.64 20.37
C PRO D 84 5.04 -54.54 19.65
N SER D 85 4.65 -55.56 18.89
CA SER D 85 3.36 -55.59 18.22
C SER D 85 2.23 -56.07 19.14
N GLY D 86 2.49 -56.23 20.45
CA GLY D 86 1.48 -56.65 21.38
C GLY D 86 1.31 -58.15 21.51
N GLU D 87 2.05 -58.95 20.73
CA GLU D 87 1.95 -60.39 20.82
C GLU D 87 2.43 -60.88 22.18
N THR D 88 1.64 -61.73 22.81
CA THR D 88 1.94 -62.30 24.12
C THR D 88 1.89 -63.82 24.04
N THR D 89 2.81 -64.46 24.73
CA THR D 89 2.95 -65.92 24.71
C THR D 89 3.21 -66.42 26.13
N PHE D 90 2.70 -67.61 26.41
CA PHE D 90 2.90 -68.28 27.71
C PHE D 90 4.23 -69.02 27.64
N ILE D 91 5.27 -68.41 28.21
CA ILE D 91 6.63 -68.83 27.93
C ILE D 91 7.12 -69.86 28.95
N HIS D 92 7.12 -69.52 30.24
CA HIS D 92 7.89 -70.32 31.18
C HIS D 92 7.21 -71.66 31.45
N PRO D 93 5.96 -71.69 31.98
CA PRO D 93 5.26 -72.99 32.06
C PRO D 93 4.43 -73.22 30.80
N ALA D 94 5.09 -73.50 29.67
CA ALA D 94 4.37 -73.77 28.43
C ALA D 94 3.40 -74.92 28.63
N ASP D 95 3.86 -76.00 29.25
CA ASP D 95 2.97 -76.96 29.88
C ASP D 95 2.66 -76.48 31.29
N GLY D 96 1.44 -76.78 31.76
CA GLY D 96 1.02 -76.29 33.06
C GLY D 96 1.90 -76.77 34.19
N VAL D 97 2.42 -77.99 34.08
CA VAL D 97 3.34 -78.50 35.09
C VAL D 97 4.65 -77.71 35.03
N PHE D 98 5.35 -77.65 36.17
CA PHE D 98 6.62 -76.97 36.21
C PHE D 98 7.68 -77.79 35.47
N PRO D 99 8.79 -77.16 35.08
CA PRO D 99 9.81 -77.91 34.30
C PRO D 99 10.44 -79.04 35.08
N GLU D 100 10.58 -78.90 36.40
CA GLU D 100 11.25 -79.92 37.18
C GLU D 100 10.48 -81.23 37.17
N LYS D 101 9.16 -81.15 37.25
CA LYS D 101 8.32 -82.34 37.31
C LYS D 101 8.02 -82.84 35.90
N VAL D 102 7.69 -84.13 35.80
CA VAL D 102 7.61 -84.78 34.50
C VAL D 102 6.20 -84.64 33.93
N ASN D 103 6.11 -84.64 32.60
CA ASN D 103 4.85 -84.72 31.89
C ASN D 103 5.04 -85.54 30.63
N ALA D 104 3.95 -86.18 30.18
CA ALA D 104 4.05 -87.11 29.06
C ALA D 104 4.20 -86.38 27.73
N GLY D 105 3.60 -85.19 27.61
CA GLY D 105 3.62 -84.48 26.34
C GLY D 105 5.01 -84.07 25.89
N ARG D 106 5.93 -83.92 26.83
CA ARG D 106 7.28 -83.46 26.48
C ARG D 106 8.03 -84.53 25.70
N GLU D 107 9.08 -84.11 25.00
CA GLU D 107 9.92 -85.00 24.21
C GLU D 107 11.38 -84.61 24.35
N LYS D 108 12.26 -85.55 24.03
CA LYS D 108 13.70 -85.30 24.10
C LYS D 108 14.11 -84.27 23.06
N VAL D 109 15.06 -83.41 23.43
CA VAL D 109 15.61 -82.40 22.53
C VAL D 109 17.11 -82.32 22.77
N ARG D 110 17.88 -82.48 21.70
CA ARG D 110 19.34 -82.41 21.75
C ARG D 110 19.90 -83.43 22.74
N PHE D 111 19.56 -84.69 22.48
CA PHE D 111 20.05 -85.83 23.27
C PHE D 111 21.12 -86.56 22.47
N ASN D 112 22.20 -86.94 23.13
CA ASN D 112 23.27 -87.74 22.54
C ASN D 112 23.27 -89.10 23.21
N ALA D 113 23.04 -90.16 22.42
CA ALA D 113 23.03 -91.50 22.97
C ALA D 113 24.43 -91.95 23.39
N ARG D 114 25.46 -91.33 22.83
CA ARG D 114 26.82 -91.62 23.23
C ARG D 114 27.17 -90.86 24.51
N SER D 115 28.37 -91.16 25.03
CA SER D 115 28.93 -90.39 26.13
C SER D 115 29.82 -89.26 25.58
N ILE D 116 30.09 -88.29 26.45
CA ILE D 116 31.00 -87.21 26.10
C ILE D 116 32.38 -87.76 25.72
N GLY D 117 32.79 -88.84 26.38
CA GLY D 117 34.08 -89.43 26.06
C GLY D 117 34.14 -90.01 24.67
N GLU D 118 32.99 -90.45 24.13
CA GLU D 118 32.93 -91.04 22.80
C GLU D 118 32.70 -90.01 21.70
N ASN D 119 32.97 -88.73 21.96
CA ASN D 119 32.76 -87.72 20.94
C ASN D 119 33.79 -87.90 19.82
N PRO D 120 33.46 -87.56 18.58
CA PRO D 120 34.44 -87.71 17.50
C PRO D 120 35.53 -86.65 17.60
N ASN D 121 36.73 -87.03 17.20
CA ASN D 121 37.83 -86.09 17.18
C ASN D 121 37.55 -85.01 16.13
N PRO D 122 37.97 -83.77 16.34
CA PRO D 122 37.63 -82.72 15.37
C PRO D 122 38.38 -82.85 14.06
N SER D 123 39.54 -83.50 14.04
CA SER D 123 40.25 -83.70 12.79
C SER D 123 39.46 -84.59 11.85
N GLN D 124 38.67 -85.52 12.40
CA GLN D 124 37.78 -86.32 11.59
C GLN D 124 36.68 -85.47 10.97
N VAL D 125 36.36 -84.33 11.59
CA VAL D 125 35.29 -83.45 11.14
C VAL D 125 35.84 -82.04 10.91
N LYS D 126 36.27 -81.76 9.69
CA LYS D 126 36.74 -80.44 9.31
C LYS D 126 36.42 -80.20 7.83
N PHE D 127 36.16 -78.93 7.50
CA PHE D 127 35.74 -78.55 6.15
C PHE D 127 34.47 -79.26 5.74
N SER D 128 33.53 -79.39 6.68
CA SER D 128 32.26 -80.06 6.45
C SER D 128 31.06 -79.33 7.05
N GLY D 129 31.27 -78.35 7.92
CA GLY D 129 30.18 -77.66 8.58
C GLY D 129 29.63 -78.38 9.80
N LYS D 130 30.07 -79.60 10.08
CA LYS D 130 29.63 -80.37 11.22
C LYS D 130 30.49 -80.03 12.44
N ALA D 131 29.90 -80.14 13.62
CA ALA D 131 30.59 -79.99 14.89
C ALA D 131 30.66 -81.34 15.59
N THR D 132 31.65 -81.47 16.48
CA THR D 132 31.86 -82.74 17.18
C THR D 132 30.67 -83.08 18.07
N TYR D 133 29.99 -82.08 18.61
CA TYR D 133 28.94 -82.30 19.61
C TYR D 133 27.57 -82.42 18.92
N ASP D 134 27.52 -83.29 17.92
CA ASP D 134 26.30 -83.53 17.17
C ASP D 134 26.26 -84.96 16.61
N VAL E 1 30.34 -107.40 38.10
CA VAL E 1 31.10 -107.62 39.32
C VAL E 1 30.14 -107.68 40.52
N GLN E 2 30.59 -108.35 41.58
CA GLN E 2 29.73 -108.57 42.73
C GLN E 2 29.86 -107.43 43.74
N ARG E 3 28.98 -107.45 44.74
CA ARG E 3 29.00 -106.44 45.78
C ARG E 3 30.30 -106.52 46.58
N GLY E 4 30.79 -105.37 47.02
CA GLY E 4 31.96 -105.30 47.85
C GLY E 4 33.28 -105.53 47.15
N SER E 5 33.27 -105.87 45.87
CA SER E 5 34.50 -106.17 45.16
C SER E 5 35.22 -104.89 44.77
N LYS E 6 36.56 -104.98 44.77
CA LYS E 6 37.43 -103.88 44.35
C LYS E 6 37.71 -104.03 42.87
N VAL E 7 37.64 -102.93 42.14
CA VAL E 7 37.76 -102.93 40.69
C VAL E 7 38.55 -101.71 40.24
N ARG E 8 39.30 -101.88 39.16
CA ARG E 8 39.97 -100.77 38.48
C ARG E 8 39.08 -100.28 37.35
N ILE E 9 38.80 -98.98 37.35
CA ILE E 9 37.99 -98.39 36.30
C ILE E 9 38.87 -98.15 35.08
N LEU E 10 38.37 -98.51 33.90
CA LEU E 10 39.05 -98.31 32.64
C LEU E 10 38.42 -97.21 31.79
N ARG E 11 37.33 -96.60 32.24
CA ARG E 11 36.70 -95.54 31.47
C ARG E 11 37.62 -94.31 31.44
N PRO E 12 37.99 -93.82 30.25
CA PRO E 12 38.70 -92.55 30.20
C PRO E 12 37.72 -91.38 30.29
N GLU E 13 38.27 -90.17 30.27
CA GLU E 13 37.49 -88.96 30.53
C GLU E 13 36.80 -89.07 31.89
N SER E 14 37.53 -89.59 32.88
CA SER E 14 37.05 -89.74 34.24
C SER E 14 38.17 -89.36 35.20
N TYR E 15 37.79 -88.90 36.38
CA TYR E 15 38.79 -88.46 37.35
C TYR E 15 39.57 -89.64 37.91
N TRP E 16 38.88 -90.72 38.26
CA TRP E 16 39.50 -91.89 38.87
C TRP E 16 40.02 -92.88 37.85
N PHE E 17 40.23 -92.45 36.60
CA PHE E 17 40.67 -93.35 35.54
C PHE E 17 41.97 -94.05 35.91
N GLN E 18 42.00 -95.37 35.73
CA GLN E 18 43.12 -96.21 36.16
C GLN E 18 43.36 -96.04 37.66
N ASP E 19 42.30 -96.25 38.45
CA ASP E 19 42.39 -96.20 39.90
C ASP E 19 41.37 -97.17 40.49
N VAL E 20 41.72 -97.74 41.63
CA VAL E 20 40.88 -98.77 42.24
C VAL E 20 39.67 -98.13 42.91
N GLY E 21 38.65 -98.93 43.13
CA GLY E 21 37.44 -98.46 43.78
C GLY E 21 36.57 -99.62 44.19
N THR E 22 35.87 -99.46 45.32
CA THR E 22 34.99 -100.50 45.81
C THR E 22 33.60 -100.37 45.21
N VAL E 23 33.04 -101.50 44.80
CA VAL E 23 31.70 -101.56 44.23
C VAL E 23 30.73 -101.61 45.40
N ALA E 24 29.88 -100.59 45.49
CA ALA E 24 28.91 -100.53 46.58
C ALA E 24 27.69 -101.40 46.30
N SER E 25 27.18 -101.33 45.07
CA SER E 25 25.98 -102.09 44.71
C SER E 25 25.89 -102.16 43.19
N VAL E 26 24.97 -103.01 42.74
CA VAL E 26 24.70 -103.20 41.31
C VAL E 26 23.19 -103.22 41.12
N ASP E 27 22.73 -102.55 40.08
CA ASP E 27 21.31 -102.51 39.74
C ASP E 27 20.98 -103.66 38.80
N GLN E 28 20.16 -104.59 39.28
CA GLN E 28 19.78 -105.77 38.49
C GLN E 28 18.67 -105.38 37.51
N SER E 29 19.08 -104.60 36.50
CA SER E 29 18.17 -104.14 35.48
C SER E 29 18.95 -103.94 34.19
N GLY E 30 18.22 -103.57 33.12
CA GLY E 30 18.82 -103.35 31.83
C GLY E 30 19.37 -101.96 31.60
N ILE E 31 19.72 -101.24 32.66
CA ILE E 31 20.21 -99.88 32.52
C ILE E 31 21.68 -99.89 32.15
N LYS E 32 22.06 -99.01 31.23
CA LYS E 32 23.47 -98.74 31.01
C LYS E 32 24.09 -98.14 32.27
N TYR E 33 25.35 -98.47 32.51
CA TYR E 33 26.10 -97.98 33.66
C TYR E 33 25.41 -98.33 34.99
N PRO E 34 25.16 -99.61 35.26
CA PRO E 34 24.43 -99.95 36.48
C PRO E 34 25.29 -99.99 37.72
N VAL E 35 26.57 -100.33 37.58
CA VAL E 35 27.39 -100.59 38.75
C VAL E 35 27.76 -99.29 39.45
N ILE E 36 27.44 -99.22 40.75
CA ILE E 36 27.78 -98.08 41.59
C ILE E 36 29.16 -98.37 42.20
N VAL E 37 30.00 -97.34 42.28
CA VAL E 37 31.35 -97.47 42.79
C VAL E 37 31.63 -96.30 43.74
N ARG E 38 32.43 -96.58 44.77
CA ARG E 38 32.87 -95.57 45.72
C ARG E 38 34.40 -95.63 45.84
N PHE E 39 35.03 -94.47 45.73
CA PHE E 39 36.49 -94.35 45.80
C PHE E 39 36.88 -93.57 47.04
N ASP E 40 38.15 -93.70 47.42
CA ASP E 40 38.67 -92.91 48.54
C ASP E 40 38.88 -91.47 48.14
N LYS E 41 39.51 -91.25 46.98
CA LYS E 41 39.85 -89.91 46.53
C LYS E 41 38.63 -89.23 45.92
N VAL E 42 38.35 -88.00 46.36
CA VAL E 42 37.26 -87.23 45.81
C VAL E 42 37.70 -86.59 44.49
N ASN E 43 36.71 -86.24 43.67
CA ASN E 43 36.97 -85.53 42.43
C ASN E 43 37.03 -84.03 42.72
N TYR E 44 37.03 -83.21 41.67
CA TYR E 44 37.12 -81.77 41.86
C TYR E 44 35.87 -81.21 42.52
N ALA E 45 34.71 -81.75 42.17
CA ALA E 45 33.44 -81.29 42.74
C ALA E 45 33.13 -81.93 44.09
N GLY E 46 33.83 -83.01 44.46
CA GLY E 46 33.57 -83.64 45.74
C GLY E 46 32.37 -84.55 45.76
N ILE E 47 32.21 -85.41 44.73
CA ILE E 47 31.01 -86.24 44.64
C ILE E 47 31.20 -87.52 45.44
N ASN E 48 32.32 -88.21 45.20
CA ASN E 48 32.75 -89.41 45.91
C ASN E 48 31.97 -90.66 45.48
N THR E 49 31.34 -90.64 44.32
CA THR E 49 30.57 -91.79 43.84
C THR E 49 30.15 -91.54 42.41
N ASN E 50 29.99 -92.62 41.65
CA ASN E 50 29.47 -92.52 40.30
C ASN E 50 29.13 -93.91 39.80
N ASN E 51 28.20 -93.98 38.85
CA ASN E 51 27.78 -95.23 38.24
C ASN E 51 28.63 -95.50 37.01
N PHE E 52 28.93 -96.77 36.77
CA PHE E 52 29.78 -97.19 35.67
C PHE E 52 29.31 -98.52 35.10
N ALA E 53 29.75 -98.80 33.87
CA ALA E 53 29.37 -100.01 33.18
C ALA E 53 30.27 -101.18 33.60
N VAL E 54 29.83 -102.39 33.28
CA VAL E 54 30.57 -103.59 33.67
C VAL E 54 31.79 -103.78 32.78
N ASP E 55 31.66 -103.47 31.49
CA ASP E 55 32.77 -103.68 30.56
C ASP E 55 33.96 -102.80 30.93
N GLU E 56 33.69 -101.59 31.44
CA GLU E 56 34.77 -100.69 31.81
C GLU E 56 35.54 -101.21 33.02
N LEU E 57 34.87 -101.95 33.89
CA LEU E 57 35.47 -102.40 35.14
C LEU E 57 36.18 -103.73 34.95
N ILE E 58 37.28 -103.90 35.69
CA ILE E 58 38.00 -105.16 35.77
C ILE E 58 38.10 -105.55 37.24
N GLU E 59 37.94 -106.84 37.53
CA GLU E 59 37.92 -107.32 38.91
C GLU E 59 39.34 -107.48 39.40
N VAL E 60 39.74 -106.63 40.36
CA VAL E 60 41.06 -106.69 40.95
C VAL E 60 41.04 -107.69 42.11
N GLY F 1 92.22 -70.70 35.67
CA GLY F 1 91.09 -69.80 35.71
C GLY F 1 91.32 -68.54 34.89
N ALA F 2 90.51 -67.51 35.17
CA ALA F 2 90.58 -66.25 34.45
C ALA F 2 91.34 -65.25 35.30
N ASP F 3 92.65 -65.14 35.07
CA ASP F 3 93.52 -64.28 35.87
C ASP F 3 93.46 -64.67 37.34
N LEU F 4 93.32 -65.97 37.58
CA LEU F 4 93.09 -66.51 38.92
C LEU F 4 94.40 -67.00 39.50
N THR F 5 94.72 -66.51 40.70
CA THR F 5 95.98 -66.77 41.38
C THR F 5 95.71 -67.22 42.81
N PRO F 6 96.70 -67.79 43.48
CA PRO F 6 96.53 -68.08 44.91
C PRO F 6 96.39 -66.80 45.74
N CYS F 7 96.06 -66.97 47.01
CA CYS F 7 95.72 -65.84 47.86
C CYS F 7 96.94 -64.97 48.17
N ALA F 8 97.96 -65.56 48.77
CA ALA F 8 99.05 -64.77 49.37
C ALA F 8 99.80 -63.98 48.30
N GLU F 9 99.93 -64.55 47.10
CA GLU F 9 100.56 -63.81 46.01
C GLU F 9 99.65 -62.69 45.51
N ASN F 10 98.35 -62.83 45.71
CA ASN F 10 97.42 -61.80 45.26
C ASN F 10 97.53 -60.57 46.17
N PRO F 11 97.78 -59.37 45.63
CA PRO F 11 97.83 -58.21 46.52
C PRO F 11 96.47 -57.79 47.05
N ALA F 12 95.39 -58.07 46.30
CA ALA F 12 94.07 -57.64 46.71
C ALA F 12 93.64 -58.34 48.00
N PHE F 13 93.97 -59.62 48.14
CA PHE F 13 93.58 -60.36 49.33
C PHE F 13 94.29 -59.84 50.57
N GLN F 14 95.51 -59.32 50.40
CA GLN F 14 96.29 -58.84 51.54
C GLN F 14 95.64 -57.59 52.13
N ALA F 15 95.04 -56.75 51.27
CA ALA F 15 94.43 -55.52 51.75
C ALA F 15 93.11 -55.79 52.45
N LEU F 16 92.31 -56.71 51.90
CA LEU F 16 91.00 -56.99 52.48
C LEU F 16 91.12 -57.60 53.86
N ALA F 17 92.21 -58.33 54.12
CA ALA F 17 92.39 -58.94 55.44
C ALA F 17 92.55 -57.88 56.52
N LYS F 18 93.10 -56.72 56.17
CA LYS F 18 93.26 -55.65 57.15
C LYS F 18 91.91 -55.09 57.57
N ASN F 19 91.07 -54.75 56.60
CA ASN F 19 89.69 -54.32 56.86
C ASN F 19 88.91 -55.57 57.22
N ALA F 20 88.82 -55.85 58.51
CA ALA F 20 88.35 -57.15 58.97
C ALA F 20 86.84 -57.29 58.85
N ARG F 21 86.10 -56.35 59.44
CA ARG F 21 84.65 -56.46 59.57
C ARG F 21 84.28 -57.74 60.30
N ASN F 22 84.69 -57.79 61.58
CA ASN F 22 84.47 -58.96 62.42
C ASN F 22 82.98 -59.28 62.51
N THR F 23 82.63 -60.50 62.12
CA THR F 23 81.22 -60.90 62.14
C THR F 23 80.74 -61.20 63.56
N THR F 24 81.32 -62.21 64.20
CA THR F 24 80.81 -62.73 65.45
C THR F 24 81.38 -61.94 66.63
N ALA F 25 80.95 -62.32 67.83
CA ALA F 25 81.38 -61.65 69.05
C ALA F 25 82.89 -61.78 69.26
N ASP F 26 83.51 -62.81 68.70
CA ASP F 26 84.95 -62.99 68.84
C ASP F 26 85.67 -61.80 68.20
N PRO F 27 86.60 -61.12 68.89
CA PRO F 27 87.24 -59.95 68.26
C PRO F 27 88.06 -60.32 67.04
N GLN F 28 88.69 -61.49 67.03
CA GLN F 28 89.56 -61.90 65.93
C GLN F 28 88.87 -62.83 64.94
N SER F 29 87.55 -62.73 64.83
CA SER F 29 86.83 -63.56 63.86
C SER F 29 87.19 -63.15 62.43
N GLY F 30 87.34 -61.86 62.18
CA GLY F 30 87.66 -61.40 60.84
C GLY F 30 89.03 -61.86 60.39
N GLN F 31 90.02 -61.79 61.29
CA GLN F 31 91.36 -62.25 60.94
C GLN F 31 91.39 -63.76 60.75
N LYS F 32 90.60 -64.49 61.55
CA LYS F 32 90.56 -65.94 61.42
C LYS F 32 89.84 -66.36 60.15
N ARG F 33 88.88 -65.56 59.70
CA ARG F 33 88.20 -65.85 58.44
C ARG F 33 89.18 -65.78 57.28
N PHE F 34 89.87 -64.64 57.14
CA PHE F 34 90.81 -64.47 56.02
C PHE F 34 91.96 -65.46 56.12
N GLU F 35 92.32 -65.86 57.35
CA GLU F 35 93.37 -66.86 57.51
C GLU F 35 92.94 -68.20 56.94
N ARG F 36 91.71 -68.63 57.24
CA ARG F 36 91.20 -69.89 56.71
C ARG F 36 90.95 -69.79 55.20
N TYR F 37 90.67 -68.58 54.71
CA TYR F 37 90.41 -68.37 53.30
C TYR F 37 91.67 -68.40 52.44
N SER F 38 92.85 -68.59 53.04
CA SER F 38 94.08 -68.56 52.27
C SER F 38 94.17 -69.72 51.29
N GLN F 39 93.45 -70.81 51.56
CA GLN F 39 93.55 -71.99 50.72
C GLN F 39 92.96 -71.73 49.33
N ALA F 40 91.89 -70.95 49.27
CA ALA F 40 91.17 -70.76 48.01
C ALA F 40 91.92 -69.83 47.08
N LEU F 41 91.55 -69.88 45.80
CA LEU F 41 92.16 -69.03 44.80
C LEU F 41 91.41 -67.71 44.69
N CYS F 42 92.17 -66.62 44.59
CA CYS F 42 91.62 -65.27 44.59
C CYS F 42 91.94 -64.58 43.26
N GLY F 43 90.95 -63.89 42.71
CA GLY F 43 91.11 -63.19 41.46
C GLY F 43 91.67 -61.79 41.66
N PRO F 44 91.61 -60.96 40.62
CA PRO F 44 92.11 -59.58 40.78
C PRO F 44 91.30 -58.78 41.79
N GLU F 45 90.00 -59.02 41.86
CA GLU F 45 89.17 -58.32 42.85
C GLU F 45 89.58 -58.68 44.26
N GLY F 46 90.14 -59.87 44.46
CA GLY F 46 90.63 -60.30 45.76
C GLY F 46 89.71 -61.20 46.54
N TYR F 47 88.61 -61.66 45.93
CA TYR F 47 87.66 -62.55 46.60
C TYR F 47 87.94 -63.99 46.23
N PRO F 48 87.74 -64.96 47.11
CA PRO F 48 88.01 -66.35 46.75
C PRO F 48 87.02 -66.86 45.73
N HIS F 49 87.54 -67.45 44.65
CA HIS F 49 86.73 -68.06 43.61
C HIS F 49 86.80 -69.57 43.75
N LEU F 50 85.65 -70.20 43.98
CA LEU F 50 85.59 -71.64 44.16
C LEU F 50 85.62 -72.33 42.80
N ILE F 51 86.14 -73.56 42.77
CA ILE F 51 86.20 -74.38 41.56
C ILE F 51 85.36 -75.61 41.81
N VAL F 52 84.27 -75.75 41.06
CA VAL F 52 83.37 -76.88 41.14
C VAL F 52 83.65 -77.88 39.99
N ASP F 53 84.88 -77.86 39.46
CA ASP F 53 85.25 -78.78 38.39
C ASP F 53 85.13 -80.23 38.84
N GLY F 54 85.49 -80.51 40.09
CA GLY F 54 85.54 -81.87 40.62
C GLY F 54 86.93 -82.31 41.02
N ARG F 55 87.92 -81.42 41.06
CA ARG F 55 89.26 -81.80 41.47
C ARG F 55 89.25 -82.21 42.94
N LEU F 56 89.97 -83.28 43.25
CA LEU F 56 90.05 -83.75 44.63
C LEU F 56 90.74 -82.74 45.53
N ASP F 57 91.61 -81.91 44.96
CA ASP F 57 92.26 -80.86 45.75
C ASP F 57 91.24 -79.89 46.31
N ARG F 58 90.17 -79.63 45.56
CA ARG F 58 89.15 -78.65 45.92
C ARG F 58 87.77 -79.28 46.10
N ALA F 59 87.73 -80.44 46.75
CA ALA F 59 86.45 -81.08 47.06
C ALA F 59 85.70 -80.28 48.12
N GLY F 60 86.41 -79.55 48.97
CA GLY F 60 85.77 -78.78 50.02
C GLY F 60 84.88 -77.67 49.50
N ASP F 61 85.16 -77.21 48.26
CA ASP F 61 84.36 -76.15 47.68
C ASP F 61 82.91 -76.61 47.49
N PHE F 62 82.70 -77.70 46.74
CA PHE F 62 81.38 -78.19 46.41
C PHE F 62 81.17 -79.67 46.75
N LEU F 63 82.20 -80.51 46.55
CA LEU F 63 81.98 -81.95 46.60
C LEU F 63 81.65 -82.43 48.01
N ILE F 64 82.33 -81.89 49.02
CA ILE F 64 82.10 -82.29 50.40
C ILE F 64 80.76 -81.72 50.85
N PRO F 65 80.46 -80.43 50.63
CA PRO F 65 79.09 -79.97 50.86
C PRO F 65 78.04 -80.70 50.03
N SER F 66 78.41 -81.15 48.83
CA SER F 66 77.46 -81.84 47.97
C SER F 66 76.97 -83.12 48.62
N ILE F 67 77.89 -83.94 49.12
CA ILE F 67 77.51 -85.21 49.73
C ILE F 67 76.72 -84.97 51.01
N LEU F 68 77.04 -83.89 51.74
CA LEU F 68 76.41 -83.64 53.03
C LEU F 68 74.93 -83.29 52.86
N PHE F 69 74.58 -82.64 51.75
CA PHE F 69 73.18 -82.34 51.51
C PHE F 69 72.40 -83.62 51.19
N LEU F 70 72.89 -84.40 50.23
CA LEU F 70 72.12 -85.51 49.71
C LEU F 70 71.84 -86.55 50.80
N TYR F 71 72.80 -86.74 51.72
CA TYR F 71 72.54 -87.62 52.85
C TYR F 71 71.43 -87.05 53.73
N ILE F 72 71.45 -85.73 53.95
CA ILE F 72 70.40 -85.10 54.73
C ILE F 72 69.09 -85.10 53.96
N ALA F 73 69.15 -84.81 52.67
CA ALA F 73 67.93 -84.68 51.88
C ALA F 73 67.21 -86.02 51.75
N GLY F 74 67.96 -87.09 51.51
CA GLY F 74 67.34 -88.41 51.45
C GLY F 74 66.73 -88.81 52.78
N TRP F 75 67.29 -88.32 53.89
CA TRP F 75 66.68 -88.57 55.19
C TRP F 75 65.30 -87.95 55.27
N ILE F 76 65.13 -86.75 54.71
CA ILE F 76 63.85 -86.05 54.80
C ILE F 76 62.83 -86.73 53.91
N GLY F 77 63.20 -86.99 52.66
CA GLY F 77 62.26 -87.58 51.72
C GLY F 77 61.90 -89.01 52.07
N TRP F 78 62.89 -89.81 52.46
CA TRP F 78 62.62 -91.20 52.80
C TRP F 78 61.74 -91.31 54.04
N VAL F 79 62.00 -90.46 55.04
CA VAL F 79 61.16 -90.44 56.24
C VAL F 79 59.75 -89.98 55.87
N GLY F 80 59.64 -89.00 54.98
CA GLY F 80 58.33 -88.54 54.56
C GLY F 80 57.57 -89.61 53.80
N ARG F 81 58.25 -90.34 52.91
CA ARG F 81 57.59 -91.38 52.14
C ARG F 81 57.13 -92.52 53.02
N ALA F 82 58.01 -93.00 53.90
CA ALA F 82 57.64 -94.11 54.78
C ALA F 82 56.53 -93.70 55.74
N TYR F 83 56.57 -92.47 56.23
CA TYR F 83 55.51 -91.99 57.11
C TYR F 83 54.19 -91.89 56.37
N LEU F 84 54.23 -91.53 55.08
CA LEU F 84 53.01 -91.40 54.31
C LEU F 84 52.41 -92.76 53.99
N GLN F 85 53.24 -93.71 53.56
CA GLN F 85 52.74 -95.04 53.24
C GLN F 85 52.22 -95.75 54.49
N ALA F 86 52.85 -95.49 55.63
CA ALA F 86 52.40 -96.10 56.88
C ALA F 86 51.01 -95.60 57.25
N ILE F 87 50.75 -94.32 57.01
CA ILE F 87 49.44 -93.75 57.31
C ILE F 87 48.37 -94.36 56.42
N LYS F 88 48.74 -94.73 55.20
CA LYS F 88 47.74 -95.17 54.22
C LYS F 88 47.06 -96.47 54.65
N LYS F 89 47.75 -97.29 55.46
CA LYS F 89 47.15 -98.54 55.91
C LYS F 89 46.08 -98.29 56.96
N ASP F 90 46.25 -97.26 57.78
CA ASP F 90 45.30 -96.99 58.85
C ASP F 90 43.96 -96.51 58.28
N SER F 91 42.98 -96.38 59.18
CA SER F 91 41.63 -96.05 58.75
C SER F 91 41.53 -94.60 58.30
N ASP F 92 41.80 -93.65 59.20
CA ASP F 92 41.68 -92.22 58.92
C ASP F 92 43.05 -91.72 58.50
N THR F 93 43.24 -91.54 57.19
CA THR F 93 44.54 -91.16 56.65
C THR F 93 44.66 -89.64 56.55
N GLU F 94 43.56 -88.95 56.21
CA GLU F 94 43.62 -87.52 55.96
C GLU F 94 43.95 -86.76 57.24
N GLN F 95 43.33 -87.14 58.36
CA GLN F 95 43.55 -86.42 59.61
C GLN F 95 44.98 -86.61 60.10
N LYS F 96 45.61 -87.74 59.76
CA LYS F 96 46.95 -88.02 60.26
C LYS F 96 47.98 -87.09 59.65
N GLU F 97 47.76 -86.65 58.40
CA GLU F 97 48.67 -85.71 57.76
C GLU F 97 48.70 -84.39 58.52
N ILE F 98 47.52 -83.87 58.88
CA ILE F 98 47.45 -82.63 59.63
C ILE F 98 47.91 -82.85 61.06
N GLN F 99 47.28 -83.78 61.76
CA GLN F 99 47.62 -84.13 63.14
C GLN F 99 48.53 -85.35 63.13
N LEU F 100 49.81 -85.13 63.37
CA LEU F 100 50.82 -86.16 63.20
C LEU F 100 50.77 -87.15 64.36
N ASP F 101 50.55 -88.43 64.04
CA ASP F 101 50.63 -89.50 65.03
C ASP F 101 52.12 -89.75 65.29
N LEU F 102 52.63 -89.14 66.36
CA LEU F 102 54.07 -89.20 66.62
C LEU F 102 54.51 -90.61 67.00
N GLY F 103 53.58 -91.44 67.47
CA GLY F 103 53.91 -92.84 67.72
C GLY F 103 54.36 -93.55 66.47
N ILE F 104 53.84 -93.14 65.31
CA ILE F 104 54.24 -93.73 64.04
C ILE F 104 55.44 -93.00 63.47
N ALA F 105 55.51 -91.68 63.68
CA ALA F 105 56.51 -90.87 63.00
C ALA F 105 57.89 -91.03 63.63
N LEU F 106 57.98 -90.88 64.95
CA LEU F 106 59.29 -90.86 65.60
C LEU F 106 60.08 -92.16 65.42
N PRO F 107 59.48 -93.35 65.43
CA PRO F 107 60.25 -94.53 65.01
C PRO F 107 60.76 -94.42 63.59
N ILE F 108 59.96 -93.85 62.68
CA ILE F 108 60.38 -93.72 61.29
C ILE F 108 61.43 -92.63 61.17
N ILE F 109 61.32 -91.58 61.99
CA ILE F 109 62.33 -90.53 62.00
C ILE F 109 63.64 -91.05 62.57
N ALA F 110 63.56 -91.98 63.53
CA ALA F 110 64.77 -92.59 64.08
C ALA F 110 65.54 -93.32 62.98
N THR F 111 64.84 -94.14 62.21
CA THR F 111 65.42 -94.71 61.01
C THR F 111 65.58 -93.62 59.96
N GLY F 112 66.34 -93.93 58.91
CA GLY F 112 66.62 -92.99 57.85
C GLY F 112 68.09 -92.67 57.72
N PHE F 113 68.87 -92.98 58.77
CA PHE F 113 70.32 -92.82 58.66
C PHE F 113 70.87 -93.71 57.55
N ALA F 114 70.37 -94.94 57.44
CA ALA F 114 70.68 -95.82 56.32
C ALA F 114 69.56 -95.78 55.27
N TRP F 115 69.25 -94.57 54.81
CA TRP F 115 68.26 -94.44 53.74
C TRP F 115 68.74 -94.98 52.39
N PRO F 116 70.03 -94.96 52.02
CA PRO F 116 70.38 -95.59 50.74
C PRO F 116 70.24 -97.10 50.79
N ALA F 117 70.54 -97.72 51.93
CA ALA F 117 70.43 -99.17 52.04
C ALA F 117 68.99 -99.62 51.90
N ALA F 118 68.05 -98.89 52.50
CA ALA F 118 66.65 -99.20 52.32
C ALA F 118 66.15 -98.76 50.95
N ALA F 119 66.79 -97.75 50.36
CA ALA F 119 66.38 -97.28 49.04
C ALA F 119 66.70 -98.32 47.97
N VAL F 120 67.90 -98.90 48.01
CA VAL F 120 68.31 -99.85 46.98
C VAL F 120 67.44 -101.10 47.04
N LYS F 121 66.99 -101.47 48.25
CA LYS F 121 66.11 -102.62 48.39
C LYS F 121 64.78 -102.37 47.69
N GLU F 122 64.20 -101.19 47.91
CA GLU F 122 62.98 -100.81 47.19
C GLU F 122 63.28 -100.49 45.73
N LEU F 123 64.52 -100.10 45.43
CA LEU F 123 64.89 -99.84 44.04
C LEU F 123 64.96 -101.14 43.24
N LEU F 124 65.70 -102.13 43.75
CA LEU F 124 65.77 -103.42 43.07
C LEU F 124 64.40 -104.06 42.94
N SER F 125 63.58 -103.96 43.99
CA SER F 125 62.23 -104.51 43.98
C SER F 125 61.29 -103.47 43.38
N GLY F 126 60.02 -103.82 43.26
CA GLY F 126 59.00 -102.92 42.77
C GLY F 126 58.38 -102.03 43.81
N GLU F 127 58.99 -101.92 44.99
CA GLU F 127 58.42 -101.11 46.06
C GLU F 127 58.58 -99.62 45.77
N LEU F 128 59.70 -99.23 45.16
CA LEU F 128 59.99 -97.82 44.95
C LEU F 128 59.00 -97.20 43.97
N THR F 129 58.75 -97.86 42.86
CA THR F 129 57.92 -97.33 41.77
C THR F 129 56.60 -98.08 41.71
N ALA F 130 55.74 -97.66 40.79
CA ALA F 130 54.44 -98.28 40.56
C ALA F 130 54.22 -98.40 39.06
N LYS F 131 53.30 -99.29 38.69
CA LYS F 131 53.02 -99.52 37.28
C LYS F 131 52.32 -98.33 36.67
N ASP F 132 52.61 -98.05 35.40
CA ASP F 132 51.96 -96.94 34.72
C ASP F 132 50.46 -97.18 34.58
N SER F 133 50.06 -98.44 34.46
CA SER F 133 48.64 -98.74 34.37
C SER F 133 47.93 -98.48 35.70
N GLU F 134 48.68 -98.49 36.80
CA GLU F 134 48.07 -98.26 38.11
C GLU F 134 47.78 -96.78 38.33
N ILE F 135 48.56 -95.90 37.71
CA ILE F 135 48.47 -94.47 37.99
C ILE F 135 47.40 -93.85 37.10
N THR F 136 46.80 -92.76 37.58
CA THR F 136 45.80 -92.05 36.80
C THR F 136 46.48 -91.06 35.85
N VAL F 137 46.00 -91.03 34.61
CA VAL F 137 46.54 -90.15 33.58
C VAL F 137 45.39 -89.61 32.75
N SER F 138 45.52 -88.36 32.32
CA SER F 138 44.48 -87.75 31.50
C SER F 138 44.42 -88.42 30.14
N PRO F 139 43.29 -88.31 29.41
CA PRO F 139 43.26 -88.91 28.08
C PRO F 139 44.12 -88.15 27.07
N ALA G 1 62.46 -29.71 -3.08
CA ALA G 1 61.87 -31.04 -2.94
C ALA G 1 61.28 -31.28 -1.55
N SER G 2 61.66 -30.43 -0.58
CA SER G 2 61.16 -30.57 0.78
C SER G 2 59.69 -30.22 0.92
N PHE G 3 59.07 -29.63 -0.12
CA PHE G 3 57.66 -29.29 -0.04
C PHE G 3 56.76 -30.51 -0.13
N LEU G 4 57.31 -31.66 -0.54
CA LEU G 4 56.50 -32.88 -0.61
C LEU G 4 56.09 -33.33 0.78
N SER G 5 57.00 -33.25 1.74
CA SER G 5 56.70 -33.68 3.11
C SER G 5 55.63 -32.80 3.73
N SER G 6 55.60 -31.51 3.37
CA SER G 6 54.58 -30.62 3.90
C SER G 6 53.19 -31.02 3.43
N ILE G 7 53.09 -31.59 2.23
CA ILE G 7 51.80 -32.00 1.70
C ILE G 7 51.46 -33.42 2.12
N PHE G 8 52.46 -34.30 2.17
CA PHE G 8 52.19 -35.72 2.38
C PHE G 8 51.91 -36.01 3.85
N VAL G 9 52.62 -35.35 4.76
CA VAL G 9 52.46 -35.66 6.19
C VAL G 9 51.04 -35.38 6.66
N PRO G 10 50.47 -34.19 6.46
CA PRO G 10 49.07 -33.99 6.91
C PRO G 10 48.08 -34.86 6.17
N VAL G 11 48.41 -35.31 4.96
CA VAL G 11 47.52 -36.22 4.24
C VAL G 11 47.49 -37.57 4.95
N ILE G 12 48.62 -38.01 5.48
CA ILE G 12 48.68 -39.29 6.18
C ILE G 12 48.05 -39.17 7.56
N GLY G 13 48.17 -38.00 8.18
CA GLY G 13 47.69 -37.85 9.55
C GLY G 13 46.20 -37.58 9.63
N TRP G 14 45.65 -36.92 8.62
CA TRP G 14 44.26 -36.47 8.62
C TRP G 14 43.42 -37.08 7.51
N VAL G 15 43.86 -36.96 6.27
CA VAL G 15 43.00 -37.33 5.14
C VAL G 15 42.79 -38.83 5.08
N VAL G 16 43.87 -39.59 5.20
CA VAL G 16 43.81 -41.05 5.03
C VAL G 16 43.03 -41.67 6.20
N PRO G 17 43.23 -41.25 7.45
CA PRO G 17 42.35 -41.74 8.52
C PRO G 17 40.88 -41.42 8.29
N ILE G 18 40.57 -40.18 7.89
CA ILE G 18 39.17 -39.79 7.71
C ILE G 18 38.54 -40.63 6.62
N ALA G 19 39.25 -40.86 5.52
CA ALA G 19 38.70 -41.66 4.43
C ALA G 19 38.52 -43.11 4.84
N THR G 20 39.48 -43.66 5.58
CA THR G 20 39.40 -45.06 5.97
C THR G 20 38.32 -45.27 7.03
N PHE G 21 38.30 -44.45 8.07
CA PHE G 21 37.30 -44.61 9.12
C PHE G 21 35.90 -44.33 8.60
N SER G 22 35.76 -43.32 7.74
CA SER G 22 34.45 -43.03 7.16
C SER G 22 33.96 -44.18 6.30
N PHE G 23 34.85 -44.77 5.49
CA PHE G 23 34.46 -45.91 4.67
C PHE G 23 34.15 -47.12 5.54
N LEU G 24 35.05 -47.42 6.49
CA LEU G 24 34.89 -48.62 7.31
C LEU G 24 33.66 -48.51 8.19
N PHE G 25 33.44 -47.35 8.81
CA PHE G 25 32.30 -47.17 9.70
C PHE G 25 30.98 -47.40 8.99
N LEU G 26 30.81 -46.80 7.82
CA LEU G 26 29.61 -47.04 7.04
C LEU G 26 29.56 -48.47 6.54
N TYR G 27 30.72 -49.05 6.22
CA TYR G 27 30.74 -50.39 5.67
C TYR G 27 30.34 -51.42 6.72
N ILE G 28 30.82 -51.26 7.96
CA ILE G 28 30.48 -52.22 9.01
C ILE G 28 29.07 -52.05 9.53
N GLU G 29 28.35 -51.01 9.11
CA GLU G 29 26.98 -50.75 9.53
C GLU G 29 25.95 -51.06 8.46
N ARG G 30 26.37 -51.57 7.30
CA ARG G 30 25.44 -51.86 6.23
C ARG G 30 24.52 -53.02 6.62
N GLU G 31 23.49 -53.23 5.81
CA GLU G 31 22.53 -54.30 6.05
C GLU G 31 22.02 -54.86 4.72
N GLN H 6 41.82 -83.17 79.11
CA GLN H 6 42.82 -84.16 79.49
C GLN H 6 44.16 -83.85 78.82
N SER H 7 45.21 -84.51 79.30
CA SER H 7 46.54 -84.29 78.73
C SER H 7 46.59 -84.75 77.28
N SER H 8 45.83 -85.79 76.93
CA SER H 8 45.84 -86.29 75.56
C SER H 8 45.37 -85.23 74.57
N TYR H 9 44.41 -84.40 74.98
CA TYR H 9 43.92 -83.36 74.09
C TYR H 9 44.99 -82.30 73.84
N LEU H 10 45.85 -82.05 74.84
CA LEU H 10 46.87 -81.02 74.68
C LEU H 10 48.01 -81.50 73.79
N ILE H 11 48.34 -82.79 73.85
CA ILE H 11 49.45 -83.30 73.04
C ILE H 11 49.10 -83.22 71.57
N LYS H 12 47.83 -83.46 71.22
CA LYS H 12 47.44 -83.42 69.82
C LYS H 12 47.51 -82.01 69.25
N PHE H 13 47.38 -81.00 70.11
CA PHE H 13 47.52 -79.62 69.64
C PHE H 13 48.93 -79.35 69.16
N ILE H 14 49.93 -79.88 69.86
CA ILE H 14 51.31 -79.79 69.39
C ILE H 14 51.51 -80.68 68.17
N SER H 15 50.74 -81.76 68.08
CA SER H 15 50.88 -82.69 66.96
C SER H 15 50.42 -82.08 65.64
N THR H 16 49.62 -81.03 65.69
CA THR H 16 49.14 -80.41 64.47
C THR H 16 50.29 -79.83 63.66
N ALA H 17 50.00 -79.51 62.40
CA ALA H 17 51.05 -79.05 61.49
C ALA H 17 51.75 -77.77 61.95
N PRO H 18 51.06 -76.68 62.31
CA PRO H 18 51.80 -75.44 62.60
C PRO H 18 52.67 -75.52 63.84
N VAL H 19 52.12 -76.05 64.94
CA VAL H 19 52.90 -76.14 66.17
C VAL H 19 54.04 -77.13 66.01
N ALA H 20 53.79 -78.24 65.31
CA ALA H 20 54.86 -79.19 65.02
C ALA H 20 55.88 -78.59 64.07
N ALA H 21 55.41 -77.88 63.04
CA ALA H 21 56.33 -77.25 62.10
C ALA H 21 57.09 -76.11 62.76
N THR H 22 56.44 -75.40 63.69
CA THR H 22 57.09 -74.28 64.35
C THR H 22 58.20 -74.75 65.28
N ILE H 23 57.92 -75.77 66.08
CA ILE H 23 58.92 -76.26 67.03
C ILE H 23 60.10 -76.88 66.28
N TRP H 24 59.82 -77.64 65.23
CA TRP H 24 60.89 -78.30 64.49
C TRP H 24 61.79 -77.29 63.78
N LEU H 25 61.19 -76.31 63.11
CA LEU H 25 61.98 -75.34 62.36
C LEU H 25 62.76 -74.42 63.29
N THR H 26 62.20 -74.13 64.48
CA THR H 26 62.94 -73.36 65.45
C THR H 26 64.14 -74.13 65.98
N ILE H 27 63.94 -75.43 66.26
CA ILE H 27 65.05 -76.28 66.65
C ILE H 27 66.06 -76.38 65.52
N THR H 28 65.56 -76.51 64.28
CA THR H 28 66.44 -76.54 63.13
C THR H 28 67.16 -75.22 62.94
N ALA H 29 66.44 -74.11 63.04
CA ALA H 29 67.06 -72.80 62.87
C ALA H 29 68.04 -72.50 64.01
N GLY H 30 67.67 -72.89 65.23
CA GLY H 30 68.54 -72.60 66.36
C GLY H 30 69.90 -73.26 66.25
N ILE H 31 69.95 -74.43 65.60
CA ILE H 31 71.21 -75.14 65.43
C ILE H 31 72.13 -74.36 64.49
N LEU H 32 71.56 -73.82 63.41
CA LEU H 32 72.38 -73.08 62.45
C LEU H 32 72.87 -71.78 63.06
N ILE H 33 72.00 -71.06 63.77
CA ILE H 33 72.40 -69.84 64.45
C ILE H 33 73.42 -70.16 65.53
N GLU H 34 73.28 -71.32 66.15
CA GLU H 34 74.26 -71.76 67.14
C GLU H 34 75.63 -71.99 66.50
N PHE H 35 75.64 -72.66 65.35
CA PHE H 35 76.92 -73.05 64.74
C PHE H 35 77.63 -71.83 64.15
N ASN H 36 76.87 -70.91 63.55
CA ASN H 36 77.49 -69.73 62.96
C ASN H 36 78.03 -68.79 64.04
N ARG H 37 77.55 -68.93 65.27
CA ARG H 37 78.07 -68.11 66.36
C ARG H 37 79.52 -68.49 66.68
N PHE H 38 79.72 -69.74 67.11
CA PHE H 38 81.06 -70.17 67.51
C PHE H 38 82.00 -70.23 66.31
N PHE H 39 81.65 -71.04 65.31
CA PHE H 39 82.41 -71.16 64.08
C PHE H 39 81.91 -70.08 63.12
N PRO H 40 82.61 -68.94 62.97
CA PRO H 40 81.96 -67.75 62.40
C PRO H 40 81.50 -67.89 60.96
N ASP H 41 82.43 -68.22 60.07
CA ASP H 41 82.20 -68.14 58.63
C ASP H 41 82.84 -69.33 57.95
N LEU H 42 82.09 -69.98 57.06
CA LEU H 42 82.56 -71.15 56.34
C LEU H 42 82.05 -71.08 54.91
N LEU H 43 82.97 -71.17 53.96
CA LEU H 43 82.65 -71.20 52.53
C LEU H 43 83.11 -72.48 51.85
N PHE H 44 84.11 -73.15 52.41
CA PHE H 44 84.60 -74.42 51.91
C PHE H 44 85.14 -75.24 53.07
N HIS H 45 85.11 -76.55 52.93
CA HIS H 45 85.75 -77.40 53.92
C HIS H 45 87.27 -77.23 53.78
N PRO H 46 88.00 -76.95 54.86
CA PRO H 46 89.46 -76.87 54.74
C PRO H 46 90.07 -78.18 54.28
N LEU H 47 91.22 -78.07 53.62
CA LEU H 47 91.85 -79.19 52.93
C LEU H 47 92.97 -79.76 53.79
N PRO H 48 92.93 -81.06 54.16
CA PRO H 48 94.09 -81.59 54.88
C PRO H 48 95.33 -81.70 53.99
N ALA I 1 45.82 -9.19 76.53
CA ALA I 1 46.09 -10.00 77.71
C ALA I 1 44.88 -10.87 78.05
N ALA I 2 45.05 -11.74 79.04
CA ALA I 2 43.97 -12.60 79.48
C ALA I 2 42.83 -11.78 80.08
N THR I 3 41.70 -12.44 80.30
CA THR I 3 40.57 -11.79 80.92
C THR I 3 40.92 -11.37 82.35
N THR I 4 40.42 -10.21 82.74
CA THR I 4 40.80 -9.61 84.00
C THR I 4 40.26 -10.43 85.17
N PRO I 5 40.76 -10.21 86.40
CA PRO I 5 40.24 -10.96 87.55
C PRO I 5 38.78 -10.63 87.81
N LEU I 6 38.09 -11.58 88.43
CA LEU I 6 36.70 -11.42 88.82
C LEU I 6 36.56 -11.81 90.29
N GLU I 7 36.10 -10.86 91.10
CA GLU I 7 35.83 -11.09 92.51
C GLU I 7 34.38 -11.50 92.68
N TRP I 8 34.16 -12.57 93.44
CA TRP I 8 32.80 -13.05 93.66
C TRP I 8 31.99 -12.03 94.44
N SER I 9 30.79 -11.75 93.94
CA SER I 9 29.88 -10.79 94.56
C SER I 9 28.48 -11.37 94.57
N PRO I 10 27.53 -10.76 95.28
CA PRO I 10 26.14 -11.25 95.21
C PRO I 10 25.54 -11.14 93.83
N THR I 11 26.05 -10.24 92.99
CA THR I 11 25.56 -10.12 91.62
C THR I 11 25.77 -11.42 90.86
N VAL I 12 26.91 -12.07 91.09
CA VAL I 12 27.19 -13.34 90.42
C VAL I 12 26.21 -14.41 90.88
N GLY I 13 25.89 -14.41 92.17
CA GLY I 13 24.94 -15.38 92.68
C GLY I 13 23.54 -15.16 92.13
N ILE I 14 23.17 -13.91 91.92
CA ILE I 14 21.85 -13.61 91.37
C ILE I 14 21.77 -14.08 89.92
N ILE I 15 22.83 -13.90 89.16
CA ILE I 15 22.85 -14.33 87.76
C ILE I 15 22.74 -15.85 87.69
N MET I 16 23.41 -16.54 88.61
CA MET I 16 23.34 -18.00 88.61
C MET I 16 21.94 -18.48 88.95
N VAL I 17 21.26 -17.76 89.85
CA VAL I 17 19.90 -18.15 90.23
C VAL I 17 18.93 -17.88 89.08
N ILE I 18 19.15 -16.77 88.37
CA ILE I 18 18.27 -16.44 87.25
C ILE I 18 18.45 -17.44 86.12
N ALA I 19 19.67 -17.92 85.91
CA ALA I 19 19.93 -18.88 84.85
C ALA I 19 19.24 -20.20 85.13
N ASN I 20 19.26 -20.65 86.38
CA ASN I 20 18.57 -21.89 86.73
C ASN I 20 17.06 -21.74 86.56
N VAL I 21 16.53 -20.56 86.90
CA VAL I 21 15.10 -20.31 86.74
C VAL I 21 14.71 -20.39 85.27
N ILE I 22 15.60 -19.94 84.39
CA ILE I 22 15.37 -20.10 82.96
C ILE I 22 15.37 -21.58 82.60
N ALA I 23 16.33 -22.33 83.13
CA ALA I 23 16.45 -23.75 82.80
C ALA I 23 15.27 -24.53 83.33
N ILE I 24 14.78 -24.17 84.52
CA ILE I 24 13.67 -24.90 85.11
C ILE I 24 12.40 -24.66 84.32
N THR I 25 12.15 -23.41 83.94
CA THR I 25 11.03 -23.10 83.06
C THR I 25 11.22 -23.77 81.70
N PHE I 26 12.46 -23.80 81.21
CA PHE I 26 12.74 -24.46 79.94
C PHE I 26 12.60 -25.96 80.08
N GLY I 27 13.07 -26.54 81.19
CA GLY I 27 13.01 -27.98 81.35
C GLY I 27 11.62 -28.47 81.69
N ARG I 28 10.78 -27.61 82.25
CA ARG I 28 9.44 -28.02 82.66
C ARG I 28 8.60 -28.45 81.46
N GLN I 29 8.50 -27.58 80.46
CA GLN I 29 7.66 -27.88 79.30
C GLN I 29 8.38 -28.81 78.33
N THR I 30 9.67 -28.58 78.11
CA THR I 30 10.39 -29.28 77.06
C THR I 30 10.52 -30.77 77.35
N ILE I 31 10.75 -31.14 78.62
CA ILE I 31 11.07 -32.52 78.94
C ILE I 31 9.85 -33.38 78.69
N LYS I 32 10.07 -34.52 78.01
CA LYS I 32 8.97 -35.40 77.65
C LYS I 32 8.58 -36.32 78.81
N TYR I 33 9.54 -36.69 79.66
CA TYR I 33 9.32 -37.56 80.81
C TYR I 33 9.91 -36.91 82.04
N PRO I 34 9.23 -35.91 82.61
CA PRO I 34 9.78 -35.29 83.83
C PRO I 34 9.75 -36.23 85.02
N SER I 35 8.64 -36.92 85.25
CA SER I 35 8.56 -37.88 86.33
C SER I 35 9.52 -39.03 86.10
N ALA I 36 9.84 -39.75 87.17
CA ALA I 36 10.82 -40.82 87.11
C ALA I 36 10.65 -41.72 88.33
N GLU I 37 11.52 -42.72 88.42
CA GLU I 37 11.46 -43.64 89.56
C GLU I 37 11.74 -42.94 90.88
N PRO I 38 12.82 -42.17 91.05
CA PRO I 38 13.04 -41.52 92.34
C PRO I 38 12.09 -40.36 92.52
N ALA I 39 11.31 -40.41 93.59
CA ALA I 39 10.29 -39.42 93.89
C ALA I 39 10.80 -38.44 94.92
N LEU I 40 10.72 -37.16 94.62
CA LEU I 40 11.15 -36.13 95.54
C LEU I 40 10.07 -35.85 96.58
N PRO I 41 10.42 -35.26 97.72
CA PRO I 41 9.41 -34.90 98.71
C PRO I 41 8.71 -33.61 98.34
N SER I 42 7.39 -33.59 98.56
CA SER I 42 6.55 -32.43 98.26
C SER I 42 6.65 -32.08 96.77
N ALA I 43 6.14 -33.01 95.97
CA ALA I 43 6.25 -32.90 94.51
C ALA I 43 5.54 -31.66 93.98
N LYS I 44 4.55 -31.14 94.71
CA LYS I 44 3.85 -29.94 94.26
C LYS I 44 4.80 -28.75 94.17
N PHE I 45 5.80 -28.70 95.03
CA PHE I 45 6.73 -27.57 95.03
C PHE I 45 7.74 -27.68 93.89
N PHE I 46 8.03 -28.89 93.42
CA PHE I 46 8.99 -29.12 92.34
C PHE I 46 8.30 -29.33 91.00
N GLY I 47 7.05 -28.93 90.85
CA GLY I 47 6.36 -29.04 89.57
C GLY I 47 6.08 -30.45 89.13
N GLY I 48 6.26 -31.44 90.01
CA GLY I 48 5.88 -32.80 89.69
C GLY I 48 6.89 -33.61 88.91
N PHE I 49 8.20 -33.38 89.10
CA PHE I 49 9.23 -34.26 88.58
C PHE I 49 10.15 -34.66 89.72
N GLY I 50 10.90 -35.74 89.51
CA GLY I 50 11.70 -36.33 90.56
C GLY I 50 13.14 -35.85 90.54
N ALA I 51 13.95 -36.55 91.34
CA ALA I 51 15.37 -36.28 91.52
C ALA I 51 16.17 -36.26 90.22
N PRO I 52 15.91 -37.15 89.25
CA PRO I 52 16.72 -37.08 88.01
C PRO I 52 16.55 -35.77 87.25
N ALA I 53 15.32 -35.30 87.07
CA ALA I 53 15.11 -34.03 86.37
C ALA I 53 15.56 -32.85 87.20
N LEU I 54 15.59 -33.00 88.52
CA LEU I 54 16.11 -31.94 89.38
C LEU I 54 17.58 -31.66 89.07
N LEU I 55 18.40 -32.71 89.02
CA LEU I 55 19.81 -32.53 88.72
C LEU I 55 20.01 -32.07 87.28
N ALA I 56 19.11 -32.48 86.37
CA ALA I 56 19.28 -32.14 84.96
C ALA I 56 19.02 -30.65 84.72
N THR I 57 17.82 -30.18 85.06
CA THR I 57 17.47 -28.78 84.83
C THR I 57 18.31 -27.82 85.65
N THR I 58 18.88 -28.26 86.77
CA THR I 58 19.83 -27.46 87.51
C THR I 58 21.21 -27.43 86.87
N ALA I 59 21.53 -28.42 86.02
CA ALA I 59 22.85 -28.48 85.41
C ALA I 59 22.95 -27.55 84.21
N PHE I 60 21.94 -27.58 83.34
CA PHE I 60 21.93 -26.66 82.20
C PHE I 60 21.86 -25.21 82.68
N GLY I 61 21.19 -24.99 83.81
CA GLY I 61 21.19 -23.68 84.43
C GLY I 61 22.59 -23.24 84.81
N HIS I 62 23.37 -24.16 85.35
CA HIS I 62 24.75 -23.85 85.71
C HIS I 62 25.57 -23.52 84.47
N ILE I 63 25.34 -24.25 83.38
CA ILE I 63 26.04 -23.98 82.13
C ILE I 63 25.69 -22.58 81.63
N LEU I 64 24.39 -22.26 81.63
CA LEU I 64 23.94 -20.93 81.24
C LEU I 64 24.53 -19.87 82.16
N GLY I 65 24.35 -20.04 83.47
CA GLY I 65 24.86 -19.13 84.45
C GLY I 65 26.35 -18.90 84.35
N VAL I 66 27.10 -19.98 84.11
CA VAL I 66 28.54 -19.90 83.95
C VAL I 66 28.83 -19.10 82.68
N GLY I 67 28.15 -19.44 81.60
CA GLY I 67 28.35 -18.75 80.33
C GLY I 67 28.05 -17.28 80.40
N LEU I 68 27.03 -16.90 81.16
CA LEU I 68 26.66 -15.50 81.28
C LEU I 68 27.68 -14.74 82.13
N VAL I 69 28.08 -15.32 83.26
CA VAL I 69 28.96 -14.63 84.20
C VAL I 69 30.28 -14.30 83.54
N LEU I 70 30.85 -15.25 82.80
CA LEU I 70 32.10 -14.99 82.10
C LEU I 70 31.87 -14.23 80.81
N GLY I 71 30.70 -14.40 80.20
CA GLY I 71 30.37 -13.64 79.01
C GLY I 71 30.24 -12.16 79.30
N LEU I 72 29.54 -11.81 80.38
CA LEU I 72 29.43 -10.41 80.77
C LEU I 72 30.77 -9.86 81.19
N HIS I 73 31.57 -10.65 81.92
CA HIS I 73 32.92 -10.27 82.29
C HIS I 73 33.80 -10.44 81.05
N ASN I 74 33.75 -9.44 80.18
CA ASN I 74 34.47 -9.48 78.91
C ASN I 74 35.98 -9.51 79.12
N ALA J 1 5.26 -30.70 74.81
CA ALA J 1 6.20 -31.81 74.97
C ALA J 1 6.89 -32.12 73.64
N GLN J 2 6.12 -32.67 72.70
CA GLN J 2 6.64 -33.04 71.39
C GLN J 2 6.51 -31.84 70.46
N ALA J 3 7.64 -31.18 70.20
CA ALA J 3 7.64 -30.05 69.29
C ALA J 3 7.27 -30.48 67.87
N VAL J 4 7.85 -31.59 67.42
CA VAL J 4 7.63 -32.10 66.07
C VAL J 4 7.24 -33.57 66.05
N ASP J 5 7.46 -34.32 67.13
CA ASP J 5 7.25 -35.77 67.10
C ASP J 5 5.80 -36.12 66.83
N ALA J 6 4.86 -35.28 67.29
CA ALA J 6 3.45 -35.53 67.03
C ALA J 6 3.08 -35.23 65.59
N SER J 7 3.85 -34.37 64.92
CA SER J 7 3.47 -33.90 63.60
C SER J 7 3.80 -34.90 62.51
N LYS J 8 4.75 -35.81 62.75
CA LYS J 8 5.14 -36.75 61.71
C LYS J 8 3.99 -37.70 61.39
N ASN J 9 4.12 -38.35 60.23
CA ASN J 9 3.12 -39.31 59.76
C ASN J 9 1.75 -38.65 59.60
N LEU J 10 1.75 -37.40 59.14
CA LEU J 10 0.55 -36.66 58.80
C LEU J 10 0.68 -36.14 57.37
N PRO J 11 -0.34 -36.26 56.51
CA PRO J 11 -0.21 -35.67 55.17
C PRO J 11 -0.06 -34.17 55.18
N SER J 12 -0.62 -33.48 56.19
CA SER J 12 -0.48 -32.04 56.27
C SER J 12 0.94 -31.61 56.60
N ASP J 13 1.78 -32.51 57.09
CA ASP J 13 3.13 -32.15 57.47
C ASP J 13 3.93 -31.80 56.22
N PRO J 14 4.73 -30.73 56.23
CA PRO J 14 5.44 -30.37 54.98
C PRO J 14 6.50 -31.37 54.58
N ARG J 15 7.03 -32.13 55.54
CA ARG J 15 8.06 -33.11 55.23
C ARG J 15 7.51 -34.24 54.38
N ASN J 16 6.25 -34.60 54.60
CA ASN J 16 5.71 -35.80 53.97
C ASN J 16 5.39 -35.58 52.50
N ARG J 17 5.32 -34.33 52.05
CA ARG J 17 5.06 -34.08 50.64
C ARG J 17 6.23 -34.57 49.80
N GLU J 18 5.91 -35.26 48.71
CA GLU J 18 6.91 -35.96 47.90
C GLU J 18 7.13 -35.19 46.61
N VAL J 19 8.40 -34.89 46.31
CA VAL J 19 8.73 -34.15 45.10
C VAL J 19 9.00 -35.10 43.95
N VAL J 20 9.62 -36.25 44.24
CA VAL J 20 9.99 -37.23 43.22
C VAL J 20 8.79 -38.12 42.95
N PHE J 21 8.66 -38.56 41.71
CA PHE J 21 7.52 -39.35 41.25
C PHE J 21 7.98 -40.33 40.19
N PRO J 22 7.20 -41.38 39.93
CA PRO J 22 7.56 -42.31 38.85
C PRO J 22 7.46 -41.63 37.49
N ALA J 23 8.27 -42.12 36.54
CA ALA J 23 8.25 -41.61 35.19
C ALA J 23 6.87 -41.81 34.57
N GLY J 24 6.24 -40.71 34.16
CA GLY J 24 4.85 -40.78 33.78
C GLY J 24 4.02 -41.23 34.96
N ARG J 25 3.21 -42.26 34.74
CA ARG J 25 2.45 -42.91 35.81
C ARG J 25 2.88 -44.35 36.03
N ASP J 26 3.75 -44.90 35.17
CA ASP J 26 4.22 -46.26 35.30
C ASP J 26 5.53 -46.27 36.07
N PRO J 27 5.60 -46.81 37.30
CA PRO J 27 6.90 -46.83 37.99
C PRO J 27 7.87 -47.83 37.41
N GLN J 28 7.39 -48.75 36.57
CA GLN J 28 8.25 -49.80 36.03
C GLN J 28 9.23 -49.24 35.00
N TRP J 29 8.95 -48.06 34.46
CA TRP J 29 9.88 -47.41 33.56
C TRP J 29 11.16 -47.02 34.30
N GLY J 30 12.19 -46.68 33.55
CA GLY J 30 13.48 -46.38 34.15
C GLY J 30 13.50 -45.04 34.87
N ASN J 31 13.23 -43.96 34.15
CA ASN J 31 13.47 -42.61 34.65
C ASN J 31 12.64 -42.32 35.90
N LEU J 32 12.98 -41.22 36.56
CA LEU J 32 12.26 -40.71 37.71
C LEU J 32 12.03 -39.22 37.52
N GLU J 33 10.79 -38.78 37.72
CA GLU J 33 10.48 -37.36 37.59
C GLU J 33 11.03 -36.60 38.78
N THR J 34 11.93 -35.67 38.50
CA THR J 34 12.59 -34.86 39.51
C THR J 34 12.49 -33.40 39.12
N PRO J 35 12.87 -32.48 40.02
CA PRO J 35 12.87 -31.06 39.63
C PRO J 35 13.80 -30.75 38.47
N VAL J 36 14.95 -31.42 38.42
CA VAL J 36 15.87 -31.17 37.31
C VAL J 36 15.31 -31.74 36.01
N ASN J 37 14.54 -32.82 36.10
CA ASN J 37 14.10 -33.54 34.92
C ASN J 37 12.76 -33.02 34.41
N ALA J 38 11.81 -32.80 35.32
CA ALA J 38 10.41 -32.60 34.95
C ALA J 38 9.83 -31.28 35.45
N SER J 39 10.66 -30.30 35.82
CA SER J 39 10.12 -29.03 36.23
C SER J 39 9.61 -28.25 35.02
N PRO J 40 8.66 -27.33 35.22
CA PRO J 40 8.20 -26.52 34.08
C PRO J 40 9.28 -25.63 33.50
N LEU J 41 10.20 -25.14 34.33
CA LEU J 41 11.28 -24.30 33.83
C LEU J 41 12.19 -25.09 32.90
N VAL J 42 12.58 -26.29 33.31
CA VAL J 42 13.46 -27.11 32.48
C VAL J 42 12.71 -27.63 31.27
N LYS J 43 11.43 -27.99 31.45
CA LYS J 43 10.63 -28.46 30.32
C LYS J 43 10.49 -27.39 29.26
N TRP J 44 10.19 -26.16 29.67
CA TRP J 44 10.06 -25.06 28.71
C TRP J 44 11.36 -24.82 27.97
N PHE J 45 12.48 -24.80 28.71
CA PHE J 45 13.77 -24.49 28.10
C PHE J 45 14.18 -25.56 27.10
N ILE J 46 14.15 -26.83 27.52
CA ILE J 46 14.62 -27.91 26.66
C ILE J 46 13.69 -28.10 25.47
N ASN J 47 12.37 -28.06 25.71
CA ASN J 47 11.43 -28.33 24.63
C ASN J 47 11.44 -27.23 23.57
N ASN J 48 11.82 -26.02 23.95
CA ASN J 48 11.88 -24.89 23.01
C ASN J 48 13.29 -24.58 22.56
N LEU J 49 14.25 -25.46 22.84
CA LEU J 49 15.56 -25.38 22.22
C LEU J 49 15.43 -25.71 20.75
N PRO J 50 16.42 -25.35 19.92
CA PRO J 50 16.26 -25.54 18.47
C PRO J 50 16.06 -26.99 18.06
N ALA J 51 16.69 -27.92 18.78
CA ALA J 51 16.55 -29.33 18.44
C ALA J 51 15.13 -29.82 18.68
N TYR J 52 14.43 -29.23 19.65
CA TYR J 52 13.15 -29.72 20.13
C TYR J 52 12.00 -28.76 19.88
N ARG J 53 12.25 -27.60 19.28
CA ARG J 53 11.21 -26.60 19.17
C ARG J 53 10.13 -27.07 18.20
N PRO J 54 8.85 -26.74 18.43
CA PRO J 54 7.82 -27.19 17.50
C PRO J 54 7.81 -26.38 16.22
N GLY J 55 7.47 -27.05 15.12
CA GLY J 55 7.17 -26.38 13.88
C GLY J 55 8.33 -25.63 13.24
N LEU J 56 9.52 -26.22 13.26
CA LEU J 56 10.68 -25.70 12.54
C LEU J 56 11.17 -26.74 11.55
N THR J 57 11.79 -26.25 10.47
CA THR J 57 12.34 -27.14 9.47
C THR J 57 13.71 -27.67 9.94
N PRO J 58 14.14 -28.83 9.44
CA PRO J 58 15.44 -29.35 9.89
C PRO J 58 16.60 -28.43 9.56
N PHE J 59 16.51 -27.69 8.45
CA PHE J 59 17.58 -26.77 8.10
C PHE J 59 17.66 -25.62 9.10
N ARG J 60 16.51 -25.10 9.52
CA ARG J 60 16.50 -23.96 10.43
C ARG J 60 16.97 -24.36 11.82
N ARG J 61 16.77 -25.63 12.19
CA ARG J 61 17.27 -26.11 13.48
C ARG J 61 18.79 -26.09 13.51
N GLY J 62 19.43 -26.57 12.45
CA GLY J 62 20.89 -26.67 12.45
C GLY J 62 21.55 -25.31 12.37
N LEU J 63 20.93 -24.36 11.67
CA LEU J 63 21.49 -23.03 11.58
C LEU J 63 21.55 -22.36 12.95
N GLU J 64 20.51 -22.55 13.76
CA GLU J 64 20.52 -22.05 15.12
C GLU J 64 21.57 -22.76 15.96
N VAL J 65 21.74 -24.07 15.73
CA VAL J 65 22.73 -24.85 16.47
C VAL J 65 24.13 -24.46 16.02
N GLY J 66 24.34 -24.34 14.71
CA GLY J 66 25.67 -24.08 14.19
C GLY J 66 26.15 -22.68 14.53
N MET J 67 25.25 -21.69 14.43
CA MET J 67 25.61 -20.32 14.76
C MET J 67 26.05 -20.20 16.22
N ALA J 68 25.46 -21.01 17.10
CA ALA J 68 25.88 -21.02 18.50
C ALA J 68 27.27 -21.62 18.63
N HIS J 69 27.46 -22.84 18.11
CA HIS J 69 28.72 -23.54 18.25
C HIS J 69 29.85 -22.86 17.51
N GLY J 70 29.58 -22.38 16.29
CA GLY J 70 30.58 -21.60 15.58
C GLY J 70 31.05 -20.40 16.36
N TYR J 71 30.14 -19.74 17.06
CA TYR J 71 30.50 -18.54 17.81
C TYR J 71 31.18 -18.92 19.11
N PHE J 72 30.92 -20.13 19.60
CA PHE J 72 31.56 -20.61 20.82
C PHE J 72 32.98 -21.08 20.56
N LEU J 73 33.20 -21.88 19.52
CA LEU J 73 34.48 -22.57 19.35
C LEU J 73 35.63 -21.64 18.93
N PHE J 74 35.35 -20.37 18.64
CA PHE J 74 36.43 -19.46 18.29
C PHE J 74 37.31 -19.14 19.49
N GLY J 75 36.71 -19.09 20.69
CA GLY J 75 37.41 -18.69 21.89
C GLY J 75 38.59 -19.54 22.28
N PRO J 76 38.43 -20.86 22.44
CA PRO J 76 39.57 -21.67 22.92
C PRO J 76 40.79 -21.63 22.02
N PHE J 77 40.58 -21.50 20.70
CA PHE J 77 41.71 -21.51 19.78
C PHE J 77 42.46 -20.18 19.80
N ALA J 78 41.73 -19.08 20.02
CA ALA J 78 42.34 -17.75 19.94
C ALA J 78 43.19 -17.47 21.17
N LYS J 79 42.57 -17.46 22.35
CA LYS J 79 43.25 -16.97 23.53
C LYS J 79 44.21 -18.01 24.09
N LEU J 80 43.87 -19.30 23.97
CA LEU J 80 44.63 -20.38 24.59
C LEU J 80 45.35 -21.26 23.59
N GLY J 81 45.12 -21.08 22.30
CA GLY J 81 45.80 -21.88 21.31
C GLY J 81 47.23 -21.42 21.11
N PRO J 82 47.93 -22.02 20.15
CA PRO J 82 49.27 -21.53 19.83
C PRO J 82 49.19 -20.21 19.09
N LEU J 83 50.29 -19.46 19.17
CA LEU J 83 50.36 -18.11 18.60
C LEU J 83 49.29 -17.21 19.20
N ARG J 84 48.98 -17.43 20.48
CA ARG J 84 48.04 -16.58 21.21
C ARG J 84 48.62 -15.23 21.56
N ASP J 85 49.95 -15.06 21.48
CA ASP J 85 50.62 -13.81 21.82
C ASP J 85 51.25 -13.25 20.54
N ALA J 86 50.48 -13.30 19.46
CA ALA J 86 50.92 -12.78 18.16
C ALA J 86 49.79 -11.96 17.56
N ALA J 87 50.14 -11.18 16.54
CA ALA J 87 49.16 -10.30 15.91
C ALA J 87 48.06 -11.10 15.23
N ASN J 88 48.42 -12.24 14.63
CA ASN J 88 47.46 -13.08 13.92
C ASN J 88 46.82 -14.13 14.82
N ALA J 89 46.77 -13.88 16.14
CA ALA J 89 46.20 -14.85 17.05
C ALA J 89 44.72 -15.06 16.78
N ASN J 90 43.99 -13.97 16.55
CA ASN J 90 42.56 -14.08 16.29
C ASN J 90 42.29 -14.75 14.95
N LEU J 91 43.22 -14.65 14.00
CA LEU J 91 43.02 -15.30 12.71
C LEU J 91 43.12 -16.81 12.84
N ALA J 92 44.06 -17.29 13.66
CA ALA J 92 44.20 -18.73 13.86
C ALA J 92 42.95 -19.31 14.51
N GLY J 93 42.28 -18.54 15.34
CA GLY J 93 41.05 -19.02 15.96
C GLY J 93 39.93 -19.21 14.96
N LEU J 94 39.88 -18.36 13.94
CA LEU J 94 38.83 -18.46 12.94
C LEU J 94 39.01 -19.71 12.09
N LEU J 95 40.25 -20.03 11.73
CA LEU J 95 40.50 -21.22 10.92
C LEU J 95 40.31 -22.49 11.72
N GLY J 96 40.85 -22.54 12.94
CA GLY J 96 40.72 -23.74 13.75
C GLY J 96 39.28 -24.02 14.13
N ALA J 97 38.51 -22.97 14.42
CA ALA J 97 37.11 -23.16 14.76
C ALA J 97 36.32 -23.73 13.59
N ILE J 98 36.57 -23.22 12.38
CA ILE J 98 35.90 -23.73 11.20
C ILE J 98 36.33 -25.16 10.92
N GLY J 99 37.56 -25.51 11.33
CA GLY J 99 38.02 -26.87 11.14
C GLY J 99 37.17 -27.87 11.91
N LEU J 100 36.87 -27.58 13.17
CA LEU J 100 35.99 -28.45 13.94
C LEU J 100 34.60 -28.50 13.34
N VAL J 101 34.13 -27.36 12.80
CA VAL J 101 32.80 -27.32 12.19
C VAL J 101 32.74 -28.27 11.01
N VAL J 102 33.81 -28.35 10.23
CA VAL J 102 33.84 -29.28 9.10
C VAL J 102 33.83 -30.71 9.60
N LEU J 103 34.69 -31.02 10.57
CA LEU J 103 34.69 -32.35 11.17
C LEU J 103 33.36 -32.64 11.85
N PHE J 104 32.77 -31.63 12.49
CA PHE J 104 31.46 -31.78 13.09
C PHE J 104 30.40 -32.05 12.02
N THR J 105 30.50 -31.36 10.88
CA THR J 105 29.56 -31.62 9.80
C THR J 105 29.80 -32.98 9.19
N LEU J 106 31.06 -33.40 9.11
CA LEU J 106 31.39 -34.72 8.58
C LEU J 106 30.81 -35.82 9.47
N ALA J 107 30.89 -35.62 10.78
CA ALA J 107 30.34 -36.61 11.71
C ALA J 107 28.83 -36.70 11.57
N LEU J 108 28.16 -35.57 11.37
CA LEU J 108 26.71 -35.58 11.19
C LEU J 108 26.32 -36.35 9.94
N SER J 109 27.06 -36.15 8.85
CA SER J 109 26.73 -36.84 7.60
C SER J 109 27.00 -38.33 7.72
N LEU J 110 28.05 -38.71 8.44
CA LEU J 110 28.33 -40.13 8.64
C LEU J 110 27.24 -40.79 9.48
N TYR J 111 26.86 -40.16 10.59
CA TYR J 111 25.76 -40.67 11.39
C TYR J 111 24.46 -40.63 10.58
N ALA J 112 24.36 -39.71 9.63
CA ALA J 112 23.18 -39.65 8.77
C ALA J 112 23.22 -40.74 7.71
N ASN J 113 24.33 -40.83 6.98
CA ASN J 113 24.44 -41.80 5.89
C ASN J 113 24.34 -43.23 6.41
N SER J 114 24.81 -43.46 7.62
CA SER J 114 24.39 -44.65 8.36
C SER J 114 22.95 -44.46 8.79
N ASN J 115 22.10 -45.41 8.41
CA ASN J 115 20.68 -45.31 8.74
C ASN J 115 20.50 -45.16 10.25
N PRO J 116 20.13 -43.97 10.75
CA PRO J 116 20.10 -43.79 12.21
C PRO J 116 19.00 -44.62 12.84
N PRO J 117 19.17 -45.02 14.10
CA PRO J 117 18.19 -45.93 14.73
C PRO J 117 16.85 -45.31 15.08
N THR J 118 16.85 -44.17 15.80
CA THR J 118 15.64 -43.53 16.32
C THR J 118 15.99 -42.19 16.99
N ALA J 119 14.98 -41.38 17.27
CA ALA J 119 15.08 -40.25 18.19
C ALA J 119 14.14 -40.52 19.36
N LEU J 120 14.69 -40.45 20.57
CA LEU J 120 14.00 -40.99 21.73
C LEU J 120 13.20 -39.92 22.46
N ALA J 121 12.23 -40.39 23.25
CA ALA J 121 11.36 -39.55 24.05
C ALA J 121 11.69 -39.75 25.53
N SER J 122 11.63 -38.66 26.29
CA SER J 122 11.98 -38.66 27.70
C SER J 122 10.97 -37.83 28.49
N VAL J 123 11.23 -37.72 29.80
CA VAL J 123 10.33 -36.98 30.66
C VAL J 123 10.38 -35.49 30.34
N THR J 124 11.58 -34.95 30.15
CA THR J 124 11.74 -33.52 29.93
C THR J 124 11.07 -33.09 28.63
N VAL J 125 11.00 -34.00 27.65
CA VAL J 125 10.32 -33.77 26.38
C VAL J 125 9.46 -34.99 26.05
N PRO J 126 8.15 -34.98 26.34
CA PRO J 126 7.38 -36.22 26.13
C PRO J 126 7.23 -36.59 24.68
N ASN J 127 6.92 -35.64 23.81
CA ASN J 127 6.77 -35.93 22.40
C ASN J 127 8.13 -36.25 21.79
N PRO J 128 8.19 -36.99 20.69
CA PRO J 128 9.43 -37.06 19.93
C PRO J 128 9.82 -35.69 19.43
N PRO J 129 11.11 -35.45 19.20
CA PRO J 129 11.54 -34.07 18.88
C PRO J 129 10.99 -33.53 17.58
N ASP J 130 11.27 -34.22 16.47
CA ASP J 130 11.07 -33.67 15.14
C ASP J 130 11.29 -34.80 14.15
N ALA J 131 11.42 -34.47 12.87
CA ALA J 131 11.75 -35.44 11.84
C ALA J 131 13.27 -35.65 11.74
N PHE J 132 13.87 -35.96 12.88
CA PHE J 132 15.24 -36.45 12.95
C PHE J 132 15.30 -37.97 12.91
N GLN J 133 14.18 -38.64 12.64
CA GLN J 133 14.11 -40.09 12.61
C GLN J 133 14.37 -40.66 11.22
N SER J 134 14.95 -39.88 10.32
CA SER J 134 15.11 -40.26 8.93
C SER J 134 16.47 -39.86 8.42
N LYS J 135 16.89 -40.51 7.34
CA LYS J 135 18.15 -40.21 6.69
C LYS J 135 18.16 -38.80 6.10
N GLU J 136 16.98 -38.32 5.68
CA GLU J 136 16.91 -37.04 4.99
C GLU J 136 17.01 -35.87 5.97
N GLY J 137 16.38 -35.98 7.13
CA GLY J 137 16.37 -34.88 8.07
C GLY J 137 17.74 -34.59 8.64
N TRP J 138 18.50 -35.63 8.94
CA TRP J 138 19.84 -35.44 9.50
C TRP J 138 20.78 -34.81 8.48
N ASN J 139 20.59 -35.11 7.20
CA ASN J 139 21.45 -34.53 6.17
C ASN J 139 21.25 -33.03 6.06
N ASN J 140 20.00 -32.59 6.08
CA ASN J 140 19.72 -31.16 6.04
C ASN J 140 20.26 -30.46 7.27
N PHE J 141 20.21 -31.15 8.42
CA PHE J 141 20.77 -30.59 9.65
C PHE J 141 22.27 -30.35 9.50
N ALA J 142 22.97 -31.26 8.83
CA ALA J 142 24.41 -31.14 8.68
C ALA J 142 24.78 -29.96 7.80
N SER J 143 24.07 -29.80 6.68
CA SER J 143 24.35 -28.68 5.78
C SER J 143 24.08 -27.34 6.47
N ALA J 144 23.12 -27.32 7.40
CA ALA J 144 22.82 -26.09 8.11
C ALA J 144 23.88 -25.80 9.18
N PHE J 145 24.40 -26.85 9.82
CA PHE J 145 25.41 -26.67 10.85
C PHE J 145 26.65 -26.00 10.28
N LEU J 146 27.03 -26.36 9.06
CA LEU J 146 28.26 -25.83 8.47
C LEU J 146 28.10 -24.36 8.13
N ILE J 147 26.91 -23.96 7.71
CA ILE J 147 26.68 -22.56 7.34
C ILE J 147 26.69 -21.69 8.58
N GLY J 148 25.91 -22.05 9.59
CA GLY J 148 25.90 -21.30 10.83
C GLY J 148 27.24 -21.35 11.54
N GLY J 149 27.90 -22.51 11.50
CA GLY J 149 29.17 -22.65 12.19
C GLY J 149 30.24 -21.72 11.64
N ILE J 150 30.29 -21.58 10.32
CA ILE J 150 31.24 -20.65 9.72
C ILE J 150 30.82 -19.21 9.97
N GLY J 151 29.50 -18.96 10.01
CA GLY J 151 29.03 -17.62 10.27
C GLY J 151 29.28 -17.17 11.70
N GLY J 152 29.01 -18.05 12.66
CA GLY J 152 29.21 -17.70 14.06
C GLY J 152 30.65 -17.40 14.39
N ALA J 153 31.57 -18.18 13.82
CA ALA J 153 32.99 -17.95 14.09
C ALA J 153 33.46 -16.64 13.48
N VAL J 154 32.93 -16.28 12.31
CA VAL J 154 33.27 -15.00 11.70
C VAL J 154 32.75 -13.86 12.56
N VAL J 155 31.56 -14.03 13.14
CA VAL J 155 30.98 -13.00 13.99
C VAL J 155 31.85 -12.80 15.22
N ALA J 156 32.27 -13.90 15.85
CA ALA J 156 33.17 -13.79 17.00
C ALA J 156 34.50 -13.19 16.59
N TYR J 157 34.95 -13.46 15.37
CA TYR J 157 36.22 -12.90 14.89
C TYR J 157 36.09 -11.39 14.71
N PHE J 158 34.97 -10.95 14.14
CA PHE J 158 34.78 -9.54 13.85
C PHE J 158 34.65 -8.72 15.12
N LEU J 159 33.90 -9.23 16.09
CA LEU J 159 33.67 -8.48 17.33
C LEU J 159 34.94 -8.39 18.15
N THR J 160 35.62 -9.53 18.34
CA THR J 160 36.81 -9.54 19.18
C THR J 160 37.95 -8.73 18.57
N SER J 161 38.20 -8.90 17.28
CA SER J 161 39.27 -8.15 16.63
C SER J 161 38.95 -6.66 16.58
N ASN J 162 37.69 -6.32 16.37
CA ASN J 162 37.23 -4.94 16.33
C ASN J 162 36.65 -4.47 17.66
N LEU J 163 37.10 -5.06 18.77
CA LEU J 163 36.54 -4.72 20.07
C LEU J 163 37.01 -3.35 20.53
N ALA J 164 38.25 -2.99 20.20
CA ALA J 164 38.79 -1.70 20.64
C ALA J 164 37.98 -0.54 20.06
N LEU J 165 37.61 -0.64 18.78
CA LEU J 165 36.78 0.40 18.18
C LEU J 165 35.39 0.42 18.81
N ILE J 166 34.91 -0.73 19.28
CA ILE J 166 33.61 -0.82 19.92
C ILE J 166 33.73 -0.30 21.35
N SER K 1 74.78 -34.76 -2.41
CA SER K 1 74.18 -34.54 -1.10
C SER K 1 72.77 -35.09 -1.05
N SER K 2 72.03 -34.91 -2.15
CA SER K 2 70.66 -35.38 -2.23
C SER K 2 70.30 -35.65 -3.68
N ILE K 3 69.30 -36.52 -3.86
CA ILE K 3 68.84 -36.85 -5.21
C ILE K 3 68.17 -35.64 -5.83
N SER K 4 68.30 -35.50 -7.14
CA SER K 4 67.65 -34.42 -7.85
C SER K 4 66.13 -34.52 -7.73
N ASP K 5 65.47 -33.42 -8.07
CA ASP K 5 64.02 -33.33 -7.92
C ASP K 5 63.31 -34.23 -8.91
N THR K 6 63.73 -34.21 -10.17
CA THR K 6 63.08 -35.00 -11.22
C THR K 6 63.18 -36.48 -10.92
N GLN K 7 64.29 -36.92 -10.32
CA GLN K 7 64.41 -38.30 -9.91
C GLN K 7 63.39 -38.64 -8.84
N VAL K 8 63.22 -37.76 -7.85
CA VAL K 8 62.27 -38.01 -6.77
C VAL K 8 60.85 -38.05 -7.29
N TYR K 9 60.53 -37.19 -8.27
CA TYR K 9 59.19 -37.21 -8.86
C TYR K 9 58.94 -38.51 -9.60
N ILE K 10 59.99 -39.06 -10.24
CA ILE K 10 59.83 -40.30 -10.99
C ILE K 10 59.52 -41.45 -10.06
N ALA K 11 60.15 -41.49 -8.89
CA ALA K 11 59.95 -42.60 -7.96
C ALA K 11 58.51 -42.64 -7.47
N LEU K 12 57.87 -41.48 -7.36
CA LEU K 12 56.47 -41.45 -6.94
C LEU K 12 55.56 -41.97 -8.04
N VAL K 13 55.85 -41.59 -9.29
CA VAL K 13 55.04 -42.06 -10.42
C VAL K 13 55.16 -43.56 -10.57
N VAL K 14 56.36 -44.10 -10.33
CA VAL K 14 56.55 -45.55 -10.37
C VAL K 14 55.82 -46.20 -9.20
N ALA K 15 55.62 -45.49 -8.10
CA ALA K 15 55.01 -46.08 -6.92
C ALA K 15 53.53 -46.39 -7.14
N LEU K 16 52.90 -45.80 -8.16
CA LEU K 16 51.50 -46.08 -8.40
C LEU K 16 51.30 -47.51 -8.91
N ILE K 17 52.32 -48.06 -9.59
CA ILE K 17 52.16 -49.39 -10.19
C ILE K 17 52.05 -50.47 -9.12
N PRO K 18 52.90 -50.52 -8.09
CA PRO K 18 52.62 -51.45 -6.99
C PRO K 18 51.31 -51.14 -6.29
N GLY K 19 50.98 -49.86 -6.11
CA GLY K 19 49.75 -49.51 -5.42
C GLY K 19 48.52 -49.93 -6.18
N LEU K 20 48.53 -49.78 -7.50
CA LEU K 20 47.40 -50.22 -8.31
C LEU K 20 47.22 -51.73 -8.21
N LEU K 21 48.31 -52.48 -8.40
CA LEU K 21 48.21 -53.93 -8.35
C LEU K 21 47.89 -54.41 -6.95
N ALA K 22 48.37 -53.69 -5.92
CA ALA K 22 48.03 -54.04 -4.55
C ALA K 22 46.54 -53.88 -4.31
N TRP K 23 45.93 -52.83 -4.87
CA TRP K 23 44.50 -52.64 -4.73
C TRP K 23 43.73 -53.73 -5.47
N ARG K 24 44.20 -54.11 -6.66
CA ARG K 24 43.52 -55.15 -7.42
C ARG K 24 43.70 -56.51 -6.77
N LEU K 25 44.88 -56.77 -6.20
CA LEU K 25 45.12 -58.00 -5.49
C LEU K 25 44.20 -58.13 -4.29
N ALA K 26 44.06 -57.05 -3.52
CA ALA K 26 43.26 -57.10 -2.30
C ALA K 26 41.78 -57.35 -2.61
N THR K 27 41.22 -56.60 -3.56
CA THR K 27 39.81 -56.75 -3.89
C THR K 27 39.52 -58.14 -4.43
N GLU K 28 40.51 -58.77 -5.07
CA GLU K 28 40.33 -60.14 -5.54
C GLU K 28 40.22 -61.10 -4.36
N LEU K 29 41.02 -60.89 -3.32
CA LEU K 29 41.03 -61.80 -2.18
C LEU K 29 39.72 -61.74 -1.42
N TYR K 30 39.09 -60.55 -1.36
CA TYR K 30 37.88 -60.39 -0.56
C TYR K 30 36.72 -61.20 -1.15
N LYS K 31 36.76 -61.48 -2.45
CA LYS K 31 35.71 -62.25 -3.09
C LYS K 31 35.73 -63.70 -2.60
N LYS L 1 38.87 -95.70 24.44
CA LYS L 1 39.81 -96.80 24.63
C LYS L 1 40.53 -97.14 23.33
N ILE L 2 40.77 -96.12 22.51
CA ILE L 2 41.44 -96.34 21.23
C ILE L 2 42.93 -96.53 21.44
N SER L 3 43.60 -95.54 22.03
CA SER L 3 45.02 -95.58 22.29
C SER L 3 45.27 -95.92 23.75
N PRO L 4 46.09 -96.95 24.06
CA PRO L 4 46.43 -97.16 25.48
C PRO L 4 47.37 -96.07 25.96
N VAL L 5 47.11 -95.60 27.19
CA VAL L 5 47.86 -94.47 27.71
C VAL L 5 49.27 -94.89 28.14
N ALA L 6 49.48 -96.19 28.36
CA ALA L 6 50.77 -96.73 28.74
C ALA L 6 51.41 -97.45 27.55
N ASN L 7 52.72 -97.29 27.39
CA ASN L 7 53.45 -97.96 26.34
C ASN L 7 53.70 -99.43 26.69
N THR L 8 53.98 -100.22 25.66
CA THR L 8 54.27 -101.64 25.79
C THR L 8 55.40 -102.02 24.85
N GLY L 9 55.92 -103.24 25.03
CA GLY L 9 56.83 -103.84 24.07
C GLY L 9 58.31 -103.64 24.34
N ALA L 10 58.80 -103.96 25.54
CA ALA L 10 60.21 -103.87 25.83
C ALA L 10 60.59 -104.85 26.94
N LYS L 11 61.83 -105.30 26.89
CA LYS L 11 62.34 -106.30 27.82
C LYS L 11 63.21 -105.64 28.90
N PRO L 12 63.56 -106.37 29.96
CA PRO L 12 64.31 -105.75 31.08
C PRO L 12 65.63 -105.12 30.66
N PRO L 13 66.48 -105.79 29.87
CA PRO L 13 67.83 -105.20 29.64
C PRO L 13 67.81 -103.87 28.91
N TYR L 14 66.90 -103.67 27.96
CA TYR L 14 66.85 -102.44 27.15
C TYR L 14 68.18 -102.22 26.43
N THR L 15 68.51 -103.14 25.53
CA THR L 15 69.83 -103.14 24.90
C THR L 15 70.00 -101.94 23.98
N PHE L 16 69.02 -101.67 23.13
CA PHE L 16 69.16 -100.60 22.15
C PHE L 16 69.28 -99.24 22.81
N ARG L 17 68.49 -99.01 23.86
CA ARG L 17 68.58 -97.75 24.60
C ARG L 17 69.96 -97.58 25.23
N THR L 18 70.47 -98.65 25.84
CA THR L 18 71.72 -98.55 26.60
C THR L 18 72.91 -98.35 25.69
N GLY L 19 72.89 -98.96 24.50
CA GLY L 19 74.03 -98.89 23.61
C GLY L 19 74.32 -97.47 23.14
N TRP L 20 73.27 -96.73 22.76
CA TRP L 20 73.46 -95.36 22.31
C TRP L 20 73.76 -94.44 23.49
N ALA L 21 73.19 -94.74 24.66
CA ALA L 21 73.44 -93.91 25.83
C ALA L 21 74.89 -94.01 26.29
N LEU L 22 75.42 -95.23 26.38
CA LEU L 22 76.80 -95.41 26.79
C LEU L 22 77.76 -94.77 25.79
N LEU L 23 77.39 -94.74 24.51
CA LEU L 23 78.20 -94.05 23.52
C LEU L 23 78.25 -92.56 23.80
N LEU L 24 77.08 -91.95 24.02
CA LEU L 24 77.05 -90.52 24.34
C LEU L 24 77.79 -90.23 25.63
N LEU L 25 77.74 -91.16 26.58
CA LEU L 25 78.50 -91.00 27.81
C LEU L 25 80.00 -91.09 27.57
N ALA L 26 80.41 -91.86 26.57
CA ALA L 26 81.84 -92.04 26.30
C ALA L 26 82.44 -90.78 25.70
N VAL L 27 81.68 -90.07 24.88
CA VAL L 27 82.19 -88.82 24.31
C VAL L 27 82.38 -87.78 25.40
N ASN L 28 81.47 -87.75 26.37
CA ASN L 28 81.61 -86.81 27.47
C ASN L 28 82.85 -87.09 28.29
N PHE L 29 83.13 -88.37 28.56
CA PHE L 29 84.36 -88.73 29.27
C PHE L 29 85.58 -88.36 28.44
N LEU L 30 85.47 -88.47 27.12
CA LEU L 30 86.60 -88.15 26.26
C LEU L 30 86.91 -86.65 26.30
N VAL L 31 85.87 -85.82 26.21
CA VAL L 31 86.07 -84.37 26.28
C VAL L 31 86.60 -83.99 27.66
N ALA L 32 86.15 -84.69 28.71
CA ALA L 32 86.68 -84.45 30.04
C ALA L 32 88.15 -84.84 30.12
N ALA L 33 88.52 -85.95 29.48
CA ALA L 33 89.92 -86.36 29.45
C ALA L 33 90.78 -85.31 28.75
N TYR L 34 90.23 -84.62 27.77
CA TYR L 34 90.95 -83.52 27.13
C TYR L 34 91.02 -82.30 28.05
N TYR L 35 90.02 -82.12 28.92
CA TYR L 35 90.03 -80.99 29.83
C TYR L 35 91.06 -81.15 30.94
N PHE L 36 91.11 -82.34 31.54
CA PHE L 36 92.08 -82.62 32.59
C PHE L 36 93.49 -82.88 32.07
N HIS L 37 93.71 -82.77 30.76
CA HIS L 37 95.01 -83.04 30.14
C HIS L 37 95.48 -84.47 30.38
N ILE L 38 94.54 -85.40 30.55
CA ILE L 38 94.90 -86.81 30.65
C ILE L 38 95.45 -87.31 29.31
N ILE L 39 94.92 -86.79 28.21
CA ILE L 39 95.35 -87.16 26.87
C ILE L 39 96.29 -86.09 26.34
N LYS M 1 -44.53 22.87 -84.36
CA LYS M 1 -44.99 22.84 -82.97
C LYS M 1 -45.11 24.24 -82.37
N ALA M 2 -44.34 25.20 -82.92
CA ALA M 2 -44.46 26.61 -82.57
C ALA M 2 -45.25 27.36 -83.64
N ARG M 3 -46.09 26.67 -84.39
CA ARG M 3 -46.82 27.27 -85.49
C ARG M 3 -47.78 28.34 -84.99
N VAL M 4 -48.24 29.17 -85.91
CA VAL M 4 -49.18 30.24 -85.61
C VAL M 4 -50.59 29.72 -85.88
N ILE M 5 -51.38 29.58 -84.83
CA ILE M 5 -52.78 29.19 -84.92
C ILE M 5 -53.61 30.35 -84.38
N VAL M 6 -54.60 30.78 -85.15
CA VAL M 6 -55.40 31.97 -84.85
C VAL M 6 -56.85 31.67 -85.15
N ASP M 7 -57.72 31.94 -84.18
CA ASP M 7 -59.15 31.86 -84.39
C ASP M 7 -59.64 33.14 -85.06
N LYS M 8 -60.62 32.99 -85.95
CA LYS M 8 -61.13 34.09 -86.75
C LYS M 8 -62.53 34.48 -86.27
N ASP M 9 -62.71 35.77 -86.04
CA ASP M 9 -63.94 36.32 -85.48
C ASP M 9 -64.36 35.63 -84.18
N PRO M 10 -63.52 35.70 -83.13
CA PRO M 10 -63.95 35.16 -81.84
C PRO M 10 -65.20 35.81 -81.28
N VAL M 11 -65.17 37.12 -81.08
CA VAL M 11 -66.26 37.87 -80.44
C VAL M 11 -66.66 39.04 -81.33
N PRO M 12 -67.92 39.48 -81.34
CA PRO M 12 -68.25 40.68 -82.09
C PRO M 12 -67.70 41.94 -81.43
N THR M 13 -68.05 43.09 -82.02
CA THR M 13 -67.66 44.39 -81.51
C THR M 13 -68.87 45.30 -81.28
N SER M 14 -69.92 44.78 -80.67
CA SER M 14 -71.12 45.59 -80.42
C SER M 14 -70.96 46.42 -79.16
N PHE M 15 -71.72 47.51 -79.10
CA PHE M 15 -71.69 48.43 -77.97
C PHE M 15 -72.67 48.04 -76.86
N GLU M 16 -73.43 46.96 -77.02
CA GLU M 16 -74.49 46.67 -76.06
C GLU M 16 -73.93 46.25 -74.71
N LYS M 17 -72.78 45.57 -74.69
CA LYS M 17 -72.23 45.12 -73.42
C LYS M 17 -71.78 46.28 -72.56
N TRP M 18 -71.48 47.43 -73.17
CA TRP M 18 -71.19 48.62 -72.39
C TRP M 18 -72.40 49.02 -71.55
N ALA M 19 -73.58 48.99 -72.17
CA ALA M 19 -74.81 49.34 -71.45
C ALA M 19 -75.11 48.34 -70.34
N GLN M 20 -74.70 47.08 -70.52
CA GLN M 20 -74.92 46.03 -69.55
C GLN M 20 -73.74 45.95 -68.58
N PRO M 21 -73.82 46.48 -67.36
CA PRO M 21 -72.66 46.44 -66.48
C PRO M 21 -72.63 45.15 -65.68
N GLY M 22 -71.40 44.72 -65.35
CA GLY M 22 -71.21 43.45 -64.70
C GLY M 22 -71.44 42.25 -65.60
N HIS M 23 -71.36 42.44 -66.92
CA HIS M 23 -71.55 41.34 -67.86
C HIS M 23 -70.50 40.25 -67.66
N PHE M 24 -69.29 40.64 -67.25
CA PHE M 24 -68.18 39.68 -67.20
C PHE M 24 -68.42 38.60 -66.15
N ASP M 25 -69.13 38.93 -65.08
CA ASP M 25 -69.43 37.99 -64.00
C ASP M 25 -70.92 37.69 -63.99
N ARG M 26 -71.26 36.47 -63.56
CA ARG M 26 -72.66 36.04 -63.58
C ARG M 26 -73.44 36.68 -62.44
N THR M 27 -72.87 36.69 -61.23
CA THR M 27 -73.57 37.26 -60.08
C THR M 27 -73.81 38.75 -60.27
N LEU M 28 -72.81 39.46 -60.77
CA LEU M 28 -72.96 40.90 -60.97
C LEU M 28 -73.91 41.20 -62.13
N ALA M 29 -74.01 40.28 -63.08
CA ALA M 29 -74.87 40.52 -64.24
C ALA M 29 -76.34 40.54 -63.87
N ARG M 30 -76.70 39.95 -62.72
CA ARG M 30 -78.11 39.91 -62.33
C ARG M 30 -78.64 41.31 -62.07
N GLY M 31 -78.07 42.03 -61.12
CA GLY M 31 -78.45 43.39 -60.87
C GLY M 31 -77.82 43.98 -59.62
N PRO M 32 -77.89 45.31 -59.47
CA PRO M 32 -77.32 45.99 -58.29
C PRO M 32 -78.30 46.09 -57.13
N LYS M 33 -78.43 45.01 -56.36
CA LYS M 33 -79.37 45.01 -55.25
C LYS M 33 -78.83 45.82 -54.07
N THR M 34 -77.51 45.98 -53.97
CA THR M 34 -76.87 46.73 -52.90
C THR M 34 -75.71 47.53 -53.44
N THR M 35 -75.17 48.41 -52.58
CA THR M 35 -74.05 49.24 -52.99
C THR M 35 -72.74 48.46 -53.08
N THR M 36 -72.65 47.30 -52.41
CA THR M 36 -71.44 46.49 -52.53
C THR M 36 -71.25 45.97 -53.93
N TRP M 37 -72.34 45.88 -54.71
CA TRP M 37 -72.22 45.52 -56.12
C TRP M 37 -71.34 46.51 -56.86
N ILE M 38 -71.42 47.80 -56.51
CA ILE M 38 -70.63 48.82 -57.19
C ILE M 38 -69.15 48.60 -56.91
N TRP M 39 -68.79 48.42 -55.64
CA TRP M 39 -67.38 48.22 -55.29
C TRP M 39 -66.87 46.91 -55.87
N ASN M 40 -67.73 45.89 -55.94
CA ASN M 40 -67.32 44.60 -56.49
C ASN M 40 -67.16 44.67 -58.01
N LEU M 41 -67.85 45.60 -58.66
CA LEU M 41 -67.72 45.78 -60.10
C LEU M 41 -66.29 46.14 -60.48
N HIS M 42 -65.65 46.98 -59.66
CA HIS M 42 -64.28 47.39 -59.95
C HIS M 42 -63.28 46.32 -59.50
N ALA M 43 -63.54 45.69 -58.35
CA ALA M 43 -62.58 44.77 -57.78
C ALA M 43 -62.45 43.49 -58.60
N LEU M 44 -63.41 43.21 -59.49
CA LEU M 44 -63.40 42.03 -60.33
C LEU M 44 -63.29 42.34 -61.81
N ALA M 45 -63.04 43.60 -62.18
CA ALA M 45 -63.02 43.96 -63.59
C ALA M 45 -61.84 43.32 -64.31
N HIS M 46 -60.68 43.30 -63.67
CA HIS M 46 -59.46 42.79 -64.26
C HIS M 46 -59.16 41.35 -63.85
N ASP M 47 -59.94 40.76 -62.95
CA ASP M 47 -59.71 39.38 -62.50
C ASP M 47 -60.38 38.46 -63.51
N PHE M 48 -59.69 38.21 -64.63
CA PHE M 48 -60.27 37.40 -65.69
C PHE M 48 -60.38 35.93 -65.30
N ASP M 49 -59.60 35.49 -64.30
CA ASP M 49 -59.68 34.11 -63.87
C ASP M 49 -61.05 33.79 -63.29
N THR M 50 -61.71 34.77 -62.69
CA THR M 50 -63.02 34.54 -62.09
C THR M 50 -64.12 34.59 -63.15
N HIS M 51 -63.91 35.34 -64.23
CA HIS M 51 -64.96 35.52 -65.22
C HIS M 51 -65.26 34.21 -65.94
N THR M 52 -64.22 33.47 -66.30
CA THR M 52 -64.36 32.25 -67.09
C THR M 52 -63.41 31.19 -66.53
N SER M 53 -63.84 29.93 -66.64
CA SER M 53 -62.99 28.80 -66.34
C SER M 53 -62.14 28.36 -67.53
N ASP M 54 -62.18 29.11 -68.64
CA ASP M 54 -61.46 28.76 -69.86
C ASP M 54 -60.16 29.56 -69.93
N LEU M 55 -59.04 28.84 -69.96
CA LEU M 55 -57.74 29.51 -69.96
C LEU M 55 -57.52 30.30 -71.25
N GLU M 56 -58.05 29.79 -72.37
CA GLU M 56 -57.84 30.45 -73.65
C GLU M 56 -58.45 31.84 -73.67
N ASP M 57 -59.68 31.96 -73.17
CA ASP M 57 -60.33 33.27 -73.13
C ASP M 57 -59.60 34.20 -72.17
N ILE M 58 -59.04 33.64 -71.09
CA ILE M 58 -58.27 34.45 -70.15
C ILE M 58 -57.01 34.98 -70.82
N SER M 59 -56.32 34.13 -71.57
CA SER M 59 -55.07 34.54 -72.19
C SER M 59 -55.30 35.59 -73.26
N ARG M 60 -56.40 35.45 -74.03
CA ARG M 60 -56.70 36.42 -75.07
C ARG M 60 -57.01 37.79 -74.47
N LYS M 61 -57.74 37.81 -73.35
CA LYS M 61 -58.02 39.05 -72.67
C LYS M 61 -56.74 39.73 -72.20
N ILE M 62 -55.81 38.93 -71.69
CA ILE M 62 -54.57 39.49 -71.14
C ILE M 62 -53.70 40.05 -72.26
N PHE M 63 -53.56 39.29 -73.34
CA PHE M 63 -52.72 39.72 -74.45
C PHE M 63 -53.24 41.02 -75.07
N ALA M 64 -54.57 41.15 -75.15
CA ALA M 64 -55.15 42.36 -75.69
C ALA M 64 -55.07 43.50 -74.68
N ALA M 65 -55.16 43.18 -73.39
CA ALA M 65 -55.11 44.21 -72.36
C ALA M 65 -53.77 44.91 -72.32
N HIS M 66 -52.68 44.17 -72.57
CA HIS M 66 -51.36 44.78 -72.58
C HIS M 66 -51.24 45.83 -73.67
N PHE M 67 -51.87 45.59 -74.82
CA PHE M 67 -51.77 46.53 -75.93
C PHE M 67 -52.42 47.87 -75.57
N GLY M 68 -53.59 47.82 -74.95
CA GLY M 68 -54.22 49.06 -74.50
C GLY M 68 -53.40 49.77 -73.46
N HIS M 69 -52.63 49.02 -72.68
CA HIS M 69 -51.76 49.62 -71.67
C HIS M 69 -50.59 50.35 -72.32
N LEU M 70 -49.99 49.75 -73.35
CA LEU M 70 -48.89 50.41 -74.04
C LEU M 70 -49.36 51.70 -74.70
N ALA M 71 -50.62 51.74 -75.13
CA ALA M 71 -51.17 52.99 -75.64
C ALA M 71 -51.13 54.08 -74.60
N VAL M 72 -51.41 53.72 -73.34
CA VAL M 72 -51.38 54.71 -72.26
C VAL M 72 -49.96 55.21 -72.03
N VAL M 73 -48.98 54.29 -71.99
CA VAL M 73 -47.61 54.68 -71.72
C VAL M 73 -47.06 55.52 -72.86
N THR M 74 -47.38 55.15 -74.10
CA THR M 74 -46.94 55.92 -75.25
C THR M 74 -47.58 57.30 -75.27
N ILE M 75 -48.86 57.37 -74.91
CA ILE M 75 -49.54 58.67 -74.85
C ILE M 75 -48.92 59.52 -73.74
N TRP M 76 -48.59 58.89 -72.62
CA TRP M 76 -47.93 59.62 -71.54
C TRP M 76 -46.56 60.10 -71.97
N LEU M 77 -45.84 59.27 -72.73
CA LEU M 77 -44.52 59.67 -73.21
C LEU M 77 -44.63 60.68 -74.34
N SER M 78 -45.61 60.50 -75.24
CA SER M 78 -45.76 61.44 -76.33
C SER M 78 -46.09 62.84 -75.83
N GLY M 79 -46.82 62.92 -74.71
CA GLY M 79 -47.11 64.23 -74.14
C GLY M 79 -45.90 64.85 -73.46
N MET M 80 -45.03 64.01 -72.90
CA MET M 80 -43.81 64.50 -72.28
C MET M 80 -42.93 65.21 -73.28
N ILE M 81 -42.64 64.55 -74.40
CA ILE M 81 -41.84 65.16 -75.46
C ILE M 81 -42.57 66.35 -76.06
N PHE M 82 -43.91 66.35 -76.02
CA PHE M 82 -44.65 67.48 -76.55
C PHE M 82 -44.47 68.73 -75.70
N HIS M 83 -44.56 68.58 -74.38
CA HIS M 83 -44.38 69.73 -73.50
C HIS M 83 -42.98 70.30 -73.63
N GLY M 84 -41.99 69.45 -73.89
CA GLY M 84 -40.65 69.93 -74.12
C GLY M 84 -40.56 70.79 -75.37
N ALA M 85 -41.46 70.57 -76.32
CA ALA M 85 -41.43 71.34 -77.57
C ALA M 85 -42.06 72.71 -77.39
N LYS M 86 -43.30 72.74 -76.89
CA LYS M 86 -44.08 73.97 -76.82
C LYS M 86 -43.91 74.71 -75.50
N PHE M 87 -44.29 74.08 -74.39
CA PHE M 87 -44.25 74.71 -73.07
C PHE M 87 -43.00 74.28 -72.31
N SER M 88 -41.87 74.89 -72.67
CA SER M 88 -40.59 74.50 -72.09
C SER M 88 -39.53 75.54 -72.40
N ASN M 89 -38.44 75.45 -71.65
CA ASN M 89 -37.23 76.25 -71.85
C ASN M 89 -36.06 75.41 -72.34
N TYR M 90 -36.33 74.36 -73.11
CA TYR M 90 -35.29 73.42 -73.51
C TYR M 90 -34.22 74.09 -74.35
N GLU M 91 -34.64 74.98 -75.27
CA GLU M 91 -33.68 75.61 -76.16
C GLU M 91 -32.73 76.52 -75.39
N ALA M 92 -33.21 77.11 -74.29
CA ALA M 92 -32.36 77.97 -73.48
C ALA M 92 -31.47 77.14 -72.55
N TRP M 93 -31.98 76.00 -72.08
CA TRP M 93 -31.19 75.13 -71.22
C TRP M 93 -29.99 74.57 -71.95
N LEU M 94 -30.11 74.37 -73.26
CA LEU M 94 -29.02 73.79 -74.04
C LEU M 94 -27.81 74.70 -74.07
N SER M 95 -28.04 76.02 -74.17
CA SER M 95 -26.92 76.96 -74.26
C SER M 95 -26.27 77.19 -72.92
N ASP M 96 -27.05 77.18 -71.83
CA ASP M 96 -26.56 77.47 -70.48
C ASP M 96 -27.19 76.47 -69.52
N PRO M 97 -26.75 75.22 -69.57
CA PRO M 97 -27.41 74.20 -68.72
C PRO M 97 -27.16 74.38 -67.23
N LEU M 98 -25.99 74.91 -66.85
CA LEU M 98 -25.65 74.99 -65.44
C LEU M 98 -26.46 76.08 -64.73
N ASN M 99 -26.54 77.26 -65.33
CA ASN M 99 -27.16 78.42 -64.69
C ASN M 99 -28.63 78.58 -65.04
N VAL M 100 -29.25 77.61 -65.72
CA VAL M 100 -30.66 77.66 -66.09
C VAL M 100 -31.33 76.41 -65.55
N ARG M 101 -32.47 76.60 -64.91
CA ARG M 101 -33.23 75.49 -64.35
C ARG M 101 -34.18 74.92 -65.40
N PRO M 102 -34.48 73.61 -65.35
CA PRO M 102 -35.38 73.04 -66.35
C PRO M 102 -36.85 73.15 -65.96
N SER M 103 -37.69 73.60 -66.90
CA SER M 103 -39.12 73.71 -66.68
C SER M 103 -39.86 73.23 -67.91
N ALA M 104 -41.05 72.67 -67.69
CA ALA M 104 -41.87 72.13 -68.76
C ALA M 104 -43.37 72.41 -68.61
N GLN M 105 -43.76 73.24 -67.65
CA GLN M 105 -45.18 73.53 -67.39
C GLN M 105 -45.40 75.03 -67.32
N VAL M 106 -46.63 75.44 -67.63
CA VAL M 106 -47.03 76.84 -67.57
C VAL M 106 -48.45 76.85 -67.00
N VAL M 107 -48.59 77.20 -65.72
CA VAL M 107 -49.92 77.37 -65.16
C VAL M 107 -50.55 78.63 -65.72
N TRP M 108 -51.87 78.61 -65.89
CA TRP M 108 -52.52 79.67 -66.63
C TRP M 108 -52.79 80.88 -65.73
N PRO M 109 -52.94 82.08 -66.32
CA PRO M 109 -53.19 83.29 -65.51
C PRO M 109 -54.65 83.43 -65.08
N ILE M 110 -54.97 82.66 -64.05
CA ILE M 110 -56.29 82.59 -63.44
C ILE M 110 -56.07 82.80 -61.94
N VAL M 111 -57.03 82.38 -61.10
CA VAL M 111 -57.27 82.83 -59.73
C VAL M 111 -56.03 83.17 -58.89
N GLY M 112 -54.85 82.68 -59.27
CA GLY M 112 -53.62 82.94 -58.54
C GLY M 112 -52.61 81.83 -58.54
N GLN M 113 -52.78 80.86 -59.44
CA GLN M 113 -51.74 79.89 -59.73
C GLN M 113 -50.47 80.55 -60.27
N ASP M 114 -50.60 81.72 -60.90
CA ASP M 114 -49.53 82.33 -61.69
C ASP M 114 -48.24 82.53 -60.91
N ILE M 115 -48.32 82.59 -59.58
CA ILE M 115 -47.11 82.62 -58.76
C ILE M 115 -46.29 81.35 -58.96
N LEU M 116 -46.94 80.23 -59.28
CA LEU M 116 -46.22 78.99 -59.49
C LEU M 116 -45.34 79.05 -60.73
N ASN M 117 -45.70 79.87 -61.71
CA ASN M 117 -44.86 80.12 -62.88
C ASN M 117 -43.68 81.01 -62.46
N GLY M 118 -42.74 80.39 -61.76
CA GLY M 118 -41.58 81.10 -61.27
C GLY M 118 -40.48 81.22 -62.29
N ASP M 119 -39.58 82.17 -62.04
CA ASP M 119 -38.48 82.43 -62.96
C ASP M 119 -37.46 81.30 -62.86
N VAL M 120 -37.46 80.41 -63.85
CA VAL M 120 -36.54 79.29 -63.90
C VAL M 120 -35.37 79.53 -64.83
N GLY M 121 -35.22 80.74 -65.37
CA GLY M 121 -34.17 81.04 -66.31
C GLY M 121 -34.57 80.71 -67.75
N GLY M 122 -33.95 81.43 -68.68
CA GLY M 122 -34.23 81.25 -70.09
C GLY M 122 -35.44 82.01 -70.59
N GLY M 123 -35.88 83.05 -69.88
CA GLY M 123 -37.05 83.79 -70.29
C GLY M 123 -38.35 83.05 -70.16
N PHE M 124 -38.37 81.94 -69.41
CA PHE M 124 -39.56 81.10 -69.25
C PHE M 124 -39.97 81.11 -67.79
N HIS M 125 -41.26 81.30 -67.56
CA HIS M 125 -41.84 81.29 -66.22
C HIS M 125 -42.70 80.05 -66.10
N GLY M 126 -42.23 79.06 -65.32
CA GLY M 126 -42.91 77.79 -65.24
C GLY M 126 -42.44 76.97 -64.06
N ILE M 127 -43.06 75.81 -63.90
CA ILE M 127 -42.72 74.92 -62.81
C ILE M 127 -41.41 74.20 -63.14
N GLN M 128 -40.53 74.13 -62.14
CA GLN M 128 -39.23 73.48 -62.31
C GLN M 128 -39.41 71.97 -62.18
N ILE M 129 -39.21 71.25 -63.28
CA ILE M 129 -39.38 69.81 -63.26
C ILE M 129 -38.17 69.14 -62.60
N THR M 130 -38.35 67.85 -62.27
CA THR M 130 -37.29 67.03 -61.69
C THR M 130 -37.22 65.65 -62.31
N SER M 131 -37.89 65.42 -63.44
CA SER M 131 -37.84 64.10 -64.07
C SER M 131 -36.53 63.90 -64.82
N GLY M 132 -35.89 64.97 -65.24
CA GLY M 132 -34.61 64.88 -65.92
C GLY M 132 -34.69 64.64 -67.41
N LEU M 133 -35.84 64.91 -68.03
CA LEU M 133 -35.99 64.67 -69.46
C LEU M 133 -35.08 65.59 -70.27
N PHE M 134 -34.76 66.76 -69.73
CA PHE M 134 -33.81 67.65 -70.40
C PHE M 134 -32.46 66.98 -70.57
N GLN M 135 -32.02 66.24 -69.55
CA GLN M 135 -30.77 65.50 -69.64
C GLN M 135 -30.92 64.32 -70.59
N VAL M 136 -32.11 63.73 -70.66
CA VAL M 136 -32.33 62.57 -71.52
C VAL M 136 -32.34 62.99 -72.98
N TRP M 137 -33.10 64.04 -73.31
CA TRP M 137 -33.19 64.48 -74.69
C TRP M 137 -31.86 64.99 -75.20
N ARG M 138 -31.07 65.61 -74.33
CA ARG M 138 -29.73 66.06 -74.73
C ARG M 138 -28.85 64.89 -75.10
N GLY M 139 -28.89 63.82 -74.30
CA GLY M 139 -28.16 62.62 -74.66
C GLY M 139 -28.66 62.01 -75.95
N TRP M 140 -29.94 62.22 -76.26
CA TRP M 140 -30.49 61.76 -77.54
C TRP M 140 -30.07 62.67 -78.69
N GLY M 141 -29.41 63.79 -78.40
CA GLY M 141 -28.95 64.69 -79.43
C GLY M 141 -30.02 65.62 -79.99
N ILE M 142 -31.17 65.72 -79.34
CA ILE M 142 -32.26 66.57 -79.82
C ILE M 142 -31.87 68.01 -79.47
N THR M 143 -31.43 68.76 -80.47
CA THR M 143 -30.90 70.11 -80.28
C THR M 143 -31.88 71.21 -80.70
N ASN M 144 -33.05 70.86 -81.23
CA ASN M 144 -34.05 71.84 -81.59
C ASN M 144 -35.44 71.31 -81.25
N SER M 145 -36.43 72.19 -81.36
CA SER M 145 -37.79 71.83 -80.96
C SER M 145 -38.48 70.99 -82.02
N PHE M 146 -38.16 71.20 -83.29
CA PHE M 146 -38.83 70.46 -84.35
C PHE M 146 -38.46 68.98 -84.29
N GLN M 147 -37.20 68.67 -84.04
CA GLN M 147 -36.80 67.29 -83.77
C GLN M 147 -37.59 66.74 -82.58
N LEU M 148 -37.86 67.60 -81.60
CA LEU M 148 -38.64 67.21 -80.45
C LEU M 148 -40.12 67.11 -80.80
N TYR M 149 -40.59 67.98 -81.70
CA TYR M 149 -41.99 67.96 -82.09
C TYR M 149 -42.34 66.70 -82.87
N CYS M 150 -41.46 66.28 -83.78
CA CYS M 150 -41.75 65.13 -84.62
C CYS M 150 -41.82 63.85 -83.80
N THR M 151 -40.97 63.73 -82.78
CA THR M 151 -40.94 62.53 -81.96
C THR M 151 -42.25 62.33 -81.21
N ALA M 152 -42.87 63.43 -80.77
CA ALA M 152 -44.13 63.33 -80.06
C ALA M 152 -45.23 62.74 -80.95
N ILE M 153 -45.26 63.16 -82.21
CA ILE M 153 -46.30 62.69 -83.12
C ILE M 153 -46.15 61.20 -83.36
N GLY M 154 -44.91 60.72 -83.46
CA GLY M 154 -44.70 59.31 -83.71
C GLY M 154 -45.22 58.43 -82.58
N GLY M 155 -45.11 58.91 -81.35
CA GLY M 155 -45.62 58.14 -80.23
C GLY M 155 -47.14 57.99 -80.28
N LEU M 156 -47.84 59.06 -80.65
CA LEU M 156 -49.29 58.99 -80.78
C LEU M 156 -49.68 58.04 -81.90
N VAL M 157 -48.97 58.08 -83.02
CA VAL M 157 -49.19 57.11 -84.08
C VAL M 157 -48.87 55.71 -83.58
N LEU M 158 -47.77 55.57 -82.86
CA LEU M 158 -47.43 54.28 -82.25
C LEU M 158 -48.47 53.90 -81.20
N ALA M 159 -49.04 54.88 -80.51
CA ALA M 159 -50.05 54.59 -79.50
C ALA M 159 -51.30 54.00 -80.14
N GLY M 160 -51.84 54.67 -81.16
CA GLY M 160 -53.02 54.15 -81.84
C GLY M 160 -52.75 52.83 -82.53
N LEU M 161 -51.50 52.62 -82.95
CA LEU M 161 -51.13 51.35 -83.58
C LEU M 161 -51.22 50.20 -82.59
N PHE M 162 -50.73 50.43 -81.36
CA PHE M 162 -50.92 49.44 -80.31
C PHE M 162 -52.40 49.22 -80.04
N LEU M 163 -53.18 50.30 -80.04
CA LEU M 163 -54.60 50.19 -79.74
C LEU M 163 -55.32 49.39 -80.82
N PHE M 164 -54.93 49.57 -82.08
CA PHE M 164 -55.52 48.78 -83.16
C PHE M 164 -55.20 47.30 -82.99
N ALA M 165 -54.05 46.99 -82.39
CA ALA M 165 -53.63 45.59 -82.28
C ALA M 165 -54.56 44.82 -81.34
N GLY M 166 -54.86 45.38 -80.17
CA GLY M 166 -55.75 44.70 -79.25
C GLY M 166 -57.14 44.50 -79.84
N TRP M 167 -57.61 45.47 -80.63
CA TRP M 167 -58.86 45.28 -81.36
C TRP M 167 -58.72 44.17 -82.37
N PHE M 168 -57.64 44.17 -83.14
CA PHE M 168 -57.43 43.16 -84.17
C PHE M 168 -57.34 41.77 -83.57
N HIS M 169 -56.76 41.67 -82.37
CA HIS M 169 -56.46 40.36 -81.81
C HIS M 169 -57.63 39.80 -81.01
N TYR M 170 -58.30 40.64 -80.21
CA TYR M 170 -59.36 40.13 -79.36
C TYR M 170 -60.65 39.89 -80.14
N HIS M 171 -60.89 40.69 -81.18
CA HIS M 171 -62.16 40.62 -81.92
C HIS M 171 -62.03 39.84 -83.21
N LYS M 172 -60.91 40.00 -83.91
CA LYS M 172 -60.80 39.47 -85.28
C LYS M 172 -59.92 38.22 -85.33
N ARG M 173 -58.69 38.33 -84.85
CA ARG M 173 -57.67 37.29 -85.03
C ARG M 173 -57.10 36.91 -83.67
N ALA M 174 -57.75 35.97 -82.99
CA ALA M 174 -57.36 35.58 -81.64
C ALA M 174 -56.37 34.43 -81.67
N PRO M 175 -55.15 34.57 -81.13
CA PRO M 175 -54.29 33.39 -81.02
C PRO M 175 -54.85 32.39 -80.02
N LYS M 176 -54.65 31.11 -80.32
CA LYS M 176 -55.10 30.05 -79.43
C LYS M 176 -54.07 29.82 -78.33
N LEU M 177 -54.35 28.84 -77.48
CA LEU M 177 -53.53 28.62 -76.29
C LEU M 177 -52.11 28.19 -76.65
N GLU M 178 -51.97 27.28 -77.60
CA GLU M 178 -50.65 26.73 -77.92
C GLU M 178 -49.70 27.81 -78.43
N TRP M 179 -50.24 28.88 -79.01
CA TRP M 179 -49.41 30.00 -79.42
C TRP M 179 -48.80 30.69 -78.21
N PHE M 180 -49.54 30.74 -77.10
CA PHE M 180 -49.03 31.41 -75.90
C PHE M 180 -48.06 30.51 -75.15
N GLN M 181 -48.30 29.20 -75.15
CA GLN M 181 -47.49 28.28 -74.35
C GLN M 181 -46.10 28.04 -74.92
N ASN M 182 -45.79 28.60 -76.09
CA ASN M 182 -44.46 28.45 -76.69
C ASN M 182 -43.51 29.44 -76.01
N VAL M 183 -43.18 29.13 -74.76
CA VAL M 183 -42.31 30.00 -73.96
C VAL M 183 -40.93 30.05 -74.57
N GLU M 184 -40.47 28.95 -75.17
CA GLU M 184 -39.13 28.90 -75.73
C GLU M 184 -38.99 29.88 -76.89
N SER M 185 -40.02 29.97 -77.74
CA SER M 185 -39.99 30.96 -78.81
C SER M 185 -40.07 32.36 -78.26
N MET M 186 -40.81 32.55 -77.16
CA MET M 186 -40.97 33.88 -76.58
C MET M 186 -39.63 34.39 -76.05
N LEU M 187 -38.86 33.53 -75.39
CA LEU M 187 -37.63 33.99 -74.74
C LEU M 187 -36.59 34.35 -75.79
N ASN M 188 -36.51 33.57 -76.86
CA ASN M 188 -35.54 33.84 -77.90
C ASN M 188 -35.84 35.17 -78.57
N HIS M 189 -37.11 35.37 -78.93
CA HIS M 189 -37.51 36.57 -79.64
C HIS M 189 -37.29 37.82 -78.79
N HIS M 190 -37.62 37.76 -77.51
CA HIS M 190 -37.47 38.93 -76.65
C HIS M 190 -36.00 39.19 -76.34
N LEU M 191 -35.23 38.14 -76.10
CA LEU M 191 -33.83 38.33 -75.78
C LEU M 191 -33.07 38.89 -76.97
N GLN M 192 -33.33 38.36 -78.17
CA GLN M 192 -32.53 38.70 -79.33
C GLN M 192 -33.03 39.98 -80.00
N VAL M 193 -34.33 40.08 -80.23
CA VAL M 193 -34.88 41.20 -80.97
C VAL M 193 -35.17 42.38 -80.06
N LEU M 194 -35.99 42.18 -79.03
CA LEU M 194 -36.39 43.28 -78.18
C LEU M 194 -35.21 43.83 -77.39
N LEU M 195 -34.44 42.94 -76.77
CA LEU M 195 -33.32 43.35 -75.93
C LEU M 195 -32.00 43.38 -76.71
N GLY M 196 -31.76 42.39 -77.55
CA GLY M 196 -30.51 42.34 -78.29
C GLY M 196 -30.44 43.38 -79.40
N CYS M 197 -31.33 43.25 -80.39
CA CYS M 197 -31.30 44.18 -81.52
C CYS M 197 -31.67 45.59 -81.09
N GLY M 198 -32.54 45.73 -80.09
CA GLY M 198 -32.87 47.05 -79.58
C GLY M 198 -31.65 47.75 -79.01
N SER M 199 -30.76 46.99 -78.37
CA SER M 199 -29.51 47.57 -77.89
C SER M 199 -28.55 47.84 -79.04
N LEU M 200 -28.52 46.94 -80.02
CA LEU M 200 -27.61 47.12 -81.15
C LEU M 200 -27.99 48.35 -81.97
N GLY M 201 -29.28 48.51 -82.25
CA GLY M 201 -29.71 49.70 -82.98
C GLY M 201 -29.43 50.97 -82.21
N TRP M 202 -29.60 50.93 -80.89
CA TRP M 202 -29.34 52.11 -80.08
C TRP M 202 -27.86 52.48 -80.10
N ALA M 203 -26.98 51.50 -80.27
CA ALA M 203 -25.57 51.80 -80.47
C ALA M 203 -25.35 52.52 -81.79
N GLY M 204 -26.20 52.24 -82.79
CA GLY M 204 -26.13 52.99 -84.03
C GLY M 204 -26.43 54.47 -83.81
N HIS M 205 -27.35 54.77 -82.91
CA HIS M 205 -27.63 56.15 -82.54
C HIS M 205 -26.45 56.79 -81.84
N LEU M 206 -25.90 56.14 -80.81
CA LEU M 206 -24.81 56.71 -80.03
C LEU M 206 -23.59 57.02 -80.91
N ILE M 207 -23.37 56.19 -81.92
CA ILE M 207 -22.14 56.30 -82.70
C ILE M 207 -22.28 57.34 -83.79
N HIS M 208 -23.47 57.43 -84.39
CA HIS M 208 -23.70 58.32 -85.52
C HIS M 208 -24.20 59.70 -85.08
N VAL M 209 -25.00 59.75 -84.03
CA VAL M 209 -25.79 60.93 -83.71
C VAL M 209 -25.37 61.55 -82.39
N SER M 210 -25.50 60.82 -81.29
CA SER M 210 -25.35 61.42 -79.97
C SER M 210 -23.91 61.81 -79.68
N ALA M 211 -22.98 60.86 -79.80
CA ALA M 211 -21.60 61.14 -79.44
C ALA M 211 -20.96 62.22 -80.31
N PRO M 212 -21.16 62.26 -81.64
CA PRO M 212 -20.68 63.43 -82.39
C PRO M 212 -21.32 64.72 -81.93
N ILE M 213 -22.64 64.71 -81.71
CA ILE M 213 -23.33 65.92 -81.28
C ILE M 213 -22.86 66.33 -79.89
N ASN M 214 -22.76 65.36 -78.98
CA ASN M 214 -22.33 65.67 -77.62
C ASN M 214 -20.87 66.09 -77.58
N LYS M 215 -20.03 65.42 -78.36
CA LYS M 215 -18.61 65.77 -78.38
C LYS M 215 -18.39 67.17 -78.93
N LEU M 216 -19.27 67.63 -79.80
CA LEU M 216 -19.18 69.00 -80.29
C LEU M 216 -19.69 69.98 -79.26
N MET M 217 -20.85 69.68 -78.66
CA MET M 217 -21.52 70.65 -77.81
C MET M 217 -20.70 70.96 -76.56
N ASP M 218 -20.12 69.93 -75.94
CA ASP M 218 -19.31 70.17 -74.74
C ASP M 218 -17.97 70.82 -75.07
N ALA M 219 -17.58 70.87 -76.34
CA ALA M 219 -16.32 71.47 -76.74
C ALA M 219 -16.41 72.99 -76.89
N GLY M 220 -17.61 73.56 -76.79
CA GLY M 220 -17.80 75.00 -76.81
C GLY M 220 -18.55 75.55 -78.00
N VAL M 221 -18.82 74.74 -79.02
CA VAL M 221 -19.54 75.23 -80.19
C VAL M 221 -21.00 75.47 -79.82
N ALA M 222 -21.58 76.52 -80.39
CA ALA M 222 -22.97 76.84 -80.12
C ALA M 222 -23.90 75.88 -80.85
N VAL M 223 -25.13 75.77 -80.34
CA VAL M 223 -26.10 74.87 -80.95
C VAL M 223 -26.46 75.34 -82.35
N LYS M 224 -26.34 76.64 -82.60
CA LYS M 224 -26.53 77.17 -83.95
C LYS M 224 -25.55 76.55 -84.93
N ASP M 225 -24.32 76.31 -84.48
CA ASP M 225 -23.27 75.84 -85.38
C ASP M 225 -23.25 74.33 -85.50
N ILE M 226 -23.86 73.63 -84.55
CA ILE M 226 -23.80 72.16 -84.57
C ILE M 226 -24.57 71.64 -85.78
N PRO M 227 -24.00 70.79 -86.63
CA PRO M 227 -24.80 70.24 -87.74
C PRO M 227 -25.89 69.31 -87.24
N LEU M 228 -26.83 69.04 -88.13
CA LEU M 228 -27.92 68.12 -87.82
C LEU M 228 -27.45 66.68 -87.95
N PRO M 229 -28.20 65.72 -87.41
CA PRO M 229 -27.73 64.32 -87.43
C PRO M 229 -27.58 63.75 -88.83
N HIS M 230 -28.49 64.10 -89.75
CA HIS M 230 -28.42 63.54 -91.09
C HIS M 230 -27.14 63.94 -91.82
N GLU M 231 -26.59 65.11 -91.51
CA GLU M 231 -25.41 65.58 -92.22
C GLU M 231 -24.20 64.71 -91.91
N PHE M 232 -24.19 64.06 -90.74
CA PHE M 232 -23.08 63.18 -90.41
C PHE M 232 -23.05 61.96 -91.32
N ILE M 233 -24.22 61.47 -91.72
CA ILE M 233 -24.28 60.28 -92.57
C ILE M 233 -23.85 60.63 -93.99
N LEU M 234 -24.35 61.74 -94.53
CA LEU M 234 -23.99 62.14 -95.88
C LEU M 234 -22.52 62.57 -95.95
N ASN M 235 -22.13 63.51 -95.10
CA ASN M 235 -20.77 64.03 -95.06
C ASN M 235 -20.03 63.35 -93.92
N LYS M 236 -19.00 62.58 -94.27
CA LYS M 236 -18.19 61.86 -93.30
C LYS M 236 -16.96 62.66 -92.85
N SER M 237 -16.64 63.76 -93.53
CA SER M 237 -15.48 64.55 -93.14
C SER M 237 -15.66 65.18 -91.77
N LEU M 238 -16.89 65.65 -91.48
CA LEU M 238 -17.17 66.22 -90.16
C LEU M 238 -17.01 65.17 -89.07
N LEU M 239 -17.43 63.93 -89.34
CA LEU M 239 -17.37 62.87 -88.35
C LEU M 239 -15.93 62.37 -88.17
N ILE M 240 -15.19 62.27 -89.27
CA ILE M 240 -13.83 61.74 -89.19
C ILE M 240 -12.93 62.69 -88.41
N ASP M 241 -13.19 63.99 -88.51
CA ASP M 241 -12.40 64.96 -87.76
C ASP M 241 -12.61 64.79 -86.26
N LEU M 242 -13.83 64.40 -85.87
CA LEU M 242 -14.11 64.16 -84.46
C LEU M 242 -13.66 62.77 -84.03
N PHE M 243 -14.05 61.75 -84.80
CA PHE M 243 -13.70 60.36 -84.52
C PHE M 243 -12.91 59.81 -85.71
N PRO M 244 -11.56 59.86 -85.68
CA PRO M 244 -10.80 59.39 -86.86
C PRO M 244 -10.89 57.90 -87.13
N GLY M 245 -11.53 57.11 -86.26
CA GLY M 245 -11.64 55.68 -86.49
C GLY M 245 -12.43 55.33 -87.74
N PHE M 246 -13.24 56.26 -88.25
CA PHE M 246 -14.09 55.98 -89.39
C PHE M 246 -13.35 56.02 -90.72
N ALA M 247 -12.14 56.60 -90.74
CA ALA M 247 -11.38 56.67 -91.98
C ALA M 247 -11.05 55.28 -92.51
N ALA M 248 -10.85 54.32 -91.60
CA ALA M 248 -10.61 52.94 -92.01
C ALA M 248 -11.86 52.32 -92.61
N GLY M 249 -13.03 52.72 -92.12
CA GLY M 249 -14.29 52.19 -92.62
C GLY M 249 -14.76 50.97 -91.86
N LEU M 250 -15.49 50.12 -92.57
CA LEU M 250 -16.03 48.89 -92.01
C LEU M 250 -15.08 47.70 -92.16
N THR M 251 -13.98 47.86 -92.90
CA THR M 251 -13.06 46.75 -93.08
C THR M 251 -12.39 46.29 -91.78
N PRO M 252 -11.99 47.18 -90.85
CA PRO M 252 -11.44 46.68 -89.58
C PRO M 252 -12.42 45.84 -88.79
N PHE M 253 -13.72 46.03 -88.99
CA PHE M 253 -14.70 45.24 -88.26
C PHE M 253 -14.64 43.78 -88.65
N PHE M 254 -14.68 43.51 -89.97
CA PHE M 254 -14.75 42.13 -90.43
C PHE M 254 -13.39 41.45 -90.34
N THR M 255 -12.31 42.22 -90.52
CA THR M 255 -10.96 41.68 -90.39
C THR M 255 -10.49 41.57 -88.94
N LEU M 256 -11.37 41.80 -87.97
CA LEU M 256 -11.07 41.70 -86.54
C LEU M 256 -10.01 42.69 -86.09
N ASN M 257 -9.77 43.75 -86.86
CA ASN M 257 -8.84 44.81 -86.45
C ASN M 257 -9.65 45.87 -85.71
N TRP M 258 -10.26 45.44 -84.61
CA TRP M 258 -11.17 46.29 -83.85
C TRP M 258 -10.45 47.37 -83.04
N GLY M 259 -9.12 47.40 -83.08
CA GLY M 259 -8.40 48.48 -82.41
C GLY M 259 -8.51 49.80 -83.14
N GLN M 260 -8.85 49.77 -84.43
CA GLN M 260 -9.00 51.00 -85.20
C GLN M 260 -10.17 51.84 -84.68
N TYR M 261 -11.19 51.19 -84.14
CA TYR M 261 -12.36 51.87 -83.60
C TYR M 261 -12.19 52.25 -82.13
N ALA M 262 -10.96 52.28 -81.62
CA ALA M 262 -10.76 52.59 -80.21
C ALA M 262 -11.05 54.07 -79.91
N ASP M 263 -11.04 54.91 -80.94
CA ASP M 263 -11.28 56.34 -80.73
C ASP M 263 -12.69 56.60 -80.22
N PHE M 264 -13.67 55.87 -80.76
CA PHE M 264 -15.09 56.08 -80.43
C PHE M 264 -15.74 54.87 -79.75
N LEU M 265 -14.95 53.84 -79.39
CA LEU M 265 -15.40 52.74 -78.53
C LEU M 265 -14.36 52.59 -77.41
N THR M 266 -14.56 53.32 -76.33
CA THR M 266 -13.57 53.43 -75.27
C THR M 266 -13.97 52.61 -74.05
N PHE M 267 -13.02 52.51 -73.11
CA PHE M 267 -13.24 51.90 -71.81
C PHE M 267 -12.63 52.83 -70.76
N LYS M 268 -12.96 54.12 -70.86
CA LYS M 268 -12.39 55.10 -69.95
C LYS M 268 -12.81 54.82 -68.51
N GLY M 269 -14.03 54.33 -68.32
CA GLY M 269 -14.49 54.00 -66.99
C GLY M 269 -14.54 55.18 -66.03
N GLY M 270 -15.21 56.25 -66.41
CA GLY M 270 -15.30 57.41 -65.56
C GLY M 270 -16.27 58.43 -66.13
N LEU M 271 -16.35 59.57 -65.46
CA LEU M 271 -17.26 60.63 -65.88
C LEU M 271 -16.51 61.69 -66.68
N ASN M 272 -17.21 62.31 -67.61
CA ASN M 272 -16.63 63.37 -68.41
C ASN M 272 -16.44 64.62 -67.52
N PRO M 273 -15.23 65.19 -67.45
CA PRO M 273 -15.07 66.38 -66.57
C PRO M 273 -15.90 67.57 -66.99
N VAL M 274 -16.11 67.76 -68.29
CA VAL M 274 -16.87 68.91 -68.75
C VAL M 274 -18.33 68.79 -68.32
N THR M 275 -19.02 67.76 -68.79
CA THR M 275 -20.41 67.49 -68.43
C THR M 275 -20.42 66.33 -67.44
N GLY M 276 -20.99 66.55 -66.27
CA GLY M 276 -21.10 65.49 -65.29
C GLY M 276 -21.92 64.34 -65.85
N GLY M 277 -21.23 63.28 -66.22
CA GLY M 277 -21.87 62.16 -66.89
C GLY M 277 -20.85 61.25 -67.53
N LEU M 278 -21.29 60.02 -67.79
CA LEU M 278 -20.42 59.05 -68.42
C LEU M 278 -20.15 59.45 -69.87
N TRP M 279 -19.03 58.96 -70.40
CA TRP M 279 -18.67 59.27 -71.79
C TRP M 279 -19.64 58.60 -72.75
N MET M 280 -19.97 59.32 -73.82
CA MET M 280 -20.90 58.78 -74.82
C MET M 280 -20.27 57.62 -75.57
N THR M 281 -18.96 57.67 -75.80
CA THR M 281 -18.27 56.57 -76.46
C THR M 281 -18.33 55.31 -75.61
N ASP M 282 -18.18 55.47 -74.29
CA ASP M 282 -18.31 54.33 -73.40
C ASP M 282 -19.72 53.75 -73.45
N ILE M 283 -20.71 54.59 -73.72
CA ILE M 283 -22.09 54.12 -73.84
C ILE M 283 -22.34 53.51 -75.21
N ALA M 284 -21.53 53.89 -76.19
CA ALA M 284 -21.59 53.24 -77.50
C ALA M 284 -20.98 51.85 -77.43
N HIS M 285 -19.78 51.75 -76.85
CA HIS M 285 -19.16 50.45 -76.64
C HIS M 285 -20.02 49.59 -75.71
N HIS M 286 -20.77 50.22 -74.82
CA HIS M 286 -21.65 49.51 -73.90
C HIS M 286 -22.66 48.66 -74.63
N HIS M 287 -23.54 49.31 -75.41
CA HIS M 287 -24.69 48.60 -75.98
C HIS M 287 -24.24 47.58 -77.02
N LEU M 288 -23.15 47.87 -77.73
CA LEU M 288 -22.65 46.94 -78.73
C LEU M 288 -22.19 45.64 -78.11
N ALA M 289 -21.55 45.72 -76.95
CA ALA M 289 -21.11 44.52 -76.26
C ALA M 289 -22.30 43.70 -75.76
N ILE M 290 -23.32 44.39 -75.24
CA ILE M 290 -24.43 43.70 -74.61
C ILE M 290 -25.35 43.09 -75.66
N ALA M 291 -25.44 43.70 -76.83
CA ALA M 291 -26.31 43.18 -77.88
C ALA M 291 -25.83 41.81 -78.35
N VAL M 292 -24.52 41.67 -78.57
CA VAL M 292 -23.95 40.38 -78.96
C VAL M 292 -24.25 39.33 -77.91
N VAL M 293 -24.17 39.71 -76.63
CA VAL M 293 -24.43 38.78 -75.54
C VAL M 293 -25.89 38.35 -75.57
N PHE M 294 -26.80 39.30 -75.78
CA PHE M 294 -28.22 38.97 -75.80
C PHE M 294 -28.58 38.18 -77.05
N ILE M 295 -27.98 38.53 -78.19
CA ILE M 295 -28.24 37.79 -79.42
C ILE M 295 -27.78 36.35 -79.25
N ILE M 296 -26.60 36.16 -78.66
CA ILE M 296 -26.09 34.81 -78.42
C ILE M 296 -26.97 34.08 -77.42
N ALA M 297 -27.40 34.78 -76.37
CA ALA M 297 -28.08 34.12 -75.26
C ALA M 297 -29.44 33.56 -75.69
N GLY M 298 -30.02 34.08 -76.77
CA GLY M 298 -31.37 33.70 -77.13
C GLY M 298 -31.46 32.44 -77.95
N HIS M 299 -30.34 31.97 -78.51
CA HIS M 299 -30.39 30.73 -79.28
C HIS M 299 -30.36 29.48 -78.42
N GLN M 300 -30.44 29.61 -77.10
CA GLN M 300 -30.33 28.47 -76.19
C GLN M 300 -31.49 27.49 -76.38
N TYR M 301 -32.68 27.99 -76.70
CA TYR M 301 -33.89 27.19 -76.65
C TYR M 301 -34.26 26.67 -78.04
N ARG M 302 -35.11 25.64 -78.08
CA ARG M 302 -35.16 24.74 -79.22
C ARG M 302 -35.88 25.35 -80.41
N THR M 303 -37.18 25.55 -80.30
CA THR M 303 -38.00 26.15 -81.36
C THR M 303 -37.87 25.43 -82.71
N ASN M 304 -38.35 24.18 -82.74
CA ASN M 304 -38.74 23.45 -83.94
C ASN M 304 -37.59 22.95 -84.81
N TRP M 305 -36.34 23.31 -84.53
CA TRP M 305 -35.21 22.88 -85.34
C TRP M 305 -34.28 21.91 -84.61
N GLY M 306 -34.69 21.36 -83.47
CA GLY M 306 -33.92 20.37 -82.77
C GLY M 306 -32.66 20.86 -82.09
N ILE M 307 -32.32 22.14 -82.23
CA ILE M 307 -31.07 22.70 -81.72
C ILE M 307 -31.42 23.64 -80.58
N GLY M 308 -31.27 23.16 -79.36
CA GLY M 308 -31.54 23.94 -78.16
C GLY M 308 -32.13 23.07 -77.08
N HIS M 309 -32.17 23.61 -75.87
CA HIS M 309 -32.68 22.88 -74.74
C HIS M 309 -34.20 22.92 -74.68
N SER M 310 -34.75 21.98 -73.93
CA SER M 310 -36.10 22.08 -73.38
C SER M 310 -35.95 22.49 -71.92
N ILE M 311 -36.63 23.57 -71.55
CA ILE M 311 -36.53 24.06 -70.17
C ILE M 311 -37.04 23.00 -69.20
N LYS M 312 -37.98 22.17 -69.64
CA LYS M 312 -38.41 21.04 -68.83
C LYS M 312 -37.25 20.09 -68.53
N GLU M 313 -36.39 19.87 -69.52
CA GLU M 313 -35.28 18.94 -69.32
C GLU M 313 -34.28 19.49 -68.32
N ILE M 314 -33.93 20.78 -68.45
CA ILE M 314 -32.89 21.37 -67.60
C ILE M 314 -33.33 21.37 -66.15
N LEU M 315 -34.59 21.71 -65.90
CA LEU M 315 -35.08 21.82 -64.53
C LEU M 315 -35.10 20.46 -63.86
N GLU M 316 -35.55 19.43 -64.57
CA GLU M 316 -35.66 18.10 -63.99
C GLU M 316 -34.29 17.53 -63.64
N ASN M 317 -33.25 17.95 -64.36
CA ASN M 317 -31.91 17.44 -64.08
C ASN M 317 -31.28 18.06 -62.85
N HIS M 318 -31.76 19.23 -62.42
CA HIS M 318 -31.10 19.96 -61.34
C HIS M 318 -31.48 19.47 -59.96
N LYS M 319 -32.14 18.31 -59.84
CA LYS M 319 -32.39 17.73 -58.54
C LYS M 319 -31.09 17.40 -57.83
N GLY M 320 -31.17 17.20 -56.52
CA GLY M 320 -30.01 16.93 -55.71
C GLY M 320 -30.30 15.98 -54.58
N PRO M 321 -29.36 15.84 -53.64
CA PRO M 321 -29.63 15.00 -52.47
C PRO M 321 -30.70 15.57 -51.54
N PHE M 322 -30.55 16.84 -51.15
CA PHE M 322 -31.49 17.44 -50.21
C PHE M 322 -32.85 17.68 -50.85
N THR M 323 -32.88 18.09 -52.11
CA THR M 323 -34.13 18.25 -52.85
C THR M 323 -34.42 16.96 -53.61
N GLY M 324 -35.50 16.30 -53.24
CA GLY M 324 -35.84 14.99 -53.79
C GLY M 324 -35.88 14.95 -55.31
N GLU M 325 -36.87 15.62 -55.88
CA GLU M 325 -37.01 15.76 -57.33
C GLU M 325 -36.59 17.13 -57.82
N GLY M 326 -36.24 18.05 -56.93
CA GLY M 326 -35.76 19.35 -57.36
C GLY M 326 -36.84 20.13 -58.05
N HIS M 327 -36.53 20.61 -59.26
CA HIS M 327 -37.41 21.49 -60.01
C HIS M 327 -38.34 20.73 -60.94
N LYS M 328 -38.66 19.48 -60.62
CA LYS M 328 -39.65 18.75 -61.40
C LYS M 328 -41.05 19.31 -61.13
N GLY M 329 -41.74 19.69 -62.21
CA GLY M 329 -43.09 20.20 -62.12
C GLY M 329 -43.22 21.69 -62.18
N LEU M 330 -42.13 22.44 -62.03
CA LEU M 330 -42.21 23.90 -62.06
C LEU M 330 -42.58 24.38 -63.45
N TYR M 331 -42.10 23.71 -64.50
CA TYR M 331 -42.43 24.10 -65.85
C TYR M 331 -43.92 23.98 -66.12
N GLU M 332 -44.58 23.02 -65.47
CA GLU M 332 -46.02 22.88 -65.61
C GLU M 332 -46.76 24.02 -64.91
N ASN M 333 -46.31 24.37 -63.69
CA ASN M 333 -46.92 25.49 -62.98
C ASN M 333 -46.70 26.80 -63.73
N LEU M 334 -45.48 27.01 -64.21
CA LEU M 334 -45.15 28.24 -64.92
C LEU M 334 -45.90 28.34 -66.24
N THR M 335 -46.19 27.20 -66.86
CA THR M 335 -46.90 27.16 -68.14
C THR M 335 -48.40 26.96 -68.02
N THR M 336 -48.93 26.91 -66.79
CA THR M 336 -50.36 26.70 -66.57
C THR M 336 -50.95 27.70 -65.60
N SER M 337 -50.24 28.78 -65.30
CA SER M 337 -50.73 29.79 -64.36
C SER M 337 -50.07 31.12 -64.70
N TRP M 338 -50.88 32.10 -65.11
CA TRP M 338 -50.37 33.43 -65.37
C TRP M 338 -49.85 34.08 -64.08
N HIS M 339 -50.42 33.71 -62.93
CA HIS M 339 -50.05 34.35 -61.68
C HIS M 339 -48.60 34.04 -61.30
N ALA M 340 -48.17 32.80 -61.55
CA ALA M 340 -46.78 32.44 -61.26
C ALA M 340 -45.83 33.25 -62.12
N GLN M 341 -46.16 33.43 -63.40
CA GLN M 341 -45.34 34.26 -64.27
C GLN M 341 -45.31 35.69 -63.78
N LEU M 342 -46.46 36.22 -63.36
CA LEU M 342 -46.51 37.59 -62.89
C LEU M 342 -45.73 37.75 -61.60
N ALA M 343 -45.66 36.68 -60.78
CA ALA M 343 -44.94 36.77 -59.53
C ALA M 343 -43.43 36.85 -59.76
N THR M 344 -42.90 36.00 -60.64
CA THR M 344 -41.48 36.03 -60.94
C THR M 344 -41.08 37.34 -61.61
N ASN M 345 -41.89 37.79 -62.56
CA ASN M 345 -41.54 38.99 -63.31
C ASN M 345 -41.60 40.23 -62.44
N LEU M 346 -42.62 40.33 -61.58
CA LEU M 346 -42.74 41.49 -60.72
C LEU M 346 -41.62 41.54 -59.69
N ALA M 347 -41.29 40.39 -59.10
CA ALA M 347 -40.35 40.35 -57.99
C ALA M 347 -38.96 40.78 -58.43
N PHE M 348 -38.52 40.29 -59.59
CA PHE M 348 -37.18 40.60 -60.06
C PHE M 348 -37.13 41.94 -60.78
N LEU M 349 -38.19 42.28 -61.51
CA LEU M 349 -38.27 43.60 -62.13
C LEU M 349 -38.28 44.69 -61.08
N GLY M 350 -38.94 44.45 -59.94
CA GLY M 350 -38.91 45.40 -58.86
C GLY M 350 -37.52 45.52 -58.25
N SER M 351 -36.86 44.37 -58.03
CA SER M 351 -35.49 44.39 -57.55
C SER M 351 -34.57 45.00 -58.59
N LEU M 352 -34.90 44.84 -59.86
CA LEU M 352 -34.15 45.52 -60.92
C LEU M 352 -34.27 47.03 -60.79
N THR M 353 -35.48 47.52 -60.57
CA THR M 353 -35.71 48.96 -60.53
C THR M 353 -34.96 49.60 -59.36
N ILE M 354 -34.84 48.87 -58.26
CA ILE M 354 -34.07 49.36 -57.12
C ILE M 354 -32.59 49.39 -57.47
N ILE M 355 -32.15 48.44 -58.30
CA ILE M 355 -30.75 48.37 -58.67
C ILE M 355 -30.38 49.48 -59.63
N ILE M 356 -31.35 49.93 -60.44
CA ILE M 356 -31.10 51.05 -61.34
C ILE M 356 -30.77 52.30 -60.54
N ALA M 357 -31.58 52.59 -59.52
CA ALA M 357 -31.44 53.84 -58.79
C ALA M 357 -30.09 53.91 -58.07
N HIS M 358 -29.59 52.78 -57.60
CA HIS M 358 -28.30 52.77 -56.92
C HIS M 358 -27.17 53.00 -57.91
N HIS M 359 -27.34 52.55 -59.16
CA HIS M 359 -26.33 52.79 -60.17
C HIS M 359 -26.38 54.22 -60.67
N MET M 360 -27.58 54.74 -60.92
CA MET M 360 -27.72 56.00 -61.63
C MET M 360 -27.14 57.17 -60.83
N TYR M 361 -27.18 57.09 -59.50
CA TYR M 361 -26.68 58.21 -58.70
C TYR M 361 -25.17 58.22 -58.64
N ALA M 362 -24.54 57.04 -58.50
CA ALA M 362 -23.10 56.99 -58.32
C ALA M 362 -22.37 57.30 -59.62
N MET M 363 -22.86 56.75 -60.72
CA MET M 363 -22.35 57.03 -62.06
C MET M 363 -23.47 57.68 -62.87
N PRO M 364 -23.58 59.00 -62.88
CA PRO M 364 -24.62 59.63 -63.69
C PRO M 364 -24.42 59.30 -65.16
N PRO M 365 -25.42 58.73 -65.85
CA PRO M 365 -25.23 58.35 -67.25
C PRO M 365 -25.69 59.39 -68.28
N TYR M 366 -26.06 60.58 -67.86
CA TYR M 366 -26.54 61.64 -68.73
C TYR M 366 -25.70 62.89 -68.54
N PRO M 367 -25.70 63.81 -69.51
CA PRO M 367 -24.97 65.07 -69.31
C PRO M 367 -25.74 66.01 -68.40
N TYR M 368 -25.03 66.61 -67.45
CA TYR M 368 -25.58 67.62 -66.55
C TYR M 368 -26.72 67.04 -65.71
N LEU M 369 -26.43 65.93 -65.02
CA LEU M 369 -27.36 65.29 -64.10
C LEU M 369 -26.95 65.43 -62.65
N ALA M 370 -25.67 65.18 -62.33
CA ALA M 370 -25.23 65.26 -60.94
C ALA M 370 -25.30 66.69 -60.42
N THR M 371 -25.03 67.68 -61.29
CA THR M 371 -25.16 69.07 -60.88
C THR M 371 -26.59 69.39 -60.51
N ASP M 372 -27.57 68.78 -61.18
CA ASP M 372 -28.97 68.94 -60.84
C ASP M 372 -29.28 68.00 -59.69
N TYR M 373 -29.01 68.47 -58.47
CA TYR M 373 -29.28 67.65 -57.29
C TYR M 373 -30.77 67.35 -57.15
N ALA M 374 -31.62 68.23 -57.67
CA ALA M 374 -33.06 68.01 -57.63
C ALA M 374 -33.43 66.73 -58.36
N THR M 375 -32.86 66.52 -59.55
CA THR M 375 -33.23 65.36 -60.35
C THR M 375 -32.73 64.07 -59.72
N GLN M 376 -31.52 64.09 -59.16
CA GLN M 376 -30.91 62.86 -58.67
C GLN M 376 -31.71 62.24 -57.54
N LEU M 377 -32.14 63.05 -56.57
CA LEU M 377 -32.93 62.50 -55.48
C LEU M 377 -34.30 62.05 -55.95
N CYS M 378 -34.95 62.86 -56.80
CA CYS M 378 -36.27 62.50 -57.30
C CYS M 378 -36.19 61.27 -58.20
N ILE M 379 -35.13 61.18 -59.01
CA ILE M 379 -34.94 60.02 -59.86
C ILE M 379 -34.57 58.80 -59.02
N PHE M 380 -33.72 58.99 -58.01
CA PHE M 380 -33.39 57.90 -57.12
C PHE M 380 -34.61 57.48 -56.31
N THR M 381 -35.30 58.44 -55.70
CA THR M 381 -36.41 58.14 -54.82
C THR M 381 -37.56 57.49 -55.59
N HIS M 382 -37.79 57.92 -56.82
CA HIS M 382 -38.91 57.43 -57.61
C HIS M 382 -38.78 55.93 -57.86
N HIS M 383 -37.65 55.52 -58.42
CA HIS M 383 -37.48 54.12 -58.79
C HIS M 383 -37.40 53.23 -57.56
N ILE M 384 -36.81 53.73 -56.48
CA ILE M 384 -36.73 52.97 -55.24
C ILE M 384 -38.12 52.61 -54.72
N TRP M 385 -39.09 53.52 -54.89
CA TRP M 385 -40.45 53.24 -54.43
C TRP M 385 -41.17 52.31 -55.40
N ILE M 386 -40.93 52.46 -56.70
CA ILE M 386 -41.60 51.62 -57.69
C ILE M 386 -41.22 50.17 -57.50
N GLY M 387 -39.94 49.90 -57.26
CA GLY M 387 -39.50 48.53 -57.07
C GLY M 387 -40.07 47.90 -55.82
N GLY M 388 -40.23 48.70 -54.76
CA GLY M 388 -40.81 48.18 -53.54
C GLY M 388 -42.25 47.76 -53.73
N PHE M 389 -43.02 48.53 -54.49
CA PHE M 389 -44.40 48.17 -54.76
C PHE M 389 -44.49 46.89 -55.55
N LEU M 390 -43.62 46.74 -56.55
CA LEU M 390 -43.72 45.58 -57.45
C LEU M 390 -43.30 44.30 -56.75
N ILE M 391 -42.31 44.40 -55.85
CA ILE M 391 -41.87 43.22 -55.11
C ILE M 391 -43.01 42.69 -54.24
N VAL M 392 -43.80 43.58 -53.66
CA VAL M 392 -44.92 43.15 -52.85
C VAL M 392 -45.97 42.48 -53.72
N GLY M 393 -46.17 42.99 -54.94
CA GLY M 393 -47.11 42.34 -55.85
C GLY M 393 -46.66 40.94 -56.23
N GLY M 394 -45.35 40.72 -56.26
CA GLY M 394 -44.85 39.39 -56.58
C GLY M 394 -45.22 38.37 -55.53
N ALA M 395 -45.28 38.78 -54.27
CA ALA M 395 -45.67 37.87 -53.21
C ALA M 395 -47.17 37.64 -53.20
N ALA M 396 -47.95 38.67 -53.56
CA ALA M 396 -49.40 38.52 -53.62
C ALA M 396 -49.81 37.47 -54.63
N HIS M 397 -49.30 37.60 -55.86
CA HIS M 397 -49.66 36.66 -56.92
C HIS M 397 -49.05 35.29 -56.66
N ALA M 398 -47.96 35.23 -55.91
CA ALA M 398 -47.43 33.94 -55.49
C ALA M 398 -48.45 33.20 -54.62
N ALA M 399 -49.18 33.94 -53.79
CA ALA M 399 -50.22 33.32 -52.97
C ALA M 399 -51.46 33.01 -53.80
N ILE M 400 -51.77 33.88 -54.77
CA ILE M 400 -52.93 33.65 -55.61
C ILE M 400 -52.73 32.40 -56.45
N PHE M 401 -51.49 32.16 -56.91
CA PHE M 401 -51.17 30.92 -57.59
C PHE M 401 -51.46 29.73 -56.70
N MET M 402 -51.11 29.83 -55.42
CA MET M 402 -51.27 28.70 -54.51
C MET M 402 -52.73 28.36 -54.31
N VAL M 403 -53.53 29.33 -53.88
CA VAL M 403 -54.94 29.09 -53.59
C VAL M 403 -55.68 28.62 -54.83
N ARG M 404 -55.26 29.09 -56.00
CA ARG M 404 -55.99 28.85 -57.25
C ARG M 404 -55.40 27.71 -58.08
N ASP M 405 -54.11 27.80 -58.43
CA ASP M 405 -53.53 26.99 -59.48
C ASP M 405 -52.58 25.90 -58.99
N TYR M 406 -52.34 25.80 -57.69
CA TYR M 406 -51.43 24.79 -57.17
C TYR M 406 -52.08 23.41 -57.23
N ASP M 407 -51.43 22.49 -57.95
CA ASP M 407 -51.88 21.12 -58.09
C ASP M 407 -50.96 20.21 -57.29
N PRO M 408 -51.46 19.45 -56.30
CA PRO M 408 -50.53 18.61 -55.54
C PRO M 408 -49.96 17.45 -56.34
N VAL M 409 -50.64 17.04 -57.42
CA VAL M 409 -50.13 15.98 -58.26
C VAL M 409 -48.83 16.41 -58.92
N VAL M 410 -48.82 17.62 -59.48
CA VAL M 410 -47.63 18.13 -60.15
C VAL M 410 -46.51 18.36 -59.14
N ASN M 411 -46.85 18.96 -58.01
CA ASN M 411 -45.86 19.32 -56.99
C ASN M 411 -45.82 18.20 -55.95
N GLN M 412 -45.14 17.11 -56.32
CA GLN M 412 -45.01 15.93 -55.48
C GLN M 412 -43.53 15.73 -55.17
N ASN M 413 -43.13 16.09 -53.94
CA ASN M 413 -41.76 15.93 -53.47
C ASN M 413 -40.77 16.74 -54.31
N ASN M 414 -41.25 17.81 -54.94
CA ASN M 414 -40.40 18.71 -55.69
C ASN M 414 -39.85 19.79 -54.75
N VAL M 415 -39.22 20.80 -55.34
CA VAL M 415 -38.63 21.86 -54.52
C VAL M 415 -39.72 22.68 -53.83
N LEU M 416 -40.90 22.76 -54.43
CA LEU M 416 -41.97 23.57 -53.86
C LEU M 416 -42.71 22.82 -52.77
N ASP M 417 -43.12 21.59 -53.03
CA ASP M 417 -43.77 20.78 -52.01
C ASP M 417 -42.87 20.59 -50.80
N ARG M 418 -41.57 20.42 -51.03
CA ARG M 418 -40.64 20.23 -49.93
C ARG M 418 -40.50 21.50 -49.11
N VAL M 419 -40.80 22.66 -49.71
CA VAL M 419 -40.76 23.92 -48.98
C VAL M 419 -42.01 24.08 -48.12
N ILE M 420 -43.17 23.70 -48.66
CA ILE M 420 -44.41 23.82 -47.91
C ILE M 420 -44.39 22.89 -46.69
N ARG M 421 -43.69 21.77 -46.79
CA ARG M 421 -43.73 20.78 -45.72
C ARG M 421 -42.87 21.13 -44.53
N HIS M 422 -41.99 22.13 -44.63
CA HIS M 422 -41.20 22.59 -43.49
C HIS M 422 -41.30 24.11 -43.35
N ARG M 423 -42.48 24.66 -43.68
CA ARG M 423 -42.69 26.10 -43.61
C ARG M 423 -42.50 26.65 -42.21
N ASP M 424 -42.71 25.81 -41.18
CA ASP M 424 -42.58 26.28 -39.81
C ASP M 424 -41.14 26.64 -39.47
N ALA M 425 -40.19 25.82 -39.93
CA ALA M 425 -38.78 26.10 -39.64
C ALA M 425 -38.30 27.34 -40.37
N ILE M 426 -38.84 27.59 -41.56
CA ILE M 426 -38.43 28.76 -42.34
C ILE M 426 -38.85 30.04 -41.62
N ILE M 427 -40.09 30.04 -41.12
CA ILE M 427 -40.64 31.26 -40.53
C ILE M 427 -40.10 31.46 -39.11
N SER M 428 -39.97 30.38 -38.35
CA SER M 428 -39.51 30.49 -36.97
C SER M 428 -38.10 31.05 -36.91
N HIS M 429 -37.23 30.64 -37.82
CA HIS M 429 -35.87 31.15 -37.83
C HIS M 429 -35.84 32.57 -38.37
N LEU M 430 -36.68 32.87 -39.35
CA LEU M 430 -36.78 34.24 -39.85
C LEU M 430 -37.36 35.16 -38.77
N ASN M 431 -38.26 34.63 -37.94
CA ASN M 431 -38.74 35.39 -36.80
C ASN M 431 -37.60 35.71 -35.85
N TRP M 432 -36.66 34.78 -35.69
CA TRP M 432 -35.53 35.02 -34.81
C TRP M 432 -34.60 36.09 -35.36
N VAL M 433 -34.40 36.09 -36.68
CA VAL M 433 -33.50 37.07 -37.28
C VAL M 433 -34.11 38.47 -37.17
N CYS M 434 -35.42 38.58 -37.37
CA CYS M 434 -36.07 39.88 -37.29
C CYS M 434 -35.98 40.45 -35.88
N ILE M 435 -36.06 39.58 -34.87
CA ILE M 435 -35.96 40.03 -33.49
C ILE M 435 -34.51 40.32 -33.13
N PHE M 436 -33.60 39.49 -33.64
CA PHE M 436 -32.17 39.70 -33.39
C PHE M 436 -31.72 41.06 -33.92
N LEU M 437 -32.08 41.37 -35.16
CA LEU M 437 -31.61 42.61 -35.78
C LEU M 437 -32.31 43.82 -35.18
N GLY M 438 -33.63 43.74 -35.00
CA GLY M 438 -34.38 44.89 -34.53
C GLY M 438 -33.91 45.36 -33.16
N PHE M 439 -33.51 44.43 -32.31
CA PHE M 439 -32.87 44.81 -31.06
C PHE M 439 -31.53 45.47 -31.32
N HIS M 440 -30.64 44.79 -32.03
CA HIS M 440 -29.27 45.22 -32.19
C HIS M 440 -29.07 46.22 -33.31
N SER M 441 -30.14 46.64 -33.98
CA SER M 441 -30.07 47.71 -34.97
C SER M 441 -30.71 48.98 -34.42
N PHE M 442 -31.93 48.89 -33.90
CA PHE M 442 -32.59 50.07 -33.34
C PHE M 442 -32.19 50.30 -31.90
N GLY M 443 -31.85 49.24 -31.16
CA GLY M 443 -31.46 49.41 -29.77
C GLY M 443 -30.19 50.23 -29.63
N LEU M 444 -29.30 50.13 -30.61
CA LEU M 444 -28.06 50.91 -30.55
C LEU M 444 -28.36 52.39 -30.69
N TYR M 445 -29.37 52.74 -31.48
CA TYR M 445 -29.82 54.13 -31.54
C TYR M 445 -30.38 54.57 -30.19
N ILE M 446 -31.15 53.70 -29.54
CA ILE M 446 -31.72 54.01 -28.24
C ILE M 446 -30.61 54.17 -27.21
N HIS M 447 -29.59 53.31 -27.28
CA HIS M 447 -28.48 53.41 -26.34
C HIS M 447 -27.72 54.72 -26.52
N ASN M 448 -27.49 55.11 -27.77
CA ASN M 448 -26.85 56.40 -28.03
C ASN M 448 -27.76 57.55 -27.63
N ASP M 449 -29.04 57.44 -27.95
CA ASP M 449 -30.01 58.46 -27.55
C ASP M 449 -30.12 58.55 -26.03
N THR M 450 -30.01 57.40 -25.35
CA THR M 450 -30.06 57.40 -23.90
C THR M 450 -28.78 57.99 -23.30
N MET M 451 -27.63 57.64 -23.87
CA MET M 451 -26.37 58.08 -23.30
C MET M 451 -26.13 59.56 -23.55
N ARG M 452 -26.49 60.04 -24.74
CA ARG M 452 -26.30 61.46 -25.03
C ARG M 452 -27.18 62.33 -24.14
N ALA M 453 -28.34 61.80 -23.76
CA ALA M 453 -29.20 62.54 -22.83
C ALA M 453 -28.69 62.42 -21.41
N LEU M 454 -28.06 61.30 -21.08
CA LEU M 454 -27.50 61.13 -19.74
C LEU M 454 -26.24 61.96 -19.55
N GLY M 455 -25.64 62.43 -20.64
CA GLY M 455 -24.41 63.20 -20.57
C GLY M 455 -23.17 62.34 -20.62
N ARG M 456 -23.30 61.14 -21.19
CA ARG M 456 -22.18 60.21 -21.33
C ARG M 456 -21.89 60.02 -22.82
N PRO M 457 -21.28 60.99 -23.49
CA PRO M 457 -21.00 60.85 -24.93
C PRO M 457 -19.90 59.86 -25.27
N GLN M 458 -19.16 59.36 -24.29
CA GLN M 458 -18.11 58.39 -24.52
C GLN M 458 -18.61 56.95 -24.52
N ASP M 459 -19.84 56.72 -24.07
CA ASP M 459 -20.43 55.38 -24.05
C ASP M 459 -21.27 55.09 -25.30
N MET M 460 -21.43 56.05 -26.19
CA MET M 460 -22.25 55.84 -27.37
C MET M 460 -21.54 54.91 -28.36
N PHE M 461 -22.29 54.44 -29.35
CA PHE M 461 -21.74 53.76 -30.51
C PHE M 461 -21.53 54.80 -31.59
N SER M 462 -20.33 55.38 -31.63
CA SER M 462 -20.04 56.51 -32.50
C SER M 462 -18.63 56.35 -33.06
N ASP M 463 -18.15 57.38 -33.75
CA ASP M 463 -16.84 57.31 -34.39
C ASP M 463 -15.72 57.57 -33.40
N THR M 464 -15.96 58.47 -32.44
CA THR M 464 -14.97 58.80 -31.41
C THR M 464 -15.04 57.80 -30.27
N ALA M 465 -16.25 57.43 -29.89
CA ALA M 465 -16.53 56.42 -28.89
C ALA M 465 -16.38 55.04 -29.51
N ILE M 466 -16.92 54.03 -28.83
CA ILE M 466 -17.05 52.66 -29.36
C ILE M 466 -17.55 52.77 -30.80
N GLN M 467 -16.82 52.19 -31.73
CA GLN M 467 -17.08 52.32 -33.15
C GLN M 467 -17.26 50.95 -33.79
N LEU M 468 -18.22 50.90 -34.72
CA LEU M 468 -18.56 49.69 -35.46
C LEU M 468 -18.29 49.97 -36.94
N GLN M 469 -17.05 49.77 -37.35
CA GLN M 469 -16.63 50.18 -38.69
C GLN M 469 -17.07 49.13 -39.71
N PRO M 470 -17.66 49.54 -40.85
CA PRO M 470 -17.93 48.54 -41.90
C PRO M 470 -16.66 48.19 -42.68
N VAL M 471 -15.84 47.34 -42.06
CA VAL M 471 -14.54 47.02 -42.65
C VAL M 471 -14.72 46.26 -43.95
N PHE M 472 -15.77 45.44 -44.04
CA PHE M 472 -15.98 44.65 -45.25
C PHE M 472 -16.35 45.55 -46.43
N ALA M 473 -17.12 46.61 -46.17
CA ALA M 473 -17.45 47.54 -47.23
C ALA M 473 -16.26 48.44 -47.55
N GLN M 474 -15.56 48.93 -46.52
CA GLN M 474 -14.30 49.62 -46.74
C GLN M 474 -13.31 48.73 -47.47
N TRP M 475 -13.37 47.43 -47.21
CA TRP M 475 -12.50 46.47 -47.90
C TRP M 475 -12.84 46.40 -49.38
N VAL M 476 -14.13 46.24 -49.71
CA VAL M 476 -14.54 46.14 -51.10
C VAL M 476 -14.35 47.46 -51.82
N GLN M 477 -14.50 48.57 -51.09
CA GLN M 477 -14.30 49.89 -51.70
C GLN M 477 -12.87 50.05 -52.21
N ASN M 478 -11.90 49.59 -51.43
CA ASN M 478 -10.50 49.81 -51.78
C ASN M 478 -10.12 49.07 -53.05
N LEU M 479 -10.77 47.93 -53.32
CA LEU M 479 -10.42 47.14 -54.49
C LEU M 479 -10.79 47.87 -55.77
N HIS M 480 -11.94 48.55 -55.77
CA HIS M 480 -12.42 49.19 -56.99
C HIS M 480 -11.58 50.43 -57.33
N THR M 481 -10.98 51.05 -56.31
CA THR M 481 -10.08 52.17 -56.56
C THR M 481 -8.78 51.70 -57.18
N LEU M 482 -8.27 50.58 -56.72
CA LEU M 482 -7.02 50.00 -57.21
C LEU M 482 -7.22 49.06 -58.39
N ALA M 483 -8.46 48.88 -58.85
CA ALA M 483 -8.74 47.98 -59.95
C ALA M 483 -8.15 48.47 -61.27
N PRO M 484 -8.38 49.75 -61.69
CA PRO M 484 -7.87 50.22 -63.00
C PRO M 484 -6.39 49.94 -63.28
N GLY M 485 -5.60 49.79 -62.22
CA GLY M 485 -4.22 49.37 -62.41
C GLY M 485 -4.08 47.88 -62.66
N GLY M 486 -4.50 47.06 -61.70
CA GLY M 486 -4.23 45.63 -61.75
C GLY M 486 -5.30 44.75 -62.37
N THR M 487 -6.53 44.82 -61.85
CA THR M 487 -7.63 43.97 -62.30
C THR M 487 -8.50 44.78 -63.24
N ALA M 488 -8.70 44.25 -64.46
CA ALA M 488 -9.29 45.02 -65.53
C ALA M 488 -8.41 46.23 -65.78
N PRO M 489 -7.18 46.02 -66.26
CA PRO M 489 -6.22 47.13 -66.31
C PRO M 489 -6.49 48.14 -67.42
N ASN M 490 -7.31 47.79 -68.41
CA ASN M 490 -7.54 48.71 -69.52
C ASN M 490 -8.31 49.96 -69.06
N ALA M 491 -9.05 49.86 -67.97
CA ALA M 491 -9.77 51.00 -67.45
C ALA M 491 -8.81 52.06 -66.95
N LEU M 492 -9.08 53.33 -67.29
CA LEU M 492 -8.22 54.42 -66.86
C LEU M 492 -8.57 54.90 -65.47
N GLU M 493 -9.86 55.19 -65.22
CA GLU M 493 -10.34 55.72 -63.96
C GLU M 493 -11.12 54.65 -63.22
N PRO M 494 -11.36 54.80 -61.91
CA PRO M 494 -12.24 53.85 -61.22
C PRO M 494 -13.65 53.95 -61.78
N VAL M 495 -14.41 52.87 -61.60
CA VAL M 495 -15.73 52.72 -62.22
C VAL M 495 -16.63 53.85 -61.76
N SER M 496 -16.60 54.14 -60.46
CA SER M 496 -17.36 55.24 -59.89
C SER M 496 -16.49 55.92 -58.83
N TYR M 497 -16.52 57.25 -58.83
CA TYR M 497 -15.81 58.00 -57.81
C TYR M 497 -16.46 57.86 -56.44
N ALA M 498 -17.67 57.31 -56.37
CA ALA M 498 -18.29 57.03 -55.08
C ALA M 498 -17.46 56.03 -54.28
N PHE M 499 -16.95 54.99 -54.94
CA PHE M 499 -16.05 54.06 -54.27
C PHE M 499 -14.78 54.76 -53.81
N GLY M 500 -14.19 55.54 -54.71
CA GLY M 500 -12.99 56.28 -54.38
C GLY M 500 -12.37 56.87 -55.62
N GLY M 501 -11.36 57.70 -55.40
CA GLY M 501 -10.70 58.43 -56.47
C GLY M 501 -10.46 59.87 -56.09
N GLY M 502 -11.02 60.79 -56.88
CA GLY M 502 -10.88 62.20 -56.63
C GLY M 502 -12.18 62.95 -56.85
N VAL M 503 -12.24 64.14 -56.27
CA VAL M 503 -13.43 64.96 -56.41
C VAL M 503 -13.54 65.46 -57.84
N LEU M 504 -14.72 65.27 -58.43
CA LEU M 504 -15.02 65.77 -59.76
C LEU M 504 -15.89 67.00 -59.60
N ALA M 505 -15.50 68.10 -60.25
CA ALA M 505 -16.15 69.40 -60.11
C ALA M 505 -16.63 69.86 -61.47
N VAL M 506 -17.95 69.98 -61.61
CA VAL M 506 -18.58 70.57 -62.78
C VAL M 506 -19.09 71.95 -62.39
N GLY M 507 -18.45 72.98 -62.92
CA GLY M 507 -18.76 74.33 -62.48
C GLY M 507 -18.34 74.48 -61.03
N GLY M 508 -19.28 74.93 -60.20
CA GLY M 508 -19.07 75.03 -58.77
C GLY M 508 -19.57 73.81 -58.01
N LYS M 509 -20.39 72.99 -58.66
CA LYS M 509 -20.99 71.84 -58.00
C LYS M 509 -20.07 70.62 -58.11
N VAL M 510 -20.12 69.78 -57.09
CA VAL M 510 -19.44 68.49 -57.10
C VAL M 510 -20.40 67.45 -57.68
N ALA M 511 -19.94 66.74 -58.70
CA ALA M 511 -20.77 65.70 -59.31
C ALA M 511 -20.77 64.43 -58.47
N MET M 512 -19.59 64.01 -58.04
CA MET M 512 -19.45 62.80 -57.23
C MET M 512 -18.09 62.82 -56.55
N MET M 513 -18.04 62.19 -55.39
CA MET M 513 -16.79 62.07 -54.63
C MET M 513 -16.87 60.80 -53.80
N PRO M 514 -15.76 60.39 -53.19
CA PRO M 514 -15.77 59.16 -52.38
C PRO M 514 -16.75 59.27 -51.21
N ILE M 515 -17.56 58.23 -51.05
CA ILE M 515 -18.51 58.14 -49.95
C ILE M 515 -17.82 57.34 -48.85
N ALA M 516 -17.30 58.04 -47.85
CA ALA M 516 -16.68 57.37 -46.73
C ALA M 516 -17.73 56.69 -45.87
N LEU M 517 -17.37 55.52 -45.34
CA LEU M 517 -18.25 54.71 -44.51
C LEU M 517 -17.68 54.63 -43.10
N GLY M 518 -18.50 55.01 -42.12
CA GLY M 518 -18.12 54.99 -40.72
C GLY M 518 -19.15 54.28 -39.87
N THR M 519 -19.16 54.59 -38.57
CA THR M 519 -20.09 53.92 -37.66
C THR M 519 -21.53 54.34 -37.93
N ALA M 520 -21.73 55.60 -38.30
CA ALA M 520 -23.09 56.06 -38.60
C ALA M 520 -23.63 55.37 -39.84
N ASP M 521 -22.77 55.12 -40.83
CA ASP M 521 -23.21 54.43 -42.04
C ASP M 521 -23.35 52.95 -41.79
N PHE M 522 -22.57 52.41 -40.86
CA PHE M 522 -22.83 51.07 -40.35
C PHE M 522 -24.20 50.98 -39.72
N LEU M 523 -24.65 52.07 -39.08
CA LEU M 523 -25.81 52.00 -38.21
C LEU M 523 -27.11 52.01 -39.00
N ILE M 524 -27.04 52.09 -40.34
CA ILE M 524 -28.24 52.30 -41.14
C ILE M 524 -28.42 51.17 -42.15
N HIS M 525 -27.34 50.52 -42.54
CA HIS M 525 -27.42 49.54 -43.63
C HIS M 525 -28.26 48.33 -43.24
N HIS M 526 -28.11 47.86 -42.00
CA HIS M 526 -28.76 46.80 -41.25
C HIS M 526 -30.19 47.18 -40.89
N ILE M 527 -30.45 48.47 -40.66
CA ILE M 527 -31.81 48.93 -40.48
C ILE M 527 -32.65 48.61 -41.71
N HIS M 528 -32.04 48.70 -42.89
CA HIS M 528 -32.72 48.29 -44.11
C HIS M 528 -32.90 46.79 -44.15
N ALA M 529 -31.85 46.05 -43.81
CA ALA M 529 -31.92 44.59 -43.80
C ALA M 529 -32.95 44.11 -42.77
N PHE M 530 -32.98 44.76 -41.61
CA PHE M 530 -33.97 44.41 -40.60
C PHE M 530 -35.38 44.66 -41.12
N THR M 531 -35.62 45.84 -41.69
CA THR M 531 -36.95 46.14 -42.21
C THR M 531 -37.28 45.29 -43.42
N ILE M 532 -36.26 44.91 -44.20
CA ILE M 532 -36.50 44.06 -45.35
C ILE M 532 -36.83 42.65 -44.89
N HIS M 533 -36.14 42.16 -43.86
CA HIS M 533 -36.41 40.82 -43.35
C HIS M 533 -37.82 40.69 -42.83
N VAL M 534 -38.31 41.70 -42.10
CA VAL M 534 -39.67 41.66 -41.60
C VAL M 534 -40.66 41.70 -42.74
N THR M 535 -40.35 42.48 -43.79
CA THR M 535 -41.22 42.53 -44.94
C THR M 535 -41.31 41.18 -45.62
N VAL M 536 -40.21 40.44 -45.63
CA VAL M 536 -40.22 39.09 -46.21
C VAL M 536 -40.97 38.14 -45.29
N LEU M 537 -40.84 38.34 -43.98
CA LEU M 537 -41.54 37.48 -43.02
C LEU M 537 -43.04 37.56 -43.20
N ILE M 538 -43.55 38.77 -43.41
CA ILE M 538 -44.99 38.95 -43.58
C ILE M 538 -45.43 38.35 -44.91
N LEU M 539 -44.65 38.62 -45.97
CA LEU M 539 -45.04 38.21 -47.30
C LEU M 539 -44.82 36.73 -47.51
N LEU M 540 -43.66 36.21 -47.09
CA LEU M 540 -43.37 34.79 -47.26
C LEU M 540 -44.37 33.94 -46.47
N LYS M 541 -44.73 34.39 -45.27
CA LYS M 541 -45.73 33.68 -44.49
C LYS M 541 -47.07 33.68 -45.20
N GLY M 542 -47.36 34.75 -45.94
CA GLY M 542 -48.61 34.81 -46.68
C GLY M 542 -48.68 33.75 -47.77
N VAL M 543 -47.53 33.42 -48.38
CA VAL M 543 -47.52 32.48 -49.49
C VAL M 543 -47.63 31.05 -48.98
N LEU M 544 -46.88 30.73 -47.93
CA LEU M 544 -46.82 29.35 -47.46
C LEU M 544 -48.10 28.96 -46.73
N PHE M 545 -48.60 29.81 -45.85
CA PHE M 545 -49.76 29.51 -45.03
C PHE M 545 -51.07 29.91 -45.70
N ALA M 546 -51.04 30.31 -46.97
CA ALA M 546 -52.28 30.65 -47.66
C ALA M 546 -53.15 29.41 -47.87
N ARG M 547 -52.52 28.28 -48.19
CA ARG M 547 -53.29 27.06 -48.44
C ARG M 547 -53.89 26.51 -47.15
N SER M 548 -53.12 26.54 -46.07
CA SER M 548 -53.55 25.92 -44.83
C SER M 548 -52.72 26.47 -43.69
N SER M 549 -53.15 26.15 -42.48
CA SER M 549 -52.44 26.50 -41.27
C SER M 549 -52.90 25.55 -40.17
N ARG M 550 -52.15 25.51 -39.08
CA ARG M 550 -52.60 24.75 -37.92
C ARG M 550 -53.89 25.34 -37.36
N LEU M 551 -54.08 26.64 -37.52
CA LEU M 551 -55.30 27.28 -37.04
C LEU M 551 -56.45 27.04 -38.01
N ILE M 552 -56.18 27.12 -39.31
CA ILE M 552 -57.16 26.89 -40.36
C ILE M 552 -56.59 25.85 -41.32
N PRO M 553 -57.14 24.65 -41.42
CA PRO M 553 -56.68 23.70 -42.45
C PRO M 553 -57.33 23.86 -43.81
N ASP M 554 -58.50 24.51 -43.88
CA ASP M 554 -59.27 24.66 -45.11
C ASP M 554 -59.22 26.11 -45.58
N LYS M 555 -58.07 26.75 -45.43
CA LYS M 555 -57.94 28.15 -45.83
C LYS M 555 -58.00 28.30 -47.35
N ALA M 556 -57.72 27.24 -48.10
CA ALA M 556 -57.71 27.33 -49.55
C ALA M 556 -59.12 27.48 -50.10
N ASN M 557 -60.07 26.72 -49.55
CA ASN M 557 -61.44 26.76 -50.06
C ASN M 557 -62.08 28.13 -49.84
N LEU M 558 -61.69 28.82 -48.76
CA LEU M 558 -62.25 30.13 -48.49
C LEU M 558 -61.82 31.14 -49.53
N GLY M 559 -60.59 31.03 -50.01
CA GLY M 559 -60.06 31.88 -51.06
C GLY M 559 -58.82 32.65 -50.60
N PHE M 560 -58.19 33.28 -51.58
CA PHE M 560 -57.03 34.13 -51.29
C PHE M 560 -57.43 35.37 -50.52
N ARG M 561 -58.62 35.90 -50.82
CA ARG M 561 -59.12 37.15 -50.23
C ARG M 561 -60.37 36.84 -49.43
N PHE M 562 -60.22 36.67 -48.12
CA PHE M 562 -61.34 36.58 -47.22
C PHE M 562 -60.93 37.26 -45.91
N PRO M 563 -61.85 37.91 -45.20
CA PRO M 563 -61.45 38.69 -44.04
C PRO M 563 -61.05 37.83 -42.85
N CYS M 564 -61.81 36.77 -42.60
CA CYS M 564 -61.61 35.97 -41.40
C CYS M 564 -62.36 34.66 -41.52
N ASP M 565 -62.20 33.81 -40.50
CA ASP M 565 -63.06 32.64 -40.35
C ASP M 565 -64.14 32.90 -39.30
N GLY M 566 -63.76 33.51 -38.18
CA GLY M 566 -64.72 33.91 -37.17
C GLY M 566 -64.06 34.31 -35.86
N PRO M 567 -64.89 34.62 -34.85
CA PRO M 567 -64.34 35.03 -33.55
C PRO M 567 -63.56 33.92 -32.87
N GLY M 568 -64.05 32.70 -32.92
CA GLY M 568 -63.48 31.63 -32.14
C GLY M 568 -62.08 31.28 -32.58
N ARG M 569 -61.55 30.23 -31.94
CA ARG M 569 -60.12 29.91 -31.98
C ARG M 569 -59.28 31.07 -31.45
N GLY M 570 -59.86 31.88 -30.57
CA GLY M 570 -59.23 33.09 -30.10
C GLY M 570 -59.37 34.29 -31.01
N GLY M 571 -59.71 34.07 -32.28
CA GLY M 571 -59.78 35.14 -33.27
C GLY M 571 -58.97 34.80 -34.51
N THR M 572 -59.62 34.89 -35.67
CA THR M 572 -59.02 34.54 -36.96
C THR M 572 -58.88 35.79 -37.83
N CYS M 573 -58.39 36.87 -37.24
CA CYS M 573 -58.44 38.16 -37.90
C CYS M 573 -57.21 38.38 -38.77
N GLN M 574 -57.44 38.80 -40.01
CA GLN M 574 -56.37 39.09 -40.97
C GLN M 574 -55.49 37.86 -41.20
N VAL M 575 -56.13 36.72 -41.41
CA VAL M 575 -55.42 35.46 -41.59
C VAL M 575 -55.19 35.11 -43.06
N SER M 576 -55.89 35.75 -43.98
CA SER M 576 -55.81 35.38 -45.39
C SER M 576 -54.48 35.79 -45.99
N GLY M 577 -54.22 35.28 -47.20
CA GLY M 577 -53.05 35.71 -47.94
C GLY M 577 -53.14 37.17 -48.36
N TRP M 578 -54.37 37.65 -48.58
CA TRP M 578 -54.56 39.05 -48.90
C TRP M 578 -54.11 39.95 -47.75
N ASP M 579 -54.50 39.59 -46.53
CA ASP M 579 -54.26 40.47 -45.40
C ASP M 579 -52.78 40.53 -45.04
N HIS M 580 -52.03 39.46 -45.37
CA HIS M 580 -50.58 39.53 -45.23
C HIS M 580 -49.99 40.59 -46.13
N VAL M 581 -50.47 40.66 -47.37
CA VAL M 581 -50.01 41.69 -48.31
C VAL M 581 -50.38 43.07 -47.78
N PHE M 582 -51.54 43.18 -47.16
CA PHE M 582 -52.00 44.45 -46.61
C PHE M 582 -51.05 44.94 -45.51
N LEU M 583 -50.50 44.00 -44.73
CA LEU M 583 -49.56 44.36 -43.69
C LEU M 583 -48.17 44.59 -44.25
N GLY M 584 -47.79 43.83 -45.28
CA GLY M 584 -46.47 43.97 -45.86
C GLY M 584 -46.26 45.32 -46.52
N LEU M 585 -47.35 45.94 -46.97
CA LEU M 585 -47.23 47.24 -47.62
C LEU M 585 -46.77 48.31 -46.63
N PHE M 586 -47.24 48.24 -45.39
CA PHE M 586 -46.75 49.16 -44.37
C PHE M 586 -45.27 48.96 -44.12
N TRP M 587 -44.82 47.72 -44.17
CA TRP M 587 -43.40 47.44 -43.95
C TRP M 587 -42.59 47.65 -45.21
N MET M 588 -43.19 47.42 -46.38
CA MET M 588 -42.56 47.86 -47.62
C MET M 588 -42.33 49.37 -47.57
N TYR M 589 -43.26 50.10 -46.96
CA TYR M 589 -43.05 51.52 -46.77
C TYR M 589 -41.89 51.78 -45.82
N ASN M 590 -41.99 51.28 -44.59
CA ASN M 590 -40.99 51.59 -43.57
C ASN M 590 -39.61 51.08 -43.97
N SER M 591 -39.57 50.03 -44.78
CA SER M 591 -38.30 49.58 -45.35
C SER M 591 -37.74 50.64 -46.29
N LEU M 592 -38.62 51.36 -46.99
CA LEU M 592 -38.21 52.14 -48.13
C LEU M 592 -38.02 53.61 -47.76
N SER M 593 -38.82 54.11 -46.81
CA SER M 593 -38.75 55.51 -46.45
C SER M 593 -37.46 55.87 -45.74
N ILE M 594 -36.79 54.87 -45.14
CA ILE M 594 -35.50 55.11 -44.52
C ILE M 594 -34.40 55.10 -45.57
N VAL M 595 -34.60 54.33 -46.64
CA VAL M 595 -33.60 54.25 -47.71
C VAL M 595 -33.43 55.60 -48.38
N ILE M 596 -34.53 56.30 -48.62
CA ILE M 596 -34.46 57.57 -49.34
C ILE M 596 -33.89 58.66 -48.45
N PHE M 597 -34.04 58.53 -47.13
CA PHE M 597 -33.41 59.48 -46.21
C PHE M 597 -31.93 59.20 -46.06
N HIS M 598 -31.56 57.92 -45.95
CA HIS M 598 -30.15 57.56 -45.91
C HIS M 598 -29.41 58.08 -47.13
N PHE M 599 -30.10 58.11 -48.28
CA PHE M 599 -29.54 58.73 -49.47
C PHE M 599 -29.60 60.25 -49.38
N SER M 600 -30.68 60.79 -48.83
CA SER M 600 -30.89 62.23 -48.87
C SER M 600 -29.96 62.95 -47.91
N TRP M 601 -29.87 62.48 -46.68
CA TRP M 601 -29.10 63.20 -45.68
C TRP M 601 -27.61 63.03 -45.90
N LYS M 602 -27.19 61.83 -46.32
CA LYS M 602 -25.76 61.57 -46.50
C LYS M 602 -25.20 62.42 -47.64
N MET M 603 -25.84 62.36 -48.80
CA MET M 603 -25.31 63.07 -49.97
C MET M 603 -25.28 64.56 -49.73
N GLN M 604 -26.29 65.11 -49.05
CA GLN M 604 -26.25 66.51 -48.67
C GLN M 604 -25.10 66.78 -47.71
N SER M 605 -24.76 65.80 -46.87
CA SER M 605 -23.79 66.03 -45.80
C SER M 605 -22.38 65.72 -46.25
N ASP M 606 -22.18 64.62 -46.98
CA ASP M 606 -20.87 64.12 -47.31
C ASP M 606 -20.46 64.32 -48.76
N VAL M 607 -21.40 64.33 -49.70
CA VAL M 607 -21.07 64.33 -51.12
C VAL M 607 -21.47 65.64 -51.78
N TRP M 608 -22.77 65.91 -51.85
CA TRP M 608 -23.24 67.08 -52.58
C TRP M 608 -22.85 68.37 -51.86
N GLY M 609 -22.45 69.36 -52.66
CA GLY M 609 -22.06 70.64 -52.10
C GLY M 609 -21.33 71.46 -53.15
N THR M 610 -20.76 72.56 -52.68
CA THR M 610 -20.00 73.49 -53.52
C THR M 610 -18.53 73.34 -53.23
N VAL M 611 -17.71 73.43 -54.28
CA VAL M 611 -16.26 73.25 -54.19
C VAL M 611 -15.59 74.53 -54.65
N ASP M 612 -14.48 74.88 -53.99
CA ASP M 612 -13.70 76.04 -54.36
C ASP M 612 -12.58 75.63 -55.32
N ALA M 613 -12.06 76.63 -56.04
CA ALA M 613 -10.98 76.37 -57.00
C ALA M 613 -9.73 75.87 -56.29
N ALA M 614 -9.54 76.26 -55.03
CA ALA M 614 -8.39 75.78 -54.28
C ALA M 614 -8.45 74.28 -54.04
N GLY M 615 -9.63 73.76 -53.73
CA GLY M 615 -9.84 72.34 -53.50
C GLY M 615 -10.57 72.00 -52.22
N ASN M 616 -11.16 73.01 -51.56
CA ASN M 616 -11.89 72.82 -50.32
C ASN M 616 -13.38 72.74 -50.62
N VAL M 617 -14.01 71.65 -50.16
CA VAL M 617 -15.42 71.38 -50.42
C VAL M 617 -16.23 71.81 -49.22
N SER M 618 -17.31 72.56 -49.46
CA SER M 618 -18.24 72.98 -48.42
C SER M 618 -19.56 72.28 -48.67
N HIS M 619 -19.79 71.18 -47.96
CA HIS M 619 -21.02 70.41 -48.13
C HIS M 619 -22.21 71.21 -47.62
N ILE M 620 -23.41 70.70 -47.94
CA ILE M 620 -24.62 71.46 -47.70
C ILE M 620 -24.89 71.57 -46.20
N THR M 621 -24.79 70.47 -45.47
CA THR M 621 -25.06 70.43 -44.04
C THR M 621 -23.81 70.31 -43.19
N GLY M 622 -22.64 70.16 -43.80
CA GLY M 622 -21.39 70.21 -43.09
C GLY M 622 -21.12 69.05 -42.14
N GLY M 623 -21.12 67.84 -42.68
CA GLY M 623 -20.68 66.68 -41.93
C GLY M 623 -21.48 66.37 -40.68
N ASN M 624 -22.72 66.84 -40.58
CA ASN M 624 -23.53 66.57 -39.40
C ASN M 624 -23.98 65.12 -39.35
N PHE M 625 -23.89 64.41 -40.49
CA PHE M 625 -24.35 63.02 -40.53
C PHE M 625 -23.51 62.13 -39.63
N ALA M 626 -22.24 62.48 -39.41
CA ALA M 626 -21.34 61.58 -38.70
C ALA M 626 -21.77 61.39 -37.26
N GLN M 627 -22.10 62.48 -36.56
CA GLN M 627 -22.38 62.44 -35.13
C GLN M 627 -23.86 62.50 -34.80
N SER M 628 -24.70 62.99 -35.71
CA SER M 628 -26.12 63.17 -35.45
C SER M 628 -26.97 62.01 -35.96
N ALA M 629 -26.51 61.26 -36.95
CA ALA M 629 -27.28 60.16 -37.51
C ALA M 629 -27.15 58.87 -36.71
N ILE M 630 -26.60 58.94 -35.49
CA ILE M 630 -26.55 57.78 -34.59
C ILE M 630 -27.55 57.89 -33.45
N THR M 631 -28.43 58.89 -33.47
CA THR M 631 -29.47 59.04 -32.46
C THR M 631 -30.75 59.47 -33.15
N ILE M 632 -31.88 59.02 -32.60
CA ILE M 632 -33.17 59.29 -33.22
C ILE M 632 -33.50 60.78 -33.16
N ASN M 633 -33.00 61.48 -32.14
CA ASN M 633 -33.27 62.90 -32.03
C ASN M 633 -32.54 63.68 -33.11
N GLY M 634 -31.36 63.20 -33.51
CA GLY M 634 -30.62 63.89 -34.56
C GLY M 634 -31.35 63.88 -35.89
N TRP M 635 -31.99 62.75 -36.22
CA TRP M 635 -32.82 62.71 -37.41
C TRP M 635 -34.01 63.64 -37.27
N LEU M 636 -34.60 63.69 -36.08
CA LEU M 636 -35.72 64.59 -35.85
C LEU M 636 -35.27 66.04 -35.87
N ARG M 637 -34.04 66.30 -35.39
CA ARG M 637 -33.55 67.67 -35.32
C ARG M 637 -32.91 68.11 -36.63
N ASP M 638 -31.88 67.40 -37.07
CA ASP M 638 -31.02 67.88 -38.14
C ASP M 638 -31.53 67.55 -39.53
N PHE M 639 -32.43 66.58 -39.67
CA PHE M 639 -32.95 66.17 -40.97
C PHE M 639 -34.39 66.58 -41.22
N LEU M 640 -35.29 66.39 -40.25
CA LEU M 640 -36.70 66.71 -40.44
C LEU M 640 -37.03 68.14 -40.04
N TRP M 641 -36.58 68.58 -38.85
CA TRP M 641 -36.89 69.93 -38.41
C TRP M 641 -36.13 70.97 -39.22
N ALA M 642 -34.88 70.65 -39.60
CA ALA M 642 -34.03 71.64 -40.24
C ALA M 642 -34.35 71.77 -41.73
N GLN M 643 -34.36 70.66 -42.45
CA GLN M 643 -34.53 70.70 -43.90
C GLN M 643 -35.94 71.06 -44.32
N ALA M 644 -36.92 71.00 -43.42
CA ALA M 644 -38.30 71.33 -43.73
C ALA M 644 -38.60 72.82 -43.56
N SER M 645 -37.58 73.65 -43.32
CA SER M 645 -37.83 75.08 -43.15
C SER M 645 -38.31 75.72 -44.45
N GLN M 646 -37.78 75.25 -45.58
CA GLN M 646 -38.16 75.84 -46.86
C GLN M 646 -39.61 75.51 -47.21
N VAL M 647 -40.10 74.36 -46.75
CA VAL M 647 -41.46 73.95 -47.09
C VAL M 647 -42.48 74.84 -46.40
N ILE M 648 -42.37 74.98 -45.08
CA ILE M 648 -43.34 75.77 -44.32
C ILE M 648 -43.27 77.24 -44.73
N ASN M 649 -42.07 77.73 -45.05
CA ASN M 649 -41.88 79.09 -45.50
C ASN M 649 -42.06 79.25 -47.01
N SER M 650 -42.64 78.26 -47.68
CA SER M 650 -42.83 78.33 -49.13
C SER M 650 -44.02 79.18 -49.53
N TYR M 651 -44.84 79.61 -48.57
CA TYR M 651 -46.04 80.37 -48.91
C TYR M 651 -45.67 81.72 -49.48
N GLY M 652 -46.38 82.12 -50.52
CA GLY M 652 -46.07 83.36 -51.22
C GLY M 652 -44.91 83.27 -52.17
N SER M 653 -44.63 82.09 -52.71
CA SER M 653 -43.53 81.88 -53.64
C SER M 653 -43.94 80.83 -54.67
N ALA M 654 -43.01 80.51 -55.57
CA ALA M 654 -43.28 79.51 -56.59
C ALA M 654 -43.40 78.11 -56.00
N LEU M 655 -42.71 77.86 -54.88
CA LEU M 655 -42.76 76.58 -54.20
C LEU M 655 -43.93 76.48 -53.23
N SER M 656 -44.87 77.42 -53.28
CA SER M 656 -45.98 77.43 -52.33
C SER M 656 -46.87 76.20 -52.44
N ALA M 657 -47.00 75.63 -53.65
CA ALA M 657 -47.82 74.44 -53.81
C ALA M 657 -47.22 73.23 -53.09
N TYR M 658 -45.89 73.17 -52.99
CA TYR M 658 -45.27 72.09 -52.25
C TYR M 658 -45.64 72.16 -50.78
N GLY M 659 -45.71 73.38 -50.23
CA GLY M 659 -46.20 73.54 -48.87
C GLY M 659 -47.63 73.03 -48.72
N LEU M 660 -48.45 73.22 -49.76
CA LEU M 660 -49.80 72.70 -49.72
C LEU M 660 -49.82 71.18 -49.91
N MET M 661 -49.03 70.68 -50.87
CA MET M 661 -49.00 69.24 -51.10
C MET M 661 -48.33 68.52 -49.95
N PHE M 662 -47.35 69.15 -49.31
CA PHE M 662 -46.75 68.58 -48.11
C PHE M 662 -47.77 68.46 -47.00
N LEU M 663 -48.75 69.36 -46.97
CA LEU M 663 -49.73 69.41 -45.90
C LEU M 663 -50.98 68.61 -46.21
N GLY M 664 -51.52 68.71 -47.43
CA GLY M 664 -52.71 67.94 -47.77
C GLY M 664 -52.50 66.45 -47.65
N ALA M 665 -51.26 65.99 -47.78
CA ALA M 665 -50.96 64.58 -47.61
C ALA M 665 -51.14 64.16 -46.16
N HIS M 666 -50.79 65.05 -45.23
CA HIS M 666 -50.97 64.75 -43.81
C HIS M 666 -52.44 64.51 -43.49
N PHE M 667 -53.33 65.26 -44.13
CA PHE M 667 -54.76 65.02 -43.96
C PHE M 667 -55.15 63.66 -44.52
N VAL M 668 -54.74 63.38 -45.76
CA VAL M 668 -55.03 62.09 -46.39
C VAL M 668 -54.46 60.95 -45.58
N TRP M 669 -53.34 61.17 -44.88
CA TRP M 669 -52.75 60.11 -44.09
C TRP M 669 -53.62 59.76 -42.89
N ALA M 670 -53.89 60.75 -42.04
CA ALA M 670 -54.71 60.51 -40.86
C ALA M 670 -56.11 60.05 -41.24
N PHE M 671 -56.58 60.46 -42.43
CA PHE M 671 -57.84 59.95 -42.94
C PHE M 671 -57.80 58.45 -43.15
N SER M 672 -56.61 57.89 -43.39
CA SER M 672 -56.46 56.45 -43.48
C SER M 672 -56.82 55.77 -42.17
N LEU M 673 -56.48 56.41 -41.06
CA LEU M 673 -56.64 55.78 -39.75
C LEU M 673 -58.10 55.56 -39.39
N MET M 674 -59.02 56.22 -40.09
CA MET M 674 -60.43 55.88 -39.97
C MET M 674 -60.67 54.42 -40.28
N PHE M 675 -60.17 53.96 -41.43
CA PHE M 675 -60.57 52.67 -41.96
C PHE M 675 -59.74 51.54 -41.36
N LEU M 676 -58.52 51.83 -40.93
CA LEU M 676 -57.68 50.80 -40.34
C LEU M 676 -58.10 50.50 -38.91
N PHE M 677 -58.33 51.55 -38.12
CA PHE M 677 -58.62 51.36 -36.70
C PHE M 677 -60.07 50.90 -36.50
N SER M 678 -60.98 51.39 -37.32
CA SER M 678 -62.41 51.17 -37.11
C SER M 678 -62.83 49.78 -37.59
N GLY M 679 -64.15 49.58 -37.64
CA GLY M 679 -64.72 48.36 -38.14
C GLY M 679 -66.09 48.62 -38.73
N ARG M 680 -66.49 47.73 -39.65
CA ARG M 680 -67.74 47.93 -40.38
C ARG M 680 -68.95 47.93 -39.46
N GLY M 681 -68.88 47.16 -38.37
CA GLY M 681 -70.05 47.01 -37.50
C GLY M 681 -70.59 48.33 -36.99
N TYR M 682 -69.69 49.23 -36.59
CA TYR M 682 -70.11 50.57 -36.21
C TYR M 682 -70.78 51.29 -37.37
N TRP M 683 -70.19 51.20 -38.56
CA TRP M 683 -70.58 52.09 -39.65
C TRP M 683 -71.91 51.69 -40.25
N GLN M 684 -72.24 50.40 -40.25
CA GLN M 684 -73.53 49.98 -40.78
C GLN M 684 -74.66 50.36 -39.85
N GLU M 685 -74.42 50.33 -38.54
CA GLU M 685 -75.42 50.79 -37.58
C GLU M 685 -75.69 52.27 -37.75
N LEU M 686 -74.64 53.06 -37.90
CA LEU M 686 -74.81 54.49 -38.12
C LEU M 686 -75.57 54.77 -39.41
N ILE M 687 -75.27 54.02 -40.46
CA ILE M 687 -75.96 54.19 -41.73
C ILE M 687 -77.43 53.79 -41.59
N GLU M 688 -77.73 52.84 -40.71
CA GLU M 688 -79.11 52.41 -40.50
C GLU M 688 -79.94 53.55 -39.95
N SER M 689 -79.41 54.28 -38.96
CA SER M 689 -80.14 55.40 -38.39
C SER M 689 -80.30 56.52 -39.41
N ILE M 690 -79.30 56.71 -40.26
CA ILE M 690 -79.39 57.76 -41.28
C ILE M 690 -80.40 57.37 -42.36
N VAL M 691 -80.53 56.07 -42.62
CA VAL M 691 -81.49 55.61 -43.61
C VAL M 691 -82.91 55.91 -43.15
N TRP M 692 -83.15 55.86 -41.83
CA TRP M 692 -84.47 56.16 -41.30
C TRP M 692 -84.87 57.59 -41.61
N ALA M 693 -83.91 58.53 -41.52
CA ALA M 693 -84.21 59.93 -41.81
C ALA M 693 -84.64 60.10 -43.26
N HIS M 694 -84.06 59.31 -44.17
CA HIS M 694 -84.44 59.41 -45.57
C HIS M 694 -85.78 58.73 -45.83
N ASN M 695 -86.05 57.64 -45.11
CA ASN M 695 -87.38 57.04 -45.18
C ASN M 695 -88.44 58.01 -44.70
N LYS M 696 -88.13 58.76 -43.63
CA LYS M 696 -89.07 59.73 -43.09
C LYS M 696 -89.48 60.75 -44.14
N LEU M 697 -88.50 61.36 -44.80
CA LEU M 697 -88.75 62.34 -45.86
C LEU M 697 -88.91 61.68 -47.23
N LYS M 698 -88.98 60.35 -47.29
CA LYS M 698 -89.26 59.63 -48.53
C LYS M 698 -88.16 59.86 -49.56
N VAL M 699 -86.91 59.90 -49.09
CA VAL M 699 -85.74 60.01 -49.95
C VAL M 699 -84.96 58.70 -49.86
N ALA M 700 -85.67 57.60 -49.63
CA ALA M 700 -85.01 56.33 -49.45
C ALA M 700 -84.46 55.82 -50.78
N PRO M 701 -83.19 55.36 -50.82
CA PRO M 701 -82.63 54.94 -52.11
C PRO M 701 -83.07 53.53 -52.50
N ALA M 702 -83.15 53.27 -53.81
CA ALA M 702 -83.53 51.94 -54.26
C ALA M 702 -82.43 50.93 -53.98
N ILE M 703 -81.20 51.25 -54.40
CA ILE M 703 -80.04 50.44 -54.07
C ILE M 703 -79.76 50.65 -52.59
N GLN M 704 -80.04 49.63 -51.79
CA GLN M 704 -80.00 49.79 -50.35
C GLN M 704 -78.56 50.02 -49.90
N PRO M 705 -78.29 51.02 -49.06
CA PRO M 705 -76.89 51.35 -48.76
C PRO M 705 -76.28 50.33 -47.82
N ARG M 706 -74.97 50.12 -47.98
CA ARG M 706 -74.23 49.15 -47.19
C ARG M 706 -72.85 49.71 -46.92
N ALA M 707 -72.34 49.40 -45.73
CA ALA M 707 -70.99 49.79 -45.37
C ALA M 707 -69.97 49.06 -46.23
N LEU M 708 -68.75 49.59 -46.26
CA LEU M 708 -67.69 48.96 -47.03
C LEU M 708 -67.33 47.61 -46.43
N SER M 709 -66.95 46.68 -47.30
CA SER M 709 -66.56 45.35 -46.86
C SER M 709 -65.36 45.42 -45.92
N ILE M 710 -65.11 44.31 -45.24
CA ILE M 710 -64.03 44.28 -44.26
C ILE M 710 -62.69 44.38 -44.95
N THR M 711 -62.50 43.60 -46.01
CA THR M 711 -61.26 43.66 -46.77
C THR M 711 -61.09 45.00 -47.44
N GLN M 712 -62.20 45.62 -47.85
CA GLN M 712 -62.11 46.93 -48.49
C GLN M 712 -61.68 48.00 -47.51
N GLY M 713 -62.19 47.95 -46.28
CA GLY M 713 -61.79 48.93 -45.28
C GLY M 713 -60.30 48.90 -45.01
N ARG M 714 -59.73 47.70 -44.93
CA ARG M 714 -58.28 47.58 -44.83
C ARG M 714 -57.61 48.07 -46.10
N ALA M 715 -58.24 47.84 -47.25
CA ALA M 715 -57.65 48.27 -48.53
C ALA M 715 -57.67 49.78 -48.67
N VAL M 716 -58.80 50.42 -48.32
CA VAL M 716 -58.91 51.86 -48.49
C VAL M 716 -57.94 52.59 -47.56
N GLY M 717 -57.64 51.99 -46.40
CA GLY M 717 -56.73 52.63 -45.47
C GLY M 717 -55.31 52.66 -45.99
N VAL M 718 -54.77 51.49 -46.34
CA VAL M 718 -53.39 51.42 -46.81
C VAL M 718 -53.20 52.25 -48.08
N ALA M 719 -54.26 52.39 -48.88
CA ALA M 719 -54.20 53.28 -50.03
C ALA M 719 -53.99 54.72 -49.58
N HIS M 720 -54.69 55.14 -48.53
CA HIS M 720 -54.52 56.49 -48.01
C HIS M 720 -53.25 56.61 -47.21
N TYR M 721 -52.93 55.60 -46.40
CA TYR M 721 -51.75 55.63 -45.55
C TYR M 721 -50.49 55.81 -46.37
N LEU M 722 -50.39 55.09 -47.48
CA LEU M 722 -49.23 55.22 -48.35
C LEU M 722 -49.27 56.53 -49.13
N LEU M 723 -50.43 56.85 -49.71
CA LEU M 723 -50.55 58.07 -50.50
C LEU M 723 -50.26 59.31 -49.65
N GLY M 724 -50.68 59.29 -48.39
CA GLY M 724 -50.38 60.40 -47.51
C GLY M 724 -48.92 60.43 -47.09
N GLY M 725 -48.31 59.25 -46.98
CA GLY M 725 -46.90 59.20 -46.60
C GLY M 725 -45.99 59.64 -47.73
N ILE M 726 -46.15 59.04 -48.91
CA ILE M 726 -45.25 59.31 -50.02
C ILE M 726 -45.42 60.74 -50.48
N ALA M 727 -46.66 61.22 -50.57
CA ALA M 727 -46.90 62.58 -51.03
C ALA M 727 -46.31 63.60 -50.08
N THR M 728 -46.19 63.24 -48.79
CA THR M 728 -45.62 64.17 -47.82
C THR M 728 -44.14 64.38 -48.09
N THR M 729 -43.34 63.30 -48.08
CA THR M 729 -41.91 63.43 -48.31
C THR M 729 -41.61 63.79 -49.76
N TRP M 730 -42.57 63.62 -50.66
CA TRP M 730 -42.39 64.04 -52.04
C TRP M 730 -42.19 65.55 -52.13
N ALA M 731 -43.04 66.32 -51.45
CA ALA M 731 -42.91 67.77 -51.48
C ALA M 731 -41.73 68.24 -50.64
N PHE M 732 -41.44 67.53 -49.55
CA PHE M 732 -40.30 67.88 -48.71
C PHE M 732 -38.99 67.72 -49.47
N PHE M 733 -38.88 66.65 -50.25
CA PHE M 733 -37.69 66.46 -51.08
C PHE M 733 -37.62 67.51 -52.17
N HIS M 734 -38.76 67.85 -52.78
CA HIS M 734 -38.76 68.82 -53.86
C HIS M 734 -38.35 70.20 -53.38
N ALA M 735 -39.08 70.75 -52.41
CA ALA M 735 -38.90 72.15 -52.03
C ALA M 735 -37.54 72.37 -51.38
N HIS M 736 -36.97 71.34 -50.74
CA HIS M 736 -35.69 71.51 -50.07
C HIS M 736 -34.57 71.75 -51.07
N ILE M 737 -34.48 70.90 -52.10
CA ILE M 737 -33.39 71.00 -53.05
C ILE M 737 -33.67 72.09 -54.09
N LEU M 738 -34.95 72.30 -54.42
CA LEU M 738 -35.29 73.35 -55.36
C LEU M 738 -34.90 74.71 -54.82
N SER M 739 -34.89 74.87 -53.50
CA SER M 739 -34.33 76.07 -52.88
C SER M 739 -32.83 75.94 -52.71
N VAL M 740 -32.36 74.76 -52.32
CA VAL M 740 -30.94 74.51 -52.08
C VAL M 740 -30.33 73.84 -53.30
N THR N 1 -56.51 25.59 -11.63
CA THR N 1 -55.39 26.40 -11.18
C THR N 1 -55.87 27.46 -10.19
N LYS N 2 -57.02 28.05 -10.49
CA LYS N 2 -57.74 28.91 -9.56
C LYS N 2 -57.01 30.21 -9.25
N PHE N 3 -56.41 30.85 -10.25
CA PHE N 3 -55.89 32.19 -9.99
C PHE N 3 -57.08 33.13 -9.82
N PRO N 4 -57.97 33.28 -10.81
CA PRO N 4 -59.17 34.07 -10.55
C PRO N 4 -60.19 33.27 -9.76
N LYS N 5 -60.28 33.54 -8.46
CA LYS N 5 -61.34 32.92 -7.66
C LYS N 5 -62.71 33.47 -8.04
N PHE N 6 -62.74 34.69 -8.58
CA PHE N 6 -64.00 35.29 -8.99
C PHE N 6 -64.58 34.61 -10.24
N SER N 7 -63.76 33.87 -10.98
CA SER N 7 -64.17 33.23 -12.22
C SER N 7 -63.68 31.80 -12.27
N GLN N 8 -64.61 30.85 -12.19
CA GLN N 8 -64.28 29.46 -12.45
C GLN N 8 -63.96 29.23 -13.93
N ASP N 9 -64.51 30.08 -14.80
CA ASP N 9 -64.29 29.93 -16.23
C ASP N 9 -62.84 30.22 -16.61
N LEU N 10 -62.34 31.39 -16.22
CA LEU N 10 -60.97 31.77 -16.57
C LEU N 10 -59.96 30.85 -15.91
N ALA N 11 -60.26 30.36 -14.71
CA ALA N 11 -59.34 29.48 -14.00
C ALA N 11 -59.15 28.17 -14.76
N GLN N 12 -60.20 27.68 -15.41
CA GLN N 12 -60.14 26.46 -16.20
C GLN N 12 -59.80 26.78 -17.66
N ASP N 13 -58.64 27.44 -17.82
CA ASP N 13 -58.13 27.85 -19.13
C ASP N 13 -56.69 27.39 -19.23
N PRO N 14 -56.33 26.51 -20.18
CA PRO N 14 -54.93 26.10 -20.26
C PRO N 14 -54.03 27.17 -20.83
N THR N 15 -54.58 28.15 -21.54
CA THR N 15 -53.79 29.16 -22.20
C THR N 15 -53.34 30.23 -21.21
N THR N 16 -52.61 31.21 -21.72
CA THR N 16 -52.22 32.39 -20.96
C THR N 16 -53.27 33.49 -20.98
N ARG N 17 -54.43 33.23 -21.59
CA ARG N 17 -55.50 34.21 -21.60
C ARG N 17 -56.02 34.51 -20.20
N ARG N 18 -55.98 33.50 -19.31
CA ARG N 18 -56.48 33.67 -17.95
C ARG N 18 -55.76 34.80 -17.22
N ILE N 19 -54.48 34.99 -17.52
CA ILE N 19 -53.70 36.00 -16.81
C ILE N 19 -54.15 37.39 -17.22
N TRP N 20 -54.40 37.59 -18.51
CA TRP N 20 -54.73 38.91 -19.01
C TRP N 20 -56.16 39.29 -18.65
N TYR N 21 -57.12 38.42 -18.93
CA TYR N 21 -58.51 38.75 -18.66
C TYR N 21 -58.79 38.87 -17.17
N ALA N 22 -58.02 38.15 -16.35
CA ALA N 22 -58.17 38.28 -14.90
C ALA N 22 -57.83 39.70 -14.45
N MET N 23 -56.75 40.27 -14.99
CA MET N 23 -56.43 41.66 -14.72
C MET N 23 -57.58 42.57 -15.10
N ALA N 24 -58.22 42.29 -16.23
CA ALA N 24 -59.28 43.18 -16.73
C ALA N 24 -60.47 43.22 -15.78
N MET N 25 -61.17 42.10 -15.61
CA MET N 25 -62.41 42.06 -14.87
C MET N 25 -62.21 41.63 -13.42
N GLY N 26 -61.04 41.90 -12.84
CA GLY N 26 -60.86 41.64 -11.42
C GLY N 26 -61.54 42.69 -10.56
N ASN N 27 -61.73 43.89 -11.10
CA ASN N 27 -62.43 44.97 -10.42
C ASN N 27 -63.93 44.99 -10.69
N ASP N 28 -64.42 44.16 -11.62
CA ASP N 28 -65.84 44.12 -11.97
C ASP N 28 -66.55 43.19 -11.00
N PHE N 29 -66.98 43.75 -9.87
CA PHE N 29 -67.62 42.92 -8.84
C PHE N 29 -68.97 42.39 -9.30
N GLU N 30 -69.62 43.06 -10.24
CA GLU N 30 -70.91 42.58 -10.73
C GLU N 30 -70.77 41.25 -11.45
N SER N 31 -69.63 41.03 -12.10
CA SER N 31 -69.36 39.79 -12.81
C SER N 31 -68.71 38.73 -11.94
N HIS N 32 -68.30 39.08 -10.72
CA HIS N 32 -67.68 38.11 -9.83
C HIS N 32 -68.67 37.00 -9.48
N ASP N 33 -68.17 35.77 -9.46
CA ASP N 33 -69.02 34.61 -9.18
C ASP N 33 -69.52 34.65 -7.75
N GLY N 34 -70.80 34.34 -7.58
CA GLY N 34 -71.39 34.28 -6.24
C GLY N 34 -71.44 35.61 -5.53
N MET N 35 -71.76 36.69 -6.24
CA MET N 35 -71.83 38.03 -5.68
C MET N 35 -73.28 38.48 -5.67
N THR N 36 -73.85 38.59 -4.49
CA THR N 36 -75.18 39.16 -4.32
C THR N 36 -75.12 40.67 -4.25
N GLU N 37 -76.29 41.30 -4.28
CA GLU N 37 -76.35 42.76 -4.20
C GLU N 37 -75.87 43.26 -2.85
N GLU N 38 -76.19 42.54 -1.77
CA GLU N 38 -75.76 42.96 -0.45
C GLU N 38 -74.24 42.93 -0.33
N ASN N 39 -73.62 41.82 -0.70
CA ASN N 39 -72.17 41.73 -0.68
C ASN N 39 -71.54 42.68 -1.69
N LEU N 40 -72.27 42.99 -2.77
CA LEU N 40 -71.73 43.88 -3.79
C LEU N 40 -71.54 45.29 -3.24
N TYR N 41 -72.59 45.86 -2.66
CA TYR N 41 -72.49 47.22 -2.13
C TYR N 41 -71.48 47.29 -0.99
N GLN N 42 -71.40 46.25 -0.17
CA GLN N 42 -70.48 46.25 0.96
C GLN N 42 -69.04 46.23 0.49
N LYS N 43 -68.73 45.40 -0.50
CA LYS N 43 -67.37 45.34 -1.03
C LYS N 43 -66.99 46.65 -1.71
N ILE N 44 -67.96 47.30 -2.35
CA ILE N 44 -67.69 48.59 -2.99
C ILE N 44 -67.40 49.64 -1.94
N PHE N 45 -68.10 49.58 -0.81
CA PHE N 45 -67.97 50.61 0.22
C PHE N 45 -66.58 50.59 0.84
N ALA N 46 -66.05 49.39 1.10
CA ALA N 46 -64.73 49.29 1.69
C ALA N 46 -63.65 49.74 0.72
N THR N 47 -63.88 49.54 -0.58
CA THR N 47 -62.87 49.92 -1.57
C THR N 47 -62.73 51.43 -1.66
N HIS N 48 -63.82 52.16 -1.42
CA HIS N 48 -63.75 53.62 -1.43
C HIS N 48 -62.76 54.12 -0.39
N PHE N 49 -62.74 53.49 0.79
CA PHE N 49 -61.84 53.91 1.85
C PHE N 49 -60.39 53.74 1.44
N GLY N 50 -60.05 52.61 0.82
CA GLY N 50 -58.70 52.41 0.36
C GLY N 50 -58.31 53.40 -0.72
N HIS N 51 -59.25 53.72 -1.61
CA HIS N 51 -58.99 54.73 -2.62
C HIS N 51 -58.83 56.10 -1.99
N LEU N 52 -59.62 56.39 -0.96
CA LEU N 52 -59.48 57.65 -0.25
C LEU N 52 -58.12 57.76 0.42
N ALA N 53 -57.59 56.64 0.90
CA ALA N 53 -56.28 56.66 1.54
C ALA N 53 -55.18 56.98 0.55
N ILE N 54 -55.29 56.47 -0.68
CA ILE N 54 -54.25 56.70 -1.68
C ILE N 54 -54.18 58.18 -2.02
N ILE N 55 -55.31 58.88 -1.96
CA ILE N 55 -55.32 60.31 -2.18
C ILE N 55 -54.47 61.03 -1.14
N PHE N 56 -54.80 60.82 0.14
CA PHE N 56 -54.16 61.58 1.19
C PHE N 56 -52.69 61.22 1.33
N LEU N 57 -52.35 59.95 1.11
CA LEU N 57 -50.95 59.55 1.10
C LEU N 57 -50.20 60.23 -0.04
N TRP N 58 -50.84 60.34 -1.21
CA TRP N 58 -50.24 61.08 -2.30
C TRP N 58 -50.13 62.55 -1.96
N ALA N 59 -51.12 63.10 -1.26
CA ALA N 59 -51.04 64.48 -0.81
C ALA N 59 -49.91 64.66 0.19
N SER N 60 -49.66 63.64 1.02
CA SER N 60 -48.56 63.70 1.96
C SER N 60 -47.22 63.72 1.25
N SER N 61 -47.13 63.04 0.10
CA SER N 61 -45.87 63.00 -0.64
C SER N 61 -45.48 64.38 -1.13
N LEU N 62 -46.46 65.18 -1.56
CA LEU N 62 -46.15 66.52 -2.04
C LEU N 62 -45.58 67.37 -0.93
N LEU N 63 -46.05 67.17 0.30
CA LEU N 63 -45.62 68.00 1.42
C LEU N 63 -44.28 67.53 1.95
N PHE N 64 -44.05 66.21 1.94
CA PHE N 64 -42.81 65.67 2.49
C PHE N 64 -41.61 66.08 1.67
N HIS N 65 -41.70 65.91 0.35
CA HIS N 65 -40.55 66.18 -0.52
C HIS N 65 -40.27 67.68 -0.61
N VAL N 66 -41.33 68.50 -0.64
CA VAL N 66 -41.14 69.94 -0.65
C VAL N 66 -40.54 70.40 0.67
N ALA N 67 -40.82 69.67 1.75
CA ALA N 67 -40.23 70.01 3.05
C ALA N 67 -38.79 69.52 3.12
N TRP N 68 -38.55 68.28 2.70
CA TRP N 68 -37.23 67.69 2.83
C TRP N 68 -36.32 68.10 1.68
N GLN N 69 -36.87 68.19 0.46
CA GLN N 69 -36.10 68.42 -0.75
C GLN N 69 -36.58 69.64 -1.52
N GLY N 70 -37.23 70.60 -0.85
CA GLY N 70 -37.78 71.76 -1.52
C GLY N 70 -37.29 73.05 -0.90
N ASN N 71 -37.11 74.05 -1.78
CA ASN N 71 -36.66 75.37 -1.37
C ASN N 71 -37.86 76.30 -1.16
N PHE N 72 -38.77 75.86 -0.29
CA PHE N 72 -39.97 76.64 -0.04
C PHE N 72 -39.66 77.92 0.72
N GLU N 73 -38.61 77.91 1.54
CA GLU N 73 -38.21 79.12 2.24
C GLU N 73 -37.68 80.17 1.26
N GLN N 74 -36.77 79.77 0.39
CA GLN N 74 -36.16 80.72 -0.52
C GLN N 74 -37.16 81.21 -1.56
N TRP N 75 -38.11 80.36 -1.95
CA TRP N 75 -39.11 80.74 -2.93
C TRP N 75 -40.04 81.82 -2.38
N ILE N 76 -40.25 81.85 -1.07
CA ILE N 76 -41.14 82.84 -0.48
C ILE N 76 -40.55 84.23 -0.60
N LYS N 77 -39.23 84.35 -0.48
CA LYS N 77 -38.60 85.66 -0.50
C LYS N 77 -38.70 86.30 -1.88
N ASP N 78 -38.64 85.50 -2.93
CA ASP N 78 -38.70 85.98 -4.31
C ASP N 78 -39.48 84.96 -5.13
N PRO N 79 -40.81 84.96 -5.04
CA PRO N 79 -41.59 83.95 -5.77
C PRO N 79 -41.46 84.05 -7.28
N LEU N 80 -41.29 85.26 -7.81
CA LEU N 80 -41.28 85.43 -9.26
C LEU N 80 -39.99 84.91 -9.87
N HIS N 81 -38.85 85.24 -9.28
CA HIS N 81 -37.54 84.94 -9.87
C HIS N 81 -36.89 83.69 -9.29
N VAL N 82 -37.62 82.88 -8.52
CA VAL N 82 -37.12 81.63 -7.99
C VAL N 82 -37.99 80.50 -8.53
N ARG N 83 -37.35 79.43 -8.98
CA ARG N 83 -38.05 78.29 -9.55
C ARG N 83 -38.35 77.27 -8.46
N PRO N 84 -39.60 76.85 -8.25
CA PRO N 84 -39.86 75.86 -7.20
C PRO N 84 -39.40 74.49 -7.65
N ILE N 85 -38.81 73.75 -6.71
CA ILE N 85 -38.24 72.43 -6.97
C ILE N 85 -39.12 71.41 -6.27
N ALA N 86 -39.48 70.34 -6.99
CA ALA N 86 -40.43 69.37 -6.47
C ALA N 86 -39.75 68.33 -5.58
N HIS N 87 -38.66 67.75 -6.07
CA HIS N 87 -38.00 66.65 -5.36
C HIS N 87 -36.62 66.44 -5.94
N ALA N 88 -35.76 65.82 -5.14
CA ALA N 88 -34.43 65.46 -5.59
C ALA N 88 -34.50 64.27 -6.53
N ILE N 89 -33.37 63.96 -7.15
CA ILE N 89 -33.25 62.87 -8.11
C ILE N 89 -31.94 62.16 -7.86
N TRP N 90 -32.00 60.83 -7.75
CA TRP N 90 -30.83 59.99 -7.54
C TRP N 90 -30.83 58.90 -8.61
N ASP N 91 -30.24 59.22 -9.76
CA ASP N 91 -30.05 58.28 -10.85
C ASP N 91 -28.58 57.91 -10.95
N PRO N 92 -28.19 56.64 -10.78
CA PRO N 92 -26.77 56.30 -11.01
C PRO N 92 -26.34 56.45 -12.45
N HIS N 93 -27.29 56.51 -13.38
CA HIS N 93 -26.96 56.58 -14.80
C HIS N 93 -26.50 57.98 -15.19
N PHE N 94 -26.83 59.00 -14.41
CA PHE N 94 -26.47 60.36 -14.77
C PHE N 94 -24.96 60.52 -14.79
N GLY N 95 -24.45 61.02 -15.91
CA GLY N 95 -23.08 61.41 -16.00
C GLY N 95 -22.83 62.74 -15.32
N LYS N 96 -21.56 63.07 -15.15
CA LYS N 96 -21.20 64.31 -14.48
C LYS N 96 -21.70 65.56 -15.20
N PRO N 97 -21.72 65.64 -16.53
CA PRO N 97 -22.32 66.82 -17.17
C PRO N 97 -23.81 66.98 -16.87
N ALA N 98 -24.52 65.87 -16.71
CA ALA N 98 -25.96 65.96 -16.48
C ALA N 98 -26.26 66.43 -15.06
N ILE N 99 -25.50 65.95 -14.09
CA ILE N 99 -25.71 66.37 -12.70
C ILE N 99 -25.48 67.87 -12.57
N GLU N 100 -24.52 68.41 -13.31
CA GLU N 100 -24.31 69.85 -13.32
C GLU N 100 -25.48 70.56 -13.97
N ALA N 101 -26.17 69.91 -14.90
CA ALA N 101 -27.30 70.54 -15.57
C ALA N 101 -28.51 70.62 -14.66
N PHE N 102 -28.74 69.58 -13.85
CA PHE N 102 -29.90 69.51 -12.98
C PHE N 102 -29.66 70.10 -11.60
N THR N 103 -28.44 70.54 -11.30
CA THR N 103 -28.17 71.33 -10.09
C THR N 103 -28.66 72.74 -10.37
N GLN N 104 -29.97 72.93 -10.23
CA GLN N 104 -30.64 74.16 -10.62
C GLN N 104 -31.47 74.69 -9.46
N ALA N 105 -31.78 75.97 -9.51
CA ALA N 105 -32.59 76.64 -8.51
C ALA N 105 -31.93 76.56 -7.12
N GLY N 106 -30.61 76.69 -7.12
CA GLY N 106 -29.87 76.75 -5.87
C GLY N 106 -29.94 75.49 -5.05
N ALA N 107 -29.77 74.32 -5.68
CA ALA N 107 -29.76 73.04 -5.01
C ALA N 107 -28.33 72.50 -4.96
N ASN N 108 -27.98 71.89 -3.84
CA ASN N 108 -26.64 71.32 -3.70
C ASN N 108 -26.45 70.16 -4.68
N GLY N 109 -27.47 69.32 -4.82
CA GLY N 109 -27.44 68.21 -5.74
C GLY N 109 -28.42 68.42 -6.88
N PRO N 110 -28.58 67.40 -7.73
CA PRO N 110 -29.52 67.52 -8.84
C PRO N 110 -30.96 67.48 -8.34
N VAL N 111 -31.84 68.13 -9.08
CA VAL N 111 -33.23 68.32 -8.66
C VAL N 111 -34.09 68.65 -9.87
N ASN N 112 -35.39 68.39 -9.74
CA ASN N 112 -36.38 68.71 -10.75
C ASN N 112 -37.15 69.96 -10.34
N ILE N 113 -37.40 70.83 -11.31
CA ILE N 113 -38.24 72.01 -11.06
C ILE N 113 -39.69 71.59 -11.09
N ALA N 114 -40.48 72.17 -10.19
CA ALA N 114 -41.89 71.85 -10.02
C ALA N 114 -42.72 72.68 -10.98
N TYR N 115 -43.82 72.11 -11.46
CA TYR N 115 -44.77 72.80 -12.32
C TYR N 115 -46.22 72.52 -11.95
N SER N 116 -46.47 72.03 -10.73
CA SER N 116 -47.82 71.70 -10.33
C SER N 116 -48.57 72.91 -9.79
N GLY N 117 -47.85 73.85 -9.16
CA GLY N 117 -48.44 75.03 -8.57
C GLY N 117 -48.77 74.91 -7.11
N VAL N 118 -48.23 73.91 -6.41
CA VAL N 118 -48.54 73.73 -5.00
C VAL N 118 -47.87 74.80 -4.16
N TYR N 119 -46.69 75.27 -4.58
CA TYR N 119 -45.98 76.29 -3.84
C TYR N 119 -46.82 77.57 -3.75
N HIS N 120 -47.54 77.90 -4.82
CA HIS N 120 -48.37 79.09 -4.82
C HIS N 120 -49.63 78.88 -3.98
N TRP N 121 -50.12 77.64 -3.94
CA TRP N 121 -51.33 77.36 -3.17
C TRP N 121 -51.03 77.26 -1.68
N TRP N 122 -49.95 76.56 -1.31
CA TRP N 122 -49.58 76.46 0.09
C TRP N 122 -49.11 77.80 0.64
N TYR N 123 -48.52 78.64 -0.22
CA TYR N 123 -48.06 79.95 0.24
C TYR N 123 -49.24 80.89 0.44
N THR N 124 -50.18 80.89 -0.50
CA THR N 124 -51.32 81.79 -0.42
C THR N 124 -52.20 81.45 0.77
N ILE N 125 -52.28 80.16 1.13
CA ILE N 125 -53.25 79.72 2.12
C ILE N 125 -52.77 79.87 3.55
N GLY N 126 -51.47 80.05 3.78
CA GLY N 126 -50.96 80.40 5.10
C GLY N 126 -49.68 79.71 5.52
N MET N 127 -49.13 78.78 4.76
CA MET N 127 -47.89 78.11 5.13
C MET N 127 -46.71 78.99 4.77
N ARG N 128 -45.78 79.15 5.72
CA ARG N 128 -44.59 79.98 5.55
C ARG N 128 -43.32 79.32 6.07
N THR N 129 -43.36 78.03 6.41
CA THR N 129 -42.21 77.34 6.96
C THR N 129 -42.25 75.88 6.54
N ASN N 130 -41.06 75.28 6.42
CA ASN N 130 -40.97 73.90 5.96
C ASN N 130 -41.48 72.94 7.02
N THR N 131 -41.23 73.24 8.29
CA THR N 131 -41.70 72.37 9.36
C THR N 131 -43.22 72.30 9.40
N GLU N 132 -43.91 73.35 8.94
CA GLU N 132 -45.36 73.31 8.88
C GLU N 132 -45.86 72.28 7.88
N LEU N 133 -45.11 72.10 6.78
CA LEU N 133 -45.48 71.10 5.80
C LEU N 133 -45.32 69.69 6.37
N TYR N 134 -44.34 69.50 7.24
CA TYR N 134 -44.13 68.19 7.86
C TYR N 134 -45.33 67.78 8.69
N THR N 135 -45.99 68.75 9.33
CA THR N 135 -47.18 68.44 10.10
C THR N 135 -48.35 68.07 9.20
N GLY N 136 -48.45 68.71 8.04
CA GLY N 136 -49.51 68.37 7.11
C GLY N 136 -49.36 66.97 6.55
N SER N 137 -48.12 66.56 6.26
CA SER N 137 -47.88 65.22 5.75
C SER N 137 -48.19 64.17 6.80
N VAL N 138 -47.73 64.38 8.03
CA VAL N 138 -47.96 63.41 9.09
C VAL N 138 -49.43 63.35 9.45
N PHE N 139 -50.12 64.50 9.38
CA PHE N 139 -51.54 64.52 9.65
C PHE N 139 -52.30 63.71 8.62
N LEU N 140 -51.90 63.81 7.35
CA LEU N 140 -52.59 63.08 6.29
C LEU N 140 -52.28 61.60 6.35
N LEU N 141 -51.09 61.24 6.83
CA LEU N 141 -50.76 59.83 7.02
C LEU N 141 -51.71 59.19 8.03
N LEU N 142 -51.96 59.87 9.15
CA LEU N 142 -52.89 59.36 10.14
C LEU N 142 -54.33 59.51 9.67
N PHE N 143 -54.63 60.58 8.93
CA PHE N 143 -55.97 60.77 8.40
C PHE N 143 -56.32 59.66 7.40
N ALA N 144 -55.33 59.23 6.61
CA ALA N 144 -55.54 58.09 5.73
C ALA N 144 -55.64 56.80 6.52
N SER N 145 -54.94 56.73 7.65
CA SER N 145 -54.95 55.52 8.47
C SER N 145 -56.35 55.23 9.00
N LEU N 146 -57.14 56.27 9.25
CA LEU N 146 -58.49 56.09 9.75
C LEU N 146 -59.35 55.37 8.72
N PHE N 147 -59.27 55.80 7.46
CA PHE N 147 -60.10 55.21 6.42
C PHE N 147 -59.72 53.75 6.17
N LEU N 148 -58.41 53.46 6.13
CA LEU N 148 -57.98 52.08 5.95
C LEU N 148 -58.49 51.19 7.06
N PHE N 149 -58.53 51.71 8.29
CA PHE N 149 -59.12 50.95 9.39
C PHE N 149 -60.62 50.86 9.24
N ALA N 150 -61.25 51.94 8.79
CA ALA N 150 -62.70 51.93 8.58
C ALA N 150 -63.09 50.96 7.48
N GLY N 151 -62.29 50.90 6.41
CA GLY N 151 -62.59 49.99 5.33
C GLY N 151 -62.55 48.54 5.77
N TRP N 152 -61.56 48.20 6.60
CA TRP N 152 -61.51 46.85 7.15
C TRP N 152 -62.59 46.65 8.21
N LEU N 153 -62.92 47.71 8.93
CA LEU N 153 -63.90 47.60 10.00
C LEU N 153 -65.28 47.24 9.45
N HIS N 154 -65.69 47.89 8.37
CA HIS N 154 -67.03 47.71 7.82
C HIS N 154 -67.18 46.44 7.00
N LEU N 155 -66.14 45.61 6.90
CA LEU N 155 -66.24 44.31 6.28
C LEU N 155 -66.56 43.21 7.29
N GLN N 156 -66.50 43.49 8.58
CA GLN N 156 -66.84 42.50 9.59
C GLN N 156 -68.36 42.40 9.72
N PRO N 157 -68.87 41.25 10.18
CA PRO N 157 -70.33 41.05 10.16
C PRO N 157 -71.08 41.97 11.10
N LYS N 158 -70.51 42.28 12.27
CA LYS N 158 -71.19 43.16 13.21
C LYS N 158 -71.32 44.57 12.65
N PHE N 159 -70.37 44.99 11.80
CA PHE N 159 -70.31 46.35 11.27
C PHE N 159 -70.69 46.44 9.81
N ARG N 160 -70.92 45.32 9.13
CA ARG N 160 -71.28 45.36 7.71
C ARG N 160 -72.65 46.03 7.55
N PRO N 161 -72.74 47.18 6.87
CA PRO N 161 -74.06 47.81 6.70
C PRO N 161 -75.00 46.94 5.87
N SER N 162 -76.29 47.23 6.01
CA SER N 162 -77.32 46.52 5.28
C SER N 162 -77.56 47.18 3.93
N LEU N 163 -78.22 46.44 3.04
CA LEU N 163 -78.49 46.95 1.71
C LEU N 163 -79.47 48.11 1.76
N ALA N 164 -80.43 48.06 2.67
CA ALA N 164 -81.37 49.17 2.82
C ALA N 164 -80.64 50.45 3.25
N TRP N 165 -79.60 50.31 4.07
CA TRP N 165 -78.82 51.47 4.48
C TRP N 165 -78.11 52.08 3.29
N PHE N 166 -77.61 51.24 2.38
CA PHE N 166 -76.97 51.76 1.18
C PHE N 166 -77.98 52.43 0.27
N LYS N 167 -79.17 51.83 0.13
CA LYS N 167 -80.19 52.39 -0.74
C LYS N 167 -80.84 53.63 -0.16
N SER N 168 -80.55 53.99 1.08
CA SER N 168 -81.08 55.23 1.63
C SER N 168 -80.50 56.43 0.87
N ALA N 169 -81.33 57.04 0.03
CA ALA N 169 -80.89 58.12 -0.84
C ALA N 169 -81.09 59.49 -0.23
N GLU N 170 -82.26 59.74 0.36
CA GLU N 170 -82.54 61.05 0.93
C GLU N 170 -81.56 61.38 2.05
N SER N 171 -81.24 60.39 2.89
CA SER N 171 -80.34 60.64 4.01
C SER N 171 -78.93 60.97 3.52
N ARG N 172 -78.42 60.20 2.55
CA ARG N 172 -77.07 60.44 2.04
C ARG N 172 -76.99 61.79 1.36
N LEU N 173 -78.02 62.16 0.61
CA LEU N 173 -78.01 63.45 -0.06
C LEU N 173 -78.22 64.58 0.93
N ASN N 174 -79.03 64.36 1.95
CA ASN N 174 -79.26 65.38 2.97
C ASN N 174 -78.00 65.68 3.75
N HIS N 175 -77.20 64.66 4.05
CA HIS N 175 -76.01 64.87 4.87
C HIS N 175 -74.88 65.47 4.04
N HIS N 176 -74.75 65.04 2.78
CA HIS N 176 -73.62 65.47 1.96
C HIS N 176 -73.68 66.95 1.66
N LEU N 177 -74.83 67.45 1.20
CA LEU N 177 -74.96 68.86 0.87
C LEU N 177 -74.67 69.73 2.08
N ALA N 178 -75.24 69.38 3.23
CA ALA N 178 -75.07 70.20 4.42
C ALA N 178 -73.71 69.98 5.04
N GLY N 179 -73.36 68.72 5.34
CA GLY N 179 -72.15 68.43 6.09
C GLY N 179 -70.91 68.27 5.26
N LEU N 180 -70.98 67.47 4.19
CA LEU N 180 -69.80 67.25 3.36
C LEU N 180 -69.41 68.53 2.63
N PHE N 181 -70.35 69.12 1.89
CA PHE N 181 -70.09 70.35 1.16
C PHE N 181 -70.17 71.58 2.07
N GLY N 182 -71.29 71.76 2.76
CA GLY N 182 -71.55 73.01 3.44
C GLY N 182 -70.60 73.25 4.60
N VAL N 183 -70.53 72.31 5.53
CA VAL N 183 -69.71 72.51 6.72
C VAL N 183 -68.23 72.58 6.35
N SER N 184 -67.84 71.84 5.32
CA SER N 184 -66.47 71.95 4.82
C SER N 184 -66.23 73.34 4.22
N SER N 185 -67.22 73.87 3.52
CA SER N 185 -67.11 75.24 3.01
C SER N 185 -67.11 76.24 4.15
N LEU N 186 -67.95 76.01 5.17
CA LEU N 186 -67.93 76.86 6.35
C LEU N 186 -66.59 76.77 7.07
N ALA N 187 -66.08 75.55 7.25
CA ALA N 187 -64.79 75.37 7.90
C ALA N 187 -63.69 76.07 7.12
N TRP N 188 -63.75 76.00 5.78
CA TRP N 188 -62.70 76.59 4.98
C TRP N 188 -62.65 78.10 5.16
N ALA N 189 -63.80 78.73 5.36
CA ALA N 189 -63.82 80.15 5.67
C ALA N 189 -63.13 80.43 6.98
N GLY N 190 -63.12 79.45 7.89
CA GLY N 190 -62.43 79.64 9.16
C GLY N 190 -60.93 79.77 9.00
N HIS N 191 -60.31 78.84 8.25
CA HIS N 191 -58.88 78.90 8.05
C HIS N 191 -58.48 80.16 7.31
N LEU N 192 -59.27 80.56 6.32
CA LEU N 192 -58.97 81.77 5.56
C LEU N 192 -58.97 82.99 6.45
N ILE N 193 -59.87 83.01 7.45
CA ILE N 193 -60.03 84.19 8.30
C ILE N 193 -59.06 84.14 9.47
N HIS N 194 -58.78 82.92 9.95
CA HIS N 194 -57.98 82.78 11.17
C HIS N 194 -56.50 82.60 10.86
N VAL N 195 -56.17 82.09 9.67
CA VAL N 195 -54.81 81.70 9.32
C VAL N 195 -54.33 82.44 8.07
N ALA N 196 -55.04 82.28 6.95
CA ALA N 196 -54.54 82.78 5.68
C ALA N 196 -54.51 84.30 5.65
N ILE N 197 -55.63 84.93 5.95
CA ILE N 197 -55.76 86.38 5.83
C ILE N 197 -54.86 87.06 6.86
N PRO N 198 -54.83 86.62 8.13
CA PRO N 198 -53.84 87.19 9.04
C PRO N 198 -52.40 87.02 8.57
N GLU N 199 -52.04 85.84 8.09
CA GLU N 199 -50.69 85.62 7.59
C GLU N 199 -50.41 86.47 6.36
N SER N 200 -51.44 86.76 5.56
CA SER N 200 -51.25 87.61 4.38
C SER N 200 -50.85 89.02 4.78
N ARG N 201 -51.32 89.48 5.95
CA ARG N 201 -51.02 90.81 6.44
C ARG N 201 -49.87 90.82 7.44
N GLY N 202 -49.16 89.71 7.61
CA GLY N 202 -47.95 89.66 8.42
C GLY N 202 -48.12 89.07 9.79
N GLN N 203 -49.34 88.80 10.24
CA GLN N 203 -49.58 88.26 11.57
C GLN N 203 -49.41 86.75 11.55
N HIS N 204 -48.41 86.25 12.27
CA HIS N 204 -48.24 84.81 12.40
C HIS N 204 -49.33 84.23 13.28
N VAL N 205 -50.04 83.24 12.77
CA VAL N 205 -51.14 82.59 13.48
C VAL N 205 -51.02 81.09 13.26
N GLY N 206 -50.51 80.39 14.28
CA GLY N 206 -50.37 78.96 14.24
C GLY N 206 -51.24 78.29 15.29
N TRP N 207 -51.04 76.97 15.43
CA TRP N 207 -51.81 76.21 16.40
C TRP N 207 -51.54 76.68 17.83
N ASP N 208 -50.37 77.25 18.07
CA ASP N 208 -50.00 77.65 19.43
C ASP N 208 -50.78 78.89 19.87
N ASN N 209 -51.14 79.77 18.93
CA ASN N 209 -51.66 81.10 19.26
C ASN N 209 -52.98 81.42 18.57
N PHE N 210 -53.65 80.44 17.95
CA PHE N 210 -54.91 80.76 17.27
C PHE N 210 -56.03 80.99 18.28
N LEU N 211 -55.90 80.44 19.49
CA LEU N 211 -56.91 80.69 20.52
C LEU N 211 -56.74 82.10 21.10
N SER N 212 -55.51 82.58 21.19
CA SER N 212 -55.26 83.88 21.82
C SER N 212 -55.63 85.02 20.87
N THR N 213 -54.99 85.08 19.71
CA THR N 213 -55.22 86.16 18.78
C THR N 213 -56.63 86.08 18.20
N ALA N 214 -57.15 87.26 17.84
CA ALA N 214 -58.49 87.40 17.28
C ALA N 214 -58.39 87.66 15.78
N PRO N 215 -59.31 87.15 14.96
CA PRO N 215 -59.25 87.50 13.52
C PRO N 215 -59.62 88.95 13.26
N HIS N 216 -60.45 89.54 14.11
CA HIS N 216 -60.92 90.91 13.99
C HIS N 216 -60.73 91.60 15.33
N PRO N 217 -60.42 92.91 15.35
CA PRO N 217 -60.32 93.59 16.64
C PRO N 217 -61.61 93.56 17.43
N ALA N 218 -62.72 93.92 16.81
CA ALA N 218 -64.01 93.65 17.39
C ALA N 218 -64.19 92.15 17.54
N GLY N 219 -64.86 91.75 18.62
CA GLY N 219 -65.09 90.35 18.90
C GLY N 219 -66.05 89.71 17.94
N LEU N 220 -66.69 88.64 18.39
CA LEU N 220 -67.74 87.98 17.63
C LEU N 220 -69.12 88.57 17.88
N GLN N 221 -69.21 89.60 18.73
CA GLN N 221 -70.49 90.25 18.98
C GLN N 221 -71.09 90.99 17.77
N PRO N 222 -70.33 91.55 16.81
CA PRO N 222 -71.01 92.23 15.69
C PRO N 222 -71.86 91.29 14.86
N PHE N 223 -71.53 90.00 14.83
CA PHE N 223 -72.36 89.04 14.12
C PHE N 223 -73.70 88.85 14.82
N PHE N 224 -73.66 88.70 16.15
CA PHE N 224 -74.88 88.45 16.90
C PHE N 224 -75.71 89.72 17.03
N THR N 225 -75.06 90.87 17.25
CA THR N 225 -75.77 92.13 17.38
C THR N 225 -76.31 92.66 16.06
N GLY N 226 -75.92 92.06 14.93
CA GLY N 226 -76.35 92.51 13.63
C GLY N 226 -75.42 93.49 12.95
N ASN N 227 -74.31 93.87 13.59
CA ASN N 227 -73.35 94.79 13.00
C ASN N 227 -72.45 94.04 12.02
N TRP N 228 -73.06 93.63 10.92
CA TRP N 228 -72.32 92.88 9.90
C TRP N 228 -71.29 93.75 9.19
N GLY N 229 -71.59 95.05 9.06
CA GLY N 229 -70.71 95.93 8.30
C GLY N 229 -69.35 96.14 8.93
N VAL N 230 -69.20 95.80 10.21
CA VAL N 230 -67.93 96.03 10.90
C VAL N 230 -66.83 95.15 10.29
N TYR N 231 -67.20 93.93 9.87
CA TYR N 231 -66.21 93.03 9.31
C TYR N 231 -65.70 93.53 7.96
N ALA N 232 -66.55 94.24 7.21
CA ALA N 232 -66.18 94.85 5.94
C ALA N 232 -65.90 96.33 6.08
N GLN N 233 -65.44 96.78 7.24
CA GLN N 233 -65.35 98.21 7.49
C GLN N 233 -64.23 98.85 6.68
N ASN N 234 -62.98 98.47 6.95
CA ASN N 234 -61.81 99.02 6.26
C ASN N 234 -61.16 97.95 5.41
N PRO N 235 -61.06 98.10 4.07
CA PRO N 235 -60.47 97.03 3.26
C PRO N 235 -58.96 97.18 3.09
N ASP N 236 -58.33 96.15 2.55
CA ASP N 236 -56.91 96.23 2.23
C ASP N 236 -56.68 97.25 1.13
N THR N 237 -55.52 97.89 1.16
CA THR N 237 -55.22 98.96 0.22
C THR N 237 -54.69 98.38 -1.09
N ALA N 238 -54.65 99.24 -2.12
CA ALA N 238 -54.11 98.83 -3.41
C ALA N 238 -52.60 98.59 -3.31
N GLY N 239 -51.91 99.37 -2.49
CA GLY N 239 -50.49 99.20 -2.27
C GLY N 239 -50.14 98.13 -1.27
N HIS N 240 -51.08 97.26 -0.90
CA HIS N 240 -50.78 96.18 0.02
C HIS N 240 -49.74 95.25 -0.58
N ILE N 241 -48.80 94.81 0.25
CA ILE N 241 -47.77 93.85 -0.12
C ILE N 241 -48.06 92.56 0.62
N PHE N 242 -48.14 91.46 -0.12
CA PHE N 242 -48.59 90.20 0.44
C PHE N 242 -47.62 89.69 1.50
N SER N 243 -48.16 89.05 2.52
CA SER N 243 -47.40 88.51 3.64
C SER N 243 -46.67 89.58 4.43
N THR N 244 -47.22 90.80 4.47
CA THR N 244 -46.60 91.90 5.17
C THR N 244 -47.68 92.87 5.65
N SER N 245 -47.30 93.75 6.58
CA SER N 245 -48.25 94.67 7.19
C SER N 245 -48.48 95.92 6.36
N GLN N 246 -47.63 96.19 5.36
CA GLN N 246 -47.77 97.40 4.56
C GLN N 246 -49.07 97.37 3.78
N GLY N 247 -49.83 98.46 3.84
CA GLY N 247 -51.11 98.55 3.18
C GLY N 247 -52.16 97.62 3.73
N ALA N 248 -51.98 97.12 4.94
CA ALA N 248 -52.89 96.12 5.48
C ALA N 248 -54.21 96.76 5.94
N GLY N 249 -55.30 96.18 5.49
CA GLY N 249 -56.63 96.53 6.00
C GLY N 249 -57.08 95.50 7.00
N THR N 250 -58.01 95.90 7.88
CA THR N 250 -58.39 95.02 8.98
C THR N 250 -59.59 94.14 8.64
N ALA N 251 -60.29 94.44 7.54
CA ALA N 251 -61.49 93.70 7.21
C ALA N 251 -61.19 92.25 6.90
N ILE N 252 -62.11 91.37 7.28
CA ILE N 252 -61.99 89.93 7.06
C ILE N 252 -62.93 89.46 5.95
N LEU N 253 -64.08 90.11 5.81
CA LEU N 253 -65.04 89.82 4.76
C LEU N 253 -65.27 91.08 3.95
N THR N 254 -65.05 91.00 2.63
CA THR N 254 -65.29 92.13 1.74
C THR N 254 -65.77 91.57 0.41
N PHE N 255 -66.20 92.49 -0.46
CA PHE N 255 -66.73 92.16 -1.78
C PHE N 255 -66.15 93.12 -2.81
N LEU N 256 -64.83 93.31 -2.76
CA LEU N 256 -64.16 94.17 -3.75
C LEU N 256 -64.38 93.65 -5.16
N GLY N 257 -64.03 92.38 -5.40
CA GLY N 257 -64.36 91.70 -6.63
C GLY N 257 -63.26 91.62 -7.66
N GLY N 258 -62.25 92.48 -7.58
CA GLY N 258 -61.17 92.50 -8.54
C GLY N 258 -59.98 91.66 -8.08
N PHE N 259 -58.86 91.84 -8.79
CA PHE N 259 -57.62 91.16 -8.47
C PHE N 259 -56.75 92.06 -7.60
N HIS N 260 -55.91 91.42 -6.80
CA HIS N 260 -54.86 92.14 -6.10
C HIS N 260 -53.89 92.71 -7.14
N PRO N 261 -53.46 93.97 -7.01
CA PRO N 261 -52.53 94.50 -8.03
C PRO N 261 -51.19 93.79 -8.06
N GLN N 262 -50.56 93.61 -6.90
CA GLN N 262 -49.24 92.97 -6.85
C GLN N 262 -49.30 91.54 -7.38
N THR N 263 -50.11 90.69 -6.77
CA THR N 263 -50.11 89.26 -7.07
C THR N 263 -50.91 88.90 -8.31
N GLU N 264 -51.72 89.82 -8.83
CA GLU N 264 -52.60 89.54 -9.97
C GLU N 264 -53.50 88.34 -9.69
N SER N 265 -53.98 88.26 -8.45
CA SER N 265 -54.83 87.19 -8.00
C SER N 265 -55.99 87.76 -7.19
N LEU N 266 -57.03 86.95 -7.04
CA LEU N 266 -58.23 87.41 -6.35
C LEU N 266 -57.95 87.67 -4.88
N TRP N 267 -58.77 88.52 -4.28
CA TRP N 267 -58.58 88.89 -2.88
C TRP N 267 -58.86 87.72 -1.97
N LEU N 268 -57.95 87.49 -1.01
CA LEU N 268 -58.20 86.49 0.02
C LEU N 268 -59.42 86.86 0.86
N THR N 269 -59.65 88.16 1.02
CA THR N 269 -60.79 88.62 1.82
C THR N 269 -62.11 88.23 1.16
N ASP N 270 -62.13 88.16 -0.17
CA ASP N 270 -63.36 87.80 -0.87
C ASP N 270 -63.59 86.30 -0.83
N MET N 271 -62.52 85.51 -0.82
CA MET N 271 -62.67 84.06 -0.80
C MET N 271 -63.26 83.59 0.52
N ALA N 272 -62.82 84.18 1.63
CA ALA N 272 -63.41 83.85 2.93
C ALA N 272 -64.88 84.24 2.97
N HIS N 273 -65.20 85.43 2.46
CA HIS N 273 -66.59 85.84 2.34
C HIS N 273 -67.37 84.90 1.42
N HIS N 274 -66.69 84.33 0.43
CA HIS N 274 -67.38 83.49 -0.55
C HIS N 274 -67.86 82.19 0.07
N HIS N 275 -66.95 81.42 0.67
CA HIS N 275 -67.31 80.08 1.13
C HIS N 275 -68.34 80.13 2.24
N LEU N 276 -68.39 81.23 2.98
CA LEU N 276 -69.40 81.38 4.03
C LEU N 276 -70.79 81.47 3.42
N ALA N 277 -70.94 82.24 2.35
CA ALA N 277 -72.23 82.33 1.67
C ALA N 277 -72.60 80.99 1.04
N ILE N 278 -71.60 80.25 0.56
CA ILE N 278 -71.86 78.97 -0.07
C ILE N 278 -72.34 77.97 0.97
N ALA N 279 -71.73 77.98 2.15
CA ALA N 279 -72.08 77.00 3.18
C ALA N 279 -73.52 77.20 3.66
N VAL N 280 -74.01 78.43 3.62
CA VAL N 280 -75.38 78.70 4.07
C VAL N 280 -76.38 78.06 3.13
N LEU N 281 -76.25 78.33 1.83
CA LEU N 281 -77.18 77.79 0.85
C LEU N 281 -77.13 76.26 0.82
N PHE N 282 -75.94 75.71 0.99
CA PHE N 282 -75.80 74.25 0.94
C PHE N 282 -76.43 73.60 2.16
N ILE N 283 -76.23 74.19 3.33
CA ILE N 283 -76.88 73.68 4.53
C ILE N 283 -78.40 73.81 4.40
N VAL N 284 -78.86 74.94 3.85
CA VAL N 284 -80.28 75.14 3.60
C VAL N 284 -80.80 74.08 2.64
N ALA N 285 -79.98 73.71 1.66
CA ALA N 285 -80.41 72.73 0.67
C ALA N 285 -80.49 71.33 1.27
N GLY N 286 -79.74 71.08 2.35
CA GLY N 286 -79.73 69.76 2.95
C GLY N 286 -81.08 69.36 3.50
N HIS N 287 -81.72 70.26 4.27
CA HIS N 287 -82.90 69.90 5.05
C HIS N 287 -84.15 69.70 4.21
N MET N 288 -84.05 69.80 2.87
CA MET N 288 -85.22 69.66 2.02
C MET N 288 -85.87 68.28 2.15
N TYR N 289 -85.10 67.26 2.51
CA TYR N 289 -85.52 65.88 2.27
C TYR N 289 -86.09 65.23 3.53
N ARG N 290 -86.51 63.97 3.35
CA ARG N 290 -87.55 63.38 4.20
C ARG N 290 -86.94 62.39 5.21
N THR N 291 -85.65 62.55 5.51
CA THR N 291 -84.69 61.48 5.91
C THR N 291 -85.36 60.51 6.90
N ASN N 292 -85.69 60.95 8.11
CA ASN N 292 -86.45 60.13 9.05
C ASN N 292 -87.52 60.88 9.83
N PHE N 293 -87.40 62.21 9.96
CA PHE N 293 -88.22 62.94 10.91
C PHE N 293 -89.60 63.29 10.37
N GLY N 294 -90.00 62.74 9.22
CA GLY N 294 -91.34 62.94 8.71
C GLY N 294 -91.57 64.21 7.93
N ILE N 295 -90.68 65.20 8.06
CA ILE N 295 -90.79 66.47 7.36
C ILE N 295 -89.77 66.47 6.23
N GLY N 296 -90.22 66.78 5.02
CA GLY N 296 -89.35 66.85 3.87
C GLY N 296 -89.98 66.18 2.67
N HIS N 297 -89.22 66.17 1.58
CA HIS N 297 -89.67 65.68 0.28
C HIS N 297 -89.25 64.24 0.09
N SER N 298 -90.14 63.46 -0.54
CA SER N 298 -89.81 62.12 -1.01
C SER N 298 -89.60 62.18 -2.52
N ILE N 299 -88.38 61.86 -2.95
CA ILE N 299 -88.06 61.94 -4.38
C ILE N 299 -88.92 60.97 -5.17
N LYS N 300 -89.25 59.82 -4.58
CA LYS N 300 -90.11 58.85 -5.25
C LYS N 300 -91.50 59.43 -5.48
N GLU N 301 -92.02 60.17 -4.50
CA GLU N 301 -93.33 60.78 -4.65
C GLU N 301 -93.28 61.95 -5.63
N MET N 302 -92.19 62.71 -5.61
CA MET N 302 -92.06 63.85 -6.52
C MET N 302 -91.94 63.39 -7.96
N MET N 303 -91.21 62.29 -8.19
CA MET N 303 -91.05 61.78 -9.55
C MET N 303 -92.33 61.13 -10.04
N ASN N 304 -92.94 60.30 -9.21
CA ASN N 304 -94.16 59.57 -9.57
C ASN N 304 -95.42 60.42 -9.41
N ALA N 305 -95.29 61.71 -9.10
CA ALA N 305 -96.45 62.57 -9.00
C ALA N 305 -97.14 62.69 -10.35
N LYS N 306 -98.46 62.85 -10.33
CA LYS N 306 -99.27 62.91 -11.54
C LYS N 306 -100.38 63.96 -11.47
N THR N 307 -100.22 64.99 -10.64
CA THR N 307 -101.25 66.00 -10.47
C THR N 307 -100.65 67.34 -10.12
N PHE N 308 -101.19 68.39 -10.72
CA PHE N 308 -100.99 69.78 -10.32
C PHE N 308 -101.91 69.99 -9.11
N PHE N 309 -102.12 71.26 -8.72
CA PHE N 309 -103.01 71.67 -7.63
C PHE N 309 -104.33 70.92 -7.77
N GLY N 310 -105.03 71.03 -8.91
CA GLY N 310 -106.22 70.23 -9.12
C GLY N 310 -106.24 69.52 -10.47
N LYS N 311 -105.43 70.00 -11.42
CA LYS N 311 -105.54 69.51 -12.79
C LYS N 311 -104.68 68.25 -12.97
N PRO N 312 -105.00 67.40 -13.94
CA PRO N 312 -104.12 66.24 -14.19
C PRO N 312 -102.90 66.66 -14.99
N VAL N 313 -101.79 65.95 -14.74
CA VAL N 313 -100.55 66.15 -15.50
C VAL N 313 -99.87 64.80 -15.64
N GLU N 314 -99.11 64.65 -16.72
CA GLU N 314 -98.31 63.44 -16.90
C GLU N 314 -97.19 63.36 -15.89
N GLY N 315 -96.78 64.51 -15.34
CA GLY N 315 -95.73 64.53 -14.35
C GLY N 315 -95.07 65.90 -14.27
N PRO N 316 -93.91 65.97 -13.64
CA PRO N 316 -93.15 67.22 -13.63
C PRO N 316 -92.85 67.72 -15.04
N PHE N 317 -93.16 69.00 -15.27
CA PHE N 317 -93.14 69.58 -16.62
C PHE N 317 -94.04 68.82 -17.59
N ASN N 318 -95.06 68.14 -17.05
CA ASN N 318 -95.94 67.28 -17.85
C ASN N 318 -95.17 66.18 -18.55
N MET N 319 -94.13 65.66 -17.90
CA MET N 319 -93.28 64.61 -18.42
C MET N 319 -93.29 63.41 -17.49
N PRO N 320 -93.34 62.17 -17.99
CA PRO N 320 -93.44 61.03 -17.08
C PRO N 320 -92.09 60.65 -16.50
N HIS N 321 -92.06 60.45 -15.18
CA HIS N 321 -90.88 60.03 -14.45
C HIS N 321 -91.23 58.93 -13.46
N GLN N 322 -91.95 57.91 -13.93
CA GLN N 322 -92.49 56.89 -13.04
C GLN N 322 -91.37 56.13 -12.31
N GLY N 323 -90.54 55.41 -13.06
CA GLY N 323 -89.52 54.56 -12.49
C GLY N 323 -88.12 55.15 -12.46
N ILE N 324 -88.01 56.48 -12.44
CA ILE N 324 -86.69 57.11 -12.44
C ILE N 324 -86.00 56.91 -11.10
N TYR N 325 -86.77 57.00 -10.01
CA TYR N 325 -86.18 56.85 -8.68
C TYR N 325 -85.64 55.43 -8.48
N ASP N 326 -86.39 54.43 -8.94
CA ASP N 326 -85.93 53.05 -8.81
C ASP N 326 -84.79 52.76 -9.78
N THR N 327 -84.88 53.32 -10.99
CA THR N 327 -83.81 53.14 -11.96
C THR N 327 -82.50 53.72 -11.46
N TYR N 328 -82.57 54.85 -10.76
CA TYR N 328 -81.36 55.50 -10.26
C TYR N 328 -80.76 54.74 -9.09
N ASN N 329 -81.56 54.45 -8.07
CA ASN N 329 -81.02 53.88 -6.84
C ASN N 329 -80.61 52.42 -7.03
N ASN N 330 -81.34 51.68 -7.86
CA ASN N 330 -81.07 50.25 -8.00
C ASN N 330 -79.85 50.01 -8.89
N SER N 331 -79.73 50.76 -9.99
CA SER N 331 -78.63 50.59 -10.93
C SER N 331 -77.43 51.38 -10.46
N LEU N 332 -76.29 50.70 -10.34
CA LEU N 332 -75.06 51.36 -9.93
C LEU N 332 -74.38 52.06 -11.10
N HIS N 333 -74.44 51.46 -12.28
CA HIS N 333 -73.81 52.04 -13.45
C HIS N 333 -74.51 53.33 -13.86
N PHE N 334 -75.81 53.43 -13.61
CA PHE N 334 -76.53 54.67 -13.88
C PHE N 334 -75.98 55.81 -13.05
N GLN N 335 -75.75 55.58 -11.76
CA GLN N 335 -75.17 56.61 -10.91
C GLN N 335 -73.76 56.95 -11.38
N LEU N 336 -72.95 55.92 -11.62
CA LEU N 336 -71.57 56.14 -12.02
C LEU N 336 -71.50 56.84 -13.37
N GLY N 337 -72.27 56.36 -14.35
CA GLY N 337 -72.32 57.03 -15.63
C GLY N 337 -72.84 58.45 -15.51
N TRP N 338 -73.70 58.70 -14.52
CA TRP N 338 -74.21 60.04 -14.30
C TRP N 338 -73.18 60.91 -13.57
N HIS N 339 -72.61 60.40 -12.49
CA HIS N 339 -71.77 61.23 -11.63
C HIS N 339 -70.50 61.67 -12.34
N LEU N 340 -69.91 60.79 -13.16
CA LEU N 340 -68.70 61.15 -13.87
C LEU N 340 -68.97 62.30 -14.84
N ALA N 341 -70.17 62.35 -15.41
CA ALA N 341 -70.51 63.48 -16.28
C ALA N 341 -70.56 64.78 -15.49
N CYS N 342 -71.24 64.78 -14.34
CA CYS N 342 -71.28 65.97 -13.52
C CYS N 342 -69.88 66.37 -13.05
N LEU N 343 -69.07 65.38 -12.69
CA LEU N 343 -67.71 65.68 -12.25
C LEU N 343 -66.84 66.09 -13.43
N GLY N 344 -67.10 65.53 -14.62
CA GLY N 344 -66.33 65.92 -15.78
C GLY N 344 -66.57 67.36 -16.18
N VAL N 345 -67.83 67.80 -16.13
CA VAL N 345 -68.14 69.19 -16.43
C VAL N 345 -67.48 70.11 -15.42
N VAL N 346 -67.56 69.75 -14.13
CA VAL N 346 -66.96 70.58 -13.09
C VAL N 346 -65.46 70.68 -13.29
N THR N 347 -64.84 69.62 -13.81
CA THR N 347 -63.41 69.65 -14.05
C THR N 347 -63.06 70.66 -15.12
N SER N 348 -63.84 70.71 -16.19
CA SER N 348 -63.68 71.77 -17.18
C SER N 348 -64.05 73.13 -16.58
N TRP N 349 -65.06 73.14 -15.71
CA TRP N 349 -65.44 74.39 -15.05
C TRP N 349 -64.29 74.95 -14.23
N VAL N 350 -63.49 74.07 -13.62
CA VAL N 350 -62.29 74.52 -12.92
C VAL N 350 -61.34 75.18 -13.90
N ALA N 351 -60.96 74.44 -14.94
CA ALA N 351 -59.84 74.85 -15.78
C ALA N 351 -60.14 76.15 -16.48
N GLN N 352 -61.40 76.35 -16.89
CA GLN N 352 -61.79 77.60 -17.53
C GLN N 352 -61.58 78.79 -16.60
N HIS N 353 -61.60 78.54 -15.28
CA HIS N 353 -61.52 79.64 -14.31
C HIS N 353 -60.10 79.84 -13.80
N MET N 354 -59.28 78.80 -13.78
CA MET N 354 -57.97 78.92 -13.13
C MET N 354 -57.06 79.86 -13.90
N TYR N 355 -57.12 79.86 -15.24
CA TYR N 355 -56.32 80.81 -16.00
C TYR N 355 -56.99 82.17 -16.04
N SER N 356 -58.33 82.19 -16.01
CA SER N 356 -59.04 83.46 -16.10
C SER N 356 -58.98 84.20 -14.77
N LEU N 357 -59.18 83.49 -13.66
CA LEU N 357 -59.30 84.07 -12.33
C LEU N 357 -58.32 83.36 -11.41
N PRO N 358 -57.03 83.64 -11.53
CA PRO N 358 -56.05 82.96 -10.67
C PRO N 358 -56.25 83.30 -9.21
N SER N 359 -56.46 82.27 -8.40
CA SER N 359 -56.75 82.41 -6.98
C SER N 359 -55.53 82.20 -6.09
N TYR N 360 -54.33 82.20 -6.65
CA TYR N 360 -53.10 82.00 -5.89
C TYR N 360 -52.09 83.06 -6.29
N ALA N 361 -51.22 83.41 -5.35
CA ALA N 361 -50.32 84.53 -5.53
C ALA N 361 -49.19 84.18 -6.48
N PHE N 362 -48.95 85.07 -7.45
CA PHE N 362 -47.80 84.96 -8.35
C PHE N 362 -47.86 83.69 -9.19
N ILE N 363 -49.08 83.25 -9.50
CA ILE N 363 -49.29 82.08 -10.34
C ILE N 363 -49.51 82.44 -11.80
N ALA N 364 -50.11 83.59 -12.09
CA ALA N 364 -50.30 84.00 -13.47
C ALA N 364 -48.97 84.28 -14.14
N LYS N 365 -48.02 84.86 -13.40
CA LYS N 365 -46.71 85.14 -13.97
C LYS N 365 -45.89 83.87 -14.14
N ASP N 366 -46.11 82.88 -13.29
CA ASP N 366 -45.52 81.56 -13.50
C ASP N 366 -46.27 80.91 -14.64
N TYR N 367 -45.75 81.09 -15.85
CA TYR N 367 -46.51 80.74 -17.05
C TYR N 367 -46.61 79.25 -17.25
N THR N 368 -45.55 78.51 -16.91
CA THR N 368 -45.56 77.06 -17.15
C THR N 368 -46.58 76.37 -16.27
N THR N 369 -46.66 76.75 -14.99
CA THR N 369 -47.63 76.15 -14.09
C THR N 369 -49.06 76.42 -14.54
N GLN N 370 -49.31 77.62 -15.05
CA GLN N 370 -50.66 77.98 -15.49
C GLN N 370 -51.10 77.12 -16.66
N ALA N 371 -50.15 76.70 -17.50
CA ALA N 371 -50.49 75.93 -18.68
C ALA N 371 -50.67 74.46 -18.36
N ALA N 372 -49.80 73.91 -17.50
CA ALA N 372 -49.90 72.50 -17.14
C ALA N 372 -51.19 72.22 -16.39
N LEU N 373 -51.62 73.16 -15.55
CA LEU N 373 -52.85 72.98 -14.79
C LEU N 373 -54.05 72.94 -15.71
N TYR N 374 -54.10 73.82 -16.71
CA TYR N 374 -55.21 73.81 -17.65
C TYR N 374 -55.21 72.53 -18.47
N THR N 375 -54.04 72.14 -18.98
CA THR N 375 -53.96 70.91 -19.76
C THR N 375 -54.29 69.70 -18.91
N HIS N 376 -53.87 69.72 -17.65
CA HIS N 376 -54.11 68.58 -16.77
C HIS N 376 -55.60 68.31 -16.60
N HIS N 377 -56.34 69.32 -16.15
CA HIS N 377 -57.74 69.11 -15.79
C HIS N 377 -58.60 68.84 -17.02
N GLN N 378 -58.26 69.46 -18.16
CA GLN N 378 -59.06 69.25 -19.36
C GLN N 378 -58.94 67.83 -19.88
N TYR N 379 -57.72 67.27 -19.85
CA TYR N 379 -57.56 65.85 -20.12
C TYR N 379 -58.40 65.01 -19.16
N ILE N 380 -58.37 65.37 -17.88
CA ILE N 380 -59.13 64.63 -16.88
C ILE N 380 -60.62 64.85 -17.07
N ALA N 381 -61.01 66.05 -17.50
CA ALA N 381 -62.41 66.37 -17.66
C ALA N 381 -63.07 65.48 -18.70
N ILE N 382 -62.29 64.95 -19.65
CA ILE N 382 -62.84 64.26 -20.80
C ILE N 382 -62.94 62.77 -20.53
N PHE N 383 -61.96 62.22 -19.82
CA PHE N 383 -62.07 60.83 -19.41
C PHE N 383 -63.32 60.59 -18.59
N LEU N 384 -63.62 61.51 -17.67
CA LEU N 384 -64.84 61.40 -16.88
C LEU N 384 -66.07 61.57 -17.77
N MET N 385 -66.00 62.49 -18.74
CA MET N 385 -67.12 62.67 -19.66
C MET N 385 -67.25 61.49 -20.60
N VAL N 386 -66.13 60.91 -21.01
CA VAL N 386 -66.16 59.73 -21.88
C VAL N 386 -66.56 58.51 -21.08
N GLY N 387 -66.07 58.40 -19.85
CA GLY N 387 -66.46 57.27 -19.02
C GLY N 387 -67.92 57.31 -18.62
N ALA N 388 -68.50 58.51 -18.61
CA ALA N 388 -69.91 58.65 -18.25
C ALA N 388 -70.80 57.90 -19.21
N PHE N 389 -70.52 57.99 -20.51
CA PHE N 389 -71.35 57.33 -21.51
C PHE N 389 -71.12 55.83 -21.53
N ALA N 390 -69.92 55.39 -21.16
CA ALA N 390 -69.62 53.96 -21.15
C ALA N 390 -70.50 53.23 -20.16
N HIS N 391 -70.63 53.78 -18.95
CA HIS N 391 -71.52 53.18 -17.95
C HIS N 391 -72.97 53.41 -18.29
N GLY N 392 -73.29 54.56 -18.91
CA GLY N 392 -74.63 54.75 -19.43
C GLY N 392 -74.99 53.71 -20.46
N ALA N 393 -73.99 53.25 -21.23
CA ALA N 393 -74.21 52.16 -22.16
C ALA N 393 -74.33 50.84 -21.43
N ILE N 394 -73.53 50.64 -20.38
CA ILE N 394 -73.57 49.39 -19.62
C ILE N 394 -74.89 49.27 -18.89
N PHE N 395 -75.42 50.39 -18.38
CA PHE N 395 -76.69 50.36 -17.67
C PHE N 395 -77.81 49.88 -18.58
N LEU N 396 -77.86 50.39 -19.81
CA LEU N 396 -78.88 49.96 -20.75
C LEU N 396 -78.78 48.48 -21.04
N VAL N 397 -77.57 47.93 -21.01
CA VAL N 397 -77.38 46.52 -21.34
C VAL N 397 -77.93 45.63 -20.22
N ARG N 398 -77.36 45.75 -19.02
CA ARG N 398 -77.59 44.76 -17.96
C ARG N 398 -78.54 45.25 -16.87
N ASP N 399 -78.54 46.54 -16.56
CA ASP N 399 -79.30 47.07 -15.44
C ASP N 399 -80.60 47.76 -15.84
N TYR N 400 -81.03 47.61 -17.09
CA TYR N 400 -82.23 48.28 -17.61
C TYR N 400 -83.33 47.26 -17.80
N ASP N 401 -84.50 47.54 -17.22
CA ASP N 401 -85.70 46.72 -17.38
C ASP N 401 -86.76 47.53 -18.10
N PRO N 402 -87.19 47.18 -19.32
CA PRO N 402 -88.22 48.00 -19.97
C PRO N 402 -89.56 47.99 -19.25
N GLU N 403 -89.89 46.90 -18.58
CA GLU N 403 -91.20 46.79 -17.96
C GLU N 403 -91.33 47.70 -16.74
N GLN N 404 -90.24 47.85 -15.98
CA GLN N 404 -90.27 48.73 -14.82
C GLN N 404 -90.48 50.18 -15.24
N ASN N 405 -89.86 50.59 -16.34
CA ASN N 405 -90.04 51.96 -16.82
C ASN N 405 -91.40 52.13 -17.48
N LYS N 406 -91.61 51.45 -18.61
CA LYS N 406 -92.89 51.35 -19.30
C LYS N 406 -93.58 52.70 -19.48
N GLY N 407 -92.93 53.57 -20.25
CA GLY N 407 -93.53 54.82 -20.68
C GLY N 407 -92.95 56.07 -20.06
N ASN N 408 -91.83 55.98 -19.34
CA ASN N 408 -91.21 57.17 -18.79
C ASN N 408 -90.46 57.93 -19.89
N VAL N 409 -89.75 58.97 -19.47
CA VAL N 409 -88.94 59.75 -20.40
C VAL N 409 -87.86 58.87 -21.02
N LEU N 410 -87.33 57.91 -20.23
CA LEU N 410 -86.25 57.07 -20.73
C LEU N 410 -86.74 56.15 -21.84
N GLU N 411 -87.90 55.51 -21.63
CA GLU N 411 -88.53 54.75 -22.70
C GLU N 411 -88.90 55.65 -23.88
N ARG N 412 -89.21 56.92 -23.59
CA ARG N 412 -89.59 57.84 -24.65
C ARG N 412 -88.37 58.34 -25.42
N VAL N 413 -87.23 58.44 -24.74
CA VAL N 413 -85.97 58.76 -25.42
C VAL N 413 -85.66 57.72 -26.47
N LEU N 414 -85.53 56.46 -26.06
CA LEU N 414 -85.02 55.43 -26.96
C LEU N 414 -85.98 55.17 -28.11
N GLN N 415 -87.24 55.58 -27.98
CA GLN N 415 -88.22 55.32 -29.04
C GLN N 415 -87.92 56.15 -30.29
N HIS N 416 -87.38 57.36 -30.11
CA HIS N 416 -86.86 58.17 -31.22
C HIS N 416 -85.35 58.14 -31.26
N LYS N 417 -84.78 56.95 -30.99
CA LYS N 417 -83.34 56.76 -30.98
C LYS N 417 -82.71 57.15 -32.29
N GLU N 418 -83.41 56.93 -33.41
CA GLU N 418 -82.82 57.18 -34.72
C GLU N 418 -82.66 58.67 -34.98
N ALA N 419 -83.59 59.49 -34.50
CA ALA N 419 -83.52 60.93 -34.73
C ALA N 419 -82.34 61.55 -33.98
N ILE N 420 -82.04 61.02 -32.79
CA ILE N 420 -80.92 61.53 -32.02
C ILE N 420 -79.61 61.25 -32.76
N ILE N 421 -79.45 60.02 -33.24
CA ILE N 421 -78.23 59.64 -33.95
C ILE N 421 -78.17 60.34 -35.29
N SER N 422 -79.31 60.47 -35.97
CA SER N 422 -79.33 61.01 -37.32
C SER N 422 -78.96 62.49 -37.33
N HIS N 423 -79.65 63.29 -36.52
CA HIS N 423 -79.42 64.73 -36.55
C HIS N 423 -78.03 65.08 -36.02
N LEU N 424 -77.47 64.24 -35.15
CA LEU N 424 -76.11 64.44 -34.71
C LEU N 424 -75.13 64.31 -35.87
N SER N 425 -75.42 63.40 -36.80
CA SER N 425 -74.58 63.27 -37.98
C SER N 425 -74.64 64.52 -38.83
N TRP N 426 -75.81 65.14 -38.93
CA TRP N 426 -75.95 66.38 -39.68
C TRP N 426 -75.10 67.48 -39.05
N VAL N 427 -75.15 67.61 -37.73
CA VAL N 427 -74.45 68.69 -37.05
C VAL N 427 -72.95 68.54 -37.21
N SER N 428 -72.45 67.32 -37.05
CA SER N 428 -71.02 67.09 -37.21
C SER N 428 -70.58 67.30 -38.66
N LEU N 429 -71.37 66.79 -39.60
CA LEU N 429 -71.06 67.01 -41.01
C LEU N 429 -71.19 68.48 -41.38
N PHE N 430 -72.22 69.15 -40.84
CA PHE N 430 -72.46 70.54 -41.20
C PHE N 430 -71.34 71.45 -40.70
N LEU N 431 -70.63 71.01 -39.66
CA LEU N 431 -69.51 71.81 -39.15
C LEU N 431 -68.25 71.55 -39.96
N GLY N 432 -67.90 70.29 -40.19
CA GLY N 432 -66.58 69.97 -40.70
C GLY N 432 -66.40 70.34 -42.16
N PHE N 433 -67.43 70.10 -42.98
CA PHE N 433 -67.37 70.52 -44.39
C PHE N 433 -67.12 72.02 -44.48
N HIS N 434 -67.78 72.80 -43.63
CA HIS N 434 -67.74 74.24 -43.74
C HIS N 434 -66.55 74.81 -42.97
N THR N 435 -66.24 74.22 -41.82
CA THR N 435 -65.14 74.72 -41.01
C THR N 435 -63.80 74.46 -41.67
N LEU N 436 -63.60 73.23 -42.19
CA LEU N 436 -62.33 72.90 -42.82
C LEU N 436 -62.13 73.72 -44.08
N GLY N 437 -63.17 73.86 -44.91
CA GLY N 437 -63.02 74.55 -46.18
C GLY N 437 -62.61 76.00 -46.02
N LEU N 438 -62.96 76.61 -44.88
CA LEU N 438 -62.50 77.97 -44.61
C LEU N 438 -61.03 77.99 -44.23
N TYR N 439 -60.59 77.06 -43.39
CA TYR N 439 -59.16 76.87 -43.16
C TYR N 439 -58.44 76.60 -44.47
N VAL N 440 -59.07 75.81 -45.33
CA VAL N 440 -58.42 75.38 -46.57
C VAL N 440 -58.48 76.49 -47.61
N HIS N 441 -59.58 77.23 -47.65
CA HIS N 441 -59.63 78.42 -48.49
C HIS N 441 -58.58 79.43 -48.05
N ASN N 442 -58.40 79.59 -46.74
CA ASN N 442 -57.41 80.53 -46.24
C ASN N 442 -55.99 80.01 -46.42
N ASP N 443 -55.81 78.70 -46.36
CA ASP N 443 -54.50 78.12 -46.60
C ASP N 443 -54.05 78.38 -48.03
N VAL N 444 -54.87 77.95 -48.99
CA VAL N 444 -54.55 78.11 -50.40
C VAL N 444 -54.37 79.58 -50.76
N VAL N 445 -55.34 80.40 -50.39
CA VAL N 445 -55.39 81.77 -50.90
C VAL N 445 -54.24 82.58 -50.32
N VAL N 446 -53.75 82.22 -49.14
CA VAL N 446 -52.55 82.84 -48.61
C VAL N 446 -51.32 82.31 -49.32
N ALA N 447 -51.35 81.05 -49.71
CA ALA N 447 -50.20 80.44 -50.38
C ALA N 447 -49.97 81.07 -51.74
N PHE N 448 -51.04 81.48 -52.42
CA PHE N 448 -50.92 82.14 -53.72
C PHE N 448 -50.52 83.60 -53.61
N GLY N 449 -50.29 84.12 -52.41
CA GLY N 449 -49.82 85.48 -52.24
C GLY N 449 -50.89 86.54 -52.19
N THR N 450 -52.13 86.18 -51.83
CA THR N 450 -53.24 87.12 -51.71
C THR N 450 -53.93 86.88 -50.37
N PRO N 451 -53.31 87.30 -49.25
CA PRO N 451 -53.94 87.01 -47.96
C PRO N 451 -55.20 87.83 -47.71
N GLU N 452 -55.36 88.95 -48.40
CA GLU N 452 -56.53 89.80 -48.19
C GLU N 452 -57.83 89.06 -48.52
N LYS N 453 -57.77 88.11 -49.44
CA LYS N 453 -58.93 87.34 -49.83
C LYS N 453 -59.32 86.27 -48.82
N GLN N 454 -58.60 86.17 -47.70
CA GLN N 454 -58.95 85.22 -46.64
C GLN N 454 -60.35 85.49 -46.13
N ILE N 455 -61.09 84.42 -45.86
CA ILE N 455 -62.40 84.55 -45.23
C ILE N 455 -62.18 84.76 -43.74
N LEU N 456 -62.16 86.02 -43.32
CA LEU N 456 -62.03 86.41 -41.93
C LEU N 456 -63.35 87.00 -41.47
N ILE N 457 -63.93 86.44 -40.42
CA ILE N 457 -65.17 86.93 -39.85
C ILE N 457 -65.01 87.00 -38.34
N GLU N 458 -65.39 88.14 -37.77
CA GLU N 458 -65.15 88.43 -36.37
C GLU N 458 -66.09 87.61 -35.49
N PRO N 459 -65.65 87.16 -34.30
CA PRO N 459 -66.60 86.51 -33.38
C PRO N 459 -67.52 87.51 -32.71
N VAL N 460 -68.41 88.13 -33.51
CA VAL N 460 -69.09 89.36 -33.12
C VAL N 460 -69.90 89.19 -31.84
N PHE N 461 -70.87 88.28 -31.83
CA PHE N 461 -71.74 88.16 -30.67
C PHE N 461 -70.97 87.73 -29.43
N ALA N 462 -69.83 87.08 -29.61
CA ALA N 462 -68.97 86.77 -28.46
C ALA N 462 -68.31 88.03 -27.91
N GLN N 463 -68.04 89.00 -28.77
CA GLN N 463 -67.60 90.30 -28.28
C GLN N 463 -68.70 90.98 -27.46
N PHE N 464 -69.96 90.76 -27.86
CA PHE N 464 -71.08 91.39 -27.18
C PHE N 464 -71.22 90.86 -25.76
N ILE N 465 -70.80 89.62 -25.52
CA ILE N 465 -70.75 89.10 -24.15
C ILE N 465 -69.61 89.75 -23.39
N GLN N 466 -68.46 89.92 -24.05
CA GLN N 466 -67.34 90.60 -23.42
C GLN N 466 -67.68 92.06 -23.13
N ALA N 467 -68.34 92.73 -24.07
CA ALA N 467 -68.78 94.10 -23.83
C ALA N 467 -69.89 94.14 -22.81
N ALA N 468 -70.66 93.05 -22.68
CA ALA N 468 -71.74 93.00 -21.71
C ALA N 468 -71.22 92.85 -20.28
N HIS N 469 -69.91 92.69 -20.11
CA HIS N 469 -69.27 92.66 -18.80
C HIS N 469 -68.42 93.89 -18.51
N GLY N 470 -68.33 94.84 -19.46
CA GLY N 470 -67.65 96.09 -19.24
C GLY N 470 -66.44 96.34 -20.12
N LYS N 471 -66.11 95.44 -21.06
CA LYS N 471 -64.97 95.66 -21.92
C LYS N 471 -65.29 96.71 -22.97
N VAL N 472 -64.53 97.81 -22.96
CA VAL N 472 -64.80 98.97 -23.81
C VAL N 472 -63.99 98.93 -25.10
N LEU N 473 -63.05 98.00 -25.24
CA LEU N 473 -62.21 97.95 -26.44
C LEU N 473 -63.03 97.77 -27.70
N TYR N 474 -64.15 97.04 -27.61
CA TYR N 474 -64.98 96.81 -28.79
C TYR N 474 -65.89 97.98 -29.08
N GLY N 475 -66.28 98.73 -28.05
CA GLY N 475 -67.07 99.93 -28.24
C GLY N 475 -68.54 99.71 -28.51
N LEU N 476 -69.10 98.58 -28.09
CA LEU N 476 -70.52 98.33 -28.34
C LEU N 476 -71.41 99.16 -27.43
N ASP N 477 -70.90 99.54 -26.25
CA ASP N 477 -71.67 100.29 -25.26
C ASP N 477 -72.93 99.53 -24.86
N THR N 478 -72.72 98.27 -24.47
CA THR N 478 -73.80 97.39 -24.04
C THR N 478 -74.00 97.53 -22.53
N LEU N 479 -74.69 96.57 -21.91
CA LEU N 479 -75.30 96.74 -20.59
C LEU N 479 -74.33 97.28 -19.55
N LEU N 480 -73.27 96.52 -19.24
CA LEU N 480 -72.33 96.93 -18.19
C LEU N 480 -71.25 97.86 -18.69
N SER N 481 -71.09 98.02 -20.00
CA SER N 481 -70.19 99.03 -20.53
C SER N 481 -70.87 100.39 -20.58
N ASN N 482 -72.18 100.40 -20.81
CA ASN N 482 -72.92 101.65 -20.91
C ASN N 482 -73.29 102.14 -19.51
N PRO N 483 -72.91 103.35 -19.11
CA PRO N 483 -73.34 103.82 -17.78
C PRO N 483 -74.81 104.14 -17.70
N ASP N 484 -75.42 104.54 -18.82
CA ASP N 484 -76.84 104.88 -18.81
C ASP N 484 -77.70 103.64 -18.58
N SER N 485 -77.18 102.46 -18.90
CA SER N 485 -77.95 101.23 -18.76
C SER N 485 -78.26 100.95 -17.30
N VAL N 486 -79.30 100.13 -17.09
CA VAL N 486 -79.76 99.83 -15.74
C VAL N 486 -78.81 98.86 -15.04
N ALA N 487 -78.10 98.01 -15.80
CA ALA N 487 -77.23 97.03 -15.18
C ALA N 487 -76.01 97.70 -14.56
N TYR N 488 -75.52 98.78 -15.16
CA TYR N 488 -74.38 99.51 -14.59
C TYR N 488 -74.75 100.10 -13.24
N THR N 489 -75.98 100.60 -13.12
CA THR N 489 -76.47 101.21 -11.90
C THR N 489 -77.88 100.69 -11.66
N ALA N 490 -78.00 99.73 -10.74
CA ALA N 490 -79.30 99.14 -10.42
C ALA N 490 -80.19 100.23 -9.82
N TYR N 491 -81.17 100.67 -10.60
CA TYR N 491 -82.04 101.77 -10.18
C TYR N 491 -82.76 101.52 -8.86
N PRO N 492 -83.32 100.33 -8.60
CA PRO N 492 -83.97 100.12 -7.28
C PRO N 492 -83.00 100.20 -6.12
N ASN N 493 -81.87 99.49 -6.20
CA ASN N 493 -80.89 99.42 -5.13
C ASN N 493 -79.50 99.56 -5.71
N TYR N 494 -78.83 100.68 -5.42
CA TYR N 494 -77.51 100.97 -5.96
C TYR N 494 -76.45 100.22 -5.14
N ALA N 495 -76.48 98.90 -5.27
CA ALA N 495 -75.66 97.99 -4.48
C ALA N 495 -74.75 97.11 -5.34
N ASN N 496 -74.35 97.60 -6.52
CA ASN N 496 -73.45 96.84 -7.40
C ASN N 496 -72.01 97.10 -6.99
N VAL N 497 -71.66 96.57 -5.81
CA VAL N 497 -70.31 96.75 -5.27
C VAL N 497 -69.28 95.96 -6.08
N TRP N 498 -69.71 94.98 -6.87
CA TRP N 498 -68.77 94.24 -7.70
C TRP N 498 -68.21 95.10 -8.83
N LEU N 499 -68.95 96.11 -9.27
CA LEU N 499 -68.64 96.75 -10.54
C LEU N 499 -67.32 97.52 -10.56
N PRO N 500 -66.92 98.26 -9.52
CA PRO N 500 -65.64 98.99 -9.62
C PRO N 500 -64.43 98.10 -9.83
N GLY N 501 -64.30 97.01 -9.07
CA GLY N 501 -63.15 96.15 -9.21
C GLY N 501 -63.18 95.32 -10.48
N TRP N 502 -64.37 94.88 -10.88
CA TRP N 502 -64.49 94.02 -12.05
C TRP N 502 -64.14 94.77 -13.33
N LEU N 503 -64.63 96.00 -13.46
CA LEU N 503 -64.39 96.76 -14.68
C LEU N 503 -62.90 97.07 -14.86
N ASP N 504 -62.16 97.17 -13.75
CA ASP N 504 -60.74 97.46 -13.85
C ASP N 504 -59.99 96.28 -14.45
N ALA N 505 -60.34 95.06 -14.05
CA ALA N 505 -59.58 93.88 -14.48
C ALA N 505 -59.77 93.60 -15.96
N ILE N 506 -61.01 93.70 -16.44
CA ILE N 506 -61.26 93.44 -17.87
C ILE N 506 -60.60 94.50 -18.73
N ASN N 507 -60.84 95.77 -18.42
CA ASN N 507 -60.33 96.86 -19.23
C ASN N 507 -58.84 97.11 -19.04
N SER N 508 -58.17 96.38 -18.16
CA SER N 508 -56.73 96.54 -17.99
C SER N 508 -55.97 95.98 -19.18
N GLY N 509 -56.28 94.73 -19.54
CA GLY N 509 -55.55 94.04 -20.59
C GLY N 509 -54.23 93.45 -20.17
N THR N 510 -53.80 93.67 -18.92
CA THR N 510 -52.55 93.10 -18.45
C THR N 510 -52.70 91.62 -18.13
N ASN N 511 -53.74 91.28 -17.38
CA ASN N 511 -54.01 89.90 -17.00
C ASN N 511 -54.75 89.21 -18.15
N SER N 512 -55.14 87.94 -17.93
CA SER N 512 -55.94 87.17 -18.89
C SER N 512 -57.34 87.02 -18.29
N LEU N 513 -58.20 87.99 -18.56
CA LEU N 513 -59.59 87.97 -18.12
C LEU N 513 -60.46 88.44 -19.27
N PHE N 514 -61.20 87.52 -19.88
CA PHE N 514 -61.98 87.80 -21.08
C PHE N 514 -61.09 88.44 -22.14
N LEU N 515 -60.06 87.69 -22.53
CA LEU N 515 -59.06 88.21 -23.44
C LEU N 515 -59.69 88.57 -24.79
N THR N 516 -58.94 89.34 -25.58
CA THR N 516 -59.48 89.84 -26.84
C THR N 516 -59.63 88.72 -27.84
N ILE N 517 -60.87 88.46 -28.26
CA ILE N 517 -61.18 87.45 -29.27
C ILE N 517 -60.99 88.07 -30.64
N GLY N 518 -60.65 87.23 -31.62
CA GLY N 518 -60.39 87.68 -32.97
C GLY N 518 -60.91 86.69 -34.00
N PRO N 519 -60.67 86.98 -35.28
CA PRO N 519 -61.15 86.06 -36.32
C PRO N 519 -60.52 84.68 -36.25
N GLY N 520 -59.28 84.60 -35.79
CA GLY N 520 -58.66 83.30 -35.61
C GLY N 520 -59.32 82.50 -34.50
N ASP N 521 -59.79 83.19 -33.46
CA ASP N 521 -60.52 82.52 -32.39
C ASP N 521 -61.85 81.96 -32.89
N PHE N 522 -62.39 82.52 -33.96
CA PHE N 522 -63.69 82.10 -34.47
C PHE N 522 -63.66 80.64 -34.91
N LEU N 523 -62.79 80.32 -35.87
CA LEU N 523 -62.83 79.00 -36.50
C LEU N 523 -62.48 77.90 -35.51
N VAL N 524 -61.48 78.13 -34.66
CA VAL N 524 -61.05 77.10 -33.72
C VAL N 524 -62.16 76.79 -32.73
N HIS N 525 -62.98 77.78 -32.40
CA HIS N 525 -64.11 77.54 -31.51
C HIS N 525 -65.11 76.59 -32.14
N HIS N 526 -65.28 76.68 -33.47
CA HIS N 526 -66.22 75.78 -34.15
C HIS N 526 -65.62 74.40 -34.33
N ALA N 527 -64.30 74.32 -34.49
CA ALA N 527 -63.63 73.02 -34.51
C ALA N 527 -63.86 72.28 -33.21
N ILE N 528 -63.82 73.01 -32.08
CA ILE N 528 -64.09 72.39 -30.79
C ILE N 528 -65.51 71.87 -30.74
N ALA N 529 -66.45 72.62 -31.31
CA ALA N 529 -67.84 72.19 -31.33
C ALA N 529 -68.00 70.88 -32.08
N LEU N 530 -67.16 70.64 -33.09
CA LEU N 530 -67.24 69.41 -33.85
C LEU N 530 -66.74 68.23 -33.04
N GLY N 531 -65.63 68.42 -32.32
CA GLY N 531 -65.10 67.35 -31.49
C GLY N 531 -66.07 66.94 -30.40
N LEU N 532 -66.84 67.89 -29.89
CA LEU N 532 -67.80 67.61 -28.83
C LEU N 532 -69.06 66.99 -29.39
N HIS N 533 -69.44 67.37 -30.62
CA HIS N 533 -70.61 66.77 -31.25
C HIS N 533 -70.31 65.36 -31.73
N THR N 534 -69.20 65.18 -32.45
CA THR N 534 -68.91 63.89 -33.04
C THR N 534 -68.56 62.86 -31.97
N THR N 535 -67.86 63.29 -30.92
CA THR N 535 -67.59 62.39 -29.80
C THR N 535 -68.89 61.98 -29.13
N THR N 536 -69.86 62.89 -29.06
CA THR N 536 -71.16 62.55 -28.50
C THR N 536 -71.91 61.60 -29.41
N LEU N 537 -71.80 61.81 -30.73
CA LEU N 537 -72.49 60.94 -31.68
C LEU N 537 -72.03 59.50 -31.54
N ILE N 538 -70.72 59.29 -31.42
CA ILE N 538 -70.19 57.94 -31.27
C ILE N 538 -70.69 57.32 -29.99
N LEU N 539 -70.56 58.05 -28.88
CA LEU N 539 -70.94 57.52 -27.57
C LEU N 539 -72.44 57.33 -27.47
N VAL N 540 -73.21 58.31 -27.94
CA VAL N 540 -74.67 58.21 -27.86
C VAL N 540 -75.18 57.07 -28.72
N LYS N 541 -74.55 56.88 -29.88
CA LYS N 541 -74.99 55.83 -30.79
C LYS N 541 -74.81 54.45 -30.16
N GLY N 542 -73.59 54.13 -29.72
CA GLY N 542 -73.34 52.83 -29.13
C GLY N 542 -74.15 52.59 -27.89
N ALA N 543 -74.31 53.63 -27.05
CA ALA N 543 -75.12 53.50 -25.84
C ALA N 543 -76.57 53.22 -26.20
N LEU N 544 -77.15 54.03 -27.07
CA LEU N 544 -78.53 53.83 -27.46
C LEU N 544 -78.71 52.55 -28.27
N ASP N 545 -77.67 52.14 -29.00
CA ASP N 545 -77.66 50.87 -29.72
C ASP N 545 -77.12 49.73 -28.90
N ALA N 546 -76.83 49.96 -27.61
CA ALA N 546 -76.21 48.92 -26.79
C ALA N 546 -77.15 47.73 -26.59
N ARG N 547 -78.43 48.02 -26.34
CA ARG N 547 -79.38 46.93 -26.15
C ARG N 547 -79.62 46.17 -27.44
N GLY N 548 -79.58 46.87 -28.57
CA GLY N 548 -79.77 46.22 -29.85
C GLY N 548 -79.62 47.22 -30.98
N SER N 549 -79.36 46.66 -32.16
CA SER N 549 -79.30 47.42 -33.40
C SER N 549 -79.71 46.48 -34.52
N LYS N 550 -79.69 47.00 -35.75
CA LYS N 550 -80.16 46.20 -36.86
C LYS N 550 -79.22 45.05 -37.20
N LEU N 551 -77.91 45.29 -37.24
CA LEU N 551 -76.99 44.24 -37.62
C LEU N 551 -76.91 43.17 -36.54
N MET N 552 -77.05 43.58 -35.28
CA MET N 552 -77.15 42.65 -34.14
C MET N 552 -78.36 43.04 -33.31
N PRO N 553 -79.53 42.47 -33.57
CA PRO N 553 -80.68 42.76 -32.70
C PRO N 553 -80.48 42.32 -31.25
N ASP N 554 -79.96 41.12 -31.03
CA ASP N 554 -79.83 40.57 -29.67
C ASP N 554 -78.46 40.90 -29.08
N LYS N 555 -78.12 42.18 -29.10
CA LYS N 555 -76.88 42.66 -28.50
C LYS N 555 -76.92 42.65 -26.99
N LYS N 556 -78.12 42.72 -26.40
CA LYS N 556 -78.25 42.69 -24.94
C LYS N 556 -77.71 41.40 -24.36
N ASP N 557 -77.83 40.29 -25.09
CA ASP N 557 -77.45 38.99 -24.55
C ASP N 557 -75.94 38.88 -24.33
N PHE N 558 -75.15 39.35 -25.30
CA PHE N 558 -73.71 39.12 -25.25
C PHE N 558 -73.05 39.97 -24.16
N GLY N 559 -73.42 41.24 -24.07
CA GLY N 559 -72.91 42.14 -23.05
C GLY N 559 -72.29 43.39 -23.66
N TYR N 560 -71.55 44.10 -22.81
CA TYR N 560 -70.96 45.37 -23.21
C TYR N 560 -69.74 45.15 -24.11
N ALA N 561 -68.82 44.29 -23.69
CA ALA N 561 -67.55 44.06 -24.39
C ALA N 561 -67.53 42.66 -24.97
N PHE N 562 -67.81 42.56 -26.26
CA PHE N 562 -67.61 41.34 -27.02
C PHE N 562 -66.96 41.70 -28.35
N PRO N 563 -66.13 40.82 -28.92
CA PRO N 563 -65.33 41.25 -30.08
C PRO N 563 -66.14 41.45 -31.34
N CYS N 564 -67.00 40.49 -31.68
CA CYS N 564 -67.69 40.51 -32.96
C CYS N 564 -68.81 39.49 -32.93
N ASP N 565 -69.39 39.24 -34.10
CA ASP N 565 -70.37 38.19 -34.30
C ASP N 565 -70.00 37.27 -35.45
N GLY N 566 -69.03 37.66 -36.28
CA GLY N 566 -68.53 36.83 -37.36
C GLY N 566 -68.62 37.52 -38.70
N PRO N 567 -68.05 36.88 -39.72
CA PRO N 567 -68.09 37.48 -41.07
C PRO N 567 -69.46 37.45 -41.70
N GLY N 568 -70.43 36.75 -41.09
CA GLY N 568 -71.78 36.78 -41.60
C GLY N 568 -72.32 38.19 -41.68
N ARG N 569 -73.34 38.35 -42.52
CA ARG N 569 -73.90 39.65 -42.93
C ARG N 569 -72.81 40.68 -43.22
N GLY N 570 -71.71 40.22 -43.81
CA GLY N 570 -70.70 41.09 -44.39
C GLY N 570 -70.03 42.07 -43.44
N GLY N 571 -69.92 41.72 -42.16
CA GLY N 571 -69.41 42.69 -41.22
C GLY N 571 -69.24 42.17 -39.80
N THR N 572 -69.76 42.93 -38.83
CA THR N 572 -69.72 42.64 -37.40
C THR N 572 -68.38 42.99 -36.77
N CYS N 573 -67.55 43.81 -37.43
CA CYS N 573 -66.20 44.08 -36.95
C CYS N 573 -66.22 44.78 -35.59
N ASP N 574 -66.86 45.95 -35.53
CA ASP N 574 -66.95 46.75 -34.31
C ASP N 574 -68.43 47.11 -34.12
N ILE N 575 -69.15 46.20 -33.46
CA ILE N 575 -70.60 46.29 -33.29
C ILE N 575 -71.01 46.46 -31.84
N SER N 576 -70.15 46.08 -30.89
CA SER N 576 -70.47 46.17 -29.49
C SER N 576 -70.65 47.63 -29.07
N ALA N 577 -71.09 47.83 -27.83
CA ALA N 577 -71.10 49.14 -27.23
C ALA N 577 -69.76 49.53 -26.65
N TRP N 578 -68.86 48.55 -26.45
CA TRP N 578 -67.51 48.86 -26.01
C TRP N 578 -66.73 49.55 -27.10
N ASP N 579 -66.92 49.13 -28.34
CA ASP N 579 -66.17 49.71 -29.45
C ASP N 579 -66.59 51.15 -29.71
N SER N 580 -67.79 51.54 -29.27
CA SER N 580 -68.17 52.95 -29.39
C SER N 580 -67.33 53.81 -28.46
N PHE N 581 -67.16 53.37 -27.22
CA PHE N 581 -66.19 54.01 -26.34
C PHE N 581 -64.81 54.04 -26.97
N TYR N 582 -64.46 52.98 -27.67
CA TYR N 582 -63.13 52.84 -28.23
C TYR N 582 -62.85 53.93 -29.26
N LEU N 583 -63.75 54.10 -30.21
CA LEU N 583 -63.53 55.03 -31.30
C LEU N 583 -63.77 56.46 -30.86
N SER N 584 -64.42 56.66 -29.72
CA SER N 584 -64.72 58.01 -29.24
C SER N 584 -63.50 58.62 -28.57
N LEU N 585 -62.71 57.78 -27.87
CA LEU N 585 -61.59 58.32 -27.09
C LEU N 585 -60.52 58.91 -27.99
N PHE N 586 -60.47 58.47 -29.25
CA PHE N 586 -59.57 59.09 -30.21
C PHE N 586 -59.96 60.55 -30.43
N TRP N 587 -61.25 60.81 -30.65
CA TRP N 587 -61.73 62.18 -30.75
C TRP N 587 -61.51 62.94 -29.45
N ALA N 588 -61.83 62.30 -28.33
CA ALA N 588 -61.79 62.98 -27.04
C ALA N 588 -60.39 63.45 -26.71
N LEU N 589 -59.37 62.75 -27.23
CA LEU N 589 -58.00 63.24 -27.10
C LEU N 589 -57.72 64.33 -28.11
N ASN N 590 -58.10 64.11 -29.38
CA ASN N 590 -57.89 65.11 -30.41
C ASN N 590 -58.62 66.40 -30.08
N THR N 591 -59.82 66.30 -29.50
CA THR N 591 -60.58 67.49 -29.16
C THR N 591 -59.84 68.35 -28.15
N VAL N 592 -58.94 67.75 -27.36
CA VAL N 592 -58.11 68.53 -26.45
C VAL N 592 -57.05 69.28 -27.22
N GLY N 593 -56.40 68.61 -28.17
CA GLY N 593 -55.33 69.25 -28.92
C GLY N 593 -55.79 70.51 -29.60
N TRP N 594 -56.99 70.49 -30.18
CA TRP N 594 -57.57 71.70 -30.73
C TRP N 594 -57.79 72.73 -29.64
N VAL N 595 -58.07 72.27 -28.42
CA VAL N 595 -58.30 73.18 -27.30
C VAL N 595 -56.98 73.66 -26.72
N THR N 596 -56.01 72.76 -26.58
CA THR N 596 -54.78 73.10 -25.87
C THR N 596 -53.80 73.84 -26.77
N PHE N 597 -53.71 73.45 -28.04
CA PHE N 597 -52.95 74.24 -28.99
C PHE N 597 -53.53 75.65 -29.10
N TYR N 598 -54.85 75.76 -29.01
CA TYR N 598 -55.49 77.07 -29.00
C TYR N 598 -55.10 77.84 -27.75
N TRP N 599 -55.10 77.18 -26.60
CA TRP N 599 -54.72 77.84 -25.36
C TRP N 599 -53.25 78.23 -25.37
N HIS N 600 -52.39 77.34 -25.87
CA HIS N 600 -50.95 77.55 -25.74
C HIS N 600 -50.48 78.65 -26.67
N TRP N 601 -50.90 78.60 -27.93
CA TRP N 601 -50.41 79.58 -28.90
C TRP N 601 -50.97 80.96 -28.60
N LYS N 602 -52.22 81.05 -28.19
CA LYS N 602 -52.81 82.35 -27.87
C LYS N 602 -52.11 82.98 -26.68
N HIS N 603 -51.77 82.16 -25.68
CA HIS N 603 -51.16 82.69 -24.47
C HIS N 603 -49.69 83.04 -24.70
N LEU N 604 -48.99 82.24 -25.51
CA LEU N 604 -47.58 82.51 -25.77
C LEU N 604 -47.40 83.86 -26.43
N GLY N 605 -48.34 84.26 -27.28
CA GLY N 605 -48.27 85.59 -27.86
C GLY N 605 -48.50 86.68 -26.83
N ILE N 606 -49.40 86.42 -25.88
CA ILE N 606 -49.67 87.39 -24.82
C ILE N 606 -48.47 87.49 -23.89
N TRP N 607 -47.96 86.34 -23.44
CA TRP N 607 -46.85 86.34 -22.51
C TRP N 607 -45.60 86.95 -23.12
N GLN N 608 -45.33 86.65 -24.39
CA GLN N 608 -44.18 87.19 -25.10
C GLN N 608 -44.39 88.61 -25.58
N GLY N 609 -45.61 89.14 -25.46
CA GLY N 609 -45.88 90.48 -25.94
C GLY N 609 -46.08 90.60 -27.43
N ASN N 610 -46.42 89.50 -28.10
CA ASN N 610 -46.68 89.49 -29.54
C ASN N 610 -48.04 88.84 -29.78
N VAL N 611 -49.10 89.65 -29.68
CA VAL N 611 -50.46 89.16 -29.91
C VAL N 611 -50.71 88.96 -31.40
N ALA N 612 -49.89 89.57 -32.26
CA ALA N 612 -50.17 89.55 -33.69
C ALA N 612 -50.03 88.16 -34.28
N GLN N 613 -48.97 87.43 -33.90
CA GLN N 613 -48.63 86.19 -34.59
C GLN N 613 -49.74 85.16 -34.50
N PHE N 614 -50.54 85.21 -33.43
CA PHE N 614 -51.73 84.38 -33.37
C PHE N 614 -52.83 84.96 -34.25
N ASN N 615 -53.23 86.20 -33.99
CA ASN N 615 -54.37 86.79 -34.69
C ASN N 615 -54.10 86.90 -36.19
N GLU N 616 -52.82 87.00 -36.57
CA GLU N 616 -52.49 87.12 -37.98
C GLU N 616 -52.45 85.74 -38.66
N ASN N 617 -51.76 84.79 -38.06
CA ASN N 617 -51.41 83.54 -38.72
C ASN N 617 -52.24 82.34 -38.28
N SER N 618 -53.22 82.54 -37.39
CA SER N 618 -54.06 81.43 -36.94
C SER N 618 -55.21 81.13 -37.89
N THR N 619 -55.49 82.00 -38.86
CA THR N 619 -56.53 81.71 -39.83
C THR N 619 -56.12 80.55 -40.73
N TYR N 620 -54.99 80.68 -41.42
CA TYR N 620 -54.46 79.61 -42.25
C TYR N 620 -53.71 78.63 -41.36
N LEU N 621 -53.88 77.34 -41.65
CA LEU N 621 -53.34 76.31 -40.78
C LEU N 621 -51.82 76.30 -40.76
N MET N 622 -51.18 76.79 -41.83
CA MET N 622 -49.72 76.74 -41.92
C MET N 622 -49.06 77.52 -40.78
N GLY N 623 -49.74 78.52 -40.23
CA GLY N 623 -49.22 79.21 -39.07
C GLY N 623 -49.11 78.30 -37.86
N TRP N 624 -50.02 77.34 -37.75
CA TRP N 624 -49.99 76.41 -36.62
C TRP N 624 -48.77 75.49 -36.70
N PHE N 625 -48.37 75.11 -37.91
CA PHE N 625 -47.21 74.25 -38.07
C PHE N 625 -45.92 75.05 -37.89
N ARG N 626 -45.88 76.25 -38.45
CA ARG N 626 -44.66 77.04 -38.53
C ARG N 626 -44.45 77.89 -37.28
N ASP N 627 -45.40 78.77 -36.98
CA ASP N 627 -45.19 79.72 -35.89
C ASP N 627 -45.27 79.04 -34.53
N TYR N 628 -46.14 78.03 -34.40
CA TYR N 628 -46.44 77.43 -33.10
C TYR N 628 -45.66 76.13 -32.88
N LEU N 629 -45.79 75.17 -33.81
CA LEU N 629 -45.21 73.86 -33.61
C LEU N 629 -43.73 73.83 -33.98
N TRP N 630 -43.39 74.36 -35.15
CA TRP N 630 -42.02 74.29 -35.64
C TRP N 630 -41.09 75.14 -34.77
N ALA N 631 -41.46 76.39 -34.54
CA ALA N 631 -40.56 77.32 -33.85
C ALA N 631 -40.37 76.94 -32.39
N ASN N 632 -41.47 76.69 -31.68
CA ASN N 632 -41.39 76.44 -30.24
C ASN N 632 -40.67 75.15 -29.90
N SER N 633 -40.59 74.20 -30.83
CA SER N 633 -39.93 72.92 -30.59
C SER N 633 -38.42 72.99 -30.77
N ALA N 634 -37.85 74.18 -30.98
CA ALA N 634 -36.42 74.28 -31.27
C ALA N 634 -35.59 73.92 -30.05
N GLN N 635 -35.94 74.47 -28.89
CA GLN N 635 -35.16 74.22 -27.68
C GLN N 635 -35.40 72.81 -27.16
N LEU N 636 -36.56 72.23 -27.46
CA LEU N 636 -36.85 70.88 -27.00
C LEU N 636 -35.96 69.86 -27.69
N ILE N 637 -35.93 69.87 -29.04
CA ILE N 637 -35.12 68.92 -29.79
C ILE N 637 -33.64 69.09 -29.45
N ASN N 638 -33.24 70.30 -29.09
CA ASN N 638 -31.87 70.59 -28.69
C ASN N 638 -31.63 70.32 -27.21
N GLY N 639 -32.50 69.53 -26.57
CA GLY N 639 -32.27 69.18 -25.18
C GLY N 639 -30.95 68.47 -24.96
N TYR N 640 -30.67 67.45 -25.77
CA TYR N 640 -29.37 66.81 -25.84
C TYR N 640 -28.89 66.89 -27.28
N ASN N 641 -27.72 67.49 -27.46
CA ASN N 641 -27.13 67.78 -28.76
C ASN N 641 -25.74 67.18 -28.79
N PRO N 642 -25.09 67.16 -29.96
CA PRO N 642 -23.70 66.65 -29.98
C PRO N 642 -22.74 67.48 -29.15
N TYR N 643 -23.09 68.73 -28.84
CA TYR N 643 -22.17 69.61 -28.12
C TYR N 643 -22.26 69.39 -26.62
N GLY N 644 -23.46 69.16 -26.10
CA GLY N 644 -23.63 69.01 -24.67
C GLY N 644 -25.07 68.75 -24.31
N VAL N 645 -25.36 68.91 -23.02
CA VAL N 645 -26.66 68.61 -22.43
C VAL N 645 -27.11 69.78 -21.58
N ASN N 646 -28.36 70.20 -21.75
CA ASN N 646 -28.97 71.24 -20.95
C ASN N 646 -29.94 70.61 -19.95
N ASN N 647 -30.69 71.45 -19.24
CA ASN N 647 -31.68 71.00 -18.27
C ASN N 647 -32.94 70.43 -18.91
N LEU N 648 -33.14 70.63 -20.21
CA LEU N 648 -34.32 70.16 -20.92
C LEU N 648 -34.12 68.79 -21.54
N SER N 649 -33.10 68.04 -21.11
CA SER N 649 -32.80 66.76 -21.75
C SER N 649 -33.87 65.73 -21.44
N VAL N 650 -34.58 65.87 -20.32
CA VAL N 650 -35.58 64.89 -19.95
C VAL N 650 -36.76 64.97 -20.90
N TRP N 651 -37.22 66.20 -21.19
CA TRP N 651 -38.41 66.38 -22.00
C TRP N 651 -38.19 65.91 -23.43
N ALA N 652 -36.99 66.17 -23.97
CA ALA N 652 -36.64 65.65 -25.28
C ALA N 652 -36.72 64.13 -25.31
N TRP N 653 -36.14 63.48 -24.30
CA TRP N 653 -36.26 62.04 -24.18
C TRP N 653 -37.72 61.61 -24.03
N MET N 654 -38.48 62.37 -23.23
CA MET N 654 -39.91 62.08 -23.07
C MET N 654 -40.66 62.36 -24.36
N PHE N 655 -40.23 63.38 -25.10
CA PHE N 655 -40.88 63.72 -26.37
C PHE N 655 -40.77 62.57 -27.35
N LEU N 656 -39.56 62.01 -27.49
CA LEU N 656 -39.37 60.86 -28.35
C LEU N 656 -40.00 59.62 -27.75
N PHE N 657 -40.11 59.56 -26.43
CA PHE N 657 -40.69 58.39 -25.77
C PHE N 657 -42.15 58.22 -26.15
N GLY N 658 -42.95 59.27 -26.04
CA GLY N 658 -44.35 59.18 -26.39
C GLY N 658 -44.55 58.92 -27.87
N HIS N 659 -43.63 59.42 -28.71
CA HIS N 659 -43.68 59.14 -30.14
C HIS N 659 -43.59 57.64 -30.40
N LEU N 660 -42.65 56.96 -29.75
CA LEU N 660 -42.53 55.51 -29.91
C LEU N 660 -43.75 54.80 -29.37
N VAL N 661 -44.23 55.22 -28.20
CA VAL N 661 -45.40 54.58 -27.62
C VAL N 661 -46.64 54.84 -28.45
N TRP N 662 -46.76 56.06 -28.99
CA TRP N 662 -47.90 56.38 -29.85
C TRP N 662 -47.93 55.50 -31.08
N ALA N 663 -46.75 55.19 -31.63
CA ALA N 663 -46.67 54.39 -32.83
C ALA N 663 -46.79 52.90 -32.54
N THR N 664 -46.43 52.48 -31.34
CA THR N 664 -46.53 51.07 -31.00
C THR N 664 -47.99 50.62 -30.94
N GLY N 665 -48.89 51.54 -30.63
CA GLY N 665 -50.30 51.22 -30.60
C GLY N 665 -50.87 50.96 -31.99
N PHE N 666 -50.26 51.55 -33.02
CA PHE N 666 -50.73 51.35 -34.38
C PHE N 666 -50.66 49.88 -34.79
N MET N 667 -49.75 49.11 -34.17
CA MET N 667 -49.69 47.68 -34.43
C MET N 667 -50.97 47.00 -34.00
N PHE N 668 -51.36 47.19 -32.73
CA PHE N 668 -52.52 46.49 -32.19
C PHE N 668 -53.81 46.99 -32.82
N LEU N 669 -53.80 48.22 -33.31
CA LEU N 669 -54.98 48.77 -33.97
C LEU N 669 -55.10 48.26 -35.40
N ILE N 670 -53.97 48.20 -36.12
CA ILE N 670 -53.99 47.87 -37.53
C ILE N 670 -53.92 46.37 -37.74
N SER N 671 -52.85 45.74 -37.27
CA SER N 671 -52.63 44.32 -37.45
C SER N 671 -53.42 43.56 -36.40
N TRP N 672 -54.27 42.64 -36.84
CA TRP N 672 -55.19 41.94 -35.96
C TRP N 672 -54.69 40.51 -35.73
N ARG N 673 -55.46 39.74 -34.97
CA ARG N 673 -54.93 38.57 -34.27
C ARG N 673 -54.47 37.46 -35.21
N GLY N 674 -55.27 37.12 -36.23
CA GLY N 674 -55.08 35.86 -36.94
C GLY N 674 -53.71 35.73 -37.58
N TYR N 675 -53.08 36.85 -37.91
CA TYR N 675 -51.71 36.80 -38.38
C TYR N 675 -50.76 36.37 -37.27
N TRP N 676 -51.05 36.79 -36.04
CA TRP N 676 -50.10 36.61 -34.95
C TRP N 676 -50.13 35.20 -34.38
N GLN N 677 -51.33 34.63 -34.22
CA GLN N 677 -51.43 33.30 -33.63
C GLN N 677 -50.76 32.26 -34.51
N GLU N 678 -50.80 32.44 -35.83
CA GLU N 678 -50.06 31.57 -36.72
C GLU N 678 -48.56 31.70 -36.49
N LEU N 679 -48.09 32.93 -36.26
CA LEU N 679 -46.69 33.15 -35.96
C LEU N 679 -46.30 32.50 -34.64
N ILE N 680 -47.23 32.48 -33.68
CA ILE N 680 -46.94 31.90 -32.37
C ILE N 680 -46.76 30.40 -32.48
N GLU N 681 -47.53 29.76 -33.38
CA GLU N 681 -47.45 28.32 -33.53
C GLU N 681 -46.07 27.88 -34.01
N THR N 682 -45.40 28.73 -34.78
CA THR N 682 -44.06 28.39 -35.26
C THR N 682 -43.05 28.42 -34.13
N LEU N 683 -43.14 29.44 -33.27
CA LEU N 683 -42.23 29.52 -32.13
C LEU N 683 -42.45 28.37 -31.17
N VAL N 684 -43.70 27.93 -31.03
CA VAL N 684 -43.99 26.76 -30.20
C VAL N 684 -43.33 25.53 -30.78
N TRP N 685 -43.35 25.40 -32.11
CA TRP N 685 -42.71 24.26 -32.75
C TRP N 685 -41.21 24.27 -32.49
N ALA N 686 -40.58 25.43 -32.59
CA ALA N 686 -39.13 25.50 -32.43
C ALA N 686 -38.70 25.16 -31.01
N HIS N 687 -39.37 25.75 -30.02
CA HIS N 687 -38.99 25.50 -28.64
C HIS N 687 -39.19 24.03 -28.27
N GLU N 688 -40.27 23.42 -28.75
CA GLU N 688 -40.49 22.00 -28.49
C GLU N 688 -39.55 21.10 -29.30
N ARG N 689 -38.81 21.65 -30.27
CA ARG N 689 -37.91 20.89 -31.11
C ARG N 689 -36.46 21.34 -31.00
N THR N 690 -36.19 22.43 -30.25
CA THR N 690 -34.82 22.81 -29.97
C THR N 690 -34.29 21.92 -28.85
N PRO N 691 -33.11 21.30 -29.00
CA PRO N 691 -32.78 20.20 -28.07
C PRO N 691 -32.56 20.63 -26.63
N ILE N 692 -31.73 21.66 -26.39
CA ILE N 692 -31.42 22.06 -25.02
C ILE N 692 -32.56 22.82 -24.37
N ALA N 693 -33.35 23.57 -25.14
CA ALA N 693 -34.48 24.31 -24.61
C ALA N 693 -35.72 23.44 -24.43
N ASN N 694 -35.66 22.16 -24.79
CA ASN N 694 -36.77 21.25 -24.50
C ASN N 694 -36.94 21.03 -23.01
N LEU N 695 -35.90 21.27 -22.22
CA LEU N 695 -35.98 21.04 -20.78
C LEU N 695 -36.98 21.99 -20.14
N VAL N 696 -36.88 23.27 -20.46
CA VAL N 696 -37.75 24.30 -19.91
C VAL N 696 -38.97 24.44 -20.81
N ARG N 697 -40.14 24.50 -20.21
CA ARG N 697 -41.38 24.59 -20.97
C ARG N 697 -42.43 25.36 -20.18
N TRP N 698 -43.27 26.06 -20.94
CA TRP N 698 -44.40 26.80 -20.37
C TRP N 698 -45.36 25.87 -19.66
N LYS N 699 -45.99 26.38 -18.60
CA LYS N 699 -47.12 25.69 -17.99
C LYS N 699 -48.43 26.13 -18.62
N ASP N 700 -48.54 27.41 -18.99
CA ASP N 700 -49.70 27.96 -19.65
C ASP N 700 -49.40 28.14 -21.13
N LYS N 701 -50.28 27.63 -21.98
CA LYS N 701 -50.01 27.61 -23.39
C LYS N 701 -50.03 29.03 -23.95
N PRO N 702 -49.02 29.45 -24.74
CA PRO N 702 -48.99 30.83 -25.23
C PRO N 702 -49.85 30.99 -26.48
N VAL N 703 -50.76 31.96 -26.43
CA VAL N 703 -51.64 32.27 -27.54
C VAL N 703 -51.59 33.76 -27.79
N ALA N 704 -52.06 34.16 -28.98
CA ALA N 704 -52.12 35.56 -29.32
C ALA N 704 -53.13 36.29 -28.43
N LEU N 705 -52.96 37.61 -28.35
CA LEU N 705 -53.89 38.42 -27.57
C LEU N 705 -55.27 38.38 -28.22
N SER N 706 -56.31 38.48 -27.39
CA SER N 706 -57.65 38.46 -27.91
C SER N 706 -57.93 39.72 -28.72
N ILE N 707 -59.11 39.77 -29.34
CA ILE N 707 -59.46 40.88 -30.21
C ILE N 707 -59.75 42.12 -29.38
N VAL N 708 -60.44 41.95 -28.26
CA VAL N 708 -60.78 43.09 -27.42
C VAL N 708 -59.57 43.51 -26.59
N GLN N 709 -58.73 42.55 -26.21
CA GLN N 709 -57.52 42.88 -25.45
C GLN N 709 -56.59 43.75 -26.28
N ALA N 710 -56.38 43.38 -27.55
CA ALA N 710 -55.48 44.13 -28.41
C ALA N 710 -55.99 45.55 -28.61
N ARG N 711 -57.31 45.71 -28.69
CA ARG N 711 -57.88 47.05 -28.74
C ARG N 711 -57.50 47.84 -27.49
N VAL N 712 -57.67 47.22 -26.31
CA VAL N 712 -57.31 47.88 -25.06
C VAL N 712 -55.84 48.27 -25.05
N VAL N 713 -54.97 47.34 -25.41
CA VAL N 713 -53.54 47.59 -25.39
C VAL N 713 -53.17 48.65 -26.41
N GLY N 714 -53.85 48.66 -27.55
CA GLY N 714 -53.53 49.63 -28.58
C GLY N 714 -53.88 51.05 -28.20
N LEU N 715 -55.07 51.24 -27.62
CA LEU N 715 -55.51 52.58 -27.27
C LEU N 715 -54.70 53.14 -26.11
N ALA N 716 -54.35 52.29 -25.14
CA ALA N 716 -53.52 52.74 -24.03
C ALA N 716 -52.18 53.27 -24.55
N HIS N 717 -51.65 52.63 -25.58
CA HIS N 717 -50.44 53.14 -26.22
C HIS N 717 -50.71 54.44 -26.95
N PHE N 718 -51.82 54.51 -27.67
CA PHE N 718 -52.19 55.74 -28.38
C PHE N 718 -52.37 56.90 -27.41
N THR N 719 -52.88 56.61 -26.21
CA THR N 719 -53.17 57.66 -25.26
C THR N 719 -51.92 58.10 -24.50
N VAL N 720 -51.11 57.14 -24.08
CA VAL N 720 -49.91 57.47 -23.32
C VAL N 720 -48.95 58.31 -24.16
N GLY N 721 -48.78 57.95 -25.43
CA GLY N 721 -47.94 58.75 -26.30
C GLY N 721 -48.53 60.11 -26.57
N TYR N 722 -49.86 60.19 -26.69
CA TYR N 722 -50.53 61.47 -26.85
C TYR N 722 -50.29 62.36 -25.64
N VAL N 723 -50.19 61.77 -24.45
CA VAL N 723 -50.07 62.55 -23.23
C VAL N 723 -48.63 63.00 -23.02
N LEU N 724 -47.70 62.04 -22.99
CA LEU N 724 -46.31 62.36 -22.70
C LEU N 724 -45.71 63.28 -23.75
N THR N 725 -46.14 63.13 -25.00
CA THR N 725 -45.57 63.92 -26.08
C THR N 725 -45.93 65.40 -25.90
N TYR N 726 -47.20 65.71 -25.70
CA TYR N 726 -47.60 67.10 -25.56
C TYR N 726 -47.10 67.69 -24.25
N ALA N 727 -46.95 66.86 -23.22
CA ALA N 727 -46.40 67.32 -21.95
C ALA N 727 -45.00 67.89 -22.14
N ALA N 728 -44.13 67.12 -22.80
CA ALA N 728 -42.76 67.58 -23.02
C ALA N 728 -42.73 68.84 -23.86
N PHE N 729 -43.64 68.96 -24.82
CA PHE N 729 -43.72 70.18 -25.62
C PHE N 729 -44.31 71.33 -24.81
N LEU N 730 -45.34 71.03 -24.03
CA LEU N 730 -46.00 72.07 -23.23
C LEU N 730 -45.04 72.66 -22.21
N ILE N 731 -44.26 71.81 -21.53
CA ILE N 731 -43.42 72.28 -20.45
C ILE N 731 -42.14 72.92 -21.01
N ALA N 732 -41.45 72.21 -21.91
CA ALA N 732 -40.15 72.69 -22.37
C ALA N 732 -40.29 73.96 -23.21
N SER N 733 -41.32 74.02 -24.06
CA SER N 733 -41.52 75.21 -24.87
C SER N 733 -41.82 76.42 -24.01
N THR N 734 -42.61 76.24 -22.95
CA THR N 734 -42.94 77.35 -22.07
C THR N 734 -41.80 77.65 -21.10
N ALA N 735 -41.14 76.59 -20.61
CA ALA N 735 -40.11 76.78 -19.59
C ALA N 735 -38.82 77.30 -20.19
N GLY N 736 -38.42 76.77 -21.35
CA GLY N 736 -37.21 77.24 -21.98
C GLY N 736 -37.26 78.71 -22.35
N LYS N 737 -38.44 79.17 -22.77
CA LYS N 737 -38.66 80.56 -23.11
C LYS N 737 -39.19 81.38 -21.94
N PHE N 738 -39.81 80.73 -20.95
CA PHE N 738 -40.42 81.42 -19.82
C PHE N 738 -41.44 82.45 -20.29
N GLY N 739 -42.19 82.09 -21.33
CA GLY N 739 -43.17 82.98 -21.90
C GLY N 739 -42.55 84.22 -22.49
N SER O 1 -67.73 24.12 -23.21
CA SER O 1 -67.07 25.39 -23.47
C SER O 1 -68.06 26.43 -23.97
N HIS O 2 -68.31 26.45 -25.28
CA HIS O 2 -69.32 27.35 -25.83
C HIS O 2 -70.70 26.76 -25.63
N THR O 3 -71.71 27.49 -26.10
CA THR O 3 -73.10 27.06 -26.05
C THR O 3 -73.77 27.45 -27.36
N VAL O 4 -74.19 26.44 -28.12
CA VAL O 4 -74.88 26.65 -29.39
C VAL O 4 -76.36 26.38 -29.15
N LYS O 5 -77.16 27.44 -29.22
CA LYS O 5 -78.59 27.37 -28.95
C LYS O 5 -79.34 27.41 -30.27
N ILE O 6 -80.32 26.52 -30.42
CA ILE O 6 -81.11 26.39 -31.63
C ILE O 6 -82.55 26.76 -31.28
N TYR O 7 -83.11 27.71 -32.02
CA TYR O 7 -84.41 28.26 -31.72
C TYR O 7 -85.49 27.68 -32.63
N ASP O 8 -86.73 28.11 -32.40
CA ASP O 8 -87.89 27.48 -33.00
C ASP O 8 -88.02 27.76 -34.49
N THR O 9 -87.32 28.76 -35.02
CA THR O 9 -87.56 29.21 -36.39
C THR O 9 -86.83 28.37 -37.43
N CYS O 10 -86.30 27.20 -37.08
CA CYS O 10 -85.66 26.34 -38.06
C CYS O 10 -86.68 25.85 -39.09
N ILE O 11 -86.18 25.52 -40.27
CA ILE O 11 -87.00 24.97 -41.34
C ILE O 11 -86.34 23.74 -41.98
N GLY O 12 -85.20 23.30 -41.45
CA GLY O 12 -84.53 22.13 -42.01
C GLY O 12 -83.80 22.40 -43.31
N CYS O 13 -82.95 23.42 -43.33
CA CYS O 13 -82.14 23.67 -44.52
C CYS O 13 -80.97 22.69 -44.60
N THR O 14 -80.51 22.19 -43.46
CA THR O 14 -79.34 21.33 -43.35
C THR O 14 -78.04 22.05 -43.73
N GLN O 15 -78.06 23.38 -43.77
CA GLN O 15 -76.87 24.14 -44.14
C GLN O 15 -75.91 24.32 -42.97
N CYS O 16 -76.46 24.45 -41.76
CA CYS O 16 -75.62 24.61 -40.56
C CYS O 16 -74.73 23.40 -40.33
N VAL O 17 -75.32 22.20 -40.40
CA VAL O 17 -74.55 20.98 -40.11
C VAL O 17 -73.44 20.78 -41.14
N ARG O 18 -73.66 21.24 -42.37
CA ARG O 18 -72.64 21.08 -43.40
C ARG O 18 -71.49 22.05 -43.19
N ALA O 19 -71.80 23.29 -42.80
CA ALA O 19 -70.76 24.31 -42.68
C ALA O 19 -69.88 24.09 -41.47
N CYS O 20 -70.33 23.29 -40.50
CA CYS O 20 -69.55 23.10 -39.29
C CYS O 20 -68.27 22.34 -39.59
N PRO O 21 -67.09 22.87 -39.26
CA PRO O 21 -65.88 22.06 -39.47
C PRO O 21 -65.69 20.96 -38.45
N THR O 22 -66.11 21.18 -37.21
CA THR O 22 -65.85 20.25 -36.11
C THR O 22 -67.01 19.30 -35.84
N ASP O 23 -68.08 19.34 -36.63
CA ASP O 23 -69.21 18.42 -36.47
C ASP O 23 -69.86 18.58 -35.10
N VAL O 24 -70.08 19.84 -34.70
CA VAL O 24 -70.78 20.14 -33.46
C VAL O 24 -72.29 19.97 -33.60
N LEU O 25 -72.82 20.03 -34.82
CA LEU O 25 -74.25 20.07 -35.07
C LEU O 25 -74.72 18.78 -35.72
N GLU O 26 -76.02 18.54 -35.63
CA GLU O 26 -76.64 17.35 -36.19
C GLU O 26 -78.12 17.63 -36.42
N MET O 27 -78.65 17.06 -37.50
CA MET O 27 -80.06 17.18 -37.84
C MET O 27 -80.80 15.96 -37.31
N VAL O 28 -81.78 16.21 -36.44
CA VAL O 28 -82.52 15.15 -35.75
C VAL O 28 -83.99 15.28 -36.13
N PRO O 29 -84.79 14.23 -35.98
CA PRO O 29 -86.22 14.35 -36.31
C PRO O 29 -86.98 15.03 -35.19
N TRP O 30 -87.89 15.92 -35.57
CA TRP O 30 -88.70 16.70 -34.65
C TRP O 30 -90.03 16.01 -34.44
N ASP O 31 -90.54 16.06 -33.21
CA ASP O 31 -91.83 15.46 -32.90
C ASP O 31 -93.00 16.13 -33.61
N GLY O 32 -92.78 17.30 -34.22
CA GLY O 32 -93.79 17.92 -35.05
C GLY O 32 -94.27 16.99 -36.14
N CYS O 33 -95.59 16.81 -36.24
CA CYS O 33 -96.14 15.85 -37.19
C CYS O 33 -95.84 16.26 -38.63
N LYS O 34 -95.92 17.55 -38.93
CA LYS O 34 -95.66 18.08 -40.25
C LYS O 34 -94.30 18.77 -40.37
N ALA O 35 -93.52 18.79 -39.29
CA ALA O 35 -92.16 19.34 -39.31
C ALA O 35 -91.20 18.22 -39.70
N ALA O 36 -90.47 18.41 -40.80
CA ALA O 36 -89.63 17.36 -41.32
C ALA O 36 -88.47 17.05 -40.39
N GLN O 37 -87.77 18.08 -39.93
CA GLN O 37 -86.55 17.89 -39.16
C GLN O 37 -86.19 19.17 -38.44
N VAL O 38 -85.16 19.09 -37.61
CA VAL O 38 -84.66 20.23 -36.85
C VAL O 38 -83.22 19.95 -36.46
N ALA O 39 -82.44 21.02 -36.32
CA ALA O 39 -81.03 20.89 -35.98
C ALA O 39 -80.86 20.55 -34.50
N SER O 40 -79.62 20.22 -34.15
CA SER O 40 -79.24 19.89 -32.79
C SER O 40 -77.79 20.26 -32.56
N SER O 41 -77.37 20.25 -31.29
CA SER O 41 -76.01 20.61 -30.89
C SER O 41 -75.56 19.63 -29.81
N PRO O 42 -75.35 18.36 -30.16
CA PRO O 42 -75.06 17.36 -29.12
C PRO O 42 -73.65 17.44 -28.55
N ARG O 43 -72.64 17.67 -29.38
CA ARG O 43 -71.24 17.67 -28.93
C ARG O 43 -70.74 19.10 -28.97
N THR O 44 -71.04 19.86 -27.92
CA THR O 44 -70.73 21.28 -27.87
C THR O 44 -69.30 21.56 -27.43
N GLU O 45 -68.62 20.57 -26.86
CA GLU O 45 -67.24 20.79 -26.42
C GLU O 45 -66.32 21.10 -27.58
N ASP O 46 -66.65 20.63 -28.78
CA ASP O 46 -65.81 20.81 -29.96
C ASP O 46 -66.11 22.08 -30.74
N CYS O 47 -67.00 22.94 -30.24
CA CYS O 47 -67.28 24.20 -30.93
C CYS O 47 -66.06 25.09 -30.93
N VAL O 48 -65.76 25.67 -32.10
CA VAL O 48 -64.61 26.54 -32.28
C VAL O 48 -65.03 27.97 -32.66
N GLY O 49 -66.28 28.34 -32.41
CA GLY O 49 -66.72 29.72 -32.46
C GLY O 49 -66.45 30.46 -33.75
N CYS O 50 -66.40 29.74 -34.87
CA CYS O 50 -66.05 30.38 -36.14
C CYS O 50 -67.28 31.03 -36.79
N LYS O 51 -68.47 30.77 -36.26
CA LYS O 51 -69.71 31.43 -36.67
C LYS O 51 -70.05 31.18 -38.14
N ARG O 52 -69.57 30.07 -38.71
CA ARG O 52 -69.96 29.73 -40.07
C ARG O 52 -71.43 29.37 -40.16
N CYS O 53 -71.95 28.71 -39.12
CA CYS O 53 -73.36 28.31 -39.12
C CYS O 53 -74.27 29.53 -39.10
N GLU O 54 -73.89 30.55 -38.34
CA GLU O 54 -74.67 31.79 -38.30
C GLU O 54 -74.73 32.45 -39.67
N THR O 55 -73.69 32.28 -40.47
CA THR O 55 -73.70 32.82 -41.83
C THR O 55 -74.57 31.98 -42.76
N ALA O 56 -74.77 30.70 -42.41
CA ALA O 56 -75.46 29.79 -43.31
C ALA O 56 -76.98 29.83 -43.11
N CYS O 57 -77.43 30.04 -41.88
CA CYS O 57 -78.85 29.96 -41.58
C CYS O 57 -79.60 31.07 -42.32
N PRO O 58 -80.61 30.76 -43.14
CA PRO O 58 -81.24 31.78 -43.98
C PRO O 58 -82.45 32.47 -43.38
N THR O 59 -82.75 32.28 -42.10
CA THR O 59 -83.87 32.98 -41.50
C THR O 59 -83.59 34.48 -41.45
N ASP O 60 -84.65 35.25 -41.20
CA ASP O 60 -84.51 36.71 -41.17
C ASP O 60 -83.58 37.12 -40.04
N PHE O 61 -83.75 36.51 -38.87
CA PHE O 61 -82.73 36.49 -37.83
C PHE O 61 -82.50 35.04 -37.44
N LEU O 62 -81.28 34.74 -37.01
CA LEU O 62 -80.77 33.38 -37.08
C LEU O 62 -81.43 32.48 -36.06
N SER O 63 -81.94 31.34 -36.53
CA SER O 63 -82.49 30.32 -35.64
C SER O 63 -81.43 29.75 -34.73
N ILE O 64 -80.17 29.74 -35.19
CA ILE O 64 -79.05 29.20 -34.44
C ILE O 64 -78.18 30.36 -33.97
N ARG O 65 -77.61 30.23 -32.78
CA ARG O 65 -76.71 31.23 -32.22
C ARG O 65 -75.57 30.53 -31.52
N VAL O 66 -74.41 31.17 -31.50
CA VAL O 66 -73.21 30.68 -30.84
C VAL O 66 -72.75 31.73 -29.84
N TYR O 67 -72.99 31.46 -28.56
CA TYR O 67 -72.62 32.37 -27.49
C TYR O 67 -71.26 31.98 -26.94
N LEU O 68 -70.33 32.92 -26.97
CA LEU O 68 -68.97 32.65 -26.51
C LEU O 68 -68.95 32.46 -25.00
N GLY O 69 -68.06 31.59 -24.54
CA GLY O 69 -67.97 31.27 -23.13
C GLY O 69 -66.58 30.84 -22.70
N ALA O 70 -66.51 29.95 -21.72
CA ALA O 70 -65.24 29.48 -21.20
C ALA O 70 -64.46 28.75 -22.28
N GLU O 71 -63.20 29.13 -22.44
CA GLU O 71 -62.36 28.56 -23.48
C GLU O 71 -61.61 27.34 -22.96
N THR O 72 -61.07 26.57 -23.91
CA THR O 72 -60.27 25.40 -23.59
C THR O 72 -59.37 25.11 -24.80
N THR O 73 -58.65 23.99 -24.72
CA THR O 73 -57.74 23.64 -25.80
C THR O 73 -58.50 23.36 -27.09
N ARG O 74 -59.63 22.67 -27.01
CA ARG O 74 -60.39 22.34 -28.20
C ARG O 74 -61.06 23.58 -28.78
N SER O 75 -61.63 24.42 -27.93
CA SER O 75 -62.34 25.59 -28.42
C SER O 75 -61.40 26.61 -29.03
N MET O 76 -60.20 26.76 -28.45
CA MET O 76 -59.21 27.69 -28.97
C MET O 76 -58.46 27.15 -30.18
N GLY O 77 -58.69 25.89 -30.56
CA GLY O 77 -58.05 25.35 -31.76
C GLY O 77 -56.54 25.24 -31.64
N LEU O 78 -56.04 24.84 -30.47
CA LEU O 78 -54.61 24.73 -30.23
C LEU O 78 -54.18 23.30 -30.49
N ALA O 79 -53.43 23.09 -31.58
CA ALA O 79 -52.84 21.79 -31.83
C ALA O 79 -51.71 21.49 -30.84
N TYR O 80 -51.17 22.52 -30.21
CA TYR O 80 -50.09 22.37 -29.23
C TYR O 80 -50.64 22.44 -27.81
N LEU P 1 -57.42 0.30 -34.34
CA LEU P 1 -57.14 1.08 -35.55
C LEU P 1 -56.17 0.32 -36.44
N SER P 2 -56.63 0.02 -37.66
CA SER P 2 -55.85 -0.74 -38.63
C SER P 2 -55.86 -0.01 -39.96
N GLY P 3 -54.68 0.27 -40.50
CA GLY P 3 -54.58 0.88 -41.81
C GLY P 3 -53.14 1.24 -42.13
N LYS P 4 -52.91 1.50 -43.42
CA LYS P 4 -51.59 1.87 -43.92
C LYS P 4 -51.46 3.38 -43.88
N THR P 5 -50.29 3.86 -43.47
CA THR P 5 -50.04 5.29 -43.46
C THR P 5 -49.84 5.78 -44.89
N PRO P 6 -50.41 6.91 -45.29
CA PRO P 6 -50.06 7.49 -46.60
C PRO P 6 -48.58 7.81 -46.66
N LEU P 7 -48.02 7.68 -47.87
CA LEU P 7 -46.59 7.83 -48.07
C LEU P 7 -46.25 9.30 -48.26
N PHE P 8 -45.57 9.89 -47.29
CA PHE P 8 -45.05 11.25 -47.39
C PHE P 8 -43.80 11.36 -46.55
N ALA P 9 -42.86 12.17 -47.03
CA ALA P 9 -41.53 12.22 -46.44
C ALA P 9 -41.57 12.73 -45.00
N GLY P 10 -42.54 13.56 -44.67
CA GLY P 10 -42.65 14.16 -43.35
C GLY P 10 -42.77 15.66 -43.48
N SER P 11 -43.08 16.29 -42.35
CA SER P 11 -43.32 17.72 -42.36
C SER P 11 -43.24 18.27 -40.94
N THR P 12 -42.75 19.51 -40.84
CA THR P 12 -42.75 20.21 -39.57
C THR P 12 -44.15 20.38 -39.02
N GLY P 13 -45.11 20.68 -39.90
CA GLY P 13 -46.50 20.77 -39.49
C GLY P 13 -47.07 19.38 -39.33
N GLY P 14 -47.58 19.09 -38.14
CA GLY P 14 -48.11 17.78 -37.85
C GLY P 14 -48.31 17.61 -36.36
N LEU P 15 -48.11 16.38 -35.90
CA LEU P 15 -48.28 16.07 -34.49
C LEU P 15 -47.21 16.78 -33.66
N LEU P 16 -47.62 17.21 -32.46
CA LEU P 16 -46.74 17.93 -31.56
C LEU P 16 -46.81 17.29 -30.17
N THR P 17 -46.23 17.93 -29.16
CA THR P 17 -46.19 17.36 -27.80
C THR P 17 -47.59 17.15 -27.24
N LYS P 18 -48.59 17.88 -27.75
CA LYS P 18 -49.97 17.68 -27.31
C LYS P 18 -50.43 16.25 -27.58
N ALA P 19 -49.92 15.63 -28.65
CA ALA P 19 -50.40 14.32 -29.04
C ALA P 19 -50.13 13.27 -27.98
N VAL P 20 -48.94 13.31 -27.37
CA VAL P 20 -48.60 12.34 -26.34
C VAL P 20 -49.42 12.59 -25.08
N GLU P 21 -49.64 13.86 -24.75
CA GLU P 21 -50.20 14.22 -23.45
C GLU P 21 -51.72 14.38 -23.52
N GLU P 22 -52.24 14.86 -24.65
CA GLU P 22 -53.64 15.26 -24.74
C GLU P 22 -54.22 14.89 -26.10
N GLU P 23 -55.03 13.83 -26.11
CA GLU P 23 -56.07 13.57 -27.11
C GLU P 23 -55.61 13.81 -28.56
N LYS P 24 -54.68 12.99 -29.02
CA LYS P 24 -54.40 12.94 -30.45
C LYS P 24 -55.56 12.25 -31.16
N TYR P 25 -55.79 12.65 -32.41
CA TYR P 25 -56.89 12.13 -33.22
C TYR P 25 -56.33 11.30 -34.36
N ALA P 26 -57.19 10.48 -34.96
CA ALA P 26 -56.83 9.62 -36.08
C ALA P 26 -58.02 9.49 -37.01
N ILE P 27 -57.75 9.56 -38.31
CA ILE P 27 -58.77 9.44 -39.35
C ILE P 27 -58.50 8.18 -40.15
N THR P 28 -59.57 7.48 -40.53
CA THR P 28 -59.49 6.24 -41.28
C THR P 28 -60.42 6.31 -42.49
N TRP P 29 -59.98 5.73 -43.60
CA TRP P 29 -60.79 5.67 -44.80
C TRP P 29 -60.22 4.62 -45.74
N THR P 30 -61.08 4.14 -46.63
CA THR P 30 -60.73 3.12 -47.63
C THR P 30 -60.85 3.75 -49.01
N SER P 31 -59.85 3.51 -49.86
CA SER P 31 -59.76 4.12 -51.17
C SER P 31 -60.00 3.09 -52.26
N PRO P 32 -60.61 3.47 -53.40
CA PRO P 32 -60.64 2.54 -54.53
C PRO P 32 -59.35 2.57 -55.35
N LYS P 33 -58.71 3.73 -55.42
CA LYS P 33 -57.50 3.92 -56.21
C LYS P 33 -56.49 4.70 -55.39
N ALA P 34 -55.21 4.41 -55.64
CA ALA P 34 -54.11 5.17 -55.04
C ALA P 34 -53.99 6.50 -55.76
N GLN P 35 -54.20 7.59 -55.02
CA GLN P 35 -54.24 8.93 -55.59
C GLN P 35 -53.43 9.86 -54.70
N VAL P 36 -53.03 10.99 -55.28
CA VAL P 36 -52.30 12.04 -54.58
C VAL P 36 -53.34 12.99 -53.98
N PHE P 37 -53.24 13.25 -52.69
CA PHE P 37 -54.14 14.13 -51.98
C PHE P 37 -53.34 15.08 -51.11
N GLU P 38 -53.80 16.32 -50.99
CA GLU P 38 -53.16 17.29 -50.12
C GLU P 38 -53.43 16.91 -48.66
N LEU P 39 -52.39 16.98 -47.85
CA LEU P 39 -52.54 16.71 -46.42
C LEU P 39 -53.25 17.88 -45.76
N PRO P 40 -53.79 17.67 -44.55
CA PRO P 40 -54.47 18.80 -43.87
C PRO P 40 -53.51 19.92 -43.51
N THR P 41 -52.25 19.60 -43.21
CA THR P 41 -51.24 20.59 -42.83
C THR P 41 -50.01 20.41 -43.72
N GLY P 42 -50.02 21.06 -44.86
CA GLY P 42 -48.83 21.15 -45.68
C GLY P 42 -48.55 19.89 -46.47
N GLY P 43 -48.28 20.07 -47.75
CA GLY P 43 -47.73 19.01 -48.57
C GLY P 43 -48.78 18.14 -49.22
N ALA P 44 -48.28 17.06 -49.84
CA ALA P 44 -49.10 16.10 -50.54
C ALA P 44 -48.68 14.70 -50.11
N ALA P 45 -49.58 13.74 -50.33
CA ALA P 45 -49.33 12.35 -49.96
C ALA P 45 -50.14 11.45 -50.86
N THR P 46 -49.71 10.19 -50.93
CA THR P 46 -50.33 9.18 -51.79
C THR P 46 -51.06 8.18 -50.92
N MET P 47 -52.39 8.11 -51.06
CA MET P 47 -53.16 7.12 -50.33
C MET P 47 -52.98 5.74 -50.94
N HIS P 48 -53.05 4.72 -50.10
CA HIS P 48 -52.84 3.36 -50.55
C HIS P 48 -54.14 2.77 -51.10
N GLU P 49 -54.03 1.55 -51.63
CA GLU P 49 -55.15 0.96 -52.37
C GLU P 49 -56.32 0.62 -51.46
N GLY P 50 -56.08 0.46 -50.17
CA GLY P 50 -57.14 0.13 -49.24
C GLY P 50 -56.73 0.34 -47.80
N GLU P 51 -57.72 0.76 -47.00
CA GLU P 51 -57.57 0.89 -45.54
C GLU P 51 -56.42 1.84 -45.19
N ASN P 52 -56.60 3.11 -45.52
CA ASN P 52 -55.65 4.13 -45.14
C ASN P 52 -55.93 4.61 -43.72
N LEU P 53 -54.86 5.02 -43.03
CA LEU P 53 -54.93 5.55 -41.68
C LEU P 53 -53.96 6.71 -41.54
N LEU P 54 -54.40 7.76 -40.85
CA LEU P 54 -53.58 8.94 -40.63
C LEU P 54 -53.85 9.49 -39.24
N TYR P 55 -52.77 9.75 -38.51
CA TYR P 55 -52.84 10.32 -37.17
C TYR P 55 -52.86 11.83 -37.30
N ILE P 56 -53.66 12.49 -36.48
CA ILE P 56 -54.06 13.87 -36.68
C ILE P 56 -54.09 14.57 -35.33
N ALA P 57 -53.74 15.85 -35.32
CA ALA P 57 -53.67 16.60 -34.07
C ALA P 57 -55.05 17.04 -33.60
N ARG P 58 -55.84 17.66 -34.47
CA ARG P 58 -57.13 18.23 -34.12
C ARG P 58 -58.23 17.63 -34.99
N LYS P 59 -59.44 17.57 -34.41
CA LYS P 59 -60.59 17.04 -35.13
C LYS P 59 -60.92 17.87 -36.36
N GLU P 60 -60.58 19.17 -36.34
CA GLU P 60 -60.89 20.02 -37.47
C GLU P 60 -60.11 19.61 -38.72
N TYR P 61 -58.88 19.11 -38.54
CA TYR P 61 -58.09 18.68 -39.69
C TYR P 61 -58.73 17.47 -40.35
N GLY P 62 -59.31 16.57 -39.55
CA GLY P 62 -59.88 15.36 -40.11
C GLY P 62 -61.11 15.62 -40.96
N ILE P 63 -62.04 16.42 -40.44
CA ILE P 63 -63.25 16.73 -41.19
C ILE P 63 -62.91 17.60 -42.40
N ALA P 64 -61.93 18.49 -42.26
CA ALA P 64 -61.47 19.26 -43.40
C ALA P 64 -60.88 18.35 -44.47
N LEU P 65 -60.20 17.29 -44.03
CA LEU P 65 -59.69 16.30 -44.98
C LEU P 65 -60.83 15.50 -45.61
N GLY P 66 -61.86 15.20 -44.83
CA GLY P 66 -62.98 14.43 -45.35
C GLY P 66 -63.68 15.15 -46.50
N GLY P 67 -63.79 16.47 -46.41
CA GLY P 67 -64.36 17.23 -47.51
C GLY P 67 -63.53 17.13 -48.77
N GLN P 68 -62.21 16.99 -48.62
CA GLN P 68 -61.35 16.79 -49.78
C GLN P 68 -61.51 15.38 -50.34
N LEU P 69 -61.72 14.40 -49.46
CA LEU P 69 -61.90 13.03 -49.92
C LEU P 69 -63.19 12.88 -50.72
N ARG P 70 -64.20 13.68 -50.38
CA ARG P 70 -65.45 13.63 -51.12
C ARG P 70 -65.28 14.10 -52.56
N LYS P 71 -64.26 14.92 -52.83
CA LYS P 71 -63.95 15.28 -54.21
C LYS P 71 -63.48 14.06 -54.98
N PHE P 72 -62.72 13.18 -54.33
CA PHE P 72 -62.33 11.90 -54.91
C PHE P 72 -63.41 10.82 -54.74
N LYS P 73 -64.60 11.19 -54.28
CA LYS P 73 -65.71 10.27 -54.12
C LYS P 73 -65.42 9.16 -53.12
N ILE P 74 -64.84 9.53 -51.98
CA ILE P 74 -64.63 8.63 -50.85
C ILE P 74 -65.43 9.19 -49.68
N THR P 75 -66.54 8.52 -49.35
CA THR P 75 -67.45 8.98 -48.32
C THR P 75 -67.35 8.17 -47.02
N ASN P 76 -66.49 7.16 -46.97
CA ASN P 76 -66.34 6.33 -45.78
C ASN P 76 -65.15 6.82 -44.96
N TYR P 77 -65.26 8.05 -44.47
CA TYR P 77 -64.25 8.65 -43.61
C TYR P 77 -64.69 8.52 -42.16
N LYS P 78 -63.80 7.95 -41.33
CA LYS P 78 -64.06 7.70 -39.92
C LYS P 78 -62.97 8.37 -39.10
N ILE P 79 -63.37 8.97 -37.99
CA ILE P 79 -62.48 9.72 -37.13
C ILE P 79 -62.55 9.14 -35.73
N TYR P 80 -61.42 9.12 -35.02
CA TYR P 80 -61.33 8.61 -33.67
C TYR P 80 -60.58 9.62 -32.79
N ARG P 81 -60.73 9.44 -31.48
CA ARG P 81 -60.08 10.27 -30.47
C ARG P 81 -59.24 9.36 -29.58
N ILE P 82 -57.92 9.56 -29.60
CA ILE P 82 -56.98 8.69 -28.92
C ILE P 82 -56.42 9.45 -27.74
N LEU P 83 -56.79 9.04 -26.55
CA LEU P 83 -56.25 9.60 -25.32
C LEU P 83 -54.88 8.98 -25.07
N PRO P 84 -54.10 9.52 -24.12
CA PRO P 84 -52.79 8.93 -23.84
C PRO P 84 -52.85 7.50 -23.34
N SER P 85 -53.91 7.13 -22.63
CA SER P 85 -54.07 5.76 -22.16
C SER P 85 -54.43 4.79 -23.27
N GLY P 86 -54.68 5.27 -24.49
CA GLY P 86 -55.03 4.42 -25.60
C GLY P 86 -56.51 4.26 -25.86
N GLU P 87 -57.36 4.98 -25.13
CA GLU P 87 -58.80 4.89 -25.33
C GLU P 87 -59.17 5.50 -26.67
N THR P 88 -59.77 4.69 -27.54
CA THR P 88 -60.20 5.12 -28.87
C THR P 88 -61.72 5.05 -28.95
N THR P 89 -62.33 6.16 -29.35
CA THR P 89 -63.78 6.29 -29.43
C THR P 89 -64.18 6.70 -30.84
N PHE P 90 -65.31 6.14 -31.29
CA PHE P 90 -65.86 6.43 -32.61
C PHE P 90 -66.57 7.78 -32.53
N ILE P 91 -65.81 8.84 -32.80
CA ILE P 91 -66.21 10.17 -32.35
C ILE P 91 -67.07 10.88 -33.39
N HIS P 92 -66.66 10.89 -34.66
CA HIS P 92 -67.32 11.81 -35.59
C HIS P 92 -68.73 11.32 -35.91
N PRO P 93 -68.93 10.15 -36.56
CA PRO P 93 -70.29 9.61 -36.60
C PRO P 93 -70.57 8.71 -35.40
N ALA P 94 -71.51 9.10 -34.54
CA ALA P 94 -71.87 8.23 -33.44
C ALA P 94 -72.63 7.01 -33.94
N ASP P 95 -73.51 7.22 -34.91
CA ASP P 95 -74.20 6.17 -35.63
C ASP P 95 -73.80 6.20 -37.10
N GLY P 96 -74.08 5.09 -37.80
CA GLY P 96 -73.57 4.92 -39.15
C GLY P 96 -74.04 6.01 -40.11
N VAL P 97 -75.25 6.52 -39.89
CA VAL P 97 -75.77 7.59 -40.75
C VAL P 97 -74.96 8.86 -40.51
N PHE P 98 -74.86 9.68 -41.55
CA PHE P 98 -74.13 10.93 -41.43
C PHE P 98 -74.97 11.96 -40.69
N PRO P 99 -74.35 13.05 -40.22
CA PRO P 99 -75.13 14.06 -39.48
C PRO P 99 -76.20 14.73 -40.32
N GLU P 100 -75.99 14.85 -41.63
CA GLU P 100 -76.93 15.58 -42.47
C GLU P 100 -78.25 14.83 -42.60
N LYS P 101 -78.19 13.51 -42.74
CA LYS P 101 -79.38 12.70 -42.97
C LYS P 101 -79.99 12.31 -41.63
N VAL P 102 -81.31 12.47 -41.50
CA VAL P 102 -81.99 12.30 -40.23
C VAL P 102 -82.03 10.82 -39.85
N ASN P 103 -82.00 10.55 -38.54
CA ASN P 103 -82.13 9.20 -38.02
C ASN P 103 -82.94 9.25 -36.74
N ALA P 104 -83.73 8.19 -36.52
CA ALA P 104 -84.70 8.19 -35.41
C ALA P 104 -84.00 8.18 -34.05
N GLY P 105 -82.82 7.57 -33.97
CA GLY P 105 -82.17 7.40 -32.68
C GLY P 105 -81.77 8.69 -32.02
N ARG P 106 -81.59 9.75 -32.80
CA ARG P 106 -81.10 11.01 -32.24
C ARG P 106 -82.23 11.76 -31.53
N GLU P 107 -81.84 12.71 -30.68
CA GLU P 107 -82.77 13.51 -29.90
C GLU P 107 -82.32 14.96 -29.87
N LYS P 108 -83.29 15.87 -29.96
CA LYS P 108 -82.98 17.30 -29.92
C LYS P 108 -82.43 17.68 -28.55
N VAL P 109 -81.49 18.63 -28.55
CA VAL P 109 -80.83 19.10 -27.34
C VAL P 109 -80.52 20.58 -27.51
N ARG P 110 -80.59 21.32 -26.40
CA ARG P 110 -80.39 22.77 -26.40
C ARG P 110 -81.34 23.45 -27.39
N PHE P 111 -82.58 22.96 -27.43
CA PHE P 111 -83.62 23.53 -28.26
C PHE P 111 -84.43 24.52 -27.42
N ASN P 112 -84.54 25.75 -27.91
CA ASN P 112 -85.31 26.79 -27.27
C ASN P 112 -86.63 26.98 -28.02
N ALA P 113 -87.73 26.57 -27.39
CA ALA P 113 -89.02 26.61 -28.05
C ALA P 113 -89.47 28.04 -28.33
N ARG P 114 -88.97 28.99 -27.54
CA ARG P 114 -89.26 30.39 -27.80
C ARG P 114 -88.52 30.86 -29.05
N SER P 115 -89.01 31.96 -29.61
CA SER P 115 -88.26 32.64 -30.65
C SER P 115 -87.09 33.40 -30.02
N ILE P 116 -86.15 33.79 -30.88
CA ILE P 116 -84.95 34.46 -30.39
C ILE P 116 -85.30 35.83 -29.81
N GLY P 117 -86.30 36.49 -30.37
CA GLY P 117 -86.69 37.80 -29.85
C GLY P 117 -87.40 37.72 -28.51
N GLU P 118 -87.93 36.54 -28.18
CA GLU P 118 -88.65 36.37 -26.93
C GLU P 118 -87.74 36.08 -25.75
N ASN P 119 -86.43 36.22 -25.90
CA ASN P 119 -85.53 35.94 -24.79
C ASN P 119 -85.70 36.99 -23.70
N PRO P 120 -85.46 36.66 -22.44
CA PRO P 120 -85.65 37.65 -21.37
C PRO P 120 -84.56 38.70 -21.39
N ASN P 121 -84.83 39.82 -20.72
CA ASN P 121 -83.81 40.84 -20.57
C ASN P 121 -82.79 40.38 -19.52
N PRO P 122 -81.52 40.80 -19.64
CA PRO P 122 -80.54 40.33 -18.65
C PRO P 122 -80.75 40.91 -17.27
N SER P 123 -81.39 42.09 -17.18
CA SER P 123 -81.67 42.68 -15.88
C SER P 123 -82.63 41.82 -15.07
N GLN P 124 -83.47 41.04 -15.74
CA GLN P 124 -84.41 40.17 -15.04
C GLN P 124 -83.72 38.98 -14.38
N VAL P 125 -82.50 38.65 -14.80
CA VAL P 125 -81.82 37.43 -14.36
C VAL P 125 -80.44 37.74 -13.80
N LYS P 126 -80.24 38.95 -13.29
CA LYS P 126 -78.97 39.34 -12.71
C LYS P 126 -78.89 38.83 -11.27
N PHE P 127 -77.68 38.45 -10.85
CA PHE P 127 -77.44 37.91 -9.51
C PHE P 127 -78.24 36.65 -9.26
N SER P 128 -78.29 35.77 -10.27
CA SER P 128 -79.00 34.49 -10.16
C SER P 128 -78.23 33.31 -10.72
N GLY P 129 -77.12 33.53 -11.41
CA GLY P 129 -76.41 32.46 -12.09
C GLY P 129 -77.02 32.01 -13.40
N LYS P 130 -78.20 32.54 -13.76
CA LYS P 130 -78.86 32.20 -15.00
C LYS P 130 -78.29 33.06 -16.13
N ALA P 131 -78.39 32.56 -17.36
CA ALA P 131 -78.02 33.30 -18.55
C ALA P 131 -79.26 33.53 -19.40
N THR P 132 -79.25 34.62 -20.16
CA THR P 132 -80.40 35.00 -20.97
C THR P 132 -80.75 33.92 -21.99
N TYR P 133 -79.75 33.40 -22.68
CA TYR P 133 -79.98 32.40 -23.72
C TYR P 133 -80.52 31.08 -23.18
N ASP P 134 -80.37 30.81 -21.89
CA ASP P 134 -80.82 29.54 -21.33
C ASP P 134 -82.32 29.61 -21.03
N VAL Q 1 -103.37 34.92 -43.94
CA VAL Q 1 -104.04 35.90 -44.80
C VAL Q 1 -104.18 35.35 -46.21
N GLN Q 2 -104.72 36.18 -47.10
CA GLN Q 2 -104.87 35.76 -48.49
C GLN Q 2 -103.52 35.71 -49.19
N ARG Q 3 -103.37 34.72 -50.07
CA ARG Q 3 -102.13 34.61 -50.84
C ARG Q 3 -102.06 35.72 -51.88
N GLY Q 4 -100.93 36.40 -51.94
CA GLY Q 4 -100.71 37.49 -52.86
C GLY Q 4 -101.02 38.87 -52.31
N SER Q 5 -101.46 38.96 -51.06
CA SER Q 5 -101.82 40.25 -50.49
C SER Q 5 -100.58 40.97 -49.94
N LYS Q 6 -100.65 42.29 -49.93
CA LYS Q 6 -99.57 43.13 -49.43
C LYS Q 6 -99.75 43.31 -47.93
N VAL Q 7 -98.70 42.99 -47.17
CA VAL Q 7 -98.79 42.85 -45.73
C VAL Q 7 -97.57 43.47 -45.07
N ARG Q 8 -97.76 43.94 -43.83
CA ARG Q 8 -96.72 44.57 -43.03
C ARG Q 8 -96.36 43.67 -41.86
N ILE Q 9 -95.11 43.75 -41.42
CA ILE Q 9 -94.59 42.91 -40.35
C ILE Q 9 -94.61 43.70 -39.05
N LEU Q 10 -94.88 43.00 -37.94
CA LEU Q 10 -94.70 43.53 -36.59
C LEU Q 10 -93.75 42.68 -35.74
N ARG Q 11 -93.28 41.55 -36.27
CA ARG Q 11 -92.31 40.73 -35.56
C ARG Q 11 -91.03 41.52 -35.34
N PRO Q 12 -90.60 41.74 -34.10
CA PRO Q 12 -89.30 42.40 -33.88
C PRO Q 12 -88.15 41.42 -34.10
N GLU Q 13 -86.93 41.97 -34.02
CA GLU Q 13 -85.72 41.25 -34.40
C GLU Q 13 -85.81 40.77 -35.84
N SER Q 14 -86.34 41.63 -36.70
CA SER Q 14 -86.51 41.37 -38.12
C SER Q 14 -85.96 42.53 -38.92
N TYR Q 15 -85.43 42.22 -40.11
CA TYR Q 15 -84.89 43.28 -40.96
C TYR Q 15 -85.99 44.17 -41.50
N TRP Q 16 -87.16 43.61 -41.77
CA TRP Q 16 -88.26 44.33 -42.41
C TRP Q 16 -89.33 44.76 -41.42
N PHE Q 17 -88.92 45.14 -40.20
CA PHE Q 17 -89.87 45.63 -39.22
C PHE Q 17 -90.59 46.87 -39.72
N GLN Q 18 -91.92 46.80 -39.71
CA GLN Q 18 -92.78 47.87 -40.24
C GLN Q 18 -92.43 48.18 -41.70
N ASP Q 19 -92.43 47.13 -42.52
CA ASP Q 19 -92.18 47.24 -43.95
C ASP Q 19 -93.16 46.34 -44.69
N VAL Q 20 -93.57 46.79 -45.86
CA VAL Q 20 -94.65 46.15 -46.61
C VAL Q 20 -94.05 45.12 -47.56
N GLY Q 21 -94.86 44.13 -47.94
CA GLY Q 21 -94.43 43.09 -48.86
C GLY Q 21 -95.54 42.13 -49.19
N THR Q 22 -95.40 41.45 -50.34
CA THR Q 22 -96.45 40.54 -50.79
C THR Q 22 -96.25 39.16 -50.17
N VAL Q 23 -97.37 38.48 -49.93
CA VAL Q 23 -97.38 37.13 -49.39
C VAL Q 23 -97.28 36.18 -50.57
N ALA Q 24 -96.17 35.44 -50.65
CA ALA Q 24 -95.96 34.55 -51.78
C ALA Q 24 -96.75 33.26 -51.61
N SER Q 25 -96.83 32.75 -50.38
CA SER Q 25 -97.49 31.47 -50.14
C SER Q 25 -97.90 31.39 -48.68
N VAL Q 26 -98.88 30.52 -48.41
CA VAL Q 26 -99.35 30.24 -47.06
C VAL Q 26 -99.54 28.74 -46.94
N ASP Q 27 -98.87 28.14 -45.96
CA ASP Q 27 -98.93 26.70 -45.75
C ASP Q 27 -100.17 26.36 -44.92
N GLN Q 28 -101.05 25.54 -45.49
CA GLN Q 28 -102.25 25.09 -44.79
C GLN Q 28 -101.87 23.91 -43.89
N SER Q 29 -101.10 24.23 -42.85
CA SER Q 29 -100.50 23.23 -41.99
C SER Q 29 -100.37 23.81 -40.59
N GLY Q 30 -100.10 22.94 -39.63
CA GLY Q 30 -99.91 23.33 -38.25
C GLY Q 30 -98.54 23.85 -37.91
N ILE Q 31 -97.66 24.04 -38.90
CA ILE Q 31 -96.33 24.55 -38.63
C ILE Q 31 -96.41 25.98 -38.13
N LYS Q 32 -95.61 26.30 -37.12
CA LYS Q 32 -95.49 27.67 -36.66
C LYS Q 32 -94.77 28.50 -37.72
N TYR Q 33 -95.19 29.76 -37.84
CA TYR Q 33 -94.69 30.66 -38.87
C TYR Q 33 -94.92 30.07 -40.26
N PRO Q 34 -96.18 29.83 -40.64
CA PRO Q 34 -96.43 29.15 -41.93
C PRO Q 34 -96.36 30.08 -43.13
N VAL Q 35 -96.78 31.32 -42.97
CA VAL Q 35 -96.91 32.24 -44.10
C VAL Q 35 -95.53 32.56 -44.65
N ILE Q 36 -95.40 32.52 -45.97
CA ILE Q 36 -94.16 32.86 -46.67
C ILE Q 36 -94.35 34.24 -47.29
N VAL Q 37 -93.32 35.07 -47.19
CA VAL Q 37 -93.37 36.46 -47.65
C VAL Q 37 -92.14 36.74 -48.50
N ARG Q 38 -92.30 37.64 -49.47
CA ARG Q 38 -91.22 38.05 -50.36
C ARG Q 38 -91.11 39.57 -50.32
N PHE Q 39 -89.92 40.09 -50.60
CA PHE Q 39 -89.63 41.51 -50.48
C PHE Q 39 -88.74 41.99 -51.61
N ASP Q 40 -88.74 43.32 -51.80
CA ASP Q 40 -87.82 43.94 -52.74
C ASP Q 40 -86.49 44.26 -52.06
N LYS Q 41 -86.55 44.74 -50.83
CA LYS Q 41 -85.36 45.13 -50.08
C LYS Q 41 -84.70 43.89 -49.49
N VAL Q 42 -83.43 43.70 -49.82
CA VAL Q 42 -82.66 42.59 -49.27
C VAL Q 42 -82.28 42.89 -47.83
N ASN Q 43 -82.04 41.83 -47.07
CA ASN Q 43 -81.35 41.94 -45.80
C ASN Q 43 -79.85 41.96 -46.09
N TYR Q 44 -79.02 41.83 -45.07
CA TYR Q 44 -77.58 41.86 -45.28
C TYR Q 44 -77.10 40.60 -45.98
N ALA Q 45 -77.70 39.46 -45.67
CA ALA Q 45 -77.30 38.21 -46.30
C ALA Q 45 -77.73 38.16 -47.76
N GLY Q 46 -78.84 38.82 -48.10
CA GLY Q 46 -79.36 38.80 -49.45
C GLY Q 46 -80.39 37.73 -49.73
N ILE Q 47 -81.47 37.67 -48.96
CA ILE Q 47 -82.36 36.49 -48.98
C ILE Q 47 -83.69 36.85 -49.61
N ASN Q 48 -84.24 38.02 -49.28
CA ASN Q 48 -85.51 38.50 -49.80
C ASN Q 48 -86.69 37.61 -49.42
N THR Q 49 -86.58 36.82 -48.36
CA THR Q 49 -87.71 35.98 -47.97
C THR Q 49 -87.51 35.45 -46.56
N ASN Q 50 -88.62 35.27 -45.85
CA ASN Q 50 -88.64 34.60 -44.57
C ASN Q 50 -90.08 34.28 -44.21
N ASN Q 51 -90.24 33.30 -43.33
CA ASN Q 51 -91.55 32.85 -42.89
C ASN Q 51 -91.94 33.56 -41.61
N PHE Q 52 -93.22 33.88 -41.47
CA PHE Q 52 -93.75 34.63 -40.35
C PHE Q 52 -95.07 34.05 -39.90
N ALA Q 53 -95.41 34.27 -38.62
CA ALA Q 53 -96.69 33.85 -38.09
C ALA Q 53 -97.76 34.88 -38.38
N VAL Q 54 -99.01 34.43 -38.41
CA VAL Q 54 -100.12 35.30 -38.82
C VAL Q 54 -100.34 36.40 -37.80
N ASP Q 55 -100.15 36.10 -36.51
CA ASP Q 55 -100.38 37.09 -35.46
C ASP Q 55 -99.39 38.25 -35.58
N GLU Q 56 -98.19 37.98 -36.08
CA GLU Q 56 -97.16 39.00 -36.20
C GLU Q 56 -97.35 39.91 -37.42
N LEU Q 57 -98.42 39.72 -38.20
CA LEU Q 57 -98.62 40.43 -39.45
C LEU Q 57 -99.97 41.14 -39.45
N ILE Q 58 -99.97 42.38 -39.92
CA ILE Q 58 -101.20 43.16 -40.13
C ILE Q 58 -101.32 43.45 -41.61
N GLU Q 59 -102.49 43.14 -42.17
CA GLU Q 59 -102.74 43.42 -43.58
C GLU Q 59 -102.73 44.93 -43.83
N VAL Q 60 -102.24 45.31 -45.01
CA VAL Q 60 -102.16 46.71 -45.40
C VAL Q 60 -103.35 47.06 -46.28
N GLY R 1 -66.05 94.82 -34.07
CA GLY R 1 -65.15 95.34 -33.07
C GLY R 1 -63.75 94.80 -33.19
N ALA R 2 -63.03 94.76 -32.07
CA ALA R 2 -61.67 94.25 -32.00
C ALA R 2 -60.72 95.09 -32.87
N ASP R 3 -60.77 96.40 -32.65
CA ASP R 3 -59.91 97.35 -33.36
C ASP R 3 -60.16 97.29 -34.86
N LEU R 4 -61.44 97.14 -35.22
CA LEU R 4 -61.87 97.07 -36.60
C LEU R 4 -62.26 98.45 -37.08
N THR R 5 -61.71 98.86 -38.23
CA THR R 5 -61.89 100.18 -38.81
C THR R 5 -62.28 100.03 -40.27
N PRO R 6 -62.73 101.11 -40.91
CA PRO R 6 -62.91 101.06 -42.37
C PRO R 6 -61.58 100.94 -43.08
N CYS R 7 -61.66 100.77 -44.41
CA CYS R 7 -60.46 100.45 -45.18
C CYS R 7 -59.55 101.66 -45.32
N ALA R 8 -60.08 102.76 -45.88
CA ALA R 8 -59.25 103.88 -46.30
C ALA R 8 -58.52 104.51 -45.12
N GLU R 9 -59.18 104.57 -43.95
CA GLU R 9 -58.53 105.10 -42.77
C GLU R 9 -57.43 104.16 -42.29
N ASN R 10 -57.57 102.88 -42.56
CA ASN R 10 -56.58 101.92 -42.13
C ASN R 10 -55.33 102.03 -43.01
N PRO R 11 -54.13 102.24 -42.43
CA PRO R 11 -52.96 102.33 -43.31
C PRO R 11 -52.54 100.99 -43.90
N ALA R 12 -52.92 99.88 -43.25
CA ALA R 12 -52.51 98.58 -43.75
C ALA R 12 -53.12 98.27 -45.11
N PHE R 13 -54.40 98.59 -45.29
CA PHE R 13 -55.06 98.34 -46.57
C PHE R 13 -54.44 99.20 -47.67
N GLN R 14 -53.96 100.40 -47.32
CA GLN R 14 -53.35 101.26 -48.33
C GLN R 14 -52.04 100.68 -48.83
N ALA R 15 -51.31 99.98 -47.97
CA ALA R 15 -50.02 99.41 -48.38
C ALA R 15 -50.20 98.14 -49.19
N LEU R 16 -51.16 97.30 -48.79
CA LEU R 16 -51.35 96.03 -49.49
C LEU R 16 -51.86 96.25 -50.91
N ALA R 17 -52.57 97.35 -51.14
CA ALA R 17 -53.08 97.62 -52.49
C ALA R 17 -51.95 97.86 -53.48
N LYS R 18 -50.82 98.37 -53.00
CA LYS R 18 -49.68 98.58 -53.89
C LYS R 18 -49.11 97.25 -54.36
N ASN R 19 -48.85 96.33 -53.43
CA ASN R 19 -48.43 94.97 -53.78
C ASN R 19 -49.65 94.26 -54.33
N ALA R 20 -49.79 94.27 -55.65
CA ALA R 20 -51.04 93.87 -56.28
C ALA R 20 -51.22 92.36 -56.23
N ARG R 21 -50.28 91.61 -56.80
CA ARG R 21 -50.42 90.18 -57.02
C ARG R 21 -51.68 89.89 -57.85
N ASN R 22 -51.64 90.36 -59.09
CA ASN R 22 -52.76 90.23 -60.01
C ASN R 22 -53.13 88.76 -60.19
N THR R 23 -54.37 88.43 -59.81
CA THR R 23 -54.82 87.04 -59.92
C THR R 23 -54.98 86.64 -61.38
N THR R 24 -55.90 87.27 -62.09
CA THR R 24 -56.30 86.85 -63.42
C THR R 24 -55.36 87.45 -64.46
N ALA R 25 -55.67 87.15 -65.74
CA ALA R 25 -54.82 87.60 -66.83
C ALA R 25 -54.89 89.11 -67.00
N ASP R 26 -55.95 89.75 -66.51
CA ASP R 26 -56.06 91.19 -66.62
C ASP R 26 -54.94 91.86 -65.82
N PRO R 27 -54.21 92.83 -66.38
CA PRO R 27 -53.13 93.44 -65.59
C PRO R 27 -53.62 94.21 -64.39
N GLN R 28 -54.79 94.84 -64.48
CA GLN R 28 -55.34 95.65 -63.40
C GLN R 28 -56.30 94.87 -62.51
N SER R 29 -56.20 93.54 -62.49
CA SER R 29 -57.08 92.75 -61.63
C SER R 29 -56.76 92.99 -60.16
N GLY R 30 -55.48 93.17 -59.83
CA GLY R 30 -55.11 93.40 -58.45
C GLY R 30 -55.61 94.73 -57.92
N GLN R 31 -55.51 95.78 -58.72
CA GLN R 31 -55.99 97.09 -58.29
C GLN R 31 -57.52 97.11 -58.19
N LYS R 32 -58.19 96.45 -59.14
CA LYS R 32 -59.65 96.41 -59.11
C LYS R 32 -60.14 95.58 -57.93
N ARG R 33 -59.39 94.57 -57.53
CA ARG R 33 -59.76 93.77 -56.36
C ARG R 33 -59.77 94.63 -55.10
N PHE R 34 -58.65 95.31 -54.83
CA PHE R 34 -58.53 96.08 -53.60
C PHE R 34 -59.54 97.23 -53.57
N GLU R 35 -59.82 97.83 -54.72
CA GLU R 35 -60.79 98.92 -54.77
C GLU R 35 -62.18 98.40 -54.44
N ARG R 36 -62.51 97.19 -54.88
CA ARG R 36 -63.81 96.61 -54.57
C ARG R 36 -63.92 96.25 -53.10
N TYR R 37 -62.82 95.80 -52.50
CA TYR R 37 -62.82 95.48 -51.08
C TYR R 37 -62.68 96.70 -50.18
N SER R 38 -62.74 97.91 -50.75
CA SER R 38 -62.76 99.12 -49.93
C SER R 38 -64.05 99.23 -49.13
N GLN R 39 -65.13 98.59 -49.59
CA GLN R 39 -66.40 98.70 -48.89
C GLN R 39 -66.37 98.01 -47.53
N ALA R 40 -65.60 96.94 -47.41
CA ALA R 40 -65.60 96.15 -46.20
C ALA R 40 -64.76 96.81 -45.11
N LEU R 41 -64.92 96.29 -43.90
CA LEU R 41 -64.16 96.77 -42.75
C LEU R 41 -62.85 96.01 -42.61
N CYS R 42 -61.80 96.75 -42.27
CA CYS R 42 -60.44 96.23 -42.24
C CYS R 42 -59.86 96.37 -40.84
N GLY R 43 -59.08 95.36 -40.44
CA GLY R 43 -58.47 95.33 -39.13
C GLY R 43 -57.07 95.89 -39.15
N PRO R 44 -56.29 95.62 -38.09
CA PRO R 44 -54.89 96.08 -38.10
C PRO R 44 -54.07 95.45 -39.21
N GLU R 45 -54.42 94.24 -39.64
CA GLU R 45 -53.69 93.59 -40.72
C GLU R 45 -53.95 94.26 -42.06
N GLY R 46 -55.08 94.95 -42.20
CA GLY R 46 -55.54 95.40 -43.49
C GLY R 46 -56.38 94.39 -44.24
N TYR R 47 -56.54 93.17 -43.71
CA TYR R 47 -57.37 92.19 -44.37
C TYR R 47 -58.84 92.45 -44.02
N PRO R 48 -59.77 92.40 -44.98
CA PRO R 48 -61.16 92.68 -44.63
C PRO R 48 -61.77 91.59 -43.75
N HIS R 49 -62.39 92.01 -42.65
CA HIS R 49 -63.14 91.12 -41.78
C HIS R 49 -64.62 91.34 -42.03
N LEU R 50 -65.31 90.28 -42.45
CA LEU R 50 -66.72 90.36 -42.82
C LEU R 50 -67.58 90.14 -41.58
N ILE R 51 -68.62 90.95 -41.45
CA ILE R 51 -69.57 90.84 -40.35
C ILE R 51 -70.79 90.08 -40.85
N VAL R 52 -71.01 88.89 -40.29
CA VAL R 52 -72.17 88.07 -40.61
C VAL R 52 -73.26 88.20 -39.54
N ASP R 53 -73.24 89.31 -38.79
CA ASP R 53 -74.26 89.63 -37.80
C ASP R 53 -75.66 89.46 -38.35
N GLY R 54 -75.89 89.90 -39.58
CA GLY R 54 -77.21 90.07 -40.14
C GLY R 54 -77.57 91.51 -40.42
N ARG R 55 -76.63 92.44 -40.25
CA ARG R 55 -76.89 93.83 -40.57
C ARG R 55 -77.22 93.96 -42.05
N LEU R 56 -78.28 94.72 -42.34
CA LEU R 56 -78.65 94.94 -43.74
C LEU R 56 -77.57 95.68 -44.50
N ASP R 57 -76.76 96.49 -43.80
CA ASP R 57 -75.62 97.14 -44.44
C ASP R 57 -74.60 96.11 -44.91
N ARG R 58 -74.35 95.08 -44.10
CA ARG R 58 -73.40 94.02 -44.41
C ARG R 58 -74.10 92.76 -44.93
N ALA R 59 -75.23 92.93 -45.62
CA ALA R 59 -75.97 91.78 -46.11
C ALA R 59 -75.20 91.03 -47.19
N GLY R 60 -74.38 91.75 -47.97
CA GLY R 60 -73.63 91.11 -49.03
C GLY R 60 -72.56 90.17 -48.50
N ASP R 61 -72.15 90.35 -47.24
CA ASP R 61 -71.15 89.47 -46.66
C ASP R 61 -71.66 88.05 -46.56
N PHE R 62 -72.80 87.85 -45.90
CA PHE R 62 -73.34 86.51 -45.65
C PHE R 62 -74.76 86.35 -46.19
N LEU R 63 -75.59 87.38 -46.03
CA LEU R 63 -77.02 87.22 -46.29
C LEU R 63 -77.30 86.91 -47.75
N ILE R 64 -76.70 87.67 -48.67
CA ILE R 64 -76.98 87.47 -50.09
C ILE R 64 -76.38 86.16 -50.59
N PRO R 65 -75.13 85.81 -50.29
CA PRO R 65 -74.66 84.47 -50.65
C PRO R 65 -75.44 83.36 -49.99
N SER R 66 -75.97 83.60 -48.79
CA SER R 66 -76.69 82.57 -48.06
C SER R 66 -77.95 82.15 -48.81
N ILE R 67 -78.74 83.11 -49.27
CA ILE R 67 -79.96 82.78 -50.01
C ILE R 67 -79.62 82.12 -51.33
N LEU R 68 -78.49 82.50 -51.92
CA LEU R 68 -78.13 81.96 -53.23
C LEU R 68 -77.80 80.48 -53.14
N PHE R 69 -77.27 80.04 -51.99
CA PHE R 69 -77.02 78.62 -51.82
C PHE R 69 -78.31 77.84 -51.66
N LEU R 70 -79.17 78.27 -50.73
CA LEU R 70 -80.34 77.48 -50.37
C LEU R 70 -81.28 77.30 -51.55
N TYR R 71 -81.38 78.32 -52.40
CA TYR R 71 -82.16 78.17 -53.63
C TYR R 71 -81.54 77.12 -54.53
N ILE R 72 -80.21 77.10 -54.62
CA ILE R 72 -79.53 76.10 -55.43
C ILE R 72 -79.59 74.74 -54.74
N ALA R 73 -79.41 74.73 -53.42
CA ALA R 73 -79.35 73.46 -52.69
C ALA R 73 -80.70 72.76 -52.72
N GLY R 74 -81.78 73.50 -52.47
CA GLY R 74 -83.10 72.91 -52.56
C GLY R 74 -83.41 72.42 -53.97
N TRP R 75 -82.87 73.10 -54.97
CA TRP R 75 -83.01 72.64 -56.35
C TRP R 75 -82.40 71.25 -56.52
N ILE R 76 -81.23 71.03 -55.92
CA ILE R 76 -80.56 69.75 -56.09
C ILE R 76 -81.31 68.65 -55.34
N GLY R 77 -81.65 68.90 -54.08
CA GLY R 77 -82.31 67.87 -53.29
C GLY R 77 -83.72 67.57 -53.78
N TRP R 78 -84.47 68.62 -54.11
CA TRP R 78 -85.84 68.42 -54.56
C TRP R 78 -85.89 67.69 -55.89
N VAL R 79 -84.89 67.91 -56.74
CA VAL R 79 -84.82 67.19 -58.02
C VAL R 79 -84.49 65.73 -57.77
N GLY R 80 -83.52 65.48 -56.86
CA GLY R 80 -83.15 64.11 -56.58
C GLY R 80 -84.27 63.32 -55.92
N ARG R 81 -85.05 63.99 -55.05
CA ARG R 81 -86.15 63.31 -54.39
C ARG R 81 -87.24 62.94 -55.38
N ALA R 82 -87.65 63.89 -56.23
CA ALA R 82 -88.71 63.63 -57.19
C ALA R 82 -88.29 62.57 -58.21
N TYR R 83 -87.03 62.61 -58.65
CA TYR R 83 -86.53 61.60 -59.56
C TYR R 83 -86.51 60.23 -58.89
N LEU R 84 -86.17 60.20 -57.60
CA LEU R 84 -86.11 58.93 -56.89
C LEU R 84 -87.50 58.35 -56.69
N GLN R 85 -88.47 59.18 -56.28
CA GLN R 85 -89.83 58.71 -56.10
C GLN R 85 -90.44 58.28 -57.43
N ALA R 86 -90.09 58.96 -58.52
CA ALA R 86 -90.62 58.60 -59.83
C ALA R 86 -90.12 57.24 -60.27
N ILE R 87 -88.87 56.93 -59.96
CA ILE R 87 -88.30 55.62 -60.31
C ILE R 87 -89.03 54.50 -59.57
N LYS R 88 -89.51 54.78 -58.35
CA LYS R 88 -90.07 53.73 -57.52
C LYS R 88 -91.31 53.12 -58.14
N LYS R 89 -92.04 53.88 -58.95
CA LYS R 89 -93.25 53.36 -59.57
C LYS R 89 -92.92 52.38 -60.67
N ASP R 90 -91.80 52.58 -61.37
CA ASP R 90 -91.43 51.70 -62.47
C ASP R 90 -91.04 50.32 -61.97
N SER R 91 -90.81 49.42 -62.92
CA SER R 91 -90.59 48.01 -62.58
C SER R 91 -89.20 47.79 -61.98
N ASP R 92 -88.15 48.07 -62.76
CA ASP R 92 -86.77 47.83 -62.35
C ASP R 92 -86.20 49.14 -61.82
N THR R 93 -86.26 49.30 -60.50
CA THR R 93 -85.90 50.58 -59.89
C THR R 93 -84.39 50.68 -59.66
N GLU R 94 -83.75 49.55 -59.35
CA GLU R 94 -82.33 49.59 -58.98
C GLU R 94 -81.46 49.99 -60.18
N GLN R 95 -81.84 49.55 -61.38
CA GLN R 95 -81.01 49.82 -62.55
C GLN R 95 -81.05 51.29 -62.94
N LYS R 96 -82.18 51.95 -62.71
CA LYS R 96 -82.32 53.34 -63.14
C LYS R 96 -81.46 54.27 -62.30
N GLU R 97 -81.17 53.89 -61.05
CA GLU R 97 -80.28 54.69 -60.21
C GLU R 97 -78.89 54.77 -60.83
N ILE R 98 -78.42 53.67 -61.43
CA ILE R 98 -77.13 53.66 -62.09
C ILE R 98 -77.24 54.25 -63.48
N GLN R 99 -78.03 53.60 -64.35
CA GLN R 99 -78.24 54.06 -65.71
C GLN R 99 -79.47 54.96 -65.73
N LEU R 100 -79.24 56.26 -65.69
CA LEU R 100 -80.32 57.23 -65.52
C LEU R 100 -81.25 57.24 -66.72
N ASP R 101 -82.55 57.28 -66.46
CA ASP R 101 -83.56 57.43 -67.48
C ASP R 101 -83.77 58.92 -67.72
N LEU R 102 -83.16 59.44 -68.78
CA LEU R 102 -83.19 60.88 -69.01
C LEU R 102 -84.59 61.36 -69.36
N GLY R 103 -85.43 60.46 -69.87
CA GLY R 103 -86.82 60.83 -70.12
C GLY R 103 -87.55 61.24 -68.86
N ILE R 104 -87.17 60.66 -67.72
CA ILE R 104 -87.79 60.98 -66.44
C ILE R 104 -87.04 62.12 -65.76
N ALA R 105 -85.71 62.11 -65.86
CA ALA R 105 -84.90 63.03 -65.07
C ALA R 105 -84.94 64.45 -65.64
N LEU R 106 -84.72 64.58 -66.95
CA LEU R 106 -84.59 65.91 -67.54
C LEU R 106 -85.84 66.76 -67.41
N PRO R 107 -87.06 66.24 -67.54
CA PRO R 107 -88.23 67.06 -67.16
C PRO R 107 -88.21 67.48 -65.71
N ILE R 108 -87.77 66.60 -64.81
CA ILE R 108 -87.73 66.93 -63.40
C ILE R 108 -86.62 67.94 -63.13
N ILE R 109 -85.50 67.83 -63.86
CA ILE R 109 -84.42 68.79 -63.70
C ILE R 109 -84.84 70.16 -64.21
N ALA R 110 -85.72 70.19 -65.22
CA ALA R 110 -86.24 71.46 -65.72
C ALA R 110 -87.03 72.16 -64.63
N THR R 111 -87.83 71.42 -63.88
CA THR R 111 -88.49 71.96 -62.70
C THR R 111 -87.46 72.19 -61.59
N GLY R 112 -87.94 72.65 -60.44
CA GLY R 112 -87.08 73.06 -59.36
C GLY R 112 -86.78 74.54 -59.36
N PHE R 113 -87.12 75.26 -60.43
CA PHE R 113 -87.06 76.71 -60.40
C PHE R 113 -87.90 77.27 -59.26
N ALA R 114 -89.01 76.61 -58.93
CA ALA R 114 -89.79 76.91 -57.72
C ALA R 114 -89.98 75.60 -56.95
N TRP R 115 -88.98 75.24 -56.17
CA TRP R 115 -89.07 74.15 -55.21
C TRP R 115 -89.80 74.53 -53.91
N PRO R 116 -89.70 75.76 -53.39
CA PRO R 116 -90.46 76.05 -52.16
C PRO R 116 -91.97 76.02 -52.38
N ALA R 117 -92.41 76.44 -53.56
CA ALA R 117 -93.84 76.39 -53.87
C ALA R 117 -94.34 74.96 -53.85
N ALA R 118 -93.58 74.04 -54.45
CA ALA R 118 -93.96 72.63 -54.42
C ALA R 118 -93.77 72.04 -53.04
N ALA R 119 -92.74 72.47 -52.31
CA ALA R 119 -92.43 71.89 -51.01
C ALA R 119 -93.55 72.16 -50.00
N VAL R 120 -93.97 73.41 -49.87
CA VAL R 120 -95.06 73.74 -48.95
C VAL R 120 -96.35 73.07 -49.39
N LYS R 121 -96.50 72.83 -50.69
CA LYS R 121 -97.70 72.16 -51.18
C LYS R 121 -97.78 70.73 -50.66
N GLU R 122 -96.63 70.08 -50.47
CA GLU R 122 -96.60 68.69 -49.99
C GLU R 122 -96.45 68.69 -48.46
N LEU R 123 -97.59 68.90 -47.80
CA LEU R 123 -97.61 68.77 -46.35
C LEU R 123 -97.41 67.32 -45.93
N LEU R 124 -97.67 66.37 -46.83
CA LEU R 124 -97.36 64.97 -46.61
C LEU R 124 -96.07 64.65 -47.35
N SER R 125 -94.95 64.69 -46.65
CA SER R 125 -93.65 64.35 -47.20
C SER R 125 -93.32 62.87 -47.03
N GLY R 126 -94.33 62.01 -46.93
CA GLY R 126 -94.12 60.58 -46.85
C GLY R 126 -93.82 60.04 -45.46
N GLU R 127 -93.93 60.85 -44.41
CA GLU R 127 -93.56 60.40 -43.08
C GLU R 127 -94.76 59.75 -42.38
N LEU R 128 -94.51 58.59 -41.78
CA LEU R 128 -95.52 57.83 -41.05
C LEU R 128 -94.78 56.92 -40.07
N THR R 129 -95.56 56.15 -39.30
CA THR R 129 -95.03 55.06 -38.49
C THR R 129 -94.73 53.81 -39.31
N ALA R 130 -95.01 53.81 -40.61
CA ALA R 130 -94.81 52.66 -41.47
C ALA R 130 -93.36 52.55 -41.97
N LYS R 131 -92.44 53.27 -41.36
CA LYS R 131 -91.04 53.28 -41.78
C LYS R 131 -90.25 52.24 -41.01
N ASP R 132 -88.94 52.26 -41.20
CA ASP R 132 -88.03 51.31 -40.58
C ASP R 132 -87.82 51.72 -39.13
N SER R 133 -88.36 50.90 -38.21
CA SER R 133 -88.39 51.26 -36.80
C SER R 133 -87.33 50.51 -35.99
N GLU R 134 -87.05 49.25 -36.33
CA GLU R 134 -85.71 48.70 -36.09
C GLU R 134 -85.29 48.60 -34.62
N ILE R 135 -85.24 47.37 -34.10
CA ILE R 135 -85.72 46.80 -32.85
C ILE R 135 -86.19 47.77 -31.76
N THR R 136 -87.14 47.26 -30.95
CA THR R 136 -88.30 47.93 -30.36
C THR R 136 -88.09 49.40 -30.07
N VAL R 137 -86.95 49.81 -29.56
CA VAL R 137 -86.69 51.23 -29.31
C VAL R 137 -85.74 51.76 -30.36
N ALA S 1 -28.91 62.73 5.62
CA ALA S 1 -30.23 62.18 5.35
C ALA S 1 -30.37 61.70 3.90
N SER S 2 -29.49 62.18 3.02
CA SER S 2 -29.54 61.81 1.62
C SER S 2 -29.20 60.35 1.37
N PHE S 3 -28.69 59.64 2.37
CA PHE S 3 -28.34 58.23 2.18
C PHE S 3 -29.57 57.35 2.10
N LEU S 4 -30.75 57.85 2.51
CA LEU S 4 -31.96 57.05 2.42
C LEU S 4 -32.32 56.77 0.97
N SER S 5 -32.10 57.75 0.09
CA SER S 5 -32.42 57.55 -1.32
C SER S 5 -31.55 56.48 -1.94
N SER S 6 -30.31 56.36 -1.46
CA SER S 6 -29.41 55.32 -1.95
C SER S 6 -29.84 53.92 -1.58
N ILE S 7 -30.68 53.78 -0.55
CA ILE S 7 -31.18 52.47 -0.13
C ILE S 7 -32.60 52.22 -0.60
N PHE S 8 -33.41 53.26 -0.78
CA PHE S 8 -34.82 53.10 -1.13
C PHE S 8 -35.05 53.00 -2.62
N VAL S 9 -34.23 53.66 -3.43
CA VAL S 9 -34.36 53.62 -4.88
C VAL S 9 -34.11 52.20 -5.40
N PRO S 10 -32.98 51.55 -5.08
CA PRO S 10 -32.74 50.22 -5.66
C PRO S 10 -33.73 49.15 -5.23
N VAL S 11 -34.16 49.16 -3.96
CA VAL S 11 -35.10 48.15 -3.50
C VAL S 11 -36.44 48.31 -4.21
N ILE S 12 -36.79 49.54 -4.58
CA ILE S 12 -38.00 49.78 -5.34
C ILE S 12 -37.84 49.29 -6.77
N GLY S 13 -36.64 49.39 -7.31
CA GLY S 13 -36.43 49.01 -8.70
C GLY S 13 -36.08 47.55 -8.87
N TRP S 14 -35.51 46.92 -7.83
CA TRP S 14 -35.05 45.54 -7.89
C TRP S 14 -35.74 44.63 -6.90
N VAL S 15 -35.73 44.97 -5.61
CA VAL S 15 -36.21 44.04 -4.59
C VAL S 15 -37.71 43.88 -4.67
N VAL S 16 -38.44 44.99 -4.82
CA VAL S 16 -39.91 44.92 -4.84
C VAL S 16 -40.41 44.21 -6.08
N PRO S 17 -39.90 44.48 -7.29
CA PRO S 17 -40.32 43.68 -8.44
C PRO S 17 -40.03 42.19 -8.32
N ILE S 18 -38.83 41.86 -7.84
CA ILE S 18 -38.44 40.45 -7.72
C ILE S 18 -39.36 39.74 -6.74
N ALA S 19 -39.73 40.42 -5.65
CA ALA S 19 -40.60 39.80 -4.67
C ALA S 19 -42.03 39.68 -5.19
N THR S 20 -42.52 40.73 -5.86
CA THR S 20 -43.89 40.72 -6.35
C THR S 20 -44.05 39.73 -7.50
N PHE S 21 -43.17 39.79 -8.49
CA PHE S 21 -43.29 38.91 -9.65
C PHE S 21 -43.09 37.46 -9.25
N SER S 22 -42.18 37.20 -8.31
CA SER S 22 -41.92 35.83 -7.88
C SER S 22 -43.12 35.26 -7.15
N PHE S 23 -43.76 36.06 -6.29
CA PHE S 23 -44.94 35.59 -5.59
C PHE S 23 -46.11 35.44 -6.55
N LEU S 24 -46.31 36.43 -7.42
CA LEU S 24 -47.45 36.41 -8.33
C LEU S 24 -47.35 35.24 -9.31
N PHE S 25 -46.14 34.96 -9.80
CA PHE S 25 -45.97 33.87 -10.74
C PHE S 25 -46.30 32.53 -10.10
N LEU S 26 -45.78 32.31 -8.89
CA LEU S 26 -46.08 31.06 -8.19
C LEU S 26 -47.54 31.01 -7.76
N TYR S 27 -48.15 32.17 -7.52
CA TYR S 27 -49.55 32.19 -7.13
C TYR S 27 -50.45 31.80 -8.29
N ILE S 28 -50.18 32.35 -9.48
CA ILE S 28 -51.03 32.07 -10.63
C ILE S 28 -50.82 30.67 -11.16
N GLU S 29 -49.61 30.13 -11.03
CA GLU S 29 -49.30 28.78 -11.46
C GLU S 29 -49.70 27.73 -10.44
N ARG S 30 -50.17 28.13 -9.26
CA ARG S 30 -50.59 27.18 -8.25
C ARG S 30 -51.79 26.39 -8.76
N GLU S 31 -51.86 25.11 -8.38
CA GLU S 31 -52.95 24.26 -8.84
C GLU S 31 -54.20 24.45 -8.00
N ASP S 32 -54.03 24.69 -6.70
CA ASP S 32 -55.14 24.89 -5.77
C ASP S 32 -54.91 26.19 -5.01
N VAL S 33 -55.92 27.05 -4.99
CA VAL S 33 -55.84 28.36 -4.37
C VAL S 33 -56.98 28.53 -3.37
N GLN T 6 -76.11 49.54 -81.80
CA GLN T 6 -77.11 50.55 -82.14
C GLN T 6 -76.88 51.82 -81.33
N SER T 7 -77.53 52.91 -81.76
CA SER T 7 -77.38 54.19 -81.06
C SER T 7 -77.92 54.10 -79.64
N SER T 8 -78.98 53.31 -79.44
CA SER T 8 -79.57 53.20 -78.11
C SER T 8 -78.58 52.62 -77.11
N TYR T 9 -77.72 51.71 -77.55
CA TYR T 9 -76.74 51.12 -76.64
C TYR T 9 -75.70 52.14 -76.23
N LEU T 10 -75.39 53.09 -77.10
CA LEU T 10 -74.36 54.09 -76.80
C LEU T 10 -74.88 55.16 -75.86
N ILE T 11 -76.15 55.54 -76.00
CA ILE T 11 -76.71 56.60 -75.17
C ILE T 11 -76.76 56.15 -73.71
N LYS T 12 -77.05 54.86 -73.47
CA LYS T 12 -77.16 54.38 -72.11
C LYS T 12 -75.80 54.37 -71.42
N PHE T 13 -74.71 54.27 -72.19
CA PHE T 13 -73.39 54.31 -71.60
C PHE T 13 -73.12 55.68 -70.98
N ILE T 14 -73.52 56.75 -71.66
CA ILE T 14 -73.40 58.08 -71.09
C ILE T 14 -74.36 58.24 -69.90
N SER T 15 -75.50 57.54 -69.94
CA SER T 15 -76.47 57.63 -68.86
C SER T 15 -75.98 57.02 -67.56
N THR T 16 -74.95 56.17 -67.62
CA THR T 16 -74.41 55.57 -66.40
C THR T 16 -73.87 56.64 -65.46
N ALA T 17 -73.69 56.25 -64.20
CA ALA T 17 -73.29 57.21 -63.17
C ALA T 17 -71.99 57.93 -63.47
N PRO T 18 -70.89 57.27 -63.81
CA PRO T 18 -69.62 58.02 -63.96
C PRO T 18 -69.63 58.98 -65.14
N VAL T 19 -70.07 58.52 -66.31
CA VAL T 19 -70.07 59.38 -67.49
C VAL T 19 -71.09 60.49 -67.33
N ALA T 20 -72.25 60.18 -66.78
CA ALA T 20 -73.24 61.21 -66.49
C ALA T 20 -72.72 62.18 -65.43
N ALA T 21 -72.05 61.66 -64.40
CA ALA T 21 -71.46 62.52 -63.40
C ALA T 21 -70.31 63.32 -63.97
N THR T 22 -69.48 62.70 -64.80
CA THR T 22 -68.29 63.38 -65.32
C THR T 22 -68.67 64.54 -66.22
N ILE T 23 -69.63 64.33 -67.13
CA ILE T 23 -70.02 65.37 -68.07
C ILE T 23 -70.71 66.51 -67.34
N TRP T 24 -71.64 66.19 -66.44
CA TRP T 24 -72.36 67.22 -65.70
C TRP T 24 -71.42 68.00 -64.79
N LEU T 25 -70.50 67.29 -64.13
CA LEU T 25 -69.62 67.94 -63.16
C LEU T 25 -68.54 68.75 -63.86
N THR T 26 -68.18 68.37 -65.08
CA THR T 26 -67.27 69.20 -65.87
C THR T 26 -67.91 70.53 -66.24
N ILE T 27 -69.19 70.49 -66.62
CA ILE T 27 -69.91 71.71 -66.96
C ILE T 27 -70.03 72.60 -65.74
N THR T 28 -70.28 72.00 -64.57
CA THR T 28 -70.37 72.76 -63.34
C THR T 28 -69.05 73.41 -63.00
N ALA T 29 -67.94 72.69 -63.20
CA ALA T 29 -66.62 73.25 -62.92
C ALA T 29 -66.25 74.33 -63.93
N GLY T 30 -66.57 74.10 -65.20
CA GLY T 30 -66.24 75.07 -66.23
C GLY T 30 -66.96 76.40 -66.02
N ILE T 31 -68.19 76.34 -65.51
CA ILE T 31 -68.95 77.57 -65.26
C ILE T 31 -68.28 78.39 -64.17
N LEU T 32 -67.83 77.73 -63.11
CA LEU T 32 -67.17 78.45 -62.03
C LEU T 32 -65.80 78.95 -62.44
N ILE T 33 -65.07 78.14 -63.22
CA ILE T 33 -63.74 78.53 -63.65
C ILE T 33 -63.82 79.71 -64.62
N GLU T 34 -64.81 79.69 -65.51
CA GLU T 34 -64.94 80.74 -66.50
C GLU T 34 -65.49 82.02 -65.87
N PHE T 35 -66.25 81.90 -64.79
CA PHE T 35 -66.74 83.09 -64.10
C PHE T 35 -65.62 83.80 -63.38
N ASN T 36 -64.78 83.04 -62.67
CA ASN T 36 -63.63 83.60 -61.98
C ASN T 36 -62.59 84.18 -62.95
N ARG T 37 -62.65 83.80 -64.23
CA ARG T 37 -61.73 84.39 -65.21
C ARG T 37 -62.04 85.87 -65.40
N PHE T 38 -63.25 86.19 -65.87
CA PHE T 38 -63.60 87.58 -66.12
C PHE T 38 -63.77 88.35 -64.82
N PHE T 39 -64.68 87.89 -63.95
CA PHE T 39 -64.90 88.52 -62.66
C PHE T 39 -63.92 87.90 -61.66
N PRO T 40 -62.78 88.56 -61.36
CA PRO T 40 -61.67 87.84 -60.73
C PRO T 40 -61.95 87.29 -59.34
N ASP T 41 -62.34 88.17 -58.42
CA ASP T 41 -62.42 87.83 -57.01
C ASP T 41 -63.62 88.51 -56.38
N LEU T 42 -64.51 87.72 -55.77
CA LEU T 42 -65.76 88.20 -55.20
C LEU T 42 -65.87 87.69 -53.76
N LEU T 43 -65.37 88.47 -52.81
CA LEU T 43 -65.43 88.09 -51.42
C LEU T 43 -66.82 88.36 -50.84
N PHE T 44 -67.45 89.45 -51.28
CA PHE T 44 -68.78 89.83 -50.85
C PHE T 44 -69.50 90.49 -52.01
N HIS T 45 -70.84 90.49 -51.95
CA HIS T 45 -71.60 91.26 -52.92
C HIS T 45 -71.46 92.74 -52.59
N PRO T 46 -71.14 93.60 -53.57
CA PRO T 46 -71.09 95.03 -53.27
C PRO T 46 -72.45 95.57 -52.85
N LEU T 47 -72.41 96.74 -52.20
CA LEU T 47 -73.58 97.29 -51.53
C LEU T 47 -74.08 98.51 -52.30
N PRO T 48 -75.31 98.49 -52.86
CA PRO T 48 -75.80 99.73 -53.46
C PRO T 48 -75.98 100.86 -52.45
N ALA U 1 -6.73 50.63 -75.72
CA ALA U 1 -6.49 50.68 -77.16
C ALA U 1 -5.44 49.65 -77.57
N THR U 2 -5.91 48.45 -77.90
CA THR U 2 -5.00 47.38 -78.32
C THR U 2 -4.38 47.73 -79.67
N THR U 3 -3.31 47.01 -80.00
CA THR U 3 -2.54 47.33 -81.19
C THR U 3 -3.26 46.85 -82.45
N PRO U 4 -2.88 47.35 -83.63
CA PRO U 4 -3.58 46.94 -84.85
C PRO U 4 -3.29 45.49 -85.22
N LEU U 5 -4.11 44.97 -86.13
CA LEU U 5 -3.93 43.65 -86.71
C LEU U 5 -4.04 43.78 -88.23
N GLU U 6 -3.22 43.00 -88.94
CA GLU U 6 -2.99 43.20 -90.37
C GLU U 6 -3.74 42.19 -91.24
N TRP U 7 -4.55 41.31 -90.65
CA TRP U 7 -5.27 40.29 -91.40
C TRP U 7 -4.31 39.39 -92.17
N SER U 8 -3.50 38.65 -91.42
CA SER U 8 -2.61 37.68 -92.02
C SER U 8 -3.37 36.41 -92.38
N PRO U 9 -2.81 35.55 -93.23
CA PRO U 9 -3.46 34.26 -93.48
C PRO U 9 -3.46 33.33 -92.27
N THR U 10 -2.64 33.62 -91.26
CA THR U 10 -2.67 32.82 -90.04
C THR U 10 -4.02 32.93 -89.35
N VAL U 11 -4.66 34.09 -89.47
CA VAL U 11 -5.98 34.26 -88.86
C VAL U 11 -7.00 33.33 -89.50
N GLY U 12 -6.90 33.17 -90.82
CA GLY U 12 -7.80 32.24 -91.50
C GLY U 12 -7.60 30.81 -91.04
N ILE U 13 -6.36 30.44 -90.72
CA ILE U 13 -6.08 29.10 -90.22
C ILE U 13 -6.72 28.91 -88.86
N ILE U 14 -6.63 29.93 -88.00
CA ILE U 14 -7.16 29.81 -86.64
C ILE U 14 -8.68 29.68 -86.68
N MET U 15 -9.34 30.44 -87.57
CA MET U 15 -10.79 30.36 -87.68
C MET U 15 -11.23 28.99 -88.16
N VAL U 16 -10.51 28.42 -89.12
CA VAL U 16 -10.85 27.10 -89.62
C VAL U 16 -10.60 26.05 -88.53
N ILE U 17 -9.54 26.22 -87.76
CA ILE U 17 -9.26 25.30 -86.66
C ILE U 17 -10.32 25.44 -85.58
N ALA U 18 -10.70 26.68 -85.24
CA ALA U 18 -11.66 26.90 -84.17
C ALA U 18 -13.02 26.32 -84.53
N ASN U 19 -13.38 26.36 -85.81
CA ASN U 19 -14.63 25.75 -86.23
C ASN U 19 -14.59 24.24 -86.05
N VAL U 20 -13.46 23.61 -86.39
CA VAL U 20 -13.36 22.16 -86.36
C VAL U 20 -13.51 21.65 -84.94
N ILE U 21 -13.07 22.44 -83.95
CA ILE U 21 -13.28 22.08 -82.56
C ILE U 21 -14.77 22.13 -82.24
N ALA U 22 -15.45 23.17 -82.73
CA ALA U 22 -16.88 23.31 -82.45
C ALA U 22 -17.67 22.19 -83.13
N ILE U 23 -17.23 21.78 -84.32
CA ILE U 23 -17.98 20.79 -85.07
C ILE U 23 -17.86 19.43 -84.41
N THR U 24 -16.64 19.03 -84.06
CA THR U 24 -16.44 17.82 -83.27
C THR U 24 -17.15 17.92 -81.93
N PHE U 25 -17.15 19.12 -81.33
CA PHE U 25 -17.86 19.34 -80.09
C PHE U 25 -19.37 19.30 -80.30
N GLY U 26 -19.82 19.55 -81.54
CA GLY U 26 -21.25 19.58 -81.82
C GLY U 26 -21.83 18.20 -82.05
N ARG U 27 -21.18 17.39 -82.89
CA ARG U 27 -21.75 16.11 -83.27
C ARG U 27 -21.83 15.16 -82.08
N GLN U 28 -20.79 15.14 -81.25
CA GLN U 28 -20.77 14.22 -80.12
C GLN U 28 -21.71 14.68 -79.01
N THR U 29 -22.20 15.90 -79.09
CA THR U 29 -22.99 16.52 -78.02
C THR U 29 -24.44 16.76 -78.40
N ILE U 30 -24.71 17.18 -79.64
CA ILE U 30 -26.06 17.56 -80.03
C ILE U 30 -26.95 16.33 -80.02
N LYS U 31 -28.15 16.48 -79.44
CA LYS U 31 -29.07 15.37 -79.31
C LYS U 31 -29.88 15.16 -80.60
N TYR U 32 -30.35 16.25 -81.19
CA TYR U 32 -31.19 16.21 -82.39
C TYR U 32 -30.51 16.99 -83.50
N PRO U 33 -29.43 16.46 -84.07
CA PRO U 33 -28.74 17.20 -85.13
C PRO U 33 -29.53 17.29 -86.43
N SER U 34 -30.19 16.21 -86.81
CA SER U 34 -30.99 16.22 -88.03
C SER U 34 -32.16 17.19 -87.90
N ALA U 35 -32.60 17.72 -89.03
CA ALA U 35 -33.67 18.71 -89.06
C ALA U 35 -34.40 18.62 -90.39
N GLU U 36 -35.44 19.44 -90.52
CA GLU U 36 -36.22 19.45 -91.75
C GLU U 36 -35.41 19.93 -92.95
N PRO U 37 -34.68 21.05 -92.91
CA PRO U 37 -33.92 21.44 -94.10
C PRO U 37 -32.71 20.55 -94.29
N ALA U 38 -32.77 19.70 -95.31
CA ALA U 38 -31.76 18.67 -95.54
C ALA U 38 -30.70 19.19 -96.49
N LEU U 39 -29.49 18.66 -96.35
CA LEU U 39 -28.37 19.06 -97.18
C LEU U 39 -28.20 18.09 -98.35
N PRO U 40 -27.43 18.47 -99.37
CA PRO U 40 -27.35 17.61 -100.57
C PRO U 40 -26.69 16.26 -100.32
N SER U 41 -25.69 16.20 -99.44
CA SER U 41 -24.94 14.98 -99.18
C SER U 41 -25.00 14.66 -97.70
N ALA U 42 -25.52 13.47 -97.37
CA ALA U 42 -25.62 13.02 -95.99
C ALA U 42 -24.37 12.29 -95.51
N LYS U 43 -23.26 12.39 -96.23
CA LYS U 43 -21.99 11.80 -95.84
C LYS U 43 -20.94 12.87 -95.58
N PHE U 44 -20.73 13.79 -96.52
CA PHE U 44 -19.75 14.84 -96.33
C PHE U 44 -20.18 15.80 -95.23
N PHE U 45 -21.49 15.94 -95.02
CA PHE U 45 -22.05 16.76 -93.96
C PHE U 45 -22.50 15.93 -92.76
N GLY U 46 -22.29 14.62 -92.78
CA GLY U 46 -22.81 13.77 -91.72
C GLY U 46 -24.32 13.78 -91.70
N GLY U 47 -24.86 13.59 -90.50
CA GLY U 47 -26.28 13.68 -90.27
C GLY U 47 -26.80 15.08 -90.03
N PHE U 48 -25.95 16.09 -90.16
CA PHE U 48 -26.36 17.45 -89.88
C PHE U 48 -27.25 18.00 -91.00
N GLY U 49 -28.17 18.88 -90.62
CA GLY U 49 -28.94 19.65 -91.57
C GLY U 49 -28.44 21.08 -91.66
N ALA U 50 -29.22 21.90 -92.37
CA ALA U 50 -28.89 23.31 -92.48
C ALA U 50 -28.90 24.03 -91.13
N PRO U 51 -29.82 23.76 -90.19
CA PRO U 51 -29.71 24.40 -88.87
C PRO U 51 -28.44 24.03 -88.14
N ALA U 52 -28.09 22.74 -88.10
CA ALA U 52 -26.90 22.32 -87.36
C ALA U 52 -25.63 22.86 -88.00
N LEU U 53 -25.63 23.05 -89.31
CA LEU U 53 -24.49 23.65 -89.98
C LEU U 53 -24.27 25.08 -89.49
N LEU U 54 -25.33 25.89 -89.52
CA LEU U 54 -25.21 27.27 -89.09
C LEU U 54 -24.89 27.35 -87.60
N ALA U 55 -25.39 26.40 -86.82
CA ALA U 55 -25.11 26.39 -85.39
C ALA U 55 -23.64 26.09 -85.11
N THR U 56 -23.15 24.97 -85.66
CA THR U 56 -21.77 24.57 -85.41
C THR U 56 -20.79 25.61 -85.95
N THR U 57 -21.05 26.14 -87.14
CA THR U 57 -20.19 27.18 -87.70
C THR U 57 -20.23 28.44 -86.87
N ALA U 58 -21.41 28.77 -86.32
CA ALA U 58 -21.54 30.00 -85.56
C ALA U 58 -20.76 29.94 -84.26
N PHE U 59 -20.87 28.83 -83.53
CA PHE U 59 -20.08 28.67 -82.32
C PHE U 59 -18.59 28.66 -82.63
N GLY U 60 -18.22 28.16 -83.81
CA GLY U 60 -16.83 28.18 -84.21
C GLY U 60 -16.29 29.59 -84.36
N HIS U 61 -17.10 30.49 -84.95
CA HIS U 61 -16.67 31.87 -85.13
C HIS U 61 -16.48 32.55 -83.77
N ILE U 62 -17.31 32.21 -82.79
CA ILE U 62 -17.17 32.79 -81.45
C ILE U 62 -15.81 32.41 -80.87
N LEU U 63 -15.46 31.12 -80.95
CA LEU U 63 -14.16 30.67 -80.46
C LEU U 63 -13.04 31.31 -81.26
N GLY U 64 -13.15 31.30 -82.59
CA GLY U 64 -12.10 31.87 -83.41
C GLY U 64 -11.92 33.35 -83.19
N VAL U 65 -13.01 34.06 -82.92
CA VAL U 65 -12.90 35.49 -82.63
C VAL U 65 -12.22 35.70 -81.28
N GLY U 66 -12.51 34.84 -80.30
CA GLY U 66 -11.85 34.96 -79.02
C GLY U 66 -10.39 34.59 -79.09
N LEU U 67 -10.06 33.53 -79.82
CA LEU U 67 -8.67 33.11 -79.94
C LEU U 67 -7.84 34.13 -80.69
N VAL U 68 -8.35 34.62 -81.83
CA VAL U 68 -7.61 35.57 -82.65
C VAL U 68 -7.34 36.85 -81.86
N LEU U 69 -8.29 37.26 -81.03
CA LEU U 69 -8.10 38.46 -80.22
C LEU U 69 -7.36 38.15 -78.93
N GLY U 70 -7.60 36.97 -78.36
CA GLY U 70 -6.88 36.59 -77.16
C GLY U 70 -5.40 36.43 -77.41
N LEU U 71 -5.03 35.80 -78.52
CA LEU U 71 -3.62 35.68 -78.88
C LEU U 71 -3.02 37.05 -79.17
N HIS U 72 -3.78 37.92 -79.83
CA HIS U 72 -3.36 39.29 -80.07
C HIS U 72 -3.58 40.09 -78.79
N ASN U 73 -2.63 39.92 -77.87
CA ASN U 73 -2.73 40.56 -76.56
C ASN U 73 -2.66 42.07 -76.68
N ALA V 1 -26.94 12.20 -76.73
CA ALA V 1 -27.29 12.93 -75.52
C ALA V 1 -26.37 12.55 -74.37
N GLN V 2 -26.20 13.46 -73.43
CA GLN V 2 -25.37 13.17 -72.26
C GLN V 2 -26.03 12.10 -71.40
N ALA V 3 -25.21 11.35 -70.69
CA ALA V 3 -25.72 10.29 -69.82
C ALA V 3 -26.31 10.87 -68.54
N VAL V 4 -25.99 12.11 -68.20
CA VAL V 4 -26.53 12.72 -66.98
C VAL V 4 -28.04 12.87 -67.09
N ASP V 5 -28.56 13.06 -68.30
CA ASP V 5 -30.00 13.19 -68.48
C ASP V 5 -30.68 11.84 -68.29
N ALA V 6 -30.01 10.76 -68.70
CA ALA V 6 -30.62 9.43 -68.63
C ALA V 6 -30.61 8.90 -67.21
N SER V 7 -29.59 9.24 -66.43
CA SER V 7 -29.42 8.69 -65.09
C SER V 7 -30.24 9.41 -64.02
N LYS V 8 -31.02 10.44 -64.39
CA LYS V 8 -31.74 11.21 -63.38
C LYS V 8 -32.79 10.36 -62.68
N ASN V 9 -33.33 9.37 -63.36
CA ASN V 9 -34.40 8.55 -62.79
C ASN V 9 -33.82 7.36 -62.01
N LEU V 10 -32.63 6.92 -62.37
CA LEU V 10 -32.07 5.72 -61.74
C LEU V 10 -31.73 6.01 -60.28
N PRO V 11 -31.84 5.02 -59.39
CA PRO V 11 -31.47 5.27 -57.99
C PRO V 11 -29.98 5.27 -57.75
N SER V 12 -29.19 4.71 -58.68
CA SER V 12 -27.74 4.74 -58.55
C SER V 12 -27.17 6.14 -58.70
N ASP V 13 -27.96 7.09 -59.20
CA ASP V 13 -27.50 8.46 -59.33
C ASP V 13 -27.19 9.04 -57.94
N PRO V 14 -26.07 9.75 -57.76
CA PRO V 14 -25.83 10.38 -56.46
C PRO V 14 -26.90 11.41 -56.07
N ARG V 15 -27.64 11.94 -57.05
CA ARG V 15 -28.72 12.86 -56.73
C ARG V 15 -29.80 12.18 -55.91
N ASN V 16 -30.26 11.01 -56.37
CA ASN V 16 -31.51 10.45 -55.87
C ASN V 16 -31.40 9.99 -54.42
N ARG V 17 -30.18 9.81 -53.92
CA ARG V 17 -30.01 9.49 -52.51
C ARG V 17 -30.48 10.67 -51.66
N GLU V 18 -31.35 10.38 -50.70
CA GLU V 18 -32.00 11.41 -49.90
C GLU V 18 -31.37 11.46 -48.52
N VAL V 19 -31.02 12.67 -48.09
CA VAL V 19 -30.39 12.85 -46.79
C VAL V 19 -31.45 13.04 -45.71
N VAL V 20 -32.57 13.66 -46.06
CA VAL V 20 -33.61 13.98 -45.09
C VAL V 20 -34.57 12.80 -45.00
N PHE V 21 -35.05 12.54 -43.78
CA PHE V 21 -35.94 11.43 -43.48
C PHE V 21 -37.00 11.90 -42.50
N PRO V 22 -38.10 11.15 -42.36
CA PRO V 22 -39.07 11.48 -41.32
C PRO V 22 -38.52 11.17 -39.93
N ALA V 23 -39.04 11.91 -38.94
CA ALA V 23 -38.65 11.71 -37.55
C ALA V 23 -39.01 10.28 -37.14
N GLY V 24 -37.99 9.48 -36.83
CA GLY V 24 -38.21 8.07 -36.62
C GLY V 24 -38.74 7.42 -37.88
N ARG V 25 -39.62 6.44 -37.68
CA ARG V 25 -40.30 5.81 -38.81
C ARG V 25 -41.68 6.44 -39.04
N ASP V 26 -42.23 7.11 -38.04
CA ASP V 26 -43.52 7.74 -38.18
C ASP V 26 -43.37 9.07 -38.93
N PRO V 27 -43.94 9.23 -40.13
CA PRO V 27 -43.83 10.55 -40.78
C PRO V 27 -44.83 11.56 -40.24
N GLN V 28 -45.84 11.11 -39.50
CA GLN V 28 -46.82 12.03 -38.95
C GLN V 28 -46.21 12.96 -37.92
N TRP V 29 -45.10 12.57 -37.31
CA TRP V 29 -44.51 13.36 -36.25
C TRP V 29 -44.02 14.69 -36.78
N GLY V 30 -43.81 15.64 -35.86
CA GLY V 30 -43.46 16.99 -36.27
C GLY V 30 -42.07 17.09 -36.85
N ASN V 31 -41.06 16.62 -36.11
CA ASN V 31 -39.69 16.90 -36.50
C ASN V 31 -39.33 16.18 -37.80
N LEU V 32 -38.21 16.58 -38.38
CA LEU V 32 -37.64 15.96 -39.56
C LEU V 32 -36.17 15.69 -39.29
N GLU V 33 -35.73 14.47 -39.55
CA GLU V 33 -34.33 14.13 -39.36
C GLU V 33 -33.48 14.83 -40.41
N THR V 34 -32.53 15.63 -39.96
CA THR V 34 -31.67 16.42 -40.81
C THR V 34 -30.22 16.22 -40.38
N PRO V 35 -29.24 16.50 -41.23
CA PRO V 35 -27.85 16.32 -40.80
C PRO V 35 -27.44 17.27 -39.67
N VAL V 36 -28.18 18.36 -39.49
CA VAL V 36 -27.94 19.23 -38.34
C VAL V 36 -28.54 18.59 -37.09
N ASN V 37 -29.69 17.95 -37.23
CA ASN V 37 -30.40 17.43 -36.07
C ASN V 37 -29.93 16.03 -35.70
N ALA V 38 -29.81 15.14 -36.69
CA ALA V 38 -29.67 13.71 -36.45
C ALA V 38 -28.31 13.15 -36.87
N SER V 39 -27.31 13.98 -37.11
CA SER V 39 -26.02 13.46 -37.47
C SER V 39 -25.36 12.79 -36.25
N PRO V 40 -24.45 11.83 -36.47
CA PRO V 40 -23.75 11.25 -35.32
C PRO V 40 -22.89 12.26 -34.58
N LEU V 41 -22.34 13.24 -35.29
CA LEU V 41 -21.51 14.25 -34.64
C LEU V 41 -22.34 15.11 -33.69
N VAL V 42 -23.47 15.62 -34.17
CA VAL V 42 -24.30 16.49 -33.35
C VAL V 42 -24.94 15.69 -32.22
N LYS V 43 -25.38 14.46 -32.52
CA LYS V 43 -25.99 13.63 -31.49
C LYS V 43 -25.00 13.34 -30.36
N TRP V 44 -23.75 13.05 -30.71
CA TRP V 44 -22.73 12.79 -29.69
C TRP V 44 -22.49 14.04 -28.85
N PHE V 45 -22.41 15.20 -29.49
CA PHE V 45 -22.09 16.43 -28.78
C PHE V 45 -23.23 16.81 -27.82
N ILE V 46 -24.46 16.80 -28.32
CA ILE V 46 -25.59 17.23 -27.51
C ILE V 46 -25.87 16.22 -26.40
N ASN V 47 -25.84 14.93 -26.74
CA ASN V 47 -26.20 13.91 -25.74
C ASN V 47 -25.16 13.83 -24.64
N ASN V 48 -23.91 14.18 -24.94
CA ASN V 48 -22.84 14.14 -23.95
C ASN V 48 -22.61 15.49 -23.27
N LEU V 49 -23.37 16.52 -23.62
CA LEU V 49 -23.33 17.75 -22.86
C LEU V 49 -23.82 17.49 -21.44
N PRO V 50 -23.48 18.37 -20.48
CA PRO V 50 -23.82 18.10 -19.08
C PRO V 50 -25.31 17.94 -18.84
N ALA V 51 -26.14 18.64 -19.62
CA ALA V 51 -27.58 18.55 -19.43
C ALA V 51 -28.12 17.19 -19.85
N TYR V 52 -27.38 16.45 -20.68
CA TYR V 52 -27.83 15.19 -21.25
C TYR V 52 -26.89 14.03 -20.99
N ARG V 53 -25.76 14.27 -20.32
CA ARG V 53 -24.75 13.23 -20.19
C ARG V 53 -25.28 12.10 -19.31
N PRO V 54 -25.05 10.83 -19.67
CA PRO V 54 -25.58 9.75 -18.84
C PRO V 54 -24.82 9.60 -17.54
N GLY V 55 -25.52 9.10 -16.52
CA GLY V 55 -24.87 8.71 -15.28
C GLY V 55 -24.24 9.84 -14.50
N LEU V 56 -24.89 11.00 -14.47
CA LEU V 56 -24.43 12.16 -13.72
C LEU V 56 -25.53 12.63 -12.78
N THR V 57 -25.13 13.13 -11.62
CA THR V 57 -26.08 13.61 -10.64
C THR V 57 -26.55 15.01 -11.02
N PRO V 58 -27.72 15.43 -10.54
CA PRO V 58 -28.21 16.78 -10.91
C PRO V 58 -27.30 17.89 -10.42
N PHE V 59 -26.61 17.69 -9.30
CA PHE V 59 -25.70 18.71 -8.81
C PHE V 59 -24.48 18.84 -9.71
N ARG V 60 -23.97 17.71 -10.23
CA ARG V 60 -22.79 17.75 -11.08
C ARG V 60 -23.11 18.44 -12.40
N ARG V 61 -24.35 18.32 -12.88
CA ARG V 61 -24.72 18.95 -14.14
C ARG V 61 -24.71 20.47 -14.01
N GLY V 62 -25.31 21.00 -12.95
CA GLY V 62 -25.38 22.44 -12.79
C GLY V 62 -24.02 23.06 -12.55
N LEU V 63 -23.13 22.34 -11.88
CA LEU V 63 -21.78 22.84 -11.65
C LEU V 63 -21.03 23.00 -12.96
N GLU V 64 -21.10 22.00 -13.82
CA GLU V 64 -20.50 22.10 -15.14
C GLU V 64 -21.16 23.19 -15.97
N VAL V 65 -22.47 23.34 -15.82
CA VAL V 65 -23.19 24.38 -16.56
C VAL V 65 -22.85 25.75 -15.99
N GLY V 66 -22.80 25.86 -14.66
CA GLY V 66 -22.57 27.15 -14.05
C GLY V 66 -21.14 27.64 -14.23
N MET V 67 -20.17 26.73 -14.10
CA MET V 67 -18.77 27.11 -14.29
C MET V 67 -18.53 27.67 -15.69
N ALA V 68 -19.25 27.16 -16.68
CA ALA V 68 -19.13 27.70 -18.03
C ALA V 68 -19.72 29.11 -18.11
N HIS V 69 -20.94 29.27 -17.61
CA HIS V 69 -21.64 30.55 -17.72
C HIS V 69 -20.99 31.62 -16.87
N GLY V 70 -20.62 31.30 -15.63
CA GLY V 70 -19.86 32.23 -14.82
C GLY V 70 -18.60 32.70 -15.50
N TYR V 71 -17.90 31.78 -16.19
CA TYR V 71 -16.66 32.16 -16.86
C TYR V 71 -16.98 32.99 -18.11
N PHE V 72 -18.13 32.73 -18.72
CA PHE V 72 -18.54 33.49 -19.90
C PHE V 72 -19.00 34.90 -19.56
N LEU V 73 -19.83 35.06 -18.53
CA LEU V 73 -20.50 36.33 -18.31
C LEU V 73 -19.57 37.41 -17.76
N PHE V 74 -18.34 37.09 -17.40
CA PHE V 74 -17.42 38.11 -16.90
C PHE V 74 -17.02 39.08 -18.00
N GLY V 75 -16.90 38.59 -19.24
CA GLY V 75 -16.39 39.38 -20.33
C GLY V 75 -17.18 40.62 -20.69
N PRO V 76 -18.49 40.51 -20.96
CA PRO V 76 -19.23 41.69 -21.40
C PRO V 76 -19.25 42.83 -20.39
N PHE V 77 -19.28 42.52 -19.10
CA PHE V 77 -19.35 43.57 -18.09
C PHE V 77 -18.01 44.28 -17.94
N ALA V 78 -16.92 43.57 -18.18
CA ALA V 78 -15.59 44.15 -17.95
C ALA V 78 -15.19 45.07 -19.10
N LYS V 79 -15.14 44.54 -20.31
CA LYS V 79 -14.56 45.28 -21.42
C LYS V 79 -15.53 46.33 -21.95
N LEU V 80 -16.83 46.01 -21.97
CA LEU V 80 -17.84 46.84 -22.61
C LEU V 80 -18.76 47.53 -21.60
N GLY V 81 -18.73 47.14 -20.34
CA GLY V 81 -19.56 47.77 -19.35
C GLY V 81 -19.05 49.15 -19.00
N PRO V 82 -19.68 49.81 -18.04
CA PRO V 82 -19.16 51.09 -17.56
C PRO V 82 -17.92 50.89 -16.71
N LEU V 83 -17.12 51.94 -16.62
CA LEU V 83 -15.84 51.88 -15.92
C LEU V 83 -14.91 50.86 -16.56
N ARG V 84 -15.05 50.67 -17.87
CA ARG V 84 -14.17 49.78 -18.62
C ARG V 84 -12.76 50.33 -18.75
N ASP V 85 -12.59 51.65 -18.63
CA ASP V 85 -11.29 52.30 -18.67
C ASP V 85 -11.02 52.86 -17.27
N ALA V 86 -10.48 51.99 -16.41
CA ALA V 86 -10.22 52.33 -15.02
C ALA V 86 -9.50 51.16 -14.38
N ALA V 87 -8.92 51.42 -13.21
CA ALA V 87 -8.18 50.38 -12.50
C ALA V 87 -9.12 49.28 -12.01
N ASN V 88 -10.34 49.63 -11.63
CA ASN V 88 -11.32 48.68 -11.12
C ASN V 88 -12.26 48.15 -12.19
N ALA V 89 -11.82 48.18 -13.46
CA ALA V 89 -12.68 47.73 -14.54
C ALA V 89 -12.99 46.24 -14.43
N ASN V 90 -11.95 45.44 -14.16
CA ASN V 90 -12.13 44.00 -14.05
C ASN V 90 -12.95 43.63 -12.81
N LEU V 91 -12.85 44.44 -11.76
CA LEU V 91 -13.61 44.15 -10.54
C LEU V 91 -15.10 44.32 -10.76
N ALA V 92 -15.48 45.35 -11.53
CA ALA V 92 -16.90 45.57 -11.80
C ALA V 92 -17.49 44.41 -12.59
N GLY V 93 -16.68 43.78 -13.44
CA GLY V 93 -17.17 42.63 -14.19
C GLY V 93 -17.44 41.42 -13.31
N LEU V 94 -16.66 41.28 -12.23
CA LEU V 94 -16.85 40.15 -11.34
C LEU V 94 -18.16 40.27 -10.56
N LEU V 95 -18.50 41.49 -10.15
CA LEU V 95 -19.74 41.69 -9.40
C LEU V 95 -20.95 41.58 -10.30
N GLY V 96 -20.89 42.21 -11.48
CA GLY V 96 -22.02 42.16 -12.39
C GLY V 96 -22.29 40.76 -12.90
N ALA V 97 -21.22 39.99 -13.14
CA ALA V 97 -21.40 38.62 -13.61
C ALA V 97 -22.05 37.75 -12.54
N ILE V 98 -21.60 37.90 -11.29
CA ILE V 98 -22.20 37.14 -10.19
C ILE V 98 -23.64 37.59 -9.98
N GLY V 99 -23.94 38.84 -10.33
CA GLY V 99 -25.31 39.32 -10.19
C GLY V 99 -26.28 38.55 -11.07
N LEU V 100 -25.90 38.30 -12.32
CA LEU V 100 -26.77 37.51 -13.20
C LEU V 100 -26.90 36.09 -12.69
N VAL V 101 -25.83 35.54 -12.12
CA VAL V 101 -25.87 34.17 -11.64
C VAL V 101 -26.88 34.04 -10.50
N VAL V 102 -26.95 35.06 -9.64
CA VAL V 102 -27.95 35.07 -8.59
C VAL V 102 -29.34 35.17 -9.19
N LEU V 103 -29.53 36.11 -10.12
CA LEU V 103 -30.81 36.22 -10.81
C LEU V 103 -31.12 34.97 -11.61
N PHE V 104 -30.10 34.38 -12.22
CA PHE V 104 -30.29 33.15 -12.99
C PHE V 104 -30.63 32.00 -12.07
N THR V 105 -29.97 31.91 -10.93
CA THR V 105 -30.28 30.85 -9.97
C THR V 105 -31.66 31.05 -9.38
N LEU V 106 -32.07 32.31 -9.20
CA LEU V 106 -33.42 32.58 -8.72
C LEU V 106 -34.46 32.04 -9.69
N ALA V 107 -34.28 32.31 -10.98
CA ALA V 107 -35.22 31.82 -11.98
C ALA V 107 -35.25 30.31 -12.01
N LEU V 108 -34.11 29.67 -11.80
CA LEU V 108 -34.05 28.20 -11.77
C LEU V 108 -34.88 27.65 -10.62
N SER V 109 -34.60 28.09 -9.40
CA SER V 109 -35.36 27.63 -8.24
C SER V 109 -36.81 28.09 -8.35
N LEU V 110 -37.04 29.27 -8.92
CA LEU V 110 -38.39 29.76 -9.11
C LEU V 110 -39.15 28.91 -10.11
N TYR V 111 -38.53 28.62 -11.25
CA TYR V 111 -39.13 27.69 -12.20
C TYR V 111 -39.27 26.30 -11.60
N ALA V 112 -38.38 25.94 -10.68
CA ALA V 112 -38.44 24.61 -10.06
C ALA V 112 -39.67 24.47 -9.18
N ASN V 113 -39.93 25.47 -8.34
CA ASN V 113 -41.03 25.38 -7.38
C ASN V 113 -42.38 25.28 -8.09
N SER V 114 -42.59 26.10 -9.09
CA SER V 114 -43.68 25.85 -10.02
C SER V 114 -43.45 24.50 -10.68
N ASN V 115 -44.44 23.61 -10.56
CA ASN V 115 -44.28 22.23 -10.99
C ASN V 115 -43.89 22.17 -12.47
N PRO V 116 -42.65 21.83 -12.82
CA PRO V 116 -42.28 21.80 -14.24
C PRO V 116 -42.97 20.64 -14.93
N PRO V 117 -43.49 20.82 -16.17
CA PRO V 117 -44.26 19.74 -16.78
C PRO V 117 -43.43 18.50 -17.06
N THR V 118 -42.38 18.64 -17.87
CA THR V 118 -41.62 17.53 -18.39
C THR V 118 -40.33 18.04 -19.01
N ALA V 119 -39.44 17.11 -19.32
CA ALA V 119 -38.29 17.36 -20.18
C ALA V 119 -38.51 16.55 -21.46
N LEU V 120 -38.55 17.23 -22.61
CA LEU V 120 -39.01 16.61 -23.82
C LEU V 120 -37.90 15.83 -24.52
N ALA V 121 -38.32 14.88 -25.35
CA ALA V 121 -37.43 14.05 -26.15
C ALA V 121 -37.53 14.48 -27.61
N SER V 122 -36.39 14.51 -28.29
CA SER V 122 -36.30 14.92 -29.68
C SER V 122 -35.38 13.94 -30.43
N VAL V 123 -35.15 14.22 -31.71
CA VAL V 123 -34.31 13.35 -32.52
C VAL V 123 -32.87 13.38 -32.04
N THR V 124 -32.37 14.58 -31.71
CA THR V 124 -30.98 14.72 -31.29
C THR V 124 -30.73 14.00 -29.99
N VAL V 125 -31.75 13.90 -29.14
CA VAL V 125 -31.66 13.21 -27.85
C VAL V 125 -32.88 12.30 -27.74
N PRO V 126 -32.81 11.03 -28.18
CA PRO V 126 -34.03 10.23 -28.23
C PRO V 126 -34.58 9.87 -26.85
N ASN V 127 -33.72 9.45 -25.94
CA ASN V 127 -34.17 9.11 -24.61
C ASN V 127 -34.62 10.37 -23.87
N PRO V 128 -35.39 10.23 -22.79
CA PRO V 128 -35.62 11.38 -21.92
C PRO V 128 -34.31 11.83 -21.31
N PRO V 129 -34.08 13.14 -21.14
CA PRO V 129 -32.73 13.58 -20.74
C PRO V 129 -32.26 13.02 -19.41
N ASP V 130 -32.97 13.31 -18.33
CA ASP V 130 -32.46 13.11 -16.98
C ASP V 130 -33.62 13.16 -15.99
N ALA V 131 -33.32 13.24 -14.69
CA ALA V 131 -34.35 13.48 -13.67
C ALA V 131 -34.56 14.98 -13.45
N PHE V 132 -34.81 15.68 -14.56
CA PHE V 132 -35.23 17.07 -14.54
C PHE V 132 -36.74 17.20 -14.58
N GLN V 133 -37.46 16.11 -14.30
CA GLN V 133 -38.92 16.08 -14.34
C GLN V 133 -39.54 16.23 -12.96
N SER V 134 -38.82 16.81 -12.00
CA SER V 134 -39.31 16.95 -10.64
C SER V 134 -38.70 18.20 -10.01
N LYS V 135 -39.32 18.64 -8.92
CA LYS V 135 -38.82 19.81 -8.20
C LYS V 135 -37.46 19.53 -7.57
N GLU V 136 -37.24 18.28 -7.15
CA GLU V 136 -36.01 17.96 -6.44
C GLU V 136 -34.79 18.05 -7.35
N GLY V 137 -34.93 17.61 -8.60
CA GLY V 137 -33.81 17.67 -9.51
C GLY V 137 -33.48 19.09 -9.94
N TRP V 138 -34.50 19.88 -10.21
CA TRP V 138 -34.27 21.26 -10.63
C TRP V 138 -33.70 22.11 -9.51
N ASN V 139 -34.11 21.83 -8.27
CA ASN V 139 -33.61 22.61 -7.14
C ASN V 139 -32.12 22.36 -6.92
N ASN V 140 -31.69 21.10 -7.00
CA ASN V 140 -30.27 20.80 -6.87
C ASN V 140 -29.48 21.40 -8.02
N PHE V 141 -30.09 21.46 -9.21
CA PHE V 141 -29.45 22.09 -10.35
C PHE V 141 -29.21 23.58 -10.10
N ALA V 142 -30.17 24.23 -9.45
CA ALA V 142 -30.05 25.66 -9.19
C ALA V 142 -28.91 25.95 -8.22
N SER V 143 -28.83 25.19 -7.14
CA SER V 143 -27.78 25.40 -6.16
C SER V 143 -26.41 25.16 -6.76
N ALA V 144 -26.31 24.23 -7.71
CA ALA V 144 -25.03 23.94 -8.34
C ALA V 144 -24.64 25.04 -9.31
N PHE V 145 -25.62 25.61 -10.02
CA PHE V 145 -25.36 26.71 -10.93
C PHE V 145 -24.76 27.89 -10.18
N LEU V 146 -25.22 28.14 -8.96
CA LEU V 146 -24.72 29.27 -8.18
C LEU V 146 -23.25 29.08 -7.84
N ILE V 147 -22.88 27.88 -7.39
CA ILE V 147 -21.51 27.64 -6.96
C ILE V 147 -20.56 27.72 -8.14
N GLY V 148 -20.89 27.04 -9.24
CA GLY V 148 -20.04 27.09 -10.41
C GLY V 148 -19.97 28.47 -11.03
N GLY V 149 -21.10 29.17 -11.08
CA GLY V 149 -21.12 30.48 -11.69
C GLY V 149 -20.28 31.49 -10.95
N ILE V 150 -20.27 31.41 -9.62
CA ILE V 150 -19.41 32.30 -8.84
C ILE V 150 -17.95 31.91 -9.02
N GLY V 151 -17.68 30.61 -9.14
CA GLY V 151 -16.31 30.17 -9.32
C GLY V 151 -15.77 30.49 -10.70
N GLY V 152 -16.59 30.29 -11.73
CA GLY V 152 -16.14 30.57 -13.09
C GLY V 152 -15.81 32.03 -13.30
N ALA V 153 -16.61 32.93 -12.73
CA ALA V 153 -16.35 34.35 -12.88
C ALA V 153 -15.08 34.76 -12.16
N VAL V 154 -14.80 34.13 -11.01
CA VAL V 154 -13.58 34.42 -10.28
C VAL V 154 -12.37 33.96 -11.08
N VAL V 155 -12.50 32.82 -11.77
CA VAL V 155 -11.40 32.29 -12.56
C VAL V 155 -11.07 33.24 -13.71
N ALA V 156 -12.10 33.69 -14.43
CA ALA V 156 -11.89 34.64 -15.50
C ALA V 156 -11.33 35.96 -14.98
N TYR V 157 -11.68 36.32 -13.75
CA TYR V 157 -11.15 37.53 -13.15
C TYR V 157 -9.67 37.36 -12.80
N PHE V 158 -9.32 36.19 -12.27
CA PHE V 158 -7.94 35.94 -11.87
C PHE V 158 -7.03 35.90 -13.10
N LEU V 159 -7.47 35.22 -14.15
CA LEU V 159 -6.65 35.09 -15.36
C LEU V 159 -6.55 36.42 -16.09
N THR V 160 -7.69 37.11 -16.25
CA THR V 160 -7.70 38.36 -16.99
C THR V 160 -6.91 39.45 -16.27
N SER V 161 -7.10 39.57 -14.96
CA SER V 161 -6.40 40.62 -14.21
C SER V 161 -4.91 40.35 -14.16
N ASN V 162 -4.52 39.09 -13.96
CA ASN V 162 -3.13 38.70 -13.85
C ASN V 162 -2.58 38.13 -15.15
N LEU V 163 -3.09 38.60 -16.29
CA LEU V 163 -2.63 38.10 -17.58
C LEU V 163 -1.20 38.55 -17.88
N ALA V 164 -0.88 39.80 -17.54
CA ALA V 164 0.46 40.31 -17.80
C ALA V 164 1.51 39.53 -17.03
N LEU V 165 1.20 39.14 -15.79
CA LEU V 165 2.14 38.33 -15.02
C LEU V 165 2.29 36.94 -15.62
N ILE V 166 1.23 36.44 -16.25
CA ILE V 166 1.28 35.13 -16.90
C ILE V 166 2.16 35.19 -18.14
N GLN V 167 2.12 36.33 -18.85
CA GLN V 167 2.94 36.51 -20.04
C GLN V 167 4.42 36.51 -19.70
N SER W 1 -36.11 76.62 7.32
CA SER W 1 -35.07 75.65 7.61
C SER W 1 -35.42 74.28 7.05
N SER W 2 -34.42 73.61 6.47
CA SER W 2 -34.63 72.26 5.97
C SER W 2 -34.97 71.32 7.11
N ILE W 3 -35.66 70.23 6.78
CA ILE W 3 -36.13 69.30 7.79
C ILE W 3 -34.94 68.62 8.45
N SER W 4 -35.12 68.25 9.72
CA SER W 4 -34.08 67.55 10.46
C SER W 4 -34.12 66.07 10.15
N ASP W 5 -33.01 65.39 10.48
CA ASP W 5 -32.90 63.96 10.23
C ASP W 5 -33.90 63.17 11.06
N THR W 6 -34.01 63.51 12.33
CA THR W 6 -34.92 62.80 13.22
C THR W 6 -36.38 62.99 12.80
N GLN W 7 -36.69 64.15 12.23
CA GLN W 7 -38.05 64.37 11.72
C GLN W 7 -38.35 63.43 10.58
N VAL W 8 -37.35 63.13 9.74
CA VAL W 8 -37.55 62.24 8.60
C VAL W 8 -37.72 60.81 9.08
N TYR W 9 -36.92 60.39 10.07
CA TYR W 9 -37.03 59.03 10.58
C TYR W 9 -38.39 58.80 11.23
N ILE W 10 -38.96 59.85 11.83
CA ILE W 10 -40.26 59.72 12.48
C ILE W 10 -41.34 59.46 11.45
N ALA W 11 -41.25 60.11 10.28
CA ALA W 11 -42.27 59.96 9.25
C ALA W 11 -42.33 58.54 8.73
N LEU W 12 -41.17 57.89 8.61
CA LEU W 12 -41.14 56.53 8.05
C LEU W 12 -41.81 55.54 8.99
N VAL W 13 -41.44 55.59 10.27
CA VAL W 13 -42.05 54.69 11.26
C VAL W 13 -43.54 55.00 11.38
N VAL W 14 -43.91 56.28 11.27
CA VAL W 14 -45.32 56.66 11.25
C VAL W 14 -46.01 56.10 10.01
N ALA W 15 -45.27 55.97 8.91
CA ALA W 15 -45.85 55.47 7.68
C ALA W 15 -46.13 53.97 7.73
N LEU W 16 -45.52 53.26 8.69
CA LEU W 16 -45.78 51.83 8.80
C LEU W 16 -47.23 51.56 9.18
N ILE W 17 -47.84 52.47 9.93
CA ILE W 17 -49.20 52.23 10.42
C ILE W 17 -50.20 52.22 9.27
N PRO W 18 -50.21 53.21 8.35
CA PRO W 18 -51.05 53.06 7.16
C PRO W 18 -50.73 51.82 6.34
N GLY W 19 -49.45 51.46 6.24
CA GLY W 19 -49.07 50.30 5.45
C GLY W 19 -49.56 49.00 6.07
N LEU W 20 -49.45 48.89 7.39
CA LEU W 20 -49.90 47.68 8.08
C LEU W 20 -51.39 47.48 7.93
N LEU W 21 -52.17 48.54 8.10
CA LEU W 21 -53.61 48.44 7.97
C LEU W 21 -54.03 48.20 6.53
N ALA W 22 -53.27 48.73 5.57
CA ALA W 22 -53.54 48.46 4.16
C ALA W 22 -53.37 46.99 3.86
N TRP W 23 -52.38 46.34 4.48
CA TRP W 23 -52.21 44.92 4.32
C TRP W 23 -53.40 44.15 4.86
N ARG W 24 -54.02 44.65 5.93
CA ARG W 24 -55.18 43.98 6.50
C ARG W 24 -56.42 44.23 5.65
N LEU W 25 -56.57 45.45 5.15
CA LEU W 25 -57.74 45.79 4.36
C LEU W 25 -57.83 44.95 3.10
N ALA W 26 -56.72 44.83 2.37
CA ALA W 26 -56.74 44.12 1.10
C ALA W 26 -56.92 42.63 1.30
N THR W 27 -56.20 42.05 2.26
CA THR W 27 -56.33 40.63 2.55
C THR W 27 -57.77 40.28 2.96
N GLU W 28 -58.44 41.22 3.63
CA GLU W 28 -59.85 40.99 3.97
C GLU W 28 -60.72 41.02 2.72
N LEU W 29 -60.39 41.90 1.77
CA LEU W 29 -61.19 42.01 0.56
C LEU W 29 -61.08 40.76 -0.30
N TYR W 30 -59.90 40.13 -0.31
CA TYR W 30 -59.71 38.96 -1.16
C TYR W 30 -60.57 37.79 -0.69
N LYS W 31 -60.92 37.75 0.59
CA LYS W 31 -61.75 36.69 1.13
C LYS W 31 -63.17 36.81 0.58
N LYS X 1 -92.97 42.71 -28.49
CA LYS X 1 -93.99 43.69 -28.82
C LYS X 1 -94.52 44.38 -27.56
N ILE X 2 -93.67 44.47 -26.54
CA ILE X 2 -94.11 45.02 -25.27
C ILE X 2 -94.13 46.55 -25.30
N SER X 3 -93.19 47.15 -26.04
CA SER X 3 -93.01 48.60 -26.07
C SER X 3 -93.28 49.11 -27.48
N PRO X 4 -94.22 50.03 -27.72
CA PRO X 4 -94.37 50.57 -29.08
C PRO X 4 -93.19 51.47 -29.42
N VAL X 5 -92.56 51.19 -30.56
CA VAL X 5 -91.43 51.99 -31.01
C VAL X 5 -91.84 53.43 -31.26
N ALA X 6 -93.07 53.65 -31.69
CA ALA X 6 -93.56 54.99 -31.99
C ALA X 6 -94.39 55.51 -30.83
N ASN X 7 -94.37 56.83 -30.65
CA ASN X 7 -95.08 57.48 -29.56
C ASN X 7 -96.51 57.80 -29.97
N THR X 8 -97.35 58.06 -28.96
CA THR X 8 -98.76 58.34 -29.14
C THR X 8 -99.20 59.41 -28.16
N GLY X 9 -100.39 59.97 -28.41
CA GLY X 9 -101.05 60.83 -27.46
C GLY X 9 -100.76 62.31 -27.59
N ALA X 10 -100.97 62.90 -28.76
CA ALA X 10 -100.79 64.34 -28.94
C ALA X 10 -101.63 64.82 -30.10
N LYS X 11 -102.07 66.08 -30.00
CA LYS X 11 -102.96 66.68 -30.99
C LYS X 11 -102.17 67.60 -31.92
N PRO X 12 -102.76 68.03 -33.04
CA PRO X 12 -102.02 68.85 -34.03
C PRO X 12 -101.39 70.11 -33.44
N PRO X 13 -102.11 70.93 -32.65
CA PRO X 13 -101.52 72.23 -32.30
C PRO X 13 -100.28 72.14 -31.42
N TYR X 14 -100.21 71.17 -30.52
CA TYR X 14 -99.07 71.01 -29.59
C TYR X 14 -98.89 72.29 -28.76
N THR X 15 -99.91 72.57 -27.95
CA THR X 15 -99.93 73.82 -27.19
C THR X 15 -98.80 73.89 -26.17
N PHE X 16 -98.57 72.79 -25.43
CA PHE X 16 -97.58 72.83 -24.37
C PHE X 16 -96.17 72.98 -24.94
N ARG X 17 -95.87 72.26 -26.03
CA ARG X 17 -94.55 72.37 -26.64
C ARG X 17 -94.31 73.77 -27.19
N THR X 18 -95.30 74.33 -27.88
CA THR X 18 -95.12 75.62 -28.53
C THR X 18 -95.00 76.75 -27.50
N GLY X 19 -95.68 76.61 -26.37
CA GLY X 19 -95.67 77.68 -25.37
C GLY X 19 -94.29 77.91 -24.80
N TRP X 20 -93.57 76.83 -24.47
CA TRP X 20 -92.24 76.97 -23.90
C TRP X 20 -91.22 77.36 -24.95
N ALA X 21 -91.42 76.92 -26.20
CA ALA X 21 -90.50 77.26 -27.26
C ALA X 21 -90.53 78.75 -27.57
N LEU X 22 -91.73 79.33 -27.67
CA LEU X 22 -91.84 80.76 -27.96
C LEU X 22 -91.23 81.59 -26.85
N LEU X 23 -91.35 81.13 -25.59
CA LEU X 23 -90.69 81.81 -24.48
C LEU X 23 -89.18 81.77 -24.66
N LEU X 24 -88.63 80.59 -24.96
CA LEU X 24 -87.21 80.49 -25.24
C LEU X 24 -86.84 81.29 -26.47
N LEU X 25 -87.77 81.44 -27.41
CA LEU X 25 -87.52 82.26 -28.59
C LEU X 25 -87.56 83.74 -28.26
N ALA X 26 -88.47 84.14 -27.37
CA ALA X 26 -88.61 85.56 -27.05
C ALA X 26 -87.39 86.10 -26.34
N VAL X 27 -86.85 85.34 -25.39
CA VAL X 27 -85.65 85.77 -24.67
C VAL X 27 -84.47 85.91 -25.64
N ASN X 28 -84.44 85.07 -26.67
CA ASN X 28 -83.38 85.20 -27.67
C ASN X 28 -83.52 86.51 -28.44
N PHE X 29 -84.74 86.90 -28.77
CA PHE X 29 -84.95 88.18 -29.42
C PHE X 29 -84.62 89.34 -28.48
N LEU X 30 -84.82 89.13 -27.18
CA LEU X 30 -84.53 90.18 -26.21
C LEU X 30 -83.04 90.46 -26.14
N VAL X 31 -82.23 89.42 -26.05
CA VAL X 31 -80.78 89.61 -25.96
C VAL X 31 -80.25 90.23 -27.25
N ALA X 32 -80.88 89.91 -28.38
CA ALA X 32 -80.50 90.54 -29.64
C ALA X 32 -80.83 92.02 -29.62
N ALA X 33 -81.97 92.38 -29.03
CA ALA X 33 -82.37 93.79 -28.97
C ALA X 33 -81.35 94.59 -28.16
N TYR X 34 -80.77 93.99 -27.14
CA TYR X 34 -79.73 94.68 -26.38
C TYR X 34 -78.44 94.78 -27.18
N TYR X 35 -78.15 93.77 -28.00
CA TYR X 35 -76.95 93.80 -28.82
C TYR X 35 -77.04 94.87 -29.90
N PHE X 36 -78.19 94.96 -30.57
CA PHE X 36 -78.43 95.98 -31.58
C PHE X 36 -78.67 97.37 -30.99
N HIS X 37 -78.65 97.51 -29.66
CA HIS X 37 -78.86 98.80 -29.01
C HIS X 37 -80.26 99.33 -29.29
N ILE X 38 -81.22 98.43 -29.51
CA ILE X 38 -82.61 98.85 -29.69
C ILE X 38 -83.18 99.33 -28.36
N ILE X 39 -82.83 98.66 -27.27
CA ILE X 39 -83.30 99.00 -25.94
C ILE X 39 -82.26 99.85 -25.23
N LYS Y 1 50.56 -74.15 -54.04
CA LYS Y 1 49.28 -73.77 -54.63
C LYS Y 1 49.30 -72.38 -55.25
N ALA Y 2 50.47 -71.76 -55.34
CA ALA Y 2 50.67 -70.49 -56.04
C ALA Y 2 51.29 -70.78 -57.38
N ARG Y 3 50.49 -70.72 -58.44
CA ARG Y 3 50.92 -71.10 -59.78
C ARG Y 3 50.35 -70.12 -60.79
N VAL Y 4 50.79 -70.28 -62.02
CA VAL Y 4 50.42 -69.39 -63.12
C VAL Y 4 49.29 -70.04 -63.89
N ILE Y 5 48.09 -69.47 -63.81
CA ILE Y 5 46.91 -69.97 -64.49
C ILE Y 5 46.43 -68.86 -65.42
N VAL Y 6 46.24 -69.21 -66.70
CA VAL Y 6 45.96 -68.23 -67.75
C VAL Y 6 44.91 -68.79 -68.69
N ASP Y 7 44.08 -67.90 -69.23
CA ASP Y 7 43.11 -68.21 -70.27
C ASP Y 7 43.57 -67.57 -71.57
N LYS Y 8 43.66 -68.39 -72.63
CA LYS Y 8 44.18 -67.93 -73.91
C LYS Y 8 43.05 -67.44 -74.79
N ASP Y 9 43.20 -66.21 -75.28
CA ASP Y 9 42.24 -65.59 -76.21
C ASP Y 9 40.80 -65.59 -75.69
N PRO Y 10 40.54 -65.03 -74.50
CA PRO Y 10 39.14 -64.82 -74.11
C PRO Y 10 38.43 -63.74 -74.91
N VAL Y 11 39.06 -62.57 -75.04
CA VAL Y 11 38.43 -61.39 -75.61
C VAL Y 11 39.11 -61.09 -76.93
N PRO Y 12 38.38 -60.94 -78.04
CA PRO Y 12 39.04 -60.53 -79.30
C PRO Y 12 39.50 -59.08 -79.22
N THR Y 13 40.15 -58.65 -80.31
CA THR Y 13 40.71 -57.31 -80.42
C THR Y 13 40.19 -56.56 -81.65
N SER Y 14 38.89 -56.60 -81.90
CA SER Y 14 38.31 -55.91 -83.04
C SER Y 14 38.05 -54.44 -82.72
N PHE Y 15 37.91 -53.64 -83.77
CA PHE Y 15 37.60 -52.23 -83.67
C PHE Y 15 36.10 -51.94 -83.66
N GLU Y 16 35.24 -52.97 -83.69
CA GLU Y 16 33.82 -52.73 -83.87
C GLU Y 16 33.16 -52.22 -82.60
N LYS Y 17 33.72 -52.56 -81.44
CA LYS Y 17 33.17 -52.07 -80.19
C LYS Y 17 33.57 -50.62 -79.91
N TRP Y 18 34.60 -50.11 -80.58
CA TRP Y 18 34.94 -48.69 -80.45
C TRP Y 18 33.78 -47.81 -80.87
N ALA Y 19 33.23 -48.06 -82.06
CA ALA Y 19 32.13 -47.24 -82.56
C ALA Y 19 30.91 -47.34 -81.67
N GLN Y 20 30.50 -48.56 -81.33
CA GLN Y 20 29.32 -48.78 -80.51
C GLN Y 20 29.56 -48.22 -79.11
N PRO Y 21 28.94 -47.11 -78.72
CA PRO Y 21 29.20 -46.56 -77.39
C PRO Y 21 28.25 -47.14 -76.37
N GLY Y 22 28.75 -47.31 -75.15
CA GLY Y 22 27.98 -47.93 -74.09
C GLY Y 22 27.94 -49.43 -74.16
N HIS Y 23 28.90 -50.05 -74.85
CA HIS Y 23 28.97 -51.51 -74.92
C HIS Y 23 29.14 -52.12 -73.54
N PHE Y 24 29.85 -51.43 -72.64
CA PHE Y 24 30.19 -52.02 -71.35
C PHE Y 24 28.95 -52.27 -70.50
N ASP Y 25 27.91 -51.46 -70.67
CA ASP Y 25 26.68 -51.58 -69.90
C ASP Y 25 25.51 -51.92 -70.83
N ARG Y 26 24.50 -52.57 -70.27
CA ARG Y 26 23.33 -52.95 -71.06
C ARG Y 26 22.35 -51.79 -71.17
N THR Y 27 22.20 -51.01 -70.09
CA THR Y 27 21.28 -49.89 -70.11
C THR Y 27 21.71 -48.83 -71.11
N LEU Y 28 22.99 -48.50 -71.12
CA LEU Y 28 23.49 -47.49 -72.06
C LEU Y 28 23.56 -48.04 -73.49
N ALA Y 29 23.66 -49.36 -73.63
CA ALA Y 29 23.78 -49.94 -74.96
C ALA Y 29 22.48 -49.82 -75.76
N ARG Y 30 21.35 -49.57 -75.10
CA ARG Y 30 20.09 -49.46 -75.81
C ARG Y 30 20.09 -48.26 -76.76
N GLY Y 31 20.24 -47.06 -76.21
CA GLY Y 31 20.40 -45.89 -77.05
C GLY Y 31 20.32 -44.59 -76.26
N PRO Y 32 20.77 -43.48 -76.88
CA PRO Y 32 20.76 -42.17 -76.21
C PRO Y 32 19.45 -41.39 -76.39
N LYS Y 33 18.44 -41.77 -75.61
CA LYS Y 33 17.16 -41.06 -75.69
C LYS Y 33 17.26 -39.66 -75.13
N THR Y 34 18.16 -39.42 -74.18
CA THR Y 34 18.34 -38.12 -73.55
C THR Y 34 19.83 -37.82 -73.39
N THR Y 35 20.13 -36.60 -72.95
CA THR Y 35 21.51 -36.18 -72.78
C THR Y 35 22.13 -36.70 -71.50
N THR Y 36 21.32 -37.12 -70.53
CA THR Y 36 21.88 -37.75 -69.34
C THR Y 36 22.59 -39.05 -69.68
N TRP Y 37 22.20 -39.68 -70.79
CA TRP Y 37 22.93 -40.84 -71.29
C TRP Y 37 24.39 -40.52 -71.53
N ILE Y 38 24.67 -39.34 -72.08
CA ILE Y 38 26.05 -38.94 -72.37
C ILE Y 38 26.84 -38.78 -71.08
N TRP Y 39 26.24 -38.11 -70.09
CA TRP Y 39 26.94 -37.93 -68.83
C TRP Y 39 27.09 -39.25 -68.09
N ASN Y 40 26.14 -40.16 -68.27
CA ASN Y 40 26.22 -41.46 -67.63
C ASN Y 40 27.25 -42.36 -68.31
N LEU Y 41 27.58 -42.08 -69.57
CA LEU Y 41 28.59 -42.86 -70.26
C LEU Y 41 29.94 -42.75 -69.56
N HIS Y 42 30.35 -41.53 -69.23
CA HIS Y 42 31.65 -41.33 -68.61
C HIS Y 42 31.64 -41.76 -67.14
N ALA Y 43 30.53 -41.51 -66.45
CA ALA Y 43 30.46 -41.81 -65.02
C ALA Y 43 30.52 -43.30 -64.75
N LEU Y 44 30.18 -44.13 -65.75
CA LEU Y 44 30.17 -45.58 -65.63
C LEU Y 44 31.27 -46.26 -66.43
N ALA Y 45 32.20 -45.49 -67.00
CA ALA Y 45 33.22 -46.08 -67.86
C ALA Y 45 34.16 -46.98 -67.08
N HIS Y 46 34.49 -46.59 -65.84
CA HIS Y 46 35.41 -47.33 -65.00
C HIS Y 46 34.70 -48.13 -63.90
N ASP Y 47 33.37 -48.10 -63.84
CA ASP Y 47 32.62 -48.88 -62.86
C ASP Y 47 32.45 -50.28 -63.40
N PHE Y 48 33.56 -51.03 -63.38
CA PHE Y 48 33.55 -52.39 -63.90
C PHE Y 48 32.62 -53.28 -63.10
N ASP Y 49 32.47 -53.00 -61.81
CA ASP Y 49 31.57 -53.79 -60.97
C ASP Y 49 30.14 -53.73 -61.48
N THR Y 50 29.76 -52.60 -62.09
CA THR Y 50 28.43 -52.48 -62.67
C THR Y 50 28.35 -53.16 -64.03
N HIS Y 51 29.47 -53.25 -64.74
CA HIS Y 51 29.46 -53.85 -66.07
C HIS Y 51 29.18 -55.34 -66.00
N THR Y 52 29.90 -56.05 -65.12
CA THR Y 52 29.75 -57.49 -64.96
C THR Y 52 29.81 -57.82 -63.48
N SER Y 53 29.44 -59.05 -63.16
CA SER Y 53 29.41 -59.56 -61.79
C SER Y 53 30.40 -60.70 -61.56
N ASP Y 54 31.29 -60.96 -62.51
CA ASP Y 54 32.30 -62.01 -62.38
C ASP Y 54 33.64 -61.39 -62.05
N LEU Y 55 34.19 -61.74 -60.89
CA LEU Y 55 35.42 -61.11 -60.41
C LEU Y 55 36.58 -61.31 -61.37
N GLU Y 56 36.56 -62.40 -62.14
CA GLU Y 56 37.58 -62.60 -63.17
C GLU Y 56 37.52 -61.49 -64.21
N ASP Y 57 36.31 -61.17 -64.69
CA ASP Y 57 36.16 -60.12 -65.68
C ASP Y 57 36.53 -58.77 -65.09
N ILE Y 58 36.26 -58.56 -63.80
CA ILE Y 58 36.62 -57.30 -63.16
C ILE Y 58 38.13 -57.17 -63.06
N SER Y 59 38.79 -58.22 -62.55
CA SER Y 59 40.23 -58.13 -62.30
C SER Y 59 41.03 -58.03 -63.58
N ARG Y 60 40.59 -58.73 -64.63
CA ARG Y 60 41.31 -58.68 -65.90
C ARG Y 60 41.29 -57.28 -66.49
N LYS Y 61 40.15 -56.59 -66.38
CA LYS Y 61 40.10 -55.19 -66.81
C LYS Y 61 41.03 -54.33 -65.96
N ILE Y 62 41.06 -54.58 -64.65
CA ILE Y 62 41.82 -53.73 -63.75
C ILE Y 62 43.31 -53.94 -63.96
N PHE Y 63 43.74 -55.19 -64.06
CA PHE Y 63 45.16 -55.48 -64.24
C PHE Y 63 45.67 -54.92 -65.56
N ALA Y 64 44.86 -54.99 -66.61
CA ALA Y 64 45.27 -54.46 -67.90
C ALA Y 64 45.17 -52.94 -67.93
N ALA Y 65 44.15 -52.38 -67.26
CA ALA Y 65 44.00 -50.94 -67.23
C ALA Y 65 45.18 -50.26 -66.55
N HIS Y 66 45.79 -50.93 -65.58
CA HIS Y 66 46.96 -50.38 -64.92
C HIS Y 66 48.10 -50.17 -65.90
N PHE Y 67 48.25 -51.10 -66.84
CA PHE Y 67 49.35 -51.00 -67.80
C PHE Y 67 49.19 -49.78 -68.70
N GLY Y 68 47.97 -49.52 -69.16
CA GLY Y 68 47.73 -48.32 -69.95
C GLY Y 68 47.99 -47.05 -69.15
N HIS Y 69 47.80 -47.12 -67.83
CA HIS Y 69 48.07 -45.97 -66.99
C HIS Y 69 49.56 -45.71 -66.87
N LEU Y 70 50.35 -46.76 -66.70
CA LEU Y 70 51.79 -46.59 -66.58
C LEU Y 70 52.38 -46.01 -67.85
N ALA Y 71 51.81 -46.36 -69.00
CA ALA Y 71 52.26 -45.78 -70.26
C ALA Y 71 52.09 -44.26 -70.25
N VAL Y 72 51.01 -43.77 -69.63
CA VAL Y 72 50.79 -42.34 -69.55
C VAL Y 72 51.85 -41.70 -68.64
N VAL Y 73 52.17 -42.36 -67.53
CA VAL Y 73 53.13 -41.79 -66.59
C VAL Y 73 54.53 -41.82 -67.19
N THR Y 74 54.88 -42.91 -67.86
CA THR Y 74 56.19 -42.99 -68.51
C THR Y 74 56.31 -41.96 -69.63
N ILE Y 75 55.25 -41.79 -70.42
CA ILE Y 75 55.28 -40.78 -71.48
C ILE Y 75 55.40 -39.40 -70.87
N TRP Y 76 54.71 -39.15 -69.76
CA TRP Y 76 54.83 -37.87 -69.08
C TRP Y 76 56.24 -37.66 -68.57
N LEU Y 77 56.77 -38.65 -67.84
CA LEU Y 77 58.12 -38.53 -67.30
C LEU Y 77 59.15 -38.37 -68.42
N SER Y 78 59.11 -39.28 -69.41
CA SER Y 78 60.08 -39.21 -70.50
C SER Y 78 59.95 -37.92 -71.29
N GLY Y 79 58.76 -37.31 -71.28
CA GLY Y 79 58.60 -36.01 -71.91
C GLY Y 79 59.38 -34.93 -71.19
N MET Y 80 59.37 -34.96 -69.85
CA MET Y 80 60.10 -33.94 -69.09
C MET Y 80 61.60 -34.05 -69.33
N ILE Y 81 62.13 -35.27 -69.30
CA ILE Y 81 63.54 -35.47 -69.60
C ILE Y 81 63.84 -35.05 -71.04
N PHE Y 82 62.90 -35.28 -71.95
CA PHE Y 82 63.11 -34.88 -73.34
C PHE Y 82 63.15 -33.37 -73.46
N HIS Y 83 62.27 -32.66 -72.76
CA HIS Y 83 62.31 -31.21 -72.75
C HIS Y 83 63.62 -30.72 -72.16
N GLY Y 84 64.14 -31.43 -71.16
CA GLY Y 84 65.42 -31.07 -70.58
C GLY Y 84 66.57 -31.18 -71.56
N ALA Y 85 66.39 -31.99 -72.61
CA ALA Y 85 67.45 -32.19 -73.58
C ALA Y 85 67.42 -31.12 -74.66
N LYS Y 86 66.24 -30.90 -75.26
CA LYS Y 86 66.16 -30.04 -76.44
C LYS Y 86 65.99 -28.57 -76.03
N PHE Y 87 65.03 -28.29 -75.14
CA PHE Y 87 64.71 -26.92 -74.72
C PHE Y 87 65.03 -26.78 -73.24
N SER Y 88 66.25 -26.33 -72.93
CA SER Y 88 66.67 -26.26 -71.55
C SER Y 88 67.95 -25.43 -71.42
N ASN Y 89 68.24 -25.05 -70.18
CA ASN Y 89 69.49 -24.45 -69.79
C ASN Y 89 70.23 -25.29 -68.76
N TYR Y 90 69.95 -26.60 -68.72
CA TYR Y 90 70.54 -27.46 -67.71
C TYR Y 90 72.05 -27.58 -67.88
N GLU Y 91 72.52 -27.69 -69.12
CA GLU Y 91 73.94 -27.78 -69.37
C GLU Y 91 74.66 -26.52 -68.90
N ALA Y 92 74.00 -25.37 -68.99
CA ALA Y 92 74.57 -24.13 -68.50
C ALA Y 92 74.31 -23.96 -67.00
N TRP Y 93 73.21 -24.52 -66.50
CA TRP Y 93 72.87 -24.39 -65.09
C TRP Y 93 73.87 -25.11 -64.20
N LEU Y 94 74.46 -26.20 -64.69
CA LEU Y 94 75.44 -26.92 -63.90
C LEU Y 94 76.67 -26.07 -63.63
N SER Y 95 77.04 -25.21 -64.57
CA SER Y 95 78.24 -24.39 -64.40
C SER Y 95 78.03 -23.34 -63.32
N ASP Y 96 76.81 -22.79 -63.21
CA ASP Y 96 76.49 -21.75 -62.24
C ASP Y 96 75.07 -21.99 -61.73
N PRO Y 97 74.90 -22.93 -60.79
CA PRO Y 97 73.54 -23.23 -60.32
C PRO Y 97 72.93 -22.10 -59.51
N LEU Y 98 73.75 -21.23 -58.92
CA LEU Y 98 73.23 -20.22 -58.01
C LEU Y 98 72.66 -19.02 -58.79
N ASN Y 99 73.37 -18.58 -59.83
CA ASN Y 99 73.01 -17.38 -60.56
C ASN Y 99 72.08 -17.64 -61.74
N VAL Y 100 71.94 -18.88 -62.18
CA VAL Y 100 71.11 -19.25 -63.33
C VAL Y 100 69.85 -19.90 -62.80
N ARG Y 101 68.71 -19.49 -63.34
CA ARG Y 101 67.41 -20.02 -62.93
C ARG Y 101 67.03 -21.20 -63.82
N PRO Y 102 66.47 -22.27 -63.28
CA PRO Y 102 66.20 -23.45 -64.13
C PRO Y 102 64.98 -23.22 -65.01
N SER Y 103 65.12 -23.56 -66.29
CA SER Y 103 64.03 -23.43 -67.25
C SER Y 103 64.08 -24.61 -68.22
N ALA Y 104 62.89 -25.06 -68.63
CA ALA Y 104 62.77 -26.18 -69.56
C ALA Y 104 61.75 -25.95 -70.66
N GLN Y 105 61.05 -24.81 -70.68
CA GLN Y 105 59.97 -24.54 -71.62
C GLN Y 105 60.30 -23.30 -72.42
N VAL Y 106 60.16 -23.40 -73.74
CA VAL Y 106 60.42 -22.30 -74.66
C VAL Y 106 59.15 -22.09 -75.48
N VAL Y 107 58.59 -20.89 -75.40
CA VAL Y 107 57.33 -20.57 -76.06
C VAL Y 107 57.64 -19.93 -77.40
N TRP Y 108 56.72 -20.09 -78.36
CA TRP Y 108 57.02 -19.73 -79.73
C TRP Y 108 56.71 -18.25 -79.98
N PRO Y 109 57.35 -17.62 -80.99
CA PRO Y 109 57.10 -16.19 -81.30
C PRO Y 109 55.86 -15.92 -82.15
N ILE Y 110 54.73 -15.80 -81.46
CA ILE Y 110 53.42 -15.55 -82.05
C ILE Y 110 52.83 -14.38 -81.26
N VAL Y 111 51.50 -14.21 -81.33
CA VAL Y 111 50.71 -13.01 -81.02
C VAL Y 111 51.21 -12.19 -79.81
N GLY Y 112 51.99 -12.80 -78.92
CA GLY Y 112 52.59 -12.08 -77.81
C GLY Y 112 52.69 -12.86 -76.52
N GLN Y 113 52.46 -14.16 -76.56
CA GLN Y 113 52.84 -15.04 -75.45
C GLN Y 113 54.35 -15.02 -75.19
N ASP Y 114 55.16 -14.59 -76.16
CA ASP Y 114 56.62 -14.65 -76.08
C ASP Y 114 57.20 -13.89 -74.90
N ILE Y 115 56.44 -12.97 -74.31
CA ILE Y 115 56.87 -12.31 -73.08
C ILE Y 115 57.15 -13.33 -71.98
N LEU Y 116 56.40 -14.44 -72.00
CA LEU Y 116 56.64 -15.50 -71.03
C LEU Y 116 57.97 -16.19 -71.31
N ASN Y 117 58.39 -16.21 -72.58
CA ASN Y 117 59.69 -16.73 -72.98
C ASN Y 117 60.74 -15.66 -72.67
N GLY Y 118 60.93 -15.40 -71.37
CA GLY Y 118 61.77 -14.32 -70.92
C GLY Y 118 63.09 -14.83 -70.36
N ASP Y 119 63.93 -13.88 -69.95
CA ASP Y 119 65.26 -14.20 -69.49
C ASP Y 119 65.22 -14.98 -68.18
N VAL Y 120 66.07 -15.99 -68.07
CA VAL Y 120 66.24 -16.78 -66.86
C VAL Y 120 67.71 -16.95 -66.47
N GLY Y 121 68.62 -16.30 -67.18
CA GLY Y 121 70.04 -16.45 -66.94
C GLY Y 121 70.67 -17.52 -67.83
N GLY Y 122 71.96 -17.34 -68.09
CA GLY Y 122 72.69 -18.30 -68.90
C GLY Y 122 72.49 -18.13 -70.38
N GLY Y 123 72.11 -16.93 -70.84
CA GLY Y 123 71.90 -16.71 -72.26
C GLY Y 123 70.79 -17.55 -72.85
N PHE Y 124 69.76 -17.85 -72.05
CA PHE Y 124 68.64 -18.68 -72.48
C PHE Y 124 67.34 -18.03 -72.03
N HIS Y 125 66.35 -18.03 -72.93
CA HIS Y 125 65.03 -17.49 -72.67
C HIS Y 125 64.06 -18.64 -72.48
N GLY Y 126 63.19 -18.54 -71.49
CA GLY Y 126 62.23 -19.60 -71.22
C GLY Y 126 61.51 -19.36 -69.92
N ILE Y 127 60.54 -20.22 -69.67
CA ILE Y 127 59.76 -20.17 -68.44
C ILE Y 127 60.56 -20.86 -67.33
N GLN Y 128 60.73 -20.16 -66.21
CA GLN Y 128 61.37 -20.76 -65.06
C GLN Y 128 60.50 -21.87 -64.50
N ILE Y 129 61.09 -23.04 -64.28
CA ILE Y 129 60.38 -24.22 -63.80
C ILE Y 129 60.54 -24.29 -62.29
N THR Y 130 59.63 -25.01 -61.64
CA THR Y 130 59.64 -25.20 -60.20
C THR Y 130 59.49 -26.67 -59.81
N SER Y 131 59.50 -27.59 -60.78
CA SER Y 131 59.34 -29.01 -60.46
C SER Y 131 60.57 -29.56 -59.76
N GLY Y 132 61.74 -28.97 -60.02
CA GLY Y 132 62.98 -29.44 -59.44
C GLY Y 132 63.67 -30.54 -60.18
N LEU Y 133 63.39 -30.71 -61.48
CA LEU Y 133 64.00 -31.79 -62.24
C LEU Y 133 65.50 -31.56 -62.42
N PHE Y 134 65.92 -30.30 -62.46
CA PHE Y 134 67.33 -29.99 -62.64
C PHE Y 134 68.15 -30.51 -61.46
N GLN Y 135 67.62 -30.37 -60.24
CA GLN Y 135 68.32 -30.86 -59.07
C GLN Y 135 68.36 -32.39 -59.05
N VAL Y 136 67.32 -33.03 -59.60
CA VAL Y 136 67.28 -34.48 -59.63
C VAL Y 136 68.35 -35.02 -60.57
N TRP Y 137 68.45 -34.45 -61.77
CA TRP Y 137 69.43 -34.92 -62.74
C TRP Y 137 70.85 -34.72 -62.23
N ARG Y 138 71.08 -33.67 -61.45
CA ARG Y 138 72.38 -33.49 -60.83
C ARG Y 138 72.64 -34.58 -59.79
N GLY Y 139 71.62 -34.91 -59.01
CA GLY Y 139 71.74 -36.02 -58.08
C GLY Y 139 71.94 -37.34 -58.80
N TRP Y 140 71.40 -37.47 -60.00
CA TRP Y 140 71.63 -38.65 -60.81
C TRP Y 140 73.03 -38.65 -61.42
N GLY Y 141 73.66 -37.48 -61.51
CA GLY Y 141 74.99 -37.36 -62.05
C GLY Y 141 75.06 -37.06 -63.53
N ILE Y 142 73.93 -36.71 -64.15
CA ILE Y 142 73.95 -36.37 -65.57
C ILE Y 142 74.68 -35.06 -65.76
N THR Y 143 75.46 -34.98 -66.85
CA THR Y 143 76.32 -33.84 -67.11
C THR Y 143 76.19 -33.26 -68.51
N ASN Y 144 75.51 -33.95 -69.44
CA ASN Y 144 75.34 -33.47 -70.80
C ASN Y 144 73.94 -33.80 -71.28
N SER Y 145 73.56 -33.19 -72.40
CA SER Y 145 72.23 -33.41 -72.96
C SER Y 145 72.12 -34.80 -73.59
N PHE Y 146 73.23 -35.36 -74.05
CA PHE Y 146 73.19 -36.66 -74.71
C PHE Y 146 72.74 -37.75 -73.75
N GLN Y 147 73.31 -37.79 -72.55
CA GLN Y 147 72.83 -38.71 -71.53
C GLN Y 147 71.38 -38.44 -71.22
N LEU Y 148 70.96 -37.18 -71.27
CA LEU Y 148 69.57 -36.82 -71.04
C LEU Y 148 68.71 -37.18 -72.24
N TYR Y 149 69.28 -37.08 -73.44
CA TYR Y 149 68.54 -37.39 -74.65
C TYR Y 149 68.29 -38.89 -74.79
N CYS Y 150 69.23 -39.71 -74.30
CA CYS Y 150 69.09 -41.15 -74.44
C CYS Y 150 68.05 -41.70 -73.46
N THR Y 151 67.92 -41.07 -72.29
CA THR Y 151 67.04 -41.60 -71.26
C THR Y 151 65.58 -41.51 -71.67
N ALA Y 152 65.18 -40.40 -72.31
CA ALA Y 152 63.79 -40.21 -72.66
C ALA Y 152 63.33 -41.24 -73.69
N ILE Y 153 64.21 -41.57 -74.65
CA ILE Y 153 63.87 -42.58 -75.64
C ILE Y 153 63.67 -43.93 -75.00
N GLY Y 154 64.37 -44.22 -73.91
CA GLY Y 154 64.19 -45.48 -73.21
C GLY Y 154 62.84 -45.54 -72.53
N GLY Y 155 62.37 -44.39 -72.03
CA GLY Y 155 61.05 -44.35 -71.42
C GLY Y 155 59.94 -44.62 -72.41
N LEU Y 156 60.08 -44.08 -73.63
CA LEU Y 156 59.10 -44.33 -74.67
C LEU Y 156 59.08 -45.79 -75.07
N VAL Y 157 60.27 -46.41 -75.15
CA VAL Y 157 60.34 -47.85 -75.39
C VAL Y 157 59.68 -48.59 -74.24
N LEU Y 158 59.92 -48.14 -73.01
CA LEU Y 158 59.25 -48.73 -71.85
C LEU Y 158 57.76 -48.45 -71.89
N ALA Y 159 57.36 -47.31 -72.44
CA ALA Y 159 55.95 -46.95 -72.49
C ALA Y 159 55.17 -47.92 -73.37
N GLY Y 160 55.65 -48.12 -74.61
CA GLY Y 160 54.99 -49.08 -75.48
C GLY Y 160 55.10 -50.50 -74.97
N LEU Y 161 56.16 -50.79 -74.22
CA LEU Y 161 56.33 -52.12 -73.64
C LEU Y 161 55.24 -52.39 -72.61
N PHE Y 162 54.98 -51.43 -71.72
CA PHE Y 162 53.84 -51.54 -70.82
C PHE Y 162 52.55 -51.62 -71.61
N LEU Y 163 52.46 -50.84 -72.70
CA LEU Y 163 51.24 -50.81 -73.49
C LEU Y 163 50.98 -52.15 -74.17
N PHE Y 164 52.04 -52.80 -74.65
CA PHE Y 164 51.88 -54.12 -75.24
C PHE Y 164 51.38 -55.13 -74.22
N ALA Y 165 51.76 -54.95 -72.95
CA ALA Y 165 51.38 -55.91 -71.91
C ALA Y 165 49.88 -55.94 -71.70
N GLY Y 166 49.26 -54.76 -71.56
CA GLY Y 166 47.83 -54.71 -71.31
C GLY Y 166 47.02 -55.31 -72.43
N TRP Y 167 47.47 -55.12 -73.67
CA TRP Y 167 46.85 -55.83 -74.79
C TRP Y 167 47.08 -57.33 -74.67
N PHE Y 168 48.32 -57.73 -74.42
CA PHE Y 168 48.65 -59.14 -74.31
C PHE Y 168 47.88 -59.78 -73.15
N HIS Y 169 47.69 -59.04 -72.07
CA HIS Y 169 47.09 -59.64 -70.88
C HIS Y 169 45.58 -59.73 -71.00
N TYR Y 170 44.92 -58.65 -71.42
CA TYR Y 170 43.46 -58.69 -71.48
C TYR Y 170 42.98 -59.59 -72.62
N HIS Y 171 43.62 -59.49 -73.78
CA HIS Y 171 43.15 -60.18 -74.99
C HIS Y 171 43.80 -61.54 -75.18
N LYS Y 172 45.13 -61.59 -75.22
CA LYS Y 172 45.80 -62.81 -75.65
C LYS Y 172 45.86 -63.85 -74.53
N ARG Y 173 46.18 -63.41 -73.31
CA ARG Y 173 46.47 -64.33 -72.21
C ARG Y 173 46.11 -63.67 -70.89
N ALA Y 174 44.93 -64.01 -70.35
CA ALA Y 174 44.38 -63.37 -69.16
C ALA Y 174 44.58 -64.27 -67.95
N PRO Y 175 45.14 -63.78 -66.84
CA PRO Y 175 45.16 -64.60 -65.63
C PRO Y 175 43.76 -64.82 -65.08
N LYS Y 176 43.59 -65.93 -64.37
CA LYS Y 176 42.34 -66.25 -63.71
C LYS Y 176 42.30 -65.63 -62.32
N LEU Y 177 41.21 -65.89 -61.59
CA LEU Y 177 41.02 -65.28 -60.28
C LEU Y 177 42.08 -65.73 -59.30
N GLU Y 178 42.52 -66.98 -59.39
CA GLU Y 178 43.48 -67.51 -58.42
C GLU Y 178 44.82 -66.79 -58.53
N TRP Y 179 45.18 -66.33 -59.72
CA TRP Y 179 46.45 -65.62 -59.90
C TRP Y 179 46.45 -64.29 -59.16
N PHE Y 180 45.27 -63.69 -58.98
CA PHE Y 180 45.17 -62.45 -58.22
C PHE Y 180 44.96 -62.73 -56.74
N GLN Y 181 44.26 -63.81 -56.41
CA GLN Y 181 43.86 -64.06 -55.04
C GLN Y 181 45.01 -64.55 -54.16
N ASN Y 182 46.12 -65.00 -54.74
CA ASN Y 182 47.27 -65.41 -53.94
C ASN Y 182 47.96 -64.15 -53.43
N VAL Y 183 47.44 -63.63 -52.31
CA VAL Y 183 47.89 -62.36 -51.78
C VAL Y 183 49.31 -62.46 -51.26
N GLU Y 184 49.66 -63.62 -50.69
CA GLU Y 184 50.96 -63.76 -50.02
C GLU Y 184 52.11 -63.58 -50.99
N SER Y 185 52.04 -64.23 -52.16
CA SER Y 185 53.12 -64.14 -53.13
C SER Y 185 53.35 -62.71 -53.60
N MET Y 186 52.30 -61.90 -53.64
CA MET Y 186 52.42 -60.52 -54.11
C MET Y 186 53.31 -59.70 -53.19
N LEU Y 187 53.11 -59.84 -51.88
CA LEU Y 187 53.86 -59.02 -50.93
C LEU Y 187 55.34 -59.42 -50.91
N ASN Y 188 55.62 -60.73 -50.92
CA ASN Y 188 57.01 -61.18 -50.93
C ASN Y 188 57.73 -60.66 -52.18
N HIS Y 189 57.01 -60.56 -53.29
CA HIS Y 189 57.62 -60.14 -54.54
C HIS Y 189 57.86 -58.64 -54.56
N HIS Y 190 56.85 -57.85 -54.20
CA HIS Y 190 56.97 -56.40 -54.25
C HIS Y 190 57.99 -55.90 -53.24
N LEU Y 191 57.97 -56.44 -52.03
CA LEU Y 191 58.89 -55.97 -50.99
C LEU Y 191 60.33 -56.28 -51.37
N GLN Y 192 60.60 -57.49 -51.82
CA GLN Y 192 61.96 -57.89 -52.18
C GLN Y 192 62.41 -57.25 -53.49
N VAL Y 193 61.65 -57.45 -54.56
CA VAL Y 193 62.13 -57.08 -55.88
C VAL Y 193 61.84 -55.62 -56.18
N LEU Y 194 60.56 -55.23 -56.13
CA LEU Y 194 60.19 -53.89 -56.56
C LEU Y 194 60.76 -52.83 -55.63
N LEU Y 195 60.88 -53.15 -54.34
CA LEU Y 195 61.37 -52.21 -53.34
C LEU Y 195 62.78 -52.54 -52.86
N GLY Y 196 63.04 -53.82 -52.53
CA GLY Y 196 64.35 -54.18 -52.03
C GLY Y 196 65.41 -54.10 -53.12
N CYS Y 197 65.24 -54.88 -54.18
CA CYS Y 197 66.23 -54.88 -55.26
C CYS Y 197 66.31 -53.52 -55.94
N GLY Y 198 65.17 -52.84 -56.09
CA GLY Y 198 65.19 -51.51 -56.65
C GLY Y 198 65.99 -50.54 -55.81
N SER Y 199 65.88 -50.65 -54.48
CA SER Y 199 66.70 -49.83 -53.61
C SER Y 199 68.15 -50.28 -53.65
N LEU Y 200 68.38 -51.59 -53.75
CA LEU Y 200 69.74 -52.10 -53.82
C LEU Y 200 70.43 -51.62 -55.10
N GLY Y 201 69.70 -51.63 -56.22
CA GLY Y 201 70.28 -51.15 -57.47
C GLY Y 201 70.64 -49.69 -57.40
N TRP Y 202 69.76 -48.88 -56.82
CA TRP Y 202 70.01 -47.44 -56.76
C TRP Y 202 71.23 -47.14 -55.89
N ALA Y 203 71.48 -47.99 -54.89
CA ALA Y 203 72.70 -47.87 -54.10
C ALA Y 203 73.92 -48.09 -54.97
N GLY Y 204 73.86 -49.09 -55.85
CA GLY Y 204 74.95 -49.32 -56.78
C GLY Y 204 75.17 -48.15 -57.71
N HIS Y 205 74.08 -47.47 -58.08
CA HIS Y 205 74.21 -46.28 -58.91
C HIS Y 205 74.97 -45.17 -58.18
N LEU Y 206 74.50 -44.83 -56.98
CA LEU Y 206 75.07 -43.70 -56.26
C LEU Y 206 76.52 -43.96 -55.86
N ILE Y 207 76.88 -45.22 -55.64
CA ILE Y 207 78.23 -45.52 -55.15
C ILE Y 207 79.26 -45.37 -56.27
N HIS Y 208 78.84 -45.55 -57.52
CA HIS Y 208 79.75 -45.55 -58.66
C HIS Y 208 79.52 -44.41 -59.63
N VAL Y 209 78.38 -43.73 -59.57
CA VAL Y 209 78.03 -42.71 -60.56
C VAL Y 209 77.82 -41.36 -59.90
N SER Y 210 76.82 -41.26 -59.02
CA SER Y 210 76.40 -39.96 -58.51
C SER Y 210 77.43 -39.40 -57.54
N ALA Y 211 77.66 -40.11 -56.43
CA ALA Y 211 78.55 -39.59 -55.39
C ALA Y 211 79.96 -39.34 -55.88
N PRO Y 212 80.57 -40.18 -56.73
CA PRO Y 212 81.85 -39.81 -57.33
C PRO Y 212 81.75 -38.52 -58.15
N ILE Y 213 80.77 -38.45 -59.05
CA ILE Y 213 80.66 -37.32 -59.96
C ILE Y 213 80.37 -36.04 -59.19
N ASN Y 214 79.39 -36.11 -58.27
CA ASN Y 214 79.03 -34.92 -57.51
C ASN Y 214 80.17 -34.44 -56.62
N LYS Y 215 81.08 -35.34 -56.25
CA LYS Y 215 82.21 -34.93 -55.42
C LYS Y 215 83.20 -34.09 -56.23
N LEU Y 216 83.41 -34.46 -57.50
CA LEU Y 216 84.25 -33.63 -58.36
C LEU Y 216 83.57 -32.30 -58.66
N MET Y 217 82.29 -32.34 -59.01
CA MET Y 217 81.55 -31.11 -59.31
C MET Y 217 81.45 -30.24 -58.06
N ASP Y 218 81.41 -30.86 -56.88
CA ASP Y 218 81.44 -30.11 -55.64
C ASP Y 218 82.81 -29.49 -55.41
N ALA Y 219 83.87 -30.18 -55.85
CA ALA Y 219 85.22 -29.69 -55.60
C ALA Y 219 85.48 -28.36 -56.32
N GLY Y 220 84.97 -28.23 -57.53
CA GLY Y 220 85.12 -27.02 -58.31
C GLY Y 220 85.54 -27.25 -59.75
N VAL Y 221 85.58 -28.50 -60.20
CA VAL Y 221 86.02 -28.80 -61.55
C VAL Y 221 84.95 -28.38 -62.54
N ALA Y 222 85.33 -28.29 -63.81
CA ALA Y 222 84.37 -27.99 -64.86
C ALA Y 222 83.60 -29.25 -65.25
N VAL Y 223 82.45 -29.04 -65.87
CA VAL Y 223 81.61 -30.16 -66.32
C VAL Y 223 82.35 -30.95 -67.40
N LYS Y 224 83.11 -30.26 -68.24
CA LYS Y 224 83.86 -30.94 -69.29
C LYS Y 224 84.92 -31.87 -68.70
N ASP Y 225 85.52 -31.47 -67.57
CA ASP Y 225 86.63 -32.24 -67.01
C ASP Y 225 86.14 -33.51 -66.31
N ILE Y 226 84.86 -33.56 -65.97
CA ILE Y 226 84.37 -34.73 -65.22
C ILE Y 226 84.39 -35.95 -66.14
N PRO Y 227 84.98 -37.07 -65.75
CA PRO Y 227 84.86 -38.27 -66.58
C PRO Y 227 83.44 -38.81 -66.60
N LEU Y 228 83.14 -39.58 -67.63
CA LEU Y 228 81.83 -40.18 -67.77
C LEU Y 228 81.69 -41.32 -66.77
N PRO Y 229 80.47 -41.81 -66.54
CA PRO Y 229 80.30 -42.88 -65.54
C PRO Y 229 81.04 -44.16 -65.87
N HIS Y 230 81.11 -44.54 -67.14
CA HIS Y 230 81.81 -45.77 -67.50
C HIS Y 230 83.30 -45.66 -67.23
N GLU Y 231 83.85 -44.45 -67.26
CA GLU Y 231 85.27 -44.28 -67.01
C GLU Y 231 85.62 -44.63 -65.57
N PHE Y 232 84.72 -44.33 -64.63
CA PHE Y 232 84.97 -44.66 -63.24
C PHE Y 232 85.03 -46.17 -63.03
N ILE Y 233 84.18 -46.91 -63.73
CA ILE Y 233 84.15 -48.36 -63.57
C ILE Y 233 85.42 -48.99 -64.10
N LEU Y 234 85.79 -48.66 -65.34
CA LEU Y 234 86.96 -49.27 -65.95
C LEU Y 234 88.25 -48.81 -65.27
N ASN Y 235 88.44 -47.51 -65.16
CA ASN Y 235 89.64 -46.93 -64.57
C ASN Y 235 89.37 -46.69 -63.08
N LYS Y 236 89.93 -47.55 -62.23
CA LYS Y 236 89.78 -47.44 -60.79
C LYS Y 236 90.77 -46.47 -60.17
N SER Y 237 91.77 -45.99 -60.92
CA SER Y 237 92.70 -45.01 -60.39
C SER Y 237 92.00 -43.69 -60.11
N LEU Y 238 90.95 -43.38 -60.86
CA LEU Y 238 90.18 -42.17 -60.61
C LEU Y 238 89.26 -42.32 -59.42
N LEU Y 239 88.62 -43.50 -59.29
CA LEU Y 239 87.69 -43.72 -58.20
C LEU Y 239 88.41 -43.77 -56.85
N ILE Y 240 89.63 -44.29 -56.83
CA ILE Y 240 90.33 -44.50 -55.57
C ILE Y 240 90.84 -43.18 -55.02
N ASP Y 241 91.10 -42.20 -55.89
CA ASP Y 241 91.59 -40.90 -55.42
C ASP Y 241 90.53 -40.21 -54.57
N LEU Y 242 89.25 -40.44 -54.87
CA LEU Y 242 88.18 -39.83 -54.09
C LEU Y 242 87.82 -40.68 -52.88
N PHE Y 243 87.74 -42.00 -53.07
CA PHE Y 243 87.33 -42.93 -52.03
C PHE Y 243 88.40 -44.03 -51.92
N PRO Y 244 89.32 -43.96 -50.95
CA PRO Y 244 90.29 -45.04 -50.78
C PRO Y 244 89.72 -46.35 -50.27
N GLY Y 245 88.44 -46.39 -49.89
CA GLY Y 245 87.85 -47.63 -49.40
C GLY Y 245 87.79 -48.71 -50.46
N PHE Y 246 87.79 -48.32 -51.74
CA PHE Y 246 87.68 -49.29 -52.82
C PHE Y 246 88.97 -50.08 -53.03
N ALA Y 247 90.08 -49.69 -52.38
CA ALA Y 247 91.34 -50.38 -52.59
C ALA Y 247 91.28 -51.81 -52.09
N ALA Y 248 90.58 -52.04 -50.99
CA ALA Y 248 90.47 -53.39 -50.45
C ALA Y 248 89.62 -54.28 -51.34
N GLY Y 249 88.76 -53.69 -52.16
CA GLY Y 249 87.90 -54.43 -53.06
C GLY Y 249 86.60 -54.83 -52.38
N LEU Y 250 86.09 -55.98 -52.78
CA LEU Y 250 84.87 -56.55 -52.22
C LEU Y 250 85.14 -57.52 -51.08
N THR Y 251 86.40 -57.82 -50.78
CA THR Y 251 86.70 -58.71 -49.67
C THR Y 251 86.25 -58.17 -48.31
N PRO Y 252 86.36 -56.88 -48.00
CA PRO Y 252 85.82 -56.41 -46.72
C PRO Y 252 84.33 -56.67 -46.55
N PHE Y 253 83.57 -56.65 -47.65
CA PHE Y 253 82.14 -56.95 -47.56
C PHE Y 253 81.93 -58.39 -47.11
N PHE Y 254 82.69 -59.32 -47.68
CA PHE Y 254 82.49 -60.73 -47.38
C PHE Y 254 83.13 -61.10 -46.04
N THR Y 255 84.28 -60.51 -45.73
CA THR Y 255 84.96 -60.78 -44.47
C THR Y 255 84.41 -59.96 -43.31
N LEU Y 256 83.29 -59.24 -43.51
CA LEU Y 256 82.67 -58.40 -42.49
C LEU Y 256 83.60 -57.31 -41.97
N ASN Y 257 84.57 -56.88 -42.76
CA ASN Y 257 85.39 -55.71 -42.44
C ASN Y 257 84.73 -54.46 -43.04
N TRP Y 258 83.44 -54.29 -42.70
CA TRP Y 258 82.62 -53.27 -43.32
C TRP Y 258 83.08 -51.86 -43.00
N GLY Y 259 83.82 -51.68 -41.91
CA GLY Y 259 84.41 -50.39 -41.61
C GLY Y 259 85.42 -49.91 -42.64
N GLN Y 260 85.90 -50.79 -43.51
CA GLN Y 260 86.77 -50.36 -44.60
C GLN Y 260 86.01 -49.46 -45.56
N TYR Y 261 84.71 -49.68 -45.71
CA TYR Y 261 83.85 -48.81 -46.52
C TYR Y 261 83.27 -47.67 -45.68
N ALA Y 262 84.14 -46.97 -44.94
CA ALA Y 262 83.71 -45.89 -44.07
C ALA Y 262 83.80 -44.52 -44.71
N ASP Y 263 84.36 -44.42 -45.92
CA ASP Y 263 84.51 -43.11 -46.55
C ASP Y 263 83.29 -42.74 -47.37
N PHE Y 264 82.72 -43.70 -48.10
CA PHE Y 264 81.60 -43.46 -49.00
C PHE Y 264 80.27 -44.00 -48.47
N LEU Y 265 80.31 -44.88 -47.47
CA LEU Y 265 79.13 -45.25 -46.70
C LEU Y 265 79.31 -44.68 -45.30
N THR Y 266 78.51 -43.66 -44.98
CA THR Y 266 78.71 -42.86 -43.77
C THR Y 266 77.38 -42.66 -43.04
N PHE Y 267 77.50 -42.07 -41.85
CA PHE Y 267 76.37 -41.69 -41.02
C PHE Y 267 76.58 -40.29 -40.48
N LYS Y 268 77.00 -39.36 -41.35
CA LYS Y 268 77.25 -38.01 -40.91
C LYS Y 268 75.96 -37.31 -40.50
N GLY Y 269 74.87 -37.60 -41.20
CA GLY Y 269 73.57 -37.05 -40.82
C GLY Y 269 73.52 -35.54 -40.86
N GLY Y 270 73.74 -34.94 -42.02
CA GLY Y 270 73.71 -33.49 -42.13
C GLY Y 270 73.73 -33.08 -43.59
N LEU Y 271 73.76 -31.77 -43.79
CA LEU Y 271 73.73 -31.20 -45.13
C LEU Y 271 75.14 -30.86 -45.59
N ASN Y 272 75.38 -31.07 -46.89
CA ASN Y 272 76.66 -30.68 -47.48
C ASN Y 272 76.79 -29.16 -47.44
N PRO Y 273 77.92 -28.60 -46.91
CA PRO Y 273 78.04 -27.14 -46.86
C PRO Y 273 77.99 -26.46 -48.22
N VAL Y 274 78.70 -27.03 -49.20
CA VAL Y 274 78.82 -26.37 -50.49
C VAL Y 274 77.48 -26.36 -51.23
N THR Y 275 76.98 -27.55 -51.53
CA THR Y 275 75.67 -27.71 -52.17
C THR Y 275 74.65 -28.00 -51.07
N GLY Y 276 73.66 -27.11 -50.93
CA GLY Y 276 72.61 -27.35 -49.98
C GLY Y 276 71.90 -28.64 -50.30
N GLY Y 277 72.17 -29.67 -49.52
CA GLY Y 277 71.67 -31.00 -49.79
C GLY Y 277 72.39 -32.03 -48.93
N LEU Y 278 71.72 -33.17 -48.74
CA LEU Y 278 72.29 -34.24 -47.93
C LEU Y 278 73.55 -34.79 -48.59
N TRP Y 279 74.42 -35.36 -47.77
CA TRP Y 279 75.64 -36.00 -48.28
C TRP Y 279 75.27 -37.22 -49.11
N MET Y 280 75.78 -37.26 -50.34
CA MET Y 280 75.48 -38.39 -51.23
C MET Y 280 76.10 -39.67 -50.70
N THR Y 281 77.20 -39.57 -49.97
CA THR Y 281 77.77 -40.74 -49.31
C THR Y 281 76.81 -41.30 -48.28
N ASP Y 282 76.07 -40.41 -47.61
CA ASP Y 282 75.05 -40.86 -46.67
C ASP Y 282 73.87 -41.48 -47.40
N ILE Y 283 73.54 -40.97 -48.59
CA ILE Y 283 72.46 -41.55 -49.38
C ILE Y 283 72.91 -42.87 -49.98
N ALA Y 284 74.21 -43.07 -50.13
CA ALA Y 284 74.72 -44.37 -50.55
C ALA Y 284 74.55 -45.40 -49.43
N HIS Y 285 74.94 -45.02 -48.21
CA HIS Y 285 74.70 -45.88 -47.05
C HIS Y 285 73.21 -46.09 -46.84
N HIS Y 286 72.39 -45.11 -47.24
CA HIS Y 286 70.96 -45.14 -46.97
C HIS Y 286 70.28 -46.34 -47.64
N HIS Y 287 70.32 -46.39 -48.97
CA HIS Y 287 69.54 -47.38 -49.70
C HIS Y 287 70.04 -48.79 -49.41
N LEU Y 288 71.33 -48.94 -49.15
CA LEU Y 288 71.88 -50.27 -48.88
C LEU Y 288 71.30 -50.86 -47.62
N ALA Y 289 71.12 -50.03 -46.59
CA ALA Y 289 70.55 -50.52 -45.34
C ALA Y 289 69.08 -50.88 -45.51
N ILE Y 290 68.37 -50.13 -46.35
CA ILE Y 290 66.94 -50.32 -46.49
C ILE Y 290 66.65 -51.52 -47.40
N ALA Y 291 67.47 -51.72 -48.42
CA ALA Y 291 67.26 -52.85 -49.33
C ALA Y 291 67.39 -54.17 -48.58
N VAL Y 292 68.34 -54.27 -47.66
CA VAL Y 292 68.49 -55.46 -46.85
C VAL Y 292 67.25 -55.67 -45.98
N VAL Y 293 66.72 -54.57 -45.43
CA VAL Y 293 65.56 -54.67 -44.54
C VAL Y 293 64.35 -55.15 -45.32
N PHE Y 294 64.20 -54.71 -46.57
CA PHE Y 294 63.04 -55.09 -47.35
C PHE Y 294 63.15 -56.52 -47.83
N ILE Y 295 64.34 -56.93 -48.26
CA ILE Y 295 64.53 -58.30 -48.75
C ILE Y 295 64.28 -59.28 -47.62
N ILE Y 296 64.82 -59.00 -46.43
CA ILE Y 296 64.57 -59.84 -45.28
C ILE Y 296 63.08 -59.87 -44.96
N ALA Y 297 62.44 -58.69 -44.97
CA ALA Y 297 61.05 -58.60 -44.57
C ALA Y 297 60.14 -59.32 -45.54
N GLY Y 298 60.57 -59.46 -46.80
CA GLY Y 298 59.69 -60.05 -47.80
C GLY Y 298 59.55 -61.55 -47.69
N HIS Y 299 60.43 -62.20 -46.92
CA HIS Y 299 60.35 -63.65 -46.75
C HIS Y 299 59.35 -64.06 -45.67
N GLN Y 300 58.53 -63.14 -45.18
CA GLN Y 300 57.65 -63.46 -44.05
C GLN Y 300 56.58 -64.46 -44.44
N TYR Y 301 55.96 -64.28 -45.61
CA TYR Y 301 54.76 -65.03 -45.96
C TYR Y 301 55.12 -66.34 -46.66
N ARG Y 302 54.08 -67.09 -47.03
CA ARG Y 302 54.25 -68.53 -47.23
C ARG Y 302 54.83 -68.86 -48.61
N THR Y 303 54.11 -68.54 -49.68
CA THR Y 303 54.54 -68.87 -51.04
C THR Y 303 54.74 -70.37 -51.24
N ASN Y 304 53.71 -71.15 -50.96
CA ASN Y 304 53.50 -72.55 -51.36
C ASN Y 304 54.61 -73.53 -50.97
N TRP Y 305 55.59 -73.13 -50.14
CA TRP Y 305 56.69 -74.01 -49.75
C TRP Y 305 56.65 -74.36 -48.27
N GLY Y 306 55.51 -74.18 -47.60
CA GLY Y 306 55.36 -74.60 -46.23
C GLY Y 306 55.95 -73.68 -45.19
N ILE Y 307 56.91 -72.83 -45.55
CA ILE Y 307 57.59 -71.94 -44.62
C ILE Y 307 57.06 -70.53 -44.84
N GLY Y 308 56.75 -69.84 -43.75
CA GLY Y 308 56.16 -68.52 -43.79
C GLY Y 308 54.75 -68.49 -43.25
N HIS Y 309 54.26 -67.31 -42.93
CA HIS Y 309 52.94 -67.18 -42.32
C HIS Y 309 51.84 -67.24 -43.37
N SER Y 310 50.62 -67.51 -42.89
CA SER Y 310 49.40 -67.24 -43.62
C SER Y 310 48.71 -66.07 -42.93
N ILE Y 311 48.45 -65.00 -43.70
CA ILE Y 311 47.93 -63.76 -43.13
C ILE Y 311 46.57 -63.99 -42.48
N LYS Y 312 45.83 -64.99 -42.93
CA LYS Y 312 44.55 -65.31 -42.30
C LYS Y 312 44.74 -65.72 -40.85
N GLU Y 313 45.84 -66.41 -40.54
CA GLU Y 313 46.07 -66.89 -39.18
C GLU Y 313 46.59 -65.77 -38.28
N ILE Y 314 47.40 -64.87 -38.83
CA ILE Y 314 47.92 -63.76 -38.05
C ILE Y 314 46.76 -62.87 -37.58
N LEU Y 315 45.82 -62.60 -38.48
CA LEU Y 315 44.72 -61.71 -38.15
C LEU Y 315 43.75 -62.37 -37.17
N GLU Y 316 43.47 -63.66 -37.37
CA GLU Y 316 42.48 -64.33 -36.53
C GLU Y 316 42.96 -64.49 -35.09
N ASN Y 317 44.27 -64.64 -34.89
CA ASN Y 317 44.83 -64.89 -33.56
C ASN Y 317 45.12 -63.60 -32.79
N HIS Y 318 44.69 -62.44 -33.31
CA HIS Y 318 44.88 -61.17 -32.64
C HIS Y 318 43.60 -60.68 -31.96
N LYS Y 319 42.74 -61.60 -31.53
CA LYS Y 319 41.54 -61.22 -30.81
C LYS Y 319 41.91 -60.67 -29.42
N GLY Y 320 40.89 -60.30 -28.67
CA GLY Y 320 41.09 -59.75 -27.34
C GLY Y 320 39.86 -59.86 -26.46
N PRO Y 321 39.96 -59.33 -25.24
CA PRO Y 321 38.76 -59.31 -24.38
C PRO Y 321 37.72 -58.31 -24.87
N PHE Y 322 38.15 -57.11 -25.23
CA PHE Y 322 37.21 -56.08 -25.69
C PHE Y 322 36.67 -56.42 -27.07
N THR Y 323 37.55 -56.62 -28.04
CA THR Y 323 37.17 -57.03 -29.38
C THR Y 323 36.79 -58.50 -29.35
N GLY Y 324 35.56 -58.81 -29.76
CA GLY Y 324 35.05 -60.17 -29.60
C GLY Y 324 35.84 -61.18 -30.38
N GLU Y 325 35.76 -61.13 -31.72
CA GLU Y 325 36.43 -62.06 -32.60
C GLU Y 325 37.65 -61.45 -33.27
N GLY Y 326 38.03 -60.24 -32.89
CA GLY Y 326 39.25 -59.65 -33.43
C GLY Y 326 39.13 -59.34 -34.90
N HIS Y 327 40.23 -59.59 -35.62
CA HIS Y 327 40.32 -59.27 -37.03
C HIS Y 327 39.85 -60.41 -37.93
N LYS Y 328 39.02 -61.32 -37.42
CA LYS Y 328 38.54 -62.42 -38.22
C LYS Y 328 37.58 -61.92 -39.30
N GLY Y 329 37.85 -62.31 -40.55
CA GLY Y 329 37.02 -61.94 -41.67
C GLY Y 329 37.56 -60.80 -42.51
N LEU Y 330 38.53 -60.03 -42.00
CA LEU Y 330 39.08 -58.92 -42.77
C LEU Y 330 39.88 -59.44 -43.96
N TYR Y 331 40.54 -60.58 -43.81
CA TYR Y 331 41.25 -61.19 -44.94
C TYR Y 331 40.27 -61.57 -46.05
N GLU Y 332 39.09 -62.05 -45.68
CA GLU Y 332 38.10 -62.43 -46.68
C GLU Y 332 37.56 -61.20 -47.41
N ASN Y 333 37.40 -60.08 -46.68
CA ASN Y 333 36.96 -58.85 -47.31
C ASN Y 333 38.00 -58.34 -48.30
N LEU Y 334 39.25 -58.20 -47.84
CA LEU Y 334 40.32 -57.69 -48.68
C LEU Y 334 40.65 -58.60 -49.86
N THR Y 335 40.26 -59.88 -49.80
CA THR Y 335 40.48 -60.81 -50.89
C THR Y 335 39.26 -61.06 -51.76
N THR Y 336 38.11 -60.48 -51.42
CA THR Y 336 36.88 -60.63 -52.18
C THR Y 336 36.34 -59.32 -52.72
N SER Y 337 37.07 -58.21 -52.56
CA SER Y 337 36.61 -56.90 -52.99
C SER Y 337 37.81 -56.03 -53.31
N TRP Y 338 37.78 -55.41 -54.48
CA TRP Y 338 38.89 -54.53 -54.88
C TRP Y 338 38.82 -53.18 -54.18
N HIS Y 339 37.61 -52.74 -53.81
CA HIS Y 339 37.46 -51.41 -53.24
C HIS Y 339 38.11 -51.31 -51.88
N ALA Y 340 38.05 -52.39 -51.09
CA ALA Y 340 38.68 -52.38 -49.78
C ALA Y 340 40.19 -52.22 -49.91
N GLN Y 341 40.81 -52.97 -50.84
CA GLN Y 341 42.23 -52.81 -51.08
C GLN Y 341 42.55 -51.42 -51.59
N LEU Y 342 41.68 -50.87 -52.44
CA LEU Y 342 41.89 -49.52 -52.94
C LEU Y 342 41.80 -48.49 -51.83
N ALA Y 343 40.92 -48.73 -50.86
CA ALA Y 343 40.74 -47.77 -49.77
C ALA Y 343 41.98 -47.71 -48.89
N THR Y 344 42.51 -48.87 -48.52
CA THR Y 344 43.69 -48.91 -47.65
C THR Y 344 44.91 -48.34 -48.36
N ASN Y 345 45.12 -48.75 -49.61
CA ASN Y 345 46.31 -48.33 -50.33
C ASN Y 345 46.28 -46.83 -50.61
N LEU Y 346 45.08 -46.26 -50.79
CA LEU Y 346 44.98 -44.83 -51.05
C LEU Y 346 45.22 -44.02 -49.79
N ALA Y 347 44.59 -44.42 -48.69
CA ALA Y 347 44.64 -43.62 -47.47
C ALA Y 347 46.04 -43.49 -46.92
N PHE Y 348 46.79 -44.61 -46.87
CA PHE Y 348 48.12 -44.58 -46.30
C PHE Y 348 49.14 -44.04 -47.29
N LEU Y 349 48.90 -44.22 -48.59
CA LEU Y 349 49.75 -43.60 -49.59
C LEU Y 349 49.61 -42.08 -49.54
N GLY Y 350 48.40 -41.59 -49.32
CA GLY Y 350 48.21 -40.16 -49.20
C GLY Y 350 48.88 -39.58 -47.98
N SER Y 351 48.78 -40.28 -46.85
CA SER Y 351 49.49 -39.85 -45.65
C SER Y 351 50.99 -39.95 -45.84
N LEU Y 352 51.44 -40.91 -46.65
CA LEU Y 352 52.84 -40.99 -47.02
C LEU Y 352 53.27 -39.75 -47.78
N THR Y 353 52.47 -39.33 -48.76
CA THR Y 353 52.87 -38.23 -49.62
C THR Y 353 52.97 -36.93 -48.82
N ILE Y 354 52.11 -36.77 -47.82
CA ILE Y 354 52.21 -35.63 -46.93
C ILE Y 354 53.46 -35.73 -46.09
N ILE Y 355 53.84 -36.96 -45.70
CA ILE Y 355 55.01 -37.15 -44.87
C ILE Y 355 56.28 -36.86 -45.66
N ILE Y 356 56.26 -37.11 -46.97
CA ILE Y 356 57.40 -36.77 -47.80
C ILE Y 356 57.64 -35.28 -47.80
N ALA Y 357 56.56 -34.50 -47.91
CA ALA Y 357 56.68 -33.05 -48.06
C ALA Y 357 57.34 -32.43 -46.83
N HIS Y 358 57.13 -33.04 -45.67
CA HIS Y 358 57.72 -32.50 -44.43
C HIS Y 358 59.17 -32.92 -44.30
N HIS Y 359 59.50 -34.14 -44.71
CA HIS Y 359 60.89 -34.59 -44.62
C HIS Y 359 61.78 -33.83 -45.60
N MET Y 360 61.23 -33.49 -46.77
CA MET Y 360 62.08 -32.98 -47.85
C MET Y 360 62.53 -31.54 -47.56
N TYR Y 361 61.64 -30.69 -47.08
CA TYR Y 361 62.00 -29.28 -46.90
C TYR Y 361 63.03 -29.12 -45.79
N ALA Y 362 62.91 -29.93 -44.72
CA ALA Y 362 63.85 -29.81 -43.62
C ALA Y 362 65.14 -30.55 -43.90
N MET Y 363 65.05 -31.68 -44.62
CA MET Y 363 66.20 -32.46 -45.05
C MET Y 363 66.22 -32.43 -46.58
N PRO Y 364 66.65 -31.33 -47.18
CA PRO Y 364 66.74 -31.28 -48.64
C PRO Y 364 67.67 -32.36 -49.16
N PRO Y 365 67.18 -33.32 -49.96
CA PRO Y 365 68.02 -34.45 -50.37
C PRO Y 365 68.75 -34.28 -51.70
N TYR Y 366 68.61 -33.14 -52.38
CA TYR Y 366 69.21 -32.91 -53.68
C TYR Y 366 70.15 -31.71 -53.60
N PRO Y 367 71.12 -31.61 -54.50
CA PRO Y 367 72.02 -30.46 -54.47
C PRO Y 367 71.32 -29.18 -54.90
N TYR Y 368 71.56 -28.10 -54.16
CA TYR Y 368 71.06 -26.76 -54.47
C TYR Y 368 69.54 -26.66 -54.44
N LEU Y 369 68.86 -27.60 -53.78
CA LEU Y 369 67.41 -27.51 -53.67
C LEU Y 369 67.00 -26.47 -52.63
N ALA Y 370 67.75 -26.36 -51.54
CA ALA Y 370 67.36 -25.48 -50.45
C ALA Y 370 67.41 -24.01 -50.87
N THR Y 371 68.45 -23.63 -51.61
CA THR Y 371 68.60 -22.24 -52.04
C THR Y 371 67.51 -21.81 -53.01
N ASP Y 372 66.95 -22.75 -53.77
CA ASP Y 372 65.88 -22.45 -54.72
C ASP Y 372 64.58 -22.50 -53.95
N TYR Y 373 64.22 -21.37 -53.33
CA TYR Y 373 63.02 -21.31 -52.50
C TYR Y 373 61.77 -21.56 -53.34
N ALA Y 374 61.79 -21.16 -54.61
CA ALA Y 374 60.65 -21.40 -55.49
C ALA Y 374 60.39 -22.88 -55.67
N THR Y 375 61.46 -23.64 -55.94
CA THR Y 375 61.32 -25.08 -56.12
C THR Y 375 60.91 -25.77 -54.81
N GLN Y 376 61.40 -25.25 -53.69
CA GLN Y 376 61.09 -25.88 -52.40
C GLN Y 376 59.63 -25.64 -52.01
N LEU Y 377 59.14 -24.42 -52.21
CA LEU Y 377 57.77 -24.10 -51.80
C LEU Y 377 56.75 -24.85 -52.63
N CYS Y 378 57.03 -25.01 -53.93
CA CYS Y 378 56.06 -25.65 -54.82
C CYS Y 378 56.04 -27.16 -54.61
N ILE Y 379 57.18 -27.74 -54.25
CA ILE Y 379 57.25 -29.18 -54.02
C ILE Y 379 56.47 -29.55 -52.77
N PHE Y 380 56.63 -28.78 -51.69
CA PHE Y 380 55.90 -29.07 -50.48
C PHE Y 380 54.40 -28.95 -50.69
N THR Y 381 53.97 -27.94 -51.46
CA THR Y 381 52.55 -27.76 -51.73
C THR Y 381 52.00 -28.93 -52.54
N HIS Y 382 52.75 -29.36 -53.56
CA HIS Y 382 52.21 -30.31 -54.53
C HIS Y 382 51.90 -31.65 -53.88
N HIS Y 383 52.78 -32.12 -53.00
CA HIS Y 383 52.56 -33.40 -52.35
C HIS Y 383 51.53 -33.29 -51.25
N ILE Y 384 51.41 -32.11 -50.64
CA ILE Y 384 50.38 -31.91 -49.61
C ILE Y 384 49.00 -32.05 -50.24
N TRP Y 385 48.83 -31.55 -51.46
CA TRP Y 385 47.52 -31.61 -52.09
C TRP Y 385 47.24 -32.99 -52.66
N ILE Y 386 48.25 -33.60 -53.29
CA ILE Y 386 48.08 -34.95 -53.83
C ILE Y 386 47.79 -35.93 -52.71
N GLY Y 387 48.52 -35.81 -51.60
CA GLY Y 387 48.25 -36.67 -50.46
C GLY Y 387 46.88 -36.45 -49.87
N GLY Y 388 46.34 -35.24 -50.04
CA GLY Y 388 45.02 -34.95 -49.50
C GLY Y 388 43.91 -35.61 -50.29
N PHE Y 389 43.96 -35.49 -51.62
CA PHE Y 389 42.93 -36.07 -52.46
C PHE Y 389 42.85 -37.58 -52.27
N LEU Y 390 44.01 -38.23 -52.16
CA LEU Y 390 44.04 -39.69 -52.07
C LEU Y 390 43.41 -40.17 -50.77
N ILE Y 391 43.51 -39.37 -49.71
CA ILE Y 391 42.92 -39.75 -48.43
C ILE Y 391 41.40 -39.81 -48.56
N VAL Y 392 40.82 -38.88 -49.32
CA VAL Y 392 39.37 -38.90 -49.50
C VAL Y 392 38.95 -40.12 -50.30
N GLY Y 393 39.76 -40.51 -51.29
CA GLY Y 393 39.48 -41.74 -52.01
C GLY Y 393 39.52 -42.95 -51.10
N GLY Y 394 40.33 -42.88 -50.05
CA GLY Y 394 40.31 -43.93 -49.05
C GLY Y 394 38.97 -44.03 -48.36
N ALA Y 395 38.33 -42.89 -48.11
CA ALA Y 395 37.03 -42.89 -47.45
C ALA Y 395 35.92 -43.28 -48.42
N ALA Y 396 35.99 -42.81 -49.65
CA ALA Y 396 34.96 -43.10 -50.64
C ALA Y 396 34.87 -44.60 -50.91
N HIS Y 397 36.00 -45.20 -51.27
CA HIS Y 397 36.01 -46.62 -51.57
C HIS Y 397 35.80 -47.46 -50.32
N ALA Y 398 36.12 -46.92 -49.15
CA ALA Y 398 35.76 -47.59 -47.91
C ALA Y 398 34.25 -47.68 -47.77
N ALA Y 399 33.53 -46.63 -48.19
CA ALA Y 399 32.09 -46.65 -48.14
C ALA Y 399 31.50 -47.52 -49.23
N ILE Y 400 32.14 -47.53 -50.40
CA ILE Y 400 31.66 -48.37 -51.50
C ILE Y 400 31.75 -49.84 -51.14
N PHE Y 401 32.75 -50.20 -50.32
CA PHE Y 401 32.83 -51.57 -49.82
C PHE Y 401 31.59 -51.91 -49.00
N MET Y 402 31.06 -50.95 -48.27
CA MET Y 402 29.91 -51.22 -47.41
C MET Y 402 28.68 -51.56 -48.23
N VAL Y 403 28.37 -50.73 -49.22
CA VAL Y 403 27.12 -50.85 -49.96
C VAL Y 403 27.19 -52.06 -50.88
N ARG Y 404 28.33 -52.22 -51.57
CA ARG Y 404 28.42 -53.21 -52.63
C ARG Y 404 28.93 -54.55 -52.11
N ASP Y 405 30.03 -54.54 -51.36
CA ASP Y 405 30.82 -55.74 -51.10
C ASP Y 405 30.71 -56.29 -49.68
N TYR Y 406 30.11 -55.56 -48.76
CA TYR Y 406 30.02 -56.03 -47.38
C TYR Y 406 29.14 -57.27 -47.30
N ASP Y 407 29.61 -58.25 -46.53
CA ASP Y 407 28.88 -59.47 -46.25
C ASP Y 407 28.69 -59.60 -44.74
N PRO Y 408 27.46 -59.55 -44.22
CA PRO Y 408 27.30 -59.63 -42.76
C PRO Y 408 27.67 -61.00 -42.20
N VAL Y 409 27.62 -62.04 -43.03
CA VAL Y 409 28.01 -63.38 -42.58
C VAL Y 409 29.47 -63.39 -42.15
N VAL Y 410 30.33 -62.81 -42.98
CA VAL Y 410 31.76 -62.78 -42.67
C VAL Y 410 32.03 -61.92 -41.44
N ASN Y 411 31.58 -60.67 -41.47
CA ASN Y 411 31.84 -59.71 -40.40
C ASN Y 411 30.78 -59.83 -39.31
N GLN Y 412 30.94 -60.85 -38.49
CA GLN Y 412 30.01 -61.16 -37.39
C GLN Y 412 30.77 -61.10 -36.08
N ASN Y 413 30.50 -60.07 -35.27
CA ASN Y 413 31.13 -59.90 -33.97
C ASN Y 413 32.64 -59.79 -34.09
N ASN Y 414 33.12 -59.22 -35.20
CA ASN Y 414 34.53 -58.97 -35.43
C ASN Y 414 34.84 -57.51 -35.10
N VAL Y 415 36.08 -57.11 -35.39
CA VAL Y 415 36.51 -55.76 -35.08
C VAL Y 415 35.78 -54.75 -35.94
N LEU Y 416 35.30 -55.17 -37.12
CA LEU Y 416 34.53 -54.26 -37.97
C LEU Y 416 33.08 -54.18 -37.54
N ASP Y 417 32.48 -55.32 -37.21
CA ASP Y 417 31.07 -55.34 -36.82
C ASP Y 417 30.83 -54.49 -35.58
N ARG Y 418 31.77 -54.49 -34.65
CA ARG Y 418 31.59 -53.74 -33.41
C ARG Y 418 31.65 -52.24 -33.67
N VAL Y 419 32.47 -51.82 -34.64
CA VAL Y 419 32.59 -50.40 -34.96
C VAL Y 419 31.26 -49.85 -35.45
N ILE Y 420 30.52 -50.66 -36.22
CA ILE Y 420 29.22 -50.23 -36.70
C ILE Y 420 28.16 -50.30 -35.61
N ARG Y 421 28.31 -51.20 -34.64
CA ARG Y 421 27.32 -51.36 -33.58
C ARG Y 421 27.46 -50.34 -32.47
N HIS Y 422 28.44 -49.42 -32.56
CA HIS Y 422 28.50 -48.28 -31.65
C HIS Y 422 28.91 -47.01 -32.39
N ARG Y 423 28.51 -46.91 -33.66
CA ARG Y 423 28.91 -45.78 -34.50
C ARG Y 423 28.46 -44.45 -33.92
N ASP Y 424 27.38 -44.44 -33.13
CA ASP Y 424 26.90 -43.20 -32.56
C ASP Y 424 27.88 -42.62 -31.56
N ALA Y 425 28.49 -43.48 -30.73
CA ALA Y 425 29.44 -43.00 -29.75
C ALA Y 425 30.72 -42.49 -30.41
N ILE Y 426 31.07 -43.06 -31.56
CA ILE Y 426 32.29 -42.63 -32.25
C ILE Y 426 32.12 -41.22 -32.77
N ILE Y 427 30.94 -40.93 -33.32
CA ILE Y 427 30.71 -39.65 -33.98
C ILE Y 427 30.31 -38.57 -32.98
N SER Y 428 29.54 -38.95 -31.97
CA SER Y 428 29.11 -37.99 -30.97
C SER Y 428 30.29 -37.42 -30.20
N HIS Y 429 31.29 -38.25 -29.95
CA HIS Y 429 32.49 -37.78 -29.26
C HIS Y 429 33.41 -37.02 -30.21
N LEU Y 430 33.53 -37.52 -31.45
CA LEU Y 430 34.28 -36.79 -32.46
C LEU Y 430 33.63 -35.45 -32.76
N ASN Y 431 32.29 -35.40 -32.66
CA ASN Y 431 31.59 -34.12 -32.76
C ASN Y 431 32.00 -33.19 -31.64
N TRP Y 432 32.14 -33.72 -30.42
CA TRP Y 432 32.54 -32.90 -29.29
C TRP Y 432 33.95 -32.36 -29.47
N VAL Y 433 34.85 -33.19 -30.01
CA VAL Y 433 36.23 -32.76 -30.20
C VAL Y 433 36.30 -31.67 -31.26
N CYS Y 434 35.50 -31.80 -32.32
CA CYS Y 434 35.54 -30.83 -33.40
C CYS Y 434 35.04 -29.47 -32.93
N ILE Y 435 33.99 -29.45 -32.11
CA ILE Y 435 33.50 -28.19 -31.57
C ILE Y 435 34.50 -27.62 -30.59
N PHE Y 436 35.11 -28.48 -29.76
CA PHE Y 436 36.07 -28.02 -28.78
C PHE Y 436 37.27 -27.35 -29.44
N LEU Y 437 37.80 -27.98 -30.48
CA LEU Y 437 38.99 -27.44 -31.14
C LEU Y 437 38.66 -26.18 -31.92
N GLY Y 438 37.51 -26.13 -32.57
CA GLY Y 438 37.14 -24.96 -33.33
C GLY Y 438 37.02 -23.73 -32.46
N PHE Y 439 36.48 -23.89 -31.26
CA PHE Y 439 36.41 -22.77 -30.33
C PHE Y 439 37.79 -22.36 -29.85
N HIS Y 440 38.60 -23.33 -29.45
CA HIS Y 440 39.84 -23.03 -28.74
C HIS Y 440 41.02 -22.83 -29.68
N SER Y 441 40.82 -23.09 -30.98
CA SER Y 441 41.82 -22.79 -31.98
C SER Y 441 41.52 -21.47 -32.69
N PHE Y 442 40.27 -21.28 -33.08
CA PHE Y 442 39.89 -20.08 -33.82
C PHE Y 442 39.42 -18.97 -32.89
N GLY Y 443 38.80 -19.33 -31.76
CA GLY Y 443 38.33 -18.31 -30.83
C GLY Y 443 39.45 -17.49 -30.24
N LEU Y 444 40.64 -18.08 -30.14
CA LEU Y 444 41.79 -17.33 -29.63
C LEU Y 444 42.25 -16.29 -30.63
N TYR Y 445 42.06 -16.57 -31.93
CA TYR Y 445 42.36 -15.55 -32.94
C TYR Y 445 41.40 -14.38 -32.82
N ILE Y 446 40.10 -14.68 -32.66
CA ILE Y 446 39.10 -13.61 -32.57
C ILE Y 446 39.35 -12.77 -31.33
N HIS Y 447 39.76 -13.40 -30.23
CA HIS Y 447 40.09 -12.66 -29.03
C HIS Y 447 41.24 -11.70 -29.29
N ASN Y 448 42.27 -12.16 -29.98
CA ASN Y 448 43.38 -11.29 -30.33
C ASN Y 448 42.96 -10.28 -31.38
N ASP Y 449 42.16 -10.71 -32.36
CA ASP Y 449 41.68 -9.79 -33.38
C ASP Y 449 40.77 -8.74 -32.76
N THR Y 450 39.97 -9.13 -31.77
CA THR Y 450 39.10 -8.18 -31.09
C THR Y 450 39.90 -7.27 -30.17
N MET Y 451 40.85 -7.83 -29.42
CA MET Y 451 41.56 -7.04 -28.42
C MET Y 451 42.47 -6.00 -29.07
N ARG Y 452 43.14 -6.38 -30.16
CA ARG Y 452 44.02 -5.43 -30.82
C ARG Y 452 43.25 -4.26 -31.41
N ALA Y 453 42.00 -4.49 -31.79
CA ALA Y 453 41.16 -3.42 -32.29
C ALA Y 453 40.70 -2.51 -31.14
N LEU Y 454 40.49 -3.08 -29.97
CA LEU Y 454 40.06 -2.32 -28.80
C LEU Y 454 41.21 -1.61 -28.09
N GLY Y 455 42.44 -1.69 -28.63
CA GLY Y 455 43.57 -1.08 -27.96
C GLY Y 455 43.94 -1.78 -26.67
N ARG Y 456 43.82 -3.10 -26.63
CA ARG Y 456 44.17 -3.90 -25.46
C ARG Y 456 45.15 -4.99 -25.89
N PRO Y 457 46.36 -4.63 -26.32
CA PRO Y 457 47.34 -5.62 -26.74
C PRO Y 457 47.93 -6.45 -25.61
N GLN Y 458 47.75 -6.04 -24.36
CA GLN Y 458 48.24 -6.78 -23.21
C GLN Y 458 47.35 -7.97 -22.84
N ASP Y 459 46.13 -8.01 -23.38
CA ASP Y 459 45.18 -9.09 -23.10
C ASP Y 459 45.18 -10.16 -24.17
N MET Y 460 46.06 -10.08 -25.15
CA MET Y 460 46.06 -11.03 -26.25
C MET Y 460 46.80 -12.31 -25.86
N PHE Y 461 46.51 -13.37 -26.60
CA PHE Y 461 47.31 -14.59 -26.55
C PHE Y 461 48.50 -14.41 -27.48
N SER Y 462 49.63 -13.99 -26.94
CA SER Y 462 50.80 -13.66 -27.74
C SER Y 462 52.06 -13.99 -26.93
N ASP Y 463 53.21 -13.61 -27.49
CA ASP Y 463 54.47 -13.91 -26.84
C ASP Y 463 54.79 -12.92 -25.73
N THR Y 464 54.44 -11.64 -25.94
CA THR Y 464 54.63 -10.64 -24.90
C THR Y 464 53.52 -10.70 -23.87
N ALA Y 465 52.28 -10.76 -24.34
CA ALA Y 465 51.11 -10.94 -23.51
C ALA Y 465 51.01 -12.41 -23.13
N ILE Y 466 49.81 -12.83 -22.69
CA ILE Y 466 49.52 -14.20 -22.26
C ILE Y 466 50.11 -15.21 -23.23
N GLN Y 467 50.95 -16.10 -22.71
CA GLN Y 467 51.71 -17.00 -23.55
C GLN Y 467 51.11 -18.40 -23.53
N LEU Y 468 51.06 -19.03 -24.71
CA LEU Y 468 50.72 -20.43 -24.85
C LEU Y 468 51.86 -21.09 -25.62
N GLN Y 469 52.89 -21.49 -24.91
CA GLN Y 469 54.10 -21.98 -25.55
C GLN Y 469 53.95 -23.46 -25.86
N PRO Y 470 54.52 -23.96 -26.98
CA PRO Y 470 54.50 -25.41 -27.22
C PRO Y 470 55.69 -26.10 -26.55
N VAL Y 471 55.56 -26.28 -25.24
CA VAL Y 471 56.66 -26.82 -24.44
C VAL Y 471 56.97 -28.26 -24.86
N PHE Y 472 55.95 -29.00 -25.27
CA PHE Y 472 56.16 -30.41 -25.62
C PHE Y 472 57.04 -30.53 -26.85
N ALA Y 473 56.77 -29.74 -27.89
CA ALA Y 473 57.57 -29.80 -29.10
C ALA Y 473 58.96 -29.25 -28.88
N GLN Y 474 59.07 -28.19 -28.07
CA GLN Y 474 60.39 -27.63 -27.76
C GLN Y 474 61.25 -28.64 -27.02
N TRP Y 475 60.64 -29.48 -26.19
CA TRP Y 475 61.37 -30.54 -25.53
C TRP Y 475 61.86 -31.58 -26.54
N VAL Y 476 60.99 -31.95 -27.48
CA VAL Y 476 61.36 -32.95 -28.49
C VAL Y 476 62.42 -32.39 -29.42
N GLN Y 477 62.45 -31.06 -29.59
CA GLN Y 477 63.48 -30.46 -30.43
C GLN Y 477 64.86 -30.64 -29.81
N ASN Y 478 64.99 -30.35 -28.52
CA ASN Y 478 66.30 -30.38 -27.87
C ASN Y 478 66.90 -31.78 -27.89
N LEU Y 479 66.06 -32.81 -27.86
CA LEU Y 479 66.56 -34.17 -27.95
C LEU Y 479 67.24 -34.43 -29.29
N HIS Y 480 66.70 -33.84 -30.35
CA HIS Y 480 67.28 -34.05 -31.67
C HIS Y 480 68.59 -33.26 -31.83
N THR Y 481 68.66 -32.06 -31.24
CA THR Y 481 69.89 -31.29 -31.31
C THR Y 481 71.01 -31.98 -30.54
N LEU Y 482 70.68 -32.61 -29.42
CA LEU Y 482 71.67 -33.30 -28.60
C LEU Y 482 71.92 -34.73 -29.08
N ALA Y 483 71.16 -35.22 -30.05
CA ALA Y 483 71.36 -36.55 -30.62
C ALA Y 483 72.77 -36.73 -31.18
N PRO Y 484 73.36 -35.74 -31.87
CA PRO Y 484 74.78 -35.89 -32.18
C PRO Y 484 75.60 -35.90 -30.90
N GLY Y 485 76.14 -37.06 -30.58
CA GLY Y 485 76.67 -37.35 -29.27
C GLY Y 485 75.60 -37.94 -28.37
N GLY Y 486 76.01 -38.91 -27.55
CA GLY Y 486 75.07 -39.60 -26.68
C GLY Y 486 74.23 -40.61 -27.45
N THR Y 487 72.91 -40.55 -27.27
CA THR Y 487 72.03 -41.36 -28.09
C THR Y 487 72.24 -41.03 -29.56
N ALA Y 488 72.39 -42.06 -30.37
CA ALA Y 488 72.86 -41.92 -31.75
C ALA Y 488 74.23 -41.26 -31.73
N PRO Y 489 75.25 -41.92 -31.18
CA PRO Y 489 76.54 -41.25 -30.99
C PRO Y 489 77.33 -41.06 -32.26
N ASN Y 490 77.30 -42.03 -33.19
CA ASN Y 490 78.13 -41.94 -34.38
C ASN Y 490 77.72 -40.78 -35.27
N ALA Y 491 76.48 -40.31 -35.15
CA ALA Y 491 76.04 -39.16 -35.92
C ALA Y 491 76.80 -37.91 -35.50
N LEU Y 492 77.34 -37.19 -36.48
CA LEU Y 492 78.13 -36.00 -36.18
C LEU Y 492 77.25 -34.77 -35.98
N GLU Y 493 76.37 -34.51 -36.94
CA GLU Y 493 75.50 -33.35 -36.96
C GLU Y 493 74.06 -33.82 -36.83
N PRO Y 494 73.14 -32.96 -36.40
CA PRO Y 494 71.76 -33.40 -36.23
C PRO Y 494 71.12 -33.78 -37.56
N VAL Y 495 70.09 -34.61 -37.46
CA VAL Y 495 69.44 -35.16 -38.65
C VAL Y 495 68.89 -34.04 -39.52
N SER Y 496 68.43 -32.95 -38.92
CA SER Y 496 67.96 -31.78 -39.63
C SER Y 496 68.27 -30.54 -38.83
N TYR Y 497 68.65 -29.48 -39.55
CA TYR Y 497 68.91 -28.19 -38.93
C TYR Y 497 67.62 -27.48 -38.51
N ALA Y 498 66.45 -28.01 -38.88
CA ALA Y 498 65.20 -27.44 -38.42
C ALA Y 498 65.00 -27.66 -36.94
N PHE Y 499 65.37 -28.85 -36.44
CA PHE Y 499 65.28 -29.12 -35.01
C PHE Y 499 66.18 -28.17 -34.22
N GLY Y 500 67.34 -27.84 -34.78
CA GLY Y 500 68.23 -26.90 -34.13
C GLY Y 500 69.62 -27.00 -34.71
N GLY Y 501 70.59 -26.58 -33.90
CA GLY Y 501 71.97 -26.53 -34.33
C GLY Y 501 72.33 -25.20 -34.96
N GLY Y 502 73.47 -25.20 -35.65
CA GLY Y 502 73.95 -23.99 -36.29
C GLY Y 502 73.24 -23.70 -37.59
N VAL Y 503 73.37 -22.45 -38.03
CA VAL Y 503 72.80 -22.04 -39.30
C VAL Y 503 73.67 -22.53 -40.45
N LEU Y 504 73.04 -22.82 -41.58
CA LEU Y 504 73.73 -23.26 -42.79
C LEU Y 504 73.48 -22.24 -43.89
N ALA Y 505 74.55 -21.85 -44.57
CA ALA Y 505 74.51 -20.81 -45.59
C ALA Y 505 75.18 -21.31 -46.86
N VAL Y 506 74.54 -21.08 -48.00
CA VAL Y 506 75.07 -21.41 -49.32
C VAL Y 506 75.05 -20.14 -50.15
N GLY Y 507 76.24 -19.71 -50.59
CA GLY Y 507 76.34 -18.42 -51.24
C GLY Y 507 75.93 -17.32 -50.28
N GLY Y 508 74.88 -16.59 -50.64
CA GLY Y 508 74.27 -15.60 -49.76
C GLY Y 508 72.97 -16.07 -49.13
N LYS Y 509 72.50 -17.27 -49.50
CA LYS Y 509 71.20 -17.75 -49.08
C LYS Y 509 71.32 -18.55 -47.79
N VAL Y 510 70.15 -18.91 -47.25
CA VAL Y 510 70.04 -19.73 -46.05
C VAL Y 510 69.38 -21.04 -46.46
N ALA Y 511 70.15 -22.13 -46.41
CA ALA Y 511 69.61 -23.43 -46.75
C ALA Y 511 68.62 -23.91 -45.70
N MET Y 512 68.99 -23.81 -44.43
CA MET Y 512 68.11 -24.21 -43.34
C MET Y 512 68.68 -23.67 -42.03
N MET Y 513 67.79 -23.42 -41.08
CA MET Y 513 68.14 -22.91 -39.77
C MET Y 513 67.14 -23.47 -38.77
N PRO Y 514 67.38 -23.26 -37.46
CA PRO Y 514 66.39 -23.70 -36.48
C PRO Y 514 65.06 -22.99 -36.66
N ILE Y 515 63.98 -23.77 -36.57
CA ILE Y 515 62.62 -23.26 -36.65
C ILE Y 515 62.11 -23.13 -35.21
N ALA Y 516 62.13 -21.92 -34.68
CA ALA Y 516 61.64 -21.69 -33.33
C ALA Y 516 60.12 -21.76 -33.30
N LEU Y 517 59.60 -22.39 -32.24
CA LEU Y 517 58.17 -22.56 -32.04
C LEU Y 517 57.72 -21.67 -30.90
N GLY Y 518 56.75 -20.81 -31.19
CA GLY Y 518 56.21 -19.88 -30.20
C GLY Y 518 54.70 -20.00 -30.07
N THR Y 519 54.06 -18.94 -29.59
CA THR Y 519 52.62 -18.98 -29.37
C THR Y 519 51.86 -19.11 -30.68
N ALA Y 520 52.41 -18.53 -31.76
CA ALA Y 520 51.74 -18.59 -33.06
C ALA Y 520 51.64 -20.02 -33.56
N ASP Y 521 52.65 -20.84 -33.28
CA ASP Y 521 52.66 -22.21 -33.77
C ASP Y 521 51.78 -23.10 -32.92
N PHE Y 522 51.62 -22.77 -31.64
CA PHE Y 522 50.67 -23.48 -30.80
C PHE Y 522 49.26 -23.36 -31.36
N LEU Y 523 48.94 -22.19 -31.90
CA LEU Y 523 47.59 -21.96 -32.43
C LEU Y 523 47.41 -22.66 -33.77
N ILE Y 524 48.37 -22.50 -34.69
CA ILE Y 524 48.21 -23.01 -36.04
C ILE Y 524 48.21 -24.52 -36.05
N HIS Y 525 49.05 -25.13 -35.21
CA HIS Y 525 49.06 -26.60 -35.13
C HIS Y 525 47.74 -27.12 -34.59
N HIS Y 526 47.07 -26.33 -33.75
CA HIS Y 526 45.73 -26.70 -33.30
C HIS Y 526 44.70 -26.47 -34.38
N ILE Y 527 44.89 -25.43 -35.19
CA ILE Y 527 44.00 -25.19 -36.33
C ILE Y 527 44.05 -26.37 -37.29
N HIS Y 528 45.26 -26.90 -37.53
CA HIS Y 528 45.40 -28.06 -38.40
C HIS Y 528 44.65 -29.26 -37.83
N ALA Y 529 44.82 -29.51 -36.54
CA ALA Y 529 44.09 -30.61 -35.91
C ALA Y 529 42.60 -30.39 -35.96
N PHE Y 530 42.17 -29.13 -35.86
CA PHE Y 530 40.75 -28.82 -35.94
C PHE Y 530 40.20 -29.18 -37.31
N THR Y 531 40.86 -28.73 -38.38
CA THR Y 531 40.38 -29.00 -39.73
C THR Y 531 40.45 -30.48 -40.05
N ILE Y 532 41.48 -31.16 -39.54
CA ILE Y 532 41.66 -32.58 -39.85
C ILE Y 532 40.56 -33.41 -39.19
N HIS Y 533 40.22 -33.09 -37.94
CA HIS Y 533 39.21 -33.86 -37.22
C HIS Y 533 37.85 -33.72 -37.88
N VAL Y 534 37.53 -32.52 -38.37
CA VAL Y 534 36.25 -32.31 -39.02
C VAL Y 534 36.20 -33.06 -40.35
N THR Y 535 37.33 -33.10 -41.07
CA THR Y 535 37.38 -33.85 -42.30
C THR Y 535 37.16 -35.34 -42.06
N VAL Y 536 37.74 -35.86 -40.97
CA VAL Y 536 37.53 -37.25 -40.61
C VAL Y 536 36.08 -37.47 -40.21
N LEU Y 537 35.48 -36.48 -39.53
CA LEU Y 537 34.10 -36.61 -39.09
C LEU Y 537 33.16 -36.76 -40.27
N ILE Y 538 33.36 -35.96 -41.30
CA ILE Y 538 32.49 -36.02 -42.48
C ILE Y 538 32.71 -37.32 -43.22
N LEU Y 539 33.97 -37.74 -43.33
CA LEU Y 539 34.31 -38.92 -44.11
C LEU Y 539 33.97 -40.19 -43.35
N LEU Y 540 34.33 -40.24 -42.07
CA LEU Y 540 34.04 -41.42 -41.26
C LEU Y 540 32.55 -41.65 -41.11
N LYS Y 541 31.76 -40.56 -41.07
CA LYS Y 541 30.32 -40.71 -40.90
C LYS Y 541 29.69 -41.39 -42.12
N GLY Y 542 30.14 -41.02 -43.32
CA GLY Y 542 29.59 -41.65 -44.51
C GLY Y 542 29.88 -43.13 -44.58
N VAL Y 543 31.02 -43.55 -44.05
CA VAL Y 543 31.40 -44.96 -44.10
C VAL Y 543 30.47 -45.79 -43.22
N LEU Y 544 30.26 -45.34 -41.98
CA LEU Y 544 29.47 -46.13 -41.04
C LEU Y 544 27.98 -46.07 -41.39
N PHE Y 545 27.50 -44.90 -41.79
CA PHE Y 545 26.08 -44.69 -42.05
C PHE Y 545 25.69 -44.94 -43.51
N ALA Y 546 26.60 -45.46 -44.33
CA ALA Y 546 26.22 -45.79 -45.70
C ALA Y 546 25.25 -46.95 -45.75
N ARG Y 547 25.45 -47.95 -44.89
CA ARG Y 547 24.55 -49.09 -44.86
C ARG Y 547 23.15 -48.67 -44.42
N SER Y 548 23.05 -47.98 -43.28
CA SER Y 548 21.76 -47.65 -42.70
C SER Y 548 21.95 -46.52 -41.71
N SER Y 549 20.83 -45.89 -41.36
CA SER Y 549 20.81 -44.83 -40.37
C SER Y 549 19.47 -44.86 -39.67
N ARG Y 550 19.40 -44.15 -38.54
CA ARG Y 550 18.13 -44.02 -37.85
C ARG Y 550 17.11 -43.29 -38.71
N LEU Y 551 17.57 -42.37 -39.55
CA LEU Y 551 16.68 -41.65 -40.45
C LEU Y 551 16.25 -42.54 -41.61
N ILE Y 552 17.20 -43.27 -42.21
CA ILE Y 552 16.95 -44.12 -43.36
C ILE Y 552 17.56 -45.48 -43.09
N PRO Y 553 16.77 -46.53 -42.81
CA PRO Y 553 17.37 -47.84 -42.51
C PRO Y 553 17.70 -48.71 -43.71
N ASP Y 554 17.21 -48.36 -44.90
CA ASP Y 554 17.43 -49.13 -46.12
C ASP Y 554 18.30 -48.36 -47.09
N LYS Y 555 19.32 -47.68 -46.57
CA LYS Y 555 20.17 -46.85 -47.41
C LYS Y 555 21.01 -47.67 -48.36
N ALA Y 556 21.30 -48.92 -48.01
CA ALA Y 556 22.14 -49.76 -48.86
C ALA Y 556 21.46 -50.09 -50.18
N ASN Y 557 20.14 -50.32 -50.14
CA ASN Y 557 19.42 -50.68 -51.36
C ASN Y 557 19.42 -49.54 -52.36
N LEU Y 558 19.40 -48.30 -51.88
CA LEU Y 558 19.40 -47.15 -52.78
C LEU Y 558 20.74 -47.04 -53.50
N GLY Y 559 21.83 -47.35 -52.82
CA GLY Y 559 23.16 -47.37 -53.39
C GLY Y 559 24.11 -46.42 -52.67
N PHE Y 560 25.36 -46.45 -53.13
CA PHE Y 560 26.36 -45.52 -52.63
C PHE Y 560 26.13 -44.12 -53.17
N ARG Y 561 25.66 -44.02 -54.41
CA ARG Y 561 25.51 -42.76 -55.13
C ARG Y 561 24.03 -42.56 -55.46
N PHE Y 562 23.32 -41.94 -54.52
CA PHE Y 562 21.95 -41.49 -54.73
C PHE Y 562 21.86 -40.08 -54.16
N PRO Y 563 21.02 -39.20 -54.72
CA PRO Y 563 20.95 -37.85 -54.16
C PRO Y 563 20.32 -37.82 -52.78
N CYS Y 564 19.22 -38.56 -52.60
CA CYS Y 564 18.43 -38.50 -51.38
C CYS Y 564 17.42 -39.62 -51.43
N ASP Y 565 16.50 -39.60 -50.45
CA ASP Y 565 15.34 -40.48 -50.44
C ASP Y 565 14.03 -39.71 -50.55
N GLY Y 566 14.09 -38.37 -50.46
CA GLY Y 566 12.92 -37.54 -50.66
C GLY Y 566 12.85 -36.37 -49.70
N PRO Y 567 11.90 -35.46 -49.92
CA PRO Y 567 11.76 -34.34 -48.99
C PRO Y 567 11.19 -34.74 -47.65
N GLY Y 568 10.59 -35.92 -47.55
CA GLY Y 568 10.01 -36.36 -46.31
C GLY Y 568 11.03 -36.50 -45.20
N ARG Y 569 10.55 -36.87 -44.02
CA ARG Y 569 11.34 -36.92 -42.80
C ARG Y 569 11.97 -35.58 -42.49
N GLY Y 570 11.32 -34.49 -42.91
CA GLY Y 570 11.92 -33.17 -42.82
C GLY Y 570 12.86 -32.84 -43.96
N GLY Y 571 13.26 -33.83 -44.75
CA GLY Y 571 14.25 -33.66 -45.80
C GLY Y 571 15.44 -34.57 -45.60
N THR Y 572 15.82 -35.30 -46.64
CA THR Y 572 16.88 -36.30 -46.59
C THR Y 572 17.99 -35.94 -47.58
N CYS Y 573 18.35 -34.66 -47.61
CA CYS Y 573 19.25 -34.17 -48.65
C CYS Y 573 20.70 -34.43 -48.26
N GLN Y 574 21.47 -34.95 -49.22
CA GLN Y 574 22.89 -35.26 -49.03
C GLN Y 574 23.09 -36.25 -47.88
N VAL Y 575 22.32 -37.33 -47.92
CA VAL Y 575 22.37 -38.38 -46.89
C VAL Y 575 23.17 -39.60 -47.32
N SER Y 576 23.76 -39.58 -48.52
CA SER Y 576 24.44 -40.75 -49.04
C SER Y 576 25.92 -40.73 -48.66
N GLY Y 577 26.59 -41.85 -48.95
CA GLY Y 577 28.03 -41.89 -48.77
C GLY Y 577 28.75 -41.01 -49.77
N TRP Y 578 28.18 -40.87 -50.97
CA TRP Y 578 28.77 -40.01 -51.97
C TRP Y 578 28.80 -38.55 -51.51
N ASP Y 579 27.68 -38.08 -50.97
CA ASP Y 579 27.56 -36.67 -50.63
C ASP Y 579 28.46 -36.30 -49.46
N HIS Y 580 28.81 -37.28 -48.62
CA HIS Y 580 29.78 -37.05 -47.57
C HIS Y 580 31.16 -36.77 -48.17
N VAL Y 581 31.53 -37.52 -49.21
CA VAL Y 581 32.78 -37.27 -49.91
C VAL Y 581 32.75 -35.89 -50.55
N PHE Y 582 31.60 -35.50 -51.09
CA PHE Y 582 31.46 -34.19 -51.72
C PHE Y 582 31.67 -33.09 -50.71
N LEU Y 583 31.13 -33.26 -49.50
CA LEU Y 583 31.30 -32.26 -48.45
C LEU Y 583 32.71 -32.28 -47.88
N GLY Y 584 33.29 -33.48 -47.72
CA GLY Y 584 34.61 -33.59 -47.15
C GLY Y 584 35.67 -32.94 -48.03
N LEU Y 585 35.46 -32.93 -49.34
CA LEU Y 585 36.45 -32.36 -50.25
C LEU Y 585 36.62 -30.87 -50.03
N PHE Y 586 35.58 -30.20 -49.53
CA PHE Y 586 35.71 -28.79 -49.21
C PHE Y 586 36.59 -28.59 -47.99
N TRP Y 587 36.54 -29.54 -47.04
CA TRP Y 587 37.37 -29.44 -45.85
C TRP Y 587 38.80 -29.86 -46.11
N MET Y 588 39.02 -30.69 -47.14
CA MET Y 588 40.38 -30.87 -47.65
C MET Y 588 40.99 -29.54 -48.00
N TYR Y 589 40.26 -28.71 -48.74
CA TYR Y 589 40.80 -27.42 -49.15
C TYR Y 589 41.00 -26.51 -47.95
N ASN Y 590 40.04 -26.51 -47.03
CA ASN Y 590 40.16 -25.63 -45.87
C ASN Y 590 41.31 -26.04 -44.97
N SER Y 591 41.57 -27.35 -44.87
CA SER Y 591 42.65 -27.82 -44.00
C SER Y 591 44.02 -27.54 -44.60
N LEU Y 592 44.24 -28.00 -45.82
CA LEU Y 592 45.58 -27.96 -46.41
C LEU Y 592 45.95 -26.55 -46.84
N SER Y 593 44.97 -25.69 -47.08
CA SER Y 593 45.27 -24.31 -47.46
C SER Y 593 45.97 -23.58 -46.33
N ILE Y 594 45.69 -23.97 -45.08
CA ILE Y 594 46.41 -23.39 -43.95
C ILE Y 594 47.79 -24.00 -43.83
N VAL Y 595 47.92 -25.28 -44.19
CA VAL Y 595 49.21 -25.95 -44.10
C VAL Y 595 50.23 -25.29 -45.01
N ILE Y 596 49.83 -24.99 -46.24
CA ILE Y 596 50.73 -24.33 -47.18
C ILE Y 596 50.90 -22.86 -46.81
N PHE Y 597 49.86 -22.24 -46.27
CA PHE Y 597 49.97 -20.86 -45.78
C PHE Y 597 50.85 -20.80 -44.56
N HIS Y 598 50.70 -21.75 -43.64
CA HIS Y 598 51.59 -21.87 -42.50
C HIS Y 598 53.03 -22.07 -42.95
N PHE Y 599 53.22 -22.82 -44.03
CA PHE Y 599 54.56 -23.07 -44.54
C PHE Y 599 55.13 -21.83 -45.21
N SER Y 600 54.32 -21.13 -46.01
CA SER Y 600 54.84 -20.04 -46.82
C SER Y 600 55.30 -18.87 -45.98
N TRP Y 601 54.52 -18.53 -44.95
CA TRP Y 601 54.82 -17.32 -44.19
C TRP Y 601 55.99 -17.53 -43.24
N LYS Y 602 56.00 -18.65 -42.52
CA LYS Y 602 57.07 -18.89 -41.55
C LYS Y 602 58.41 -19.06 -42.24
N MET Y 603 58.45 -19.87 -43.29
CA MET Y 603 59.71 -20.13 -43.98
C MET Y 603 60.28 -18.86 -44.60
N GLN Y 604 59.40 -17.90 -44.93
CA GLN Y 604 59.85 -16.59 -45.38
C GLN Y 604 60.22 -15.70 -44.21
N SER Y 605 59.54 -15.88 -43.08
CA SER Y 605 59.68 -14.94 -41.97
C SER Y 605 60.83 -15.36 -41.05
N ASP Y 606 60.93 -16.65 -40.75
CA ASP Y 606 61.87 -17.17 -39.76
C ASP Y 606 63.06 -17.88 -40.38
N VAL Y 607 62.86 -18.59 -41.49
CA VAL Y 607 63.89 -19.50 -41.99
C VAL Y 607 64.67 -18.86 -43.13
N TRP Y 608 64.02 -18.60 -44.25
CA TRP Y 608 64.70 -18.20 -45.47
C TRP Y 608 65.05 -16.72 -45.45
N GLY Y 609 66.05 -16.37 -46.23
CA GLY Y 609 66.49 -15.00 -46.36
C GLY Y 609 67.98 -14.93 -46.62
N THR Y 610 68.41 -13.75 -47.07
CA THR Y 610 69.82 -13.50 -47.31
C THR Y 610 70.54 -13.36 -45.98
N VAL Y 611 71.72 -13.99 -45.88
CA VAL Y 611 72.53 -13.98 -44.68
C VAL Y 611 73.84 -13.27 -44.99
N ASP Y 612 74.24 -12.37 -44.10
CA ASP Y 612 75.49 -11.65 -44.27
C ASP Y 612 76.66 -12.57 -43.92
N ALA Y 613 77.86 -12.17 -44.35
CA ALA Y 613 79.06 -12.93 -44.04
C ALA Y 613 79.34 -12.92 -42.54
N ALA Y 614 78.93 -11.87 -41.85
CA ALA Y 614 79.13 -11.80 -40.40
C ALA Y 614 78.34 -12.87 -39.69
N GLY Y 615 77.12 -13.16 -40.16
CA GLY Y 615 76.24 -14.13 -39.55
C GLY Y 615 74.80 -13.67 -39.45
N ASN Y 616 74.58 -12.37 -39.54
CA ASN Y 616 73.24 -11.82 -39.42
C ASN Y 616 72.37 -12.26 -40.59
N VAL Y 617 71.16 -12.73 -40.28
CA VAL Y 617 70.18 -13.17 -41.27
C VAL Y 617 69.14 -12.08 -41.43
N SER Y 618 68.87 -11.71 -42.68
CA SER Y 618 67.83 -10.75 -43.03
C SER Y 618 66.71 -11.53 -43.71
N HIS Y 619 65.75 -11.97 -42.92
CA HIS Y 619 64.66 -12.78 -43.44
C HIS Y 619 63.82 -11.97 -44.42
N ILE Y 620 62.98 -12.69 -45.18
CA ILE Y 620 62.27 -12.07 -46.28
C ILE Y 620 61.23 -11.08 -45.77
N THR Y 621 60.28 -11.55 -44.96
CA THR Y 621 59.22 -10.71 -44.44
C THR Y 621 59.58 -10.03 -43.13
N GLY Y 622 60.77 -10.27 -42.60
CA GLY Y 622 61.25 -9.51 -41.46
C GLY Y 622 60.69 -9.96 -40.13
N GLY Y 623 60.52 -11.26 -39.93
CA GLY Y 623 60.13 -11.78 -38.63
C GLY Y 623 58.75 -11.33 -38.18
N ASN Y 624 57.87 -10.99 -39.12
CA ASN Y 624 56.54 -10.51 -38.77
C ASN Y 624 55.59 -11.63 -38.34
N PHE Y 625 56.02 -12.89 -38.41
CA PHE Y 625 55.11 -14.00 -38.15
C PHE Y 625 54.62 -14.01 -36.71
N ALA Y 626 55.52 -13.80 -35.76
CA ALA Y 626 55.19 -14.02 -34.35
C ALA Y 626 54.13 -13.03 -33.87
N GLN Y 627 54.21 -11.78 -34.30
CA GLN Y 627 53.32 -10.74 -33.82
C GLN Y 627 52.15 -10.44 -34.76
N SER Y 628 52.08 -11.09 -35.93
CA SER Y 628 51.03 -10.84 -36.90
C SER Y 628 50.28 -12.09 -37.33
N ALA Y 629 50.86 -13.28 -37.14
CA ALA Y 629 50.16 -14.51 -37.44
C ALA Y 629 49.22 -14.95 -36.31
N ILE Y 630 48.97 -14.08 -35.33
CA ILE Y 630 48.04 -14.38 -34.24
C ILE Y 630 46.69 -13.71 -34.42
N THR Y 631 46.51 -12.91 -35.48
CA THR Y 631 45.25 -12.26 -35.77
C THR Y 631 44.89 -12.51 -37.24
N ILE Y 632 43.58 -12.57 -37.50
CA ILE Y 632 43.13 -12.86 -38.85
C ILE Y 632 43.45 -11.70 -39.78
N ASN Y 633 43.42 -10.47 -39.26
CA ASN Y 633 43.75 -9.31 -40.07
C ASN Y 633 45.20 -9.33 -40.51
N GLY Y 634 46.07 -9.93 -39.70
CA GLY Y 634 47.47 -10.01 -40.06
C GLY Y 634 47.70 -10.87 -41.30
N TRP Y 635 47.01 -12.00 -41.39
CA TRP Y 635 47.10 -12.83 -42.58
C TRP Y 635 46.53 -12.10 -43.79
N LEU Y 636 45.44 -11.37 -43.59
CA LEU Y 636 44.86 -10.62 -44.69
C LEU Y 636 45.79 -9.51 -45.15
N ARG Y 637 46.44 -8.85 -44.20
CA ARG Y 637 47.34 -7.73 -44.50
C ARG Y 637 48.74 -8.20 -44.90
N ASP Y 638 49.41 -8.91 -44.00
CA ASP Y 638 50.84 -9.14 -44.15
C ASP Y 638 51.13 -10.27 -45.13
N PHE Y 639 50.24 -11.27 -45.20
CA PHE Y 639 50.46 -12.42 -46.08
C PHE Y 639 49.76 -12.23 -47.42
N LEU Y 640 48.44 -12.06 -47.41
CA LEU Y 640 47.70 -12.05 -48.67
C LEU Y 640 47.85 -10.72 -49.40
N TRP Y 641 47.49 -9.62 -48.74
CA TRP Y 641 47.50 -8.31 -49.40
C TRP Y 641 48.89 -7.90 -49.83
N ALA Y 642 49.89 -8.14 -48.97
CA ALA Y 642 51.23 -7.64 -49.25
C ALA Y 642 51.93 -8.47 -50.31
N GLN Y 643 51.95 -9.80 -50.13
CA GLN Y 643 52.69 -10.66 -51.04
C GLN Y 643 52.07 -10.74 -52.43
N ALA Y 644 50.82 -10.29 -52.59
CA ALA Y 644 50.18 -10.27 -53.89
C ALA Y 644 50.66 -9.11 -54.77
N SER Y 645 51.52 -8.24 -54.26
CA SER Y 645 51.98 -7.09 -55.04
C SER Y 645 52.75 -7.54 -56.27
N GLN Y 646 53.42 -8.69 -56.21
CA GLN Y 646 54.15 -9.19 -57.36
C GLN Y 646 53.21 -9.82 -58.39
N VAL Y 647 52.01 -10.25 -57.96
CA VAL Y 647 51.09 -10.91 -58.88
C VAL Y 647 50.37 -9.88 -59.73
N ILE Y 648 49.70 -8.92 -59.08
CA ILE Y 648 48.86 -7.96 -59.79
C ILE Y 648 49.72 -7.07 -60.69
N ASN Y 649 50.93 -6.75 -60.26
CA ASN Y 649 51.86 -5.95 -61.04
C ASN Y 649 52.70 -6.79 -61.99
N SER Y 650 52.33 -8.06 -62.21
CA SER Y 650 53.09 -8.90 -63.13
C SER Y 650 52.82 -8.54 -64.58
N TYR Y 651 51.82 -7.71 -64.84
CA TYR Y 651 51.49 -7.33 -66.21
C TYR Y 651 52.63 -6.54 -66.83
N GLY Y 652 52.93 -6.85 -68.08
CA GLY Y 652 54.05 -6.24 -68.76
C GLY Y 652 55.39 -6.86 -68.46
N SER Y 653 55.42 -8.06 -67.87
CA SER Y 653 56.66 -8.72 -67.51
C SER Y 653 56.50 -10.21 -67.76
N ALA Y 654 57.57 -10.96 -67.48
CA ALA Y 654 57.60 -12.39 -67.81
C ALA Y 654 56.60 -13.19 -66.99
N LEU Y 655 56.24 -12.70 -65.80
CA LEU Y 655 55.31 -13.40 -64.92
C LEU Y 655 53.86 -13.04 -65.21
N SER Y 656 53.57 -12.52 -66.40
CA SER Y 656 52.22 -12.03 -66.69
C SER Y 656 51.19 -13.15 -66.70
N ALA Y 657 51.61 -14.36 -67.09
CA ALA Y 657 50.67 -15.48 -67.13
C ALA Y 657 50.17 -15.83 -65.74
N TYR Y 658 51.02 -15.68 -64.73
CA TYR Y 658 50.60 -15.96 -63.36
C TYR Y 658 49.53 -14.98 -62.91
N GLY Y 659 49.70 -13.70 -63.24
CA GLY Y 659 48.68 -12.73 -62.92
C GLY Y 659 47.37 -13.02 -63.62
N LEU Y 660 47.44 -13.59 -64.82
CA LEU Y 660 46.22 -13.98 -65.53
C LEU Y 660 45.60 -15.21 -64.90
N MET Y 661 46.37 -16.29 -64.76
CA MET Y 661 45.85 -17.52 -64.15
C MET Y 661 45.40 -17.26 -62.72
N PHE Y 662 46.04 -16.33 -62.02
CA PHE Y 662 45.58 -15.92 -60.71
C PHE Y 662 44.18 -15.33 -60.79
N LEU Y 663 44.00 -14.34 -61.65
CA LEU Y 663 42.69 -13.72 -61.79
C LEU Y 663 41.66 -14.71 -62.34
N GLY Y 664 42.05 -15.48 -63.35
CA GLY Y 664 41.13 -16.42 -63.95
C GLY Y 664 40.69 -17.51 -62.99
N ALA Y 665 41.54 -17.82 -62.01
CA ALA Y 665 41.18 -18.83 -61.03
C ALA Y 665 40.05 -18.35 -60.13
N HIS Y 666 39.98 -17.04 -59.89
CA HIS Y 666 38.86 -16.49 -59.12
C HIS Y 666 37.55 -16.71 -59.87
N PHE Y 667 37.58 -16.61 -61.20
CA PHE Y 667 36.38 -16.82 -61.99
C PHE Y 667 35.87 -18.25 -61.83
N VAL Y 668 36.74 -19.23 -62.08
CA VAL Y 668 36.33 -20.63 -62.05
C VAL Y 668 35.82 -20.99 -60.66
N TRP Y 669 36.36 -20.37 -59.62
CA TRP Y 669 35.86 -20.61 -58.28
C TRP Y 669 34.43 -20.12 -58.14
N ALA Y 670 34.17 -18.89 -58.58
CA ALA Y 670 32.82 -18.34 -58.47
C ALA Y 670 31.85 -19.07 -59.39
N PHE Y 671 32.33 -19.52 -60.55
CA PHE Y 671 31.49 -20.29 -61.45
C PHE Y 671 31.02 -21.58 -60.80
N SER Y 672 31.80 -22.11 -59.86
CA SER Y 672 31.38 -23.28 -59.10
C SER Y 672 30.09 -23.02 -58.35
N LEU Y 673 29.90 -21.78 -57.89
CA LEU Y 673 28.78 -21.47 -57.01
C LEU Y 673 27.45 -21.49 -57.74
N MET Y 674 27.47 -21.50 -59.07
CA MET Y 674 26.25 -21.76 -59.84
C MET Y 674 25.64 -23.10 -59.44
N PHE Y 675 26.47 -24.12 -59.34
CA PHE Y 675 25.98 -25.49 -59.26
C PHE Y 675 25.75 -25.91 -57.81
N LEU Y 676 26.50 -25.33 -56.88
CA LEU Y 676 26.37 -25.71 -55.48
C LEU Y 676 25.13 -25.10 -54.85
N PHE Y 677 24.87 -23.82 -55.14
CA PHE Y 677 23.74 -23.13 -54.52
C PHE Y 677 22.43 -23.52 -55.21
N SER Y 678 22.45 -23.67 -56.52
CA SER Y 678 21.23 -23.85 -57.30
C SER Y 678 20.72 -25.28 -57.20
N GLY Y 679 19.72 -25.58 -58.02
CA GLY Y 679 19.14 -26.90 -58.07
C GLY Y 679 18.64 -27.23 -59.46
N ARG Y 680 18.52 -28.53 -59.71
CA ARG Y 680 18.16 -29.01 -61.05
C ARG Y 680 16.77 -28.53 -61.46
N GLY Y 681 15.88 -28.32 -60.49
CA GLY Y 681 14.50 -28.02 -60.82
C GLY Y 681 14.34 -26.73 -61.61
N TYR Y 682 15.10 -25.70 -61.23
CA TYR Y 682 15.07 -24.45 -61.98
C TYR Y 682 15.59 -24.66 -63.40
N TRP Y 683 16.75 -25.29 -63.52
CA TRP Y 683 17.46 -25.30 -64.79
C TRP Y 683 16.71 -26.11 -65.85
N GLN Y 684 15.93 -27.10 -65.43
CA GLN Y 684 15.15 -27.87 -66.40
C GLN Y 684 14.01 -27.04 -66.95
N GLU Y 685 13.40 -26.20 -66.12
CA GLU Y 685 12.31 -25.35 -66.60
C GLU Y 685 12.83 -24.27 -67.53
N LEU Y 686 14.03 -23.78 -67.30
CA LEU Y 686 14.62 -22.80 -68.21
C LEU Y 686 14.92 -23.43 -69.55
N ILE Y 687 15.42 -24.67 -69.55
CA ILE Y 687 15.70 -25.37 -70.79
C ILE Y 687 14.41 -25.66 -71.54
N GLU Y 688 13.31 -25.87 -70.81
CA GLU Y 688 12.02 -26.14 -71.45
C GLU Y 688 11.61 -24.96 -72.33
N SER Y 689 11.68 -23.75 -71.79
CA SER Y 689 11.33 -22.57 -72.58
C SER Y 689 12.26 -22.40 -73.77
N ILE Y 690 13.53 -22.79 -73.60
CA ILE Y 690 14.48 -22.67 -74.70
C ILE Y 690 14.21 -23.73 -75.76
N VAL Y 691 13.71 -24.90 -75.34
CA VAL Y 691 13.38 -25.94 -76.31
C VAL Y 691 12.20 -25.52 -77.17
N TRP Y 692 11.31 -24.70 -76.61
CA TRP Y 692 10.18 -24.21 -77.39
C TRP Y 692 10.64 -23.37 -78.57
N ALA Y 693 11.63 -22.51 -78.36
CA ALA Y 693 12.13 -21.67 -79.43
C ALA Y 693 12.77 -22.50 -80.54
N HIS Y 694 13.31 -23.67 -80.19
CA HIS Y 694 13.91 -24.53 -81.20
C HIS Y 694 12.84 -25.28 -81.97
N ASN Y 695 11.86 -25.85 -81.27
CA ASN Y 695 10.76 -26.52 -81.95
C ASN Y 695 9.96 -25.54 -82.79
N LYS Y 696 9.96 -24.26 -82.40
CA LYS Y 696 9.38 -23.23 -83.25
C LYS Y 696 10.11 -23.14 -84.58
N LEU Y 697 11.42 -22.92 -84.54
CA LEU Y 697 12.24 -22.80 -85.74
C LEU Y 697 12.68 -24.15 -86.29
N LYS Y 698 12.19 -25.25 -85.72
CA LYS Y 698 12.48 -26.60 -86.23
C LYS Y 698 13.97 -26.90 -86.20
N VAL Y 699 14.61 -26.52 -85.10
CA VAL Y 699 15.99 -26.90 -84.79
C VAL Y 699 15.95 -27.76 -83.54
N ALA Y 700 14.87 -28.51 -83.37
CA ALA Y 700 14.69 -29.28 -82.15
C ALA Y 700 15.66 -30.46 -82.13
N PRO Y 701 16.32 -30.73 -80.99
CA PRO Y 701 17.27 -31.84 -80.96
C PRO Y 701 16.54 -33.18 -80.85
N ALA Y 702 17.03 -34.17 -81.60
CA ALA Y 702 16.46 -35.50 -81.49
C ALA Y 702 16.71 -36.09 -80.11
N ILE Y 703 17.93 -35.92 -79.60
CA ILE Y 703 18.26 -36.29 -78.23
C ILE Y 703 17.69 -35.21 -77.33
N GLN Y 704 16.64 -35.54 -76.58
CA GLN Y 704 15.93 -34.55 -75.79
C GLN Y 704 16.87 -33.99 -74.72
N PRO Y 705 16.98 -32.67 -74.56
CA PRO Y 705 17.95 -32.13 -73.62
C PRO Y 705 17.41 -32.16 -72.20
N ARG Y 706 18.31 -32.41 -71.25
CA ARG Y 706 17.97 -32.54 -69.85
C ARG Y 706 19.01 -31.82 -69.01
N ALA Y 707 18.54 -31.17 -67.95
CA ALA Y 707 19.44 -30.58 -66.98
C ALA Y 707 20.31 -31.67 -66.34
N LEU Y 708 21.43 -31.24 -65.77
CA LEU Y 708 22.35 -32.19 -65.16
C LEU Y 708 21.70 -32.87 -63.97
N SER Y 709 22.10 -34.11 -63.73
CA SER Y 709 21.62 -34.84 -62.58
C SER Y 709 22.04 -34.14 -61.29
N ILE Y 710 21.41 -34.54 -60.19
CA ILE Y 710 21.62 -33.84 -58.93
C ILE Y 710 23.04 -34.03 -58.44
N THR Y 711 23.48 -35.29 -58.33
CA THR Y 711 24.83 -35.57 -57.86
C THR Y 711 25.88 -35.02 -58.82
N GLN Y 712 25.52 -34.89 -60.09
CA GLN Y 712 26.45 -34.29 -61.04
C GLN Y 712 26.64 -32.82 -60.76
N GLY Y 713 25.54 -32.10 -60.50
CA GLY Y 713 25.64 -30.69 -60.18
C GLY Y 713 26.48 -30.43 -58.95
N ARG Y 714 26.44 -31.36 -57.99
CA ARG Y 714 27.32 -31.26 -56.83
C ARG Y 714 28.75 -31.59 -57.23
N ALA Y 715 28.93 -32.58 -58.10
CA ALA Y 715 30.26 -32.95 -58.55
C ALA Y 715 30.88 -31.84 -59.39
N VAL Y 716 30.08 -31.22 -60.26
CA VAL Y 716 30.59 -30.17 -61.13
C VAL Y 716 31.03 -28.97 -60.30
N GLY Y 717 30.35 -28.71 -59.19
CA GLY Y 717 30.69 -27.57 -58.36
C GLY Y 717 32.00 -27.76 -57.62
N VAL Y 718 32.13 -28.87 -56.91
CA VAL Y 718 33.33 -29.12 -56.12
C VAL Y 718 34.55 -29.22 -57.03
N ALA Y 719 34.37 -29.69 -58.26
CA ALA Y 719 35.48 -29.73 -59.21
C ALA Y 719 35.99 -28.33 -59.51
N HIS Y 720 35.07 -27.39 -59.73
CA HIS Y 720 35.45 -26.02 -60.01
C HIS Y 720 35.89 -25.30 -58.75
N TYR Y 721 35.23 -25.58 -57.62
CA TYR Y 721 35.55 -24.94 -56.36
C TYR Y 721 37.00 -25.23 -55.97
N LEU Y 722 37.45 -26.45 -56.20
CA LEU Y 722 38.83 -26.80 -55.87
C LEU Y 722 39.79 -26.35 -56.97
N LEU Y 723 39.37 -26.48 -58.23
CA LEU Y 723 40.24 -26.08 -59.33
C LEU Y 723 40.50 -24.57 -59.30
N GLY Y 724 39.43 -23.79 -59.19
CA GLY Y 724 39.61 -22.34 -59.11
C GLY Y 724 40.26 -21.92 -57.81
N GLY Y 725 40.11 -22.72 -56.75
CA GLY Y 725 40.73 -22.37 -55.49
C GLY Y 725 42.21 -22.69 -55.47
N ILE Y 726 42.58 -23.89 -55.90
CA ILE Y 726 43.99 -24.29 -55.84
C ILE Y 726 44.79 -23.53 -56.88
N ALA Y 727 44.20 -23.27 -58.04
CA ALA Y 727 44.92 -22.59 -59.12
C ALA Y 727 45.28 -21.17 -58.73
N THR Y 728 44.52 -20.57 -57.81
CA THR Y 728 44.82 -19.21 -57.39
C THR Y 728 46.09 -19.15 -56.57
N THR Y 729 46.13 -19.90 -55.46
CA THR Y 729 47.33 -19.93 -54.64
C THR Y 729 48.51 -20.53 -55.40
N TRP Y 730 48.25 -21.36 -56.41
CA TRP Y 730 49.30 -21.85 -57.28
C TRP Y 730 50.01 -20.68 -57.97
N ALA Y 731 49.23 -19.75 -58.53
CA ALA Y 731 49.83 -18.62 -59.23
C ALA Y 731 50.40 -17.60 -58.25
N PHE Y 732 49.74 -17.44 -57.11
CA PHE Y 732 50.23 -16.49 -56.11
C PHE Y 732 51.54 -16.97 -55.50
N PHE Y 733 51.64 -18.25 -55.18
CA PHE Y 733 52.89 -18.80 -54.68
C PHE Y 733 53.99 -18.66 -55.71
N HIS Y 734 53.68 -18.94 -56.97
CA HIS Y 734 54.70 -18.91 -58.02
C HIS Y 734 55.22 -17.51 -58.25
N ALA Y 735 54.33 -16.58 -58.60
CA ALA Y 735 54.76 -15.25 -59.02
C ALA Y 735 55.42 -14.50 -57.87
N HIS Y 736 54.99 -14.76 -56.63
CA HIS Y 736 55.58 -14.07 -55.50
C HIS Y 736 56.97 -14.60 -55.19
N ILE Y 737 57.11 -15.92 -55.12
CA ILE Y 737 58.39 -16.52 -54.74
C ILE Y 737 59.40 -16.40 -55.87
N LEU Y 738 58.93 -16.41 -57.12
CA LEU Y 738 59.83 -16.32 -58.25
C LEU Y 738 60.48 -14.94 -58.32
N SER Y 739 59.77 -13.91 -57.86
CA SER Y 739 60.36 -12.59 -57.79
C SER Y 739 61.46 -12.55 -56.73
N VAL Y 740 61.27 -13.30 -55.64
CA VAL Y 740 62.22 -13.33 -54.53
C VAL Y 740 62.84 -14.72 -54.43
N THR Z 1 0.56 -26.74 -27.45
CA THR Z 1 1.55 -25.83 -26.90
C THR Z 1 1.22 -24.37 -27.22
N LYS Z 2 0.38 -24.18 -28.24
CA LYS Z 2 -0.36 -22.95 -28.51
C LYS Z 2 0.51 -21.70 -28.69
N PHE Z 3 1.80 -21.83 -29.02
CA PHE Z 3 2.56 -20.63 -29.37
C PHE Z 3 2.05 -20.03 -30.67
N PRO Z 4 2.08 -20.73 -31.80
CA PRO Z 4 1.46 -20.14 -32.99
C PRO Z 4 -0.05 -20.13 -32.83
N LYS Z 5 -0.59 -18.97 -32.47
CA LYS Z 5 -2.03 -18.80 -32.38
C LYS Z 5 -2.64 -18.73 -33.76
N PHE Z 6 -1.83 -18.32 -34.74
CA PHE Z 6 -2.31 -18.19 -36.11
C PHE Z 6 -2.44 -19.52 -36.81
N SER Z 7 -1.75 -20.56 -36.34
CA SER Z 7 -1.78 -21.86 -36.97
C SER Z 7 -1.84 -22.94 -35.91
N GLN Z 8 -2.79 -23.86 -36.07
CA GLN Z 8 -2.91 -24.99 -35.17
C GLN Z 8 -1.96 -26.12 -35.55
N ASP Z 9 -1.56 -26.18 -36.84
CA ASP Z 9 -0.69 -27.26 -37.29
C ASP Z 9 0.68 -27.18 -36.64
N LEU Z 10 1.28 -25.98 -36.63
CA LEU Z 10 2.58 -25.81 -36.02
C LEU Z 10 2.54 -25.99 -34.50
N ALA Z 11 1.43 -25.64 -33.87
CA ALA Z 11 1.30 -25.85 -32.43
C ALA Z 11 1.30 -27.33 -32.10
N GLN Z 12 0.71 -28.15 -32.98
CA GLN Z 12 0.71 -29.60 -32.81
C GLN Z 12 1.91 -30.22 -33.53
N ASP Z 13 3.09 -29.72 -33.14
CA ASP Z 13 4.37 -30.15 -33.68
C ASP Z 13 5.30 -30.42 -32.51
N PRO Z 14 5.76 -31.67 -32.30
CA PRO Z 14 6.68 -31.89 -31.17
C PRO Z 14 8.07 -31.34 -31.41
N THR Z 15 8.40 -31.01 -32.65
CA THR Z 15 9.77 -30.70 -33.02
C THR Z 15 10.08 -29.22 -32.78
N THR Z 16 11.35 -28.87 -33.03
CA THR Z 16 11.82 -27.50 -32.98
C THR Z 16 11.34 -26.66 -34.15
N ARG Z 17 10.85 -27.31 -35.22
CA ARG Z 17 10.47 -26.59 -36.43
C ARG Z 17 9.38 -25.57 -36.17
N ARG Z 18 8.56 -25.78 -35.15
CA ARG Z 18 7.47 -24.86 -34.84
C ARG Z 18 8.01 -23.48 -34.49
N ILE Z 19 9.16 -23.41 -33.81
CA ILE Z 19 9.68 -22.12 -33.39
C ILE Z 19 10.20 -21.34 -34.59
N TRP Z 20 10.91 -22.00 -35.50
CA TRP Z 20 11.43 -21.32 -36.67
C TRP Z 20 10.31 -20.94 -37.64
N TYR Z 21 9.45 -21.90 -37.98
CA TYR Z 21 8.40 -21.64 -38.95
C TYR Z 21 7.40 -20.63 -38.42
N ALA Z 22 7.20 -20.58 -37.10
CA ALA Z 22 6.29 -19.60 -36.54
C ALA Z 22 6.82 -18.19 -36.72
N MET Z 23 8.12 -18.00 -36.53
CA MET Z 23 8.74 -16.69 -36.75
C MET Z 23 8.47 -16.20 -38.16
N ALA Z 24 8.50 -17.11 -39.13
CA ALA Z 24 8.37 -16.70 -40.53
C ALA Z 24 7.00 -16.08 -40.80
N MET Z 25 5.95 -16.89 -40.74
CA MET Z 25 4.66 -16.47 -41.26
C MET Z 25 3.77 -15.82 -40.20
N GLY Z 26 4.37 -15.20 -39.19
CA GLY Z 26 3.59 -14.38 -38.27
C GLY Z 26 3.04 -13.14 -38.95
N ASN Z 27 3.74 -12.65 -39.98
CA ASN Z 27 3.27 -11.54 -40.79
C ASN Z 27 2.37 -11.96 -41.96
N ASP Z 28 2.27 -13.25 -42.28
CA ASP Z 28 1.43 -13.72 -43.38
C ASP Z 28 -0.02 -13.84 -42.91
N PHE Z 29 -0.78 -12.73 -42.96
CA PHE Z 29 -2.17 -12.74 -42.50
C PHE Z 29 -3.06 -13.61 -43.38
N GLU Z 30 -2.69 -13.82 -44.64
CA GLU Z 30 -3.51 -14.66 -45.50
C GLU Z 30 -3.55 -16.10 -45.02
N SER Z 31 -2.45 -16.58 -44.43
CA SER Z 31 -2.37 -17.95 -43.93
C SER Z 31 -2.83 -18.08 -42.48
N HIS Z 32 -3.00 -16.96 -41.78
CA HIS Z 32 -3.52 -16.98 -40.42
C HIS Z 32 -4.88 -17.70 -40.38
N ASP Z 33 -5.01 -18.58 -39.39
CA ASP Z 33 -6.19 -19.43 -39.31
C ASP Z 33 -7.44 -18.60 -39.04
N GLY Z 34 -8.50 -18.90 -39.79
CA GLY Z 34 -9.79 -18.26 -39.61
C GLY Z 34 -9.74 -16.76 -39.79
N MET Z 35 -9.04 -16.31 -40.83
CA MET Z 35 -8.91 -14.90 -41.15
C MET Z 35 -9.87 -14.58 -42.29
N THR Z 36 -10.89 -13.77 -41.98
CA THR Z 36 -11.79 -13.28 -43.00
C THR Z 36 -11.16 -12.11 -43.74
N GLU Z 37 -11.76 -11.78 -44.89
CA GLU Z 37 -11.23 -10.68 -45.70
C GLU Z 37 -11.36 -9.35 -44.97
N GLU Z 38 -12.42 -9.18 -44.19
CA GLU Z 38 -12.58 -7.95 -43.43
C GLU Z 38 -11.49 -7.80 -42.37
N ASN Z 39 -11.30 -8.83 -41.55
CA ASN Z 39 -10.28 -8.77 -40.52
C ASN Z 39 -8.88 -8.67 -41.12
N LEU Z 40 -8.70 -9.24 -42.31
CA LEU Z 40 -7.42 -9.15 -42.99
C LEU Z 40 -7.06 -7.70 -43.31
N TYR Z 41 -7.96 -7.00 -43.98
CA TYR Z 41 -7.71 -5.60 -44.31
C TYR Z 41 -7.63 -4.75 -43.05
N GLN Z 42 -8.53 -5.00 -42.10
CA GLN Z 42 -8.55 -4.21 -40.87
C GLN Z 42 -7.28 -4.41 -40.05
N LYS Z 43 -6.72 -5.61 -40.09
CA LYS Z 43 -5.48 -5.87 -39.36
C LYS Z 43 -4.29 -5.27 -40.09
N ILE Z 44 -4.32 -5.25 -41.42
CA ILE Z 44 -3.25 -4.62 -42.18
C ILE Z 44 -3.25 -3.11 -41.95
N PHE Z 45 -4.43 -2.51 -41.89
CA PHE Z 45 -4.53 -1.06 -41.80
C PHE Z 45 -3.96 -0.56 -40.47
N ALA Z 46 -4.12 -1.34 -39.41
CA ALA Z 46 -3.57 -0.95 -38.12
C ALA Z 46 -2.06 -1.14 -38.08
N THR Z 47 -1.57 -2.16 -38.78
CA THR Z 47 -0.14 -2.44 -38.77
C THR Z 47 0.64 -1.31 -39.42
N HIS Z 48 0.06 -0.66 -40.42
CA HIS Z 48 0.71 0.48 -41.07
C HIS Z 48 0.98 1.59 -40.07
N PHE Z 49 0.07 1.79 -39.12
CA PHE Z 49 0.25 2.86 -38.15
C PHE Z 49 1.42 2.57 -37.23
N GLY Z 50 1.55 1.31 -36.78
CA GLY Z 50 2.71 0.94 -35.98
C GLY Z 50 4.00 1.06 -36.77
N HIS Z 51 3.92 0.84 -38.09
CA HIS Z 51 5.10 0.99 -38.92
C HIS Z 51 5.48 2.45 -39.09
N LEU Z 52 4.49 3.31 -39.32
CA LEU Z 52 4.76 4.73 -39.47
C LEU Z 52 5.36 5.31 -38.19
N ALA Z 53 4.93 4.80 -37.04
CA ALA Z 53 5.47 5.28 -35.77
C ALA Z 53 6.96 4.95 -35.66
N ILE Z 54 7.35 3.76 -36.12
CA ILE Z 54 8.75 3.35 -36.04
C ILE Z 54 9.61 4.29 -36.88
N ILE Z 55 9.06 4.79 -37.99
CA ILE Z 55 9.80 5.70 -38.84
C ILE Z 55 10.05 7.02 -38.12
N PHE Z 56 9.02 7.58 -37.51
CA PHE Z 56 9.16 8.89 -36.89
C PHE Z 56 9.98 8.80 -35.61
N LEU Z 57 9.83 7.71 -34.86
CA LEU Z 57 10.69 7.49 -33.71
C LEU Z 57 12.13 7.36 -34.12
N TRP Z 58 12.38 6.72 -35.27
CA TRP Z 58 13.74 6.64 -35.79
C TRP Z 58 14.26 8.00 -36.21
N ALA Z 59 13.40 8.82 -36.80
CA ALA Z 59 13.80 10.17 -37.17
C ALA Z 59 14.05 11.03 -35.94
N SER Z 60 13.28 10.80 -34.87
CA SER Z 60 13.49 11.53 -33.63
C SER Z 60 14.85 11.22 -33.04
N SER Z 61 15.35 10.00 -33.27
CA SER Z 61 16.67 9.63 -32.76
C SER Z 61 17.76 10.45 -33.42
N LEU Z 62 17.65 10.66 -34.73
CA LEU Z 62 18.69 11.40 -35.45
C LEU Z 62 18.79 12.83 -34.96
N LEU Z 63 17.67 13.39 -34.51
CA LEU Z 63 17.66 14.78 -34.07
C LEU Z 63 18.08 14.92 -32.62
N PHE Z 64 17.93 13.86 -31.83
CA PHE Z 64 18.21 13.96 -30.40
C PHE Z 64 19.70 13.85 -30.12
N HIS Z 65 20.36 12.86 -30.71
CA HIS Z 65 21.77 12.61 -30.41
C HIS Z 65 22.65 13.73 -30.95
N VAL Z 66 22.31 14.27 -32.11
CA VAL Z 66 23.07 15.40 -32.65
C VAL Z 66 22.88 16.63 -31.78
N ALA Z 67 21.74 16.74 -31.10
CA ALA Z 67 21.52 17.85 -30.20
C ALA Z 67 22.29 17.65 -28.90
N TRP Z 68 22.29 16.42 -28.38
CA TRP Z 68 22.90 16.14 -27.09
C TRP Z 68 24.34 15.69 -27.22
N GLN Z 69 24.65 14.90 -28.23
CA GLN Z 69 25.96 14.29 -28.44
C GLN Z 69 26.55 14.69 -29.78
N GLY Z 70 26.30 15.93 -30.22
CA GLY Z 70 26.69 16.35 -31.55
C GLY Z 70 27.33 17.73 -31.55
N ASN Z 71 27.82 18.11 -32.73
CA ASN Z 71 28.56 19.35 -32.95
C ASN Z 71 27.97 20.17 -34.09
N PHE Z 72 26.65 20.26 -34.18
CA PHE Z 72 26.02 20.96 -35.29
C PHE Z 72 26.31 22.45 -35.23
N GLU Z 73 26.24 23.05 -34.05
CA GLU Z 73 26.48 24.48 -33.93
C GLU Z 73 27.91 24.83 -34.30
N GLN Z 74 28.85 23.92 -34.05
CA GLN Z 74 30.24 24.14 -34.46
C GLN Z 74 30.41 23.83 -35.94
N TRP Z 75 29.66 22.87 -36.46
CA TRP Z 75 29.81 22.47 -37.84
C TRP Z 75 29.34 23.55 -38.80
N ILE Z 76 28.38 24.38 -38.36
CA ILE Z 76 27.85 25.43 -39.24
C ILE Z 76 28.93 26.44 -39.56
N LYS Z 77 29.78 26.76 -38.58
CA LYS Z 77 30.75 27.84 -38.77
C LYS Z 77 31.85 27.45 -39.73
N ASP Z 78 32.07 26.14 -39.94
CA ASP Z 78 33.10 25.64 -40.85
C ASP Z 78 32.65 24.27 -41.34
N PRO Z 79 31.64 24.21 -42.21
CA PRO Z 79 31.11 22.89 -42.60
C PRO Z 79 32.09 22.05 -43.38
N LEU Z 80 32.94 22.67 -44.19
CA LEU Z 80 33.83 21.91 -45.07
C LEU Z 80 34.93 21.20 -44.28
N HIS Z 81 35.51 21.89 -43.30
CA HIS Z 81 36.67 21.38 -42.57
C HIS Z 81 36.33 20.71 -41.25
N VAL Z 82 35.06 20.75 -40.83
CA VAL Z 82 34.62 20.13 -39.59
C VAL Z 82 33.89 18.85 -39.92
N ARG Z 83 34.22 17.78 -39.20
CA ARG Z 83 33.54 16.51 -39.39
C ARG Z 83 32.22 16.51 -38.61
N PRO Z 84 31.13 16.00 -39.20
CA PRO Z 84 29.88 15.93 -38.44
C PRO Z 84 29.81 14.70 -37.55
N ILE Z 85 29.20 14.84 -36.38
CA ILE Z 85 29.14 13.79 -35.37
C ILE Z 85 27.74 13.18 -35.42
N ALA Z 86 27.68 11.85 -35.38
CA ALA Z 86 26.41 11.16 -35.32
C ALA Z 86 25.95 11.00 -33.87
N HIS Z 87 26.78 10.37 -33.05
CA HIS Z 87 26.47 10.16 -31.64
C HIS Z 87 27.75 9.79 -30.92
N ALA Z 88 27.63 9.56 -29.61
CA ALA Z 88 28.76 9.28 -28.74
C ALA Z 88 28.86 7.79 -28.48
N ILE Z 89 30.06 7.34 -28.15
CA ILE Z 89 30.35 5.93 -27.89
C ILE Z 89 30.46 5.74 -26.40
N TRP Z 90 29.93 4.62 -25.91
CA TRP Z 90 30.14 4.17 -24.53
C TRP Z 90 30.23 2.64 -24.57
N ASP Z 91 31.45 2.14 -24.60
CA ASP Z 91 31.72 0.71 -24.60
C ASP Z 91 32.68 0.39 -23.45
N PRO Z 92 32.30 -0.43 -22.46
CA PRO Z 92 33.26 -0.76 -21.40
C PRO Z 92 34.48 -1.52 -21.90
N HIS Z 93 34.40 -2.15 -23.07
CA HIS Z 93 35.49 -2.95 -23.58
C HIS Z 93 36.65 -2.12 -24.10
N PHE Z 94 36.44 -0.85 -24.38
CA PHE Z 94 37.50 -0.03 -24.95
C PHE Z 94 38.66 0.13 -23.97
N GLY Z 95 39.85 0.22 -24.54
CA GLY Z 95 41.05 0.54 -23.78
C GLY Z 95 41.40 1.99 -23.94
N LYS Z 96 42.39 2.45 -23.19
CA LYS Z 96 42.81 3.86 -23.29
C LYS Z 96 43.29 4.24 -24.69
N PRO Z 97 44.04 3.41 -25.43
CA PRO Z 97 44.41 3.83 -26.79
C PRO Z 97 43.21 3.98 -27.73
N ALA Z 98 42.19 3.14 -27.57
CA ALA Z 98 41.03 3.23 -28.44
C ALA Z 98 40.26 4.52 -28.20
N ILE Z 99 40.03 4.85 -26.93
CA ILE Z 99 39.31 6.07 -26.60
C ILE Z 99 40.07 7.30 -27.11
N GLU Z 100 41.41 7.22 -27.10
CA GLU Z 100 42.21 8.31 -27.63
C GLU Z 100 41.97 8.51 -29.11
N ALA Z 101 41.73 7.42 -29.84
CA ALA Z 101 41.53 7.52 -31.28
C ALA Z 101 40.15 8.04 -31.62
N PHE Z 102 39.11 7.49 -30.98
CA PHE Z 102 37.74 7.88 -31.28
C PHE Z 102 37.35 9.21 -30.65
N THR Z 103 38.25 9.87 -29.92
CA THR Z 103 38.03 11.23 -29.45
C THR Z 103 38.43 12.16 -30.57
N GLN Z 104 37.49 12.45 -31.47
CA GLN Z 104 37.76 13.20 -32.69
C GLN Z 104 36.66 14.23 -32.88
N ALA Z 105 36.81 15.06 -33.92
CA ALA Z 105 35.84 16.08 -34.27
C ALA Z 105 35.67 17.11 -33.14
N GLY Z 106 36.73 17.31 -32.36
CA GLY Z 106 36.69 18.28 -31.28
C GLY Z 106 35.66 17.95 -30.23
N ALA Z 107 35.73 16.72 -29.70
CA ALA Z 107 34.82 16.25 -28.66
C ALA Z 107 35.61 15.83 -27.44
N ASN Z 108 34.92 15.77 -26.31
CA ASN Z 108 35.51 15.41 -25.03
C ASN Z 108 35.36 13.92 -24.70
N GLY Z 109 34.94 13.10 -25.66
CA GLY Z 109 34.79 11.68 -25.44
C GLY Z 109 34.82 10.90 -26.73
N PRO Z 110 34.79 9.57 -26.64
CA PRO Z 110 34.81 8.76 -27.86
C PRO Z 110 33.52 8.93 -28.63
N VAL Z 111 33.64 9.22 -29.93
CA VAL Z 111 32.54 9.70 -30.73
C VAL Z 111 32.65 9.16 -32.15
N ASN Z 112 31.50 9.09 -32.83
CA ASN Z 112 31.40 8.58 -34.19
C ASN Z 112 31.17 9.75 -35.14
N ILE Z 113 31.88 9.75 -36.27
CA ILE Z 113 31.62 10.72 -37.32
C ILE Z 113 30.44 10.25 -38.15
N ALA Z 114 29.56 11.19 -38.50
CA ALA Z 114 28.35 10.90 -39.24
C ALA Z 114 28.66 10.90 -40.73
N TYR Z 115 28.05 9.96 -41.46
CA TYR Z 115 28.19 9.86 -42.90
C TYR Z 115 26.83 9.78 -43.60
N SER Z 116 25.74 10.00 -42.88
CA SER Z 116 24.43 10.01 -43.51
C SER Z 116 24.21 11.30 -44.31
N GLY Z 117 24.89 12.37 -43.95
CA GLY Z 117 24.69 13.65 -44.59
C GLY Z 117 23.52 14.46 -44.07
N VAL Z 118 22.93 14.05 -42.95
CA VAL Z 118 21.74 14.73 -42.44
C VAL Z 118 22.11 16.06 -41.79
N TYR Z 119 23.38 16.23 -41.40
CA TYR Z 119 23.87 17.54 -40.98
C TYR Z 119 23.72 18.55 -42.10
N HIS Z 120 23.94 18.13 -43.34
CA HIS Z 120 23.77 19.04 -44.46
C HIS Z 120 22.29 19.22 -44.77
N TRP Z 121 21.47 18.24 -44.41
CA TRP Z 121 20.05 18.27 -44.77
C TRP Z 121 19.33 19.39 -44.05
N TRP Z 122 19.30 19.36 -42.72
CA TRP Z 122 18.49 20.33 -42.00
C TRP Z 122 19.14 21.71 -41.97
N TYR Z 123 20.45 21.79 -42.17
CA TYR Z 123 21.09 23.10 -42.24
C TYR Z 123 20.57 23.89 -43.43
N THR Z 124 20.43 23.23 -44.58
CA THR Z 124 19.87 23.87 -45.76
C THR Z 124 18.42 24.29 -45.51
N ILE Z 125 17.72 23.56 -44.64
CA ILE Z 125 16.28 23.75 -44.46
C ILE Z 125 15.94 24.86 -43.46
N GLY Z 126 16.88 25.24 -42.60
CA GLY Z 126 16.70 26.37 -41.71
C GLY Z 126 16.99 26.12 -40.23
N MET Z 127 17.64 25.02 -39.89
CA MET Z 127 18.06 24.78 -38.51
C MET Z 127 19.41 25.43 -38.29
N ARG Z 128 19.54 26.14 -37.16
CA ARG Z 128 20.78 26.83 -36.82
C ARG Z 128 21.19 26.68 -35.36
N THR Z 129 20.41 26.00 -34.53
CA THR Z 129 20.77 25.75 -33.15
C THR Z 129 20.30 24.35 -32.74
N ASN Z 130 20.92 23.84 -31.68
CA ASN Z 130 20.58 22.50 -31.21
C ASN Z 130 19.17 22.45 -30.63
N THR Z 131 18.69 23.57 -30.11
CA THR Z 131 17.35 23.60 -29.52
C THR Z 131 16.28 23.39 -30.59
N GLU Z 132 16.53 23.89 -31.80
CA GLU Z 132 15.56 23.71 -32.88
C GLU Z 132 15.41 22.24 -33.24
N LEU Z 133 16.50 21.48 -33.15
CA LEU Z 133 16.43 20.05 -33.44
C LEU Z 133 15.72 19.31 -32.33
N TYR Z 134 15.88 19.76 -31.08
CA TYR Z 134 15.20 19.11 -29.96
C TYR Z 134 13.69 19.24 -30.08
N THR Z 135 13.21 20.39 -30.55
CA THR Z 135 11.78 20.57 -30.75
C THR Z 135 11.27 19.62 -31.82
N GLY Z 136 12.08 19.34 -32.83
CA GLY Z 136 11.71 18.34 -33.82
C GLY Z 136 11.67 16.94 -33.23
N SER Z 137 12.53 16.68 -32.25
CA SER Z 137 12.56 15.37 -31.63
C SER Z 137 11.28 15.09 -30.85
N VAL Z 138 10.92 16.01 -29.95
CA VAL Z 138 9.72 15.83 -29.14
C VAL Z 138 8.47 15.92 -30.01
N PHE Z 139 8.55 16.68 -31.11
CA PHE Z 139 7.41 16.79 -32.01
C PHE Z 139 7.09 15.45 -32.66
N LEU Z 140 8.12 14.73 -33.08
CA LEU Z 140 7.90 13.47 -33.79
C LEU Z 140 7.46 12.36 -32.84
N LEU Z 141 7.87 12.45 -31.57
CA LEU Z 141 7.38 11.48 -30.59
C LEU Z 141 5.87 11.61 -30.42
N LEU Z 142 5.38 12.84 -30.29
CA LEU Z 142 3.94 13.05 -30.23
C LEU Z 142 3.28 12.73 -31.56
N PHE Z 143 3.96 13.06 -32.66
CA PHE Z 143 3.43 12.74 -33.99
C PHE Z 143 3.33 11.24 -34.18
N ALA Z 144 4.30 10.49 -33.65
CA ALA Z 144 4.25 9.03 -33.74
C ALA Z 144 3.18 8.47 -32.82
N SER Z 145 3.06 9.03 -31.61
CA SER Z 145 2.03 8.60 -30.68
C SER Z 145 0.65 8.83 -31.26
N LEU Z 146 0.50 9.85 -32.09
CA LEU Z 146 -0.79 10.12 -32.73
C LEU Z 146 -1.20 8.96 -33.62
N PHE Z 147 -0.24 8.33 -34.29
CA PHE Z 147 -0.56 7.22 -35.19
C PHE Z 147 -0.80 5.94 -34.41
N LEU Z 148 -0.04 5.72 -33.34
CA LEU Z 148 -0.21 4.51 -32.54
C LEU Z 148 -1.59 4.47 -31.91
N PHE Z 149 -2.11 5.63 -31.52
CA PHE Z 149 -3.48 5.68 -31.01
C PHE Z 149 -4.48 5.40 -32.11
N ALA Z 150 -4.18 5.86 -33.34
CA ALA Z 150 -5.09 5.63 -34.45
C ALA Z 150 -5.16 4.15 -34.80
N GLY Z 151 -4.02 3.45 -34.71
CA GLY Z 151 -4.03 2.03 -34.98
C GLY Z 151 -4.87 1.25 -33.99
N TRP Z 152 -4.72 1.56 -32.71
CA TRP Z 152 -5.56 0.93 -31.69
C TRP Z 152 -7.03 1.29 -31.90
N LEU Z 153 -7.29 2.52 -32.33
CA LEU Z 153 -8.66 2.99 -32.48
C LEU Z 153 -9.40 2.20 -33.56
N HIS Z 154 -8.77 2.03 -34.73
CA HIS Z 154 -9.45 1.40 -35.85
C HIS Z 154 -9.55 -0.11 -35.73
N LEU Z 155 -9.04 -0.70 -34.65
CA LEU Z 155 -9.29 -2.08 -34.32
C LEU Z 155 -10.46 -2.26 -33.37
N GLN Z 156 -10.91 -1.19 -32.72
CA GLN Z 156 -12.10 -1.22 -31.91
C GLN Z 156 -13.33 -1.40 -32.81
N PRO Z 157 -14.42 -1.96 -32.28
CA PRO Z 157 -15.49 -2.43 -33.17
C PRO Z 157 -16.20 -1.32 -33.93
N LYS Z 158 -16.52 -0.21 -33.26
CA LYS Z 158 -17.30 0.84 -33.93
C LYS Z 158 -16.48 1.55 -35.00
N PHE Z 159 -15.18 1.69 -34.79
CA PHE Z 159 -14.31 2.42 -35.70
C PHE Z 159 -13.67 1.52 -36.75
N ARG Z 160 -13.93 0.23 -36.73
CA ARG Z 160 -13.31 -0.67 -37.71
C ARG Z 160 -13.85 -0.36 -39.10
N PRO Z 161 -13.03 0.04 -40.07
CA PRO Z 161 -13.56 0.30 -41.40
C PRO Z 161 -14.11 -0.96 -42.07
N SER Z 162 -15.02 -0.74 -43.00
CA SER Z 162 -15.64 -1.85 -43.72
C SER Z 162 -14.80 -2.22 -44.94
N LEU Z 163 -15.12 -3.38 -45.51
CA LEU Z 163 -14.37 -3.86 -46.68
C LEU Z 163 -14.54 -2.93 -47.86
N ALA Z 164 -15.75 -2.40 -48.06
CA ALA Z 164 -15.99 -1.50 -49.18
C ALA Z 164 -15.17 -0.23 -49.06
N TRP Z 165 -14.90 0.21 -47.83
CA TRP Z 165 -14.10 1.41 -47.64
C TRP Z 165 -12.67 1.19 -48.13
N PHE Z 166 -12.14 -0.02 -47.94
CA PHE Z 166 -10.79 -0.31 -48.41
C PHE Z 166 -10.75 -0.41 -49.93
N LYS Z 167 -11.78 -0.99 -50.54
CA LYS Z 167 -11.84 -1.16 -51.98
C LYS Z 167 -12.29 0.09 -52.71
N SER Z 168 -12.56 1.19 -52.01
CA SER Z 168 -12.90 2.46 -52.66
C SER Z 168 -11.60 3.04 -53.22
N ALA Z 169 -11.23 2.54 -54.39
CA ALA Z 169 -9.94 2.91 -54.98
C ALA Z 169 -9.99 4.28 -55.63
N GLU Z 170 -11.09 4.59 -56.31
CA GLU Z 170 -11.20 5.89 -56.99
C GLU Z 170 -11.12 7.04 -56.00
N SER Z 171 -11.59 6.82 -54.77
CA SER Z 171 -11.48 7.84 -53.74
C SER Z 171 -10.03 8.02 -53.29
N ARG Z 172 -9.33 6.92 -53.05
CA ARG Z 172 -7.99 6.98 -52.47
C ARG Z 172 -7.01 7.68 -53.40
N LEU Z 173 -7.11 7.42 -54.70
CA LEU Z 173 -6.26 8.11 -55.66
C LEU Z 173 -6.51 9.61 -55.63
N ASN Z 174 -7.76 10.00 -55.40
CA ASN Z 174 -8.11 11.41 -55.43
C ASN Z 174 -7.50 12.17 -54.25
N HIS Z 175 -7.46 11.52 -53.08
CA HIS Z 175 -6.96 12.19 -51.88
C HIS Z 175 -5.44 12.11 -51.81
N HIS Z 176 -4.87 10.96 -52.14
CA HIS Z 176 -3.42 10.81 -52.10
C HIS Z 176 -2.74 11.76 -53.07
N LEU Z 177 -3.16 11.75 -54.33
CA LEU Z 177 -2.54 12.63 -55.32
C LEU Z 177 -2.74 14.09 -54.95
N ALA Z 178 -3.97 14.48 -54.65
CA ALA Z 178 -4.24 15.87 -54.35
C ALA Z 178 -3.69 16.26 -52.98
N GLY Z 179 -3.92 15.42 -51.97
CA GLY Z 179 -3.58 15.77 -50.61
C GLY Z 179 -2.22 15.30 -50.15
N LEU Z 180 -1.94 14.01 -50.28
CA LEU Z 180 -0.71 13.46 -49.72
C LEU Z 180 0.49 13.90 -50.55
N PHE Z 181 0.36 13.94 -51.86
CA PHE Z 181 1.42 14.45 -52.74
C PHE Z 181 1.34 15.96 -52.87
N GLY Z 182 0.16 16.48 -53.22
CA GLY Z 182 0.06 17.88 -53.59
C GLY Z 182 0.18 18.83 -52.42
N VAL Z 183 -0.71 18.70 -51.43
CA VAL Z 183 -0.72 19.63 -50.31
C VAL Z 183 0.58 19.54 -49.53
N SER Z 184 1.11 18.32 -49.36
CA SER Z 184 2.40 18.16 -48.73
C SER Z 184 3.50 18.84 -49.54
N SER Z 185 3.40 18.76 -50.87
CA SER Z 185 4.33 19.49 -51.73
C SER Z 185 4.10 20.99 -51.62
N LEU Z 186 2.84 21.40 -51.57
CA LEU Z 186 2.54 22.82 -51.43
C LEU Z 186 3.02 23.36 -50.10
N ALA Z 187 2.86 22.58 -49.03
CA ALA Z 187 3.31 23.02 -47.72
C ALA Z 187 4.82 23.19 -47.69
N TRP Z 188 5.56 22.26 -48.29
CA TRP Z 188 7.01 22.30 -48.21
C TRP Z 188 7.57 23.55 -48.90
N ALA Z 189 6.88 24.06 -49.92
CA ALA Z 189 7.28 25.34 -50.50
C ALA Z 189 7.04 26.48 -49.51
N GLY Z 190 6.05 26.32 -48.65
CA GLY Z 190 5.83 27.32 -47.61
C GLY Z 190 7.00 27.42 -46.65
N HIS Z 191 7.50 26.28 -46.19
CA HIS Z 191 8.63 26.30 -45.27
C HIS Z 191 9.87 26.86 -45.95
N LEU Z 192 10.08 26.50 -47.22
CA LEU Z 192 11.23 27.04 -47.95
C LEU Z 192 11.17 28.55 -48.06
N ILE Z 193 9.97 29.10 -48.22
CA ILE Z 193 9.85 30.53 -48.47
C ILE Z 193 9.84 31.29 -47.15
N HIS Z 194 9.21 30.72 -46.13
CA HIS Z 194 9.06 31.44 -44.87
C HIS Z 194 10.28 31.27 -43.98
N VAL Z 195 10.87 30.07 -43.99
CA VAL Z 195 11.91 29.70 -43.03
C VAL Z 195 13.27 29.56 -43.69
N ALA Z 196 13.34 28.83 -44.81
CA ALA Z 196 14.64 28.47 -45.37
C ALA Z 196 15.28 29.64 -46.11
N ILE Z 197 14.51 30.30 -46.98
CA ILE Z 197 15.05 31.37 -47.81
C ILE Z 197 15.56 32.52 -46.93
N PRO Z 198 14.79 33.02 -45.96
CA PRO Z 198 15.33 34.11 -45.13
C PRO Z 198 16.51 33.67 -44.27
N GLU Z 199 16.44 32.47 -43.70
CA GLU Z 199 17.51 32.02 -42.81
C GLU Z 199 18.76 31.66 -43.58
N SER Z 200 18.63 31.35 -44.87
CA SER Z 200 19.80 31.30 -45.74
C SER Z 200 20.33 32.70 -46.01
N ARG Z 201 19.43 33.69 -46.01
CA ARG Z 201 19.82 35.08 -46.23
C ARG Z 201 20.18 35.77 -44.92
N GLY Z 202 19.98 35.10 -43.78
CA GLY Z 202 20.44 35.61 -42.50
C GLY Z 202 19.33 35.90 -41.51
N GLN Z 203 18.14 36.22 -42.00
CA GLN Z 203 17.04 36.56 -41.12
C GLN Z 203 16.55 35.32 -40.36
N HIS Z 204 16.44 35.48 -39.04
CA HIS Z 204 16.00 34.40 -38.16
C HIS Z 204 14.48 34.39 -38.12
N VAL Z 205 13.88 33.40 -38.78
CA VAL Z 205 12.44 33.20 -38.79
C VAL Z 205 12.14 31.94 -37.99
N GLY Z 206 11.19 32.05 -37.07
CA GLY Z 206 10.78 30.93 -36.24
C GLY Z 206 9.31 31.06 -35.90
N TRP Z 207 8.88 30.19 -34.99
CA TRP Z 207 7.47 30.17 -34.57
C TRP Z 207 7.07 31.49 -33.94
N ASP Z 208 8.03 32.20 -33.34
CA ASP Z 208 7.69 33.44 -32.65
C ASP Z 208 7.29 34.54 -33.64
N ASN Z 209 7.94 34.60 -34.80
CA ASN Z 209 7.86 35.75 -35.69
C ASN Z 209 7.41 35.41 -37.11
N PHE Z 210 7.00 34.18 -37.39
CA PHE Z 210 6.63 33.85 -38.77
C PHE Z 210 5.32 34.49 -39.17
N LEU Z 211 4.43 34.75 -38.20
CA LEU Z 211 3.19 35.44 -38.50
C LEU Z 211 3.45 36.91 -38.81
N SER Z 212 4.39 37.52 -38.10
CA SER Z 212 4.70 38.93 -38.31
C SER Z 212 5.67 39.11 -39.48
N THR Z 213 6.75 38.34 -39.49
CA THR Z 213 7.77 38.50 -40.51
C THR Z 213 7.23 38.11 -41.88
N ALA Z 214 7.56 38.93 -42.88
CA ALA Z 214 7.08 38.73 -44.24
C ALA Z 214 8.13 38.03 -45.08
N PRO Z 215 7.77 37.05 -45.92
CA PRO Z 215 8.80 36.45 -46.78
C PRO Z 215 9.27 37.39 -47.88
N HIS Z 216 8.34 38.08 -48.53
CA HIS Z 216 8.61 39.02 -49.61
C HIS Z 216 8.17 40.41 -49.19
N PRO Z 217 8.85 41.47 -49.64
CA PRO Z 217 8.40 42.81 -49.25
C PRO Z 217 7.03 43.18 -49.80
N ALA Z 218 6.77 42.86 -51.06
CA ALA Z 218 5.51 43.23 -51.69
C ALA Z 218 4.31 42.51 -51.10
N GLY Z 219 4.52 41.42 -50.36
CA GLY Z 219 3.42 40.71 -49.75
C GLY Z 219 2.70 39.83 -50.76
N LEU Z 220 1.41 39.61 -50.47
CA LEU Z 220 0.57 38.76 -51.30
C LEU Z 220 -0.18 39.53 -52.38
N GLN Z 221 -0.01 40.85 -52.46
CA GLN Z 221 -0.68 41.62 -53.52
C GLN Z 221 -0.28 41.16 -54.91
N PRO Z 222 1.00 40.94 -55.22
CA PRO Z 222 1.34 40.44 -56.57
C PRO Z 222 0.70 39.10 -56.90
N PHE Z 223 0.51 38.24 -55.90
CA PHE Z 223 -0.07 36.92 -56.17
C PHE Z 223 -1.56 37.04 -56.46
N PHE Z 224 -2.33 37.53 -55.49
CA PHE Z 224 -3.78 37.56 -55.64
C PHE Z 224 -4.19 38.49 -56.78
N THR Z 225 -3.44 39.56 -56.99
CA THR Z 225 -3.68 40.40 -58.16
C THR Z 225 -3.45 39.62 -59.44
N GLY Z 226 -2.31 38.91 -59.51
CA GLY Z 226 -1.92 38.14 -60.68
C GLY Z 226 -0.60 38.52 -61.27
N ASN Z 227 0.01 39.62 -60.84
CA ASN Z 227 1.32 40.03 -61.34
C ASN Z 227 2.40 39.23 -60.63
N TRP Z 228 2.48 37.95 -61.02
CA TRP Z 228 3.33 36.99 -60.32
C TRP Z 228 4.81 37.26 -60.55
N GLY Z 229 5.16 37.99 -61.61
CA GLY Z 229 6.56 38.20 -61.96
C GLY Z 229 7.37 38.95 -60.93
N VAL Z 230 6.71 39.61 -59.98
CA VAL Z 230 7.41 40.40 -58.98
C VAL Z 230 8.26 39.51 -58.08
N TYR Z 231 7.80 38.29 -57.81
CA TYR Z 231 8.49 37.42 -56.86
C TYR Z 231 9.83 36.94 -57.39
N ALA Z 232 10.05 37.03 -58.71
CA ALA Z 232 11.29 36.60 -59.35
C ALA Z 232 12.11 37.77 -59.87
N GLN Z 233 12.01 38.94 -59.23
CA GLN Z 233 12.65 40.13 -59.78
C GLN Z 233 14.11 40.22 -59.36
N ASN Z 234 14.37 40.23 -58.05
CA ASN Z 234 15.71 40.39 -57.51
C ASN Z 234 16.23 39.04 -57.01
N PRO Z 235 17.07 38.31 -57.76
CA PRO Z 235 17.53 37.01 -57.28
C PRO Z 235 18.78 37.10 -56.43
N ASP Z 236 19.15 35.99 -55.79
CA ASP Z 236 20.40 35.95 -55.05
C ASP Z 236 21.58 35.99 -56.01
N THR Z 237 22.50 36.92 -55.75
CA THR Z 237 23.67 37.05 -56.61
C THR Z 237 24.56 35.83 -56.50
N ALA Z 238 25.48 35.72 -57.47
CA ALA Z 238 26.41 34.59 -57.48
C ALA Z 238 27.34 34.62 -56.28
N GLY Z 239 27.67 35.80 -55.78
CA GLY Z 239 28.53 35.94 -54.63
C GLY Z 239 27.84 35.79 -53.29
N HIS Z 240 26.64 35.24 -53.25
CA HIS Z 240 25.92 35.07 -52.00
C HIS Z 240 26.63 34.05 -51.12
N ILE Z 241 26.78 34.39 -49.85
CA ILE Z 241 27.34 33.50 -48.84
C ILE Z 241 26.19 32.95 -48.02
N PHE Z 242 26.13 31.64 -47.87
CA PHE Z 242 24.98 30.99 -47.25
C PHE Z 242 24.84 31.39 -45.79
N SER Z 243 23.59 31.52 -45.35
CA SER Z 243 23.26 31.89 -43.97
C SER Z 243 23.73 33.30 -43.63
N THR Z 244 23.88 34.15 -44.65
CA THR Z 244 24.24 35.54 -44.46
C THR Z 244 23.49 36.40 -45.46
N SER Z 245 23.51 37.71 -45.23
CA SER Z 245 22.83 38.66 -46.10
C SER Z 245 23.75 39.25 -47.18
N GLN Z 246 25.02 38.87 -47.21
CA GLN Z 246 25.93 39.38 -48.22
C GLN Z 246 25.53 38.86 -49.59
N GLY Z 247 25.32 39.78 -50.52
CA GLY Z 247 24.90 39.42 -51.86
C GLY Z 247 23.56 38.73 -51.94
N ALA Z 248 22.68 38.97 -50.98
CA ALA Z 248 21.39 38.31 -50.96
C ALA Z 248 20.41 39.02 -51.89
N GLY Z 249 19.20 38.48 -51.95
CA GLY Z 249 18.13 39.07 -52.73
C GLY Z 249 16.82 39.01 -51.97
N THR Z 250 15.75 39.38 -52.67
CA THR Z 250 14.40 39.37 -52.12
C THR Z 250 13.49 38.37 -52.80
N ALA Z 251 13.95 37.70 -53.86
CA ALA Z 251 13.10 36.79 -54.59
C ALA Z 251 12.83 35.52 -53.79
N ILE Z 252 11.60 35.06 -53.85
CA ILE Z 252 11.21 33.80 -53.21
C ILE Z 252 10.99 32.69 -54.23
N LEU Z 253 10.71 33.01 -55.49
CA LEU Z 253 10.58 32.03 -56.56
C LEU Z 253 11.39 32.51 -57.74
N THR Z 254 12.28 31.64 -58.23
CA THR Z 254 13.10 31.96 -59.38
C THR Z 254 13.29 30.70 -60.21
N PHE Z 255 13.95 30.86 -61.36
CA PHE Z 255 14.22 29.76 -62.29
C PHE Z 255 15.65 29.89 -62.80
N LEU Z 256 16.58 30.15 -61.88
CA LEU Z 256 17.98 30.30 -62.25
C LEU Z 256 18.53 29.06 -62.92
N GLY Z 257 18.08 27.89 -62.47
CA GLY Z 257 18.42 26.64 -63.13
C GLY Z 257 19.90 26.32 -63.15
N GLY Z 258 20.50 26.11 -61.99
CA GLY Z 258 21.91 25.79 -61.92
C GLY Z 258 22.32 25.60 -60.48
N PHE Z 259 23.64 25.46 -60.30
CA PHE Z 259 24.20 25.27 -58.97
C PHE Z 259 24.57 26.61 -58.34
N HIS Z 260 24.27 26.73 -57.05
CA HIS Z 260 24.82 27.80 -56.25
C HIS Z 260 26.34 27.75 -56.32
N PRO Z 261 27.03 28.88 -56.55
CA PRO Z 261 28.50 28.81 -56.66
C PRO Z 261 29.18 28.35 -55.38
N GLN Z 262 28.80 28.91 -54.24
CA GLN Z 262 29.48 28.59 -52.99
C GLN Z 262 29.22 27.15 -52.56
N THR Z 263 27.95 26.79 -52.37
CA THR Z 263 27.59 25.50 -51.81
C THR Z 263 27.73 24.36 -52.82
N GLU Z 264 27.85 24.67 -54.11
CA GLU Z 264 27.87 23.64 -55.16
C GLU Z 264 26.61 22.78 -55.08
N SER Z 265 25.48 23.43 -54.79
CA SER Z 265 24.19 22.78 -54.71
C SER Z 265 23.17 23.62 -55.45
N LEU Z 266 21.96 23.07 -55.57
CA LEU Z 266 20.94 23.74 -56.36
C LEU Z 266 20.45 25.00 -55.67
N TRP Z 267 19.99 25.96 -56.46
CA TRP Z 267 19.43 27.19 -55.91
C TRP Z 267 18.18 26.86 -55.10
N LEU Z 268 18.12 27.40 -53.89
CA LEU Z 268 17.02 27.05 -53.00
C LEU Z 268 15.72 27.72 -53.42
N THR Z 269 15.83 28.88 -54.09
CA THR Z 269 14.63 29.55 -54.59
C THR Z 269 13.92 28.70 -55.61
N ASP Z 270 14.69 27.96 -56.43
CA ASP Z 270 14.08 27.06 -57.40
C ASP Z 270 13.30 25.96 -56.69
N MET Z 271 13.80 25.48 -55.55
CA MET Z 271 13.11 24.42 -54.83
C MET Z 271 11.78 24.90 -54.29
N ALA Z 272 11.68 26.17 -53.92
CA ALA Z 272 10.39 26.71 -53.52
C ALA Z 272 9.45 26.79 -54.71
N HIS Z 273 9.94 27.32 -55.83
CA HIS Z 273 9.18 27.30 -57.06
C HIS Z 273 8.92 25.89 -57.53
N HIS Z 274 9.84 24.97 -57.24
CA HIS Z 274 9.73 23.60 -57.71
C HIS Z 274 8.46 22.93 -57.19
N HIS Z 275 8.28 22.89 -55.87
CA HIS Z 275 7.18 22.14 -55.29
C HIS Z 275 5.85 22.83 -55.53
N LEU Z 276 5.87 24.13 -55.83
CA LEU Z 276 4.64 24.83 -56.16
C LEU Z 276 4.01 24.25 -57.42
N ALA Z 277 4.78 24.16 -58.50
CA ALA Z 277 4.24 23.70 -59.78
C ALA Z 277 3.78 22.25 -59.68
N ILE Z 278 4.46 21.46 -58.85
CA ILE Z 278 4.11 20.05 -58.73
C ILE Z 278 2.81 19.90 -57.95
N ALA Z 279 2.63 20.68 -56.89
CA ALA Z 279 1.42 20.60 -56.11
C ALA Z 279 0.21 21.05 -56.91
N VAL Z 280 0.42 21.97 -57.85
CA VAL Z 280 -0.68 22.42 -58.70
C VAL Z 280 -1.12 21.30 -59.63
N LEU Z 281 -0.16 20.61 -60.24
CA LEU Z 281 -0.49 19.52 -61.15
C LEU Z 281 -1.10 18.35 -60.39
N PHE Z 282 -0.58 18.07 -59.19
CA PHE Z 282 -1.08 16.95 -58.42
C PHE Z 282 -2.51 17.17 -57.98
N ILE Z 283 -2.80 18.37 -57.46
CA ILE Z 283 -4.17 18.71 -57.11
C ILE Z 283 -5.06 18.62 -58.35
N VAL Z 284 -4.60 19.19 -59.46
CA VAL Z 284 -5.32 19.07 -60.73
C VAL Z 284 -5.44 17.59 -61.11
N ALA Z 285 -4.40 16.81 -60.86
CA ALA Z 285 -4.42 15.40 -61.23
C ALA Z 285 -5.39 14.61 -60.36
N GLY Z 286 -5.61 15.05 -59.13
CA GLY Z 286 -6.44 14.31 -58.20
C GLY Z 286 -7.88 14.20 -58.62
N HIS Z 287 -8.43 15.23 -59.26
CA HIS Z 287 -9.85 15.34 -59.50
C HIS Z 287 -10.35 14.51 -60.68
N MET Z 288 -9.56 13.55 -61.17
CA MET Z 288 -9.96 12.78 -62.33
C MET Z 288 -11.16 11.89 -62.06
N TYR Z 289 -11.29 11.41 -60.82
CA TYR Z 289 -12.05 10.19 -60.58
C TYR Z 289 -13.44 10.46 -60.00
N ARG Z 290 -14.20 9.36 -59.89
CA ARG Z 290 -15.63 9.43 -59.63
C ARG Z 290 -15.94 9.10 -58.17
N THR Z 291 -15.26 9.78 -57.24
CA THR Z 291 -15.23 9.42 -55.83
C THR Z 291 -16.61 9.15 -55.21
N ASN Z 292 -17.47 10.17 -55.15
CA ASN Z 292 -18.85 9.98 -54.72
C ASN Z 292 -19.85 10.76 -55.56
N PHE Z 293 -19.44 11.86 -56.18
CA PHE Z 293 -20.41 12.84 -56.66
C PHE Z 293 -20.86 12.53 -58.09
N GLY Z 294 -20.14 11.65 -58.80
CA GLY Z 294 -20.42 11.32 -60.18
C GLY Z 294 -19.47 11.99 -61.15
N ILE Z 295 -19.03 13.20 -60.84
CA ILE Z 295 -18.04 13.87 -61.68
C ILE Z 295 -16.73 13.12 -61.62
N GLY Z 296 -16.29 12.61 -62.77
CA GLY Z 296 -14.97 12.05 -62.91
C GLY Z 296 -15.00 10.69 -63.56
N HIS Z 297 -13.81 10.10 -63.64
CA HIS Z 297 -13.57 8.87 -64.39
C HIS Z 297 -13.78 7.66 -63.48
N SER Z 298 -14.32 6.59 -64.07
CA SER Z 298 -14.40 5.30 -63.42
C SER Z 298 -13.41 4.37 -64.09
N ILE Z 299 -12.46 3.85 -63.31
CA ILE Z 299 -11.42 3.00 -63.88
C ILE Z 299 -12.02 1.74 -64.46
N LYS Z 300 -13.04 1.18 -63.79
CA LYS Z 300 -13.65 -0.04 -64.29
C LYS Z 300 -14.33 0.19 -65.63
N GLU Z 301 -14.95 1.36 -65.81
CA GLU Z 301 -15.56 1.68 -67.09
C GLU Z 301 -14.49 1.88 -68.18
N MET Z 302 -13.37 2.50 -67.82
CA MET Z 302 -12.33 2.77 -68.80
C MET Z 302 -11.63 1.50 -69.22
N MET Z 303 -11.41 0.58 -68.27
CA MET Z 303 -10.67 -0.63 -68.57
C MET Z 303 -11.55 -1.65 -69.30
N ASN Z 304 -12.85 -1.67 -68.98
CA ASN Z 304 -13.80 -2.56 -69.62
C ASN Z 304 -14.39 -1.98 -70.90
N ALA Z 305 -14.00 -0.77 -71.30
CA ALA Z 305 -14.55 -0.16 -72.49
C ALA Z 305 -14.11 -0.93 -73.74
N LYS Z 306 -15.04 -1.14 -74.66
CA LYS Z 306 -14.78 -1.82 -75.91
C LYS Z 306 -15.31 -1.03 -77.11
N THR Z 307 -15.40 0.29 -76.99
CA THR Z 307 -15.97 1.14 -78.02
C THR Z 307 -15.22 2.46 -78.07
N PHE Z 308 -14.52 2.70 -79.17
CA PHE Z 308 -13.94 4.00 -79.48
C PHE Z 308 -15.08 4.78 -80.14
N PHE Z 309 -14.78 5.96 -80.66
CA PHE Z 309 -15.77 6.93 -81.16
C PHE Z 309 -16.73 6.23 -82.11
N GLY Z 310 -16.27 5.65 -83.23
CA GLY Z 310 -17.17 4.94 -84.12
C GLY Z 310 -16.87 3.45 -84.18
N LYS Z 311 -15.60 3.08 -84.06
CA LYS Z 311 -15.20 1.71 -84.33
C LYS Z 311 -15.50 0.82 -83.13
N PRO Z 312 -15.84 -0.48 -83.34
CA PRO Z 312 -15.85 -1.41 -82.21
C PRO Z 312 -14.47 -1.94 -81.95
N VAL Z 313 -13.95 -1.69 -80.75
CA VAL Z 313 -12.55 -1.90 -80.41
C VAL Z 313 -12.44 -2.86 -79.24
N GLU Z 314 -11.38 -3.67 -79.25
CA GLU Z 314 -11.17 -4.66 -78.20
C GLU Z 314 -10.99 -4.00 -76.85
N GLY Z 315 -10.24 -2.90 -76.80
CA GLY Z 315 -10.03 -2.16 -75.58
C GLY Z 315 -9.11 -0.98 -75.77
N PRO Z 316 -8.61 -0.43 -74.67
CA PRO Z 316 -7.62 0.64 -74.76
C PRO Z 316 -6.41 0.22 -75.57
N PHE Z 317 -6.03 1.04 -76.55
CA PHE Z 317 -5.02 0.69 -77.55
C PHE Z 317 -5.38 -0.60 -78.29
N ASN Z 318 -6.68 -0.89 -78.37
CA ASN Z 318 -7.17 -2.13 -78.96
C ASN Z 318 -6.57 -3.35 -78.26
N MET Z 319 -6.48 -3.27 -76.94
CA MET Z 319 -5.92 -4.34 -76.10
C MET Z 319 -6.90 -4.66 -74.98
N PRO Z 320 -7.25 -5.91 -74.73
CA PRO Z 320 -8.31 -6.19 -73.76
C PRO Z 320 -7.84 -6.07 -72.32
N HIS Z 321 -8.32 -5.03 -71.64
CA HIS Z 321 -8.05 -4.78 -70.23
C HIS Z 321 -9.31 -5.03 -69.41
N GLN Z 322 -10.02 -6.11 -69.74
CA GLN Z 322 -11.39 -6.29 -69.26
C GLN Z 322 -11.46 -6.41 -67.74
N GLY Z 323 -10.68 -7.33 -67.17
CA GLY Z 323 -10.81 -7.68 -65.76
C GLY Z 323 -9.61 -7.34 -64.91
N ILE Z 324 -8.88 -6.28 -65.28
CA ILE Z 324 -7.69 -5.91 -64.54
C ILE Z 324 -8.04 -5.07 -63.31
N TYR Z 325 -9.15 -4.32 -63.37
CA TYR Z 325 -9.54 -3.48 -62.24
C TYR Z 325 -9.85 -4.33 -61.02
N ASP Z 326 -10.70 -5.33 -61.18
CA ASP Z 326 -11.01 -6.22 -60.06
C ASP Z 326 -9.78 -7.00 -59.62
N THR Z 327 -8.91 -7.34 -60.57
CA THR Z 327 -7.68 -8.05 -60.23
C THR Z 327 -6.77 -7.21 -59.36
N TYR Z 328 -6.63 -5.92 -59.70
CA TYR Z 328 -5.80 -5.02 -58.91
C TYR Z 328 -6.34 -4.87 -57.48
N ASN Z 329 -7.62 -4.59 -57.33
CA ASN Z 329 -8.17 -4.30 -56.02
C ASN Z 329 -8.28 -5.57 -55.17
N ASN Z 330 -8.84 -6.64 -55.73
CA ASN Z 330 -9.16 -7.81 -54.92
C ASN Z 330 -7.91 -8.50 -54.42
N SER Z 331 -6.85 -8.51 -55.21
CA SER Z 331 -5.59 -9.17 -54.86
C SER Z 331 -4.61 -8.13 -54.32
N LEU Z 332 -4.22 -8.27 -53.06
CA LEU Z 332 -3.31 -7.32 -52.45
C LEU Z 332 -1.88 -7.52 -52.92
N HIS Z 333 -1.51 -8.76 -53.24
CA HIS Z 333 -0.16 -9.03 -53.70
C HIS Z 333 0.11 -8.39 -55.05
N PHE Z 334 -0.91 -8.29 -55.90
CA PHE Z 334 -0.78 -7.52 -57.13
C PHE Z 334 -0.49 -6.06 -56.83
N GLN Z 335 -1.22 -5.48 -55.87
CA GLN Z 335 -0.96 -4.11 -55.48
C GLN Z 335 0.45 -3.97 -54.91
N LEU Z 336 0.78 -4.80 -53.92
CA LEU Z 336 2.09 -4.72 -53.28
C LEU Z 336 3.20 -5.03 -54.27
N GLY Z 337 3.04 -6.08 -55.06
CA GLY Z 337 4.04 -6.39 -56.07
C GLY Z 337 4.19 -5.27 -57.07
N TRP Z 338 3.10 -4.57 -57.35
CA TRP Z 338 3.18 -3.43 -58.25
C TRP Z 338 3.81 -2.23 -57.58
N HIS Z 339 3.31 -1.85 -56.40
CA HIS Z 339 3.74 -0.61 -55.77
C HIS Z 339 5.22 -0.64 -55.41
N LEU Z 340 5.75 -1.83 -55.10
CA LEU Z 340 7.17 -1.94 -54.79
C LEU Z 340 8.01 -1.62 -56.01
N ALA Z 341 7.59 -2.09 -57.18
CA ALA Z 341 8.34 -1.82 -58.40
C ALA Z 341 8.35 -0.34 -58.72
N CYS Z 342 7.20 0.32 -58.55
CA CYS Z 342 7.14 1.76 -58.76
C CYS Z 342 8.05 2.48 -57.77
N LEU Z 343 8.09 2.01 -56.52
CA LEU Z 343 8.94 2.62 -55.52
C LEU Z 343 10.40 2.22 -55.73
N GLY Z 344 10.65 1.01 -56.22
CA GLY Z 344 12.01 0.59 -56.47
C GLY Z 344 12.68 1.40 -57.56
N VAL Z 345 11.92 1.79 -58.58
CA VAL Z 345 12.45 2.65 -59.63
C VAL Z 345 12.73 4.04 -59.07
N VAL Z 346 11.81 4.56 -58.28
CA VAL Z 346 11.98 5.89 -57.69
C VAL Z 346 13.22 5.91 -56.80
N THR Z 347 13.51 4.80 -56.13
CA THR Z 347 14.66 4.75 -55.24
C THR Z 347 15.96 4.93 -56.02
N SER Z 348 16.08 4.25 -57.16
CA SER Z 348 17.24 4.48 -58.02
C SER Z 348 17.21 5.88 -58.61
N TRP Z 349 16.02 6.36 -58.94
CA TRP Z 349 15.87 7.72 -59.46
C TRP Z 349 16.44 8.74 -58.49
N VAL Z 350 16.24 8.51 -57.20
CA VAL Z 350 16.84 9.38 -56.18
C VAL Z 350 18.37 9.34 -56.29
N ALA Z 351 18.92 8.13 -56.28
CA ALA Z 351 20.37 7.98 -56.23
C ALA Z 351 21.03 8.60 -57.45
N GLN Z 352 20.44 8.41 -58.62
CA GLN Z 352 21.05 8.88 -59.86
C GLN Z 352 21.14 10.41 -59.91
N HIS Z 353 20.32 11.10 -59.10
CA HIS Z 353 20.28 12.55 -59.13
C HIS Z 353 21.17 13.16 -58.06
N MET Z 354 21.17 12.59 -56.85
CA MET Z 354 21.72 13.28 -55.69
C MET Z 354 23.23 13.52 -55.84
N TYR Z 355 23.92 12.63 -56.56
CA TYR Z 355 25.35 12.84 -56.78
C TYR Z 355 25.60 13.86 -57.88
N SER Z 356 24.70 13.91 -58.86
CA SER Z 356 24.84 14.81 -60.00
C SER Z 356 24.28 16.19 -59.70
N LEU Z 357 23.06 16.23 -59.16
CA LEU Z 357 22.36 17.46 -58.82
C LEU Z 357 22.19 17.52 -57.31
N PRO Z 358 23.26 17.77 -56.55
CA PRO Z 358 23.11 17.81 -55.09
C PRO Z 358 22.24 18.99 -54.66
N SER Z 359 21.19 18.68 -53.93
CA SER Z 359 20.26 19.69 -53.46
C SER Z 359 20.76 20.40 -52.20
N TYR Z 360 21.23 19.64 -51.23
CA TYR Z 360 21.62 20.23 -49.95
C TYR Z 360 23.01 20.82 -50.04
N ALA Z 361 23.36 21.63 -49.05
CA ALA Z 361 24.56 22.44 -49.11
C ALA Z 361 25.79 21.63 -48.70
N PHE Z 362 26.86 21.76 -49.48
CA PHE Z 362 28.18 21.26 -49.13
C PHE Z 362 28.25 19.74 -49.06
N ILE Z 363 27.27 19.02 -49.61
CA ILE Z 363 27.39 17.56 -49.68
C ILE Z 363 28.39 17.18 -50.77
N ALA Z 364 28.52 18.01 -51.82
CA ALA Z 364 29.40 17.67 -52.93
C ALA Z 364 30.85 17.54 -52.47
N LYS Z 365 31.23 18.27 -51.43
CA LYS Z 365 32.58 18.24 -50.90
C LYS Z 365 32.73 17.27 -49.73
N ASP Z 366 31.63 16.83 -49.13
CA ASP Z 366 31.65 15.75 -48.16
C ASP Z 366 31.57 14.46 -48.97
N TYR Z 367 32.73 14.01 -49.46
CA TYR Z 367 32.76 12.94 -50.45
C TYR Z 367 32.24 11.62 -49.88
N THR Z 368 32.43 11.40 -48.58
CA THR Z 368 32.02 10.13 -48.00
C THR Z 368 30.50 10.02 -47.95
N THR Z 369 29.82 11.12 -47.64
CA THR Z 369 28.35 11.07 -47.54
C THR Z 369 27.72 10.83 -48.91
N GLN Z 370 28.34 11.36 -49.96
CA GLN Z 370 27.81 11.14 -51.31
C GLN Z 370 27.84 9.66 -51.67
N ALA Z 371 28.90 8.96 -51.26
CA ALA Z 371 29.05 7.56 -51.64
C ALA Z 371 28.12 6.67 -50.85
N ALA Z 372 28.06 6.88 -49.53
CA ALA Z 372 27.18 6.08 -48.69
C ALA Z 372 25.73 6.28 -49.06
N LEU Z 373 25.35 7.51 -49.41
CA LEU Z 373 23.97 7.78 -49.77
C LEU Z 373 23.61 7.12 -51.09
N TYR Z 374 24.54 7.11 -52.05
CA TYR Z 374 24.28 6.45 -53.32
C TYR Z 374 24.15 4.95 -53.12
N THR Z 375 25.13 4.34 -52.45
CA THR Z 375 25.10 2.91 -52.21
C THR Z 375 23.91 2.52 -51.34
N HIS Z 376 23.46 3.44 -50.48
CA HIS Z 376 22.29 3.17 -49.65
C HIS Z 376 21.07 2.89 -50.50
N HIS Z 377 20.68 3.85 -51.35
CA HIS Z 377 19.39 3.79 -52.00
C HIS Z 377 19.34 2.70 -53.06
N GLN Z 378 20.40 2.56 -53.86
CA GLN Z 378 20.37 1.59 -54.94
C GLN Z 378 20.34 0.16 -54.40
N TYR Z 379 20.93 -0.07 -53.24
CA TYR Z 379 20.75 -1.36 -52.57
C TYR Z 379 19.29 -1.57 -52.20
N ILE Z 380 18.64 -0.51 -51.71
CA ILE Z 380 17.24 -0.61 -51.32
C ILE Z 380 16.34 -0.63 -52.54
N ALA Z 381 16.78 -0.03 -53.65
CA ALA Z 381 16.02 -0.11 -54.89
C ALA Z 381 15.85 -1.55 -55.34
N ILE Z 382 16.86 -2.38 -55.07
CA ILE Z 382 16.80 -3.79 -55.47
C ILE Z 382 15.70 -4.52 -54.72
N PHE Z 383 15.77 -4.53 -53.39
CA PHE Z 383 14.84 -5.34 -52.61
C PHE Z 383 13.40 -4.98 -52.92
N LEU Z 384 13.15 -3.69 -53.13
CA LEU Z 384 11.86 -3.26 -53.62
C LEU Z 384 11.58 -3.83 -55.01
N MET Z 385 12.59 -3.83 -55.88
CA MET Z 385 12.39 -4.36 -57.23
C MET Z 385 12.32 -5.87 -57.22
N VAL Z 386 13.32 -6.53 -56.63
CA VAL Z 386 13.30 -7.97 -56.48
C VAL Z 386 12.06 -8.40 -55.70
N GLY Z 387 11.66 -7.59 -54.72
CA GLY Z 387 10.50 -7.95 -53.92
C GLY Z 387 9.19 -7.83 -54.69
N ALA Z 388 9.18 -6.99 -55.73
CA ALA Z 388 7.98 -6.85 -56.54
C ALA Z 388 7.63 -8.15 -57.25
N PHE Z 389 8.63 -8.78 -57.86
CA PHE Z 389 8.37 -10.02 -58.58
C PHE Z 389 7.99 -11.15 -57.64
N ALA Z 390 8.54 -11.14 -56.43
CA ALA Z 390 8.21 -12.16 -55.45
C ALA Z 390 6.73 -12.13 -55.12
N HIS Z 391 6.13 -10.94 -55.11
CA HIS Z 391 4.70 -10.83 -54.87
C HIS Z 391 3.91 -11.03 -56.15
N GLY Z 392 4.47 -10.63 -57.29
CA GLY Z 392 3.82 -10.92 -58.55
C GLY Z 392 3.69 -12.41 -58.80
N ALA Z 393 4.63 -13.20 -58.27
CA ALA Z 393 4.53 -14.64 -58.37
C ALA Z 393 3.49 -15.19 -57.41
N ILE Z 394 3.45 -14.66 -56.18
CA ILE Z 394 2.48 -15.12 -55.20
C ILE Z 394 1.06 -14.81 -55.67
N PHE Z 395 0.88 -13.69 -56.36
CA PHE Z 395 -0.43 -13.34 -56.90
C PHE Z 395 -0.89 -14.39 -57.88
N LEU Z 396 0.01 -14.87 -58.73
CA LEU Z 396 -0.34 -15.90 -59.71
C LEU Z 396 -0.63 -17.23 -59.04
N VAL Z 397 -0.07 -17.43 -57.84
CA VAL Z 397 -0.21 -18.71 -57.15
C VAL Z 397 -1.43 -18.71 -56.23
N ARG Z 398 -1.77 -17.55 -55.66
CA ARG Z 398 -2.80 -17.45 -54.64
C ARG Z 398 -4.06 -16.74 -55.08
N ASP Z 399 -3.95 -15.58 -55.74
CA ASP Z 399 -5.09 -14.71 -56.00
C ASP Z 399 -5.56 -14.72 -57.44
N TYR Z 400 -4.73 -15.15 -58.38
CA TYR Z 400 -5.08 -15.07 -59.79
C TYR Z 400 -6.21 -16.04 -60.11
N ASP Z 401 -7.21 -15.55 -60.86
CA ASP Z 401 -8.37 -16.32 -61.29
C ASP Z 401 -8.45 -16.25 -62.81
N PRO Z 402 -8.25 -17.34 -63.56
CA PRO Z 402 -8.31 -17.21 -65.03
C PRO Z 402 -9.71 -16.92 -65.54
N GLU Z 403 -10.75 -17.38 -64.84
CA GLU Z 403 -12.11 -17.18 -65.32
C GLU Z 403 -12.49 -15.71 -65.32
N GLN Z 404 -12.00 -14.96 -64.34
CA GLN Z 404 -12.27 -13.53 -64.27
C GLN Z 404 -11.65 -12.80 -65.46
N ASN Z 405 -10.41 -13.14 -65.80
CA ASN Z 405 -9.72 -12.45 -66.89
C ASN Z 405 -10.27 -12.87 -68.24
N LYS Z 406 -10.05 -14.14 -68.61
CA LYS Z 406 -10.70 -14.76 -69.76
C LYS Z 406 -10.51 -13.98 -71.06
N GLY Z 407 -9.27 -13.95 -71.56
CA GLY Z 407 -8.93 -13.15 -72.73
C GLY Z 407 -8.29 -11.82 -72.40
N ASN Z 408 -8.07 -11.53 -71.13
CA ASN Z 408 -7.40 -10.33 -70.68
C ASN Z 408 -5.99 -10.24 -71.27
N VAL Z 409 -5.43 -9.04 -71.22
CA VAL Z 409 -4.02 -8.84 -71.55
C VAL Z 409 -3.14 -9.76 -70.73
N LEU Z 410 -3.46 -9.92 -69.44
CA LEU Z 410 -2.66 -10.75 -68.57
C LEU Z 410 -2.70 -12.21 -68.98
N GLU Z 411 -3.84 -12.66 -69.52
CA GLU Z 411 -3.92 -14.02 -70.04
C GLU Z 411 -2.99 -14.23 -71.22
N ARG Z 412 -2.79 -13.19 -72.04
CA ARG Z 412 -1.98 -13.35 -73.23
C ARG Z 412 -0.51 -13.57 -72.89
N VAL Z 413 -0.05 -12.97 -71.79
CA VAL Z 413 1.36 -13.12 -71.40
C VAL Z 413 1.64 -14.55 -70.98
N LEU Z 414 0.72 -15.16 -70.24
CA LEU Z 414 0.89 -16.55 -69.84
C LEU Z 414 0.84 -17.48 -71.06
N GLN Z 415 0.26 -17.02 -72.16
CA GLN Z 415 0.08 -17.87 -73.32
C GLN Z 415 1.33 -17.93 -74.19
N HIS Z 416 2.13 -16.86 -74.19
CA HIS Z 416 3.39 -16.80 -74.93
C HIS Z 416 4.58 -16.56 -74.00
N LYS Z 417 4.52 -17.04 -72.76
CA LYS Z 417 5.59 -16.82 -71.80
C LYS Z 417 6.91 -17.43 -72.28
N GLU Z 418 6.83 -18.50 -73.08
CA GLU Z 418 8.04 -19.17 -73.54
C GLU Z 418 8.90 -18.23 -74.39
N ALA Z 419 8.27 -17.38 -75.19
CA ALA Z 419 9.03 -16.41 -75.97
C ALA Z 419 9.65 -15.34 -75.07
N ILE Z 420 8.97 -15.01 -73.98
CA ILE Z 420 9.47 -14.01 -73.05
C ILE Z 420 10.70 -14.56 -72.34
N ILE Z 421 10.61 -15.79 -71.85
CA ILE Z 421 11.71 -16.38 -71.11
C ILE Z 421 12.85 -16.75 -72.06
N SER Z 422 12.51 -17.17 -73.28
CA SER Z 422 13.54 -17.59 -74.23
C SER Z 422 14.38 -16.40 -74.69
N HIS Z 423 13.73 -15.32 -75.12
CA HIS Z 423 14.46 -14.19 -75.68
C HIS Z 423 15.28 -13.49 -74.61
N LEU Z 424 14.82 -13.51 -73.36
CA LEU Z 424 15.62 -12.98 -72.27
C LEU Z 424 16.92 -13.77 -72.13
N SER Z 425 16.86 -15.08 -72.36
CA SER Z 425 18.07 -15.89 -72.28
C SER Z 425 19.07 -15.50 -73.35
N TRP Z 426 18.59 -15.24 -74.56
CA TRP Z 426 19.49 -14.83 -75.64
C TRP Z 426 20.12 -13.48 -75.33
N VAL Z 427 19.33 -12.54 -74.80
CA VAL Z 427 19.86 -11.23 -74.47
C VAL Z 427 20.91 -11.33 -73.38
N SER Z 428 20.65 -12.15 -72.36
CA SER Z 428 21.63 -12.35 -71.30
C SER Z 428 22.88 -13.03 -71.85
N LEU Z 429 22.70 -14.09 -72.64
CA LEU Z 429 23.84 -14.77 -73.22
C LEU Z 429 24.58 -13.87 -74.20
N PHE Z 430 23.84 -13.13 -75.02
CA PHE Z 430 24.47 -12.28 -76.03
C PHE Z 430 25.34 -11.21 -75.41
N LEU Z 431 24.97 -10.76 -74.21
CA LEU Z 431 25.76 -9.75 -73.51
C LEU Z 431 26.99 -10.35 -72.86
N GLY Z 432 26.82 -11.47 -72.15
CA GLY Z 432 27.89 -11.94 -71.29
C GLY Z 432 29.05 -12.54 -72.05
N PHE Z 433 28.78 -13.23 -73.16
CA PHE Z 433 29.85 -13.75 -73.99
C PHE Z 433 30.72 -12.61 -74.51
N HIS Z 434 30.10 -11.45 -74.77
CA HIS Z 434 30.81 -10.34 -75.39
C HIS Z 434 31.39 -9.39 -74.36
N THR Z 435 30.61 -9.07 -73.32
CA THR Z 435 31.11 -8.19 -72.27
C THR Z 435 32.30 -8.80 -71.58
N LEU Z 436 32.30 -10.11 -71.39
CA LEU Z 436 33.45 -10.78 -70.79
C LEU Z 436 34.60 -10.89 -71.78
N GLY Z 437 34.31 -11.34 -73.01
CA GLY Z 437 35.37 -11.54 -73.98
C GLY Z 437 36.13 -10.27 -74.31
N LEU Z 438 35.43 -9.13 -74.31
CA LEU Z 438 36.11 -7.85 -74.54
C LEU Z 438 36.94 -7.47 -73.33
N TYR Z 439 36.40 -7.68 -72.12
CA TYR Z 439 37.19 -7.47 -70.91
C TYR Z 439 38.38 -8.40 -70.88
N VAL Z 440 38.22 -9.62 -71.39
CA VAL Z 440 39.27 -10.62 -71.31
C VAL Z 440 40.31 -10.39 -72.40
N HIS Z 441 39.87 -10.04 -73.61
CA HIS Z 441 40.80 -9.70 -74.68
C HIS Z 441 41.67 -8.53 -74.29
N ASN Z 442 41.06 -7.50 -73.70
CA ASN Z 442 41.82 -6.34 -73.26
C ASN Z 442 42.71 -6.68 -72.08
N ASP Z 443 42.32 -7.66 -71.27
CA ASP Z 443 43.11 -8.03 -70.11
C ASP Z 443 44.35 -8.83 -70.51
N VAL Z 444 44.16 -9.86 -71.34
CA VAL Z 444 45.28 -10.66 -71.81
C VAL Z 444 46.24 -9.83 -72.64
N VAL Z 445 45.69 -8.93 -73.47
CA VAL Z 445 46.52 -8.16 -74.39
C VAL Z 445 47.46 -7.25 -73.62
N VAL Z 446 46.98 -6.65 -72.54
CA VAL Z 446 47.84 -5.80 -71.73
C VAL Z 446 48.84 -6.65 -70.95
N ALA Z 447 48.47 -7.89 -70.62
CA ALA Z 447 49.39 -8.78 -69.91
C ALA Z 447 50.64 -9.06 -70.74
N PHE Z 448 50.49 -9.11 -72.06
CA PHE Z 448 51.60 -9.33 -72.97
C PHE Z 448 52.29 -8.04 -73.40
N GLY Z 449 52.03 -6.93 -72.71
CA GLY Z 449 52.74 -5.70 -72.99
C GLY Z 449 52.41 -5.07 -74.32
N THR Z 450 51.16 -5.13 -74.77
CA THR Z 450 50.73 -4.49 -76.01
C THR Z 450 49.38 -3.82 -75.76
N PRO Z 451 49.34 -2.79 -74.91
CA PRO Z 451 48.03 -2.17 -74.59
C PRO Z 451 47.37 -1.51 -75.78
N GLU Z 452 48.14 -1.17 -76.81
CA GLU Z 452 47.57 -0.60 -78.03
C GLU Z 452 46.56 -1.53 -78.68
N LYS Z 453 46.72 -2.83 -78.50
CA LYS Z 453 45.90 -3.82 -79.18
C LYS Z 453 44.56 -4.08 -78.48
N GLN Z 454 44.20 -3.26 -77.50
CA GLN Z 454 42.93 -3.45 -76.81
C GLN Z 454 41.77 -3.03 -77.69
N ILE Z 455 40.60 -3.60 -77.41
CA ILE Z 455 39.36 -3.20 -78.04
C ILE Z 455 38.76 -2.11 -77.17
N LEU Z 456 39.18 -0.87 -77.41
CA LEU Z 456 38.57 0.30 -76.81
C LEU Z 456 37.63 0.90 -77.85
N ILE Z 457 36.38 1.09 -77.47
CA ILE Z 457 35.37 1.69 -78.34
C ILE Z 457 34.66 2.78 -77.55
N GLU Z 458 34.45 3.92 -78.18
CA GLU Z 458 33.94 5.08 -77.45
C GLU Z 458 32.44 4.96 -77.26
N PRO Z 459 31.89 5.41 -76.11
CA PRO Z 459 30.42 5.43 -75.97
C PRO Z 459 29.80 6.57 -76.79
N VAL Z 460 29.74 6.34 -78.10
CA VAL Z 460 29.46 7.39 -79.07
C VAL Z 460 28.11 8.04 -78.80
N PHE Z 461 27.02 7.28 -78.91
CA PHE Z 461 25.71 7.89 -78.84
C PHE Z 461 25.38 8.37 -77.43
N ALA Z 462 26.12 7.90 -76.43
CA ALA Z 462 25.93 8.41 -75.08
C ALA Z 462 26.40 9.86 -74.96
N GLN Z 463 27.46 10.26 -75.67
CA GLN Z 463 27.82 11.67 -75.69
C GLN Z 463 26.70 12.51 -76.30
N PHE Z 464 25.96 11.95 -77.25
CA PHE Z 464 24.90 12.71 -77.93
C PHE Z 464 23.81 13.12 -76.95
N ILE Z 465 23.65 12.36 -75.85
CA ILE Z 465 22.78 12.80 -74.77
C ILE Z 465 23.39 13.99 -74.06
N GLN Z 466 24.69 13.92 -73.78
CA GLN Z 466 25.38 15.03 -73.13
C GLN Z 466 25.53 16.21 -74.08
N ALA Z 467 25.74 15.93 -75.37
CA ALA Z 467 25.88 17.00 -76.34
C ALA Z 467 24.56 17.71 -76.58
N ALA Z 468 23.45 17.00 -76.38
CA ALA Z 468 22.13 17.62 -76.49
C ALA Z 468 21.80 18.46 -75.26
N HIS Z 469 22.67 18.44 -74.24
CA HIS Z 469 22.52 19.25 -73.04
C HIS Z 469 23.56 20.35 -72.94
N GLY Z 470 24.59 20.33 -73.78
CA GLY Z 470 25.72 21.22 -73.68
C GLY Z 470 26.99 20.45 -73.92
N LYS Z 471 27.92 20.50 -72.97
CA LYS Z 471 29.10 19.62 -72.97
C LYS Z 471 29.92 19.81 -74.25
N VAL Z 472 30.51 20.99 -74.38
CA VAL Z 472 31.25 21.35 -75.60
C VAL Z 472 32.51 20.50 -75.74
N LEU Z 473 32.95 19.86 -74.64
CA LEU Z 473 34.16 19.04 -74.60
C LEU Z 473 34.27 18.05 -75.75
N TYR Z 474 33.17 17.41 -76.13
CA TYR Z 474 33.21 16.42 -77.19
C TYR Z 474 33.34 17.08 -78.56
N GLY Z 475 32.61 18.18 -78.78
CA GLY Z 475 32.63 18.87 -80.04
C GLY Z 475 31.55 18.45 -81.02
N LEU Z 476 30.48 17.80 -80.54
CA LEU Z 476 29.43 17.35 -81.44
C LEU Z 476 28.69 18.55 -82.06
N ASP Z 477 28.50 19.62 -81.29
CA ASP Z 477 27.82 20.82 -81.76
C ASP Z 477 26.36 20.51 -82.12
N THR Z 478 25.72 19.73 -81.25
CA THR Z 478 24.32 19.35 -81.39
C THR Z 478 23.48 20.33 -80.58
N LEU Z 479 22.20 19.96 -80.36
CA LEU Z 479 21.08 20.87 -80.06
C LEU Z 479 21.47 21.97 -79.09
N LEU Z 480 21.82 21.67 -77.84
CA LEU Z 480 22.14 22.74 -76.89
C LEU Z 480 23.61 23.11 -76.94
N SER Z 481 24.46 22.22 -77.44
CA SER Z 481 25.83 22.61 -77.77
C SER Z 481 25.84 23.55 -78.96
N ASN Z 482 24.81 23.52 -79.79
CA ASN Z 482 24.71 24.39 -80.94
C ASN Z 482 24.01 25.69 -80.54
N PRO Z 483 24.67 26.85 -80.59
CA PRO Z 483 23.97 28.08 -80.18
C PRO Z 483 22.87 28.48 -81.13
N ASP Z 484 23.01 28.16 -82.42
CA ASP Z 484 22.05 28.58 -83.43
C ASP Z 484 20.87 27.63 -83.58
N SER Z 485 20.88 26.50 -82.88
CA SER Z 485 19.81 25.51 -83.05
C SER Z 485 18.49 26.05 -82.51
N VAL Z 486 17.42 25.30 -82.81
CA VAL Z 486 16.07 25.73 -82.45
C VAL Z 486 15.81 25.54 -80.97
N ALA Z 487 16.35 24.47 -80.38
CA ALA Z 487 16.12 24.21 -78.97
C ALA Z 487 16.94 25.14 -78.09
N TYR Z 488 18.12 25.56 -78.57
CA TYR Z 488 18.92 26.53 -77.84
C TYR Z 488 18.18 27.86 -77.75
N THR Z 489 17.80 28.41 -78.90
CA THR Z 489 17.04 29.65 -79.01
C THR Z 489 15.63 29.26 -79.44
N ALA Z 490 14.73 29.13 -78.47
CA ALA Z 490 13.34 28.81 -78.78
C ALA Z 490 12.74 29.88 -79.68
N TYR Z 491 12.39 29.46 -80.91
CA TYR Z 491 11.95 30.42 -81.92
C TYR Z 491 10.68 31.16 -81.53
N PRO Z 492 9.60 30.50 -81.10
CA PRO Z 492 8.38 31.26 -80.79
C PRO Z 492 8.52 32.10 -79.54
N ASN Z 493 9.09 31.50 -78.49
CA ASN Z 493 9.20 32.14 -77.18
C ASN Z 493 10.61 31.95 -76.66
N TYR Z 494 11.44 32.99 -76.77
CA TYR Z 494 12.83 32.93 -76.31
C TYR Z 494 12.86 33.04 -74.78
N ALA Z 495 12.39 31.97 -74.14
CA ALA Z 495 12.24 31.89 -72.69
C ALA Z 495 13.08 30.77 -72.09
N ASN Z 496 14.24 30.49 -72.69
CA ASN Z 496 15.16 29.48 -72.18
C ASN Z 496 15.91 30.08 -70.99
N VAL Z 497 15.20 30.22 -69.88
CA VAL Z 497 15.77 30.86 -68.69
C VAL Z 497 16.70 29.90 -67.97
N TRP Z 498 16.47 28.60 -68.09
CA TRP Z 498 17.36 27.62 -67.49
C TRP Z 498 18.70 27.53 -68.22
N LEU Z 499 18.72 27.86 -69.50
CA LEU Z 499 19.89 27.55 -70.33
C LEU Z 499 21.15 28.29 -69.93
N PRO Z 500 21.14 29.58 -69.57
CA PRO Z 500 22.41 30.22 -69.19
C PRO Z 500 23.09 29.60 -67.99
N GLY Z 501 22.34 29.37 -66.91
CA GLY Z 501 22.95 28.83 -65.70
C GLY Z 501 23.20 27.34 -65.80
N TRP Z 502 22.34 26.63 -66.53
CA TRP Z 502 22.50 25.18 -66.65
C TRP Z 502 23.75 24.82 -67.45
N LEU Z 503 23.98 25.54 -68.55
CA LEU Z 503 25.15 25.26 -69.37
C LEU Z 503 26.44 25.51 -68.60
N ASP Z 504 26.44 26.49 -67.70
CA ASP Z 504 27.63 26.76 -66.89
C ASP Z 504 27.92 25.60 -65.96
N ALA Z 505 26.89 24.89 -65.52
CA ALA Z 505 27.09 23.79 -64.57
C ALA Z 505 27.76 22.61 -65.24
N ILE Z 506 27.28 22.22 -66.43
CA ILE Z 506 27.86 21.09 -67.13
C ILE Z 506 29.28 21.41 -67.56
N ASN Z 507 29.48 22.56 -68.20
CA ASN Z 507 30.76 22.91 -68.78
C ASN Z 507 31.78 23.41 -67.77
N SER Z 508 31.50 23.30 -66.47
CA SER Z 508 32.49 23.67 -65.46
C SER Z 508 33.55 22.59 -65.30
N GLY Z 509 33.12 21.34 -65.15
CA GLY Z 509 34.03 20.22 -64.97
C GLY Z 509 34.26 19.85 -63.52
N THR Z 510 34.01 20.78 -62.59
CA THR Z 510 34.24 20.48 -61.17
C THR Z 510 33.14 19.59 -60.62
N ASN Z 511 31.89 19.98 -60.81
CA ASN Z 511 30.77 19.19 -60.31
C ASN Z 511 30.69 17.84 -61.01
N SER Z 512 29.84 16.97 -60.46
CA SER Z 512 29.58 15.65 -61.02
C SER Z 512 28.39 15.64 -61.96
N LEU Z 513 28.01 16.78 -62.51
CA LEU Z 513 26.83 16.87 -63.38
C LEU Z 513 27.22 16.46 -64.80
N PHE Z 514 26.74 15.30 -65.22
CA PHE Z 514 27.02 14.76 -66.56
C PHE Z 514 28.53 14.70 -66.80
N LEU Z 515 29.19 13.89 -65.99
CA LEU Z 515 30.63 13.75 -66.09
C LEU Z 515 31.03 13.17 -67.44
N THR Z 516 32.32 13.21 -67.73
CA THR Z 516 32.81 12.71 -69.01
C THR Z 516 32.71 11.19 -69.05
N ILE Z 517 32.29 10.67 -70.20
CA ILE Z 517 32.16 9.24 -70.44
C ILE Z 517 33.28 8.80 -71.36
N GLY Z 518 33.87 7.64 -71.07
CA GLY Z 518 34.97 7.10 -71.82
C GLY Z 518 34.74 5.67 -72.24
N PRO Z 519 35.75 5.02 -72.81
CA PRO Z 519 35.58 3.62 -73.24
C PRO Z 519 35.38 2.66 -72.08
N GLY Z 520 36.03 2.91 -70.95
CA GLY Z 520 35.81 2.07 -69.79
C GLY Z 520 34.39 2.15 -69.29
N ASP Z 521 33.77 3.32 -69.42
CA ASP Z 521 32.37 3.49 -69.05
C ASP Z 521 31.45 2.67 -69.94
N PHE Z 522 31.88 2.39 -71.18
CA PHE Z 522 31.06 1.65 -72.12
C PHE Z 522 30.81 0.23 -71.63
N LEU Z 523 31.88 -0.52 -71.37
CA LEU Z 523 31.75 -1.93 -71.06
C LEU Z 523 31.01 -2.15 -69.75
N VAL Z 524 31.13 -1.21 -68.82
CA VAL Z 524 30.52 -1.40 -67.50
C VAL Z 524 29.00 -1.32 -67.60
N HIS Z 525 28.49 -0.43 -68.46
CA HIS Z 525 27.05 -0.29 -68.60
C HIS Z 525 26.45 -1.56 -69.20
N HIS Z 526 27.24 -2.30 -69.98
CA HIS Z 526 26.74 -3.55 -70.57
C HIS Z 526 26.81 -4.68 -69.57
N ALA Z 527 27.79 -4.63 -68.66
CA ALA Z 527 27.75 -5.50 -67.50
C ALA Z 527 26.52 -5.22 -66.67
N ILE Z 528 26.20 -3.94 -66.45
CA ILE Z 528 24.99 -3.57 -65.76
C ILE Z 528 23.77 -4.04 -66.56
N ALA Z 529 23.88 -4.02 -67.89
CA ALA Z 529 22.82 -4.58 -68.72
C ALA Z 529 22.65 -6.07 -68.45
N LEU Z 530 23.76 -6.80 -68.34
CA LEU Z 530 23.69 -8.23 -68.14
C LEU Z 530 23.07 -8.56 -66.78
N GLY Z 531 23.36 -7.75 -65.77
CA GLY Z 531 22.81 -8.00 -64.46
C GLY Z 531 21.30 -7.86 -64.43
N LEU Z 532 20.79 -6.83 -65.10
CA LEU Z 532 19.36 -6.53 -65.01
C LEU Z 532 18.54 -7.43 -65.93
N HIS Z 533 19.08 -7.76 -67.10
CA HIS Z 533 18.35 -8.68 -67.98
C HIS Z 533 18.28 -10.06 -67.36
N THR Z 534 19.37 -10.53 -66.75
CA THR Z 534 19.41 -11.87 -66.19
C THR Z 534 18.61 -11.95 -64.89
N THR Z 535 18.68 -10.89 -64.07
CA THR Z 535 17.92 -10.88 -62.83
C THR Z 535 16.42 -10.92 -63.12
N THR Z 536 15.99 -10.30 -64.22
CA THR Z 536 14.60 -10.40 -64.63
C THR Z 536 14.28 -11.79 -65.17
N LEU Z 537 15.24 -12.39 -65.90
CA LEU Z 537 15.03 -13.71 -66.46
C LEU Z 537 14.71 -14.73 -65.37
N ILE Z 538 15.38 -14.61 -64.22
CA ILE Z 538 15.11 -15.52 -63.11
C ILE Z 538 13.75 -15.24 -62.51
N LEU Z 539 13.43 -13.95 -62.33
CA LEU Z 539 12.21 -13.58 -61.64
C LEU Z 539 11.00 -13.72 -62.56
N VAL Z 540 11.14 -13.30 -63.82
CA VAL Z 540 10.06 -13.45 -64.78
C VAL Z 540 9.72 -14.91 -64.96
N LYS Z 541 10.73 -15.77 -65.04
CA LYS Z 541 10.49 -17.20 -65.16
C LYS Z 541 9.74 -17.73 -63.96
N GLY Z 542 10.22 -17.43 -62.76
CA GLY Z 542 9.61 -17.97 -61.56
C GLY Z 542 8.15 -17.57 -61.42
N ALA Z 543 7.82 -16.33 -61.77
CA ALA Z 543 6.44 -15.87 -61.67
C ALA Z 543 5.56 -16.54 -62.70
N LEU Z 544 5.96 -16.51 -63.96
CA LEU Z 544 5.14 -17.08 -65.02
C LEU Z 544 5.04 -18.59 -64.88
N ASP Z 545 6.11 -19.24 -64.42
CA ASP Z 545 6.12 -20.67 -64.17
C ASP Z 545 5.74 -21.02 -62.74
N ALA Z 546 5.25 -20.06 -61.96
CA ALA Z 546 4.77 -20.37 -60.62
C ALA Z 546 3.53 -21.25 -60.69
N ARG Z 547 2.71 -21.07 -61.73
CA ARG Z 547 1.47 -21.81 -61.84
C ARG Z 547 1.72 -23.24 -62.25
N GLY Z 548 2.65 -23.47 -63.18
CA GLY Z 548 2.96 -24.81 -63.60
C GLY Z 548 4.09 -24.88 -64.59
N SER Z 549 4.57 -26.09 -64.81
CA SER Z 549 5.58 -26.40 -65.82
C SER Z 549 5.39 -27.85 -66.21
N LYS Z 550 6.07 -28.26 -67.28
CA LYS Z 550 5.95 -29.64 -67.72
C LYS Z 550 6.54 -30.61 -66.70
N LEU Z 551 7.51 -30.16 -65.91
CA LEU Z 551 8.10 -31.01 -64.88
C LEU Z 551 7.18 -31.13 -63.68
N MET Z 552 6.51 -30.03 -63.31
CA MET Z 552 5.58 -30.00 -62.18
C MET Z 552 4.40 -29.12 -62.56
N PRO Z 553 3.44 -29.66 -63.32
CA PRO Z 553 2.26 -28.84 -63.67
C PRO Z 553 1.45 -28.39 -62.47
N ASP Z 554 1.29 -29.24 -61.48
CA ASP Z 554 0.45 -28.92 -60.32
C ASP Z 554 1.24 -28.15 -59.25
N LYS Z 555 1.88 -27.06 -59.67
CA LYS Z 555 2.68 -26.26 -58.75
C LYS Z 555 1.81 -25.32 -57.94
N LYS Z 556 0.67 -24.88 -58.49
CA LYS Z 556 -0.21 -23.97 -57.78
C LYS Z 556 -0.81 -24.63 -56.54
N ASP Z 557 -1.00 -25.94 -56.59
CA ASP Z 557 -1.62 -26.64 -55.46
C ASP Z 557 -0.70 -26.63 -54.24
N PHE Z 558 0.61 -26.65 -54.46
CA PHE Z 558 1.55 -26.77 -53.35
C PHE Z 558 1.78 -25.42 -52.66
N GLY Z 559 1.91 -24.37 -53.45
CA GLY Z 559 2.11 -23.02 -52.94
C GLY Z 559 3.35 -22.37 -53.50
N TYR Z 560 3.60 -21.16 -53.00
CA TYR Z 560 4.75 -20.38 -53.46
C TYR Z 560 6.05 -20.99 -52.97
N ALA Z 561 6.13 -21.26 -51.67
CA ALA Z 561 7.36 -21.74 -51.03
C ALA Z 561 7.12 -23.14 -50.50
N PHE Z 562 7.39 -24.14 -51.33
CA PHE Z 562 7.47 -25.53 -50.93
C PHE Z 562 8.88 -25.96 -51.27
N PRO Z 563 9.46 -26.92 -50.54
CA PRO Z 563 10.86 -27.27 -50.82
C PRO Z 563 11.06 -27.87 -52.19
N CYS Z 564 10.39 -28.97 -52.49
CA CYS Z 564 10.68 -29.76 -53.69
C CYS Z 564 9.46 -30.63 -53.99
N ASP Z 565 9.53 -31.31 -55.13
CA ASP Z 565 8.53 -32.27 -55.55
C ASP Z 565 9.02 -33.71 -55.39
N GLY Z 566 10.33 -33.91 -55.28
CA GLY Z 566 10.90 -35.21 -54.99
C GLY Z 566 12.03 -35.59 -55.93
N PRO Z 567 12.61 -36.77 -55.73
CA PRO Z 567 13.72 -37.18 -56.59
C PRO Z 567 13.29 -37.54 -58.00
N GLY Z 568 12.05 -37.99 -58.17
CA GLY Z 568 11.65 -38.55 -59.43
C GLY Z 568 11.61 -37.54 -60.56
N ARG Z 569 11.40 -38.06 -61.78
CA ARG Z 569 11.33 -37.24 -62.98
C ARG Z 569 12.64 -36.47 -63.18
N GLY Z 570 13.75 -37.14 -62.90
CA GLY Z 570 15.06 -36.57 -63.10
C GLY Z 570 15.59 -35.72 -61.96
N GLY Z 571 14.75 -35.39 -60.98
CA GLY Z 571 15.14 -34.55 -59.87
C GLY Z 571 14.48 -33.19 -59.91
N THR Z 572 13.90 -32.78 -58.78
CA THR Z 572 13.16 -31.52 -58.65
C THR Z 572 13.68 -30.79 -57.43
N CYS Z 573 14.76 -30.02 -57.60
CA CYS Z 573 15.47 -29.44 -56.49
C CYS Z 573 15.06 -28.00 -56.17
N ASP Z 574 14.71 -27.21 -57.19
CA ASP Z 574 14.34 -25.81 -56.97
C ASP Z 574 13.16 -25.44 -57.86
N ILE Z 575 12.13 -26.30 -57.90
CA ILE Z 575 11.01 -26.07 -58.80
C ILE Z 575 10.15 -24.91 -58.29
N SER Z 576 10.07 -24.74 -56.98
CA SER Z 576 9.15 -23.76 -56.41
C SER Z 576 9.52 -22.35 -56.84
N ALA Z 577 8.50 -21.52 -57.07
CA ALA Z 577 8.73 -20.14 -57.47
C ALA Z 577 9.48 -19.36 -56.42
N TRP Z 578 9.40 -19.77 -55.16
CA TRP Z 578 10.19 -19.13 -54.11
C TRP Z 578 11.68 -19.28 -54.39
N ASP Z 579 12.08 -20.41 -54.97
CA ASP Z 579 13.49 -20.66 -55.20
C ASP Z 579 14.02 -19.81 -56.34
N SER Z 580 13.13 -19.32 -57.22
CA SER Z 580 13.55 -18.37 -58.23
C SER Z 580 14.01 -17.07 -57.58
N PHE Z 581 13.24 -16.56 -56.61
CA PHE Z 581 13.68 -15.42 -55.82
C PHE Z 581 15.03 -15.69 -55.15
N TYR Z 582 15.18 -16.90 -54.60
CA TYR Z 582 16.39 -17.24 -53.87
C TYR Z 582 17.63 -17.11 -54.74
N LEU Z 583 17.51 -17.46 -56.03
CA LEU Z 583 18.66 -17.37 -56.93
C LEU Z 583 18.78 -15.96 -57.51
N SER Z 584 17.70 -15.19 -57.49
CA SER Z 584 17.72 -13.85 -58.08
C SER Z 584 18.49 -12.89 -57.19
N LEU Z 585 18.37 -13.05 -55.88
CA LEU Z 585 18.96 -12.09 -54.95
C LEU Z 585 20.48 -12.11 -55.02
N PHE Z 586 21.05 -13.23 -55.47
CA PHE Z 586 22.50 -13.29 -55.66
C PHE Z 586 22.94 -12.35 -56.78
N TRP Z 587 22.14 -12.24 -57.84
CA TRP Z 587 22.50 -11.36 -58.95
C TRP Z 587 22.39 -9.90 -58.56
N ALA Z 588 21.26 -9.53 -57.98
CA ALA Z 588 20.98 -8.12 -57.72
C ALA Z 588 22.05 -7.50 -56.83
N LEU Z 589 22.56 -8.27 -55.88
CA LEU Z 589 23.67 -7.79 -55.08
C LEU Z 589 24.91 -7.62 -55.94
N ASN Z 590 25.13 -8.54 -56.88
CA ASN Z 590 26.30 -8.45 -57.74
C ASN Z 590 26.23 -7.24 -58.65
N THR Z 591 25.03 -6.87 -59.10
CA THR Z 591 24.90 -5.72 -59.98
C THR Z 591 25.41 -4.46 -59.32
N VAL Z 592 25.10 -4.28 -58.03
CA VAL Z 592 25.51 -3.05 -57.37
C VAL Z 592 27.00 -3.05 -57.12
N GLY Z 593 27.60 -4.23 -56.97
CA GLY Z 593 29.05 -4.31 -57.07
C GLY Z 593 29.55 -3.73 -58.37
N TRP Z 594 28.86 -4.04 -59.47
CA TRP Z 594 29.24 -3.51 -60.76
C TRP Z 594 28.87 -2.02 -60.87
N VAL Z 595 27.89 -1.58 -60.10
CA VAL Z 595 27.46 -0.18 -60.16
C VAL Z 595 28.31 0.67 -59.23
N THR Z 596 28.49 0.20 -57.99
CA THR Z 596 29.08 1.05 -56.97
C THR Z 596 30.60 1.08 -57.08
N PHE Z 597 31.23 -0.04 -57.44
CA PHE Z 597 32.65 0.00 -57.77
C PHE Z 597 32.90 0.96 -58.92
N TYR Z 598 31.98 0.98 -59.88
CA TYR Z 598 32.06 1.95 -60.97
C TYR Z 598 31.84 3.36 -60.46
N TRP Z 599 30.86 3.55 -59.58
CA TRP Z 599 30.65 4.86 -58.97
C TRP Z 599 31.85 5.27 -58.14
N HIS Z 600 32.31 4.37 -57.27
CA HIS Z 600 33.33 4.73 -56.29
C HIS Z 600 34.67 4.99 -56.96
N TRP Z 601 35.07 4.13 -57.90
CA TRP Z 601 36.38 4.27 -58.51
C TRP Z 601 36.41 5.46 -59.47
N LYS Z 602 35.31 5.72 -60.16
CA LYS Z 602 35.26 6.84 -61.07
C LYS Z 602 35.33 8.16 -60.31
N HIS Z 603 34.63 8.24 -59.18
CA HIS Z 603 34.60 9.48 -58.41
C HIS Z 603 35.90 9.68 -57.65
N LEU Z 604 36.54 8.59 -57.22
CA LEU Z 604 37.80 8.71 -56.49
C LEU Z 604 38.87 9.35 -57.36
N GLY Z 605 38.91 9.02 -58.65
CA GLY Z 605 39.84 9.66 -59.55
C GLY Z 605 39.55 11.15 -59.72
N ILE Z 606 38.26 11.52 -59.65
CA ILE Z 606 37.90 12.92 -59.79
C ILE Z 606 38.18 13.67 -58.50
N TRP Z 607 37.77 13.11 -57.37
CA TRP Z 607 38.01 13.75 -56.08
C TRP Z 607 39.51 13.92 -55.82
N GLN Z 608 40.30 12.94 -56.25
CA GLN Z 608 41.75 13.01 -56.15
C GLN Z 608 42.39 13.78 -57.29
N GLY Z 609 41.66 14.03 -58.38
CA GLY Z 609 42.20 14.68 -59.55
C GLY Z 609 42.78 13.74 -60.58
N ASN Z 610 42.99 12.47 -60.24
CA ASN Z 610 43.59 11.49 -61.15
C ASN Z 610 42.47 10.79 -61.92
N VAL Z 611 41.98 11.46 -62.95
CA VAL Z 611 40.96 10.89 -63.81
C VAL Z 611 41.57 9.86 -64.77
N ALA Z 612 42.88 9.94 -65.00
CA ALA Z 612 43.49 9.12 -66.04
C ALA Z 612 43.54 7.65 -65.65
N GLN Z 613 43.71 7.37 -64.36
CA GLN Z 613 43.89 5.98 -63.94
C GLN Z 613 42.64 5.15 -64.21
N PHE Z 614 41.46 5.77 -64.12
CA PHE Z 614 40.23 5.04 -64.41
C PHE Z 614 40.00 4.95 -65.91
N ASN Z 615 40.25 6.03 -66.64
CA ASN Z 615 40.02 6.04 -68.08
C ASN Z 615 40.93 5.02 -68.78
N GLU Z 616 42.11 4.78 -68.21
CA GLU Z 616 43.07 3.87 -68.83
C GLU Z 616 42.89 2.45 -68.31
N ASN Z 617 42.89 2.27 -66.99
CA ASN Z 617 42.99 0.95 -66.39
C ASN Z 617 41.66 0.28 -66.15
N SER Z 618 40.53 0.96 -66.39
CA SER Z 618 39.24 0.31 -66.21
C SER Z 618 38.92 -0.64 -67.35
N THR Z 619 39.70 -0.61 -68.43
CA THR Z 619 39.46 -1.52 -69.55
C THR Z 619 39.77 -2.96 -69.17
N TYR Z 620 40.93 -3.18 -68.55
CA TYR Z 620 41.34 -4.53 -68.16
C TYR Z 620 40.99 -4.77 -66.70
N LEU Z 621 40.50 -5.97 -66.42
CA LEU Z 621 39.95 -6.28 -65.11
C LEU Z 621 41.00 -6.28 -64.01
N MET Z 622 42.27 -6.39 -64.35
CA MET Z 622 43.32 -6.29 -63.33
C MET Z 622 43.35 -4.89 -62.73
N GLY Z 623 42.93 -3.89 -63.50
CA GLY Z 623 42.87 -2.53 -62.96
C GLY Z 623 41.85 -2.41 -61.85
N TRP Z 624 40.65 -2.96 -62.05
CA TRP Z 624 39.67 -3.00 -60.97
C TRP Z 624 40.19 -3.79 -59.78
N PHE Z 625 40.95 -4.85 -60.05
CA PHE Z 625 41.52 -5.66 -58.98
C PHE Z 625 42.67 -4.94 -58.30
N ARG Z 626 43.49 -4.24 -59.08
CA ARG Z 626 44.70 -3.61 -58.56
C ARG Z 626 44.45 -2.19 -58.12
N ASP Z 627 44.03 -1.33 -59.05
CA ASP Z 627 44.03 0.10 -58.79
C ASP Z 627 42.93 0.51 -57.82
N TYR Z 628 41.85 -0.28 -57.74
CA TYR Z 628 40.69 0.08 -56.93
C TYR Z 628 40.64 -0.69 -55.62
N LEU Z 629 40.78 -2.02 -55.66
CA LEU Z 629 40.56 -2.83 -54.47
C LEU Z 629 41.85 -2.96 -53.64
N TRP Z 630 42.96 -3.27 -54.29
CA TRP Z 630 44.22 -3.47 -53.56
C TRP Z 630 44.71 -2.15 -52.95
N ALA Z 631 44.72 -1.08 -53.75
CA ALA Z 631 45.31 0.16 -53.31
C ALA Z 631 44.47 0.83 -52.21
N ASN Z 632 43.15 0.81 -52.36
CA ASN Z 632 42.27 1.51 -51.43
C ASN Z 632 42.00 0.72 -50.16
N SER Z 633 42.41 -0.55 -50.09
CA SER Z 633 42.25 -1.35 -48.89
C SER Z 633 43.43 -1.24 -47.94
N ALA Z 634 44.40 -0.36 -48.22
CA ALA Z 634 45.60 -0.27 -47.40
C ALA Z 634 45.28 0.30 -46.03
N GLN Z 635 44.57 1.43 -45.99
CA GLN Z 635 44.27 2.07 -44.72
C GLN Z 635 43.28 1.25 -43.91
N LEU Z 636 42.41 0.48 -44.59
CA LEU Z 636 41.43 -0.32 -43.87
C LEU Z 636 42.09 -1.45 -43.09
N ILE Z 637 42.87 -2.28 -43.77
CA ILE Z 637 43.51 -3.42 -43.11
C ILE Z 637 44.49 -2.93 -42.04
N ASN Z 638 45.02 -1.72 -42.20
CA ASN Z 638 45.87 -1.10 -41.19
C ASN Z 638 45.07 -0.37 -40.12
N GLY Z 639 43.78 -0.67 -40.00
CA GLY Z 639 42.97 -0.01 -38.99
C GLY Z 639 43.45 -0.29 -37.58
N TYR Z 640 43.79 -1.55 -37.29
CA TYR Z 640 44.43 -1.94 -36.04
C TYR Z 640 45.65 -2.79 -36.38
N ASN Z 641 46.77 -2.12 -36.61
CA ASN Z 641 48.04 -2.78 -36.85
C ASN Z 641 48.70 -3.08 -35.52
N PRO Z 642 49.73 -3.94 -35.50
CA PRO Z 642 50.34 -4.29 -34.21
C PRO Z 642 50.98 -3.12 -33.48
N TYR Z 643 51.30 -2.03 -34.19
CA TYR Z 643 51.95 -0.91 -33.54
C TYR Z 643 50.95 -0.01 -32.83
N GLY Z 644 49.75 0.14 -33.38
CA GLY Z 644 48.79 1.04 -32.79
C GLY Z 644 47.40 0.84 -33.36
N VAL Z 645 46.53 1.78 -33.03
CA VAL Z 645 45.12 1.73 -33.41
C VAL Z 645 44.70 3.14 -33.81
N ASN Z 646 44.11 3.27 -35.00
CA ASN Z 646 43.61 4.54 -35.51
C ASN Z 646 42.09 4.59 -35.40
N ASN Z 647 41.47 5.62 -35.96
CA ASN Z 647 40.04 5.78 -35.94
C ASN Z 647 39.29 4.78 -36.81
N LEU Z 648 39.98 4.12 -37.74
CA LEU Z 648 39.35 3.18 -38.66
C LEU Z 648 39.36 1.75 -38.13
N SER Z 649 39.49 1.56 -36.82
CA SER Z 649 39.57 0.22 -36.27
C SER Z 649 38.23 -0.50 -36.39
N VAL Z 650 37.12 0.25 -36.37
CA VAL Z 650 35.80 -0.37 -36.44
C VAL Z 650 35.61 -1.02 -37.80
N TRP Z 651 36.00 -0.32 -38.86
CA TRP Z 651 35.72 -0.78 -40.21
C TRP Z 651 36.49 -2.06 -40.51
N ALA Z 652 37.74 -2.14 -40.09
CA ALA Z 652 38.52 -3.35 -40.24
C ALA Z 652 37.86 -4.52 -39.55
N TRP Z 653 37.38 -4.30 -38.32
CA TRP Z 653 36.64 -5.35 -37.62
C TRP Z 653 35.35 -5.68 -38.35
N MET Z 654 34.64 -4.66 -38.83
CA MET Z 654 33.43 -4.90 -39.62
C MET Z 654 33.78 -5.55 -40.95
N PHE Z 655 34.93 -5.21 -41.51
CA PHE Z 655 35.35 -5.78 -42.78
C PHE Z 655 35.56 -7.28 -42.65
N LEU Z 656 36.27 -7.70 -41.60
CA LEU Z 656 36.47 -9.11 -41.36
C LEU Z 656 35.21 -9.76 -40.82
N PHE Z 657 34.33 -8.97 -40.19
CA PHE Z 657 33.08 -9.51 -39.67
C PHE Z 657 32.22 -10.04 -40.78
N GLY Z 658 31.85 -9.19 -41.75
CA GLY Z 658 30.98 -9.61 -42.81
C GLY Z 658 31.61 -10.67 -43.70
N HIS Z 659 32.93 -10.72 -43.75
CA HIS Z 659 33.62 -11.81 -44.44
C HIS Z 659 33.22 -13.15 -43.85
N LEU Z 660 33.20 -13.26 -42.52
CA LEU Z 660 32.77 -14.48 -41.89
C LEU Z 660 31.28 -14.73 -42.12
N VAL Z 661 30.45 -13.70 -42.00
CA VAL Z 661 29.02 -13.87 -42.19
C VAL Z 661 28.72 -14.24 -43.64
N TRP Z 662 29.56 -13.82 -44.58
CA TRP Z 662 29.39 -14.21 -45.97
C TRP Z 662 29.59 -15.71 -46.13
N ALA Z 663 30.57 -16.27 -45.41
CA ALA Z 663 30.96 -17.65 -45.64
C ALA Z 663 30.16 -18.63 -44.80
N THR Z 664 29.66 -18.20 -43.64
CA THR Z 664 28.79 -19.08 -42.86
C THR Z 664 27.49 -19.35 -43.60
N GLY Z 665 27.11 -18.46 -44.51
CA GLY Z 665 25.99 -18.75 -45.38
C GLY Z 665 26.27 -19.89 -46.32
N PHE Z 666 27.51 -19.99 -46.83
CA PHE Z 666 27.85 -21.00 -47.81
C PHE Z 666 27.60 -22.41 -47.29
N MET Z 667 27.68 -22.59 -45.97
CA MET Z 667 27.33 -23.86 -45.37
C MET Z 667 25.89 -24.24 -45.68
N PHE Z 668 24.97 -23.31 -45.46
CA PHE Z 668 23.55 -23.61 -45.62
C PHE Z 668 23.19 -23.77 -47.09
N LEU Z 669 23.89 -23.05 -47.96
CA LEU Z 669 23.64 -23.18 -49.39
C LEU Z 669 24.24 -24.47 -49.93
N ILE Z 670 25.49 -24.75 -49.56
CA ILE Z 670 26.17 -25.93 -50.08
C ILE Z 670 25.71 -27.18 -49.33
N SER Z 671 25.96 -27.25 -48.04
CA SER Z 671 25.58 -28.41 -47.22
C SER Z 671 24.08 -28.37 -46.98
N TRP Z 672 23.43 -29.50 -47.22
CA TRP Z 672 21.98 -29.62 -47.16
C TRP Z 672 21.60 -30.53 -46.00
N ARG Z 673 20.30 -30.73 -45.83
CA ARG Z 673 19.74 -31.13 -44.55
C ARG Z 673 20.15 -32.54 -44.12
N GLY Z 674 19.96 -33.53 -45.00
CA GLY Z 674 19.99 -34.92 -44.57
C GLY Z 674 21.29 -35.34 -43.92
N TYR Z 675 22.37 -34.64 -44.24
CA TYR Z 675 23.64 -34.89 -43.56
C TYR Z 675 23.56 -34.46 -42.10
N TRP Z 676 22.89 -33.34 -41.84
CA TRP Z 676 22.88 -32.78 -40.50
C TRP Z 676 21.93 -33.52 -39.58
N GLN Z 677 20.80 -34.01 -40.13
CA GLN Z 677 19.82 -34.71 -39.32
C GLN Z 677 20.41 -35.93 -38.65
N GLU Z 678 21.22 -36.70 -39.39
CA GLU Z 678 21.88 -37.85 -38.81
C GLU Z 678 22.86 -37.42 -37.73
N LEU Z 679 23.54 -36.30 -37.95
CA LEU Z 679 24.48 -35.79 -36.96
C LEU Z 679 23.76 -35.40 -35.67
N ILE Z 680 22.56 -34.85 -35.80
CA ILE Z 680 21.78 -34.45 -34.63
C ILE Z 680 21.38 -35.69 -33.83
N GLU Z 681 21.08 -36.78 -34.53
CA GLU Z 681 20.62 -38.00 -33.86
C GLU Z 681 21.69 -38.58 -32.96
N THR Z 682 22.96 -38.40 -33.32
CA THR Z 682 24.04 -38.87 -32.47
C THR Z 682 24.12 -38.06 -31.19
N LEU Z 683 23.92 -36.75 -31.29
CA LEU Z 683 23.91 -35.91 -30.10
C LEU Z 683 22.72 -36.24 -29.21
N VAL Z 684 21.59 -36.63 -29.82
CA VAL Z 684 20.43 -37.02 -29.03
C VAL Z 684 20.72 -38.31 -28.27
N TRP Z 685 21.51 -39.20 -28.88
CA TRP Z 685 21.89 -40.43 -28.20
C TRP Z 685 22.76 -40.14 -27.00
N ALA Z 686 23.75 -39.26 -27.15
CA ALA Z 686 24.69 -39.01 -26.07
C ALA Z 686 24.03 -38.30 -24.89
N HIS Z 687 23.21 -37.29 -25.18
CA HIS Z 687 22.57 -36.55 -24.11
C HIS Z 687 21.56 -37.39 -23.35
N GLU Z 688 20.91 -38.34 -24.03
CA GLU Z 688 20.03 -39.28 -23.36
C GLU Z 688 20.79 -40.39 -22.65
N ARG Z 689 22.11 -40.46 -22.80
CA ARG Z 689 22.92 -41.55 -22.26
C ARG Z 689 24.16 -41.04 -21.53
N THR Z 690 24.20 -39.75 -21.19
CA THR Z 690 25.20 -39.23 -20.29
C THR Z 690 24.82 -39.52 -18.84
N PRO Z 691 25.79 -39.61 -17.93
CA PRO Z 691 25.45 -39.98 -16.55
C PRO Z 691 24.70 -38.90 -15.80
N ILE Z 692 25.15 -37.64 -15.90
CA ILE Z 692 24.59 -36.54 -15.12
C ILE Z 692 23.65 -35.65 -15.93
N ALA Z 693 23.97 -35.37 -17.18
CA ALA Z 693 23.14 -34.49 -18.01
C ALA Z 693 21.84 -35.13 -18.47
N ASN Z 694 21.60 -36.40 -18.13
CA ASN Z 694 20.32 -37.02 -18.44
C ASN Z 694 19.17 -36.35 -17.70
N LEU Z 695 19.46 -35.64 -16.60
CA LEU Z 695 18.41 -34.98 -15.84
C LEU Z 695 17.71 -33.92 -16.67
N VAL Z 696 18.47 -33.03 -17.30
CA VAL Z 696 17.92 -31.95 -18.11
C VAL Z 696 17.66 -32.51 -19.50
N ARG Z 697 16.54 -32.11 -20.10
CA ARG Z 697 16.18 -32.60 -21.42
C ARG Z 697 15.38 -31.55 -22.17
N TRP Z 698 15.55 -31.58 -23.48
CA TRP Z 698 14.73 -30.77 -24.39
C TRP Z 698 13.25 -31.02 -24.15
N LYS Z 699 12.45 -29.96 -24.28
CA LYS Z 699 11.01 -30.12 -24.34
C LYS Z 699 10.52 -30.24 -25.77
N ASP Z 700 11.17 -29.52 -26.69
CA ASP Z 700 10.93 -29.61 -28.12
C ASP Z 700 12.03 -30.46 -28.73
N LYS Z 701 11.65 -31.47 -29.50
CA LYS Z 701 12.62 -32.40 -30.05
C LYS Z 701 13.56 -31.67 -31.01
N PRO Z 702 14.87 -31.72 -30.80
CA PRO Z 702 15.78 -31.10 -31.78
C PRO Z 702 15.67 -31.74 -33.14
N VAL Z 703 15.66 -30.89 -34.17
CA VAL Z 703 15.52 -31.33 -35.54
C VAL Z 703 16.34 -30.40 -36.42
N ALA Z 704 17.03 -30.96 -37.40
CA ALA Z 704 17.82 -30.16 -38.32
C ALA Z 704 16.90 -29.22 -39.10
N LEU Z 705 17.49 -28.11 -39.53
CA LEU Z 705 16.71 -27.07 -40.20
C LEU Z 705 16.10 -27.61 -41.48
N SER Z 706 14.90 -27.11 -41.81
CA SER Z 706 14.24 -27.54 -43.03
C SER Z 706 15.00 -27.06 -44.25
N ILE Z 707 14.60 -27.58 -45.41
CA ILE Z 707 15.30 -27.27 -46.65
C ILE Z 707 15.12 -25.81 -47.01
N VAL Z 708 13.91 -25.27 -46.78
CA VAL Z 708 13.59 -23.93 -47.23
C VAL Z 708 14.23 -22.89 -46.32
N GLN Z 709 14.11 -23.07 -45.00
CA GLN Z 709 14.62 -22.06 -44.08
C GLN Z 709 16.14 -22.04 -44.08
N ALA Z 710 16.76 -23.15 -44.46
CA ALA Z 710 18.21 -23.15 -44.64
C ALA Z 710 18.61 -22.24 -45.80
N ARG Z 711 17.85 -22.29 -46.90
CA ARG Z 711 18.09 -21.36 -47.99
C ARG Z 711 17.86 -19.92 -47.55
N VAL Z 712 16.90 -19.72 -46.65
CA VAL Z 712 16.65 -18.39 -46.10
C VAL Z 712 17.84 -17.91 -45.29
N VAL Z 713 18.32 -18.76 -44.38
CA VAL Z 713 19.41 -18.38 -43.50
C VAL Z 713 20.69 -18.13 -44.30
N GLY Z 714 20.84 -18.83 -45.43
CA GLY Z 714 22.03 -18.63 -46.25
C GLY Z 714 22.04 -17.29 -46.95
N LEU Z 715 20.87 -16.83 -47.40
CA LEU Z 715 20.80 -15.54 -48.08
C LEU Z 715 21.15 -14.39 -47.17
N ALA Z 716 20.56 -14.37 -45.96
CA ALA Z 716 20.86 -13.30 -45.01
C ALA Z 716 22.33 -13.30 -44.66
N HIS Z 717 22.93 -14.49 -44.53
CA HIS Z 717 24.36 -14.59 -44.32
C HIS Z 717 25.12 -14.08 -45.52
N PHE Z 718 24.72 -14.50 -46.72
CA PHE Z 718 25.37 -14.02 -47.93
C PHE Z 718 25.21 -12.52 -48.08
N THR Z 719 24.04 -11.99 -47.73
CA THR Z 719 23.77 -10.57 -47.96
C THR Z 719 24.41 -9.70 -46.89
N VAL Z 720 24.31 -10.09 -45.63
CA VAL Z 720 24.86 -9.28 -44.54
C VAL Z 720 26.36 -9.15 -44.69
N GLY Z 721 27.02 -10.22 -45.14
CA GLY Z 721 28.44 -10.12 -45.45
C GLY Z 721 28.69 -9.26 -46.66
N TYR Z 722 27.79 -9.30 -47.63
CA TYR Z 722 27.91 -8.44 -48.80
C TYR Z 722 27.80 -6.97 -48.41
N VAL Z 723 26.81 -6.64 -47.58
CA VAL Z 723 26.54 -5.25 -47.24
C VAL Z 723 27.63 -4.70 -46.33
N LEU Z 724 27.97 -5.44 -45.29
CA LEU Z 724 28.86 -4.92 -44.27
C LEU Z 724 30.28 -4.75 -44.79
N THR Z 725 30.75 -5.73 -45.56
CA THR Z 725 32.14 -5.70 -46.04
C THR Z 725 32.38 -4.49 -46.94
N TYR Z 726 31.44 -4.18 -47.82
CA TYR Z 726 31.66 -3.10 -48.77
C TYR Z 726 31.47 -1.74 -48.10
N ALA Z 727 30.52 -1.66 -47.17
CA ALA Z 727 30.33 -0.42 -46.43
C ALA Z 727 31.58 -0.04 -45.66
N ALA Z 728 32.20 -1.02 -45.01
CA ALA Z 728 33.44 -0.77 -44.28
C ALA Z 728 34.54 -0.34 -45.24
N PHE Z 729 34.59 -0.96 -46.43
CA PHE Z 729 35.62 -0.61 -47.40
C PHE Z 729 35.30 0.73 -48.06
N LEU Z 730 34.03 0.96 -48.37
CA LEU Z 730 33.63 2.20 -49.03
C LEU Z 730 33.89 3.40 -48.14
N ILE Z 731 33.50 3.30 -46.88
CA ILE Z 731 33.63 4.44 -45.96
C ILE Z 731 35.09 4.65 -45.59
N ALA Z 732 35.80 3.56 -45.27
CA ALA Z 732 37.19 3.69 -44.83
C ALA Z 732 38.08 4.17 -45.96
N SER Z 733 37.87 3.64 -47.18
CA SER Z 733 38.68 4.07 -48.32
C SER Z 733 38.46 5.54 -48.62
N THR Z 734 37.24 6.03 -48.43
CA THR Z 734 36.94 7.43 -48.68
C THR Z 734 37.31 8.30 -47.48
N ALA Z 735 37.05 7.81 -46.27
CA ALA Z 735 37.32 8.61 -45.08
C ALA Z 735 38.81 8.74 -44.83
N GLY Z 736 39.57 7.67 -45.09
CA GLY Z 736 41.01 7.74 -44.88
C GLY Z 736 41.68 8.78 -45.76
N LYS Z 737 41.27 8.85 -47.03
CA LYS Z 737 41.79 9.86 -47.93
C LYS Z 737 41.07 11.19 -47.77
N PHE Z 738 39.78 11.14 -47.40
CA PHE Z 738 38.90 12.31 -47.45
C PHE Z 738 38.94 12.95 -48.83
N GLY Z 739 38.75 12.12 -49.86
CA GLY Z 739 38.82 12.55 -51.24
C GLY Z 739 39.86 11.78 -52.02
N SER AA 1 -1.48 -36.03 -40.98
CA SER AA 1 -0.33 -35.21 -41.30
C SER AA 1 -0.27 -34.95 -42.81
N HIS AA 2 0.56 -35.70 -43.54
CA HIS AA 2 0.59 -35.56 -44.99
C HIS AA 2 -0.62 -36.27 -45.60
N THR AA 3 -1.08 -35.75 -46.73
CA THR AA 3 -2.23 -36.31 -47.44
C THR AA 3 -1.76 -36.95 -48.72
N VAL AA 4 -2.32 -38.11 -49.05
CA VAL AA 4 -1.99 -38.87 -50.25
C VAL AA 4 -3.28 -39.06 -51.03
N LYS AA 5 -3.43 -38.30 -52.11
CA LYS AA 5 -4.63 -38.30 -52.94
C LYS AA 5 -4.38 -39.07 -54.22
N ILE AA 6 -5.35 -39.88 -54.61
CA ILE AA 6 -5.25 -40.76 -55.77
C ILE AA 6 -6.31 -40.32 -56.78
N TYR AA 7 -5.98 -40.44 -58.07
CA TYR AA 7 -6.80 -39.91 -59.15
C TYR AA 7 -7.26 -41.02 -60.10
N ASP AA 8 -8.10 -40.63 -61.05
CA ASP AA 8 -8.74 -41.60 -61.95
C ASP AA 8 -7.74 -42.25 -62.89
N THR AA 9 -6.55 -41.66 -63.07
CA THR AA 9 -5.60 -42.18 -64.04
C THR AA 9 -4.85 -43.42 -63.55
N CYS AA 10 -5.24 -43.99 -62.41
CA CYS AA 10 -4.67 -45.26 -62.00
C CYS AA 10 -4.90 -46.34 -63.05
N ILE AA 11 -4.02 -47.34 -63.04
CA ILE AA 11 -4.10 -48.49 -63.93
C ILE AA 11 -3.86 -49.80 -63.16
N GLY AA 12 -3.56 -49.72 -61.87
CA GLY AA 12 -3.37 -50.93 -61.08
C GLY AA 12 -2.06 -51.65 -61.35
N CYS AA 13 -0.95 -50.91 -61.43
CA CYS AA 13 0.34 -51.54 -61.66
C CYS AA 13 0.95 -52.03 -60.35
N THR AA 14 0.52 -51.45 -59.23
CA THR AA 14 0.91 -51.85 -57.88
C THR AA 14 2.34 -51.46 -57.54
N GLN AA 15 3.05 -50.71 -58.40
CA GLN AA 15 4.42 -50.35 -58.09
C GLN AA 15 4.50 -49.33 -56.97
N CYS AA 16 3.40 -48.61 -56.71
CA CYS AA 16 3.40 -47.64 -55.62
C CYS AA 16 3.44 -48.35 -54.27
N VAL AA 17 2.56 -49.32 -54.06
CA VAL AA 17 2.47 -49.99 -52.76
C VAL AA 17 3.76 -50.72 -52.45
N ARG AA 18 4.41 -51.30 -53.46
CA ARG AA 18 5.65 -52.01 -53.24
C ARG AA 18 6.77 -51.07 -52.82
N ALA AA 19 6.67 -49.79 -53.20
CA ALA AA 19 7.76 -48.84 -52.95
C ALA AA 19 7.61 -48.15 -51.61
N CYS AA 20 6.43 -48.18 -51.00
CA CYS AA 20 6.21 -47.46 -49.76
C CYS AA 20 7.05 -48.08 -48.64
N PRO AA 21 7.78 -47.29 -47.85
CA PRO AA 21 8.55 -47.90 -46.76
C PRO AA 21 7.72 -48.17 -45.52
N THR AA 22 6.65 -47.40 -45.31
CA THR AA 22 5.85 -47.47 -44.08
C THR AA 22 4.52 -48.19 -44.28
N ASP AA 23 4.24 -48.70 -45.48
CA ASP AA 23 2.98 -49.40 -45.75
C ASP AA 23 1.78 -48.49 -45.53
N VAL AA 24 1.83 -47.32 -46.16
CA VAL AA 24 0.72 -46.37 -46.10
C VAL AA 24 -0.34 -46.65 -47.15
N LEU AA 25 0.00 -47.35 -48.23
CA LEU AA 25 -0.89 -47.56 -49.36
C LEU AA 25 -1.36 -49.01 -49.36
N GLU AA 26 -2.62 -49.20 -49.74
CA GLU AA 26 -3.20 -50.52 -49.92
C GLU AA 26 -3.94 -50.54 -51.25
N MET AA 27 -4.08 -51.74 -51.80
CA MET AA 27 -4.82 -51.96 -53.03
C MET AA 27 -6.21 -52.47 -52.71
N VAL AA 28 -7.21 -51.87 -53.36
CA VAL AA 28 -8.61 -52.17 -53.09
C VAL AA 28 -9.30 -52.46 -54.42
N PRO AA 29 -10.44 -53.16 -54.39
CA PRO AA 29 -11.08 -53.55 -55.66
C PRO AA 29 -11.90 -52.42 -56.25
N TRP AA 30 -11.66 -52.13 -57.51
CA TRP AA 30 -12.45 -51.15 -58.25
C TRP AA 30 -13.72 -51.83 -58.74
N ASP AA 31 -14.87 -51.43 -58.18
CA ASP AA 31 -16.13 -52.07 -58.52
C ASP AA 31 -16.47 -51.89 -60.00
N GLY AA 32 -16.04 -50.80 -60.61
CA GLY AA 32 -16.28 -50.57 -62.02
C GLY AA 32 -15.50 -51.56 -62.89
N CYS AA 33 -15.62 -51.35 -64.20
CA CYS AA 33 -15.02 -52.23 -65.20
C CYS AA 33 -13.64 -51.77 -65.64
N LYS AA 34 -13.00 -50.87 -64.90
CA LYS AA 34 -11.62 -50.48 -65.24
C LYS AA 34 -10.67 -51.64 -65.03
N ALA AA 35 -10.59 -52.14 -63.80
CA ALA AA 35 -9.77 -53.29 -63.47
C ALA AA 35 -10.27 -53.84 -62.14
N ALA AA 36 -9.64 -54.92 -61.70
CA ALA AA 36 -9.93 -55.52 -60.42
C ALA AA 36 -9.10 -54.93 -59.28
N GLN AA 37 -8.47 -53.78 -59.49
CA GLN AA 37 -7.57 -53.23 -58.48
C GLN AA 37 -7.31 -51.76 -58.75
N VAL AA 38 -7.43 -50.95 -57.70
CA VAL AA 38 -7.06 -49.53 -57.71
C VAL AA 38 -6.48 -49.20 -56.34
N ALA AA 39 -5.51 -48.29 -56.31
CA ALA AA 39 -4.78 -48.02 -55.09
C ALA AA 39 -5.65 -47.29 -54.07
N SER AA 40 -5.16 -47.26 -52.84
CA SER AA 40 -5.78 -46.53 -51.73
C SER AA 40 -4.68 -46.13 -50.77
N SER AA 41 -5.03 -45.25 -49.84
CA SER AA 41 -4.10 -44.73 -48.83
C SER AA 41 -4.81 -44.66 -47.48
N PRO AA 42 -5.19 -45.80 -46.92
CA PRO AA 42 -5.93 -45.77 -45.63
C PRO AA 42 -5.08 -45.30 -44.45
N ARG AA 43 -3.89 -45.87 -44.26
CA ARG AA 43 -3.07 -45.61 -43.08
C ARG AA 43 -2.24 -44.36 -43.33
N THR AA 44 -2.92 -43.26 -43.65
CA THR AA 44 -2.27 -42.02 -44.02
C THR AA 44 -1.44 -41.38 -42.91
N GLU AA 45 -1.69 -41.75 -41.66
CA GLU AA 45 -0.98 -41.15 -40.54
C GLU AA 45 0.51 -41.48 -40.52
N ASP AA 46 0.91 -42.60 -41.12
CA ASP AA 46 2.29 -43.04 -41.10
C ASP AA 46 3.08 -42.55 -42.31
N CYS AA 47 2.53 -41.64 -43.10
CA CYS AA 47 3.23 -41.16 -44.30
C CYS AA 47 4.37 -40.23 -43.90
N VAL AA 48 5.56 -40.53 -44.39
CA VAL AA 48 6.73 -39.69 -44.14
C VAL AA 48 6.93 -38.64 -45.22
N GLY AA 49 6.40 -38.86 -46.42
CA GLY AA 49 6.55 -37.92 -47.50
C GLY AA 49 7.80 -38.07 -48.32
N CYS AA 50 8.27 -39.30 -48.54
CA CYS AA 50 9.52 -39.53 -49.24
C CYS AA 50 9.34 -39.56 -50.76
N LYS AA 51 8.10 -39.54 -51.25
CA LYS AA 51 7.81 -39.43 -52.68
C LYS AA 51 8.31 -40.63 -53.48
N ARG AA 52 8.61 -41.75 -52.82
CA ARG AA 52 8.94 -42.97 -53.56
C ARG AA 52 7.76 -43.48 -54.36
N CYS AA 53 6.53 -43.25 -53.89
CA CYS AA 53 5.36 -43.72 -54.62
C CYS AA 53 5.24 -43.00 -55.95
N GLU AA 54 5.53 -41.70 -55.97
CA GLU AA 54 5.44 -40.93 -57.21
C GLU AA 54 6.49 -41.34 -58.23
N THR AA 55 7.69 -41.71 -57.79
CA THR AA 55 8.73 -42.11 -58.73
C THR AA 55 8.38 -43.42 -59.42
N ALA AA 56 7.57 -44.26 -58.79
CA ALA AA 56 7.21 -45.56 -59.33
C ALA AA 56 5.95 -45.52 -60.20
N CYS AA 57 5.35 -44.35 -60.39
CA CYS AA 57 4.09 -44.29 -61.12
C CYS AA 57 4.35 -44.21 -62.62
N PRO AA 58 3.68 -45.01 -63.46
CA PRO AA 58 3.97 -44.99 -64.90
C PRO AA 58 3.13 -44.04 -65.73
N THR AA 59 2.38 -43.14 -65.11
CA THR AA 59 1.51 -42.25 -65.86
C THR AA 59 2.28 -41.05 -66.41
N ASP AA 60 1.69 -40.37 -67.39
CA ASP AA 60 2.33 -39.19 -67.97
C ASP AA 60 2.49 -38.11 -66.92
N PHE AA 61 1.48 -37.95 -66.06
CA PHE AA 61 1.66 -37.31 -64.77
C PHE AA 61 0.85 -38.10 -63.74
N LEU AA 62 1.13 -37.81 -62.47
CA LEU AA 62 0.86 -38.75 -61.39
C LEU AA 62 -0.63 -39.03 -61.24
N SER AA 63 -0.96 -40.31 -61.09
CA SER AA 63 -2.24 -40.73 -60.57
C SER AA 63 -2.30 -40.66 -59.05
N ILE AA 64 -1.17 -40.42 -58.38
CA ILE AA 64 -1.09 -40.37 -56.93
C ILE AA 64 -0.11 -39.27 -56.55
N ARG AA 65 -0.56 -38.32 -55.73
CA ARG AA 65 0.26 -37.22 -55.25
C ARG AA 65 0.44 -37.31 -53.75
N VAL AA 66 1.37 -36.51 -53.24
CA VAL AA 66 1.67 -36.44 -51.82
C VAL AA 66 1.78 -34.96 -51.46
N TYR AA 67 0.69 -34.40 -50.96
CA TYR AA 67 0.66 -32.99 -50.57
C TYR AA 67 1.08 -32.89 -49.12
N LEU AA 68 2.25 -32.30 -48.89
CA LEU AA 68 2.79 -32.20 -47.54
C LEU AA 68 1.92 -31.27 -46.70
N GLY AA 69 2.07 -31.39 -45.38
CA GLY AA 69 1.25 -30.64 -44.46
C GLY AA 69 1.80 -30.62 -43.05
N ALA AA 70 0.92 -30.78 -42.07
CA ALA AA 70 1.32 -30.74 -40.67
C ALA AA 70 2.26 -31.90 -40.35
N GLU AA 71 3.30 -31.61 -39.58
CA GLU AA 71 4.32 -32.57 -39.25
C GLU AA 71 4.04 -33.19 -37.88
N THR AA 72 4.37 -34.48 -37.75
CA THR AA 72 4.24 -35.20 -36.49
C THR AA 72 5.49 -36.01 -36.25
N THR AA 73 5.51 -36.80 -35.16
CA THR AA 73 6.66 -37.64 -34.87
C THR AA 73 6.84 -38.71 -35.95
N ARG AA 74 5.72 -39.28 -36.42
CA ARG AA 74 5.82 -40.36 -37.40
C ARG AA 74 6.22 -39.83 -38.77
N SER AA 75 5.70 -38.66 -39.15
CA SER AA 75 6.02 -38.10 -40.46
C SER AA 75 7.46 -37.63 -40.56
N MET AA 76 8.00 -37.10 -39.46
CA MET AA 76 9.37 -36.58 -39.47
C MET AA 76 10.42 -37.67 -39.35
N GLY AA 77 10.02 -38.93 -39.18
CA GLY AA 77 10.99 -40.01 -39.10
C GLY AA 77 11.90 -39.92 -37.91
N LEU AA 78 11.36 -39.58 -36.74
CA LEU AA 78 12.15 -39.41 -35.52
C LEU AA 78 12.03 -40.68 -34.67
N ALA AA 79 13.18 -41.28 -34.37
CA ALA AA 79 13.25 -42.42 -33.46
C ALA AA 79 13.50 -42.00 -32.02
N TYR AA 80 13.18 -40.75 -31.67
CA TYR AA 80 13.40 -40.25 -30.32
C TYR AA 80 12.32 -39.24 -29.94
N LEU BA 1 2.54 -60.71 -27.06
CA LEU BA 1 3.56 -61.06 -28.04
C LEU BA 1 4.45 -62.17 -27.50
N SER BA 2 4.89 -63.05 -28.40
CA SER BA 2 5.74 -64.19 -28.05
C SER BA 2 6.81 -64.38 -29.11
N GLY BA 3 7.99 -64.75 -28.66
CA GLY BA 3 9.09 -65.05 -29.56
C GLY BA 3 10.43 -64.88 -28.86
N LYS BA 4 11.47 -65.24 -29.59
CA LYS BA 4 12.85 -65.14 -29.14
C LYS BA 4 13.49 -63.89 -29.70
N THR BA 5 14.44 -63.33 -28.97
CA THR BA 5 15.19 -62.20 -29.48
C THR BA 5 16.34 -62.70 -30.36
N PRO BA 6 16.69 -61.97 -31.43
CA PRO BA 6 17.89 -62.36 -32.19
C PRO BA 6 19.14 -62.20 -31.35
N LEU BA 7 20.10 -63.08 -31.58
CA LEU BA 7 21.32 -63.13 -30.78
C LEU BA 7 22.33 -62.13 -31.34
N PHE BA 8 22.50 -61.01 -30.65
CA PHE BA 8 23.54 -60.05 -30.97
C PHE BA 8 23.91 -59.29 -29.71
N ALA BA 9 25.16 -58.84 -29.66
CA ALA BA 9 25.73 -58.30 -28.43
C ALA BA 9 25.03 -57.01 -28.00
N GLY BA 10 24.37 -56.33 -28.92
CA GLY BA 10 23.73 -55.06 -28.64
C GLY BA 10 24.35 -53.95 -29.44
N SER BA 11 23.75 -52.75 -29.42
CA SER BA 11 24.30 -51.66 -30.20
C SER BA 11 23.66 -50.35 -29.76
N THR BA 12 24.40 -49.26 -30.01
CA THR BA 12 23.86 -47.92 -29.76
C THR BA 12 22.63 -47.66 -30.63
N GLY BA 13 22.68 -48.11 -31.88
CA GLY BA 13 21.50 -47.99 -32.72
C GLY BA 13 20.41 -48.93 -32.24
N GLY BA 14 19.37 -48.34 -31.68
CA GLY BA 14 18.29 -49.12 -31.10
C GLY BA 14 17.27 -48.22 -30.45
N LEU BA 15 16.54 -48.80 -29.51
CA LEU BA 15 15.44 -48.09 -28.86
C LEU BA 15 15.97 -47.00 -27.95
N LEU BA 16 15.30 -45.84 -28.00
CA LEU BA 16 15.62 -44.67 -27.21
C LEU BA 16 14.41 -44.32 -26.33
N THR BA 17 14.44 -43.14 -25.70
CA THR BA 17 13.44 -42.79 -24.71
C THR BA 17 12.03 -42.72 -25.29
N LYS BA 18 11.90 -42.61 -26.61
CA LYS BA 18 10.57 -42.59 -27.21
C LYS BA 18 9.81 -43.87 -26.92
N ALA BA 19 10.53 -44.99 -26.80
CA ALA BA 19 9.86 -46.26 -26.56
C ALA BA 19 9.18 -46.29 -25.20
N VAL BA 20 9.78 -45.63 -24.20
CA VAL BA 20 9.21 -45.65 -22.86
C VAL BA 20 8.05 -44.67 -22.76
N GLU BA 21 8.24 -43.44 -23.23
CA GLU BA 21 7.25 -42.38 -23.09
C GLU BA 21 6.27 -42.33 -24.25
N GLU BA 22 6.54 -43.02 -25.35
CA GLU BA 22 5.69 -42.96 -26.54
C GLU BA 22 5.68 -44.34 -27.17
N GLU BA 23 5.18 -44.43 -28.39
CA GLU BA 23 5.02 -45.72 -29.07
C GLU BA 23 6.37 -46.39 -29.32
N LYS BA 24 6.35 -47.71 -29.22
CA LYS BA 24 7.43 -48.56 -29.71
C LYS BA 24 6.83 -49.65 -30.57
N TYR BA 25 7.57 -50.07 -31.59
CA TYR BA 25 7.10 -51.06 -32.55
C TYR BA 25 7.83 -52.38 -32.34
N ALA BA 26 7.16 -53.45 -32.73
CA ALA BA 26 7.70 -54.79 -32.61
C ALA BA 26 7.35 -55.59 -33.86
N ILE BA 27 8.26 -56.48 -34.25
CA ILE BA 27 8.14 -57.27 -35.47
C ILE BA 27 8.37 -58.73 -35.12
N THR BA 28 7.53 -59.61 -35.68
CA THR BA 28 7.63 -61.05 -35.48
C THR BA 28 7.92 -61.70 -36.82
N TRP BA 29 8.65 -62.81 -36.80
CA TRP BA 29 8.82 -63.64 -37.98
C TRP BA 29 9.29 -65.02 -37.55
N THR BA 30 8.99 -66.01 -38.39
CA THR BA 30 9.35 -67.39 -38.16
C THR BA 30 10.15 -67.89 -39.34
N SER BA 31 11.35 -68.42 -39.06
CA SER BA 31 12.28 -68.86 -40.07
C SER BA 31 12.50 -70.36 -39.94
N PRO BA 32 12.62 -71.11 -41.04
CA PRO BA 32 12.90 -72.55 -40.90
C PRO BA 32 14.36 -72.81 -40.55
N LYS BA 33 15.27 -71.93 -40.98
CA LYS BA 33 16.70 -72.09 -40.77
C LYS BA 33 17.25 -70.84 -40.11
N ALA BA 34 18.31 -71.03 -39.33
CA ALA BA 34 19.01 -69.94 -38.66
C ALA BA 34 20.10 -69.40 -39.58
N GLN BA 35 19.93 -68.16 -40.03
CA GLN BA 35 20.90 -67.47 -40.86
C GLN BA 35 21.23 -66.13 -40.23
N VAL BA 36 22.35 -65.55 -40.69
CA VAL BA 36 22.75 -64.23 -40.26
C VAL BA 36 22.02 -63.19 -41.11
N PHE BA 37 21.43 -62.19 -40.46
CA PHE BA 37 20.71 -61.12 -41.13
C PHE BA 37 21.19 -59.80 -40.58
N GLU BA 38 21.32 -58.81 -41.45
CA GLU BA 38 21.73 -57.48 -41.03
C GLU BA 38 20.55 -56.78 -40.36
N LEU BA 39 20.82 -56.18 -39.19
CA LEU BA 39 19.77 -55.53 -38.44
C LEU BA 39 19.40 -54.19 -39.11
N PRO BA 40 18.27 -53.61 -38.73
CA PRO BA 40 17.91 -52.31 -39.34
C PRO BA 40 18.86 -51.19 -38.97
N THR BA 41 19.38 -51.19 -37.75
CA THR BA 41 20.30 -50.16 -37.26
C THR BA 41 21.65 -50.80 -36.96
N GLY BA 42 22.47 -50.95 -38.00
CA GLY BA 42 23.81 -51.41 -37.85
C GLY BA 42 23.90 -52.85 -37.37
N GLY BA 43 25.03 -53.47 -37.65
CA GLY BA 43 25.35 -54.76 -37.09
C GLY BA 43 24.68 -55.92 -37.79
N ALA BA 44 24.98 -57.11 -37.26
CA ALA BA 44 24.44 -58.37 -37.75
C ALA BA 44 23.97 -59.20 -36.59
N ALA BA 45 23.06 -60.13 -36.86
CA ALA BA 45 22.47 -60.96 -35.83
C ALA BA 45 22.03 -62.29 -36.43
N THR BA 46 22.01 -63.30 -35.58
CA THR BA 46 21.49 -64.62 -35.94
C THR BA 46 20.03 -64.70 -35.52
N MET BA 47 19.31 -65.64 -36.11
CA MET BA 47 17.87 -65.78 -35.90
C MET BA 47 17.55 -67.24 -35.56
N HIS BA 48 16.76 -67.44 -34.52
CA HIS BA 48 16.45 -68.78 -34.07
C HIS BA 48 15.52 -69.48 -35.06
N GLU BA 49 15.26 -70.76 -34.80
CA GLU BA 49 14.55 -71.59 -35.76
C GLU BA 49 13.04 -71.44 -35.66
N GLY BA 50 12.55 -70.70 -34.67
CA GLY BA 50 11.12 -70.55 -34.49
C GLY BA 50 10.77 -69.30 -33.70
N GLU BA 51 9.85 -68.52 -34.27
CA GLU BA 51 9.22 -67.40 -33.57
C GLU BA 51 10.24 -66.38 -33.10
N ASN BA 52 10.92 -65.74 -34.05
CA ASN BA 52 11.83 -64.66 -33.72
C ASN BA 52 11.05 -63.36 -33.55
N LEU BA 53 11.36 -62.63 -32.48
CA LEU BA 53 10.70 -61.38 -32.15
C LEU BA 53 11.75 -60.30 -31.91
N LEU BA 54 11.50 -59.12 -32.46
CA LEU BA 54 12.40 -57.99 -32.34
C LEU BA 54 11.60 -56.72 -32.10
N TYR BA 55 12.13 -55.87 -31.23
CA TYR BA 55 11.54 -54.56 -30.93
C TYR BA 55 12.31 -53.51 -31.73
N ILE BA 56 11.58 -52.57 -32.32
CA ILE BA 56 12.16 -51.54 -33.18
C ILE BA 56 11.49 -50.21 -32.88
N ALA BA 57 12.22 -49.13 -33.10
CA ALA BA 57 11.77 -47.81 -32.66
C ALA BA 57 10.63 -47.29 -33.53
N ARG BA 58 10.73 -47.46 -34.85
CA ARG BA 58 9.77 -46.93 -35.80
C ARG BA 58 9.23 -48.05 -36.69
N LYS BA 59 8.20 -47.71 -37.45
CA LYS BA 59 7.59 -48.67 -38.37
C LYS BA 59 8.47 -48.93 -39.58
N GLU BA 60 9.31 -47.95 -39.93
CA GLU BA 60 10.11 -48.07 -41.15
C GLU BA 60 11.15 -49.18 -41.04
N TYR BA 61 11.68 -49.42 -39.84
CA TYR BA 61 12.69 -50.46 -39.67
C TYR BA 61 12.13 -51.83 -39.96
N GLY BA 62 10.87 -52.06 -39.60
CA GLY BA 62 10.29 -53.39 -39.75
C GLY BA 62 10.12 -53.79 -41.21
N ILE BA 63 9.52 -52.90 -42.01
CA ILE BA 63 9.30 -53.21 -43.42
C ILE BA 63 10.62 -53.26 -44.16
N ALA BA 64 11.57 -52.42 -43.76
CA ALA BA 64 12.92 -52.50 -44.31
C ALA BA 64 13.57 -53.83 -43.96
N LEU BA 65 13.30 -54.33 -42.75
CA LEU BA 65 13.76 -55.65 -42.37
C LEU BA 65 12.98 -56.73 -43.11
N GLY BA 66 11.66 -56.55 -43.23
CA GLY BA 66 10.84 -57.53 -43.92
C GLY BA 66 11.26 -57.73 -45.37
N GLY BA 67 11.70 -56.66 -46.02
CA GLY BA 67 12.25 -56.80 -47.36
C GLY BA 67 13.50 -57.66 -47.37
N GLN BA 68 14.33 -57.55 -46.32
CA GLN BA 68 15.49 -58.41 -46.20
C GLN BA 68 15.08 -59.84 -45.90
N LEU BA 69 14.03 -60.03 -45.12
CA LEU BA 69 13.56 -61.38 -44.81
C LEU BA 69 13.00 -62.05 -46.05
N ARG BA 70 12.39 -61.28 -46.94
CA ARG BA 70 11.86 -61.85 -48.18
C ARG BA 70 12.97 -62.43 -49.04
N LYS BA 71 14.19 -61.90 -48.93
CA LYS BA 71 15.31 -62.49 -49.64
C LYS BA 71 15.61 -63.90 -49.16
N PHE BA 72 15.40 -64.16 -47.87
CA PHE BA 72 15.58 -65.49 -47.30
C PHE BA 72 14.32 -66.33 -47.36
N LYS BA 73 13.37 -65.97 -48.23
CA LYS BA 73 12.15 -66.74 -48.43
C LYS BA 73 11.31 -66.82 -47.16
N ILE BA 74 11.10 -65.66 -46.54
CA ILE BA 74 10.27 -65.53 -45.35
C ILE BA 74 9.22 -64.47 -45.65
N THR BA 75 7.96 -64.80 -45.42
CA THR BA 75 6.83 -63.92 -45.73
C THR BA 75 5.83 -63.78 -44.59
N ASN BA 76 5.98 -64.55 -43.51
CA ASN BA 76 5.04 -64.51 -42.39
C ASN BA 76 5.51 -63.50 -41.33
N TYR BA 77 5.82 -62.29 -41.80
CA TYR BA 77 6.31 -61.23 -40.93
C TYR BA 77 5.16 -60.28 -40.61
N LYS BA 78 4.99 -60.02 -39.32
CA LYS BA 78 3.93 -59.16 -38.80
C LYS BA 78 4.56 -58.06 -37.95
N ILE BA 79 3.88 -56.93 -37.85
CA ILE BA 79 4.37 -55.77 -37.12
C ILE BA 79 3.30 -55.33 -36.14
N TYR BA 80 3.71 -55.00 -34.92
CA TYR BA 80 2.83 -54.52 -33.86
C TYR BA 80 3.31 -53.17 -33.37
N ARG BA 81 2.36 -52.34 -32.94
CA ARG BA 81 2.64 -51.04 -32.34
C ARG BA 81 2.29 -51.11 -30.87
N ILE BA 82 3.30 -50.98 -30.01
CA ILE BA 82 3.16 -51.12 -28.57
C ILE BA 82 3.22 -49.72 -27.96
N LEU BA 83 2.13 -49.31 -27.32
CA LEU BA 83 2.05 -48.00 -26.69
C LEU BA 83 2.67 -48.07 -25.29
N PRO BA 84 2.91 -46.94 -24.63
CA PRO BA 84 3.51 -47.00 -23.29
C PRO BA 84 2.66 -47.73 -22.27
N SER BA 85 1.33 -47.69 -22.42
CA SER BA 85 0.43 -48.37 -21.51
C SER BA 85 0.31 -49.86 -21.80
N GLY BA 86 1.07 -50.40 -22.74
CA GLY BA 86 1.04 -51.82 -23.05
C GLY BA 86 0.07 -52.21 -24.15
N GLU BA 87 -0.74 -51.28 -24.65
CA GLU BA 87 -1.69 -51.60 -25.70
C GLU BA 87 -0.95 -51.94 -26.99
N THR BA 88 -1.26 -53.11 -27.54
CA THR BA 88 -0.63 -53.62 -28.75
C THR BA 88 -1.67 -53.69 -29.87
N THR BA 89 -1.26 -53.35 -31.08
CA THR BA 89 -2.15 -53.31 -32.24
C THR BA 89 -1.47 -53.97 -33.43
N PHE BA 90 -2.18 -54.92 -34.04
CA PHE BA 90 -1.65 -55.66 -35.18
C PHE BA 90 -1.98 -54.93 -36.47
N ILE BA 91 -0.94 -54.50 -37.20
CA ILE BA 91 -1.10 -53.44 -38.19
C ILE BA 91 -0.76 -53.88 -39.60
N HIS BA 92 0.50 -54.27 -39.86
CA HIS BA 92 1.05 -54.16 -41.20
C HIS BA 92 0.32 -55.06 -42.21
N PRO BA 93 0.16 -56.37 -41.95
CA PRO BA 93 -0.87 -57.11 -42.68
C PRO BA 93 -2.18 -57.03 -41.94
N ALA BA 94 -2.87 -55.89 -42.05
CA ALA BA 94 -4.09 -55.64 -41.29
C ALA BA 94 -5.13 -56.74 -41.52
N ASP BA 95 -5.19 -57.25 -42.74
CA ASP BA 95 -5.88 -58.48 -43.06
C ASP BA 95 -4.83 -59.57 -43.30
N GLY BA 96 -5.31 -60.80 -43.49
CA GLY BA 96 -4.40 -61.89 -43.80
C GLY BA 96 -3.62 -61.67 -45.08
N VAL BA 97 -4.20 -60.88 -46.00
CA VAL BA 97 -3.55 -60.59 -47.26
C VAL BA 97 -2.50 -59.50 -47.05
N PHE BA 98 -1.54 -59.42 -47.99
CA PHE BA 98 -0.59 -58.33 -47.99
C PHE BA 98 -1.17 -57.13 -48.73
N PRO BA 99 -0.56 -55.94 -48.59
CA PRO BA 99 -1.16 -54.76 -49.25
C PRO BA 99 -1.08 -54.80 -50.76
N GLU BA 100 0.00 -55.35 -51.32
CA GLU BA 100 0.15 -55.33 -52.78
C GLU BA 100 -0.91 -56.19 -53.45
N LYS BA 101 -1.37 -57.25 -52.79
CA LYS BA 101 -2.44 -58.07 -53.32
C LYS BA 101 -3.78 -57.43 -53.02
N VAL BA 102 -4.81 -57.85 -53.75
CA VAL BA 102 -6.13 -57.24 -53.66
C VAL BA 102 -7.05 -58.16 -52.85
N ASN BA 103 -7.96 -57.56 -52.10
CA ASN BA 103 -8.94 -58.30 -51.31
C ASN BA 103 -10.25 -57.51 -51.27
N ALA BA 104 -11.35 -58.25 -51.21
CA ALA BA 104 -12.67 -57.64 -51.37
C ALA BA 104 -13.04 -56.75 -50.18
N GLY BA 105 -12.43 -57.01 -49.01
CA GLY BA 105 -12.86 -56.32 -47.81
C GLY BA 105 -12.51 -54.84 -47.81
N ARG BA 106 -11.40 -54.48 -48.45
CA ARG BA 106 -10.89 -53.12 -48.33
C ARG BA 106 -11.71 -52.15 -49.19
N GLU BA 107 -11.68 -50.88 -48.80
CA GLU BA 107 -12.42 -49.82 -49.46
C GLU BA 107 -11.48 -48.70 -49.86
N LYS BA 108 -11.81 -48.01 -50.95
CA LYS BA 108 -11.00 -46.89 -51.40
C LYS BA 108 -11.15 -45.71 -50.45
N VAL BA 109 -10.04 -45.01 -50.22
CA VAL BA 109 -9.99 -43.90 -49.27
C VAL BA 109 -9.23 -42.74 -49.88
N ARG BA 110 -9.78 -41.53 -49.67
CA ARG BA 110 -9.32 -40.29 -50.31
C ARG BA 110 -8.95 -40.51 -51.77
N PHE BA 111 -9.94 -40.96 -52.54
CA PHE BA 111 -9.82 -41.12 -53.99
C PHE BA 111 -10.55 -39.97 -54.66
N ASN BA 112 -9.83 -39.23 -55.49
CA ASN BA 112 -10.39 -38.09 -56.21
C ASN BA 112 -10.83 -38.55 -57.60
N ALA BA 113 -12.15 -38.61 -57.81
CA ALA BA 113 -12.70 -39.10 -59.08
C ALA BA 113 -12.57 -38.04 -60.17
N ARG BA 114 -11.32 -37.83 -60.58
CA ARG BA 114 -11.01 -36.86 -61.62
C ARG BA 114 -9.52 -36.96 -61.92
N SER BA 115 -9.13 -36.33 -63.02
CA SER BA 115 -7.71 -36.15 -63.30
C SER BA 115 -7.15 -35.03 -62.45
N ILE BA 116 -5.82 -34.96 -62.38
CA ILE BA 116 -5.19 -33.95 -61.55
C ILE BA 116 -5.38 -32.56 -62.13
N GLY BA 117 -5.54 -32.47 -63.45
CA GLY BA 117 -5.76 -31.16 -64.06
C GLY BA 117 -7.10 -30.56 -63.71
N GLU BA 118 -8.08 -31.42 -63.40
CA GLU BA 118 -9.43 -30.95 -63.09
C GLU BA 118 -9.57 -30.39 -61.68
N ASN BA 119 -8.50 -30.34 -60.90
CA ASN BA 119 -8.59 -29.79 -59.56
C ASN BA 119 -8.87 -28.29 -59.64
N PRO BA 120 -9.59 -27.72 -58.68
CA PRO BA 120 -9.92 -26.30 -58.78
C PRO BA 120 -8.70 -25.42 -58.57
N ASN BA 121 -8.81 -24.16 -59.00
CA ASN BA 121 -7.74 -23.21 -58.80
C ASN BA 121 -7.69 -22.77 -57.33
N PRO BA 122 -6.54 -22.29 -56.87
CA PRO BA 122 -6.46 -21.89 -55.45
C PRO BA 122 -7.22 -20.62 -55.14
N SER BA 123 -7.31 -19.69 -56.10
CA SER BA 123 -8.08 -18.48 -55.88
C SER BA 123 -9.56 -18.79 -55.77
N GLN BA 124 -10.02 -19.85 -56.45
CA GLN BA 124 -11.40 -20.28 -56.32
C GLN BA 124 -11.70 -20.79 -54.92
N VAL BA 125 -10.67 -21.22 -54.19
CA VAL BA 125 -10.81 -21.72 -52.83
C VAL BA 125 -9.90 -20.92 -51.91
N LYS BA 126 -10.43 -19.85 -51.33
CA LYS BA 126 -9.70 -19.00 -50.41
C LYS BA 126 -10.65 -18.53 -49.32
N PHE BA 127 -10.18 -18.53 -48.08
CA PHE BA 127 -10.99 -18.14 -46.93
C PHE BA 127 -12.22 -19.04 -46.80
N SER BA 128 -12.05 -20.32 -47.13
CA SER BA 128 -13.13 -21.30 -47.09
C SER BA 128 -12.79 -22.54 -46.29
N GLY BA 129 -11.55 -22.70 -45.84
CA GLY BA 129 -11.19 -23.87 -45.06
C GLY BA 129 -11.04 -25.15 -45.87
N LYS BA 130 -10.91 -25.03 -47.19
CA LYS BA 130 -10.70 -26.18 -48.06
C LYS BA 130 -9.41 -25.97 -48.84
N ALA BA 131 -9.02 -27.02 -49.58
CA ALA BA 131 -7.81 -26.99 -50.39
C ALA BA 131 -8.12 -27.53 -51.78
N THR BA 132 -7.19 -27.29 -52.70
CA THR BA 132 -7.37 -27.73 -54.08
C THR BA 132 -7.41 -29.26 -54.18
N TYR BA 133 -6.79 -29.95 -53.23
CA TYR BA 133 -6.72 -31.42 -53.26
C TYR BA 133 -7.88 -31.99 -52.46
N ASP BA 134 -9.08 -31.54 -52.82
CA ASP BA 134 -10.30 -31.98 -52.15
C ASP BA 134 -11.49 -31.94 -53.11
N VAL CA 1 -10.14 -44.02 -81.50
CA VAL CA 1 -9.57 -43.92 -82.83
C VAL CA 1 -9.03 -45.27 -83.26
N GLN CA 2 -9.06 -45.52 -84.57
CA GLN CA 2 -8.55 -46.78 -85.11
C GLN CA 2 -7.05 -46.90 -84.82
N ARG CA 3 -6.62 -48.14 -84.61
CA ARG CA 3 -5.22 -48.40 -84.33
C ARG CA 3 -4.35 -48.01 -85.52
N GLY CA 4 -3.11 -47.59 -85.22
CA GLY CA 4 -2.14 -47.26 -86.23
C GLY CA 4 -2.14 -45.82 -86.67
N SER CA 5 -3.13 -45.03 -86.27
CA SER CA 5 -3.20 -43.64 -86.68
C SER CA 5 -2.27 -42.78 -85.84
N LYS CA 6 -2.18 -41.51 -86.22
CA LYS CA 6 -1.43 -40.50 -85.48
C LYS CA 6 -2.41 -39.49 -84.91
N VAL CA 7 -2.19 -39.10 -83.66
CA VAL CA 7 -3.11 -38.21 -82.95
C VAL CA 7 -2.30 -37.20 -82.14
N ARG CA 8 -2.80 -35.97 -82.12
CA ARG CA 8 -2.21 -34.88 -81.35
C ARG CA 8 -3.00 -34.71 -80.06
N ILE CA 9 -2.35 -34.98 -78.93
CA ILE CA 9 -3.01 -34.88 -77.64
C ILE CA 9 -3.12 -33.41 -77.25
N LEU CA 10 -4.18 -33.09 -76.49
CA LEU CA 10 -4.45 -31.74 -76.02
C LEU CA 10 -4.69 -31.76 -74.51
N ARG CA 11 -3.94 -32.61 -73.81
CA ARG CA 11 -4.08 -32.77 -72.37
C ARG CA 11 -3.13 -31.80 -71.67
N PRO CA 12 -3.61 -30.80 -70.93
CA PRO CA 12 -2.69 -30.06 -70.06
C PRO CA 12 -2.11 -30.99 -69.00
N GLU CA 13 -1.00 -30.56 -68.40
CA GLU CA 13 -0.30 -31.36 -67.41
C GLU CA 13 0.24 -32.66 -67.99
N SER CA 14 0.43 -32.71 -69.32
CA SER CA 14 1.03 -33.82 -70.01
C SER CA 14 2.31 -33.37 -70.70
N TYR CA 15 3.32 -34.25 -70.69
CA TYR CA 15 4.60 -33.91 -71.30
C TYR CA 15 4.45 -33.70 -72.81
N TRP CA 16 3.69 -34.57 -73.46
CA TRP CA 16 3.49 -34.52 -74.91
C TRP CA 16 2.31 -33.64 -75.30
N PHE CA 17 1.90 -32.72 -74.43
CA PHE CA 17 0.79 -31.82 -74.73
C PHE CA 17 1.06 -31.07 -76.02
N GLN CA 18 0.09 -31.12 -76.93
CA GLN CA 18 0.23 -30.57 -78.28
C GLN CA 18 1.42 -31.20 -79.00
N ASP CA 19 1.48 -32.54 -78.97
CA ASP CA 19 2.46 -33.30 -79.72
C ASP CA 19 1.79 -34.54 -80.27
N VAL CA 20 2.34 -35.05 -81.37
CA VAL CA 20 1.73 -36.16 -82.11
C VAL CA 20 2.32 -37.47 -81.60
N GLY CA 21 1.49 -38.51 -81.58
CA GLY CA 21 1.93 -39.83 -81.21
C GLY CA 21 1.03 -40.88 -81.81
N THR CA 22 1.61 -42.05 -82.06
CA THR CA 22 0.87 -43.13 -82.69
C THR CA 22 0.05 -43.89 -81.66
N VAL CA 23 -1.19 -44.21 -82.03
CA VAL CA 23 -2.08 -45.00 -81.19
C VAL CA 23 -1.70 -46.46 -81.41
N ALA CA 24 -1.37 -47.15 -80.32
CA ALA CA 24 -0.87 -48.51 -80.43
C ALA CA 24 -1.99 -49.53 -80.23
N SER CA 25 -2.98 -49.22 -79.39
CA SER CA 25 -4.08 -50.14 -79.14
C SER CA 25 -5.23 -49.37 -78.52
N VAL CA 26 -6.42 -49.94 -78.64
CA VAL CA 26 -7.64 -49.40 -78.04
C VAL CA 26 -8.38 -50.54 -77.36
N ASP CA 27 -9.04 -50.24 -76.25
CA ASP CA 27 -9.74 -51.21 -75.45
C ASP CA 27 -11.25 -51.05 -75.64
N GLN CA 28 -11.88 -52.08 -76.20
CA GLN CA 28 -13.33 -52.09 -76.37
C GLN CA 28 -13.97 -52.47 -75.02
N SER CA 29 -14.02 -51.48 -74.14
CA SER CA 29 -14.54 -51.67 -72.80
C SER CA 29 -15.03 -50.33 -72.28
N GLY CA 30 -15.63 -50.38 -71.08
CA GLY CA 30 -16.11 -49.16 -70.44
C GLY CA 30 -15.05 -48.42 -69.66
N ILE CA 31 -13.78 -48.74 -69.87
CA ILE CA 31 -12.72 -48.12 -69.09
C ILE CA 31 -12.50 -46.69 -69.56
N LYS CA 32 -12.32 -45.77 -68.61
CA LYS CA 32 -11.94 -44.42 -68.96
C LYS CA 32 -10.47 -44.37 -69.34
N TYR CA 33 -10.15 -43.48 -70.27
CA TYR CA 33 -8.82 -43.42 -70.88
C TYR CA 33 -8.47 -44.77 -71.49
N PRO CA 34 -9.25 -45.26 -72.46
CA PRO CA 34 -8.97 -46.60 -73.00
C PRO CA 34 -7.84 -46.63 -74.01
N VAL CA 35 -7.65 -45.53 -74.74
CA VAL CA 35 -6.68 -45.51 -75.82
C VAL CA 35 -5.28 -45.61 -75.26
N ILE CA 36 -4.38 -46.24 -76.02
CA ILE CA 36 -2.97 -46.37 -75.67
C ILE CA 36 -2.15 -45.75 -76.79
N VAL CA 37 -1.21 -44.90 -76.42
CA VAL CA 37 -0.44 -44.10 -77.37
C VAL CA 37 1.05 -44.27 -77.08
N ARG CA 38 1.84 -44.18 -78.14
CA ARG CA 38 3.30 -44.26 -78.07
C ARG CA 38 3.90 -43.04 -78.73
N PHE CA 39 4.77 -42.34 -78.00
CA PHE CA 39 5.43 -41.14 -78.48
C PHE CA 39 6.91 -41.43 -78.65
N ASP CA 40 7.53 -40.81 -79.65
CA ASP CA 40 8.97 -40.97 -79.84
C ASP CA 40 9.75 -40.31 -78.71
N LYS CA 41 9.29 -39.13 -78.27
CA LYS CA 41 9.95 -38.42 -77.19
C LYS CA 41 9.57 -39.02 -75.84
N VAL CA 42 10.54 -39.09 -74.94
CA VAL CA 42 10.32 -39.74 -73.65
C VAL CA 42 9.98 -38.70 -72.58
N ASN CA 43 9.38 -39.20 -71.49
CA ASN CA 43 9.12 -38.37 -70.32
C ASN CA 43 10.43 -38.06 -69.61
N TYR CA 44 10.31 -37.29 -68.52
CA TYR CA 44 11.46 -37.11 -67.64
C TYR CA 44 11.80 -38.41 -66.92
N ALA CA 45 10.82 -39.30 -66.76
CA ALA CA 45 11.03 -40.61 -66.16
C ALA CA 45 11.43 -41.68 -67.17
N GLY CA 46 11.28 -41.42 -68.46
CA GLY CA 46 11.60 -42.41 -69.47
C GLY CA 46 10.53 -43.44 -69.71
N ILE CA 47 9.26 -43.05 -69.72
CA ILE CA 47 8.17 -44.02 -69.77
C ILE CA 47 7.75 -44.26 -71.22
N ASN CA 48 7.57 -43.19 -71.98
CA ASN CA 48 7.36 -43.19 -73.43
C ASN CA 48 5.95 -43.59 -73.86
N THR CA 49 5.09 -44.03 -72.94
CA THR CA 49 3.73 -44.45 -73.29
C THR CA 49 2.77 -44.11 -72.15
N ASN CA 50 1.56 -43.70 -72.52
CA ASN CA 50 0.54 -43.41 -71.53
C ASN CA 50 -0.82 -43.45 -72.19
N ASN CA 51 -1.82 -43.84 -71.40
CA ASN CA 51 -3.19 -44.00 -71.88
C ASN CA 51 -3.94 -42.69 -71.76
N PHE CA 52 -4.80 -42.41 -72.73
CA PHE CA 52 -5.59 -41.19 -72.77
C PHE CA 52 -7.00 -41.49 -73.24
N ALA CA 53 -7.86 -40.48 -73.14
CA ALA CA 53 -9.24 -40.60 -73.56
C ALA CA 53 -9.39 -40.27 -75.04
N VAL CA 54 -10.62 -40.45 -75.53
CA VAL CA 54 -10.89 -40.24 -76.95
C VAL CA 54 -11.00 -38.75 -77.26
N ASP CA 55 -11.59 -37.98 -76.34
CA ASP CA 55 -11.81 -36.57 -76.61
C ASP CA 55 -10.49 -35.80 -76.69
N GLU CA 56 -9.49 -36.24 -75.92
CA GLU CA 56 -8.21 -35.56 -75.90
C GLU CA 56 -7.44 -35.77 -77.21
N LEU CA 57 -7.79 -36.81 -77.96
CA LEU CA 57 -7.08 -37.13 -79.19
C LEU CA 57 -7.85 -36.60 -80.40
N ILE CA 58 -7.11 -35.97 -81.31
CA ILE CA 58 -7.65 -35.51 -82.60
C ILE CA 58 -6.83 -36.13 -83.70
N GLU CA 59 -7.51 -36.57 -84.76
CA GLU CA 59 -6.88 -37.33 -85.85
C GLU CA 59 -6.10 -36.37 -86.75
N VAL CA 60 -4.78 -36.39 -86.59
CA VAL CA 60 -3.92 -35.59 -87.45
C VAL CA 60 -3.75 -36.26 -88.80
N GLU CA 61 -3.49 -37.56 -88.80
CA GLU CA 61 -3.27 -38.33 -90.02
C GLU CA 61 -4.03 -39.64 -89.93
N ALA CA 62 -4.26 -40.25 -91.09
CA ALA CA 62 -5.04 -41.46 -91.16
C ALA CA 62 -4.20 -42.68 -90.82
N PRO CA 63 -4.82 -43.84 -90.53
CA PRO CA 63 -4.02 -45.03 -90.27
C PRO CA 63 -3.22 -45.49 -91.48
N GLY DA 1 33.11 11.18 -82.39
CA GLY DA 1 34.22 11.97 -81.89
C GLY DA 1 33.97 12.51 -80.50
N ALA DA 2 34.79 12.07 -79.54
CA ALA DA 2 34.68 12.48 -78.15
C ALA DA 2 36.06 12.45 -77.51
N ASP DA 3 36.53 13.62 -77.07
CA ASP DA 3 37.79 13.81 -76.32
C ASP DA 3 38.95 12.99 -76.90
N LEU DA 4 39.07 13.03 -78.23
CA LEU DA 4 40.08 12.25 -78.94
C LEU DA 4 40.72 13.11 -80.01
N THR DA 5 41.74 12.54 -80.65
CA THR DA 5 42.53 13.21 -81.68
C THR DA 5 43.00 12.17 -82.68
N PRO DA 6 43.35 12.59 -83.90
CA PRO DA 6 43.96 11.62 -84.83
C PRO DA 6 45.27 11.08 -84.28
N CYS DA 7 45.39 9.76 -84.31
CA CYS DA 7 46.51 9.10 -83.66
C CYS DA 7 47.84 9.42 -84.32
N ALA DA 8 47.84 9.59 -85.65
CA ALA DA 8 49.08 9.87 -86.36
C ALA DA 8 49.71 11.18 -85.89
N GLU DA 9 48.89 12.12 -85.41
CA GLU DA 9 49.38 13.36 -84.82
C GLU DA 9 49.43 13.32 -83.30
N ASN DA 10 48.84 12.30 -82.68
CA ASN DA 10 48.85 12.22 -81.23
C ASN DA 10 50.27 11.92 -80.72
N PRO DA 11 50.83 12.75 -79.84
CA PRO DA 11 52.19 12.44 -79.36
C PRO DA 11 52.27 11.18 -78.52
N ALA DA 12 51.25 10.90 -77.70
CA ALA DA 12 51.27 9.69 -76.88
C ALA DA 12 51.30 8.44 -77.74
N PHE DA 13 50.64 8.47 -78.90
CA PHE DA 13 50.71 7.35 -79.83
C PHE DA 13 52.14 7.18 -80.35
N GLN DA 14 52.77 8.28 -80.75
CA GLN DA 14 54.14 8.19 -81.25
C GLN DA 14 55.10 7.74 -80.17
N ALA DA 15 54.81 8.10 -78.91
CA ALA DA 15 55.67 7.71 -77.80
C ALA DA 15 55.69 6.19 -77.63
N LEU DA 16 54.54 5.55 -77.83
CA LEU DA 16 54.46 4.10 -77.70
C LEU DA 16 55.01 3.39 -78.92
N ALA DA 17 55.01 4.07 -80.08
CA ALA DA 17 55.44 3.43 -81.32
C ALA DA 17 56.93 3.11 -81.30
N LYS DA 18 57.71 3.93 -80.60
CA LYS DA 18 59.16 3.69 -80.55
C LYS DA 18 59.47 2.38 -79.83
N ASN DA 19 58.65 2.02 -78.84
CA ASN DA 19 58.76 0.75 -78.14
C ASN DA 19 57.46 -0.02 -78.41
N ALA DA 20 57.43 -0.74 -79.52
CA ALA DA 20 56.23 -1.40 -80.01
C ALA DA 20 56.12 -2.85 -79.54
N ARG DA 21 57.21 -3.48 -79.15
CA ARG DA 21 57.20 -4.85 -78.65
C ARG DA 21 56.62 -5.81 -79.69
N ASN DA 22 57.41 -5.99 -80.75
CA ASN DA 22 57.11 -6.90 -81.86
C ASN DA 22 56.55 -8.22 -81.36
N THR DA 23 55.42 -8.63 -81.94
CA THR DA 23 54.69 -9.80 -81.44
C THR DA 23 55.22 -11.09 -82.07
N THR DA 24 55.13 -11.22 -83.38
CA THR DA 24 55.51 -12.44 -84.05
C THR DA 24 57.02 -12.47 -84.26
N ALA DA 25 57.48 -13.48 -85.01
CA ALA DA 25 58.91 -13.60 -85.27
C ALA DA 25 59.43 -12.45 -86.13
N ASP DA 26 58.54 -11.81 -86.88
CA ASP DA 26 58.96 -10.71 -87.74
C ASP DA 26 59.51 -9.57 -86.87
N PRO DA 27 60.74 -9.10 -87.12
CA PRO DA 27 61.27 -8.01 -86.27
C PRO DA 27 60.49 -6.71 -86.40
N GLN DA 28 59.93 -6.45 -87.58
CA GLN DA 28 59.25 -5.20 -87.86
C GLN DA 28 57.75 -5.26 -87.57
N SER DA 29 57.29 -6.30 -86.87
CA SER DA 29 55.87 -6.42 -86.58
C SER DA 29 55.40 -5.29 -85.66
N GLY DA 30 56.26 -4.83 -84.77
CA GLY DA 30 55.89 -3.73 -83.89
C GLY DA 30 55.70 -2.42 -84.65
N GLN DA 31 56.66 -2.07 -85.49
CA GLN DA 31 56.53 -0.84 -86.28
C GLN DA 31 55.43 -0.98 -87.31
N LYS DA 32 55.23 -2.18 -87.85
CA LYS DA 32 54.15 -2.40 -88.81
C LYS DA 32 52.79 -2.30 -88.14
N ARG DA 33 52.68 -2.75 -86.90
CA ARG DA 33 51.41 -2.67 -86.18
C ARG DA 33 51.00 -1.21 -85.96
N PHE DA 34 51.93 -0.40 -85.47
CA PHE DA 34 51.63 1.01 -85.26
C PHE DA 34 51.40 1.73 -86.58
N GLU DA 35 52.08 1.30 -87.64
CA GLU DA 35 51.92 1.95 -88.93
C GLU DA 35 50.51 1.81 -89.47
N ARG DA 36 49.93 0.61 -89.33
CA ARG DA 36 48.59 0.37 -89.87
C ARG DA 36 47.53 0.98 -88.98
N TYR DA 37 47.78 1.06 -87.68
CA TYR DA 37 46.87 1.76 -86.78
C TYR DA 37 47.04 3.27 -86.83
N SER DA 38 47.85 3.80 -87.76
CA SER DA 38 47.95 5.24 -87.94
C SER DA 38 46.64 5.83 -88.47
N GLN DA 39 45.75 4.99 -89.00
CA GLN DA 39 44.51 5.48 -89.58
C GLN DA 39 43.47 5.77 -88.50
N ALA DA 40 43.41 4.93 -87.48
CA ALA DA 40 42.35 5.02 -86.48
C ALA DA 40 42.52 6.26 -85.61
N LEU DA 41 41.60 6.38 -84.63
CA LEU DA 41 41.63 7.50 -83.70
C LEU DA 41 42.08 7.03 -82.33
N CYS DA 42 43.05 7.76 -81.75
CA CYS DA 42 43.52 7.54 -80.39
C CYS DA 42 43.08 8.68 -79.49
N GLY DA 43 43.15 8.44 -78.19
CA GLY DA 43 42.78 9.40 -77.19
C GLY DA 43 43.99 10.01 -76.54
N PRO DA 44 43.82 10.62 -75.36
CA PRO DA 44 44.99 11.18 -74.66
C PRO DA 44 45.99 10.13 -74.25
N GLU DA 45 45.51 8.95 -73.83
CA GLU DA 45 46.42 7.90 -73.39
C GLU DA 45 47.29 7.37 -74.53
N GLY DA 46 46.78 7.43 -75.76
CA GLY DA 46 47.50 7.00 -76.94
C GLY DA 46 47.03 5.69 -77.53
N TYR DA 47 46.04 5.04 -76.90
CA TYR DA 47 45.51 3.79 -77.44
C TYR DA 47 44.36 4.08 -78.40
N PRO DA 48 44.19 3.27 -79.44
CA PRO DA 48 43.13 3.56 -80.41
C PRO DA 48 41.76 3.27 -79.86
N HIS DA 49 40.79 4.11 -80.26
CA HIS DA 49 39.40 3.96 -79.90
C HIS DA 49 38.57 3.78 -81.16
N LEU DA 50 37.91 2.64 -81.27
CA LEU DA 50 37.06 2.37 -82.43
C LEU DA 50 35.77 3.17 -82.33
N ILE DA 51 35.09 3.31 -83.46
CA ILE DA 51 33.82 4.01 -83.55
C ILE DA 51 32.86 3.12 -84.33
N VAL DA 52 31.90 2.53 -83.62
CA VAL DA 52 30.95 1.60 -84.21
C VAL DA 52 29.63 2.29 -84.59
N ASP DA 53 29.66 3.62 -84.74
CA ASP DA 53 28.46 4.38 -85.09
C ASP DA 53 27.84 3.88 -86.38
N GLY DA 54 28.66 3.48 -87.35
CA GLY DA 54 28.22 3.15 -88.68
C GLY DA 54 28.74 4.06 -89.76
N ARG DA 55 29.65 4.97 -89.43
CA ARG DA 55 30.23 5.86 -90.43
C ARG DA 55 31.02 5.05 -91.45
N LEU DA 56 30.80 5.33 -92.73
CA LEU DA 56 31.53 4.64 -93.78
C LEU DA 56 33.02 4.98 -93.74
N ASP DA 57 33.39 6.12 -93.15
CA ASP DA 57 34.79 6.46 -92.97
C ASP DA 57 35.49 5.47 -92.05
N ARG DA 58 34.74 4.90 -91.10
CA ARG DA 58 35.29 3.99 -90.09
C ARG DA 58 34.40 2.74 -90.01
N ALA DA 59 34.09 2.18 -91.19
CA ALA DA 59 33.30 0.96 -91.25
C ALA DA 59 34.13 -0.29 -90.99
N GLY DA 60 35.45 -0.22 -91.15
CA GLY DA 60 36.28 -1.38 -90.85
C GLY DA 60 36.37 -1.69 -89.37
N ASP DA 61 35.93 -0.76 -88.52
CA ASP DA 61 35.95 -1.00 -87.08
C ASP DA 61 35.01 -2.14 -86.69
N PHE DA 62 33.73 -2.01 -87.04
CA PHE DA 62 32.71 -2.96 -86.61
C PHE DA 62 31.90 -3.51 -87.78
N LEU DA 63 31.59 -2.66 -88.76
CA LEU DA 63 30.63 -3.05 -89.80
C LEU DA 63 31.15 -4.20 -90.65
N ILE DA 64 32.36 -4.06 -91.17
CA ILE DA 64 32.94 -5.09 -92.01
C ILE DA 64 33.15 -6.35 -91.19
N PRO DA 65 33.68 -6.27 -89.96
CA PRO DA 65 33.63 -7.45 -89.09
C PRO DA 65 32.22 -7.98 -88.84
N SER DA 66 31.23 -7.10 -88.82
CA SER DA 66 29.86 -7.54 -88.57
C SER DA 66 29.35 -8.44 -89.69
N ILE DA 67 29.51 -8.00 -90.94
CA ILE DA 67 28.98 -8.76 -92.06
C ILE DA 67 29.74 -10.08 -92.21
N LEU DA 68 31.05 -10.06 -91.96
CA LEU DA 68 31.84 -11.27 -92.11
C LEU DA 68 31.43 -12.32 -91.09
N PHE DA 69 31.00 -11.89 -89.90
CA PHE DA 69 30.55 -12.83 -88.89
C PHE DA 69 29.26 -13.51 -89.33
N LEU DA 70 28.23 -12.71 -89.64
CA LEU DA 70 26.89 -13.25 -89.80
C LEU DA 70 26.81 -14.19 -90.99
N TYR DA 71 27.64 -13.97 -92.02
CA TYR DA 71 27.71 -14.93 -93.10
C TYR DA 71 28.30 -16.24 -92.62
N ILE DA 72 29.27 -16.17 -91.72
CA ILE DA 72 29.89 -17.38 -91.18
C ILE DA 72 28.95 -18.06 -90.20
N ALA DA 73 28.31 -17.28 -89.32
CA ALA DA 73 27.49 -17.87 -88.27
C ALA DA 73 26.24 -18.50 -88.86
N GLY DA 74 25.58 -17.84 -89.81
CA GLY DA 74 24.41 -18.42 -90.44
C GLY DA 74 24.73 -19.70 -91.19
N TRP DA 75 25.96 -19.81 -91.68
CA TRP DA 75 26.41 -21.08 -92.26
C TRP DA 75 26.30 -22.20 -91.24
N ILE DA 76 26.69 -21.92 -89.99
CA ILE DA 76 26.72 -22.96 -88.98
C ILE DA 76 25.31 -23.34 -88.57
N GLY DA 77 24.41 -22.35 -88.48
CA GLY DA 77 23.06 -22.64 -88.07
C GLY DA 77 22.24 -23.31 -89.15
N TRP DA 78 22.38 -22.85 -90.40
CA TRP DA 78 21.66 -23.47 -91.50
C TRP DA 78 22.12 -24.90 -91.71
N VAL DA 79 23.42 -25.15 -91.57
CA VAL DA 79 23.95 -26.50 -91.69
C VAL DA 79 23.40 -27.37 -90.58
N GLY DA 80 23.46 -26.89 -89.34
CA GLY DA 80 22.94 -27.66 -88.22
C GLY DA 80 21.44 -27.89 -88.32
N ARG DA 81 20.71 -26.88 -88.80
CA ARG DA 81 19.27 -27.02 -88.95
C ARG DA 81 18.92 -28.03 -90.03
N ALA DA 82 19.63 -27.98 -91.15
CA ALA DA 82 19.34 -28.90 -92.25
C ALA DA 82 19.79 -30.31 -91.92
N TYR DA 83 20.94 -30.46 -91.25
CA TYR DA 83 21.41 -31.78 -90.87
C TYR DA 83 20.46 -32.44 -89.90
N LEU DA 84 19.87 -31.65 -89.00
CA LEU DA 84 18.95 -32.20 -88.00
C LEU DA 84 17.64 -32.60 -88.64
N GLN DA 85 17.14 -31.80 -89.59
CA GLN DA 85 15.90 -32.13 -90.27
C GLN DA 85 16.05 -33.39 -91.10
N ALA DA 86 17.21 -33.57 -91.73
CA ALA DA 86 17.43 -34.75 -92.57
C ALA DA 86 17.43 -36.02 -91.73
N ILE DA 87 17.88 -35.94 -90.48
CA ILE DA 87 17.95 -37.12 -89.64
C ILE DA 87 16.55 -37.59 -89.26
N LYS DA 88 15.65 -36.65 -88.99
CA LYS DA 88 14.34 -37.00 -88.44
C LYS DA 88 13.54 -37.87 -89.41
N LYS DA 89 13.75 -37.69 -90.71
CA LYS DA 89 13.08 -38.55 -91.68
C LYS DA 89 13.56 -39.99 -91.55
N ASP DA 90 14.83 -40.18 -91.19
CA ASP DA 90 15.37 -41.52 -91.01
C ASP DA 90 14.85 -42.14 -89.72
N SER DA 91 15.07 -43.45 -89.58
CA SER DA 91 14.55 -44.18 -88.44
C SER DA 91 15.42 -43.97 -87.20
N ASP DA 92 16.68 -44.39 -87.27
CA ASP DA 92 17.60 -44.28 -86.14
C ASP DA 92 18.11 -42.83 -86.05
N THR DA 93 17.36 -42.03 -85.29
CA THR DA 93 17.64 -40.60 -85.23
C THR DA 93 18.68 -40.28 -84.18
N GLU DA 94 18.50 -40.80 -82.96
CA GLU DA 94 19.35 -40.41 -81.84
C GLU DA 94 20.78 -40.88 -82.04
N GLN DA 95 20.97 -42.07 -82.60
CA GLN DA 95 22.31 -42.60 -82.80
C GLN DA 95 23.07 -41.77 -83.82
N LYS DA 96 22.39 -41.28 -84.86
CA LYS DA 96 23.06 -40.52 -85.90
C LYS DA 96 23.54 -39.18 -85.36
N GLU DA 97 22.89 -38.67 -84.32
CA GLU DA 97 23.34 -37.41 -83.72
C GLU DA 97 24.71 -37.58 -83.08
N ILE DA 98 24.93 -38.70 -82.40
CA ILE DA 98 26.23 -38.96 -81.79
C ILE DA 98 27.23 -39.39 -82.86
N GLN DA 99 26.88 -40.40 -83.64
CA GLN DA 99 27.71 -40.90 -84.73
C GLN DA 99 27.26 -40.22 -86.01
N LEU DA 100 27.99 -39.20 -86.43
CA LEU DA 100 27.56 -38.39 -87.55
C LEU DA 100 27.57 -39.19 -88.85
N ASP DA 101 26.50 -39.07 -89.62
CA ASP DA 101 26.43 -39.63 -90.97
C ASP DA 101 27.08 -38.63 -91.91
N LEU DA 102 28.38 -38.81 -92.13
CA LEU DA 102 29.14 -37.85 -92.95
C LEU DA 102 28.64 -37.85 -94.39
N GLY DA 103 28.05 -38.95 -94.85
CA GLY DA 103 27.45 -38.97 -96.16
C GLY DA 103 26.34 -37.94 -96.30
N ILE DA 104 25.61 -37.70 -95.20
CA ILE DA 104 24.52 -36.72 -95.21
C ILE DA 104 25.06 -35.33 -94.89
N ALA DA 105 26.06 -35.25 -94.02
CA ALA DA 105 26.49 -33.96 -93.50
C ALA DA 105 27.32 -33.18 -94.51
N LEU DA 106 28.31 -33.82 -95.13
CA LEU DA 106 29.21 -33.11 -96.03
C LEU DA 106 28.50 -32.52 -97.24
N PRO DA 107 27.50 -33.17 -97.86
CA PRO DA 107 26.70 -32.45 -98.87
C PRO DA 107 26.03 -31.21 -98.31
N ILE DA 108 25.59 -31.25 -97.05
CA ILE DA 108 24.97 -30.08 -96.45
C ILE DA 108 26.03 -29.02 -96.14
N ILE DA 109 27.19 -29.46 -95.66
CA ILE DA 109 28.28 -28.51 -95.41
C ILE DA 109 28.79 -27.92 -96.72
N ALA DA 110 28.67 -28.66 -97.82
CA ALA DA 110 29.00 -28.09 -99.12
C ALA DA 110 28.08 -26.94 -99.45
N THR DA 111 26.80 -27.05 -99.09
CA THR DA 111 25.91 -25.91 -99.11
C THR DA 111 26.16 -25.04 -97.89
N GLY DA 112 25.36 -23.98 -97.75
CA GLY DA 112 25.55 -22.99 -96.72
C GLY DA 112 26.23 -21.74 -97.21
N PHE DA 113 26.95 -21.81 -98.34
CA PHE DA 113 27.44 -20.59 -98.97
C PHE DA 113 26.30 -19.68 -99.39
N ALA DA 114 25.13 -20.25 -99.69
CA ALA DA 114 23.94 -19.51 -100.06
C ALA DA 114 22.84 -19.68 -99.02
N TRP DA 115 23.20 -19.68 -97.74
CA TRP DA 115 22.20 -19.76 -96.68
C TRP DA 115 21.22 -18.60 -96.66
N PRO DA 116 21.56 -17.36 -97.05
CA PRO DA 116 20.51 -16.32 -97.03
C PRO DA 116 19.41 -16.57 -98.04
N ALA DA 117 19.76 -17.12 -99.21
CA ALA DA 117 18.74 -17.41 -100.21
C ALA DA 117 17.80 -18.50 -99.74
N ALA DA 118 18.32 -19.52 -99.07
CA ALA DA 118 17.47 -20.57 -98.53
C ALA DA 118 16.64 -20.06 -97.38
N ALA DA 119 17.16 -19.08 -96.64
CA ALA DA 119 16.42 -18.53 -95.50
C ALA DA 119 15.18 -17.78 -95.96
N VAL DA 120 15.34 -16.86 -96.91
CA VAL DA 120 14.20 -16.08 -97.39
C VAL DA 120 13.20 -16.99 -98.09
N LYS DA 121 13.69 -18.05 -98.74
CA LYS DA 121 12.78 -18.99 -99.40
C LYS DA 121 11.89 -19.69 -98.39
N GLU DA 122 12.46 -20.10 -97.25
CA GLU DA 122 11.65 -20.73 -96.21
C GLU DA 122 10.78 -19.72 -95.48
N LEU DA 123 11.26 -18.46 -95.39
CA LEU DA 123 10.47 -17.43 -94.72
C LEU DA 123 9.25 -17.04 -95.54
N LEU DA 124 9.46 -16.74 -96.83
CA LEU DA 124 8.35 -16.31 -97.67
C LEU DA 124 7.32 -17.43 -97.83
N SER DA 125 7.80 -18.65 -98.04
CA SER DA 125 6.91 -19.81 -98.15
C SER DA 125 7.71 -21.05 -97.80
N GLY DA 126 7.43 -21.62 -96.63
CA GLY DA 126 8.11 -22.84 -96.23
C GLY DA 126 8.01 -23.17 -94.76
N GLU DA 127 9.08 -23.73 -94.21
CA GLU DA 127 9.09 -24.34 -92.89
C GLU DA 127 10.06 -23.64 -91.94
N LEU DA 128 10.22 -22.33 -92.06
CA LEU DA 128 11.12 -21.62 -91.16
C LEU DA 128 10.56 -21.59 -89.75
N THR DA 129 9.24 -21.58 -89.61
CA THR DA 129 8.59 -21.53 -88.30
C THR DA 129 7.46 -22.54 -88.26
N ALA DA 130 7.36 -23.24 -87.13
CA ALA DA 130 6.23 -24.11 -86.86
C ALA DA 130 5.10 -23.31 -86.22
N LYS DA 131 3.90 -23.87 -86.28
CA LYS DA 131 2.74 -23.21 -85.71
C LYS DA 131 2.79 -23.28 -84.18
N ASP DA 132 2.21 -22.27 -83.54
CA ASP DA 132 2.20 -22.21 -82.09
C ASP DA 132 1.37 -23.35 -81.50
N SER DA 133 0.38 -23.83 -82.26
CA SER DA 133 -0.51 -24.87 -81.74
C SER DA 133 0.19 -26.23 -81.69
N GLU DA 134 0.92 -26.58 -82.74
CA GLU DA 134 1.51 -27.91 -82.83
C GLU DA 134 2.73 -28.05 -81.91
N ILE DA 135 3.26 -26.93 -81.41
CA ILE DA 135 4.42 -26.98 -80.52
C ILE DA 135 3.95 -27.29 -79.11
N THR DA 136 4.80 -27.99 -78.34
CA THR DA 136 4.47 -28.29 -76.96
C THR DA 136 4.61 -27.05 -76.09
N VAL DA 137 3.89 -27.03 -74.97
CA VAL DA 137 3.83 -25.87 -74.10
C VAL DA 137 3.37 -26.31 -72.71
N SER DA 138 3.81 -25.57 -71.71
CA SER DA 138 3.35 -25.81 -70.35
C SER DA 138 1.92 -25.31 -70.18
N PRO DA 139 1.21 -25.77 -69.14
CA PRO DA 139 -0.14 -25.24 -68.93
C PRO DA 139 -0.14 -23.77 -68.49
N ALA EA 1 24.93 15.28 -18.29
CA ALA EA 1 23.97 14.19 -18.13
C ALA EA 1 24.48 12.92 -18.81
N SER EA 2 25.80 12.74 -18.83
CA SER EA 2 26.41 11.59 -19.46
C SER EA 2 26.20 10.29 -18.68
N PHE EA 3 25.72 10.36 -17.44
CA PHE EA 3 25.54 9.16 -16.64
C PHE EA 3 24.39 8.30 -17.17
N LEU EA 4 23.51 8.88 -17.99
CA LEU EA 4 22.38 8.10 -18.51
C LEU EA 4 22.86 6.95 -19.38
N SER EA 5 23.95 7.16 -20.12
CA SER EA 5 24.47 6.11 -20.98
C SER EA 5 24.97 4.92 -20.17
N SER EA 6 25.47 5.18 -18.96
CA SER EA 6 25.98 4.09 -18.12
C SER EA 6 24.85 3.19 -17.63
N ILE EA 7 23.62 3.72 -17.59
CA ILE EA 7 22.48 2.96 -17.10
C ILE EA 7 21.70 2.36 -18.25
N PHE EA 8 21.57 3.10 -19.36
CA PHE EA 8 20.66 2.70 -20.42
C PHE EA 8 21.31 1.71 -21.37
N VAL EA 9 22.62 1.85 -21.60
CA VAL EA 9 23.33 0.88 -22.44
C VAL EA 9 23.24 -0.53 -21.87
N PRO EA 10 23.66 -0.80 -20.63
CA PRO EA 10 23.62 -2.19 -20.16
C PRO EA 10 22.22 -2.75 -20.00
N VAL EA 11 21.23 -1.89 -19.78
CA VAL EA 11 19.84 -2.35 -19.73
C VAL EA 11 19.46 -2.98 -21.07
N ILE EA 12 19.94 -2.39 -22.17
CA ILE EA 12 19.67 -2.94 -23.49
C ILE EA 12 20.43 -4.24 -23.68
N GLY EA 13 21.64 -4.32 -23.15
CA GLY EA 13 22.49 -5.47 -23.42
C GLY EA 13 22.14 -6.67 -22.57
N TRP EA 14 21.68 -6.44 -21.34
CA TRP EA 14 21.45 -7.50 -20.36
C TRP EA 14 20.00 -7.60 -19.92
N VAL EA 15 19.41 -6.51 -19.42
CA VAL EA 15 18.09 -6.60 -18.81
C VAL EA 15 17.03 -6.87 -19.87
N VAL EA 16 17.18 -6.25 -21.04
CA VAL EA 16 16.20 -6.48 -22.11
C VAL EA 16 16.25 -7.91 -22.60
N PRO EA 17 17.39 -8.47 -23.04
CA PRO EA 17 17.38 -9.87 -23.52
C PRO EA 17 16.97 -10.86 -22.46
N ILE EA 18 17.47 -10.68 -21.23
CA ILE EA 18 17.16 -11.61 -20.16
C ILE EA 18 15.66 -11.67 -19.92
N ALA EA 19 15.02 -10.51 -19.81
CA ALA EA 19 13.59 -10.48 -19.55
C ALA EA 19 12.80 -10.98 -20.75
N THR EA 20 13.20 -10.59 -21.95
CA THR EA 20 12.44 -10.98 -23.14
C THR EA 20 12.60 -12.46 -23.45
N PHE EA 21 13.84 -12.96 -23.43
CA PHE EA 21 14.05 -14.39 -23.67
C PHE EA 21 13.44 -15.23 -22.55
N SER EA 22 13.39 -14.69 -21.33
CA SER EA 22 12.80 -15.42 -20.22
C SER EA 22 11.30 -15.59 -20.41
N PHE EA 23 10.59 -14.50 -20.68
CA PHE EA 23 9.16 -14.58 -20.90
C PHE EA 23 8.84 -15.42 -22.13
N LEU EA 24 9.58 -15.20 -23.22
CA LEU EA 24 9.29 -15.91 -24.45
C LEU EA 24 9.51 -17.40 -24.30
N PHE EA 25 10.59 -17.80 -23.63
CA PHE EA 25 10.88 -19.22 -23.45
C PHE EA 25 9.76 -19.91 -22.68
N LEU EA 26 9.16 -19.21 -21.73
CA LEU EA 26 8.01 -19.78 -21.02
C LEU EA 26 6.75 -19.72 -21.87
N TYR EA 27 6.63 -18.68 -22.69
CA TYR EA 27 5.44 -18.54 -23.53
C TYR EA 27 5.39 -19.61 -24.60
N ILE EA 28 6.54 -19.94 -25.21
CA ILE EA 28 6.55 -20.91 -26.29
C ILE EA 28 6.38 -22.32 -25.76
N GLU EA 29 6.87 -22.57 -24.54
CA GLU EA 29 6.76 -23.88 -23.92
C GLU EA 29 5.46 -24.06 -23.13
N ARG EA 30 4.60 -23.05 -23.07
CA ARG EA 30 3.34 -23.19 -22.37
C ARG EA 30 2.45 -24.22 -23.05
N GLU EA 31 1.39 -24.63 -22.35
CA GLU EA 31 0.46 -25.62 -22.85
C GLU EA 31 -0.98 -25.16 -22.62
N GLN FA 6 37.65 -53.69 -88.81
CA GLN FA 6 37.43 -53.26 -90.18
C GLN FA 6 37.51 -51.73 -90.28
N SER FA 7 37.73 -51.23 -91.49
CA SER FA 7 37.83 -49.79 -91.68
C SER FA 7 36.49 -49.10 -91.49
N SER FA 8 35.39 -49.80 -91.81
CA SER FA 8 34.07 -49.21 -91.61
C SER FA 8 33.82 -48.89 -90.14
N TYR FA 9 34.37 -49.70 -89.24
CA TYR FA 9 34.23 -49.44 -87.82
C TYR FA 9 35.09 -48.27 -87.39
N LEU FA 10 36.28 -48.12 -88.00
CA LEU FA 10 37.16 -47.02 -87.65
C LEU FA 10 36.56 -45.68 -88.07
N ILE FA 11 35.93 -45.64 -89.24
CA ILE FA 11 35.32 -44.40 -89.72
C ILE FA 11 34.20 -43.97 -88.79
N LYS FA 12 33.42 -44.93 -88.29
CA LYS FA 12 32.33 -44.61 -87.38
C LYS FA 12 32.86 -44.06 -86.06
N PHE FA 13 34.06 -44.50 -85.65
CA PHE FA 13 34.66 -43.96 -84.45
C PHE FA 13 35.08 -42.51 -84.64
N ILE FA 14 35.60 -42.18 -85.83
CA ILE FA 14 36.02 -40.82 -86.11
C ILE FA 14 34.82 -39.90 -86.24
N SER FA 15 33.70 -40.44 -86.73
CA SER FA 15 32.50 -39.62 -86.92
C SER FA 15 31.79 -39.30 -85.61
N THR FA 16 32.23 -39.85 -84.49
CA THR FA 16 31.60 -39.55 -83.22
C THR FA 16 31.82 -38.08 -82.86
N ALA FA 17 31.08 -37.62 -81.85
CA ALA FA 17 31.13 -36.21 -81.47
C ALA FA 17 32.51 -35.75 -81.01
N PRO FA 18 33.21 -36.45 -80.11
CA PRO FA 18 34.51 -35.91 -79.66
C PRO FA 18 35.56 -35.90 -80.74
N VAL FA 19 35.67 -36.98 -81.50
CA VAL FA 19 36.71 -37.06 -82.53
C VAL FA 19 36.41 -36.10 -83.67
N ALA FA 20 35.13 -35.95 -84.00
CA ALA FA 20 34.74 -34.97 -85.02
C ALA FA 20 34.95 -33.56 -84.50
N ALA FA 21 34.65 -33.32 -83.22
CA ALA FA 21 34.87 -32.01 -82.64
C ALA FA 21 36.36 -31.69 -82.55
N THR FA 22 37.17 -32.68 -82.16
CA THR FA 22 38.60 -32.46 -82.04
C THR FA 22 39.23 -32.22 -83.41
N ILE FA 23 38.80 -32.96 -84.42
CA ILE FA 23 39.35 -32.79 -85.76
C ILE FA 23 38.95 -31.42 -86.32
N TRP FA 24 37.69 -31.06 -86.16
CA TRP FA 24 37.18 -29.83 -86.76
C TRP FA 24 37.75 -28.61 -86.06
N LEU FA 25 37.73 -28.61 -84.72
CA LEU FA 25 38.17 -27.44 -83.98
C LEU FA 25 39.68 -27.25 -84.09
N THR FA 26 40.43 -28.35 -84.17
CA THR FA 26 41.86 -28.23 -84.40
C THR FA 26 42.16 -27.65 -85.77
N ILE FA 27 41.38 -28.04 -86.77
CA ILE FA 27 41.52 -27.44 -88.10
C ILE FA 27 41.15 -25.96 -88.03
N THR FA 28 40.05 -25.64 -87.34
CA THR FA 28 39.64 -24.26 -87.18
C THR FA 28 40.66 -23.48 -86.37
N ALA FA 29 41.19 -24.09 -85.31
CA ALA FA 29 42.17 -23.41 -84.48
C ALA FA 29 43.47 -23.17 -85.23
N GLY FA 30 43.86 -24.12 -86.08
CA GLY FA 30 45.10 -23.95 -86.83
C GLY FA 30 45.03 -22.80 -87.81
N ILE FA 31 43.86 -22.56 -88.38
CA ILE FA 31 43.71 -21.49 -89.37
C ILE FA 31 43.92 -20.13 -88.71
N LEU FA 32 43.34 -19.94 -87.53
CA LEU FA 32 43.50 -18.66 -86.83
C LEU FA 32 44.92 -18.50 -86.30
N ILE FA 33 45.49 -19.59 -85.78
CA ILE FA 33 46.86 -19.53 -85.28
C ILE FA 33 47.82 -19.25 -86.42
N GLU FA 34 47.63 -19.91 -87.56
CA GLU FA 34 48.55 -19.73 -88.69
C GLU FA 34 48.33 -18.39 -89.36
N PHE FA 35 47.08 -17.95 -89.47
CA PHE FA 35 46.80 -16.66 -90.11
C PHE FA 35 47.35 -15.51 -89.28
N ASN FA 36 47.21 -15.60 -87.95
CA ASN FA 36 47.68 -14.54 -87.09
C ASN FA 36 49.20 -14.41 -87.15
N ARG FA 37 49.90 -15.50 -87.48
CA ARG FA 37 51.35 -15.42 -87.61
C ARG FA 37 51.76 -14.55 -88.78
N PHE FA 38 51.15 -14.76 -89.94
CA PHE FA 38 51.54 -14.02 -91.14
C PHE FA 38 50.95 -12.63 -91.15
N PHE FA 39 49.69 -12.49 -90.75
CA PHE FA 39 48.97 -11.22 -90.74
C PHE FA 39 48.54 -10.93 -89.30
N PRO FA 40 49.47 -10.55 -88.43
CA PRO FA 40 49.11 -10.33 -87.03
C PRO FA 40 48.39 -9.01 -86.82
N ASP FA 41 48.04 -8.79 -85.55
CA ASP FA 41 47.55 -7.52 -84.99
C ASP FA 41 46.51 -6.84 -85.89
N LEU FA 42 45.38 -7.53 -86.02
CA LEU FA 42 44.26 -7.08 -86.84
C LEU FA 42 43.17 -6.54 -85.92
N LEU FA 43 43.26 -5.25 -85.58
CA LEU FA 43 42.24 -4.65 -84.72
C LEU FA 43 41.04 -4.21 -85.54
N PHE FA 44 41.27 -3.83 -86.80
CA PHE FA 44 40.20 -3.39 -87.67
C PHE FA 44 40.64 -3.58 -89.11
N HIS FA 45 39.69 -3.65 -90.01
CA HIS FA 45 39.99 -3.71 -91.43
C HIS FA 45 40.51 -2.35 -91.89
N PRO FA 46 41.77 -2.21 -92.32
CA PRO FA 46 42.22 -0.90 -92.78
C PRO FA 46 41.53 -0.52 -94.08
N LEU FA 47 41.08 0.72 -94.16
CA LEU FA 47 40.40 1.27 -95.32
C LEU FA 47 41.33 2.17 -96.11
N PRO FA 48 41.07 2.39 -97.41
CA PRO FA 48 41.97 3.26 -98.19
C PRO FA 48 41.69 4.74 -97.97
N ALA GA 1 84.03 -40.51 -35.19
CA ALA GA 1 84.77 -41.76 -35.10
C ALA GA 1 83.90 -42.94 -35.52
N ALA GA 2 84.30 -43.60 -36.60
CA ALA GA 2 83.56 -44.76 -37.09
C ALA GA 2 83.72 -45.93 -36.13
N THR GA 3 82.68 -46.77 -36.06
CA THR GA 3 82.77 -47.98 -35.26
C THR GA 3 83.87 -48.88 -35.81
N THR GA 4 84.66 -49.45 -34.90
CA THR GA 4 85.79 -50.25 -35.33
C THR GA 4 85.30 -51.52 -36.02
N PRO GA 5 85.95 -51.98 -37.09
CA PRO GA 5 85.51 -53.19 -37.76
C PRO GA 5 86.16 -54.43 -37.15
N LEU GA 6 85.87 -55.58 -37.77
CA LEU GA 6 86.44 -56.86 -37.36
C LEU GA 6 87.23 -57.43 -38.53
N GLU GA 7 88.52 -57.68 -38.30
CA GLU GA 7 89.33 -58.41 -39.25
C GLU GA 7 88.94 -59.88 -39.26
N TRP GA 8 89.18 -60.55 -40.38
CA TRP GA 8 88.82 -61.94 -40.52
C TRP GA 8 89.61 -62.80 -39.53
N SER GA 9 88.92 -63.75 -38.91
CA SER GA 9 89.52 -64.66 -37.94
C SER GA 9 88.75 -65.96 -37.96
N PRO GA 10 89.37 -67.07 -37.53
CA PRO GA 10 88.63 -68.34 -37.51
C PRO GA 10 87.54 -68.37 -36.45
N THR GA 11 87.68 -67.57 -35.39
CA THR GA 11 86.67 -67.52 -34.34
C THR GA 11 85.34 -67.00 -34.87
N VAL GA 12 85.38 -66.20 -35.94
CA VAL GA 12 84.16 -65.60 -36.48
C VAL GA 12 83.26 -66.68 -37.06
N GLY GA 13 83.86 -67.69 -37.72
CA GLY GA 13 83.06 -68.71 -38.36
C GLY GA 13 82.29 -69.56 -37.37
N ILE GA 14 82.86 -69.78 -36.18
CA ILE GA 14 82.20 -70.62 -35.20
C ILE GA 14 80.94 -69.96 -34.67
N ILE GA 15 80.93 -68.63 -34.63
CA ILE GA 15 79.74 -67.90 -34.19
C ILE GA 15 78.60 -68.14 -35.17
N MET GA 16 78.89 -68.03 -36.48
CA MET GA 16 77.87 -68.31 -37.48
C MET GA 16 77.47 -69.78 -37.45
N VAL GA 17 78.43 -70.67 -37.20
CA VAL GA 17 78.13 -72.09 -37.12
C VAL GA 17 77.18 -72.36 -35.96
N ILE GA 18 77.50 -71.82 -34.77
CA ILE GA 18 76.63 -72.00 -33.62
C ILE GA 18 75.33 -71.23 -33.83
N ALA GA 19 75.40 -70.05 -34.42
CA ALA GA 19 74.19 -69.29 -34.73
C ALA GA 19 73.32 -70.05 -35.72
N ASN GA 20 73.94 -70.80 -36.63
CA ASN GA 20 73.19 -71.62 -37.57
C ASN GA 20 72.50 -72.78 -36.86
N VAL GA 21 73.18 -73.39 -35.88
CA VAL GA 21 72.67 -74.61 -35.27
C VAL GA 21 71.49 -74.30 -34.37
N ILE GA 22 71.56 -73.20 -33.62
CA ILE GA 22 70.44 -72.81 -32.77
C ILE GA 22 69.21 -72.52 -33.62
N ALA GA 23 69.42 -71.96 -34.82
CA ALA GA 23 68.30 -71.71 -35.71
C ALA GA 23 67.67 -73.02 -36.19
N ILE GA 24 68.51 -74.00 -36.52
CA ILE GA 24 67.99 -75.29 -36.97
C ILE GA 24 67.19 -75.95 -35.84
N THR GA 25 67.64 -75.78 -34.60
CA THR GA 25 66.90 -76.32 -33.47
C THR GA 25 65.56 -75.61 -33.32
N PHE GA 26 65.50 -74.33 -33.69
CA PHE GA 26 64.25 -73.59 -33.60
C PHE GA 26 63.24 -74.09 -34.64
N GLY GA 27 63.68 -74.19 -35.89
CA GLY GA 27 62.73 -74.41 -36.97
C GLY GA 27 62.23 -75.84 -37.07
N ARG GA 28 63.02 -76.79 -36.58
CA ARG GA 28 62.69 -78.20 -36.80
C ARG GA 28 61.38 -78.58 -36.10
N GLN GA 29 61.06 -77.92 -34.98
CA GLN GA 29 59.85 -78.21 -34.22
C GLN GA 29 58.81 -77.11 -34.36
N THR GA 30 59.22 -75.85 -34.24
CA THR GA 30 58.26 -74.76 -34.10
C THR GA 30 57.53 -74.47 -35.40
N ILE GA 31 58.13 -74.84 -36.53
CA ILE GA 31 57.51 -74.53 -37.82
C ILE GA 31 56.24 -75.34 -37.98
N LYS GA 32 55.19 -74.69 -38.48
CA LYS GA 32 53.90 -75.35 -38.63
C LYS GA 32 53.94 -76.40 -39.74
N TYR GA 33 54.48 -76.01 -40.91
CA TYR GA 33 54.53 -76.87 -42.08
C TYR GA 33 55.98 -76.93 -42.55
N PRO GA 34 56.84 -77.67 -41.85
CA PRO GA 34 58.28 -77.61 -42.15
C PRO GA 34 58.65 -78.19 -43.50
N SER GA 35 58.09 -79.35 -43.85
CA SER GA 35 58.46 -80.07 -45.06
C SER GA 35 57.43 -79.81 -46.15
N ALA GA 36 57.91 -79.32 -47.31
CA ALA GA 36 57.07 -79.12 -48.48
C ALA GA 36 57.66 -79.72 -49.75
N GLU GA 37 58.99 -79.79 -49.87
CA GLU GA 37 59.63 -80.37 -51.03
C GLU GA 37 59.67 -81.89 -50.94
N PRO GA 52 64.91 -77.32 -48.26
CA PRO GA 52 64.08 -76.12 -48.38
C PRO GA 52 64.12 -75.25 -47.13
N ALA GA 53 63.57 -75.76 -46.02
CA ALA GA 53 63.63 -75.03 -44.76
C ALA GA 53 65.07 -74.91 -44.28
N LEU GA 54 65.91 -75.88 -44.60
CA LEU GA 54 67.32 -75.81 -44.24
C LEU GA 54 67.98 -74.59 -44.87
N LEU GA 55 67.72 -74.36 -46.16
CA LEU GA 55 68.25 -73.18 -46.82
C LEU GA 55 67.72 -71.91 -46.17
N ALA GA 56 66.48 -71.95 -45.70
CA ALA GA 56 65.90 -70.78 -45.02
C ALA GA 56 66.48 -70.63 -43.63
N THR GA 57 66.72 -71.75 -42.93
CA THR GA 57 67.18 -71.68 -41.56
C THR GA 57 68.64 -71.26 -41.49
N THR GA 58 69.46 -71.77 -42.41
CA THR GA 58 70.86 -71.34 -42.47
C THR GA 58 70.97 -69.86 -42.80
N ALA GA 59 70.01 -69.33 -43.57
CA ALA GA 59 70.02 -67.92 -43.90
C ALA GA 59 69.85 -67.05 -42.66
N PHE GA 60 68.93 -67.45 -41.76
CA PHE GA 60 68.70 -66.67 -40.56
C PHE GA 60 69.91 -66.70 -39.64
N GLY GA 61 70.67 -67.80 -39.66
CA GLY GA 61 71.86 -67.88 -38.83
C GLY GA 61 72.90 -66.85 -39.20
N HIS GA 62 72.96 -66.47 -40.47
CA HIS GA 62 73.94 -65.48 -40.90
C HIS GA 62 73.61 -64.10 -40.34
N ILE GA 63 72.32 -63.76 -40.26
CA ILE GA 63 71.93 -62.50 -39.65
C ILE GA 63 72.25 -62.52 -38.17
N LEU GA 64 71.83 -63.56 -37.45
CA LEU GA 64 72.16 -63.67 -36.05
C LEU GA 64 73.66 -63.75 -35.84
N GLY GA 65 74.36 -64.43 -36.76
CA GLY GA 65 75.81 -64.44 -36.70
C GLY GA 65 76.40 -63.05 -36.90
N VAL GA 66 75.98 -62.37 -37.97
CA VAL GA 66 76.49 -61.03 -38.25
C VAL GA 66 76.07 -60.07 -37.14
N GLY GA 67 74.88 -60.27 -36.57
CA GLY GA 67 74.45 -59.42 -35.47
C GLY GA 67 75.29 -59.63 -34.22
N LEU GA 68 75.51 -60.89 -33.85
CA LEU GA 68 76.35 -61.18 -32.70
C LEU GA 68 77.79 -60.76 -32.95
N VAL GA 69 78.29 -61.01 -34.16
CA VAL GA 69 79.69 -60.77 -34.46
C VAL GA 69 79.99 -59.28 -34.43
N LEU GA 70 79.25 -58.49 -35.22
CA LEU GA 70 79.50 -57.06 -35.28
C LEU GA 70 79.12 -56.38 -33.98
N GLY GA 71 78.09 -56.89 -33.31
CA GLY GA 71 77.70 -56.30 -32.04
C GLY GA 71 78.75 -56.50 -30.96
N LEU GA 72 79.30 -57.71 -30.89
CA LEU GA 72 80.37 -57.98 -29.93
C LEU GA 72 81.64 -57.21 -30.29
N HIS GA 73 82.11 -57.35 -31.52
CA HIS GA 73 83.28 -56.63 -32.01
C HIS GA 73 82.81 -55.27 -32.50
N ASN GA 74 82.63 -54.35 -31.55
CA ASN GA 74 82.15 -53.00 -31.85
C ASN GA 74 83.05 -52.29 -32.84
N ASN HA 1 40.73 -64.74 -21.67
CA ASN HA 1 40.11 -63.64 -20.96
C ASN HA 1 38.61 -63.56 -21.25
N ARG HA 2 37.86 -63.01 -20.31
CA ARG HA 2 36.42 -62.87 -20.47
C ARG HA 2 36.09 -61.71 -21.39
N GLU HA 3 34.82 -61.64 -21.80
CA GLU HA 3 34.31 -60.55 -22.61
C GLU HA 3 33.95 -59.40 -21.69
N VAL HA 4 34.38 -58.19 -22.05
CA VAL HA 4 34.19 -57.04 -21.18
C VAL HA 4 32.86 -56.36 -21.48
N VAL HA 5 32.58 -56.10 -22.76
CA VAL HA 5 31.42 -55.35 -23.18
C VAL HA 5 30.23 -56.30 -23.25
N PHE HA 6 29.06 -55.81 -22.86
CA PHE HA 6 27.83 -56.59 -22.80
C PHE HA 6 26.65 -55.71 -23.14
N PRO HA 7 25.50 -56.30 -23.48
CA PRO HA 7 24.30 -55.47 -23.69
C PRO HA 7 23.81 -54.87 -22.39
N ALA HA 8 23.02 -53.81 -22.51
CA ALA HA 8 22.45 -53.14 -21.35
C ALA HA 8 21.40 -54.03 -20.70
N GLY HA 9 21.65 -54.43 -19.45
CA GLY HA 9 20.77 -55.37 -18.81
C GLY HA 9 20.77 -56.68 -19.57
N ARG HA 10 19.57 -57.25 -19.72
CA ARG HA 10 19.39 -58.47 -20.49
C ARG HA 10 18.90 -58.17 -21.91
N ASP HA 11 18.39 -56.96 -22.14
CA ASP HA 11 17.86 -56.61 -23.45
C ASP HA 11 18.98 -56.14 -24.37
N PRO HA 12 19.29 -56.85 -25.46
CA PRO HA 12 20.24 -56.28 -26.43
C PRO HA 12 19.60 -55.26 -27.35
N GLN HA 13 18.27 -55.20 -27.39
CA GLN HA 13 17.57 -54.31 -28.30
C GLN HA 13 17.83 -52.85 -27.95
N TRP HA 14 17.99 -52.55 -26.67
CA TRP HA 14 18.12 -51.17 -26.23
C TRP HA 14 19.46 -50.59 -26.67
N GLY HA 15 19.55 -49.27 -26.60
CA GLY HA 15 20.73 -48.58 -27.12
C GLY HA 15 21.97 -48.80 -26.29
N ASN HA 16 21.84 -48.69 -24.96
CA ASN HA 16 22.98 -48.69 -24.07
C ASN HA 16 23.85 -49.94 -24.24
N LEU HA 17 25.14 -49.77 -23.98
CA LEU HA 17 26.11 -50.86 -23.99
C LEU HA 17 26.95 -50.78 -22.73
N GLU HA 18 26.94 -51.86 -21.96
CA GLU HA 18 27.74 -51.90 -20.74
C GLU HA 18 29.23 -51.93 -21.08
N THR HA 19 29.97 -51.00 -20.52
CA THR HA 19 31.40 -50.87 -20.75
C THR HA 19 32.08 -50.58 -19.42
N PRO HA 20 33.42 -50.61 -19.34
CA PRO HA 20 34.08 -50.23 -18.09
C PRO HA 20 33.77 -48.79 -17.69
N VAL HA 21 33.86 -47.84 -18.63
CA VAL HA 21 33.59 -46.45 -18.29
C VAL HA 21 32.13 -46.28 -17.88
N ASN HA 22 31.24 -47.11 -18.41
CA ASN HA 22 29.81 -46.93 -18.17
C ASN HA 22 29.36 -47.65 -16.90
N ALA HA 23 29.84 -48.88 -16.70
CA ALA HA 23 29.29 -49.78 -15.69
C ALA HA 23 30.39 -50.51 -14.93
N SER HA 24 31.43 -49.79 -14.51
CA SER HA 24 32.40 -50.34 -13.59
C SER HA 24 31.94 -50.12 -12.16
N PRO HA 25 32.47 -50.89 -11.19
CA PRO HA 25 32.10 -50.63 -9.79
C PRO HA 25 32.56 -49.27 -9.30
N LEU HA 26 33.75 -48.83 -9.70
CA LEU HA 26 34.27 -47.55 -9.22
C LEU HA 26 33.43 -46.38 -9.74
N VAL HA 27 33.13 -46.39 -11.04
CA VAL HA 27 32.38 -45.27 -11.62
C VAL HA 27 30.96 -45.26 -11.12
N LYS HA 28 30.35 -46.43 -10.97
CA LYS HA 28 28.97 -46.50 -10.50
C LYS HA 28 28.84 -45.98 -9.08
N TRP HA 29 29.84 -46.26 -8.23
CA TRP HA 29 29.82 -45.72 -6.88
C TRP HA 29 29.91 -44.21 -6.89
N PHE HA 30 30.88 -43.67 -7.64
CA PHE HA 30 31.11 -42.23 -7.66
C PHE HA 30 29.89 -41.49 -8.20
N ILE HA 31 29.41 -41.87 -9.37
CA ILE HA 31 28.32 -41.16 -10.01
C ILE HA 31 27.04 -41.31 -9.21
N ASN HA 32 26.73 -42.52 -8.75
CA ASN HA 32 25.47 -42.76 -8.06
C ASN HA 32 25.44 -42.10 -6.69
N ASN HA 33 26.61 -41.85 -6.09
CA ASN HA 33 26.68 -41.17 -4.81
C ASN HA 33 27.04 -39.69 -4.94
N LEU HA 34 27.08 -39.15 -6.15
CA LEU HA 34 27.17 -37.72 -6.32
C LEU HA 34 25.88 -37.09 -5.80
N PRO HA 35 25.90 -35.78 -5.50
CA PRO HA 35 24.72 -35.17 -4.87
C PRO HA 35 23.47 -35.26 -5.72
N ALA HA 36 23.60 -35.19 -7.03
CA ALA HA 36 22.44 -35.28 -7.91
C ALA HA 36 21.79 -36.65 -7.84
N TYR HA 37 22.56 -37.68 -7.47
CA TYR HA 37 22.10 -39.06 -7.47
C TYR HA 37 22.21 -39.75 -6.12
N ARG HA 38 22.69 -39.07 -5.09
CA ARG HA 38 22.92 -39.72 -3.82
C ARG HA 38 21.58 -40.13 -3.19
N PRO HA 39 21.48 -41.28 -2.52
CA PRO HA 39 20.21 -41.63 -1.88
C PRO HA 39 19.99 -40.85 -0.60
N GLY HA 40 18.73 -40.64 -0.26
CA GLY HA 40 18.37 -40.07 1.03
C GLY HA 40 18.75 -38.62 1.22
N LEU HA 41 18.59 -37.80 0.18
CA LEU HA 41 18.79 -36.36 0.28
C LEU HA 41 17.55 -35.66 -0.25
N THR HA 42 17.30 -34.46 0.27
CA THR HA 42 16.18 -33.66 -0.18
C THR HA 42 16.60 -32.82 -1.39
N PRO HA 43 15.64 -32.31 -2.16
CA PRO HA 43 16.02 -31.50 -3.33
C PRO HA 43 16.81 -30.25 -2.97
N PHE HA 44 16.58 -29.71 -1.78
CA PHE HA 44 17.29 -28.51 -1.36
C PHE HA 44 18.77 -28.82 -1.09
N ARG HA 45 19.03 -29.91 -0.38
CA ARG HA 45 20.40 -30.22 0.01
C ARG HA 45 21.23 -30.63 -1.19
N ARG HA 46 20.58 -31.18 -2.23
CA ARG HA 46 21.30 -31.50 -3.46
C ARG HA 46 21.82 -30.25 -4.13
N GLY HA 47 20.99 -29.21 -4.21
CA GLY HA 47 21.39 -28.00 -4.90
C GLY HA 47 22.46 -27.23 -4.16
N LEU HA 48 22.42 -27.25 -2.83
CA LEU HA 48 23.41 -26.52 -2.03
C LEU HA 48 24.79 -27.11 -2.25
N GLU HA 49 24.92 -28.43 -2.17
CA GLU HA 49 26.20 -29.08 -2.40
C GLU HA 49 26.70 -28.84 -3.81
N VAL HA 50 25.79 -28.81 -4.79
CA VAL HA 50 26.19 -28.55 -6.16
C VAL HA 50 26.62 -27.11 -6.33
N GLY HA 51 25.82 -26.17 -5.83
CA GLY HA 51 26.16 -24.77 -5.97
C GLY HA 51 27.42 -24.40 -5.22
N MET HA 52 27.61 -24.98 -4.04
CA MET HA 52 28.82 -24.73 -3.26
C MET HA 52 30.06 -25.17 -4.02
N ALA HA 53 29.95 -26.24 -4.81
CA ALA HA 53 31.06 -26.68 -5.63
C ALA HA 53 31.30 -25.74 -6.79
N HIS HA 54 30.21 -25.29 -7.42
CA HIS HA 54 30.35 -24.45 -8.61
C HIS HA 54 30.73 -23.03 -8.23
N GLY HA 55 30.17 -22.51 -7.14
CA GLY HA 55 30.55 -21.18 -6.69
C GLY HA 55 32.03 -21.09 -6.37
N TYR HA 56 32.57 -22.08 -5.66
CA TYR HA 56 33.99 -22.09 -5.36
C TYR HA 56 34.80 -22.34 -6.63
N PHE HA 57 34.19 -22.96 -7.63
CA PHE HA 57 34.87 -23.24 -8.90
C PHE HA 57 35.01 -21.98 -9.75
N LEU HA 58 33.92 -21.27 -9.99
CA LEU HA 58 33.92 -20.24 -11.03
C LEU HA 58 34.69 -18.99 -10.62
N PHE HA 59 35.14 -18.88 -9.36
CA PHE HA 59 35.90 -17.71 -8.95
C PHE HA 59 37.22 -17.61 -9.70
N GLY HA 60 37.87 -18.75 -9.95
CA GLY HA 60 39.22 -18.78 -10.49
C GLY HA 60 39.39 -18.16 -11.85
N PRO HA 61 38.63 -18.57 -12.87
CA PRO HA 61 38.87 -18.05 -14.22
C PRO HA 61 38.74 -16.54 -14.34
N PHE HA 62 37.82 -15.93 -13.62
CA PHE HA 62 37.63 -14.49 -13.72
C PHE HA 62 38.83 -13.74 -13.13
N ALA HA 63 39.26 -14.13 -11.93
CA ALA HA 63 40.31 -13.39 -11.24
C ALA HA 63 41.66 -13.55 -11.92
N LYS HA 64 42.06 -14.80 -12.19
CA LYS HA 64 43.42 -15.06 -12.62
C LYS HA 64 43.60 -14.85 -14.12
N LEU HA 65 42.51 -14.70 -14.87
CA LEU HA 65 42.59 -14.54 -16.33
C LEU HA 65 41.70 -13.45 -16.88
N GLY HA 66 40.80 -12.88 -16.09
CA GLY HA 66 39.95 -11.82 -16.56
C GLY HA 66 40.67 -10.49 -16.58
N PRO HA 67 39.94 -9.44 -16.96
CA PRO HA 67 40.53 -8.10 -16.89
C PRO HA 67 40.78 -7.70 -15.46
N LEU HA 68 41.66 -6.72 -15.28
CA LEU HA 68 42.15 -6.32 -13.97
C LEU HA 68 42.85 -7.47 -13.26
N ARG HA 69 43.40 -8.41 -14.04
CA ARG HA 69 44.24 -9.46 -13.49
C ARG HA 69 45.42 -8.88 -12.73
N ASP HA 70 46.17 -7.99 -13.39
CA ASP HA 70 47.34 -7.35 -12.79
C ASP HA 70 46.90 -6.03 -12.14
N ALA HA 71 46.14 -6.17 -11.06
CA ALA HA 71 45.62 -5.01 -10.34
C ALA HA 71 45.36 -5.42 -8.90
N ALA HA 72 45.06 -4.41 -8.07
CA ALA HA 72 44.81 -4.65 -6.67
C ALA HA 72 43.46 -5.31 -6.44
N ASN HA 73 42.46 -4.93 -7.24
CA ASN HA 73 41.10 -5.44 -7.11
C ASN HA 73 40.86 -6.65 -8.01
N ALA HA 74 41.90 -7.43 -8.29
CA ALA HA 74 41.74 -8.58 -9.16
C ALA HA 74 40.86 -9.64 -8.53
N ASN HA 75 41.14 -10.00 -7.28
CA ASN HA 75 40.38 -11.05 -6.61
C ASN HA 75 38.93 -10.62 -6.39
N LEU HA 76 38.70 -9.32 -6.20
CA LEU HA 76 37.32 -8.85 -6.01
C LEU HA 76 36.51 -9.03 -7.28
N ALA HA 77 37.13 -8.83 -8.44
CA ALA HA 77 36.43 -9.02 -9.70
C ALA HA 77 36.01 -10.47 -9.89
N GLY HA 78 36.82 -11.40 -9.38
CA GLY HA 78 36.47 -12.80 -9.49
C GLY HA 78 35.24 -13.16 -8.68
N LEU HA 79 35.09 -12.54 -7.51
CA LEU HA 79 33.93 -12.81 -6.68
C LEU HA 79 32.67 -12.25 -7.30
N LEU HA 80 32.69 -10.99 -7.70
CA LEU HA 80 31.52 -10.37 -8.29
C LEU HA 80 31.19 -10.99 -9.65
N GLY HA 81 32.22 -11.26 -10.45
CA GLY HA 81 31.98 -11.87 -11.75
C GLY HA 81 31.41 -13.27 -11.63
N ALA HA 82 31.88 -14.02 -10.62
CA ALA HA 82 31.38 -15.37 -10.43
C ALA HA 82 29.92 -15.38 -9.99
N ILE HA 83 29.56 -14.46 -9.09
CA ILE HA 83 28.19 -14.40 -8.61
C ILE HA 83 27.23 -14.08 -9.74
N GLY HA 84 27.69 -13.31 -10.73
CA GLY HA 84 26.85 -13.03 -11.88
C GLY HA 84 26.45 -14.28 -12.64
N LEU HA 85 27.34 -15.27 -12.68
CA LEU HA 85 27.02 -16.52 -13.33
C LEU HA 85 26.05 -17.35 -12.51
N VAL HA 86 26.21 -17.36 -11.19
CA VAL HA 86 25.32 -18.14 -10.33
C VAL HA 86 23.91 -17.59 -10.41
N VAL HA 87 23.78 -16.27 -10.52
CA VAL HA 87 22.46 -15.67 -10.68
C VAL HA 87 21.85 -16.07 -12.01
N LEU HA 88 22.64 -16.02 -13.08
CA LEU HA 88 22.16 -16.48 -14.38
C LEU HA 88 21.89 -17.98 -14.36
N PHE HA 89 22.75 -18.73 -13.68
CA PHE HA 89 22.54 -20.17 -13.57
C PHE HA 89 21.29 -20.47 -12.76
N THR HA 90 21.01 -19.69 -11.72
CA THR HA 90 19.79 -19.87 -10.96
C THR HA 90 18.58 -19.52 -11.81
N LEU HA 91 18.69 -18.47 -12.62
CA LEU HA 91 17.59 -18.08 -13.49
C LEU HA 91 17.28 -19.17 -14.51
N ALA HA 92 18.32 -19.78 -15.08
CA ALA HA 92 18.11 -20.86 -16.04
C ALA HA 92 17.40 -22.04 -15.40
N LEU HA 93 17.70 -22.33 -14.14
CA LEU HA 93 17.01 -23.40 -13.44
C LEU HA 93 15.54 -23.06 -13.24
N SER HA 94 15.25 -21.83 -12.83
CA SER HA 94 13.88 -21.43 -12.57
C SER HA 94 13.04 -21.48 -13.83
N LEU HA 95 13.61 -21.08 -14.96
CA LEU HA 95 12.89 -21.13 -16.22
C LEU HA 95 12.68 -22.57 -16.66
N TYR HA 96 13.74 -23.39 -16.58
CA TYR HA 96 13.58 -24.81 -16.88
C TYR HA 96 12.63 -25.48 -15.90
N ALA HA 97 12.58 -24.97 -14.67
CA ALA HA 97 11.69 -25.55 -13.67
C ALA HA 97 10.25 -25.09 -13.86
N ASN HA 98 10.05 -23.77 -13.99
CA ASN HA 98 8.70 -23.23 -14.09
C ASN HA 98 8.02 -23.72 -15.37
N SER HA 99 8.78 -23.83 -16.46
CA SER HA 99 8.33 -24.61 -17.58
C SER HA 99 8.32 -26.08 -17.16
N ASN HA 100 7.22 -26.77 -17.47
CA ASN HA 100 7.05 -28.16 -17.05
C ASN HA 100 8.19 -29.02 -17.57
N PRO HA 101 9.14 -29.47 -16.73
CA PRO HA 101 10.24 -30.27 -17.26
C PRO HA 101 9.73 -31.61 -17.73
N PRO HA 102 10.35 -32.21 -18.76
CA PRO HA 102 9.85 -33.51 -19.22
C PRO HA 102 9.94 -34.59 -18.16
N THR HA 103 11.15 -34.94 -17.73
CA THR HA 103 11.41 -35.84 -16.62
C THR HA 103 12.91 -36.05 -16.48
N ALA HA 104 13.34 -36.62 -15.36
CA ALA HA 104 14.68 -37.18 -15.28
C ALA HA 104 14.70 -38.53 -15.98
N LEU HA 105 15.91 -39.04 -16.21
CA LEU HA 105 16.10 -40.31 -16.91
C LEU HA 105 17.09 -41.18 -16.17
N ALA HA 106 16.89 -42.50 -16.29
CA ALA HA 106 17.82 -43.47 -15.74
C ALA HA 106 18.72 -44.03 -16.84
N SER HA 107 19.92 -44.44 -16.45
CA SER HA 107 20.87 -45.05 -17.35
C SER HA 107 21.53 -46.22 -16.63
N VAL HA 108 22.57 -46.78 -17.24
CA VAL HA 108 23.23 -47.95 -16.66
C VAL HA 108 23.98 -47.57 -15.40
N THR HA 109 24.70 -46.45 -15.43
CA THR HA 109 25.49 -46.03 -14.27
C THR HA 109 24.58 -45.65 -13.10
N VAL HA 110 23.34 -45.26 -13.39
CA VAL HA 110 22.36 -44.91 -12.37
C VAL HA 110 21.07 -45.67 -12.70
N PRO HA 111 20.95 -46.95 -12.34
CA PRO HA 111 19.79 -47.73 -12.80
C PRO HA 111 18.47 -47.25 -12.23
N ASN HA 112 18.40 -47.05 -10.92
CA ASN HA 112 17.18 -46.53 -10.29
C ASN HA 112 16.89 -45.14 -10.80
N PRO HA 113 15.68 -44.62 -10.58
CA PRO HA 113 15.42 -43.22 -10.89
C PRO HA 113 16.32 -42.32 -10.06
N PRO HA 114 16.73 -41.16 -10.58
CA PRO HA 114 17.61 -40.29 -9.79
C PRO HA 114 17.05 -39.85 -8.46
N ASP HA 115 15.95 -39.11 -8.48
CA ASP HA 115 15.42 -38.46 -7.28
C ASP HA 115 14.10 -37.80 -7.65
N ALA HA 116 13.54 -37.01 -6.74
CA ALA HA 116 12.32 -36.23 -7.02
C ALA HA 116 12.66 -34.96 -7.81
N PHE HA 117 13.22 -35.16 -9.01
CA PHE HA 117 13.40 -34.10 -10.00
C PHE HA 117 12.35 -34.18 -11.10
N GLN HA 118 11.29 -34.95 -10.89
CA GLN HA 118 10.24 -35.13 -11.89
C GLN HA 118 9.06 -34.18 -11.67
N SER HA 119 9.32 -33.00 -11.13
CA SER HA 119 8.27 -32.04 -10.85
C SER HA 119 8.88 -30.65 -10.75
N LYS HA 120 8.00 -29.64 -10.76
CA LYS HA 120 8.45 -28.26 -10.66
C LYS HA 120 9.05 -27.96 -9.30
N GLU HA 121 8.45 -28.49 -8.23
CA GLU HA 121 8.91 -28.18 -6.89
C GLU HA 121 10.31 -28.73 -6.64
N GLY HA 122 10.64 -29.86 -7.27
CA GLY HA 122 11.97 -30.43 -7.07
C GLY HA 122 13.07 -29.56 -7.66
N TRP HA 123 12.80 -28.96 -8.81
CA TRP HA 123 13.80 -28.12 -9.46
C TRP HA 123 13.84 -26.73 -8.86
N ASN HA 124 12.70 -26.23 -8.39
CA ASN HA 124 12.67 -24.90 -7.79
C ASN HA 124 13.43 -24.88 -6.47
N ASN HA 125 13.24 -25.91 -5.64
CA ASN HA 125 14.01 -26.01 -4.40
C ASN HA 125 15.48 -26.21 -4.70
N PHE HA 126 15.79 -26.90 -5.80
CA PHE HA 126 17.18 -27.01 -6.23
C PHE HA 126 17.75 -25.66 -6.59
N ALA HA 127 16.96 -24.82 -7.27
CA ALA HA 127 17.46 -23.53 -7.72
C ALA HA 127 17.73 -22.60 -6.54
N SER HA 128 16.85 -22.59 -5.54
CA SER HA 128 17.04 -21.73 -4.39
C SER HA 128 18.31 -22.08 -3.63
N ALA HA 129 18.66 -23.37 -3.61
CA ALA HA 129 19.87 -23.80 -2.91
C ALA HA 129 21.12 -23.47 -3.73
N PHE HA 130 21.00 -23.49 -5.06
CA PHE HA 130 22.15 -23.20 -5.91
C PHE HA 130 22.63 -21.77 -5.69
N LEU HA 131 21.70 -20.83 -5.59
CA LEU HA 131 22.09 -19.43 -5.40
C LEU HA 131 22.72 -19.22 -4.03
N ILE HA 132 22.24 -19.94 -3.02
CA ILE HA 132 22.78 -19.78 -1.66
C ILE HA 132 24.18 -20.37 -1.58
N GLY HA 133 24.33 -21.61 -2.05
CA GLY HA 133 25.64 -22.24 -2.01
C GLY HA 133 26.62 -21.62 -2.98
N GLY HA 134 26.13 -21.18 -4.14
CA GLY HA 134 27.01 -20.60 -5.13
C GLY HA 134 27.63 -19.30 -4.68
N ILE HA 135 26.84 -18.44 -4.04
CA ILE HA 135 27.40 -17.21 -3.49
C ILE HA 135 28.33 -17.52 -2.34
N GLY HA 136 28.07 -18.61 -1.62
CA GLY HA 136 28.93 -18.97 -0.51
C GLY HA 136 30.28 -19.50 -0.96
N GLY HA 137 30.29 -20.37 -1.97
CA GLY HA 137 31.54 -20.96 -2.42
C GLY HA 137 32.50 -19.91 -2.98
N ALA HA 138 31.97 -18.96 -3.74
CA ALA HA 138 32.82 -17.91 -4.29
C ALA HA 138 33.37 -17.02 -3.19
N VAL HA 139 32.56 -16.71 -2.18
CA VAL HA 139 33.02 -15.89 -1.07
C VAL HA 139 34.14 -16.60 -0.32
N VAL HA 140 34.04 -17.93 -0.20
CA VAL HA 140 35.09 -18.69 0.46
C VAL HA 140 36.38 -18.60 -0.32
N ALA HA 141 36.32 -18.83 -1.64
CA ALA HA 141 37.52 -18.82 -2.46
C ALA HA 141 38.17 -17.45 -2.47
N TYR HA 142 37.37 -16.39 -2.30
CA TYR HA 142 37.94 -15.05 -2.29
C TYR HA 142 38.81 -14.83 -1.06
N PHE HA 143 38.30 -15.21 0.11
CA PHE HA 143 39.02 -14.94 1.35
C PHE HA 143 40.29 -15.79 1.44
N LEU HA 144 40.23 -17.02 0.96
CA LEU HA 144 41.42 -17.86 0.97
C LEU HA 144 42.50 -17.30 0.06
N THR HA 145 42.14 -16.95 -1.17
CA THR HA 145 43.11 -16.44 -2.12
C THR HA 145 43.67 -15.10 -1.69
N SER HA 146 42.81 -14.18 -1.26
CA SER HA 146 43.26 -12.86 -0.86
C SER HA 146 44.17 -12.93 0.37
N ASN HA 147 43.83 -13.81 1.31
CA ASN HA 147 44.59 -13.97 2.55
C ASN HA 147 45.45 -15.23 2.55
N LEU HA 148 45.82 -15.74 1.38
CA LEU HA 148 46.69 -16.92 1.32
C LEU HA 148 48.09 -16.58 1.83
N ALA HA 149 48.55 -15.36 1.57
CA ALA HA 149 49.85 -14.94 2.08
C ALA HA 149 49.85 -14.89 3.60
N LEU HA 150 48.70 -14.56 4.20
CA LEU HA 150 48.60 -14.54 5.66
C LEU HA 150 48.61 -15.96 6.21
N ILE HA 151 47.80 -16.84 5.63
CA ILE HA 151 47.72 -18.23 6.10
C ILE HA 151 49.08 -18.90 5.99
N GLN HA 152 49.78 -18.66 4.88
CA GLN HA 152 51.17 -19.10 4.80
C GLN HA 152 52.06 -18.25 5.71
N GLY HA 153 51.69 -16.98 5.89
CA GLY HA 153 52.44 -16.12 6.78
C GLY HA 153 52.43 -16.59 8.22
N LEU HA 154 51.37 -17.29 8.62
CA LEU HA 154 51.28 -17.85 9.96
C LEU HA 154 52.43 -18.83 10.19
N SER IA 1 27.23 24.00 -27.22
CA SER IA 1 28.01 22.78 -27.20
C SER IA 1 27.12 21.57 -27.07
N SER IA 2 26.09 21.68 -26.24
CA SER IA 2 25.16 20.58 -26.03
C SER IA 2 23.86 21.14 -25.47
N ILE IA 3 22.86 20.26 -25.38
CA ILE IA 3 21.55 20.65 -24.85
C ILE IA 3 21.58 20.56 -23.33
N SER IA 4 20.69 21.33 -22.70
CA SER IA 4 20.60 21.32 -21.24
C SER IA 4 20.18 19.95 -20.73
N ASP IA 5 20.43 19.73 -19.44
CA ASP IA 5 20.06 18.45 -18.83
C ASP IA 5 18.55 18.33 -18.70
N THR IA 6 17.87 19.42 -18.33
CA THR IA 6 16.44 19.35 -18.08
C THR IA 6 15.67 18.97 -19.34
N GLN IA 7 16.15 19.41 -20.51
CA GLN IA 7 15.48 19.08 -21.75
C GLN IA 7 15.57 17.57 -22.03
N VAL IA 8 16.63 16.93 -21.55
CA VAL IA 8 16.80 15.50 -21.80
C VAL IA 8 15.80 14.71 -21.00
N TYR IA 9 15.62 15.04 -19.72
CA TYR IA 9 14.68 14.31 -18.88
C TYR IA 9 13.26 14.47 -19.38
N ILE IA 10 12.95 15.64 -19.96
CA ILE IA 10 11.61 15.87 -20.48
C ILE IA 10 11.32 14.95 -21.66
N ALA IA 11 12.32 14.77 -22.54
CA ALA IA 11 12.13 13.92 -23.71
C ALA IA 11 11.89 12.48 -23.30
N LEU IA 12 12.52 12.03 -22.22
CA LEU IA 12 12.33 10.66 -21.77
C LEU IA 12 10.91 10.45 -21.24
N VAL IA 13 10.39 11.43 -20.51
CA VAL IA 13 9.01 11.34 -20.04
C VAL IA 13 8.05 11.33 -21.22
N VAL IA 14 8.34 12.13 -22.24
CA VAL IA 14 7.50 12.15 -23.43
C VAL IA 14 7.56 10.81 -24.15
N ALA IA 15 8.70 10.12 -24.06
CA ALA IA 15 8.85 8.85 -24.78
C ALA IA 15 7.96 7.76 -24.19
N LEU IA 16 7.53 7.92 -22.94
CA LEU IA 16 6.63 6.93 -22.35
C LEU IA 16 5.29 6.91 -23.07
N ILE IA 17 4.89 8.04 -23.66
CA ILE IA 17 3.56 8.12 -24.26
C ILE IA 17 3.46 7.25 -25.50
N PRO IA 18 4.40 7.28 -26.45
CA PRO IA 18 4.39 6.24 -27.49
C PRO IA 18 4.51 4.84 -26.94
N GLY IA 19 5.28 4.67 -25.86
CA GLY IA 19 5.48 3.34 -25.31
C GLY IA 19 4.20 2.73 -24.77
N LEU IA 20 3.47 3.49 -23.96
CA LEU IA 20 2.22 2.99 -23.40
C LEU IA 20 1.21 2.71 -24.51
N LEU IA 21 1.25 3.49 -25.59
CA LEU IA 21 0.35 3.28 -26.71
C LEU IA 21 0.84 2.17 -27.63
N ALA IA 22 2.16 2.03 -27.76
CA ALA IA 22 2.71 0.93 -28.54
C ALA IA 22 2.34 -0.41 -27.94
N TRP IA 23 2.36 -0.50 -26.61
CA TRP IA 23 1.90 -1.72 -25.94
C TRP IA 23 0.43 -1.98 -26.23
N ARG IA 24 -0.38 -0.92 -26.25
CA ARG IA 24 -1.81 -1.09 -26.46
C ARG IA 24 -2.10 -1.51 -27.89
N LEU IA 25 -1.42 -0.90 -28.86
CA LEU IA 25 -1.59 -1.31 -30.25
C LEU IA 25 -1.18 -2.76 -30.46
N ALA IA 26 -0.09 -3.18 -29.81
CA ALA IA 26 0.43 -4.52 -30.04
C ALA IA 26 -0.48 -5.57 -29.42
N THR IA 27 -0.87 -5.38 -28.16
CA THR IA 27 -1.72 -6.35 -27.47
C THR IA 27 -3.08 -6.45 -28.16
N GLU IA 28 -3.56 -5.36 -28.74
CA GLU IA 28 -4.84 -5.39 -29.45
C GLU IA 28 -4.71 -6.18 -30.74
N LEU IA 29 -3.54 -6.14 -31.37
CA LEU IA 29 -3.35 -6.86 -32.62
C LEU IA 29 -3.32 -8.37 -32.38
N TYR IA 30 -2.71 -8.79 -31.28
CA TYR IA 30 -2.66 -10.21 -30.96
C TYR IA 30 -4.05 -10.78 -30.75
N LYS IA 31 -4.96 -9.99 -30.18
CA LYS IA 31 -6.33 -10.41 -29.95
C LYS IA 31 -7.09 -10.52 -31.27
N LYS JA 1 -7.84 -27.26 -69.71
CA LYS JA 1 -8.14 -26.92 -71.09
C LYS JA 1 -9.37 -26.01 -71.16
N ILE JA 2 -9.46 -25.10 -70.20
CA ILE JA 2 -10.57 -24.14 -70.19
C ILE JA 2 -10.32 -23.05 -71.22
N SER JA 3 -9.10 -22.49 -71.24
CA SER JA 3 -8.70 -21.46 -72.19
C SER JA 3 -7.54 -22.02 -73.02
N PRO JA 4 -7.45 -21.72 -74.31
CA PRO JA 4 -6.32 -22.23 -75.09
C PRO JA 4 -5.04 -21.50 -74.74
N VAL JA 5 -3.92 -22.22 -74.81
CA VAL JA 5 -2.63 -21.64 -74.47
C VAL JA 5 -2.07 -20.82 -75.63
N ALA JA 6 -2.72 -20.87 -76.79
CA ALA JA 6 -2.30 -20.10 -77.97
C ALA JA 6 -3.36 -19.07 -78.32
N ASN JA 7 -2.91 -17.88 -78.74
CA ASN JA 7 -3.81 -16.81 -79.14
C ASN JA 7 -4.21 -16.95 -80.60
N THR JA 8 -5.26 -16.20 -80.97
CA THR JA 8 -5.75 -16.16 -82.34
C THR JA 8 -6.35 -14.78 -82.60
N GLY JA 9 -6.73 -14.54 -83.85
CA GLY JA 9 -7.45 -13.35 -84.23
C GLY JA 9 -6.66 -12.24 -84.90
N ALA JA 10 -5.81 -12.56 -85.88
CA ALA JA 10 -5.05 -11.54 -86.60
C ALA JA 10 -4.93 -11.94 -88.06
N LYS JA 11 -4.42 -11.01 -88.88
CA LYS JA 11 -4.35 -11.16 -90.33
C LYS JA 11 -3.00 -10.65 -90.84
N PRO JA 12 -2.58 -11.05 -92.04
CA PRO JA 12 -1.16 -10.87 -92.47
C PRO JA 12 -0.63 -9.45 -92.34
N PRO JA 13 -1.36 -8.40 -92.77
CA PRO JA 13 -0.72 -7.07 -92.78
C PRO JA 13 -0.32 -6.55 -91.40
N TYR JA 14 -1.15 -6.74 -90.37
CA TYR JA 14 -0.89 -6.23 -89.04
C TYR JA 14 -0.73 -4.71 -89.06
N THR JA 15 -1.79 -4.02 -89.44
CA THR JA 15 -1.72 -2.58 -89.62
C THR JA 15 -1.48 -1.84 -88.31
N PHE JA 16 -2.19 -2.24 -87.26
CA PHE JA 16 -2.08 -1.54 -85.98
C PHE JA 16 -0.69 -1.70 -85.39
N ARG JA 17 -0.12 -2.89 -85.47
CA ARG JA 17 1.21 -3.12 -84.91
C ARG JA 17 2.28 -2.37 -85.69
N THR JA 18 2.21 -2.42 -87.02
CA THR JA 18 3.21 -1.74 -87.85
C THR JA 18 3.06 -0.23 -87.76
N GLY JA 19 1.83 0.26 -87.70
CA GLY JA 19 1.62 1.70 -87.67
C GLY JA 19 2.24 2.35 -86.44
N TRP JA 20 2.13 1.68 -85.29
CA TRP JA 20 2.72 2.22 -84.07
C TRP JA 20 4.21 1.95 -84.01
N ALA JA 21 4.65 0.78 -84.47
CA ALA JA 21 6.07 0.46 -84.44
C ALA JA 21 6.85 1.34 -85.40
N LEU JA 22 6.29 1.59 -86.59
CA LEU JA 22 6.97 2.45 -87.56
C LEU JA 22 7.07 3.88 -87.03
N LEU JA 23 6.08 4.31 -86.25
CA LEU JA 23 6.17 5.61 -85.60
C LEU JA 23 7.32 5.64 -84.61
N LEU JA 24 7.42 4.59 -83.77
CA LEU JA 24 8.55 4.49 -82.85
C LEU JA 24 9.87 4.42 -83.62
N LEU JA 25 9.86 3.79 -84.79
CA LEU JA 25 11.05 3.75 -85.62
C LEU JA 25 11.34 5.09 -86.27
N ALA JA 26 10.29 5.81 -86.68
CA ALA JA 26 10.49 7.12 -87.30
C ALA JA 26 11.16 8.09 -86.33
N VAL JA 27 10.81 8.01 -85.05
CA VAL JA 27 11.44 8.86 -84.05
C VAL JA 27 12.91 8.51 -83.91
N ASN JA 28 13.24 7.22 -83.98
CA ASN JA 28 14.63 6.79 -83.79
C ASN JA 28 15.53 7.35 -84.88
N PHE JA 29 15.01 7.48 -86.10
CA PHE JA 29 15.80 8.06 -87.18
C PHE JA 29 15.89 9.57 -87.05
N LEU JA 30 14.84 10.22 -86.54
CA LEU JA 30 14.90 11.64 -86.29
C LEU JA 30 15.98 11.98 -85.27
N VAL JA 31 16.08 11.17 -84.22
CA VAL JA 31 17.14 11.35 -83.24
C VAL JA 31 18.49 11.11 -83.88
N ALA JA 32 18.59 10.08 -84.73
CA ALA JA 32 19.84 9.80 -85.42
C ALA JA 32 20.17 10.92 -86.41
N ALA JA 33 19.14 11.55 -86.98
CA ALA JA 33 19.38 12.63 -87.94
C ALA JA 33 20.04 13.82 -87.27
N TYR JA 34 19.65 14.12 -86.02
CA TYR JA 34 20.28 15.20 -85.29
C TYR JA 34 21.73 14.86 -84.95
N TYR JA 35 22.00 13.57 -84.68
CA TYR JA 35 23.36 13.16 -84.36
C TYR JA 35 24.27 13.31 -85.57
N PHE JA 36 23.82 12.82 -86.73
CA PHE JA 36 24.59 12.91 -87.97
C PHE JA 36 24.55 14.30 -88.60
N HIS JA 37 23.88 15.27 -87.96
CA HIS JA 37 23.79 16.64 -88.48
C HIS JA 37 23.12 16.68 -89.85
N ILE JA 38 22.19 15.76 -90.11
CA ILE JA 38 21.38 15.85 -91.31
C ILE JA 38 20.45 17.05 -91.22
N ILE JA 39 19.99 17.37 -90.00
CA ILE JA 39 19.11 18.50 -89.75
C ILE JA 39 19.93 19.61 -89.10
N LYS KA 1 -75.32 46.77 50.71
CA LYS KA 1 -76.14 46.80 51.91
C LYS KA 1 -75.26 46.87 53.16
N ALA KA 2 -74.53 47.97 53.28
CA ALA KA 2 -73.65 48.16 54.43
C ALA KA 2 -74.47 48.25 55.71
N ARG KA 3 -74.05 47.48 56.71
CA ARG KA 3 -74.73 47.47 57.99
C ARG KA 3 -73.77 46.96 59.06
N VAL KA 4 -74.00 47.42 60.28
CA VAL KA 4 -73.22 47.00 61.44
C VAL KA 4 -73.94 45.83 62.08
N ILE KA 5 -73.41 44.63 61.90
CA ILE KA 5 -73.96 43.40 62.46
C ILE KA 5 -72.95 42.88 63.46
N VAL KA 6 -73.42 42.56 64.67
CA VAL KA 6 -72.55 42.18 65.77
C VAL KA 6 -73.21 41.07 66.57
N ASP KA 7 -72.38 40.16 67.08
CA ASP KA 7 -72.80 39.12 68.01
C ASP KA 7 -72.33 39.49 69.40
N LYS KA 8 -73.23 39.38 70.38
CA LYS KA 8 -72.96 39.80 71.74
C LYS KA 8 -72.48 38.63 72.59
N ASP KA 9 -71.27 38.77 73.14
CA ASP KA 9 -70.67 37.78 74.02
C ASP KA 9 -70.61 36.37 73.43
N PRO KA 10 -69.95 36.18 72.28
CA PRO KA 10 -69.70 34.80 71.82
C PRO KA 10 -68.70 34.05 72.68
N VAL KA 11 -67.54 34.65 72.96
CA VAL KA 11 -66.42 33.97 73.58
C VAL KA 11 -66.21 34.56 74.97
N PRO KA 12 -66.16 33.75 76.04
CA PRO KA 12 -65.85 34.32 77.36
C PRO KA 12 -64.41 34.77 77.46
N THR KA 13 -64.05 35.25 78.65
CA THR KA 13 -62.71 35.79 78.94
C THR KA 13 -62.07 35.09 80.13
N SER KA 14 -62.17 33.76 80.20
CA SER KA 14 -61.60 33.01 81.30
C SER KA 14 -60.10 32.76 81.07
N PHE KA 15 -59.38 32.59 82.18
CA PHE KA 15 -57.99 32.20 82.14
C PHE KA 15 -57.79 30.69 82.03
N GLU KA 16 -58.87 29.92 81.84
CA GLU KA 16 -58.76 28.47 81.81
C GLU KA 16 -57.92 28.00 80.64
N LYS KA 17 -58.20 28.51 79.44
CA LYS KA 17 -57.55 28.02 78.24
C LYS KA 17 -56.07 28.38 78.19
N TRP KA 18 -55.63 29.35 78.99
CA TRP KA 18 -54.21 29.64 79.09
C TRP KA 18 -53.43 28.42 79.58
N ALA KA 19 -53.96 27.75 80.61
CA ALA KA 19 -53.23 26.66 81.24
C ALA KA 19 -53.08 25.48 80.30
N GLN KA 20 -54.18 24.97 79.76
CA GLN KA 20 -54.12 23.82 78.89
C GLN KA 20 -53.68 24.28 77.49
N PRO KA 21 -52.53 23.85 76.97
CA PRO KA 21 -52.13 24.29 75.65
C PRO KA 21 -52.77 23.46 74.55
N GLY KA 22 -52.61 23.90 73.32
CA GLY KA 22 -53.17 23.19 72.19
C GLY KA 22 -54.68 23.22 72.13
N HIS KA 23 -55.31 24.16 72.82
CA HIS KA 23 -56.77 24.26 72.81
C HIS KA 23 -57.29 24.54 71.39
N PHE KA 24 -56.53 25.31 70.60
CA PHE KA 24 -57.03 25.76 69.32
C PHE KA 24 -57.22 24.60 68.34
N ASP KA 25 -56.44 23.52 68.49
CA ASP KA 25 -56.49 22.38 67.60
C ASP KA 25 -56.86 21.13 68.38
N ARG KA 26 -57.49 20.17 67.70
CA ARG KA 26 -57.93 18.96 68.36
C ARG KA 26 -56.80 17.95 68.49
N THR KA 27 -55.94 17.86 67.47
CA THR KA 27 -54.83 16.91 67.53
C THR KA 27 -53.86 17.26 68.65
N LEU KA 28 -53.56 18.54 68.81
CA LEU KA 28 -52.64 18.96 69.87
C LEU KA 28 -53.32 18.94 71.23
N ALA KA 29 -54.66 19.06 71.25
CA ALA KA 29 -55.36 19.09 72.53
C ALA KA 29 -55.33 17.74 73.23
N ARG KA 30 -55.04 16.66 72.50
CA ARG KA 30 -54.99 15.34 73.12
C ARG KA 30 -53.90 15.26 74.18
N GLY KA 31 -52.65 15.46 73.78
CA GLY KA 31 -51.56 15.52 74.73
C GLY KA 31 -50.20 15.50 74.07
N PRO KA 32 -49.15 15.89 74.81
CA PRO KA 32 -47.78 15.93 74.25
C PRO KA 32 -47.04 14.61 74.44
N LYS KA 33 -47.39 13.62 73.62
CA LYS KA 33 -46.67 12.34 73.65
C LYS KA 33 -45.25 12.48 73.14
N THR KA 34 -44.96 13.55 72.40
CA THR KA 34 -43.72 13.69 71.66
C THR KA 34 -43.28 15.14 71.66
N THR KA 35 -41.97 15.36 71.45
CA THR KA 35 -41.44 16.71 71.41
C THR KA 35 -41.80 17.44 70.13
N THR KA 36 -42.18 16.73 69.06
CA THR KA 36 -42.66 17.39 67.86
C THR KA 36 -43.96 18.15 68.12
N TRP KA 37 -44.72 17.72 69.13
CA TRP KA 37 -45.91 18.45 69.54
C TRP KA 37 -45.57 19.89 69.92
N ILE KA 38 -44.43 20.09 70.56
CA ILE KA 38 -44.02 21.42 70.96
C ILE KA 38 -43.79 22.30 69.74
N TRP KA 39 -43.02 21.80 68.78
CA TRP KA 39 -42.76 22.58 67.58
C TRP KA 39 -44.02 22.79 66.77
N ASN KA 40 -44.92 21.81 66.78
CA ASN KA 40 -46.17 21.94 66.03
C ASN KA 40 -47.12 22.91 66.69
N LEU KA 41 -46.97 23.12 68.00
CA LEU KA 41 -47.82 24.08 68.70
C LEU KA 41 -47.61 25.49 68.18
N HIS KA 42 -46.34 25.87 67.96
CA HIS KA 42 -46.06 27.22 67.49
C HIS KA 42 -46.37 27.37 66.02
N ALA KA 43 -46.14 26.32 65.23
CA ALA KA 43 -46.34 26.40 63.78
C ALA KA 43 -47.81 26.48 63.43
N LEU KA 44 -48.70 26.05 64.33
CA LEU KA 44 -50.14 26.05 64.11
C LEU KA 44 -50.88 27.07 64.95
N ALA KA 45 -50.17 27.97 65.62
CA ALA KA 45 -50.84 28.95 66.49
C ALA KA 45 -51.64 29.95 65.67
N HIS KA 46 -51.06 30.44 64.56
CA HIS KA 46 -51.72 31.39 63.69
C HIS KA 46 -52.44 30.75 62.52
N ASP KA 47 -52.41 29.42 62.39
CA ASP KA 47 -53.12 28.73 61.32
C ASP KA 47 -54.58 28.60 61.73
N PHE KA 48 -55.27 29.74 61.72
CA PHE KA 48 -56.68 29.76 62.11
C PHE KA 48 -57.53 28.93 61.17
N ASP KA 49 -57.15 28.87 59.90
CA ASP KA 49 -57.92 28.09 58.93
C ASP KA 49 -57.92 26.60 59.30
N THR KA 50 -56.86 26.14 59.94
CA THR KA 50 -56.80 24.74 60.37
C THR KA 50 -57.60 24.52 61.65
N HIS KA 51 -57.75 25.56 62.47
CA HIS KA 51 -58.49 25.41 63.72
C HIS KA 51 -59.97 25.17 63.45
N THR KA 52 -60.56 25.96 62.57
CA THR KA 52 -61.97 25.85 62.25
C THR KA 52 -62.16 26.17 60.78
N SER KA 53 -63.36 25.88 60.27
CA SER KA 53 -63.73 26.12 58.88
C SER KA 53 -64.72 27.27 58.72
N ASP KA 54 -65.35 27.71 59.81
CA ASP KA 54 -66.32 28.80 59.72
C ASP KA 54 -65.59 30.13 59.57
N LEU KA 55 -65.85 30.81 58.45
CA LEU KA 55 -65.14 32.06 58.15
C LEU KA 55 -65.40 33.13 59.19
N GLU KA 56 -66.55 33.06 59.87
CA GLU KA 56 -66.82 33.99 60.96
C GLU KA 56 -65.77 33.85 62.06
N ASP KA 57 -65.47 32.61 62.47
CA ASP KA 57 -64.50 32.40 63.53
C ASP KA 57 -63.10 32.79 63.08
N ILE KA 58 -62.78 32.57 61.81
CA ILE KA 58 -61.46 32.94 61.30
C ILE KA 58 -61.30 34.45 61.28
N SER KA 59 -62.31 35.16 60.76
CA SER KA 59 -62.20 36.60 60.58
C SER KA 59 -62.17 37.32 61.92
N ARG KA 60 -62.92 36.83 62.90
CA ARG KA 60 -62.94 37.47 64.21
C ARG KA 60 -61.58 37.38 64.88
N LYS KA 61 -60.92 36.23 64.77
CA LYS KA 61 -59.55 36.11 65.27
C LYS KA 61 -58.62 37.08 64.56
N ILE KA 62 -58.77 37.19 63.24
CA ILE KA 62 -57.84 38.00 62.44
C ILE KA 62 -58.04 39.48 62.75
N PHE KA 63 -59.29 39.92 62.82
CA PHE KA 63 -59.57 41.32 63.07
C PHE KA 63 -59.10 41.74 64.45
N ALA KA 64 -59.24 40.86 65.44
CA ALA KA 64 -58.79 41.17 66.79
C ALA KA 64 -57.29 41.00 66.92
N ALA KA 65 -56.71 40.04 66.19
CA ALA KA 65 -55.27 39.84 66.25
C ALA KA 65 -54.53 41.05 65.72
N HIS KA 66 -55.10 41.74 64.74
CA HIS KA 66 -54.47 42.96 64.22
C HIS KA 66 -54.35 44.01 65.32
N PHE KA 67 -55.35 44.10 66.19
CA PHE KA 67 -55.33 45.12 67.23
C PHE KA 67 -54.20 44.87 68.22
N GLY KA 68 -53.98 43.62 68.61
CA GLY KA 68 -52.86 43.31 69.47
C GLY KA 68 -51.53 43.61 68.81
N HIS KA 69 -51.49 43.48 67.48
CA HIS KA 69 -50.26 43.81 66.75
C HIS KA 69 -49.99 45.30 66.77
N LEU KA 70 -51.03 46.12 66.60
CA LEU KA 70 -50.85 47.56 66.60
C LEU KA 70 -50.32 48.05 67.94
N ALA KA 71 -50.78 47.43 69.03
CA ALA KA 71 -50.29 47.80 70.35
C ALA KA 71 -48.78 47.59 70.44
N VAL KA 72 -48.27 46.53 69.80
CA VAL KA 72 -46.83 46.28 69.80
C VAL KA 72 -46.10 47.38 69.05
N VAL KA 73 -46.68 47.84 67.94
CA VAL KA 73 -46.03 48.87 67.14
C VAL KA 73 -46.09 50.22 67.84
N THR KA 74 -47.23 50.52 68.47
CA THR KA 74 -47.36 51.78 69.20
C THR KA 74 -46.43 51.81 70.39
N ILE KA 75 -46.33 50.70 71.12
CA ILE KA 75 -45.39 50.61 72.23
C ILE KA 75 -43.96 50.80 71.72
N TRP KA 76 -43.66 50.23 70.55
CA TRP KA 76 -42.35 50.44 69.95
C TRP KA 76 -42.15 51.91 69.59
N LEU KA 77 -43.05 52.46 68.78
CA LEU KA 77 -42.93 53.84 68.34
C LEU KA 77 -42.92 54.80 69.54
N SER KA 78 -43.79 54.57 70.51
CA SER KA 78 -43.79 55.38 71.72
C SER KA 78 -42.50 55.17 72.51
N GLY KA 79 -41.91 53.99 72.41
CA GLY KA 79 -40.67 53.73 73.12
C GLY KA 79 -39.49 54.46 72.52
N MET KA 80 -39.47 54.60 71.19
CA MET KA 80 -38.37 55.30 70.54
C MET KA 80 -38.34 56.76 70.97
N ILE KA 81 -39.47 57.44 70.89
CA ILE KA 81 -39.52 58.86 71.23
C ILE KA 81 -39.31 59.07 72.72
N PHE KA 82 -39.64 58.08 73.54
CA PHE KA 82 -39.38 58.19 74.97
C PHE KA 82 -37.89 58.22 75.25
N HIS KA 83 -37.13 57.35 74.60
CA HIS KA 83 -35.67 57.39 74.76
C HIS KA 83 -35.11 58.72 74.30
N GLY KA 84 -35.69 59.30 73.24
CA GLY KA 84 -35.28 60.62 72.82
C GLY KA 84 -35.55 61.69 73.86
N ALA KA 85 -36.50 61.43 74.76
CA ALA KA 85 -36.86 62.43 75.76
C ALA KA 85 -35.91 62.37 76.95
N LYS KA 86 -35.71 61.18 77.53
CA LYS KA 86 -34.95 61.04 78.75
C LYS KA 86 -33.45 60.85 78.53
N PHE KA 87 -33.05 59.84 77.75
CA PHE KA 87 -31.65 59.55 77.48
C PHE KA 87 -31.35 59.93 76.03
N SER KA 88 -30.87 61.15 75.81
CA SER KA 88 -30.59 61.59 74.46
C SER KA 88 -29.83 62.91 74.47
N ASN KA 89 -29.41 63.32 73.28
CA ASN KA 89 -28.76 64.60 73.03
C ASN KA 89 -29.51 65.42 71.98
N TYR KA 90 -30.80 65.15 71.79
CA TYR KA 90 -31.56 65.83 70.74
C TYR KA 90 -31.65 67.32 71.00
N GLU KA 91 -31.87 67.72 72.26
CA GLU KA 91 -31.94 69.13 72.59
C GLU KA 91 -30.62 69.83 72.28
N ALA KA 92 -29.50 69.13 72.45
CA ALA KA 92 -28.21 69.69 72.09
C ALA KA 92 -27.92 69.53 70.60
N TRP KA 93 -28.50 68.51 69.97
CA TRP KA 93 -28.26 68.27 68.56
C TRP KA 93 -28.82 69.40 67.70
N LEU KA 94 -29.95 69.98 68.13
CA LEU KA 94 -30.54 71.08 67.37
C LEU KA 94 -29.64 72.30 67.36
N SER KA 95 -28.83 72.48 68.40
CA SER KA 95 -27.92 73.62 68.46
C SER KA 95 -26.85 73.52 67.37
N ASP KA 96 -26.42 72.30 67.05
CA ASP KA 96 -25.40 72.08 66.04
C ASP KA 96 -25.62 70.70 65.41
N PRO KA 97 -26.44 70.59 64.36
CA PRO KA 97 -26.69 69.28 63.76
C PRO KA 97 -25.56 68.73 62.90
N LEU KA 98 -24.53 69.53 62.63
CA LEU KA 98 -23.43 69.13 61.75
C LEU KA 98 -22.21 68.64 62.51
N ASN KA 99 -22.07 68.98 63.80
CA ASN KA 99 -20.93 68.59 64.61
C ASN KA 99 -21.26 67.58 65.68
N VAL KA 100 -22.53 67.45 66.08
CA VAL KA 100 -22.96 66.53 67.13
C VAL KA 100 -23.67 65.36 66.46
N ARG KA 101 -23.21 64.15 66.76
CA ARG KA 101 -23.83 62.97 66.21
C ARG KA 101 -25.04 62.57 67.05
N PRO KA 102 -26.04 61.91 66.45
CA PRO KA 102 -27.28 61.61 67.19
C PRO KA 102 -27.12 60.36 68.04
N SER KA 103 -27.57 60.45 69.29
CA SER KA 103 -27.54 59.33 70.22
C SER KA 103 -28.74 59.39 71.14
N ALA KA 104 -29.31 58.23 71.43
CA ALA KA 104 -30.41 58.12 72.37
C ALA KA 104 -30.34 56.88 73.26
N GLN KA 105 -29.32 56.04 73.11
CA GLN KA 105 -29.16 54.81 73.87
C GLN KA 105 -27.96 54.95 74.80
N VAL KA 106 -28.13 54.49 76.04
CA VAL KA 106 -27.09 54.54 77.05
C VAL KA 106 -27.06 53.20 77.75
N VAL KA 107 -25.89 52.56 77.76
CA VAL KA 107 -25.69 51.26 78.38
C VAL KA 107 -25.00 51.47 79.72
N TRP KA 108 -25.38 50.69 80.72
CA TRP KA 108 -25.03 51.01 82.08
C TRP KA 108 -23.56 50.69 82.35
N PRO KA 109 -22.96 51.32 83.39
CA PRO KA 109 -21.56 51.00 83.73
C PRO KA 109 -21.41 49.66 84.44
N ILE KA 110 -21.63 48.60 83.66
CA ILE KA 110 -21.42 47.22 84.07
C ILE KA 110 -20.33 46.69 83.14
N VAL KA 111 -20.01 45.41 83.26
CA VAL KA 111 -18.74 44.84 82.83
C VAL KA 111 -18.38 45.22 81.39
N GLY KA 112 -17.31 46.00 81.26
CA GLY KA 112 -16.69 46.37 80.00
C GLY KA 112 -17.55 47.01 78.92
N GLN KA 113 -18.83 47.28 79.17
CA GLN KA 113 -19.73 47.75 78.13
C GLN KA 113 -20.03 49.23 78.22
N ASP KA 114 -19.35 49.96 79.09
CA ASP KA 114 -19.44 51.41 79.10
C ASP KA 114 -18.65 52.02 77.94
N ILE KA 115 -17.83 51.22 77.27
CA ILE KA 115 -17.06 51.69 76.12
C ILE KA 115 -18.00 52.10 75.00
N LEU KA 116 -19.13 51.43 74.87
CA LEU KA 116 -20.05 51.70 73.76
C LEU KA 116 -20.62 53.11 73.85
N ASN KA 117 -20.67 53.67 75.06
CA ASN KA 117 -21.06 55.06 75.26
C ASN KA 117 -19.84 55.97 75.14
N GLY KA 118 -19.37 56.09 73.90
CA GLY KA 118 -18.26 56.97 73.59
C GLY KA 118 -18.70 58.42 73.46
N ASP KA 119 -17.74 59.27 73.14
CA ASP KA 119 -18.00 60.70 72.97
C ASP KA 119 -18.70 60.89 71.63
N VAL KA 120 -20.01 60.60 71.62
CA VAL KA 120 -20.78 60.73 70.39
C VAL KA 120 -20.93 62.21 70.02
N GLY KA 121 -20.96 63.09 71.00
CA GLY KA 121 -20.96 64.52 70.77
C GLY KA 121 -21.93 65.23 71.70
N GLY KA 122 -21.66 66.51 71.93
CA GLY KA 122 -22.56 67.34 72.72
C GLY KA 122 -22.56 67.03 74.20
N GLY KA 123 -21.41 66.65 74.74
CA GLY KA 123 -21.32 66.34 76.16
C GLY KA 123 -22.13 65.14 76.59
N PHE KA 124 -22.60 64.32 75.66
CA PHE KA 124 -23.41 63.14 75.94
C PHE KA 124 -22.60 61.91 75.56
N HIS KA 125 -22.67 60.88 76.41
CA HIS KA 125 -22.02 59.60 76.16
C HIS KA 125 -23.11 58.58 75.85
N GLY KA 126 -23.17 58.16 74.59
CA GLY KA 126 -24.22 57.24 74.17
C GLY KA 126 -23.85 56.57 72.87
N ILE KA 127 -24.68 55.60 72.49
CA ILE KA 127 -24.50 54.91 71.21
C ILE KA 127 -25.05 55.78 70.10
N GLN KA 128 -24.33 55.83 68.98
CA GLN KA 128 -24.74 56.63 67.84
C GLN KA 128 -25.89 55.92 67.14
N ILE KA 129 -26.87 56.71 66.68
CA ILE KA 129 -28.09 56.17 66.10
C ILE KA 129 -28.12 56.44 64.60
N THR KA 130 -28.70 55.49 63.85
CA THR KA 130 -28.79 55.55 62.40
C THR KA 130 -30.23 55.46 61.89
N SER KA 131 -31.22 55.31 62.78
CA SER KA 131 -32.60 55.24 62.34
C SER KA 131 -33.08 56.57 61.77
N GLY KA 132 -32.49 57.68 62.20
CA GLY KA 132 -32.86 58.98 61.73
C GLY KA 132 -34.04 59.62 62.43
N LEU KA 133 -34.33 59.20 63.65
CA LEU KA 133 -35.47 59.78 64.37
C LEU KA 133 -35.24 61.24 64.69
N PHE KA 134 -33.98 61.64 64.86
CA PHE KA 134 -33.66 63.03 65.16
C PHE KA 134 -34.10 63.94 64.01
N GLN KA 135 -33.85 63.52 62.78
CA GLN KA 135 -34.24 64.32 61.63
C GLN KA 135 -35.75 64.39 61.50
N VAL KA 136 -36.46 63.33 61.91
CA VAL KA 136 -37.91 63.31 61.82
C VAL KA 136 -38.52 64.32 62.79
N TRP KA 137 -38.00 64.34 64.02
CA TRP KA 137 -38.55 65.25 65.02
C TRP KA 137 -38.31 66.70 64.63
N ARG KA 138 -37.17 66.98 63.99
CA ARG KA 138 -36.94 68.32 63.47
C ARG KA 138 -37.92 68.65 62.36
N GLY KA 139 -38.25 67.65 61.53
CA GLY KA 139 -39.30 67.83 60.54
C GLY KA 139 -40.67 68.01 61.18
N TRP KA 140 -40.84 67.52 62.40
CA TRP KA 140 -42.06 67.71 63.16
C TRP KA 140 -42.05 68.98 63.99
N GLY KA 141 -40.94 69.72 64.02
CA GLY KA 141 -40.90 70.97 64.74
C GLY KA 141 -40.87 70.79 66.25
N ILE KA 142 -40.19 69.77 66.74
CA ILE KA 142 -40.05 69.51 68.16
C ILE KA 142 -38.71 70.05 68.61
N THR KA 143 -38.72 70.94 69.60
CA THR KA 143 -37.54 71.70 70.01
C THR KA 143 -37.19 71.54 71.48
N ASN KA 144 -37.95 70.76 72.25
CA ASN KA 144 -37.67 70.56 73.67
C ASN KA 144 -38.07 69.15 74.08
N SER KA 145 -37.52 68.71 75.22
CA SER KA 145 -37.70 67.33 75.65
C SER KA 145 -39.10 67.07 76.18
N PHE KA 146 -39.66 68.04 76.91
CA PHE KA 146 -41.00 67.86 77.49
C PHE KA 146 -42.04 67.63 76.41
N GLN KA 147 -41.85 68.24 75.24
CA GLN KA 147 -42.75 68.02 74.13
C GLN KA 147 -42.71 66.57 73.68
N LEU KA 148 -41.52 65.98 73.64
CA LEU KA 148 -41.39 64.58 73.28
C LEU KA 148 -41.91 63.68 74.39
N TYR KA 149 -41.73 64.09 75.64
CA TYR KA 149 -42.20 63.29 76.77
C TYR KA 149 -43.72 63.17 76.76
N CYS KA 150 -44.42 64.18 76.23
CA CYS KA 150 -45.88 64.13 76.16
C CYS KA 150 -46.33 63.16 75.08
N THR KA 151 -45.63 63.13 73.95
CA THR KA 151 -46.05 62.29 72.83
C THR KA 151 -45.91 60.81 73.17
N ALA KA 152 -44.90 60.47 73.98
CA ALA KA 152 -44.67 59.06 74.32
C ALA KA 152 -45.81 58.52 75.17
N ILE KA 153 -46.29 59.31 76.12
CA ILE KA 153 -47.40 58.86 76.95
C ILE KA 153 -48.66 58.70 76.12
N GLY KA 154 -48.82 59.54 75.09
CA GLY KA 154 -49.97 59.43 74.22
C GLY KA 154 -49.98 58.13 73.44
N GLY KA 155 -48.81 57.66 73.03
CA GLY KA 155 -48.74 56.39 72.32
C GLY KA 155 -49.08 55.22 73.23
N LEU KA 156 -48.61 55.26 74.48
CA LEU KA 156 -48.95 54.21 75.43
C LEU KA 156 -50.44 54.21 75.73
N VAL KA 157 -51.05 55.39 75.82
CA VAL KA 157 -52.49 55.49 75.96
C VAL KA 157 -53.17 54.89 74.74
N LEU KA 158 -52.68 55.26 73.55
CA LEU KA 158 -53.24 54.72 72.31
C LEU KA 158 -53.05 53.21 72.25
N ALA KA 159 -51.98 52.70 72.85
CA ALA KA 159 -51.73 51.27 72.85
C ALA KA 159 -52.82 50.52 73.62
N GLY KA 160 -53.23 51.07 74.76
CA GLY KA 160 -54.28 50.43 75.54
C GLY KA 160 -55.61 50.43 74.82
N LEU KA 161 -55.89 51.49 74.05
CA LEU KA 161 -57.14 51.56 73.31
C LEU KA 161 -57.21 50.48 72.24
N PHE KA 162 -56.15 50.32 71.45
CA PHE KA 162 -56.10 49.21 70.51
C PHE KA 162 -56.19 47.88 71.24
N LEU KA 163 -55.49 47.75 72.37
CA LEU KA 163 -55.55 46.52 73.13
C LEU KA 163 -56.95 46.28 73.67
N PHE KA 164 -57.62 47.34 74.15
CA PHE KA 164 -59.00 47.20 74.59
C PHE KA 164 -59.91 46.79 73.43
N ALA KA 165 -59.59 47.25 72.21
CA ALA KA 165 -60.45 46.99 71.07
C ALA KA 165 -60.50 45.51 70.73
N GLY KA 166 -59.34 44.86 70.66
CA GLY KA 166 -59.32 43.45 70.32
C GLY KA 166 -60.02 42.60 71.36
N TRP KA 167 -59.92 42.98 72.63
CA TRP KA 167 -60.68 42.30 73.67
C TRP KA 167 -62.17 42.55 73.47
N PHE KA 168 -62.55 43.81 73.25
CA PHE KA 168 -63.96 44.15 73.11
C PHE KA 168 -64.57 43.46 71.90
N HIS KA 169 -63.78 43.22 70.86
CA HIS KA 169 -64.35 42.74 69.61
C HIS KA 169 -64.45 41.22 69.59
N TYR KA 170 -63.37 40.51 69.90
CA TYR KA 170 -63.41 39.06 69.84
C TYR KA 170 -64.34 38.48 70.90
N HIS KA 171 -64.37 39.09 72.08
CA HIS KA 171 -65.13 38.55 73.21
C HIS KA 171 -66.53 39.12 73.29
N LYS KA 172 -66.65 40.44 73.36
CA LYS KA 172 -67.95 41.04 73.66
C LYS KA 172 -68.75 41.27 72.38
N ARG KA 173 -68.21 42.05 71.44
CA ARG KA 173 -68.95 42.52 70.27
C ARG KA 173 -68.23 42.06 69.02
N ALA KA 174 -68.54 40.86 68.54
CA ALA KA 174 -67.88 40.28 67.39
C ALA KA 174 -68.66 40.58 66.11
N PRO KA 175 -68.06 41.19 65.08
CA PRO KA 175 -68.80 41.36 63.84
C PRO KA 175 -69.04 40.03 63.14
N LYS KA 176 -70.10 39.99 62.33
CA LYS KA 176 -70.40 38.81 61.54
C LYS KA 176 -69.62 38.83 60.24
N LEU KA 177 -69.78 37.76 59.46
CA LEU KA 177 -69.08 37.65 58.18
C LEU KA 177 -69.49 38.75 57.22
N GLU KA 178 -70.75 39.19 57.29
CA GLU KA 178 -71.23 40.22 56.38
C GLU KA 178 -70.50 41.54 56.61
N TRP KA 179 -70.06 41.81 57.84
CA TRP KA 179 -69.40 43.06 58.14
C TRP KA 179 -68.07 43.17 57.41
N PHE KA 180 -67.36 42.06 57.26
CA PHE KA 180 -66.07 42.07 56.57
C PHE KA 180 -66.25 42.02 55.06
N GLN KA 181 -67.32 41.37 54.59
CA GLN KA 181 -67.51 41.14 53.17
C GLN KA 181 -67.92 42.39 52.41
N ASN KA 182 -68.36 43.45 53.09
CA ASN KA 182 -68.72 44.70 52.42
C ASN KA 182 -67.42 45.42 52.04
N VAL KA 183 -66.82 44.93 50.95
CA VAL KA 183 -65.53 45.46 50.49
C VAL KA 183 -65.69 46.90 50.04
N GLU KA 184 -66.81 47.20 49.36
CA GLU KA 184 -66.98 48.52 48.75
C GLU KA 184 -67.00 49.62 49.80
N SER KA 185 -67.46 49.31 51.01
CA SER KA 185 -67.43 50.29 52.09
C SER KA 185 -66.03 50.44 52.64
N MET KA 186 -65.29 49.33 52.75
CA MET KA 186 -63.95 49.37 53.34
C MET KA 186 -63.02 50.27 52.54
N LEU KA 187 -63.06 50.15 51.21
CA LEU KA 187 -62.08 50.83 50.38
C LEU KA 187 -62.34 52.33 50.33
N ASN KA 188 -63.61 52.73 50.40
CA ASN KA 188 -63.92 54.16 50.46
C ASN KA 188 -63.39 54.78 51.75
N HIS KA 189 -63.50 54.04 52.85
CA HIS KA 189 -63.15 54.58 54.15
C HIS KA 189 -61.64 54.75 54.29
N HIS KA 190 -60.88 53.74 53.88
CA HIS KA 190 -59.43 53.81 54.01
C HIS KA 190 -58.84 54.86 53.10
N LEU KA 191 -59.32 54.95 51.87
CA LEU KA 191 -58.79 55.93 50.93
C LEU KA 191 -59.08 57.35 51.40
N GLN KA 192 -60.29 57.60 51.89
CA GLN KA 192 -60.74 58.95 52.21
C GLN KA 192 -60.30 59.39 53.60
N VAL KA 193 -60.56 58.54 54.61
CA VAL KA 193 -60.31 58.94 55.98
C VAL KA 193 -58.88 58.62 56.38
N LEU KA 194 -58.49 57.34 56.26
CA LEU KA 194 -57.18 56.93 56.75
C LEU KA 194 -56.06 57.57 55.95
N LEU KA 195 -56.24 57.69 54.64
CA LEU KA 195 -55.23 58.26 53.76
C LEU KA 195 -55.55 59.70 53.37
N GLY KA 196 -56.79 59.99 53.00
CA GLY KA 196 -57.13 61.34 52.58
C GLY KA 196 -57.11 62.32 53.74
N CYS KA 197 -57.96 62.10 54.74
CA CYS KA 197 -58.02 63.01 55.88
C CYS KA 197 -56.71 63.01 56.65
N GLY KA 198 -56.08 61.84 56.80
CA GLY KA 198 -54.79 61.78 57.44
C GLY KA 198 -53.74 62.60 56.71
N SER KA 199 -53.80 62.61 55.38
CA SER KA 199 -52.92 63.47 54.60
C SER KA 199 -53.32 64.92 54.75
N LEU KA 200 -54.62 65.19 54.71
CA LEU KA 200 -55.09 66.57 54.87
C LEU KA 200 -54.72 67.13 56.23
N GLY KA 201 -54.83 66.31 57.27
CA GLY KA 201 -54.45 66.76 58.60
C GLY KA 201 -52.98 67.10 58.69
N TRP KA 202 -52.12 66.22 58.13
CA TRP KA 202 -50.69 66.46 58.23
C TRP KA 202 -50.28 67.72 57.48
N ALA KA 203 -51.04 68.09 56.44
CA ALA KA 203 -50.81 69.36 55.77
C ALA KA 203 -51.02 70.52 56.74
N GLY KA 204 -52.00 70.39 57.63
CA GLY KA 204 -52.24 71.42 58.62
C GLY KA 204 -51.07 71.58 59.57
N HIS KA 205 -50.53 70.46 60.06
CA HIS KA 205 -49.40 70.52 60.99
C HIS KA 205 -48.18 71.12 60.30
N LEU KA 206 -47.91 70.70 59.06
CA LEU KA 206 -46.76 71.22 58.35
C LEU KA 206 -46.89 72.72 58.10
N ILE KA 207 -48.10 73.16 57.75
CA ILE KA 207 -48.30 74.56 57.41
C ILE KA 207 -48.23 75.44 58.66
N HIS KA 208 -48.74 74.93 59.77
CA HIS KA 208 -48.89 75.76 60.97
C HIS KA 208 -47.68 75.64 61.90
N VAL KA 209 -47.04 74.47 61.92
CA VAL KA 209 -46.05 74.13 62.92
C VAL KA 209 -44.66 73.93 62.31
N SER KA 210 -44.53 72.94 61.42
CA SER KA 210 -43.21 72.54 60.95
C SER KA 210 -42.61 73.60 60.04
N ALA KA 211 -43.34 73.98 59.00
CA ALA KA 211 -42.82 74.96 58.05
C ALA KA 211 -42.45 76.29 58.69
N PRO KA 212 -43.29 76.92 59.52
CA PRO KA 212 -42.83 78.16 60.16
C PRO KA 212 -41.65 77.95 61.09
N ILE KA 213 -41.70 76.94 61.94
CA ILE KA 213 -40.65 76.73 62.93
C ILE KA 213 -39.32 76.42 62.24
N ASN KA 214 -39.35 75.51 61.27
CA ASN KA 214 -38.12 75.18 60.55
C ASN KA 214 -37.61 76.37 59.75
N LYS KA 215 -38.50 77.28 59.35
CA LYS KA 215 -38.08 78.46 58.61
C LYS KA 215 -37.36 79.45 59.53
N LEU KA 216 -37.69 79.42 60.83
CA LEU KA 216 -36.92 80.21 61.79
C LEU KA 216 -35.61 79.52 62.13
N MET KA 217 -35.62 78.19 62.21
CA MET KA 217 -34.46 77.47 62.71
C MET KA 217 -33.30 77.52 61.72
N ASP KA 218 -33.58 77.37 60.43
CA ASP KA 218 -32.51 77.41 59.44
C ASP KA 218 -31.99 78.84 59.26
N ALA KA 219 -32.78 79.84 59.65
CA ALA KA 219 -32.33 81.22 59.54
C ALA KA 219 -31.12 81.48 60.44
N GLY KA 220 -31.14 80.94 61.65
CA GLY KA 220 -30.03 81.07 62.59
C GLY KA 220 -30.43 81.44 63.99
N VAL KA 221 -31.74 81.48 64.28
CA VAL KA 221 -32.18 81.84 65.61
C VAL KA 221 -31.89 80.71 66.59
N ALA KA 222 -31.75 81.05 67.85
CA ALA KA 222 -31.54 80.04 68.89
C ALA KA 222 -32.82 79.22 69.07
N VAL KA 223 -32.65 78.02 69.64
CA VAL KA 223 -33.78 77.13 69.85
C VAL KA 223 -34.77 77.72 70.85
N LYS KA 224 -34.25 78.37 71.89
CA LYS KA 224 -35.12 78.96 72.90
C LYS KA 224 -35.90 80.14 72.35
N ASP KA 225 -35.33 80.86 71.37
CA ASP KA 225 -35.99 82.03 70.82
C ASP KA 225 -37.20 81.64 69.98
N ILE KA 226 -37.28 80.40 69.54
CA ILE KA 226 -38.40 80.01 68.68
C ILE KA 226 -39.68 79.99 69.52
N PRO KA 227 -40.78 80.60 69.07
CA PRO KA 227 -42.03 80.45 69.83
C PRO KA 227 -42.56 79.03 69.73
N LEU KA 228 -43.48 78.71 70.63
CA LEU KA 228 -44.12 77.41 70.62
C LEU KA 228 -45.17 77.36 69.52
N PRO KA 229 -45.63 76.15 69.15
CA PRO KA 229 -46.61 76.06 68.06
C PRO KA 229 -47.91 76.79 68.32
N HIS KA 230 -48.44 76.72 69.54
CA HIS KA 230 -49.67 77.42 69.85
C HIS KA 230 -49.51 78.93 69.75
N GLU KA 231 -48.29 79.42 69.97
CA GLU KA 231 -48.05 80.86 69.88
C GLU KA 231 -48.22 81.36 68.45
N PHE KA 232 -47.90 80.51 67.47
CA PHE KA 232 -48.10 80.89 66.08
C PHE KA 232 -49.58 81.01 65.74
N ILE KA 233 -50.40 80.12 66.29
CA ILE KA 233 -51.82 80.12 65.98
C ILE KA 233 -52.49 81.36 66.55
N LEU KA 234 -52.26 81.64 67.83
CA LEU KA 234 -52.92 82.77 68.48
C LEU KA 234 -52.41 84.10 67.93
N ASN KA 235 -51.09 84.27 67.90
CA ASN KA 235 -50.46 85.50 67.43
C ASN KA 235 -50.15 85.33 65.94
N LYS KA 236 -50.97 85.95 65.09
CA LYS KA 236 -50.79 85.87 63.65
C LYS KA 236 -49.76 86.85 63.12
N SER KA 237 -49.32 87.80 63.94
CA SER KA 237 -48.26 88.72 63.50
C SER KA 237 -46.97 87.96 63.23
N LEU KA 238 -46.65 86.97 64.05
CA LEU KA 238 -45.44 86.19 63.85
C LEU KA 238 -45.54 85.35 62.59
N LEU KA 239 -46.72 84.83 62.28
CA LEU KA 239 -46.90 83.99 61.11
C LEU KA 239 -46.84 84.80 59.83
N ILE KA 240 -47.38 86.02 59.85
CA ILE KA 240 -47.45 86.83 58.64
C ILE KA 240 -46.07 87.33 58.25
N ASP KA 241 -45.18 87.49 59.22
CA ASP KA 241 -43.83 87.98 58.93
C ASP KA 241 -43.06 87.01 58.04
N LEU KA 242 -43.26 85.71 58.27
CA LEU KA 242 -42.57 84.71 57.46
C LEU KA 242 -43.33 84.41 56.18
N PHE KA 243 -44.61 84.06 56.31
CA PHE KA 243 -45.47 83.74 55.18
C PHE KA 243 -46.56 84.81 55.09
N PRO KA 244 -46.38 85.88 54.29
CA PRO KA 244 -47.40 86.92 54.25
C PRO KA 244 -48.68 86.52 53.52
N GLY KA 245 -48.76 85.32 52.96
CA GLY KA 245 -49.99 84.89 52.33
C GLY KA 245 -51.13 84.72 53.32
N PHE KA 246 -50.79 84.48 54.60
CA PHE KA 246 -51.81 84.30 55.62
C PHE KA 246 -52.56 85.59 55.93
N ALA KA 247 -52.00 86.74 55.56
CA ALA KA 247 -52.66 88.02 55.85
C ALA KA 247 -54.00 88.11 55.14
N ALA KA 248 -54.14 87.45 53.99
CA ALA KA 248 -55.41 87.46 53.27
C ALA KA 248 -56.45 86.62 53.99
N GLY KA 249 -56.01 85.60 54.72
CA GLY KA 249 -56.91 84.73 55.45
C GLY KA 249 -57.33 83.53 54.63
N LEU KA 250 -58.53 83.03 54.96
CA LEU KA 250 -59.12 81.89 54.28
C LEU KA 250 -59.99 82.29 53.09
N THR KA 251 -60.23 83.59 52.88
CA THR KA 251 -61.04 84.01 51.74
C THR KA 251 -60.43 83.68 50.39
N PRO KA 252 -59.11 83.79 50.17
CA PRO KA 252 -58.57 83.38 48.86
C PRO KA 252 -58.81 81.91 48.54
N PHE KA 253 -58.91 81.06 49.57
CA PHE KA 253 -59.20 79.65 49.32
C PHE KA 253 -60.60 79.48 48.73
N PHE KA 254 -61.60 80.06 49.39
CA PHE KA 254 -62.98 79.86 48.96
C PHE KA 254 -63.26 80.58 47.65
N THR KA 255 -62.64 81.74 47.44
CA THR KA 255 -62.81 82.51 46.22
C THR KA 255 -61.94 82.00 45.07
N LEU KA 256 -61.23 80.89 45.25
CA LEU KA 256 -60.35 80.29 44.24
C LEU KA 256 -59.19 81.20 43.89
N ASN KA 257 -58.84 82.16 44.76
CA ASN KA 257 -57.66 83.01 44.55
C ASN KA 257 -56.48 82.33 45.23
N TRP KA 258 -56.20 81.10 44.79
CA TRP KA 258 -55.21 80.25 45.45
C TRP KA 258 -53.77 80.72 45.25
N GLY KA 259 -53.53 81.69 44.38
CA GLY KA 259 -52.18 82.17 44.19
C GLY KA 259 -51.67 82.99 45.35
N GLN KA 260 -52.57 83.49 46.20
CA GLN KA 260 -52.14 84.24 47.37
C GLN KA 260 -51.39 83.36 48.37
N TYR KA 261 -51.65 82.05 48.35
CA TYR KA 261 -50.94 81.10 49.19
C TYR KA 261 -49.67 80.58 48.55
N ALA KA 262 -49.13 81.28 47.55
CA ALA KA 262 -47.96 80.77 46.83
C ALA KA 262 -46.72 80.76 47.71
N ASP KA 263 -46.70 81.56 48.78
CA ASP KA 263 -45.52 81.65 49.63
C ASP KA 263 -45.25 80.33 50.34
N PHE KA 264 -46.31 79.67 50.83
CA PHE KA 264 -46.19 78.46 51.62
C PHE KA 264 -46.82 77.23 50.96
N LEU KA 265 -47.09 77.29 49.65
CA LEU KA 265 -47.59 76.13 48.89
C LEU KA 265 -46.82 76.07 47.56
N THR KA 266 -45.49 76.20 47.66
CA THR KA 266 -44.65 76.36 46.49
C THR KA 266 -44.53 75.06 45.71
N PHE KA 267 -43.89 75.15 44.54
CA PHE KA 267 -43.57 74.03 43.67
C PHE KA 267 -42.13 74.14 43.19
N LYS KA 268 -41.21 74.43 44.11
CA LYS KA 268 -39.82 74.60 43.74
C LYS KA 268 -39.20 73.27 43.31
N GLY KA 269 -39.50 72.20 44.06
CA GLY KA 269 -39.06 70.87 43.69
C GLY KA 269 -37.61 70.57 43.94
N GLY KA 270 -36.87 71.47 44.60
CA GLY KA 270 -35.45 71.26 44.87
C GLY KA 270 -35.23 71.10 46.36
N LEU KA 271 -33.95 71.03 46.71
CA LEU KA 271 -33.56 70.87 48.11
C LEU KA 271 -33.24 72.21 48.75
N ASN KA 272 -33.53 72.32 50.04
CA ASN KA 272 -33.18 73.52 50.78
C ASN KA 272 -31.66 73.62 50.88
N PRO KA 273 -31.04 74.74 50.47
CA PRO KA 273 -29.57 74.79 50.57
C PRO KA 273 -29.05 74.76 51.99
N VAL KA 274 -29.75 75.41 52.93
CA VAL KA 274 -29.24 75.48 54.30
C VAL KA 274 -29.25 74.11 54.95
N THR KA 275 -30.43 73.50 55.07
CA THR KA 275 -30.59 72.16 55.60
C THR KA 275 -30.78 71.21 54.43
N GLY KA 276 -29.92 70.21 54.32
CA GLY KA 276 -30.07 69.22 53.28
C GLY KA 276 -31.41 68.51 53.42
N GLY KA 277 -32.34 68.84 52.56
CA GLY KA 277 -33.69 68.33 52.64
C GLY KA 277 -34.64 69.14 51.79
N LEU KA 278 -35.75 68.51 51.41
CA LEU KA 278 -36.76 69.19 50.60
C LEU KA 278 -37.35 70.36 51.36
N TRP KA 279 -37.90 71.32 50.60
CA TRP KA 279 -38.52 72.48 51.22
C TRP KA 279 -39.80 72.08 51.96
N MET KA 280 -39.98 72.65 53.15
CA MET KA 280 -41.17 72.34 53.93
C MET KA 280 -42.43 72.83 53.23
N THR KA 281 -42.34 73.95 52.52
CA THR KA 281 -43.49 74.45 51.77
C THR KA 281 -43.85 73.49 50.65
N ASP KA 282 -42.84 72.93 49.98
CA ASP KA 282 -43.10 71.93 48.96
C ASP KA 282 -43.73 70.69 49.55
N ILE KA 283 -43.27 70.28 50.74
CA ILE KA 283 -43.88 69.15 51.43
C ILE KA 283 -45.26 69.54 51.95
N ALA KA 284 -45.42 70.80 52.34
CA ALA KA 284 -46.73 71.27 52.79
C ALA KA 284 -47.74 71.21 51.65
N HIS KA 285 -47.32 71.61 50.45
CA HIS KA 285 -48.20 71.54 49.30
C HIS KA 285 -48.40 70.10 48.84
N HIS KA 286 -47.50 69.20 49.25
CA HIS KA 286 -47.63 67.80 48.88
C HIS KA 286 -48.95 67.22 49.39
N HIS KA 287 -49.12 67.17 50.71
CA HIS KA 287 -50.20 66.39 51.29
C HIS KA 287 -51.56 66.99 50.97
N LEU KA 288 -51.61 68.30 50.76
CA LEU KA 288 -52.87 68.93 50.38
C LEU KA 288 -53.33 68.43 49.02
N ALA KA 289 -52.39 68.28 48.08
CA ALA KA 289 -52.74 67.75 46.77
C ALA KA 289 -53.09 66.27 46.86
N ILE KA 290 -52.41 65.54 47.75
CA ILE KA 290 -52.66 64.11 47.87
C ILE KA 290 -54.03 63.86 48.48
N ALA KA 291 -54.43 64.69 49.45
CA ALA KA 291 -55.69 64.46 50.14
C ALA KA 291 -56.88 64.64 49.21
N VAL KA 292 -56.84 65.69 48.38
CA VAL KA 292 -57.94 65.94 47.45
C VAL KA 292 -58.08 64.78 46.47
N VAL KA 293 -56.95 64.24 46.02
CA VAL KA 293 -56.98 63.13 45.09
C VAL KA 293 -57.56 61.89 45.75
N PHE KA 294 -57.19 61.66 47.01
CA PHE KA 294 -57.66 60.47 47.71
C PHE KA 294 -59.11 60.60 48.12
N ILE KA 295 -59.50 61.79 48.60
CA ILE KA 295 -60.89 62.01 48.99
C ILE KA 295 -61.81 61.81 47.80
N ILE KA 296 -61.41 62.32 46.64
CA ILE KA 296 -62.21 62.17 45.43
C ILE KA 296 -62.25 60.70 45.01
N ALA KA 297 -61.11 60.01 45.13
CA ALA KA 297 -60.99 58.67 44.56
C ALA KA 297 -61.87 57.67 45.29
N GLY KA 298 -62.07 57.87 46.60
CA GLY KA 298 -62.77 56.88 47.38
C GLY KA 298 -64.27 56.85 47.17
N HIS KA 299 -64.83 57.83 46.47
CA HIS KA 299 -66.25 57.83 46.16
C HIS KA 299 -66.60 56.94 44.97
N GLN KA 300 -65.66 56.14 44.47
CA GLN KA 300 -65.90 55.36 43.26
C GLN KA 300 -66.93 54.27 43.49
N TYR KA 301 -66.95 53.68 44.68
CA TYR KA 301 -67.70 52.47 44.92
C TYR KA 301 -69.05 52.77 45.57
N ARG KA 302 -69.95 51.78 45.51
CA ARG KA 302 -71.37 52.04 45.73
C ARG KA 302 -71.66 52.33 47.20
N THR KA 303 -71.26 51.41 48.09
CA THR KA 303 -71.51 51.48 49.54
C THR KA 303 -72.93 51.92 49.89
N ASN KA 304 -73.90 51.30 49.22
CA ASN KA 304 -75.30 51.31 49.66
C ASN KA 304 -75.96 52.68 49.55
N TRP KA 305 -75.81 53.38 48.43
CA TRP KA 305 -76.68 54.48 48.08
C TRP KA 305 -77.01 54.52 46.59
N GLY KA 306 -76.79 53.41 45.87
CA GLY KA 306 -77.07 53.34 44.45
C GLY KA 306 -76.08 54.06 43.57
N ILE KA 307 -75.16 54.84 44.13
CA ILE KA 307 -74.25 55.68 43.36
C ILE KA 307 -72.83 55.18 43.60
N GLY KA 308 -72.17 54.75 42.54
CA GLY KA 308 -70.84 54.20 42.63
C GLY KA 308 -70.76 52.92 41.81
N HIS KA 309 -69.58 52.31 41.87
CA HIS KA 309 -69.27 51.12 41.08
C HIS KA 309 -69.34 49.87 41.94
N SER KA 310 -69.79 48.78 41.33
CA SER KA 310 -69.62 47.45 41.90
C SER KA 310 -68.36 46.84 41.30
N ILE KA 311 -67.44 46.40 42.17
CA ILE KA 311 -66.15 45.88 41.70
C ILE KA 311 -66.36 44.62 40.88
N LYS KA 312 -67.42 43.87 41.18
CA LYS KA 312 -67.73 42.67 40.39
C LYS KA 312 -68.03 43.04 38.95
N GLU KA 313 -68.73 44.15 38.74
CA GLU KA 313 -69.09 44.55 37.38
C GLU KA 313 -67.88 45.07 36.62
N ILE KA 314 -66.98 45.77 37.30
CA ILE KA 314 -65.76 46.27 36.65
C ILE KA 314 -64.93 45.09 36.15
N LEU KA 315 -64.72 44.09 37.01
CA LEU KA 315 -63.85 42.98 36.66
C LEU KA 315 -64.45 42.13 35.56
N GLU KA 316 -65.76 41.85 35.64
CA GLU KA 316 -66.38 40.95 34.68
C GLU KA 316 -66.41 41.54 33.29
N ASN KA 317 -66.52 42.86 33.17
CA ASN KA 317 -66.65 43.53 31.89
C ASN KA 317 -65.30 43.82 31.22
N HIS KA 318 -64.19 43.37 31.82
CA HIS KA 318 -62.86 43.57 31.26
C HIS KA 318 -62.36 42.33 30.51
N LYS KA 319 -63.27 41.52 29.98
CA LYS KA 319 -62.88 40.37 29.19
C LYS KA 319 -62.23 40.84 27.88
N GLY KA 320 -61.77 39.87 27.10
CA GLY KA 320 -61.14 40.16 25.84
C GLY KA 320 -61.15 38.96 24.90
N PRO KA 321 -60.56 39.13 23.72
CA PRO KA 321 -60.43 37.97 22.81
C PRO KA 321 -59.48 36.92 23.36
N PHE KA 322 -58.29 37.32 23.79
CA PHE KA 322 -57.30 36.37 24.26
C PHE KA 322 -57.72 35.72 25.56
N THR KA 323 -58.08 36.51 26.55
CA THR KA 323 -58.54 36.02 27.84
C THR KA 323 -60.00 35.60 27.69
N GLY KA 324 -60.32 34.38 28.10
CA GLY KA 324 -61.64 33.83 27.83
C GLY KA 324 -62.75 34.61 28.50
N GLU KA 325 -62.82 34.55 29.83
CA GLU KA 325 -63.83 35.25 30.62
C GLU KA 325 -63.25 36.44 31.38
N GLY KA 326 -61.99 36.81 31.11
CA GLY KA 326 -61.43 37.97 31.76
C GLY KA 326 -61.23 37.74 33.25
N HIS KA 327 -61.58 38.76 34.02
CA HIS KA 327 -61.39 38.75 35.47
C HIS KA 327 -62.61 38.24 36.22
N LYS KA 328 -63.43 37.41 35.59
CA LYS KA 328 -64.59 36.86 36.26
C LYS KA 328 -64.17 35.83 37.30
N GLY KA 329 -64.72 35.96 38.50
CA GLY KA 329 -64.43 35.05 39.59
C GLY KA 329 -63.35 35.53 40.54
N LEU KA 330 -62.55 36.53 40.15
CA LEU KA 330 -61.52 37.03 41.05
C LEU KA 330 -62.12 37.72 42.26
N TYR KA 331 -63.24 38.43 42.06
CA TYR KA 331 -63.91 39.06 43.20
C TYR KA 331 -64.40 38.01 44.19
N GLU KA 332 -64.84 36.86 43.70
CA GLU KA 332 -65.30 35.80 44.59
C GLU KA 332 -64.13 35.18 45.35
N ASN KA 333 -62.99 35.00 44.68
CA ASN KA 333 -61.81 34.46 45.34
C ASN KA 333 -61.31 35.41 46.42
N LEU KA 334 -61.26 36.70 46.11
CA LEU KA 334 -60.76 37.71 47.03
C LEU KA 334 -61.73 38.02 48.17
N THR KA 335 -63.01 37.64 48.04
CA THR KA 335 -64.00 37.84 49.08
C THR KA 335 -64.31 36.59 49.88
N THR KA 336 -63.69 35.45 49.54
CA THR KA 336 -63.89 34.20 50.26
C THR KA 336 -62.60 33.59 50.78
N SER KA 337 -61.47 34.29 50.65
CA SER KA 337 -60.18 33.77 51.09
C SER KA 337 -59.32 34.92 51.58
N TRP KA 338 -58.83 34.80 52.81
CA TRP KA 338 -57.96 35.83 53.37
C TRP KA 338 -56.56 35.79 52.75
N HIS KA 339 -56.12 34.61 52.34
CA HIS KA 339 -54.75 34.46 51.83
C HIS KA 339 -54.57 35.22 50.53
N ALA KA 340 -55.61 35.24 49.68
CA ALA KA 340 -55.52 35.96 48.42
C ALA KA 340 -55.36 37.46 48.66
N GLN KA 341 -56.17 38.02 49.57
CA GLN KA 341 -56.01 39.41 49.94
C GLN KA 341 -54.63 39.66 50.55
N LEU KA 342 -54.13 38.70 51.34
CA LEU KA 342 -52.83 38.86 51.97
C LEU KA 342 -51.71 38.85 50.95
N ALA KA 343 -51.85 38.02 49.91
CA ALA KA 343 -50.81 37.92 48.90
C ALA KA 343 -50.69 39.20 48.10
N THR KA 344 -51.83 39.76 47.68
CA THR KA 344 -51.81 41.00 46.92
C THR KA 344 -51.28 42.16 47.76
N ASN KA 345 -51.74 42.27 49.00
CA ASN KA 345 -51.33 43.38 49.85
C ASN KA 345 -49.85 43.30 50.19
N LEU KA 346 -49.35 42.08 50.43
CA LEU KA 346 -47.94 41.92 50.78
C LEU KA 346 -47.03 42.25 49.60
N ALA KA 347 -47.37 41.74 48.42
CA ALA KA 347 -46.49 41.86 47.27
C ALA KA 347 -46.30 43.31 46.86
N PHE KA 348 -47.39 44.07 46.76
CA PHE KA 348 -47.30 45.45 46.31
C PHE KA 348 -46.82 46.37 47.42
N LEU KA 349 -47.10 46.00 48.67
CA LEU KA 349 -46.55 46.76 49.79
C LEU KA 349 -45.04 46.61 49.86
N GLY KA 350 -44.53 45.41 49.58
CA GLY KA 350 -43.09 45.22 49.57
C GLY KA 350 -42.43 45.99 48.44
N SER KA 351 -43.02 45.97 47.25
CA SER KA 351 -42.49 46.77 46.15
C SER KA 351 -42.60 48.26 46.47
N LEU KA 352 -43.64 48.65 47.20
CA LEU KA 352 -43.73 50.03 47.67
C LEU KA 352 -42.56 50.37 48.58
N THR KA 353 -42.24 49.47 49.51
CA THR KA 353 -41.21 49.75 50.49
C THR KA 353 -39.84 49.88 49.83
N ILE KA 354 -39.60 49.10 48.78
CA ILE KA 354 -38.38 49.26 47.99
C ILE KA 354 -38.42 50.59 47.24
N ILE KA 355 -39.61 50.97 46.78
CA ILE KA 355 -39.74 52.20 45.99
C ILE KA 355 -39.51 53.42 46.87
N ILE KA 356 -39.82 53.30 48.17
CA ILE KA 356 -39.53 54.39 49.09
C ILE KA 356 -38.04 54.62 49.18
N ALA KA 357 -37.28 53.55 49.34
CA ALA KA 357 -35.85 53.67 49.61
C ALA KA 357 -35.13 54.38 48.48
N HIS KA 358 -35.61 54.21 47.25
CA HIS KA 358 -34.97 54.86 46.11
C HIS KA 358 -35.33 56.34 46.04
N HIS KA 359 -36.55 56.70 46.43
CA HIS KA 359 -36.94 58.09 46.43
C HIS KA 359 -36.22 58.87 47.51
N MET KA 360 -36.01 58.25 48.67
CA MET KA 360 -35.54 59.00 49.84
C MET KA 360 -34.09 59.42 49.68
N TYR KA 361 -33.24 58.55 49.12
CA TYR KA 361 -31.83 58.88 49.05
C TYR KA 361 -31.56 59.99 48.03
N ALA KA 362 -32.30 59.98 46.92
CA ALA KA 362 -32.11 61.02 45.91
C ALA KA 362 -32.87 62.29 46.27
N MET KA 363 -34.04 62.13 46.89
CA MET KA 363 -34.85 63.25 47.38
C MET KA 363 -34.91 63.13 48.89
N PRO KA 364 -33.86 63.55 49.61
CA PRO KA 364 -33.91 63.55 51.06
C PRO KA 364 -35.03 64.44 51.57
N PRO KA 365 -36.04 63.90 52.25
CA PRO KA 365 -37.19 64.72 52.64
C PRO KA 365 -37.13 65.31 54.06
N TYR KA 366 -36.05 65.13 54.79
CA TYR KA 366 -35.90 65.61 56.15
C TYR KA 366 -34.69 66.53 56.24
N PRO KA 367 -34.64 67.40 57.24
CA PRO KA 367 -33.48 68.30 57.35
C PRO KA 367 -32.25 67.57 57.85
N TYR KA 368 -31.11 67.84 57.21
CA TYR KA 368 -29.80 67.33 57.61
C TYR KA 368 -29.69 65.82 57.50
N LEU KA 369 -30.59 65.17 56.73
CA LEU KA 369 -30.48 63.73 56.55
C LEU KA 369 -29.36 63.39 55.56
N ALA KA 370 -29.25 64.17 54.48
CA ALA KA 370 -28.30 63.84 53.43
C ALA KA 370 -26.85 63.92 53.93
N THR KA 371 -26.56 64.90 54.78
CA THR KA 371 -25.21 65.01 55.33
C THR KA 371 -24.87 63.86 56.26
N ASP KA 372 -25.87 63.24 56.89
CA ASP KA 372 -25.66 62.08 57.75
C ASP KA 372 -25.68 60.85 56.87
N TYR KA 373 -24.50 60.49 56.34
CA TYR KA 373 -24.42 59.34 55.45
C TYR KA 373 -24.78 58.06 56.17
N ALA KA 374 -24.52 57.99 57.47
CA ALA KA 374 -24.84 56.77 58.22
C ALA KA 374 -26.34 56.53 58.25
N THR KA 375 -27.12 57.56 58.58
CA THR KA 375 -28.57 57.43 58.56
C THR KA 375 -29.05 57.12 57.15
N GLN KA 376 -28.47 57.75 56.15
CA GLN KA 376 -28.95 57.60 54.78
C GLN KA 376 -28.70 56.18 54.27
N LEU KA 377 -27.56 55.59 54.62
CA LEU KA 377 -27.24 54.26 54.12
C LEU KA 377 -28.10 53.19 54.79
N CYS KA 378 -28.23 53.25 56.11
CA CYS KA 378 -29.03 52.25 56.81
C CYS KA 378 -30.51 52.39 56.47
N ILE KA 379 -30.96 53.61 56.22
CA ILE KA 379 -32.36 53.84 55.88
C ILE KA 379 -32.69 53.19 54.55
N PHE KA 380 -31.84 53.42 53.54
CA PHE KA 380 -32.03 52.75 52.26
C PHE KA 380 -31.95 51.24 52.42
N THR KA 381 -30.92 50.77 53.12
CA THR KA 381 -30.73 49.34 53.29
C THR KA 381 -31.90 48.70 54.04
N HIS KA 382 -32.44 49.42 55.04
CA HIS KA 382 -33.53 48.88 55.85
C HIS KA 382 -34.72 48.52 54.98
N HIS KA 383 -35.33 49.52 54.35
CA HIS KA 383 -36.58 49.31 53.64
C HIS KA 383 -36.38 48.42 52.42
N ILE KA 384 -35.15 48.41 51.88
CA ILE KA 384 -34.83 47.52 50.78
C ILE KA 384 -35.00 46.07 51.21
N TRP KA 385 -34.62 45.75 52.46
CA TRP KA 385 -34.71 44.38 52.93
C TRP KA 385 -36.13 44.01 53.30
N ILE KA 386 -36.84 44.91 53.98
CA ILE KA 386 -38.19 44.61 54.43
C ILE KA 386 -39.11 44.37 53.24
N GLY KA 387 -38.90 45.10 52.15
CA GLY KA 387 -39.69 44.89 50.96
C GLY KA 387 -39.41 43.54 50.32
N GLY KA 388 -38.17 43.06 50.44
CA GLY KA 388 -37.84 41.77 49.87
C GLY KA 388 -38.53 40.63 50.59
N PHE KA 389 -38.59 40.70 51.92
CA PHE KA 389 -39.26 39.65 52.68
C PHE KA 389 -40.75 39.62 52.37
N LEU KA 390 -41.38 40.80 52.30
CA LEU KA 390 -42.82 40.85 52.13
C LEU KA 390 -43.23 40.35 50.75
N ILE KA 391 -42.39 40.56 49.74
CA ILE KA 391 -42.69 40.05 48.40
C ILE KA 391 -42.71 38.54 48.41
N VAL KA 392 -41.75 37.92 49.11
CA VAL KA 392 -41.69 36.47 49.17
C VAL KA 392 -42.90 35.93 49.92
N GLY KA 393 -43.38 36.66 50.93
CA GLY KA 393 -44.57 36.25 51.63
C GLY KA 393 -45.79 36.30 50.73
N GLY KA 394 -45.80 37.21 49.77
CA GLY KA 394 -46.92 37.29 48.85
C GLY KA 394 -47.04 36.05 47.99
N ALA KA 395 -45.90 35.50 47.55
CA ALA KA 395 -45.92 34.28 46.76
C ALA KA 395 -46.37 33.08 47.60
N ALA KA 396 -45.97 33.05 48.87
CA ALA KA 396 -46.36 31.95 49.74
C ALA KA 396 -47.87 31.89 49.89
N HIS KA 397 -48.48 32.99 50.31
CA HIS KA 397 -49.92 33.02 50.50
C HIS KA 397 -50.66 32.90 49.18
N ALA KA 398 -50.02 33.32 48.08
CA ALA KA 398 -50.59 33.08 46.76
C ALA KA 398 -50.72 31.58 46.50
N ALA KA 399 -49.71 30.81 46.90
CA ALA KA 399 -49.77 29.37 46.70
C ALA KA 399 -50.71 28.72 47.72
N ILE KA 400 -50.77 29.27 48.93
CA ILE KA 400 -51.65 28.72 49.95
C ILE KA 400 -53.11 28.87 49.54
N PHE KA 401 -53.42 29.93 48.79
CA PHE KA 401 -54.76 30.09 48.25
C PHE KA 401 -55.09 28.93 47.31
N MET KA 402 -54.10 28.49 46.54
CA MET KA 402 -54.34 27.44 45.55
C MET KA 402 -54.71 26.12 46.23
N VAL KA 403 -53.90 25.69 47.17
CA VAL KA 403 -54.12 24.37 47.79
C VAL KA 403 -55.36 24.40 48.66
N ARG KA 404 -55.58 25.50 49.37
CA ARG KA 404 -56.62 25.54 50.38
C ARG KA 404 -57.95 26.03 49.80
N ASP KA 405 -57.94 27.20 49.16
CA ASP KA 405 -59.15 27.95 48.87
C ASP KA 405 -59.52 27.99 47.39
N TYR KA 406 -58.78 27.32 46.52
CA TYR KA 406 -59.11 27.34 45.10
C TYR KA 406 -60.41 26.59 44.85
N ASP KA 407 -61.31 27.25 44.10
CA ASP KA 407 -62.56 26.66 43.67
C ASP KA 407 -62.53 26.53 42.16
N PRO KA 408 -62.49 25.31 41.58
CA PRO KA 408 -62.44 25.25 40.10
C PRO KA 408 -63.72 25.70 39.44
N VAL KA 409 -64.85 25.65 40.16
CA VAL KA 409 -66.11 26.11 39.60
C VAL KA 409 -66.03 27.60 39.28
N VAL KA 410 -65.51 28.39 40.22
CA VAL KA 410 -65.40 29.83 40.01
C VAL KA 410 -64.38 30.12 38.91
N ASN KA 411 -63.18 29.57 39.04
CA ASN KA 411 -62.10 29.83 38.09
C ASN KA 411 -62.19 28.87 36.91
N GLN KA 412 -63.14 29.17 36.02
CA GLN KA 412 -63.40 28.37 34.83
C GLN KA 412 -63.24 29.25 33.60
N ASN KA 413 -62.16 29.01 32.85
CA ASN KA 413 -61.86 29.76 31.63
C ASN KA 413 -61.68 31.26 31.90
N ASN KA 414 -61.31 31.60 33.13
CA ASN KA 414 -61.06 32.98 33.49
C ASN KA 414 -59.59 33.30 33.27
N VAL KA 415 -59.16 34.45 33.78
CA VAL KA 415 -57.77 34.87 33.59
C VAL KA 415 -56.81 33.95 34.34
N LEU KA 416 -57.27 33.37 35.45
CA LEU KA 416 -56.40 32.52 36.25
C LEU KA 416 -56.37 31.09 35.73
N ASP KA 417 -57.54 30.53 35.42
CA ASP KA 417 -57.58 29.20 34.83
C ASP KA 417 -56.79 29.15 33.53
N ARG KA 418 -56.86 30.22 32.74
CA ARG KA 418 -56.11 30.28 31.49
C ARG KA 418 -54.61 30.37 31.75
N VAL KA 419 -54.22 30.88 32.93
CA VAL KA 419 -52.80 30.99 33.24
C VAL KA 419 -52.23 29.63 33.64
N ILE KA 420 -52.99 28.87 34.43
CA ILE KA 420 -52.54 27.55 34.83
C ILE KA 420 -52.49 26.57 33.66
N ARG KA 421 -53.31 26.78 32.65
CA ARG KA 421 -53.39 25.87 31.51
C ARG KA 421 -52.30 26.12 30.46
N HIS KA 422 -51.35 27.01 30.73
CA HIS KA 422 -50.15 27.12 29.89
C HIS KA 422 -48.92 27.38 30.75
N ARG KA 423 -48.94 26.90 32.00
CA ARG KA 423 -47.86 27.19 32.94
C ARG KA 423 -46.50 26.73 32.44
N ASP KA 424 -46.48 25.69 31.60
CA ASP KA 424 -45.22 25.20 31.05
C ASP KA 424 -44.54 26.26 30.20
N ALA KA 425 -45.31 27.00 29.41
CA ALA KA 425 -44.74 28.02 28.54
C ALA KA 425 -44.25 29.22 29.35
N ILE KA 426 -44.89 29.49 30.49
CA ILE KA 426 -44.49 30.63 31.31
C ILE KA 426 -43.12 30.38 31.92
N ILE KA 427 -42.91 29.16 32.40
CA ILE KA 427 -41.68 28.86 33.13
C ILE KA 427 -40.55 28.54 32.17
N SER KA 428 -40.86 27.87 31.06
CA SER KA 428 -39.82 27.50 30.11
C SER KA 428 -39.17 28.73 29.49
N HIS KA 429 -39.95 29.77 29.25
CA HIS KA 429 -39.39 31.00 28.69
C HIS KA 429 -38.71 31.82 29.76
N LEU KA 430 -39.29 31.87 30.96
CA LEU KA 430 -38.62 32.51 32.08
C LEU KA 430 -37.33 31.78 32.43
N ASN KA 431 -37.31 30.47 32.25
CA ASN KA 431 -36.08 29.71 32.38
C ASN KA 431 -35.05 30.19 31.35
N TRP KA 432 -35.49 30.44 30.12
CA TRP KA 432 -34.57 30.91 29.09
C TRP KA 432 -34.03 32.29 29.42
N VAL KA 433 -34.89 33.16 29.95
CA VAL KA 433 -34.46 34.51 30.29
C VAL KA 433 -33.45 34.49 31.42
N CYS KA 434 -33.68 33.65 32.42
CA CYS KA 434 -32.80 33.60 33.57
C CYS KA 434 -31.41 33.12 33.17
N ILE KA 435 -31.34 32.15 32.26
CA ILE KA 435 -30.05 31.68 31.78
C ILE KA 435 -29.39 32.75 30.92
N PHE KA 436 -30.17 33.40 30.06
CA PHE KA 436 -29.62 34.42 29.17
C PHE KA 436 -29.00 35.55 29.95
N LEU KA 437 -29.66 35.99 31.02
CA LEU KA 437 -29.15 37.12 31.79
C LEU KA 437 -27.96 36.72 32.65
N GLY KA 438 -28.01 35.54 33.27
CA GLY KA 438 -26.92 35.10 34.10
C GLY KA 438 -25.62 34.96 33.33
N PHE KA 439 -25.73 34.55 32.06
CA PHE KA 439 -24.55 34.50 31.21
C PHE KA 439 -24.06 35.90 30.87
N HIS KA 440 -24.96 36.77 30.40
CA HIS KA 440 -24.59 38.08 29.88
C HIS KA 440 -24.58 39.17 30.94
N SER KA 441 -24.84 38.84 32.20
CA SER KA 441 -24.63 39.76 33.31
C SER KA 441 -23.38 39.38 34.09
N PHE KA 442 -23.21 38.09 34.40
CA PHE KA 442 -22.06 37.65 35.19
C PHE KA 442 -20.89 37.25 34.31
N GLY KA 443 -21.17 36.70 33.13
CA GLY KA 443 -20.09 36.30 32.24
C GLY KA 443 -19.23 37.47 31.80
N LEU KA 444 -19.81 38.67 31.77
CA LEU KA 444 -19.04 39.85 31.41
C LEU KA 444 -18.07 40.22 32.52
N TYR KA 445 -18.41 39.90 33.76
CA TYR KA 445 -17.45 40.10 34.85
C TYR KA 445 -16.28 39.13 34.73
N ILE KA 446 -16.59 37.86 34.44
CA ILE KA 446 -15.53 36.85 34.34
C ILE KA 446 -14.59 37.18 33.19
N HIS KA 447 -15.14 37.66 32.08
CA HIS KA 447 -14.31 38.06 30.95
C HIS KA 447 -13.38 39.20 31.35
N ASN KA 448 -13.90 40.17 32.09
CA ASN KA 448 -13.04 41.23 32.62
C ASN KA 448 -12.10 40.69 33.68
N ASP KA 449 -12.62 39.83 34.56
CA ASP KA 449 -11.80 39.29 35.64
C ASP KA 449 -10.71 38.39 35.07
N THR KA 450 -11.01 37.68 33.98
CA THR KA 450 -10.02 36.82 33.35
C THR KA 450 -9.01 37.63 32.55
N MET KA 451 -9.47 38.65 31.83
CA MET KA 451 -8.60 39.39 30.94
C MET KA 451 -7.57 40.20 31.71
N ARG KA 452 -7.99 40.86 32.79
CA ARG KA 452 -7.07 41.69 33.56
C ARG KA 452 -5.97 40.83 34.18
N ALA KA 453 -6.27 39.57 34.49
CA ALA KA 453 -5.24 38.67 35.00
C ALA KA 453 -4.27 38.27 33.90
N LEU KA 454 -4.75 38.19 32.66
CA LEU KA 454 -3.91 37.84 31.52
C LEU KA 454 -3.15 39.04 30.97
N GLY KA 455 -3.23 40.20 31.60
CA GLY KA 455 -2.58 41.38 31.08
C GLY KA 455 -3.16 41.88 29.78
N ARG KA 456 -4.48 41.75 29.60
CA ARG KA 456 -5.19 42.21 28.41
C ARG KA 456 -6.29 43.17 28.84
N PRO KA 457 -5.94 44.34 29.36
CA PRO KA 457 -6.97 45.32 29.75
C PRO KA 457 -7.71 45.97 28.60
N GLN KA 458 -7.17 45.89 27.38
CA GLN KA 458 -7.84 46.44 26.20
C GLN KA 458 -9.03 45.61 25.75
N ASP KA 459 -9.06 44.31 26.11
CA ASP KA 459 -10.11 43.40 25.68
C ASP KA 459 -11.26 43.30 26.68
N MET KA 460 -11.30 44.19 27.66
CA MET KA 460 -12.31 44.13 28.71
C MET KA 460 -13.57 44.86 28.29
N PHE KA 461 -14.60 44.76 29.13
CA PHE KA 461 -15.83 45.53 29.00
C PHE KA 461 -15.74 46.68 29.99
N SER KA 462 -14.96 47.70 29.64
CA SER KA 462 -14.67 48.84 30.50
C SER KA 462 -14.83 50.13 29.70
N ASP KA 463 -14.76 51.25 30.42
CA ASP KA 463 -15.08 52.55 29.83
C ASP KA 463 -14.10 52.97 28.74
N THR KA 464 -12.88 52.45 28.77
CA THR KA 464 -11.88 52.72 27.73
C THR KA 464 -11.94 51.66 26.63
N ALA KA 465 -12.21 50.44 27.03
CA ALA KA 465 -12.43 49.28 26.18
C ALA KA 465 -13.85 49.32 25.60
N ILE KA 466 -14.41 48.15 25.32
CA ILE KA 466 -15.58 47.89 24.46
C ILE KA 466 -16.88 48.61 24.86
N GLN KA 467 -16.80 49.56 25.81
CA GLN KA 467 -17.87 49.93 26.75
C GLN KA 467 -19.28 49.80 26.21
N LEU KA 468 -20.12 49.13 27.00
CA LEU KA 468 -21.56 49.08 26.78
C LEU KA 468 -22.22 50.15 27.63
N GLN KA 469 -22.57 51.27 27.00
CA GLN KA 469 -23.07 52.41 27.74
C GLN KA 469 -24.57 52.28 27.97
N PRO KA 470 -25.10 52.77 29.11
CA PRO KA 470 -26.57 52.77 29.28
C PRO KA 470 -27.20 54.02 28.68
N VAL KA 471 -27.34 54.00 27.35
CA VAL KA 471 -27.82 55.17 26.63
C VAL KA 471 -29.27 55.46 26.98
N PHE KA 472 -30.07 54.43 27.23
CA PHE KA 472 -31.49 54.63 27.49
C PHE KA 472 -31.72 55.42 28.78
N ALA KA 473 -30.95 55.11 29.81
CA ALA KA 473 -31.10 55.82 31.08
C ALA KA 473 -30.53 57.22 30.99
N GLN KA 474 -29.40 57.38 30.31
CA GLN KA 474 -28.81 58.70 30.16
C GLN KA 474 -29.74 59.64 29.40
N TRP KA 475 -30.51 59.10 28.46
CA TRP KA 475 -31.53 59.89 27.77
C TRP KA 475 -32.61 60.33 28.73
N VAL KA 476 -33.10 59.41 29.56
CA VAL KA 476 -34.16 59.73 30.50
C VAL KA 476 -33.65 60.71 31.55
N GLN KA 477 -32.35 60.68 31.84
CA GLN KA 477 -31.79 61.63 32.79
C GLN KA 477 -31.90 63.06 32.27
N ASN KA 478 -31.53 63.28 31.00
CA ASN KA 478 -31.50 64.63 30.46
C ASN KA 478 -32.91 65.23 30.43
N LEU KA 479 -33.94 64.40 30.27
CA LEU KA 479 -35.31 64.92 30.27
C LEU KA 479 -35.67 65.48 31.63
N HIS KA 480 -35.12 64.89 32.70
CA HIS KA 480 -35.42 65.36 34.05
C HIS KA 480 -34.65 66.64 34.36
N THR KA 481 -33.41 66.75 33.88
CA THR KA 481 -32.63 67.96 34.11
C THR KA 481 -33.23 69.16 33.39
N LEU KA 482 -33.92 68.92 32.28
CA LEU KA 482 -34.53 69.99 31.50
C LEU KA 482 -35.98 70.25 31.88
N ALA KA 483 -36.54 69.51 32.83
CA ALA KA 483 -37.89 69.75 33.30
C ALA KA 483 -38.02 71.14 33.92
N PRO KA 484 -36.98 71.70 34.54
CA PRO KA 484 -36.99 73.16 34.77
C PRO KA 484 -37.08 73.89 33.44
N GLY KA 485 -38.22 74.52 33.20
CA GLY KA 485 -38.53 75.08 31.90
C GLY KA 485 -39.08 74.02 30.95
N GLY KA 486 -39.86 74.49 29.99
CA GLY KA 486 -40.50 73.57 29.06
C GLY KA 486 -41.55 72.74 29.78
N THR KA 487 -41.46 71.42 29.60
CA THR KA 487 -42.32 70.52 30.35
C THR KA 487 -42.06 70.70 31.84
N ALA KA 488 -43.14 70.76 32.62
CA ALA KA 488 -43.08 71.14 34.03
C ALA KA 488 -42.45 72.52 34.17
N PRO KA 489 -43.07 73.55 33.59
CA PRO KA 489 -42.40 74.86 33.53
C PRO KA 489 -42.30 75.57 34.87
N ASN KA 490 -43.33 75.45 35.71
CA ASN KA 490 -43.34 76.21 36.96
C ASN KA 490 -42.27 75.71 37.93
N ALA KA 491 -41.79 74.49 37.74
CA ALA KA 491 -40.73 73.97 38.59
C ALA KA 491 -39.43 74.73 38.34
N LEU KA 492 -38.78 75.15 39.42
CA LEU KA 492 -37.55 75.93 39.31
C LEU KA 492 -36.33 75.03 39.17
N GLU KA 493 -36.26 73.98 39.98
CA GLU KA 493 -35.15 73.05 40.03
C GLU KA 493 -35.69 71.64 39.84
N PRO KA 494 -34.86 70.71 39.36
CA PRO KA 494 -35.38 69.36 39.09
C PRO KA 494 -35.81 68.65 40.37
N VAL KA 495 -36.54 67.55 40.18
CA VAL KA 495 -37.06 66.80 41.32
C VAL KA 495 -35.94 66.27 42.19
N SER KA 496 -34.78 66.00 41.58
CA SER KA 496 -33.61 65.51 42.30
C SER KA 496 -32.36 65.84 41.52
N TYR KA 497 -31.30 66.18 42.26
CA TYR KA 497 -29.99 66.38 41.65
C TYR KA 497 -29.30 65.08 41.29
N ALA KA 498 -29.91 63.93 41.57
CA ALA KA 498 -29.36 62.66 41.12
C ALA KA 498 -29.47 62.54 39.61
N PHE KA 499 -30.59 62.96 39.04
CA PHE KA 499 -30.73 62.99 37.59
C PHE KA 499 -29.70 63.91 36.96
N GLY KA 500 -29.50 65.08 37.56
CA GLY KA 500 -28.48 65.99 37.07
C GLY KA 500 -28.70 67.38 37.64
N GLY KA 501 -27.94 68.33 37.10
CA GLY KA 501 -27.95 69.69 37.59
C GLY KA 501 -26.74 70.01 38.43
N GLY KA 502 -26.85 71.10 39.18
CA GLY KA 502 -25.75 71.55 39.99
C GLY KA 502 -25.60 70.74 41.27
N VAL KA 503 -24.40 70.84 41.85
CA VAL KA 503 -24.11 70.16 43.11
C VAL KA 503 -24.62 71.00 44.27
N LEU KA 504 -25.01 70.31 45.34
CA LEU KA 504 -25.44 70.95 46.58
C LEU KA 504 -24.47 70.56 47.68
N ALA KA 505 -24.03 71.56 48.46
CA ALA KA 505 -23.06 71.37 49.52
C ALA KA 505 -23.59 71.98 50.82
N VAL KA 506 -23.59 71.20 51.88
CA VAL KA 506 -23.99 71.63 53.21
C VAL KA 506 -22.79 71.52 54.12
N GLY KA 507 -22.34 72.65 54.66
CA GLY KA 507 -21.09 72.66 55.42
C GLY KA 507 -19.95 72.24 54.53
N GLY KA 508 -19.24 71.20 54.95
CA GLY KA 508 -18.19 70.60 54.16
C GLY KA 508 -18.64 69.37 53.39
N LYS KA 509 -19.88 68.95 53.59
CA LYS KA 509 -20.39 67.73 53.00
C LYS KA 509 -21.13 68.03 51.70
N VAL KA 510 -21.49 66.95 50.99
CA VAL KA 510 -22.26 67.01 49.77
C VAL KA 510 -23.57 66.25 50.02
N ALA KA 511 -24.69 66.90 49.76
CA ALA KA 511 -25.99 66.26 49.98
C ALA KA 511 -26.35 65.36 48.81
N MET KA 512 -26.16 65.85 47.58
CA MET KA 512 -26.48 65.06 46.40
C MET KA 512 -25.82 65.72 45.19
N MET KA 513 -25.53 64.91 44.19
CA MET KA 513 -24.93 65.36 42.95
C MET KA 513 -25.41 64.45 41.83
N PRO KA 514 -25.09 64.78 40.57
CA PRO KA 514 -25.46 63.88 39.48
C PRO KA 514 -24.77 62.53 39.61
N ILE KA 515 -25.55 61.47 39.41
CA ILE KA 515 -25.04 60.10 39.44
C ILE KA 515 -24.82 59.70 37.99
N ALA KA 516 -23.57 59.74 37.55
CA ALA KA 516 -23.24 59.34 36.19
C ALA KA 516 -23.33 57.83 36.03
N LEU KA 517 -23.93 57.40 34.93
CA LEU KA 517 -24.12 55.99 34.62
C LEU KA 517 -23.16 55.60 33.51
N GLY KA 518 -22.29 54.63 33.80
CA GLY KA 518 -21.31 54.13 32.86
C GLY KA 518 -21.44 52.65 32.63
N THR KA 519 -20.34 52.01 32.24
CA THR KA 519 -20.38 50.58 31.94
C THR KA 519 -20.65 49.76 33.20
N ALA KA 520 -20.16 50.23 34.35
CA ALA KA 520 -20.35 49.49 35.59
C ALA KA 520 -21.83 49.41 35.96
N ASP KA 521 -22.54 50.53 35.84
CA ASP KA 521 -23.96 50.54 36.17
C ASP KA 521 -24.77 49.74 35.17
N PHE KA 522 -24.32 49.71 33.91
CA PHE KA 522 -24.99 48.89 32.90
C PHE KA 522 -24.94 47.42 33.28
N LEU KA 523 -23.81 46.98 33.85
CA LEU KA 523 -23.66 45.59 34.23
C LEU KA 523 -24.47 45.26 35.48
N ILE KA 524 -24.39 46.13 36.49
CA ILE KA 524 -25.00 45.85 37.78
C ILE KA 524 -26.52 45.88 37.67
N HIS KA 525 -27.04 46.78 36.84
CA HIS KA 525 -28.49 46.83 36.64
C HIS KA 525 -28.99 45.55 35.98
N HIS KA 526 -28.16 44.94 35.14
CA HIS KA 526 -28.51 43.65 34.57
C HIS KA 526 -28.36 42.53 35.58
N ILE KA 527 -27.38 42.65 36.47
CA ILE KA 527 -27.22 41.68 37.56
C ILE KA 527 -28.47 41.67 38.43
N HIS KA 528 -29.01 42.85 38.72
CA HIS KA 528 -30.25 42.94 39.49
C HIS KA 528 -31.40 42.28 38.73
N ALA KA 529 -31.51 42.58 37.43
CA ALA KA 529 -32.54 41.97 36.61
C ALA KA 529 -32.38 40.46 36.56
N PHE KA 530 -31.14 39.99 36.51
CA PHE KA 530 -30.88 38.55 36.54
C PHE KA 530 -31.37 37.94 37.84
N THR KA 531 -30.96 38.50 38.97
CA THR KA 531 -31.27 37.90 40.26
C THR KA 531 -32.75 38.03 40.59
N ILE KA 532 -33.40 39.08 40.11
CA ILE KA 532 -34.81 39.25 40.37
C ILE KA 532 -35.63 38.25 39.60
N HIS KA 533 -35.23 37.96 38.36
CA HIS KA 533 -36.00 37.04 37.52
C HIS KA 533 -35.97 35.62 38.08
N VAL KA 534 -34.88 35.24 38.73
CA VAL KA 534 -34.72 33.86 39.16
C VAL KA 534 -35.60 33.59 40.38
N THR KA 535 -35.65 34.53 41.33
CA THR KA 535 -36.52 34.34 42.48
C THR KA 535 -37.98 34.35 42.06
N VAL KA 536 -38.30 35.10 41.01
CA VAL KA 536 -39.66 35.05 40.47
C VAL KA 536 -39.93 33.68 39.87
N LEU KA 537 -38.94 33.11 39.20
CA LEU KA 537 -39.07 31.76 38.65
C LEU KA 537 -39.30 30.75 39.76
N ILE KA 538 -38.55 30.87 40.85
CA ILE KA 538 -38.69 29.95 41.96
C ILE KA 538 -40.06 30.12 42.61
N LEU KA 539 -40.48 31.37 42.79
CA LEU KA 539 -41.72 31.65 43.51
C LEU KA 539 -42.93 31.41 42.63
N LEU KA 540 -42.89 31.89 41.38
CA LEU KA 540 -44.01 31.70 40.47
C LEU KA 540 -44.23 30.22 40.18
N LYS KA 541 -43.17 29.43 40.15
CA LYS KA 541 -43.32 28.00 39.90
C LYS KA 541 -44.08 27.33 41.03
N GLY KA 542 -43.82 27.74 42.26
CA GLY KA 542 -44.51 27.15 43.39
C GLY KA 542 -46.01 27.41 43.35
N VAL KA 543 -46.40 28.58 42.84
CA VAL KA 543 -47.80 28.95 42.81
C VAL KA 543 -48.56 28.10 41.80
N LEU KA 544 -48.01 27.99 40.59
CA LEU KA 544 -48.71 27.28 39.52
C LEU KA 544 -48.71 25.78 39.76
N PHE KA 545 -47.59 25.23 40.23
CA PHE KA 545 -47.42 23.79 40.40
C PHE KA 545 -47.78 23.31 41.79
N ALA KA 546 -48.34 24.17 42.65
CA ALA KA 546 -48.77 23.71 43.97
C ALA KA 546 -49.96 22.78 43.87
N ARG KA 547 -50.87 23.04 42.93
CA ARG KA 547 -52.03 22.19 42.76
C ARG KA 547 -51.62 20.81 42.24
N SER KA 548 -50.83 20.78 41.18
CA SER KA 548 -50.43 19.53 40.56
C SER KA 548 -49.24 19.77 39.65
N SER KA 549 -48.62 18.68 39.24
CA SER KA 549 -47.49 18.72 38.32
C SER KA 549 -47.54 17.48 37.45
N ARG KA 550 -46.72 17.48 36.40
CA ARG KA 550 -46.59 16.28 35.58
C ARG KA 550 -46.04 15.12 36.41
N LEU KA 551 -45.21 15.42 37.40
CA LEU KA 551 -44.65 14.39 38.25
C LEU KA 551 -45.68 13.91 39.27
N ILE KA 552 -46.28 14.84 39.99
CA ILE KA 552 -47.28 14.56 41.01
C ILE KA 552 -48.63 15.09 40.52
N PRO KA 553 -49.59 14.20 40.21
CA PRO KA 553 -50.91 14.71 39.81
C PRO KA 553 -51.71 15.26 40.98
N ASP KA 554 -51.58 14.68 42.17
CA ASP KA 554 -52.34 15.09 43.36
C ASP KA 554 -51.35 15.66 44.38
N LYS KA 555 -51.05 16.95 44.22
CA LYS KA 555 -50.18 17.65 45.16
C LYS KA 555 -50.98 18.46 46.17
N ALA KA 556 -52.20 18.85 45.82
CA ALA KA 556 -53.02 19.63 46.74
C ALA KA 556 -53.48 18.78 47.92
N ASN KA 557 -53.74 17.50 47.69
CA ASN KA 557 -54.20 16.63 48.76
C ASN KA 557 -53.16 16.50 49.85
N LEU KA 558 -51.88 16.44 49.47
CA LEU KA 558 -50.82 16.36 50.46
C LEU KA 558 -50.72 17.66 51.24
N GLY KA 559 -51.03 18.78 50.61
CA GLY KA 559 -51.09 20.08 51.24
C GLY KA 559 -50.00 21.01 50.74
N PHE KA 560 -50.02 22.22 51.29
CA PHE KA 560 -49.02 23.22 50.95
C PHE KA 560 -47.67 22.88 51.57
N ARG KA 561 -47.67 22.17 52.69
CA ARG KA 561 -46.47 21.89 53.48
C ARG KA 561 -46.34 20.38 53.64
N PHE KA 562 -45.66 19.76 52.69
CA PHE KA 562 -45.32 18.35 52.76
C PHE KA 562 -43.88 18.17 52.26
N PRO KA 563 -43.07 17.31 52.89
CA PRO KA 563 -41.65 17.29 52.52
C PRO KA 563 -41.37 16.81 51.10
N CYS KA 564 -41.77 15.58 50.76
CA CYS KA 564 -41.24 14.91 49.58
C CYS KA 564 -42.28 14.22 48.71
N ASP KA 565 -43.33 13.67 49.32
CA ASP KA 565 -44.25 12.77 48.63
C ASP KA 565 -43.49 11.57 48.08
N GLY KA 566 -42.60 11.03 48.90
CA GLY KA 566 -41.94 9.78 48.61
C GLY KA 566 -40.59 9.97 47.96
N PRO KA 567 -39.77 8.92 47.95
CA PRO KA 567 -38.46 8.99 47.28
C PRO KA 567 -38.45 8.47 45.85
N GLY KA 568 -39.53 7.87 45.37
CA GLY KA 568 -39.59 7.31 44.05
C GLY KA 568 -39.70 8.39 42.98
N ARG KA 569 -39.96 7.93 41.75
CA ARG KA 569 -40.03 8.81 40.59
C ARG KA 569 -38.72 9.56 40.43
N GLY KA 570 -37.63 8.86 40.72
CA GLY KA 570 -36.34 9.50 40.87
C GLY KA 570 -36.20 9.97 42.29
N GLY KA 571 -36.52 11.24 42.50
CA GLY KA 571 -36.61 11.79 43.84
C GLY KA 571 -37.46 13.04 43.83
N THR KA 572 -38.45 13.06 44.73
CA THR KA 572 -39.45 14.13 44.78
C THR KA 572 -39.14 15.13 45.88
N CYS KA 573 -37.86 15.44 46.09
CA CYS KA 573 -37.46 16.27 47.21
C CYS KA 573 -37.75 17.74 46.95
N GLN KA 574 -38.35 18.40 47.94
CA GLN KA 574 -38.65 19.82 47.87
C GLN KA 574 -39.53 20.14 46.67
N VAL KA 575 -40.66 19.45 46.57
CA VAL KA 575 -41.60 19.61 45.47
C VAL KA 575 -42.82 20.44 45.85
N SER KA 576 -42.94 20.83 47.12
CA SER KA 576 -44.10 21.55 47.59
C SER KA 576 -43.98 23.04 47.28
N GLY KA 577 -45.10 23.74 47.43
CA GLY KA 577 -45.08 25.18 47.33
C GLY KA 577 -44.30 25.82 48.47
N TRP KA 578 -44.27 25.16 49.62
CA TRP KA 578 -43.50 25.65 50.76
C TRP KA 578 -42.02 25.70 50.44
N ASP KA 579 -41.49 24.62 49.86
CA ASP KA 579 -40.05 24.52 49.64
C ASP KA 579 -39.60 25.51 48.58
N HIS KA 580 -40.49 25.90 47.67
CA HIS KA 580 -40.16 26.95 46.72
C HIS KA 580 -39.92 28.27 47.45
N VAL KA 581 -40.73 28.56 48.46
CA VAL KA 581 -40.51 29.76 49.27
C VAL KA 581 -39.20 29.66 50.01
N PHE KA 582 -38.87 28.46 50.49
CA PHE KA 582 -37.60 28.25 51.19
C PHE KA 582 -36.43 28.52 50.27
N LEU KA 583 -36.52 28.07 49.02
CA LEU KA 583 -35.44 28.31 48.07
C LEU KA 583 -35.42 29.76 47.61
N GLY KA 584 -36.59 30.37 47.43
CA GLY KA 584 -36.64 31.73 46.93
C GLY KA 584 -36.02 32.73 47.88
N LEU KA 585 -36.03 32.42 49.18
CA LEU KA 585 -35.50 33.35 50.17
C LEU KA 585 -33.99 33.51 50.01
N PHE KA 586 -33.28 32.44 49.68
CA PHE KA 586 -31.86 32.55 49.45
C PHE KA 586 -31.58 33.45 48.24
N TRP KA 587 -32.40 33.32 47.19
CA TRP KA 587 -32.23 34.15 46.02
C TRP KA 587 -32.72 35.57 46.26
N MET KA 588 -33.78 35.73 47.05
CA MET KA 588 -34.14 37.06 47.51
C MET KA 588 -32.98 37.69 48.26
N TYR KA 589 -32.31 36.92 49.10
CA TYR KA 589 -31.19 37.46 49.84
C TYR KA 589 -30.02 37.74 48.93
N ASN KA 590 -29.83 36.91 47.91
CA ASN KA 590 -28.75 37.13 46.96
C ASN KA 590 -28.97 38.39 46.14
N SER KA 591 -30.19 38.56 45.63
CA SER KA 591 -30.50 39.74 44.81
C SER KA 591 -30.41 41.01 45.64
N LEU KA 592 -31.08 41.02 46.78
CA LEU KA 592 -31.17 42.22 47.60
C LEU KA 592 -29.80 42.64 48.13
N SER KA 593 -28.88 41.69 48.28
CA SER KA 593 -27.59 42.00 48.87
C SER KA 593 -26.69 42.75 47.90
N ILE KA 594 -26.89 42.56 46.59
CA ILE KA 594 -26.11 43.29 45.61
C ILE KA 594 -26.65 44.71 45.46
N VAL KA 595 -27.94 44.89 45.70
CA VAL KA 595 -28.55 46.22 45.59
C VAL KA 595 -27.92 47.18 46.58
N ILE KA 596 -27.80 46.75 47.84
CA ILE KA 596 -27.22 47.61 48.86
C ILE KA 596 -25.73 47.76 48.64
N PHE KA 597 -25.09 46.74 48.09
CA PHE KA 597 -23.68 46.84 47.73
C PHE KA 597 -23.49 47.79 46.56
N HIS KA 598 -24.39 47.72 45.58
CA HIS KA 598 -24.38 48.71 44.51
C HIS KA 598 -24.58 50.11 45.06
N PHE KA 599 -25.41 50.24 46.10
CA PHE KA 599 -25.67 51.53 46.69
C PHE KA 599 -24.46 52.04 47.46
N SER KA 600 -23.82 51.18 48.25
CA SER KA 600 -22.78 51.62 49.16
C SER KA 600 -21.56 52.12 48.40
N TRP KA 601 -21.10 51.34 47.43
CA TRP KA 601 -19.85 51.68 46.74
C TRP KA 601 -20.05 52.85 45.77
N LYS KA 602 -21.19 52.88 45.09
CA LYS KA 602 -21.46 53.98 44.16
C LYS KA 602 -21.58 55.30 44.90
N MET KA 603 -22.41 55.34 45.93
CA MET KA 603 -22.63 56.59 46.65
C MET KA 603 -21.36 57.06 47.34
N GLN KA 604 -20.51 56.13 47.78
CA GLN KA 604 -19.26 56.51 48.41
C GLN KA 604 -18.23 56.96 47.38
N SER KA 605 -18.30 56.39 46.17
CA SER KA 605 -17.28 56.66 45.17
C SER KA 605 -17.63 57.86 44.30
N ASP KA 606 -18.90 58.00 43.94
CA ASP KA 606 -19.32 59.00 42.96
C ASP KA 606 -20.05 60.17 43.60
N VAL KA 607 -20.81 59.91 44.66
CA VAL KA 607 -21.72 60.94 45.19
C VAL KA 607 -21.15 61.59 46.44
N TRP KA 608 -20.99 60.83 47.51
CA TRP KA 608 -20.66 61.38 48.81
C TRP KA 608 -19.18 61.73 48.91
N GLY KA 609 -18.88 62.63 49.81
CA GLY KA 609 -17.51 63.05 50.09
C GLY KA 609 -17.44 64.52 50.42
N THR KA 610 -16.30 64.93 50.96
CA THR KA 610 -16.09 66.33 51.29
C THR KA 610 -16.01 67.16 50.02
N VAL KA 611 -16.42 68.42 50.12
CA VAL KA 611 -16.46 69.35 49.00
C VAL KA 611 -15.72 70.62 49.40
N ASP KA 612 -14.91 71.14 48.48
CA ASP KA 612 -14.17 72.38 48.71
C ASP KA 612 -15.01 73.58 48.28
N ALA KA 613 -14.51 74.77 48.61
CA ALA KA 613 -15.20 75.99 48.23
C ALA KA 613 -15.25 76.15 46.72
N ALA KA 614 -14.21 75.67 46.03
CA ALA KA 614 -14.15 75.77 44.56
C ALA KA 614 -15.00 74.71 43.87
N GLY KA 615 -15.72 73.88 44.60
CA GLY KA 615 -16.52 72.82 44.01
C GLY KA 615 -15.83 71.49 43.86
N ASN KA 616 -14.56 71.39 44.21
CA ASN KA 616 -13.84 70.13 44.13
C ASN KA 616 -14.40 69.15 45.17
N VAL KA 617 -14.96 68.04 44.69
CA VAL KA 617 -15.58 67.04 45.54
C VAL KA 617 -14.62 65.89 45.71
N SER KA 618 -14.03 65.78 46.90
CA SER KA 618 -13.12 64.70 47.23
C SER KA 618 -13.95 63.52 47.73
N HIS KA 619 -14.27 62.61 46.82
CA HIS KA 619 -15.12 61.47 47.16
C HIS KA 619 -14.41 60.56 48.15
N ILE KA 620 -15.19 59.66 48.77
CA ILE KA 620 -14.67 58.84 49.85
C ILE KA 620 -13.66 57.83 49.33
N THR KA 621 -14.09 56.96 48.41
CA THR KA 621 -13.23 55.92 47.87
C THR KA 621 -12.45 56.36 46.64
N GLY KA 622 -12.61 57.62 46.21
CA GLY KA 622 -11.76 58.16 45.16
C GLY KA 622 -12.12 57.71 43.76
N GLY KA 623 -13.41 57.56 43.47
CA GLY KA 623 -13.83 57.26 42.11
C GLY KA 623 -13.34 55.93 41.59
N ASN KA 624 -13.10 54.97 42.49
CA ASN KA 624 -12.60 53.66 42.08
C ASN KA 624 -13.69 52.76 41.53
N PHE KA 625 -14.94 53.21 41.49
CA PHE KA 625 -16.04 52.33 41.10
C PHE KA 625 -15.96 51.94 39.64
N ALA KA 626 -15.57 52.87 38.77
CA ALA KA 626 -15.66 52.64 37.34
C ALA KA 626 -14.70 51.55 36.88
N GLN KA 627 -13.45 51.59 37.36
CA GLN KA 627 -12.41 50.71 36.86
C GLN KA 627 -12.19 49.47 37.73
N SER KA 628 -12.91 49.34 38.85
CA SER KA 628 -12.77 48.19 39.74
C SER KA 628 -14.05 47.39 39.90
N ALA KA 629 -15.21 48.01 39.83
CA ALA KA 629 -16.47 47.30 39.95
C ALA KA 629 -16.79 46.44 38.74
N ILE KA 630 -15.98 46.50 37.68
CA ILE KA 630 -16.21 45.68 36.50
C ILE KA 630 -15.69 44.26 36.71
N THR KA 631 -14.78 44.08 37.67
CA THR KA 631 -14.19 42.78 37.99
C THR KA 631 -14.67 42.32 39.36
N ILE KA 632 -14.74 41.00 39.53
CA ILE KA 632 -15.15 40.44 40.81
C ILE KA 632 -14.09 40.69 41.87
N ASN KA 633 -12.82 40.62 41.49
CA ASN KA 633 -11.74 40.83 42.45
C ASN KA 633 -11.73 42.26 42.96
N GLY KA 634 -12.24 43.20 42.16
CA GLY KA 634 -12.32 44.59 42.61
C GLY KA 634 -13.24 44.76 43.81
N TRP KA 635 -14.39 44.08 43.78
CA TRP KA 635 -15.29 44.12 44.92
C TRP KA 635 -14.65 43.45 46.13
N LEU KA 636 -14.02 42.29 45.91
CA LEU KA 636 -13.35 41.60 46.99
C LEU KA 636 -12.24 42.46 47.58
N ARG KA 637 -11.54 43.20 46.71
CA ARG KA 637 -10.42 44.03 47.18
C ARG KA 637 -10.91 45.38 47.68
N ASP KA 638 -11.51 46.17 46.82
CA ASP KA 638 -11.77 47.57 47.12
C ASP KA 638 -12.99 47.78 48.01
N PHE KA 639 -13.99 46.90 47.95
CA PHE KA 639 -15.19 47.06 48.75
C PHE KA 639 -15.09 46.27 50.06
N LEU KA 640 -14.92 44.95 49.97
CA LEU KA 640 -15.02 44.11 51.16
C LEU KA 640 -13.74 44.18 51.98
N TRP KA 641 -12.60 43.87 51.37
CA TRP KA 641 -11.35 43.81 52.12
C TRP KA 641 -10.97 45.16 52.68
N ALA KA 642 -11.15 46.23 51.89
CA ALA KA 642 -10.66 47.54 52.29
C ALA KA 642 -11.58 48.19 53.33
N GLN KA 643 -12.87 48.27 53.03
CA GLN KA 643 -13.80 48.98 53.90
C GLN KA 643 -14.06 48.25 55.22
N ALA KA 644 -13.74 46.97 55.30
CA ALA KA 644 -13.91 46.21 56.54
C ALA KA 644 -12.78 46.43 57.53
N SER KA 645 -11.84 47.32 57.22
CA SER KA 645 -10.73 47.58 58.15
C SER KA 645 -11.23 48.22 59.43
N GLN KA 646 -12.26 49.06 59.33
CA GLN KA 646 -12.80 49.72 60.52
C GLN KA 646 -13.47 48.71 61.44
N VAL KA 647 -14.04 47.65 60.88
CA VAL KA 647 -14.76 46.68 61.68
C VAL KA 647 -13.80 45.85 62.53
N ILE KA 648 -12.82 45.23 61.88
CA ILE KA 648 -11.90 44.34 62.56
C ILE KA 648 -11.06 45.11 63.58
N ASN KA 649 -10.70 46.35 63.27
CA ASN KA 649 -9.92 47.19 64.17
C ASN KA 649 -10.80 47.97 65.15
N SER KA 650 -12.08 47.62 65.26
CA SER KA 650 -12.96 48.33 66.18
C SER KA 650 -12.70 47.95 67.63
N TYR KA 651 -11.92 46.90 67.87
CA TYR KA 651 -11.68 46.44 69.23
C TYR KA 651 -10.92 47.50 70.02
N GLY KA 652 -11.33 47.71 71.25
CA GLY KA 652 -10.77 48.74 72.09
C GLY KA 652 -11.33 50.12 71.86
N SER KA 653 -12.48 50.22 71.19
CA SER KA 653 -13.10 51.51 70.87
C SER KA 653 -14.61 51.37 71.00
N ALA KA 654 -15.31 52.48 70.75
CA ALA KA 654 -16.75 52.52 70.94
C ALA KA 654 -17.50 51.60 69.98
N LEU KA 655 -16.94 51.33 68.80
CA LEU KA 655 -17.57 50.48 67.80
C LEU KA 655 -17.24 49.01 67.98
N SER KA 656 -16.79 48.62 69.18
CA SER KA 656 -16.35 47.26 69.39
C SER KA 656 -17.50 46.26 69.25
N ALA KA 657 -18.71 46.69 69.58
CA ALA KA 657 -19.86 45.80 69.48
C ALA KA 657 -20.12 45.40 68.03
N TYR KA 658 -19.86 46.31 67.10
CA TYR KA 658 -20.07 45.98 65.69
C TYR KA 658 -19.08 44.92 65.23
N GLY KA 659 -17.84 45.00 65.69
CA GLY KA 659 -16.88 43.96 65.37
C GLY KA 659 -17.27 42.62 65.95
N LEU KA 660 -17.93 42.63 67.10
CA LEU KA 660 -18.40 41.38 67.70
C LEU KA 660 -19.60 40.83 66.96
N MET KA 661 -20.62 41.65 66.76
CA MET KA 661 -21.80 41.21 66.01
C MET KA 661 -21.43 40.82 64.59
N PHE KA 662 -20.44 41.50 64.02
CA PHE KA 662 -19.95 41.15 62.69
C PHE KA 662 -19.38 39.74 62.70
N LEU KA 663 -18.44 39.47 63.61
CA LEU KA 663 -17.84 38.15 63.70
C LEU KA 663 -18.87 37.11 64.13
N GLY KA 664 -19.71 37.45 65.10
CA GLY KA 664 -20.74 36.52 65.53
C GLY KA 664 -21.73 36.17 64.43
N ALA KA 665 -21.94 37.10 63.50
CA ALA KA 665 -22.90 36.86 62.44
C ALA KA 665 -22.43 35.77 61.50
N HIS KA 666 -21.11 35.65 61.30
CA HIS KA 666 -20.59 34.59 60.46
C HIS KA 666 -20.86 33.22 61.06
N PHE KA 667 -20.87 33.13 62.40
CA PHE KA 667 -21.15 31.87 63.07
C PHE KA 667 -22.56 31.38 62.74
N VAL KA 668 -23.56 32.23 62.95
CA VAL KA 668 -24.94 31.82 62.74
C VAL KA 668 -25.17 31.46 61.30
N TRP KA 669 -24.46 32.12 60.37
CA TRP KA 669 -24.54 31.74 58.98
C TRP KA 669 -24.02 30.33 58.76
N ALA KA 670 -22.87 30.00 59.37
CA ALA KA 670 -22.31 28.67 59.22
C ALA KA 670 -23.12 27.65 60.01
N PHE KA 671 -23.64 28.05 61.16
CA PHE KA 671 -24.50 27.16 61.94
C PHE KA 671 -25.75 26.78 61.17
N SER KA 672 -26.18 27.64 60.25
CA SER KA 672 -27.29 27.32 59.36
C SER KA 672 -27.00 26.07 58.54
N LEU KA 673 -25.74 25.88 58.16
CA LEU KA 673 -25.39 24.82 57.22
C LEU KA 673 -25.51 23.44 57.85
N MET KA 674 -25.63 23.36 59.18
CA MET KA 674 -25.96 22.10 59.82
C MET KA 674 -27.27 21.54 59.28
N PHE KA 675 -28.28 22.40 59.20
CA PHE KA 675 -29.64 21.92 58.96
C PHE KA 675 -29.94 21.81 57.48
N LEU KA 676 -29.28 22.63 56.66
CA LEU KA 676 -29.54 22.61 55.22
C LEU KA 676 -28.90 21.40 54.57
N PHE KA 677 -27.66 21.10 54.93
CA PHE KA 677 -26.94 20.01 54.27
C PHE KA 677 -27.37 18.66 54.82
N SER KA 678 -27.69 18.59 56.10
CA SER KA 678 -27.92 17.32 56.78
C SER KA 678 -29.34 16.83 56.52
N GLY KA 679 -29.74 15.79 57.26
CA GLY KA 679 -31.07 15.24 57.16
C GLY KA 679 -31.51 14.66 58.48
N ARG KA 680 -32.84 14.61 58.65
CA ARG KA 680 -33.43 14.16 59.90
C ARG KA 680 -33.00 12.75 60.26
N GLY KA 681 -32.73 11.91 59.25
CA GLY KA 681 -32.49 10.50 59.51
C GLY KA 681 -31.27 10.25 60.37
N TYR KA 682 -30.17 10.96 60.08
CA TYR KA 682 -28.97 10.80 60.89
C TYR KA 682 -29.21 11.23 62.32
N TRP KA 683 -29.94 12.33 62.51
CA TRP KA 683 -30.04 12.95 63.82
C TRP KA 683 -30.94 12.14 64.75
N GLN KA 684 -31.94 11.46 64.21
CA GLN KA 684 -32.79 10.64 65.04
C GLN KA 684 -32.03 9.42 65.56
N GLU KA 685 -31.14 8.87 64.74
CA GLU KA 685 -30.33 7.74 65.17
C GLU KA 685 -29.30 8.16 66.21
N LEU KA 686 -28.85 9.41 66.15
CA LEU KA 686 -27.95 9.91 67.18
C LEU KA 686 -28.66 10.07 68.51
N ILE KA 687 -29.89 10.60 68.46
CA ILE KA 687 -30.67 10.76 69.69
C ILE KA 687 -31.03 9.40 70.27
N GLU KA 688 -31.17 8.38 69.42
CA GLU KA 688 -31.45 7.04 69.91
C GLU KA 688 -30.36 6.56 70.85
N SER KA 689 -29.10 6.73 70.47
CA SER KA 689 -28.00 6.31 71.32
C SER KA 689 -27.94 7.13 72.59
N ILE KA 690 -28.28 8.42 72.50
CA ILE KA 690 -28.25 9.28 73.68
C ILE KA 690 -29.38 8.93 74.62
N VAL KA 691 -30.51 8.49 74.08
CA VAL KA 691 -31.64 8.10 74.90
C VAL KA 691 -31.31 6.84 75.69
N TRP KA 692 -30.46 5.98 75.13
CA TRP KA 692 -30.04 4.77 75.83
C TRP KA 692 -29.30 5.13 77.11
N ALA KA 693 -28.41 6.12 77.05
CA ALA KA 693 -27.65 6.52 78.23
C ALA KA 693 -28.56 7.06 79.31
N HIS KA 694 -29.67 7.68 78.93
CA HIS KA 694 -30.63 8.18 79.90
C HIS KA 694 -31.49 7.05 80.46
N ASN KA 695 -31.87 6.10 79.61
CA ASN KA 695 -32.56 4.91 80.09
C ASN KA 695 -31.67 4.12 81.03
N LYS KA 696 -30.36 4.14 80.79
CA LYS KA 696 -29.41 3.51 81.72
C LYS KA 696 -29.48 4.17 83.09
N LEU KA 697 -29.26 5.48 83.15
CA LEU KA 697 -29.23 6.21 84.40
C LEU KA 697 -30.62 6.65 84.87
N LYS KA 698 -31.68 6.19 84.20
CA LYS KA 698 -33.05 6.46 84.62
C LYS KA 698 -33.35 7.96 84.63
N VAL KA 699 -32.82 8.67 83.65
CA VAL KA 699 -33.17 10.06 83.36
C VAL KA 699 -33.98 10.14 82.07
N ALA KA 700 -34.74 9.10 81.77
CA ALA KA 700 -35.45 9.05 80.51
C ALA KA 700 -36.63 10.00 80.52
N PRO KA 701 -36.81 10.83 79.47
CA PRO KA 701 -37.93 11.77 79.48
C PRO KA 701 -39.24 11.11 79.12
N ALA KA 702 -40.33 11.53 79.78
CA ALA KA 702 -41.65 11.01 79.43
C ALA KA 702 -42.04 11.42 78.02
N ILE KA 703 -41.84 12.69 77.68
CA ILE KA 703 -42.01 13.17 76.30
C ILE KA 703 -40.86 12.59 75.50
N GLN KA 704 -41.16 11.63 74.64
CA GLN KA 704 -40.14 10.96 73.87
C GLN KA 704 -39.48 11.95 72.92
N PRO KA 705 -38.15 12.07 72.90
CA PRO KA 705 -37.53 13.10 72.06
C PRO KA 705 -37.32 12.58 70.65
N ARG KA 706 -37.61 13.43 69.67
CA ARG KA 706 -37.45 13.11 68.26
C ARG KA 706 -36.73 14.27 67.57
N ALA KA 707 -35.98 13.93 66.53
CA ALA KA 707 -35.34 14.94 65.71
C ALA KA 707 -36.38 15.85 65.08
N LEU KA 708 -35.92 17.02 64.64
CA LEU KA 708 -36.82 17.99 64.03
C LEU KA 708 -37.39 17.44 62.73
N SER KA 709 -38.58 17.90 62.39
CA SER KA 709 -39.21 17.51 61.15
C SER KA 709 -38.38 18.01 59.97
N ILE KA 710 -38.74 17.53 58.78
CA ILE KA 710 -37.94 17.82 57.59
C ILE KA 710 -38.09 19.29 57.21
N THR KA 711 -39.32 19.74 57.02
CA THR KA 711 -39.55 21.13 56.65
C THR KA 711 -39.08 22.08 57.74
N GLN KA 712 -39.05 21.63 58.99
CA GLN KA 712 -38.51 22.45 60.06
C GLN KA 712 -37.01 22.62 59.91
N GLY KA 713 -36.30 21.53 59.62
CA GLY KA 713 -34.86 21.62 59.42
C GLY KA 713 -34.50 22.56 58.29
N ARG KA 714 -35.33 22.60 57.25
CA ARG KA 714 -35.12 23.57 56.18
C ARG KA 714 -35.48 24.97 56.67
N ALA KA 715 -36.55 25.09 57.44
CA ALA KA 715 -36.95 26.39 57.97
C ALA KA 715 -35.92 26.92 58.96
N VAL KA 716 -35.40 26.05 59.82
CA VAL KA 716 -34.43 26.47 60.82
C VAL KA 716 -33.15 26.94 60.16
N GLY KA 717 -32.79 26.33 59.02
CA GLY KA 717 -31.57 26.72 58.35
C GLY KA 717 -31.66 28.08 57.70
N VAL KA 718 -32.70 28.30 56.90
CA VAL KA 718 -32.85 29.58 56.20
C VAL KA 718 -33.00 30.71 57.19
N ALA KA 719 -33.60 30.45 58.35
CA ALA KA 719 -33.68 31.46 59.39
C ALA KA 719 -32.29 31.87 59.87
N HIS KA 720 -31.40 30.88 60.04
CA HIS KA 720 -30.03 31.17 60.44
C HIS KA 720 -29.24 31.75 59.29
N TYR KA 721 -29.41 31.19 58.09
CA TYR KA 721 -28.66 31.64 56.92
C TYR KA 721 -28.91 33.12 56.65
N LEU KA 722 -30.14 33.58 56.84
CA LEU KA 722 -30.46 34.98 56.61
C LEU KA 722 -30.07 35.84 57.80
N LEU KA 723 -30.33 35.37 59.02
CA LEU KA 723 -29.98 36.15 60.20
C LEU KA 723 -28.46 36.33 60.30
N GLY KA 724 -27.72 35.26 60.07
CA GLY KA 724 -26.26 35.36 60.11
C GLY KA 724 -25.71 36.16 58.95
N GLY KA 725 -26.43 36.17 57.83
CA GLY KA 725 -25.99 36.96 56.70
C GLY KA 725 -26.26 38.44 56.89
N ILE KA 726 -27.50 38.79 57.21
CA ILE KA 726 -27.88 40.20 57.28
C ILE KA 726 -27.13 40.91 58.40
N ALA KA 727 -26.95 40.23 59.53
CA ALA KA 727 -26.28 40.83 60.66
C ALA KA 727 -24.82 41.15 60.33
N THR KA 728 -24.23 40.42 59.40
CA THR KA 728 -22.85 40.67 59.01
C THR KA 728 -22.72 42.01 58.31
N THR KA 729 -23.40 42.17 57.17
CA THR KA 729 -23.33 43.44 56.44
C THR KA 729 -23.95 44.58 57.25
N TRP KA 730 -24.84 44.25 58.19
CA TRP KA 730 -25.40 45.27 59.08
C TRP KA 730 -24.30 45.96 59.88
N ALA KA 731 -23.39 45.17 60.45
CA ALA KA 731 -22.31 45.75 61.23
C ALA KA 731 -21.25 46.38 60.34
N PHE KA 732 -21.00 45.78 59.17
CA PHE KA 732 -20.02 46.33 58.25
C PHE KA 732 -20.49 47.69 57.72
N PHE KA 733 -21.76 47.77 57.33
CA PHE KA 733 -22.32 49.05 56.90
C PHE KA 733 -22.27 50.08 58.02
N HIS KA 734 -22.54 49.64 59.25
CA HIS KA 734 -22.58 50.58 60.36
C HIS KA 734 -21.18 51.08 60.72
N ALA KA 735 -20.27 50.17 61.04
CA ALA KA 735 -18.97 50.56 61.57
C ALA KA 735 -18.16 51.33 60.53
N HIS KA 736 -18.28 50.96 59.25
CA HIS KA 736 -17.52 51.63 58.21
C HIS KA 736 -18.01 53.07 58.01
N ILE KA 737 -19.32 53.24 57.85
CA ILE KA 737 -19.86 54.56 57.54
C ILE KA 737 -19.80 55.47 58.76
N LEU KA 738 -19.92 54.90 59.96
CA LEU KA 738 -19.91 55.71 61.16
C LEU KA 738 -18.53 56.30 61.41
N SER KA 739 -17.48 55.57 61.03
CA SER KA 739 -16.12 56.12 61.14
C SER KA 739 -15.89 57.20 60.10
N VAL KA 740 -16.48 57.06 58.92
CA VAL KA 740 -16.32 57.99 57.81
C VAL KA 740 -17.66 58.59 57.43
N THR LA 1 -28.76 -1.09 25.34
CA THR LA 1 -27.76 -0.12 24.92
C THR LA 1 -26.35 -0.58 25.26
N LYS LA 2 -26.25 -1.50 26.22
CA LYS LA 2 -25.04 -2.27 26.52
C LYS LA 2 -23.81 -1.42 26.80
N PHE LA 3 -23.99 -0.17 27.26
CA PHE LA 3 -22.81 0.62 27.62
C PHE LA 3 -22.13 0.09 28.87
N PRO LA 4 -22.80 -0.09 30.01
CA PRO LA 4 -22.05 -0.41 31.23
C PRO LA 4 -21.29 -1.72 31.16
N LYS LA 5 -21.95 -2.79 30.71
CA LYS LA 5 -21.33 -4.11 30.58
C LYS LA 5 -21.05 -4.75 31.92
N PHE LA 6 -21.55 -4.16 33.01
CA PHE LA 6 -21.45 -4.74 34.34
C PHE LA 6 -22.79 -4.81 35.05
N SER LA 7 -23.79 -4.07 34.58
CA SER LA 7 -25.12 -4.05 35.18
C SER LA 7 -26.15 -3.91 34.07
N GLN LA 8 -26.92 -4.97 33.84
CA GLN LA 8 -27.99 -4.92 32.85
C GLN LA 8 -29.08 -3.95 33.28
N ASP LA 9 -29.23 -3.73 34.59
CA ASP LA 9 -30.25 -2.82 35.08
C ASP LA 9 -29.99 -1.40 34.59
N LEU LA 10 -28.73 -0.98 34.56
CA LEU LA 10 -28.42 0.36 34.07
C LEU LA 10 -28.60 0.45 32.56
N ALA LA 11 -28.26 -0.62 31.84
CA ALA LA 11 -28.42 -0.60 30.39
C ALA LA 11 -29.89 -0.52 30.01
N GLN LA 12 -30.75 -1.22 30.73
CA GLN LA 12 -32.20 -1.13 30.53
C GLN LA 12 -32.76 0.06 31.32
N ASP LA 13 -32.30 1.25 30.92
CA ASP LA 13 -32.69 2.50 31.55
C ASP LA 13 -32.83 3.54 30.44
N PRO LA 14 -34.04 4.01 30.13
CA PRO LA 14 -34.15 5.00 29.05
C PRO LA 14 -33.60 6.36 29.41
N THR LA 15 -33.39 6.62 30.70
CA THR LA 15 -33.06 7.96 31.16
C THR LA 15 -31.56 8.20 31.09
N THR LA 16 -31.16 9.41 31.50
CA THR LA 16 -29.77 9.80 31.61
C THR LA 16 -29.11 9.23 32.87
N ARG LA 17 -29.89 8.58 33.75
CA ARG LA 17 -29.34 8.03 34.99
C ARG LA 17 -28.23 7.02 34.72
N ARG LA 18 -28.33 6.29 33.59
CA ARG LA 18 -27.36 5.24 33.29
C ARG LA 18 -25.96 5.80 33.12
N ILE LA 19 -25.84 6.98 32.50
CA ILE LA 19 -24.52 7.53 32.21
C ILE LA 19 -23.81 7.89 33.51
N TRP LA 20 -24.53 8.50 34.45
CA TRP LA 20 -23.92 8.94 35.70
C TRP LA 20 -23.61 7.74 36.60
N TYR LA 21 -24.60 6.87 36.82
CA TYR LA 21 -24.39 5.74 37.72
C TYR LA 21 -23.35 4.79 37.15
N ALA LA 22 -23.19 4.74 35.83
CA ALA LA 22 -22.13 3.95 35.24
C ALA LA 22 -20.77 4.47 35.66
N MET LA 23 -20.58 5.80 35.61
CA MET LA 23 -19.34 6.40 36.10
C MET LA 23 -19.12 6.06 37.57
N ALA LA 24 -20.18 5.99 38.34
CA ALA LA 24 -20.04 5.72 39.76
C ALA LA 24 -19.48 4.33 40.00
N MET LA 25 -20.23 3.29 39.68
CA MET LA 25 -19.83 1.91 39.95
C MET LA 25 -19.27 1.32 38.66
N GLY LA 26 -18.02 1.65 38.37
CA GLY LA 26 -17.24 1.01 37.34
C GLY LA 26 -16.05 0.32 37.97
N ASN LA 27 -15.55 0.92 39.04
CA ASN LA 27 -14.52 0.33 39.88
C ASN LA 27 -15.09 -0.60 40.94
N ASP LA 28 -16.42 -0.69 41.07
CA ASP LA 28 -17.04 -1.53 42.09
C ASP LA 28 -17.24 -2.94 41.51
N PHE LA 29 -16.15 -3.70 41.53
CA PHE LA 29 -16.16 -5.03 40.92
C PHE LA 29 -17.10 -5.97 41.65
N GLU LA 30 -17.29 -5.78 42.96
CA GLU LA 30 -18.17 -6.66 43.72
C GLU LA 30 -19.61 -6.54 43.24
N SER LA 31 -20.00 -5.38 42.72
CA SER LA 31 -21.33 -5.16 42.20
C SER LA 31 -21.45 -5.51 40.71
N HIS LA 32 -20.34 -5.73 40.03
CA HIS LA 32 -20.39 -6.09 38.61
C HIS LA 32 -21.13 -7.41 38.42
N ASP LA 33 -21.86 -7.50 37.30
CA ASP LA 33 -22.67 -8.68 37.04
C ASP LA 33 -21.79 -9.90 36.78
N GLY LA 34 -22.09 -10.99 37.47
CA GLY LA 34 -21.40 -12.25 37.24
C GLY LA 34 -19.92 -12.21 37.54
N MET LA 35 -19.53 -11.63 38.67
CA MET LA 35 -18.13 -11.56 39.08
C MET LA 35 -17.88 -12.57 40.20
N THR LA 36 -17.16 -13.64 39.88
CA THR LA 36 -16.79 -14.62 40.87
C THR LA 36 -15.67 -14.10 41.76
N GLU LA 37 -15.43 -14.81 42.87
CA GLU LA 37 -14.40 -14.39 43.80
C GLU LA 37 -13.01 -14.50 43.17
N GLU LA 38 -12.79 -15.53 42.36
CA GLU LA 38 -11.51 -15.67 41.68
C GLU LA 38 -11.26 -14.52 40.71
N ASN LA 39 -12.24 -14.23 39.85
CA ASN LA 39 -12.08 -13.16 38.88
C ASN LA 39 -12.01 -11.80 39.57
N LEU LA 40 -12.64 -11.68 40.75
CA LEU LA 40 -12.57 -10.43 41.50
C LEU LA 40 -11.14 -10.15 41.94
N TYR LA 41 -10.51 -11.10 42.62
CA TYR LA 41 -9.14 -10.90 43.08
C TYR LA 41 -8.19 -10.74 41.90
N GLN LA 42 -8.41 -11.50 40.83
CA GLN LA 42 -7.52 -11.46 39.68
C GLN LA 42 -7.61 -10.11 38.98
N LYS LA 43 -8.81 -9.54 38.90
CA LYS LA 43 -8.98 -8.23 38.27
C LYS LA 43 -8.40 -7.13 39.16
N ILE LA 44 -8.56 -7.26 40.47
CA ILE LA 44 -7.99 -6.29 41.39
C ILE LA 44 -6.47 -6.31 41.31
N PHE LA 45 -5.89 -7.50 41.13
CA PHE LA 45 -4.44 -7.64 41.14
C PHE LA 45 -3.82 -6.99 39.92
N ALA LA 46 -4.45 -7.15 38.76
CA ALA LA 46 -3.92 -6.54 37.54
C ALA LA 46 -4.07 -5.03 37.58
N THR LA 47 -5.14 -4.54 38.21
CA THR LA 47 -5.38 -3.11 38.26
C THR LA 47 -4.31 -2.38 39.06
N HIS LA 48 -3.76 -3.04 40.07
CA HIS LA 48 -2.68 -2.44 40.86
C HIS LA 48 -1.49 -2.10 39.99
N PHE LA 49 -1.21 -2.94 38.99
CA PHE LA 49 -0.07 -2.69 38.12
C PHE LA 49 -0.28 -1.44 37.29
N GLY LA 50 -1.48 -1.24 36.77
CA GLY LA 50 -1.78 -0.02 36.05
C GLY LA 50 -1.72 1.20 36.94
N HIS LA 51 -2.05 1.02 38.22
CA HIS LA 51 -1.97 2.12 39.17
C HIS LA 51 -0.52 2.47 39.48
N LEU LA 52 0.32 1.44 39.70
CA LEU LA 52 1.73 1.68 39.96
C LEU LA 52 2.41 2.36 38.78
N ALA LA 53 1.97 2.03 37.56
CA ALA LA 53 2.54 2.65 36.38
C ALA LA 53 2.25 4.14 36.35
N ILE LA 54 1.01 4.52 36.73
CA ILE LA 54 0.64 5.93 36.73
C ILE LA 54 1.51 6.71 37.70
N ILE LA 55 1.92 6.07 38.78
CA ILE LA 55 2.79 6.73 39.76
C ILE LA 55 4.15 7.01 39.14
N PHE LA 56 4.75 6.01 38.50
CA PHE LA 56 6.10 6.17 37.98
C PHE LA 56 6.13 7.09 36.77
N LEU LA 57 5.09 7.02 35.94
CA LEU LA 57 4.97 7.98 34.83
C LEU LA 57 4.84 9.40 35.37
N TRP LA 58 4.13 9.56 36.48
CA TRP LA 58 4.01 10.87 37.09
C TRP LA 58 5.35 11.32 37.66
N ALA LA 59 6.11 10.39 38.25
CA ALA LA 59 7.43 10.74 38.76
C ALA LA 59 8.39 11.05 37.61
N SER LA 60 8.23 10.38 36.48
CA SER LA 60 9.06 10.66 35.32
C SER LA 60 8.80 12.07 34.79
N SER LA 61 7.58 12.58 34.98
CA SER LA 61 7.26 13.92 34.52
C SER LA 61 8.05 14.97 35.30
N LEU LA 62 8.21 14.75 36.61
CA LEU LA 62 8.89 15.75 37.44
C LEU LA 62 10.35 15.89 37.03
N LEU LA 63 10.95 14.81 36.56
CA LEU LA 63 12.37 14.83 36.21
C LEU LA 63 12.57 15.41 34.82
N PHE LA 64 11.65 15.13 33.90
CA PHE LA 64 11.81 15.58 32.52
C PHE LA 64 11.68 17.09 32.42
N HIS LA 65 10.65 17.65 33.04
CA HIS LA 65 10.43 19.10 32.95
C HIS LA 65 11.50 19.87 33.70
N VAL LA 66 11.88 19.37 34.89
CA VAL LA 66 12.92 20.04 35.67
C VAL LA 66 14.25 19.99 34.94
N ALA LA 67 14.44 18.96 34.11
CA ALA LA 67 15.67 18.86 33.35
C ALA LA 67 15.60 19.68 32.06
N TRP LA 68 14.44 19.65 31.40
CA TRP LA 68 14.30 20.33 30.12
C TRP LA 68 13.96 21.80 30.30
N GLN LA 69 13.07 22.11 31.25
CA GLN LA 69 12.51 23.45 31.41
C GLN LA 69 12.87 24.06 32.76
N GLY LA 70 13.89 23.52 33.43
CA GLY LA 70 14.19 23.91 34.80
C GLY LA 70 15.57 24.55 34.92
N ASN LA 71 15.86 24.97 36.16
CA ASN LA 71 17.11 25.62 36.51
C ASN LA 71 17.86 24.86 37.60
N PHE LA 72 17.95 23.54 37.47
CA PHE LA 72 18.52 22.72 38.53
C PHE LA 72 20.00 23.00 38.73
N GLU LA 73 20.76 23.03 37.64
CA GLU LA 73 22.19 23.29 37.74
C GLU LA 73 22.46 24.70 38.25
N GLN LA 74 21.62 25.66 37.88
CA GLN LA 74 21.79 27.02 38.37
C GLN LA 74 21.37 27.13 39.83
N TRP LA 75 20.31 26.43 40.21
CA TRP LA 75 19.82 26.50 41.58
C TRP LA 75 20.81 25.89 42.56
N ILE LA 76 21.57 24.89 42.11
CA ILE LA 76 22.51 24.21 43.00
C ILE LA 76 23.60 25.16 43.46
N LYS LA 77 24.01 26.08 42.59
CA LYS LA 77 25.14 26.96 42.93
C LYS LA 77 24.73 28.00 43.97
N ASP LA 78 23.43 28.29 44.09
CA ASP LA 78 22.92 29.27 45.04
C ASP LA 78 21.50 28.87 45.41
N PRO LA 79 21.33 27.80 46.20
CA PRO LA 79 19.96 27.29 46.46
C PRO LA 79 19.08 28.27 47.22
N LEU LA 80 19.65 29.02 48.17
CA LEU LA 80 18.84 29.86 49.03
C LEU LA 80 18.22 31.02 48.27
N HIS LA 81 19.00 31.65 47.39
CA HIS LA 81 18.58 32.86 46.70
C HIS LA 81 18.00 32.60 45.32
N VAL LA 82 18.20 31.42 44.75
CA VAL LA 82 17.64 31.05 43.45
C VAL LA 82 16.34 30.31 43.70
N ARG LA 83 15.33 30.60 42.89
CA ARG LA 83 14.02 30.00 43.02
C ARG LA 83 13.90 28.83 42.05
N PRO LA 84 13.42 27.65 42.48
CA PRO LA 84 13.36 26.52 41.55
C PRO LA 84 12.20 26.65 40.59
N ILE LA 85 12.37 26.04 39.41
CA ILE LA 85 11.37 26.08 38.35
C ILE LA 85 10.73 24.71 38.26
N ALA LA 86 9.40 24.70 38.07
CA ALA LA 86 8.68 23.44 37.91
C ALA LA 86 8.58 23.07 36.44
N HIS LA 87 7.98 23.95 35.64
CA HIS LA 87 7.89 23.73 34.21
C HIS LA 87 7.66 25.08 33.53
N ALA LA 88 7.53 25.04 32.21
CA ALA LA 88 7.40 26.23 31.39
C ALA LA 88 5.96 26.42 30.97
N ILE LA 89 5.56 27.68 30.83
CA ILE LA 89 4.19 28.02 30.45
C ILE LA 89 4.13 28.20 28.95
N TRP LA 90 3.02 27.77 28.35
CA TRP LA 90 2.69 28.09 26.96
C TRP LA 90 1.17 28.21 26.89
N ASP LA 91 0.68 29.45 26.96
CA ASP LA 91 -0.73 29.76 26.89
C ASP LA 91 -0.96 30.82 25.83
N PRO LA 92 -1.69 30.55 24.73
CA PRO LA 92 -1.91 31.63 23.74
C PRO LA 92 -2.73 32.78 24.28
N HIS LA 93 -3.45 32.59 25.37
CA HIS LA 93 -4.29 33.66 25.92
C HIS LA 93 -3.49 34.76 26.59
N PHE LA 94 -2.22 34.53 26.91
CA PHE LA 94 -1.45 35.52 27.63
C PHE LA 94 -1.22 36.76 26.75
N GLY LA 95 -1.11 37.90 27.44
CA GLY LA 95 -0.72 39.14 26.81
C GLY LA 95 0.74 39.44 27.10
N LYS LA 96 1.26 40.50 26.50
CA LYS LA 96 2.65 40.87 26.75
C LYS LA 96 2.95 41.19 28.21
N PRO LA 97 2.10 41.90 28.97
CA PRO LA 97 2.44 42.13 30.38
C PRO LA 97 2.50 40.86 31.20
N ALA LA 98 1.63 39.88 30.92
CA ALA LA 98 1.64 38.64 31.69
C ALA LA 98 2.93 37.86 31.46
N ILE LA 99 3.36 37.76 30.20
CA ILE LA 99 4.59 37.05 29.88
C ILE LA 99 5.78 37.73 30.54
N GLU LA 100 5.80 39.06 30.53
CA GLU LA 100 6.89 39.79 31.16
C GLU LA 100 6.91 39.59 32.67
N ALA LA 101 5.74 39.33 33.25
CA ALA LA 101 5.67 39.11 34.70
C ALA LA 101 6.10 37.69 35.05
N PHE LA 102 5.62 36.70 34.33
CA PHE LA 102 5.92 35.31 34.61
C PHE LA 102 7.31 34.89 34.15
N THR LA 103 8.01 35.73 33.41
CA THR LA 103 9.42 35.47 33.07
C THR LA 103 10.24 35.78 34.31
N GLN LA 104 10.53 34.75 35.10
CA GLN LA 104 11.20 34.90 36.38
C GLN LA 104 12.21 33.76 36.54
N ALA LA 105 12.96 33.81 37.64
CA ALA LA 105 13.96 32.80 37.97
C ALA LA 105 15.05 32.70 36.90
N GLY LA 106 15.31 33.80 36.21
CA GLY LA 106 16.36 33.82 35.20
C GLY LA 106 16.05 33.07 33.94
N ALA LA 107 14.78 32.71 33.70
CA ALA LA 107 14.42 31.98 32.50
C ALA LA 107 14.26 32.93 31.32
N ASN LA 108 14.28 32.35 30.13
CA ASN LA 108 14.11 33.09 28.87
C ASN LA 108 12.69 33.06 28.35
N GLY LA 109 11.73 32.65 29.17
CA GLY LA 109 10.34 32.59 28.77
C GLY LA 109 9.42 32.51 29.96
N PRO LA 110 8.11 32.50 29.71
CA PRO LA 110 7.16 32.42 30.82
C PRO LA 110 7.24 31.06 31.50
N VAL LA 111 7.39 31.08 32.82
CA VAL LA 111 7.80 29.90 33.58
C VAL LA 111 7.08 29.89 34.92
N ASN LA 112 6.90 28.68 35.46
CA ASN LA 112 6.22 28.46 36.72
C ASN LA 112 7.24 28.06 37.78
N ILE LA 113 7.39 28.92 38.79
CA ILE LA 113 8.19 28.59 39.97
C ILE LA 113 7.65 27.31 40.60
N ALA LA 114 8.53 26.56 41.27
CA ALA LA 114 8.19 25.28 41.88
C ALA LA 114 8.04 25.44 43.38
N TYR LA 115 7.16 24.63 43.97
CA TYR LA 115 6.95 24.60 45.41
C TYR LA 115 6.80 23.19 45.95
N SER LA 116 7.13 22.17 45.16
CA SER LA 116 7.01 20.80 45.64
C SER LA 116 8.20 20.40 46.51
N GLY LA 117 9.36 21.01 46.28
CA GLY LA 117 10.56 20.69 47.02
C GLY LA 117 11.37 19.55 46.47
N VAL LA 118 11.10 19.11 45.24
CA VAL LA 118 11.88 18.02 44.66
C VAL LA 118 13.31 18.46 44.40
N TYR LA 119 13.51 19.76 44.17
CA TYR LA 119 14.86 20.28 43.97
C TYR LA 119 15.72 20.03 45.20
N HIS LA 120 15.16 20.20 46.39
CA HIS LA 120 15.90 19.95 47.63
C HIS LA 120 16.06 18.45 47.86
N TRP LA 121 15.14 17.65 47.34
CA TRP LA 121 15.28 16.20 47.42
C TRP LA 121 16.37 15.73 46.47
N TRP LA 122 16.35 16.22 45.23
CA TRP LA 122 17.28 15.73 44.23
C TRP LA 122 18.68 16.29 44.44
N TYR LA 123 18.82 17.34 45.24
CA TYR LA 123 20.16 17.79 45.60
C TYR LA 123 20.75 16.92 46.70
N THR LA 124 19.93 16.56 47.68
CA THR LA 124 20.40 15.73 48.78
C THR LA 124 20.61 14.29 48.35
N ILE LA 125 19.90 13.84 47.32
CA ILE LA 125 19.94 12.43 46.93
C ILE LA 125 21.24 12.06 46.24
N GLY LA 126 21.90 13.02 45.60
CA GLY LA 126 23.15 12.79 44.90
C GLY LA 126 23.16 13.21 43.44
N MET LA 127 22.12 13.88 42.97
CA MET LA 127 22.02 14.32 41.58
C MET LA 127 22.53 15.74 41.47
N ARG LA 128 23.36 15.99 40.45
CA ARG LA 128 24.00 17.29 40.26
C ARG LA 128 23.98 17.76 38.81
N THR LA 129 23.24 17.10 37.93
CA THR LA 129 23.19 17.48 36.52
C THR LA 129 21.83 17.18 35.94
N ASN LA 130 21.47 17.93 34.90
CA ASN LA 130 20.20 17.71 34.21
C ASN LA 130 20.16 16.33 33.56
N THR LA 131 21.32 15.84 33.10
CA THR LA 131 21.36 14.56 32.43
C THR LA 131 21.06 13.41 33.39
N GLU LA 132 21.47 13.54 34.65
CA GLU LA 132 21.18 12.50 35.63
C GLU LA 132 19.68 12.40 35.87
N LEU LA 133 18.97 13.53 35.77
CA LEU LA 133 17.52 13.49 35.89
C LEU LA 133 16.89 12.82 34.67
N TYR LA 134 17.47 13.05 33.49
CA TYR LA 134 16.94 12.46 32.27
C TYR LA 134 17.02 10.95 32.31
N THR LA 135 18.11 10.41 32.87
CA THR LA 135 18.23 8.96 32.99
C THR LA 135 17.18 8.40 33.94
N GLY LA 136 16.90 9.10 35.03
CA GLY LA 136 15.87 8.65 35.95
C GLY LA 136 14.50 8.68 35.33
N SER LA 137 14.23 9.69 34.49
CA SER LA 137 12.94 9.77 33.83
C SER LA 137 12.74 8.61 32.86
N VAL LA 138 13.76 8.33 32.04
CA VAL LA 138 13.65 7.26 31.08
C VAL LA 138 13.60 5.91 31.79
N PHE LA 139 14.31 5.79 32.92
CA PHE LA 139 14.31 4.54 33.66
C PHE LA 139 12.93 4.23 34.21
N LEU LA 140 12.21 5.25 34.66
CA LEU LA 140 10.90 5.02 35.27
C LEU LA 140 9.86 4.67 34.22
N LEU LA 141 10.02 5.19 33.00
CA LEU LA 141 9.12 4.81 31.91
C LEU LA 141 9.21 3.31 31.65
N LEU LA 142 10.43 2.80 31.52
CA LEU LA 142 10.62 1.37 31.33
C LEU LA 142 10.20 0.60 32.59
N PHE LA 143 10.48 1.18 33.76
CA PHE LA 143 10.05 0.54 35.01
C PHE LA 143 8.54 0.46 35.09
N ALA LA 144 7.85 1.47 34.55
CA ALA LA 144 6.39 1.43 34.49
C ALA LA 144 5.92 0.46 33.42
N SER LA 145 6.62 0.41 32.28
CA SER LA 145 6.30 -0.55 31.23
C SER LA 145 6.42 -1.97 31.75
N LEU LA 146 7.35 -2.20 32.68
CA LEU LA 146 7.53 -3.53 33.26
C LEU LA 146 6.28 -3.97 34.00
N PHE LA 147 5.61 -3.04 34.69
CA PHE LA 147 4.42 -3.39 35.44
C PHE LA 147 3.20 -3.53 34.53
N LEU LA 148 3.09 -2.63 33.55
CA LEU LA 148 1.95 -2.69 32.64
C LEU LA 148 1.93 -4.01 31.87
N PHE LA 149 3.09 -4.56 31.55
CA PHE LA 149 3.14 -5.87 30.92
C PHE LA 149 2.75 -6.96 31.92
N ALA LA 150 3.15 -6.78 33.18
CA ALA LA 150 2.81 -7.78 34.19
C ALA LA 150 1.31 -7.84 34.43
N GLY LA 151 0.65 -6.69 34.43
CA GLY LA 151 -0.79 -6.70 34.60
C GLY LA 151 -1.52 -7.40 33.48
N TRP LA 152 -1.08 -7.18 32.23
CA TRP LA 152 -1.65 -7.90 31.11
C TRP LA 152 -1.35 -9.39 31.22
N LEU LA 153 -0.15 -9.73 31.68
CA LEU LA 153 0.25 -11.13 31.75
C LEU LA 153 -0.60 -11.90 32.75
N HIS LA 154 -0.84 -11.33 33.92
CA HIS LA 154 -1.54 -12.02 34.99
C HIS LA 154 -3.04 -12.12 34.76
N LEU LA 155 -3.55 -11.60 33.64
CA LEU LA 155 -4.92 -11.84 33.22
C LEU LA 155 -5.01 -12.93 32.16
N GLN LA 156 -3.89 -13.32 31.56
CA GLN LA 156 -3.86 -14.45 30.65
C GLN LA 156 -4.18 -15.73 31.43
N PRO LA 157 -4.67 -16.77 30.75
CA PRO LA 157 -5.31 -17.87 31.50
C PRO LA 157 -4.37 -18.66 32.38
N LYS LA 158 -3.24 -19.14 31.86
CA LYS LA 158 -2.36 -20.00 32.65
C LYS LA 158 -1.46 -19.23 33.60
N PHE LA 159 -1.34 -17.91 33.45
CA PHE LA 159 -0.64 -17.06 34.39
C PHE LA 159 -1.55 -16.44 35.44
N ARG LA 160 -2.85 -16.67 35.36
CA ARG LA 160 -3.77 -16.04 36.30
C ARG LA 160 -3.60 -16.69 37.68
N PRO LA 161 -3.30 -15.92 38.73
CA PRO LA 161 -3.13 -16.55 40.05
C PRO LA 161 -4.44 -17.14 40.54
N SER LA 162 -4.31 -18.13 41.43
CA SER LA 162 -5.45 -18.79 42.01
C SER LA 162 -5.93 -18.06 43.26
N LEU LA 163 -7.13 -18.41 43.71
CA LEU LA 163 -7.71 -17.77 44.88
C LEU LA 163 -6.88 -18.04 46.12
N ALA LA 164 -6.42 -19.28 46.29
CA ALA LA 164 -5.63 -19.63 47.46
C ALA LA 164 -4.33 -18.87 47.51
N TRP LA 165 -3.77 -18.53 46.35
CA TRP LA 165 -2.54 -17.75 46.32
C TRP LA 165 -2.76 -16.36 46.89
N PHE LA 166 -3.94 -15.78 46.68
CA PHE LA 166 -4.23 -14.46 47.23
C PHE LA 166 -4.42 -14.53 48.73
N LYS LA 167 -5.08 -15.58 49.21
CA LYS LA 167 -5.36 -15.74 50.64
C LYS LA 167 -4.17 -16.29 51.41
N SER LA 168 -3.02 -16.50 50.76
CA SER LA 168 -1.80 -16.91 51.45
C SER LA 168 -1.24 -15.68 52.15
N ALA LA 169 -1.85 -15.35 53.29
CA ALA LA 169 -1.52 -14.12 53.98
C ALA LA 169 -0.21 -14.24 54.75
N GLU LA 170 0.00 -15.38 55.42
CA GLU LA 170 1.18 -15.54 56.27
C GLU LA 170 2.46 -15.44 55.44
N SER LA 171 2.40 -15.84 54.18
CA SER LA 171 3.55 -15.69 53.30
C SER LA 171 3.74 -14.22 52.90
N ARG LA 172 2.66 -13.52 52.60
CA ARG LA 172 2.76 -12.17 52.07
C ARG LA 172 3.36 -11.22 53.10
N LEU LA 173 3.01 -11.37 54.37
CA LEU LA 173 3.66 -10.60 55.42
C LEU LA 173 5.15 -10.94 55.47
N ASN LA 174 5.50 -12.19 55.20
CA ASN LA 174 6.87 -12.62 55.29
C ASN LA 174 7.75 -11.93 54.25
N HIS LA 175 7.21 -11.73 53.05
CA HIS LA 175 7.99 -11.15 51.96
C HIS LA 175 7.96 -9.63 51.99
N HIS LA 176 6.79 -9.06 52.27
CA HIS LA 176 6.67 -7.60 52.29
C HIS LA 176 7.54 -6.99 53.38
N LEU LA 177 7.45 -7.51 54.60
CA LEU LA 177 8.26 -6.99 55.68
C LEU LA 177 9.74 -7.16 55.41
N ALA LA 178 10.15 -8.38 55.07
CA ALA LA 178 11.57 -8.63 54.84
C ALA LA 178 12.04 -8.01 53.54
N GLY LA 179 11.27 -8.16 52.47
CA GLY LA 179 11.70 -7.74 51.15
C GLY LA 179 11.31 -6.33 50.78
N LEU LA 180 10.02 -6.00 50.86
CA LEU LA 180 9.57 -4.70 50.38
C LEU LA 180 10.01 -3.59 51.33
N PHE LA 181 9.86 -3.81 52.64
CA PHE LA 181 10.33 -2.85 53.63
C PHE LA 181 11.83 -2.98 53.87
N GLY LA 182 12.29 -4.20 54.14
CA GLY LA 182 13.66 -4.38 54.60
C GLY LA 182 14.69 -4.14 53.51
N VAL LA 183 14.64 -4.94 52.44
CA VAL LA 183 15.66 -4.86 51.40
C VAL LA 183 15.65 -3.49 50.74
N SER LA 184 14.46 -2.92 50.53
CA SER LA 184 14.37 -1.58 49.99
C SER LA 184 14.99 -0.57 50.94
N SER LA 185 14.83 -0.79 52.25
CA SER LA 185 15.50 0.05 53.23
C SER LA 185 16.99 -0.23 53.25
N LEU LA 186 17.37 -1.49 53.10
CA LEU LA 186 18.79 -1.84 53.04
C LEU LA 186 19.43 -1.26 51.80
N ALA LA 187 18.74 -1.33 50.67
CA ALA LA 187 19.29 -0.79 49.43
C ALA LA 187 19.49 0.71 49.52
N TRP LA 188 18.57 1.41 50.19
CA TRP LA 188 18.66 2.86 50.25
C TRP LA 188 19.90 3.30 51.00
N ALA LA 189 20.29 2.55 52.03
CA ALA LA 189 21.55 2.84 52.71
C ALA LA 189 22.73 2.68 51.76
N GLY LA 190 22.59 1.82 50.75
CA GLY LA 190 23.64 1.68 49.77
C GLY LA 190 23.81 2.92 48.93
N HIS LA 191 22.71 3.47 48.40
CA HIS LA 191 22.80 4.68 47.59
C HIS LA 191 23.33 5.85 48.40
N LEU LA 192 22.86 5.97 49.65
CA LEU LA 192 23.30 7.07 50.49
C LEU LA 192 24.81 6.99 50.73
N ILE LA 193 25.34 5.77 50.82
CA ILE LA 193 26.75 5.58 51.15
C ILE LA 193 27.60 5.64 49.89
N HIS LA 194 27.09 5.08 48.79
CA HIS LA 194 27.91 4.98 47.58
C HIS LA 194 27.80 6.24 46.73
N VAL LA 195 26.66 6.91 46.78
CA VAL LA 195 26.36 8.03 45.88
C VAL LA 195 26.18 9.33 46.64
N ALA LA 196 25.20 9.38 47.56
CA ALA LA 196 24.78 10.65 48.12
C ALA LA 196 25.85 11.25 49.03
N ILE LA 197 26.34 10.46 49.98
CA ILE LA 197 27.29 10.96 50.98
C ILE LA 197 28.60 11.34 50.29
N PRO LA 198 29.14 10.53 49.37
CA PRO LA 198 30.30 11.01 48.60
C PRO LA 198 30.03 12.29 47.83
N GLU LA 199 28.88 12.36 47.14
CA GLU LA 199 28.56 13.55 46.35
C GLU LA 199 28.45 14.79 47.23
N SER LA 200 27.98 14.62 48.47
CA SER LA 200 27.99 15.73 49.42
C SER LA 200 29.41 16.13 49.79
N ARG LA 201 30.33 15.17 49.74
CA ARG LA 201 31.72 15.44 50.13
C ARG LA 201 32.54 15.93 48.94
N GLY LA 202 32.00 15.84 47.72
CA GLY LA 202 32.63 16.40 46.54
C GLY LA 202 32.93 15.38 45.46
N GLN LA 203 33.22 14.15 45.87
CA GLN LA 203 33.54 13.11 44.91
C GLN LA 203 32.32 12.77 44.05
N HIS LA 204 32.54 12.68 42.76
CA HIS LA 204 31.51 12.30 41.80
C HIS LA 204 31.51 10.79 41.64
N VAL LA 205 30.42 10.15 42.05
CA VAL LA 205 30.25 8.71 41.95
C VAL LA 205 29.05 8.44 41.05
N GLY LA 206 29.24 7.61 40.05
CA GLY LA 206 28.18 7.22 39.15
C GLY LA 206 28.35 5.81 38.64
N TRP LA 207 27.51 5.42 37.68
CA TRP LA 207 27.55 4.06 37.14
C TRP LA 207 28.91 3.76 36.50
N ASP LA 208 29.61 4.79 36.05
CA ASP LA 208 30.91 4.59 35.42
C ASP LA 208 31.94 4.06 36.40
N ASN LA 209 31.87 4.50 37.66
CA ASN LA 209 32.98 4.34 38.60
C ASN LA 209 32.56 3.84 39.98
N PHE LA 210 31.28 3.51 40.20
CA PHE LA 210 30.87 3.08 41.54
C PHE LA 210 31.45 1.72 41.89
N LEU LA 211 31.73 0.90 40.88
CA LEU LA 211 32.39 -0.39 41.13
C LEU LA 211 33.85 -0.19 41.52
N SER LA 212 34.49 0.84 40.98
CA SER LA 212 35.91 1.06 41.26
C SER LA 212 36.11 1.77 42.59
N THR LA 213 35.59 2.99 42.70
CA THR LA 213 35.81 3.78 43.91
C THR LA 213 35.03 3.20 45.07
N ALA LA 214 35.61 3.29 46.26
CA ALA LA 214 35.04 2.74 47.48
C ALA LA 214 34.50 3.88 48.32
N PRO LA 215 33.39 3.68 49.07
CA PRO LA 215 32.87 4.76 49.89
C PRO LA 215 33.81 5.14 51.02
N HIS LA 216 34.26 4.15 51.77
CA HIS LA 216 35.16 4.32 52.90
C HIS LA 216 36.60 4.07 52.45
N PRO LA 217 37.60 4.70 53.09
CA PRO LA 217 38.98 4.36 52.72
C PRO LA 217 39.32 2.91 52.99
N ALA LA 218 39.10 2.44 54.22
CA ALA LA 218 39.15 1.01 54.47
C ALA LA 218 38.06 0.31 53.68
N GLY LA 219 38.35 -0.92 53.29
CA GLY LA 219 37.42 -1.70 52.50
C GLY LA 219 36.22 -2.17 53.30
N LEU LA 220 35.59 -3.23 52.81
CA LEU LA 220 34.51 -3.88 53.53
C LEU LA 220 35.01 -4.88 54.56
N GLN LA 221 36.32 -4.96 54.77
CA GLN LA 221 36.88 -5.94 55.71
C GLN LA 221 36.50 -5.69 57.16
N PRO LA 222 36.41 -4.44 57.66
CA PRO LA 222 35.90 -4.24 59.02
C PRO LA 222 34.52 -4.81 59.26
N PHE LA 223 33.65 -4.77 58.26
CA PHE LA 223 32.31 -5.31 58.44
C PHE LA 223 32.34 -6.82 58.59
N PHE LA 224 32.89 -7.52 57.59
CA PHE LA 224 32.98 -8.97 57.67
C PHE LA 224 33.82 -9.40 58.86
N THR LA 225 34.84 -8.61 59.21
CA THR LA 225 35.58 -8.85 60.44
C THR LA 225 34.66 -8.70 61.64
N GLY LA 226 34.04 -7.52 61.78
CA GLY LA 226 33.15 -7.21 62.89
C GLY LA 226 33.52 -5.95 63.64
N ASN LA 227 34.70 -5.37 63.42
CA ASN LA 227 35.09 -4.12 64.07
C ASN LA 227 34.37 -2.98 63.37
N TRP LA 228 33.09 -2.83 63.70
CA TRP LA 228 32.24 -1.86 63.02
C TRP LA 228 32.49 -0.43 63.46
N GLY LA 229 33.28 -0.22 64.52
CA GLY LA 229 33.52 1.12 64.99
C GLY LA 229 34.36 1.96 64.04
N VAL LA 230 35.03 1.30 63.08
CA VAL LA 230 35.91 2.00 62.15
C VAL LA 230 35.10 2.95 61.28
N TYR LA 231 33.87 2.57 60.93
CA TYR LA 231 33.09 3.34 59.98
C TYR LA 231 32.65 4.68 60.57
N ALA LA 232 32.64 4.79 61.89
CA ALA LA 232 32.23 6.02 62.58
C ALA LA 232 33.39 6.77 63.21
N GLN LA 233 34.59 6.67 62.64
CA GLN LA 233 35.76 7.26 63.27
C GLN LA 233 35.84 8.77 63.01
N ASN LA 234 35.88 9.16 61.74
CA ASN LA 234 36.05 10.56 61.34
C ASN LA 234 34.72 11.11 60.84
N PRO LA 235 33.92 11.82 61.65
CA PRO LA 235 32.67 12.37 61.14
C PRO LA 235 32.85 13.68 60.41
N ASP LA 236 31.84 14.12 59.67
CA ASP LA 236 31.88 15.41 59.02
C ASP LA 236 31.89 16.52 60.05
N THR LA 237 32.84 17.44 59.92
CA THR LA 237 32.94 18.54 60.85
C THR LA 237 31.74 19.47 60.72
N ALA LA 238 31.53 20.30 61.75
CA ALA LA 238 30.42 21.23 61.74
C ALA LA 238 30.55 22.24 60.61
N GLY LA 239 31.77 22.67 60.31
CA GLY LA 239 32.01 23.62 59.25
C GLY LA 239 32.18 22.97 57.90
N HIS LA 240 31.27 22.07 57.55
CA HIS LA 240 31.31 21.35 56.29
C HIS LA 240 30.33 21.98 55.32
N ILE LA 241 30.82 22.41 54.17
CA ILE LA 241 29.99 23.01 53.13
C ILE LA 241 29.50 21.88 52.24
N PHE LA 242 28.19 21.83 52.01
CA PHE LA 242 27.59 20.73 51.28
C PHE LA 242 28.10 20.67 49.85
N SER LA 243 28.25 19.46 49.33
CA SER LA 243 28.72 19.19 47.98
C SER LA 243 30.17 19.62 47.76
N THR LA 244 30.94 19.74 48.84
CA THR LA 244 32.36 20.06 48.76
C THR LA 244 33.11 19.22 49.77
N SER LA 245 34.44 19.30 49.71
CA SER LA 245 35.31 18.53 50.58
C SER LA 245 35.80 19.30 51.81
N GLN LA 246 35.51 20.60 51.89
CA GLN LA 246 35.96 21.38 53.04
C GLN LA 246 35.28 20.89 54.30
N GLY LA 247 36.07 20.62 55.34
CA GLY LA 247 35.55 20.13 56.59
C GLY LA 247 34.89 18.77 56.51
N ALA LA 248 35.17 17.99 55.48
CA ALA LA 248 34.54 16.70 55.31
C ALA LA 248 35.22 15.64 56.17
N GLY LA 249 34.67 14.43 56.12
CA GLY LA 249 35.22 13.30 56.82
C GLY LA 249 35.14 12.05 55.97
N THR LA 250 35.50 10.93 56.58
CA THR LA 250 35.46 9.63 55.93
C THR LA 250 34.35 8.73 56.45
N ALA LA 251 33.64 9.14 57.50
CA ALA LA 251 32.64 8.28 58.11
C ALA LA 251 31.42 8.14 57.20
N ILE LA 252 30.99 6.90 57.00
CA ILE LA 252 29.76 6.59 56.28
C ILE LA 252 28.60 6.31 57.22
N LEU LA 253 28.87 5.78 58.42
CA LEU LA 253 27.85 5.46 59.41
C LEU LA 253 28.22 6.15 60.71
N THR LA 254 27.25 6.84 61.31
CA THR LA 254 27.49 7.53 62.57
C THR LA 254 26.16 7.82 63.22
N PHE LA 255 26.22 8.36 64.43
CA PHE LA 255 25.04 8.65 65.25
C PHE LA 255 25.17 10.04 65.87
N LEU LA 256 25.56 11.01 65.04
CA LEU LA 256 25.76 12.36 65.53
C LEU LA 256 24.45 12.95 66.05
N GLY LA 257 23.34 12.61 65.42
CA GLY LA 257 22.02 12.82 65.99
C GLY LA 257 21.48 14.23 65.95
N GLY LA 258 22.27 15.20 65.50
CA GLY LA 258 21.83 16.58 65.45
C GLY LA 258 21.49 17.04 64.06
N PHE LA 259 21.46 18.36 63.85
CA PHE LA 259 21.23 18.95 62.54
C PHE LA 259 22.55 19.40 61.94
N HIS LA 260 22.65 19.29 60.62
CA HIS LA 260 23.76 19.86 59.91
C HIS LA 260 23.69 21.38 60.04
N PRO LA 261 24.80 22.07 60.39
CA PRO LA 261 24.68 23.53 60.59
C PRO LA 261 24.32 24.30 59.32
N GLN LA 262 25.02 24.03 58.22
CA GLN LA 262 24.80 24.80 57.00
C GLN LA 262 23.40 24.54 56.43
N THR LA 263 23.10 23.30 56.09
CA THR LA 263 21.83 22.99 55.44
C THR LA 263 20.66 23.08 56.41
N GLU LA 264 20.92 23.05 57.72
CA GLU LA 264 19.87 23.01 58.73
C GLU LA 264 18.96 21.80 58.50
N SER LA 265 19.58 20.69 58.12
CA SER LA 265 18.88 19.43 57.89
C SER LA 265 19.63 18.32 58.62
N LEU LA 266 19.07 17.12 58.56
CA LEU LA 266 19.67 15.99 59.24
C LEU LA 266 20.90 15.48 58.51
N TRP LA 267 21.81 14.87 59.26
CA TRP LA 267 23.04 14.35 58.67
C TRP LA 267 22.75 13.13 57.80
N LEU LA 268 23.34 13.12 56.60
CA LEU LA 268 23.18 11.98 55.72
C LEU LA 268 23.82 10.73 56.30
N THR LA 269 24.90 10.90 57.06
CA THR LA 269 25.57 9.77 57.68
C THR LA 269 24.64 9.05 58.65
N ASP LA 270 23.72 9.79 59.29
CA ASP LA 270 22.74 9.16 60.15
C ASP LA 270 21.67 8.44 59.33
N MET LA 271 21.30 9.03 58.18
CA MET LA 271 20.28 8.40 57.34
C MET LA 271 20.76 7.08 56.79
N ALA LA 272 22.06 6.97 56.50
CA ALA LA 272 22.61 5.70 56.06
C ALA LA 272 22.64 4.70 57.22
N HIS LA 273 23.12 5.15 58.38
CA HIS LA 273 23.04 4.35 59.60
C HIS LA 273 21.60 4.01 59.93
N HIS LA 274 20.68 4.89 59.58
CA HIS LA 274 19.28 4.74 59.97
C HIS LA 274 18.64 3.56 59.25
N HIS LA 275 18.62 3.58 57.92
CA HIS LA 275 17.87 2.59 57.16
C HIS LA 275 18.50 1.21 57.31
N LEU LA 276 19.80 1.16 57.59
CA LEU LA 276 20.47 -0.13 57.74
C LEU LA 276 19.94 -0.89 58.95
N ALA LA 277 19.76 -0.20 60.07
CA ALA LA 277 19.26 -0.86 61.27
C ALA LA 277 17.82 -1.30 61.09
N ILE LA 278 17.02 -0.47 60.44
CA ILE LA 278 15.60 -0.77 60.26
C ILE LA 278 15.43 -1.97 59.34
N ALA LA 279 16.28 -2.06 58.31
CA ALA LA 279 16.20 -3.21 57.41
C ALA LA 279 16.55 -4.50 58.14
N VAL LA 280 17.42 -4.42 59.14
CA VAL LA 280 17.77 -5.60 59.91
C VAL LA 280 16.57 -6.08 60.72
N LEU LA 281 15.85 -5.15 61.35
CA LEU LA 281 14.68 -5.54 62.13
C LEU LA 281 13.56 -6.03 61.24
N PHE LA 282 13.36 -5.38 60.09
CA PHE LA 282 12.29 -5.78 59.18
C PHE LA 282 12.54 -7.18 58.63
N ILE LA 283 13.79 -7.47 58.25
CA ILE LA 283 14.14 -8.81 57.82
C ILE LA 283 13.92 -9.79 58.97
N VAL LA 284 14.41 -9.45 60.16
CA VAL LA 284 14.17 -10.28 61.34
C VAL LA 284 12.68 -10.41 61.61
N ALA LA 285 11.93 -9.34 61.37
CA ALA LA 285 10.49 -9.38 61.60
C ALA LA 285 9.79 -10.29 60.59
N GLY LA 286 10.34 -10.39 59.39
CA GLY LA 286 9.68 -11.13 58.32
C GLY LA 286 9.55 -12.61 58.58
N HIS LA 287 10.51 -13.21 59.27
CA HIS LA 287 10.58 -14.65 59.42
C HIS LA 287 9.66 -15.20 60.51
N MET LA 288 8.64 -14.45 60.93
CA MET LA 288 7.81 -14.88 62.05
C MET LA 288 6.84 -15.98 61.65
N TYR LA 289 6.43 -16.02 60.38
CA TYR LA 289 5.16 -16.65 60.03
C TYR LA 289 5.33 -18.05 59.43
N ARG LA 290 4.19 -18.71 59.21
CA ARG LA 290 4.12 -20.17 59.16
C ARG LA 290 4.37 -20.70 57.75
N THR LA 291 4.88 -19.86 56.84
CA THR LA 291 4.96 -20.18 55.42
C THR LA 291 5.60 -21.54 55.13
N ASN LA 292 5.36 -22.07 53.92
CA ASN LA 292 5.31 -23.50 53.64
C ASN LA 292 6.42 -24.35 54.25
N PHE LA 293 7.58 -23.77 54.57
CA PHE LA 293 8.65 -24.53 55.20
C PHE LA 293 8.20 -25.18 56.51
N GLY LA 294 7.28 -24.52 57.22
CA GLY LA 294 6.75 -25.04 58.47
C GLY LA 294 7.25 -24.33 59.72
N ILE LA 295 8.35 -23.58 59.61
CA ILE LA 295 8.98 -22.94 60.75
C ILE LA 295 8.42 -21.53 60.95
N GLY LA 296 7.39 -21.40 61.77
CA GLY LA 296 6.89 -20.07 62.09
C GLY LA 296 5.53 -20.07 62.77
N HIS LA 297 5.01 -18.86 62.91
CA HIS LA 297 3.77 -18.61 63.64
C HIS LA 297 2.58 -18.63 62.70
N SER LA 298 1.52 -19.31 63.12
CA SER LA 298 0.25 -19.32 62.40
C SER LA 298 -0.69 -18.33 63.08
N ILE LA 299 -1.11 -17.31 62.33
CA ILE LA 299 -1.94 -16.26 62.92
C ILE LA 299 -3.29 -16.83 63.31
N LYS LA 300 -3.82 -17.76 62.52
CA LYS LA 300 -5.11 -18.36 62.83
C LYS LA 300 -5.05 -19.15 64.12
N GLU LA 301 -3.95 -19.88 64.33
CA GLU LA 301 -3.79 -20.61 65.58
C GLU LA 301 -3.68 -19.67 66.76
N MET LA 302 -2.99 -18.54 66.58
CA MET LA 302 -2.85 -17.57 67.65
C MET LA 302 -4.19 -16.92 67.97
N MET LA 303 -5.02 -16.70 66.94
CA MET LA 303 -6.31 -16.06 67.14
C MET LA 303 -7.29 -17.00 67.83
N ASN LA 304 -7.31 -18.26 67.42
CA ASN LA 304 -8.21 -19.25 68.00
C ASN LA 304 -7.67 -19.89 69.28
N ALA LA 305 -6.55 -19.40 69.81
CA ALA LA 305 -6.00 -19.97 71.02
C ALA LA 305 -6.92 -19.70 72.21
N LYS LA 306 -7.04 -20.69 73.10
CA LYS LA 306 -7.87 -20.58 74.30
C LYS LA 306 -7.13 -21.05 75.55
N THR LA 307 -5.80 -21.10 75.51
CA THR LA 307 -5.00 -21.64 76.60
C THR LA 307 -3.71 -20.87 76.74
N PHE LA 308 -3.44 -20.39 77.95
CA PHE LA 308 -2.16 -19.81 78.33
C PHE LA 308 -1.31 -20.99 78.78
N PHE LA 309 -0.22 -20.72 79.47
CA PHE LA 309 0.70 -21.72 80.02
C PHE LA 309 -0.14 -22.81 80.70
N GLY LA 310 -0.97 -22.48 81.69
CA GLY LA 310 -1.87 -23.47 82.26
C GLY LA 310 -3.32 -23.02 82.29
N LYS LA 311 -3.54 -21.71 82.31
CA LYS LA 311 -4.89 -21.20 82.56
C LYS LA 311 -5.71 -21.23 81.27
N PRO LA 312 -6.96 -21.77 81.30
CA PRO LA 312 -7.80 -21.67 80.09
C PRO LA 312 -8.36 -20.27 79.88
N VAL LA 313 -7.56 -19.41 79.26
CA VAL LA 313 -8.00 -18.06 78.96
C VAL LA 313 -8.96 -18.07 77.78
N GLU LA 314 -9.79 -17.04 77.71
CA GLU LA 314 -10.71 -16.89 76.58
C GLU LA 314 -9.98 -16.58 75.27
N GLY LA 315 -8.73 -16.13 75.36
CA GLY LA 315 -7.97 -15.77 74.19
C GLY LA 315 -6.80 -14.88 74.56
N PRO LA 316 -6.21 -14.22 73.56
CA PRO LA 316 -5.18 -13.22 73.85
C PRO LA 316 -5.72 -12.11 74.75
N PHE LA 317 -5.00 -11.83 75.82
CA PHE LA 317 -5.47 -10.94 76.88
C PHE LA 317 -6.83 -11.39 77.42
N ASN LA 318 -7.05 -12.72 77.42
CA ASN LA 318 -8.37 -13.34 77.62
C ASN LA 318 -9.48 -12.55 76.94
N MET LA 319 -9.27 -12.25 75.66
CA MET LA 319 -10.27 -11.62 74.79
C MET LA 319 -10.51 -12.53 73.60
N PRO LA 320 -11.77 -12.79 73.21
CA PRO LA 320 -12.04 -13.82 72.18
C PRO LA 320 -11.84 -13.27 70.78
N HIS LA 321 -10.78 -13.71 70.12
CA HIS LA 321 -10.48 -13.39 68.73
C HIS LA 321 -10.70 -14.61 67.85
N GLN LA 322 -11.75 -15.38 68.15
CA GLN LA 322 -11.88 -16.72 67.60
C GLN LA 322 -12.05 -16.71 66.08
N GLY LA 323 -12.60 -15.63 65.52
CA GLY LA 323 -12.91 -15.57 64.10
C GLY LA 323 -12.44 -14.30 63.42
N ILE LA 324 -11.31 -13.76 63.87
CA ILE LA 324 -10.81 -12.50 63.31
C ILE LA 324 -9.98 -12.77 62.06
N TYR LA 325 -9.31 -13.93 62.01
CA TYR LA 325 -8.42 -14.22 60.88
C TYR LA 325 -9.20 -14.36 59.59
N ASP LA 326 -10.20 -15.25 59.58
CA ASP LA 326 -11.02 -15.42 58.40
C ASP LA 326 -11.76 -14.14 58.05
N THR LA 327 -12.13 -13.36 59.07
CA THR LA 327 -12.80 -12.09 58.84
C THR LA 327 -11.88 -11.12 58.10
N TYR LA 328 -10.63 -11.03 58.54
CA TYR LA 328 -9.67 -10.13 57.90
C TYR LA 328 -9.37 -10.57 56.47
N ASN LA 329 -9.17 -11.87 56.27
CA ASN LA 329 -8.62 -12.36 55.01
C ASN LA 329 -9.70 -12.49 53.95
N ASN LA 330 -10.91 -12.92 54.35
CA ASN LA 330 -11.94 -13.22 53.38
C ASN LA 330 -12.52 -11.94 52.77
N SER LA 331 -12.77 -10.92 53.59
CA SER LA 331 -13.36 -9.66 53.15
C SER LA 331 -12.24 -8.69 52.81
N LEU LA 332 -12.36 -8.05 51.65
CA LEU LA 332 -11.36 -7.09 51.20
C LEU LA 332 -11.60 -5.72 51.81
N HIS LA 333 -12.85 -5.34 52.01
CA HIS LA 333 -13.15 -4.03 52.58
C HIS LA 333 -12.61 -3.91 54.00
N PHE LA 334 -12.58 -5.03 54.73
CA PHE LA 334 -11.97 -5.03 56.05
C PHE LA 334 -10.47 -4.74 55.95
N GLN LA 335 -9.79 -5.38 55.00
CA GLN LA 335 -8.37 -5.09 54.77
C GLN LA 335 -8.18 -3.65 54.35
N LEU LA 336 -8.95 -3.21 53.35
CA LEU LA 336 -8.80 -1.87 52.82
C LEU LA 336 -9.11 -0.81 53.86
N GLY LA 337 -10.19 -1.01 54.63
CA GLY LA 337 -10.49 -0.09 55.71
C GLY LA 337 -9.39 -0.05 56.75
N TRP LA 338 -8.75 -1.19 56.99
CA TRP LA 338 -7.66 -1.24 57.96
C TRP LA 338 -6.40 -0.61 57.41
N HIS LA 339 -6.01 -1.00 56.18
CA HIS LA 339 -4.76 -0.51 55.61
C HIS LA 339 -4.81 1.00 55.38
N LEU LA 340 -5.99 1.53 55.05
CA LEU LA 340 -6.12 2.96 54.83
C LEU LA 340 -5.89 3.74 56.12
N ALA LA 341 -6.44 3.24 57.23
CA ALA LA 341 -6.25 3.92 58.51
C ALA LA 341 -4.79 3.88 58.93
N CYS LA 342 -4.12 2.74 58.71
CA CYS LA 342 -2.69 2.66 59.02
C CYS LA 342 -1.90 3.63 58.15
N LEU LA 343 -2.28 3.76 56.88
CA LEU LA 343 -1.60 4.69 55.99
C LEU LA 343 -1.99 6.12 56.29
N GLY LA 344 -3.24 6.34 56.72
CA GLY LA 344 -3.66 7.69 57.04
C GLY LA 344 -2.92 8.26 58.24
N VAL LA 345 -2.62 7.42 59.22
CA VAL LA 345 -1.84 7.86 60.36
C VAL LA 345 -0.41 8.17 59.92
N VAL LA 346 0.17 7.31 59.10
CA VAL LA 346 1.55 7.49 58.66
C VAL LA 346 1.68 8.78 57.85
N THR LA 347 0.62 9.15 57.11
CA THR LA 347 0.68 10.37 56.33
C THR LA 347 0.80 11.59 57.21
N SER LA 348 0.00 11.67 58.28
CA SER LA 348 0.17 12.74 59.26
C SER LA 348 1.52 12.62 59.95
N TRP LA 349 1.97 11.39 60.21
CA TRP LA 349 3.25 11.19 60.85
C TRP LA 349 4.38 11.80 60.02
N VAL LA 350 4.28 11.69 58.70
CA VAL LA 350 5.24 12.35 57.83
C VAL LA 350 5.22 13.85 58.06
N ALA LA 351 4.03 14.44 57.96
CA ALA LA 351 3.90 15.89 58.00
C ALA LA 351 4.39 16.45 59.32
N GLN LA 352 4.10 15.76 60.43
CA GLN LA 352 4.49 16.26 61.74
C GLN LA 352 6.01 16.33 61.90
N HIS LA 353 6.75 15.59 61.08
CA HIS LA 353 8.20 15.53 61.22
C HIS LA 353 8.91 16.45 60.25
N MET LA 354 8.42 16.53 59.00
CA MET LA 354 9.22 17.11 57.92
C MET LA 354 9.52 18.58 58.14
N TYR LA 355 8.69 19.28 58.93
CA TYR LA 355 8.98 20.67 59.26
C TYR LA 355 9.90 20.76 60.47
N SER LA 356 9.77 19.82 61.42
CA SER LA 356 10.56 19.86 62.64
C SER LA 356 11.91 19.22 62.44
N LEU LA 357 11.97 18.17 61.61
CA LEU LA 357 13.19 17.41 61.36
C LEU LA 357 13.39 17.34 59.85
N PRO LA 358 13.71 18.46 59.22
CA PRO LA 358 13.91 18.45 57.77
C PRO LA 358 15.12 17.61 57.39
N SER LA 359 14.90 16.66 56.49
CA SER LA 359 15.94 15.77 56.00
C SER LA 359 16.65 16.33 54.78
N TYR LA 360 15.93 17.06 53.94
CA TYR LA 360 16.49 17.56 52.70
C TYR LA 360 17.18 18.90 52.91
N ALA LA 361 18.21 19.16 52.11
CA ALA LA 361 19.09 20.29 52.34
C ALA LA 361 18.43 21.60 51.92
N PHE LA 362 18.56 22.61 52.77
CA PHE LA 362 18.12 23.97 52.48
C PHE LA 362 16.60 24.07 52.28
N ILE LA 363 15.85 23.06 52.71
CA ILE LA 363 14.40 23.09 52.56
C ILE LA 363 13.76 23.90 53.66
N ALA LA 364 14.41 24.01 54.82
CA ALA LA 364 13.86 24.79 55.92
C ALA LA 364 13.78 26.27 55.56
N LYS LA 365 14.78 26.78 54.83
CA LYS LA 365 14.79 28.18 54.46
C LYS LA 365 13.83 28.48 53.31
N ASP LA 366 13.46 27.47 52.52
CA ASP LA 366 12.42 27.62 51.50
C ASP LA 366 11.09 27.51 52.23
N TYR LA 367 10.62 28.65 52.73
CA TYR LA 367 9.47 28.66 53.64
C TYR LA 367 8.20 28.21 52.93
N THR LA 368 8.14 28.32 51.61
CA THR LA 368 6.92 27.99 50.89
C THR LA 368 6.77 26.48 50.73
N THR LA 369 7.85 25.79 50.35
CA THR LA 369 7.77 24.34 50.20
C THR LA 369 7.45 23.66 51.53
N GLN LA 370 7.96 24.21 52.62
CA GLN LA 370 7.71 23.60 53.93
C GLN LA 370 6.24 23.71 54.31
N ALA LA 371 5.54 24.73 53.80
CA ALA LA 371 4.14 24.91 54.12
C ALA LA 371 3.26 24.07 53.21
N ALA LA 372 3.53 24.10 51.91
CA ALA LA 372 2.72 23.34 50.96
C ALA LA 372 2.86 21.84 51.21
N LEU LA 373 4.04 21.41 51.65
CA LEU LA 373 4.25 19.99 51.91
C LEU LA 373 3.48 19.54 53.15
N TYR LA 374 3.47 20.38 54.19
CA TYR LA 374 2.69 20.04 55.37
C TYR LA 374 1.20 20.00 55.05
N THR LA 375 0.70 21.07 54.43
CA THR LA 375 -0.73 21.13 54.11
C THR LA 375 -1.12 20.04 53.12
N HIS LA 376 -0.18 19.63 52.27
CA HIS LA 376 -0.47 18.56 51.32
C HIS LA 376 -0.76 17.25 52.03
N HIS LA 377 0.19 16.76 52.82
CA HIS LA 377 0.09 15.42 53.37
C HIS LA 377 -1.05 15.30 54.38
N GLN LA 378 -1.29 16.36 55.16
CA GLN LA 378 -2.34 16.28 56.17
C GLN LA 378 -3.72 16.17 55.53
N TYR LA 379 -3.94 16.89 54.44
CA TYR LA 379 -5.18 16.73 53.69
C TYR LA 379 -5.31 15.30 53.20
N ILE LA 380 -4.20 14.71 52.74
CA ILE LA 380 -4.22 13.32 52.30
C ILE LA 380 -4.50 12.39 53.46
N ALA LA 381 -4.04 12.75 54.66
CA ALA LA 381 -4.27 11.91 55.82
C ALA LA 381 -5.75 11.83 56.15
N ILE LA 382 -6.47 12.93 55.92
CA ILE LA 382 -7.91 12.95 56.17
C ILE LA 382 -8.62 11.93 55.32
N PHE LA 383 -8.46 12.02 54.00
CA PHE LA 383 -9.18 11.12 53.10
C PHE LA 383 -8.83 9.66 53.39
N LEU LA 384 -7.56 9.39 53.63
CA LEU LA 384 -7.15 8.03 53.97
C LEU LA 384 -7.76 7.60 55.29
N MET LA 385 -7.88 8.52 56.24
CA MET LA 385 -8.53 8.19 57.51
C MET LA 385 -10.04 8.17 57.36
N VAL LA 386 -10.59 9.10 56.59
CA VAL LA 386 -12.04 9.14 56.45
C VAL LA 386 -12.50 8.00 55.56
N GLY LA 387 -11.69 7.63 54.57
CA GLY LA 387 -12.06 6.52 53.71
C GLY LA 387 -12.06 5.19 54.43
N ALA LA 388 -11.27 5.09 55.50
CA ALA LA 388 -11.16 3.84 56.25
C ALA LA 388 -12.50 3.44 56.86
N PHE LA 389 -13.17 4.38 57.52
CA PHE LA 389 -14.44 4.07 58.16
C PHE LA 389 -15.53 3.82 57.13
N ALA LA 390 -15.42 4.46 55.97
CA ALA LA 390 -16.38 4.19 54.90
C ALA LA 390 -16.32 2.73 54.48
N HIS LA 391 -15.13 2.18 54.37
CA HIS LA 391 -14.99 0.77 54.02
C HIS LA 391 -15.30 -0.13 55.21
N GLY LA 392 -14.97 0.33 56.42
CA GLY LA 392 -15.40 -0.40 57.60
C GLY LA 392 -16.90 -0.47 57.70
N ALA LA 393 -17.59 0.56 57.23
CA ALA LA 393 -19.04 0.55 57.21
C ALA LA 393 -19.56 -0.36 56.09
N ILE LA 394 -18.86 -0.39 54.96
CA ILE LA 394 -19.27 -1.28 53.88
C ILE LA 394 -19.09 -2.74 54.29
N PHE LA 395 -18.05 -3.03 55.07
CA PHE LA 395 -17.83 -4.38 55.57
C PHE LA 395 -19.00 -4.87 56.41
N LEU LA 396 -19.48 -4.04 57.31
CA LEU LA 396 -20.57 -4.44 58.21
C LEU LA 396 -21.86 -4.69 57.45
N VAL LA 397 -21.96 -4.17 56.23
CA VAL LA 397 -23.16 -4.37 55.43
C VAL LA 397 -23.06 -5.67 54.63
N ARG LA 398 -22.09 -5.74 53.71
CA ARG LA 398 -22.07 -6.78 52.68
C ARG LA 398 -21.07 -7.90 52.91
N ASP LA 399 -20.30 -7.88 54.00
CA ASP LA 399 -19.32 -8.91 54.27
C ASP LA 399 -19.35 -9.47 55.68
N TYR LA 400 -19.90 -8.74 56.65
CA TYR LA 400 -19.92 -9.21 58.03
C TYR LA 400 -20.92 -10.34 58.19
N ASP LA 401 -20.42 -11.50 58.64
CA ASP LA 401 -21.24 -12.68 58.91
C ASP LA 401 -21.32 -12.88 60.42
N PRO LA 402 -22.45 -12.64 61.08
CA PRO LA 402 -22.45 -12.78 62.55
C PRO LA 402 -22.29 -14.21 63.02
N GLU LA 403 -22.65 -15.19 62.18
CA GLU LA 403 -22.59 -16.58 62.61
C GLU LA 403 -21.14 -17.05 62.76
N GLN LA 404 -20.27 -16.59 61.85
CA GLN LA 404 -18.87 -16.98 61.92
C GLN LA 404 -18.18 -16.33 63.10
N ASN LA 405 -18.50 -15.08 63.40
CA ASN LA 405 -17.88 -14.37 64.51
C ASN LA 405 -18.32 -14.96 65.84
N LYS LA 406 -19.61 -14.83 66.16
CA LYS LA 406 -20.27 -15.53 67.26
C LYS LA 406 -19.53 -15.37 68.60
N GLY LA 407 -19.51 -14.15 69.12
CA GLY LA 407 -18.98 -13.89 70.45
C GLY LA 407 -17.56 -13.37 70.49
N ASN LA 408 -16.96 -13.09 69.34
CA ASN LA 408 -15.62 -12.53 69.33
C ASN LA 408 -15.64 -11.07 69.77
N VAL LA 409 -14.48 -10.43 69.66
CA VAL LA 409 -14.38 -9.02 70.04
C VAL LA 409 -15.26 -8.15 69.16
N LEU LA 410 -15.30 -8.44 67.86
CA LEU LA 410 -16.02 -7.58 66.93
C LEU LA 410 -17.51 -7.55 67.23
N GLU LA 411 -18.10 -8.72 67.47
CA GLU LA 411 -19.50 -8.76 67.86
C GLU LA 411 -19.73 -8.08 69.19
N ARG LA 412 -18.72 -8.11 70.07
CA ARG LA 412 -18.87 -7.51 71.39
C ARG LA 412 -18.96 -5.99 71.28
N VAL LA 413 -18.36 -5.41 70.25
CA VAL LA 413 -18.45 -3.97 70.04
C VAL LA 413 -19.88 -3.60 69.64
N LEU LA 414 -20.49 -4.37 68.75
CA LEU LA 414 -21.82 -4.06 68.27
C LEU LA 414 -22.86 -4.19 69.38
N GLN LA 415 -22.52 -4.90 70.46
CA GLN LA 415 -23.48 -5.11 71.53
C GLN LA 415 -23.67 -3.86 72.37
N HIS LA 416 -22.59 -3.12 72.62
CA HIS LA 416 -22.61 -1.91 73.44
C HIS LA 416 -22.28 -0.66 72.63
N LYS LA 417 -22.64 -0.64 71.35
CA LYS LA 417 -22.31 0.48 70.48
C LYS LA 417 -22.97 1.78 70.97
N GLU LA 418 -24.11 1.66 71.67
CA GLU LA 418 -24.78 2.84 72.18
C GLU LA 418 -23.89 3.61 73.14
N ALA LA 419 -23.10 2.89 73.95
CA ALA LA 419 -22.19 3.56 74.87
C ALA LA 419 -21.03 4.20 74.11
N ILE LA 420 -20.62 3.61 73.01
CA ILE LA 420 -19.53 4.16 72.22
C ILE LA 420 -19.96 5.47 71.57
N ILE LA 421 -21.14 5.46 70.95
CA ILE LA 421 -21.63 6.65 70.27
C ILE LA 421 -22.05 7.71 71.28
N SER LA 422 -22.61 7.29 72.42
CA SER LA 422 -23.09 8.26 73.40
C SER LA 422 -21.95 9.03 74.03
N HIS LA 423 -20.93 8.32 74.51
CA HIS LA 423 -19.84 8.98 75.23
C HIS LA 423 -19.03 9.87 74.30
N LEU LA 424 -18.95 9.50 73.02
CA LEU LA 424 -18.30 10.39 72.05
C LEU LA 424 -19.05 11.70 71.94
N SER LA 425 -20.39 11.66 71.99
CA SER LA 425 -21.18 12.88 71.93
C SER LA 425 -20.88 13.78 73.13
N TRP LA 426 -20.71 13.18 74.31
CA TRP LA 426 -20.37 13.97 75.48
C TRP LA 426 -19.01 14.63 75.33
N VAL LA 427 -18.03 13.89 74.80
CA VAL LA 427 -16.69 14.45 74.61
C VAL LA 427 -16.73 15.60 73.62
N SER LA 428 -17.46 15.41 72.52
CA SER LA 428 -17.56 16.46 71.52
C SER LA 428 -18.30 17.67 72.08
N LEU LA 429 -19.35 17.43 72.86
CA LEU LA 429 -20.07 18.53 73.50
C LEU LA 429 -19.24 19.14 74.62
N PHE LA 430 -18.58 18.31 75.42
CA PHE LA 430 -17.80 18.82 76.55
C PHE LA 430 -16.66 19.71 76.08
N LEU LA 431 -16.15 19.46 74.87
CA LEU LA 431 -15.06 20.25 74.35
C LEU LA 431 -15.54 21.59 73.80
N GLY LA 432 -16.58 21.55 72.96
CA GLY LA 432 -16.92 22.73 72.18
C GLY LA 432 -17.59 23.82 72.99
N PHE LA 433 -18.42 23.44 73.96
CA PHE LA 433 -19.00 24.43 74.87
C PHE LA 433 -17.91 25.21 75.60
N HIS LA 434 -16.82 24.52 75.94
CA HIS LA 434 -15.77 25.11 76.74
C HIS LA 434 -14.70 25.74 75.85
N THR LA 435 -14.33 25.06 74.77
CA THR LA 435 -13.34 25.59 73.86
C THR LA 435 -13.85 26.89 73.22
N LEU LA 436 -15.10 26.88 72.76
CA LEU LA 436 -15.67 28.08 72.15
C LEU LA 436 -15.77 29.21 73.16
N GLY LA 437 -16.47 28.98 74.27
CA GLY LA 437 -16.79 30.06 75.18
C GLY LA 437 -15.56 30.73 75.77
N LEU LA 438 -14.43 30.03 75.79
CA LEU LA 438 -13.17 30.67 76.17
C LEU LA 438 -12.71 31.63 75.08
N TYR LA 439 -12.82 31.21 73.82
CA TYR LA 439 -12.53 32.13 72.72
C TYR LA 439 -13.48 33.31 72.75
N VAL LA 440 -14.77 33.06 72.99
CA VAL LA 440 -15.75 34.15 73.00
C VAL LA 440 -15.57 35.03 74.21
N HIS LA 441 -15.23 34.45 75.37
CA HIS LA 441 -14.96 35.25 76.56
C HIS LA 441 -13.77 36.17 76.33
N ASN LA 442 -12.69 35.61 75.78
CA ASN LA 442 -11.51 36.42 75.52
C ASN LA 442 -11.76 37.43 74.41
N ASP LA 443 -12.56 37.05 73.41
CA ASP LA 443 -12.81 37.94 72.29
C ASP LA 443 -13.65 39.13 72.73
N VAL LA 444 -14.71 38.88 73.49
CA VAL LA 444 -15.54 39.95 74.02
C VAL LA 444 -14.74 40.82 74.97
N VAL LA 445 -14.05 40.20 75.91
CA VAL LA 445 -13.39 40.94 76.97
C VAL LA 445 -12.22 41.75 76.42
N VAL LA 446 -11.64 41.30 75.32
CA VAL LA 446 -10.62 42.09 74.63
C VAL LA 446 -11.29 43.21 73.83
N ALA LA 447 -12.46 42.94 73.26
CA ALA LA 447 -13.19 43.97 72.54
C ALA LA 447 -13.60 45.09 73.48
N PHE LA 448 -13.76 44.79 74.77
CA PHE LA 448 -14.03 45.78 75.80
C PHE LA 448 -12.74 46.34 76.42
N GLY LA 449 -11.63 46.33 75.68
CA GLY LA 449 -10.43 47.01 76.10
C GLY LA 449 -9.85 46.55 77.41
N THR LA 450 -10.03 45.27 77.76
CA THR LA 450 -9.51 44.70 79.01
C THR LA 450 -8.91 43.35 78.71
N PRO LA 451 -7.80 43.29 77.97
CA PRO LA 451 -7.22 41.97 77.66
C PRO LA 451 -6.65 41.26 78.87
N GLU LA 452 -6.28 42.02 79.91
CA GLU LA 452 -5.77 41.40 81.14
C GLU LA 452 -6.79 40.45 81.76
N LYS LA 453 -8.08 40.69 81.52
CA LYS LA 453 -9.15 39.86 82.03
C LYS LA 453 -9.36 38.59 81.22
N GLN LA 454 -8.53 38.33 80.22
CA GLN LA 454 -8.67 37.11 79.43
C GLN LA 454 -8.42 35.88 80.26
N ILE LA 455 -8.93 34.75 79.79
CA ILE LA 455 -8.62 33.44 80.37
C ILE LA 455 -7.47 32.88 79.55
N LEU LA 456 -6.25 33.21 79.96
CA LEU LA 456 -5.03 32.65 79.39
C LEU LA 456 -4.48 31.62 80.35
N ILE LA 457 -4.31 30.39 79.86
CA ILE LA 457 -3.78 29.29 80.67
C ILE LA 457 -2.67 28.61 79.89
N GLU LA 458 -1.60 28.25 80.59
CA GLU LA 458 -0.38 27.82 79.92
C GLU LA 458 -0.47 26.33 79.58
N PRO LA 459 0.05 25.90 78.41
CA PRO LA 459 0.12 24.44 78.16
C PRO LA 459 1.22 23.79 79.00
N VAL LA 460 0.90 23.55 80.27
CA VAL LA 460 1.92 23.17 81.25
C VAL LA 460 2.48 21.79 80.95
N PHE LA 461 1.63 20.77 80.97
CA PHE LA 461 2.15 19.41 80.88
C PHE LA 461 2.69 19.10 79.48
N ALA LA 462 2.29 19.89 78.48
CA ALA LA 462 2.90 19.76 77.17
C ALA LA 462 4.32 20.33 77.16
N GLN LA 463 4.53 21.41 77.93
CA GLN LA 463 5.88 21.94 78.07
C GLN LA 463 6.78 20.97 78.83
N PHE LA 464 6.19 20.16 79.71
CA PHE LA 464 6.94 19.12 80.39
C PHE LA 464 7.47 18.09 79.40
N ILE LA 465 6.75 17.88 78.30
CA ILE LA 465 7.24 17.00 77.25
C ILE LA 465 8.45 17.62 76.56
N GLN LA 466 8.41 18.93 76.33
CA GLN LA 466 9.54 19.62 75.71
C GLN LA 466 10.69 19.75 76.68
N ALA LA 467 10.39 19.94 77.97
CA ALA LA 467 11.44 19.91 78.98
C ALA LA 467 11.98 18.50 79.17
N ALA LA 468 11.14 17.49 78.93
CA ALA LA 468 11.61 16.11 78.98
C ALA LA 468 12.61 15.82 77.87
N HIS LA 469 12.57 16.60 76.79
CA HIS LA 469 13.48 16.42 75.67
C HIS LA 469 14.75 17.26 75.78
N GLY LA 470 14.83 18.15 76.76
CA GLY LA 470 16.02 18.94 77.00
C GLY LA 470 15.88 20.42 76.73
N LYS LA 471 14.67 20.96 76.68
CA LYS LA 471 14.46 22.38 76.45
C LYS LA 471 14.60 23.12 77.77
N VAL LA 472 15.56 24.06 77.81
CA VAL LA 472 15.86 24.79 79.04
C VAL LA 472 15.03 26.06 79.18
N LEU LA 473 14.27 26.45 78.15
CA LEU LA 473 13.60 27.74 78.16
C LEU LA 473 12.55 27.83 79.26
N TYR LA 474 11.85 26.72 79.52
CA TYR LA 474 10.79 26.75 80.53
C TYR LA 474 11.37 26.70 81.94
N GLY LA 475 12.52 26.06 82.11
CA GLY LA 475 13.19 26.02 83.39
C GLY LA 475 12.70 24.96 84.34
N LEU LA 476 12.00 23.93 83.84
CA LEU LA 476 11.48 22.90 84.73
C LEU LA 476 12.61 22.05 85.31
N ASP LA 477 13.68 21.84 84.54
CA ASP LA 477 14.83 21.05 85.00
C ASP LA 477 14.43 19.60 85.24
N THR LA 478 13.60 19.07 84.36
CA THR LA 478 13.09 17.71 84.44
C THR LA 478 14.04 16.76 83.71
N LEU LA 479 13.57 15.54 83.43
CA LEU LA 479 14.34 14.54 82.69
C LEU LA 479 14.96 15.13 81.44
N LEU LA 480 16.27 14.92 81.28
CA LEU LA 480 17.05 15.27 80.10
C LEU LA 480 17.32 16.78 80.00
N SER LA 481 16.73 17.60 80.87
CA SER LA 481 17.20 18.95 81.11
C SER LA 481 18.01 19.06 82.39
N ASN LA 482 17.84 18.13 83.32
CA ASN LA 482 18.68 18.04 84.50
C ASN LA 482 19.93 17.26 84.14
N PRO LA 483 21.14 17.82 84.22
CA PRO LA 483 22.31 17.03 83.82
C PRO LA 483 22.57 15.84 84.73
N ASP LA 484 22.06 15.88 85.97
CA ASP LA 484 22.32 14.81 86.92
C ASP LA 484 21.30 13.68 86.79
N SER LA 485 20.22 13.88 86.05
CA SER LA 485 19.18 12.86 85.96
C SER LA 485 19.71 11.61 85.27
N VAL LA 486 19.05 10.49 85.55
CA VAL LA 486 19.56 9.20 85.10
C VAL LA 486 19.43 9.07 83.59
N ALA LA 487 18.43 9.73 83.00
CA ALA LA 487 18.25 9.64 81.55
C ALA LA 487 19.30 10.47 80.82
N TYR LA 488 19.68 11.62 81.38
CA TYR LA 488 20.73 12.44 80.78
C TYR LA 488 22.04 11.68 80.73
N THR LA 489 22.46 11.10 81.85
CA THR LA 489 23.67 10.31 81.95
C THR LA 489 23.24 8.90 82.33
N ALA LA 490 23.13 8.04 81.33
CA ALA LA 490 22.73 6.65 81.56
C ALA LA 490 23.74 5.96 82.45
N TYR LA 491 23.27 5.53 83.63
CA TYR LA 491 24.17 4.98 84.64
C TYR LA 491 24.91 3.73 84.18
N PRO LA 492 24.26 2.72 83.59
CA PRO LA 492 25.03 1.52 83.19
C PRO LA 492 25.95 1.77 82.01
N ASN LA 493 25.42 2.44 80.98
CA ASN LA 493 26.14 2.67 79.74
C ASN LA 493 26.04 4.14 79.37
N TYR LA 494 27.17 4.84 79.44
CA TYR LA 494 27.21 6.28 79.18
C TYR LA 494 27.36 6.50 77.67
N ALA LA 495 26.36 6.02 76.93
CA ALA LA 495 26.40 5.95 75.47
C ALA LA 495 25.30 6.76 74.81
N ASN LA 496 24.86 7.84 75.46
CA ASN LA 496 23.83 8.72 74.88
C ASN LA 496 24.50 9.71 73.90
N VAL LA 497 24.99 9.14 72.80
CA VAL LA 497 25.73 9.91 71.82
C VAL LA 497 24.83 10.91 71.09
N TRP LA 498 23.52 10.66 71.11
CA TRP LA 498 22.59 11.62 70.50
C TRP LA 498 22.48 12.91 71.30
N LEU LA 499 22.94 12.92 72.55
CA LEU LA 499 22.64 14.03 73.45
C LEU LA 499 23.34 15.33 73.08
N PRO LA 500 24.63 15.37 72.80
CA PRO LA 500 25.26 16.67 72.51
C PRO LA 500 24.71 17.35 71.26
N GLY LA 501 24.27 16.57 70.27
CA GLY LA 501 23.74 17.16 69.06
C GLY LA 501 22.28 17.54 69.17
N TRP LA 502 21.48 16.68 69.83
CA TRP LA 502 20.06 16.96 69.98
C TRP LA 502 19.81 18.21 70.81
N LEU LA 503 20.49 18.32 71.96
CA LEU LA 503 20.29 19.47 72.83
C LEU LA 503 20.69 20.77 72.15
N ASP LA 504 21.69 20.71 71.26
CA ASP LA 504 22.09 21.91 70.54
C ASP LA 504 21.00 22.37 69.58
N ALA LA 505 20.24 21.42 69.03
CA ALA LA 505 19.20 21.76 68.05
C ALA LA 505 17.95 22.28 68.75
N ILE LA 506 17.43 21.52 69.71
CA ILE LA 506 16.16 21.88 70.34
C ILE LA 506 16.30 23.18 71.12
N ASN LA 507 17.49 23.47 71.63
CA ASN LA 507 17.75 24.69 72.38
C ASN LA 507 18.31 25.82 71.53
N SER LA 508 18.29 25.67 70.20
CA SER LA 508 18.81 26.72 69.33
C SER LA 508 17.82 27.88 69.23
N GLY LA 509 16.56 27.57 68.95
CA GLY LA 509 15.52 28.57 68.76
C GLY LA 509 15.29 28.96 67.32
N THR LA 510 16.29 28.78 66.46
CA THR LA 510 16.12 29.13 65.05
C THR LA 510 15.28 28.10 64.32
N ASN LA 511 15.61 26.82 64.49
CA ASN LA 511 14.89 25.76 63.81
C ASN LA 511 13.48 25.62 64.36
N SER LA 512 12.67 24.82 63.65
CA SER LA 512 11.31 24.52 64.05
C SER LA 512 11.21 23.26 64.90
N LEU LA 513 12.30 22.86 65.56
CA LEU LA 513 12.31 21.65 66.36
C LEU LA 513 11.80 21.94 67.76
N PHE LA 514 10.59 21.50 68.06
CA PHE LA 514 9.96 21.70 69.36
C PHE LA 514 9.92 23.19 69.72
N LEU LA 515 9.20 23.95 68.91
CA LEU LA 515 9.10 25.39 69.12
C LEU LA 515 8.36 25.68 70.42
N THR LA 516 8.39 26.93 70.84
CA THR LA 516 7.75 27.33 72.07
C THR LA 516 6.23 27.32 71.90
N ILE LA 517 5.53 26.83 72.92
CA ILE LA 517 4.07 26.77 72.94
C ILE LA 517 3.59 27.68 74.06
N GLY LA 518 2.56 28.48 73.76
CA GLY LA 518 1.99 29.40 74.70
C GLY LA 518 0.51 29.14 74.92
N PRO LA 519 -0.20 30.10 75.54
CA PRO LA 519 -1.64 29.88 75.77
C PRO LA 519 -2.45 29.82 74.49
N GLY LA 520 -2.00 30.49 73.43
CA GLY LA 520 -2.68 30.37 72.16
C GLY LA 520 -2.57 28.97 71.58
N ASP LA 521 -1.42 28.34 71.77
CA ASP LA 521 -1.23 26.96 71.33
C ASP LA 521 -2.13 26.01 72.09
N PHE LA 522 -2.53 26.38 73.31
CA PHE LA 522 -3.35 25.49 74.13
C PHE LA 522 -4.73 25.28 73.52
N LEU LA 523 -5.48 26.36 73.32
CA LEU LA 523 -6.87 26.25 72.93
C LEU LA 523 -7.03 25.59 71.57
N VAL LA 524 -6.05 25.78 70.68
CA VAL LA 524 -6.20 25.29 69.31
C VAL LA 524 -6.12 23.76 69.29
N HIS LA 525 -5.32 23.19 70.18
CA HIS LA 525 -5.24 21.73 70.24
C HIS LA 525 -6.56 21.12 70.69
N HIS LA 526 -7.33 21.87 71.47
CA HIS LA 526 -8.63 21.38 71.92
C HIS LA 526 -9.68 21.57 70.85
N ALA LA 527 -9.52 22.60 70.03
CA ALA LA 527 -10.30 22.67 68.80
C ALA LA 527 -9.99 21.49 67.91
N ILE LA 528 -8.72 21.14 67.77
CA ILE LA 528 -8.33 19.96 67.01
C ILE LA 528 -8.89 18.71 67.67
N ALA LA 529 -8.96 18.71 69.01
CA ALA LA 529 -9.61 17.61 69.71
C ALA LA 529 -11.07 17.49 69.29
N LEU LA 530 -11.77 18.62 69.19
CA LEU LA 530 -13.19 18.60 68.88
C LEU LA 530 -13.42 18.08 67.48
N GLY LA 531 -12.53 18.41 66.55
CA GLY LA 531 -12.69 17.93 65.19
C GLY LA 531 -12.51 16.43 65.08
N LEU LA 532 -11.50 15.91 65.77
CA LEU LA 532 -11.14 14.50 65.60
C LEU LA 532 -12.08 13.59 66.36
N HIS LA 533 -12.63 14.06 67.48
CA HIS LA 533 -13.64 13.27 68.18
C HIS LA 533 -14.95 13.26 67.41
N THR LA 534 -15.32 14.41 66.83
CA THR LA 534 -16.62 14.52 66.19
C THR LA 534 -16.63 13.85 64.83
N THR LA 535 -15.55 13.98 64.06
CA THR LA 535 -15.39 13.20 62.84
C THR LA 535 -15.50 11.72 63.14
N THR LA 536 -14.89 11.28 64.24
CA THR LA 536 -15.00 9.88 64.64
C THR LA 536 -16.42 9.55 65.04
N LEU LA 537 -17.09 10.45 65.76
CA LEU LA 537 -18.47 10.21 66.19
C LEU LA 537 -19.38 9.95 65.00
N ILE LA 538 -19.28 10.78 63.97
CA ILE LA 538 -20.10 10.61 62.79
C ILE LA 538 -19.77 9.28 62.11
N LEU LA 539 -18.48 9.02 61.89
CA LEU LA 539 -18.07 7.84 61.15
C LEU LA 539 -18.33 6.56 61.94
N VAL LA 540 -18.03 6.59 63.25
CA VAL LA 540 -18.28 5.42 64.08
C VAL LA 540 -19.76 5.09 64.12
N LYS LA 541 -20.60 6.12 64.18
CA LYS LA 541 -22.04 5.88 64.23
C LYS LA 541 -22.52 5.18 62.97
N GLY LA 542 -22.17 5.72 61.80
CA GLY LA 542 -22.66 5.15 60.55
C GLY LA 542 -22.22 3.72 60.34
N ALA LA 543 -20.98 3.41 60.72
CA ALA LA 543 -20.49 2.05 60.58
C ALA LA 543 -21.27 1.09 61.47
N LEU LA 544 -21.34 1.41 62.76
CA LEU LA 544 -22.02 0.51 63.69
C LEU LA 544 -23.51 0.47 63.43
N ASP LA 545 -24.09 1.57 62.96
CA ASP LA 545 -25.51 1.63 62.63
C ASP LA 545 -25.78 1.34 61.15
N ALA LA 546 -24.79 0.85 60.40
CA ALA LA 546 -25.03 0.51 59.00
C ALA LA 546 -25.93 -0.70 58.88
N ARG LA 547 -25.84 -1.63 59.82
CA ARG LA 547 -26.60 -2.87 59.72
C ARG LA 547 -28.05 -2.66 60.14
N GLY LA 548 -28.29 -1.75 61.09
CA GLY LA 548 -29.65 -1.51 61.52
C GLY LA 548 -29.74 -0.39 62.55
N SER LA 549 -30.98 0.02 62.77
CA SER LA 549 -31.33 1.00 63.79
C SER LA 549 -32.80 0.81 64.11
N LYS LA 550 -33.25 1.41 65.22
CA LYS LA 550 -34.65 1.30 65.59
C LYS LA 550 -35.54 1.97 64.55
N LEU LA 551 -35.02 3.00 63.88
CA LEU LA 551 -35.78 3.65 62.83
C LEU LA 551 -35.83 2.79 61.57
N MET LA 552 -34.72 2.11 61.26
CA MET LA 552 -34.61 1.31 60.04
C MET LA 552 -33.81 0.05 60.35
N PRO LA 553 -34.44 -0.95 60.98
CA PRO LA 553 -33.71 -2.18 61.32
C PRO LA 553 -33.20 -2.94 60.12
N ASP LA 554 -33.83 -2.80 58.96
CA ASP LA 554 -33.49 -3.58 57.77
C ASP LA 554 -32.55 -2.82 56.84
N LYS LA 555 -31.65 -2.02 57.41
CA LYS LA 555 -30.77 -1.19 56.60
C LYS LA 555 -29.79 -2.02 55.79
N LYS LA 556 -29.40 -3.19 56.29
CA LYS LA 556 -28.43 -4.02 55.59
C LYS LA 556 -29.00 -4.54 54.28
N ASP LA 557 -30.32 -4.75 54.22
CA ASP LA 557 -30.93 -5.28 53.01
C ASP LA 557 -30.87 -4.27 51.86
N PHE LA 558 -30.86 -2.97 52.19
CA PHE LA 558 -30.92 -1.96 51.15
C PHE LA 558 -29.55 -1.67 50.56
N GLY LA 559 -28.52 -1.67 51.38
CA GLY LA 559 -27.15 -1.46 50.94
C GLY LA 559 -26.49 -0.30 51.65
N TYR LA 560 -25.25 -0.05 51.24
CA TYR LA 560 -24.46 1.02 51.85
C TYR LA 560 -24.97 2.39 51.45
N ALA LA 561 -25.10 2.63 50.15
CA ALA LA 561 -25.45 3.93 49.60
C ALA LA 561 -26.84 3.85 49.00
N PHE LA 562 -27.86 4.12 49.81
CA PHE LA 562 -29.22 4.33 49.36
C PHE LA 562 -29.67 5.69 49.85
N PRO LA 563 -30.59 6.35 49.13
CA PRO LA 563 -30.90 7.74 49.50
C PRO LA 563 -31.64 7.86 50.83
N CYS LA 564 -32.64 7.03 51.05
CA CYS LA 564 -33.60 7.24 52.13
C CYS LA 564 -34.57 6.08 52.17
N ASP LA 565 -35.48 6.13 53.13
CA ASP LA 565 -36.59 5.18 53.24
C ASP LA 565 -37.94 5.88 53.18
N GLY LA 566 -37.97 7.09 52.62
CA GLY LA 566 -39.21 7.83 52.49
C GLY LA 566 -39.48 8.73 53.68
N PRO LA 567 -40.59 9.44 53.63
CA PRO LA 567 -40.95 10.36 54.73
C PRO LA 567 -41.65 9.69 55.89
N GLY LA 568 -41.97 8.40 55.79
CA GLY LA 568 -42.72 7.74 56.83
C GLY LA 568 -41.94 7.64 58.13
N ARG LA 569 -42.69 7.31 59.18
CA ARG LA 569 -42.19 7.25 60.57
C ARG LA 569 -41.26 8.42 60.88
N GLY LA 570 -41.74 9.63 60.63
CA GLY LA 570 -41.08 10.84 61.07
C GLY LA 570 -40.18 11.50 60.05
N GLY LA 571 -39.76 10.78 59.01
CA GLY LA 571 -38.81 11.31 58.04
C GLY LA 571 -37.48 10.58 58.10
N THR LA 572 -36.95 10.21 56.94
CA THR LA 572 -35.78 9.36 56.81
C THR LA 572 -34.82 9.98 55.80
N CYS LA 573 -34.52 11.26 55.98
CA CYS LA 573 -33.72 12.01 55.01
C CYS LA 573 -32.37 11.36 54.78
N ASP LA 574 -31.58 11.19 55.84
CA ASP LA 574 -30.22 10.67 55.74
C ASP LA 574 -30.05 9.53 56.75
N ILE LA 575 -30.36 8.31 56.30
CA ILE LA 575 -30.24 7.11 57.14
C ILE LA 575 -29.07 6.24 56.72
N SER LA 576 -28.72 6.23 55.44
CA SER LA 576 -27.68 5.35 54.95
C SER LA 576 -26.33 5.66 55.61
N ALA LA 577 -25.53 4.62 55.77
CA ALA LA 577 -24.17 4.80 56.29
C ALA LA 577 -23.32 5.64 55.36
N TRP LA 578 -23.67 5.70 54.07
CA TRP LA 578 -23.00 6.62 53.16
C TRP LA 578 -23.17 8.06 53.59
N ASP LA 579 -24.31 8.37 54.24
CA ASP LA 579 -24.57 9.73 54.68
C ASP LA 579 -23.71 10.12 55.85
N SER LA 580 -23.32 9.15 56.69
CA SER LA 580 -22.39 9.44 57.76
C SER LA 580 -21.03 9.80 57.19
N PHE LA 581 -20.57 9.04 56.18
CA PHE LA 581 -19.39 9.47 55.45
C PHE LA 581 -19.57 10.87 54.88
N TYR LA 582 -20.75 11.13 54.34
CA TYR LA 582 -20.99 12.37 53.62
C TYR LA 582 -20.88 13.59 54.52
N LEU LA 583 -21.35 13.47 55.76
CA LEU LA 583 -21.31 14.60 56.67
C LEU LA 583 -19.94 14.76 57.32
N SER LA 584 -19.10 13.72 57.25
CA SER LA 584 -17.84 13.74 57.97
C SER LA 584 -16.79 14.60 57.26
N LEU LA 585 -16.80 14.60 55.92
CA LEU LA 585 -15.80 15.37 55.19
C LEU LA 585 -15.95 16.86 55.44
N PHE LA 586 -17.18 17.31 55.71
CA PHE LA 586 -17.39 18.71 56.08
C PHE LA 586 -16.62 19.06 57.34
N TRP LA 587 -16.53 18.11 58.28
CA TRP LA 587 -15.70 18.32 59.46
C TRP LA 587 -14.23 18.14 59.13
N ALA LA 588 -13.89 16.98 58.55
CA ALA LA 588 -12.49 16.60 58.39
C ALA LA 588 -11.72 17.63 57.58
N LEU LA 589 -12.39 18.28 56.62
CA LEU LA 589 -11.76 19.39 55.92
C LEU LA 589 -11.52 20.55 56.87
N ASN LA 590 -12.45 20.78 57.80
CA ASN LA 590 -12.29 21.89 58.73
C ASN LA 590 -11.18 21.63 59.74
N THR LA 591 -11.01 20.37 60.13
CA THR LA 591 -10.01 20.03 61.14
C THR LA 591 -8.61 20.41 60.67
N VAL LA 592 -8.26 20.02 59.44
CA VAL LA 592 -6.95 20.42 58.92
C VAL LA 592 -6.93 21.91 58.66
N GLY LA 593 -8.09 22.50 58.35
CA GLY LA 593 -8.16 23.95 58.27
C GLY LA 593 -7.75 24.59 59.58
N TRP LA 594 -8.31 24.12 60.69
CA TRP LA 594 -7.89 24.59 62.00
C TRP LA 594 -6.42 24.29 62.25
N VAL LA 595 -5.91 23.19 61.68
CA VAL LA 595 -4.50 22.84 61.88
C VAL LA 595 -3.62 23.71 61.00
N THR LA 596 -3.98 23.83 59.72
CA THR LA 596 -3.12 24.54 58.79
C THR LA 596 -3.07 26.03 59.08
N PHE LA 597 -4.21 26.61 59.48
CA PHE LA 597 -4.18 27.99 59.96
C PHE LA 597 -3.26 28.12 61.17
N TYR LA 598 -3.25 27.11 62.03
CA TYR LA 598 -2.39 27.16 63.20
C TYR LA 598 -0.92 26.98 62.83
N TRP LA 599 -0.65 26.07 61.89
CA TRP LA 599 0.71 25.90 61.40
C TRP LA 599 1.19 27.15 60.69
N HIS LA 600 0.34 27.74 59.86
CA HIS LA 600 0.79 28.82 59.01
C HIS LA 600 1.04 30.09 59.80
N TRP LA 601 0.09 30.49 60.64
CA TRP LA 601 0.23 31.75 61.36
C TRP LA 601 1.35 31.67 62.40
N LYS LA 602 1.54 30.50 63.01
CA LYS LA 602 2.63 30.35 63.97
C LYS LA 602 3.99 30.47 63.28
N HIS LA 603 4.08 29.96 62.05
CA HIS LA 603 5.36 29.94 61.35
C HIS LA 603 5.65 31.30 60.70
N LEU LA 604 4.62 31.96 60.18
CA LEU LA 604 4.81 33.30 59.64
C LEU LA 604 5.35 34.25 60.69
N GLY LA 605 4.94 34.09 61.95
CA GLY LA 605 5.50 34.91 63.00
C GLY LA 605 6.96 34.61 63.24
N ILE LA 606 7.34 33.35 63.13
CA ILE LA 606 8.73 32.96 63.38
C ILE LA 606 9.60 33.33 62.19
N TRP LA 607 9.14 33.04 60.98
CA TRP LA 607 9.92 33.34 59.78
C TRP LA 607 10.15 34.84 59.65
N GLN LA 608 9.16 35.65 60.00
CA GLN LA 608 9.27 37.10 59.97
C GLN LA 608 9.93 37.68 61.22
N GLY LA 609 10.24 36.85 62.20
CA GLY LA 609 10.84 37.36 63.43
C GLY LA 609 9.87 38.13 64.30
N ASN LA 610 8.58 37.80 64.22
CA ASN LA 610 7.53 38.43 65.02
C ASN LA 610 6.70 37.32 65.67
N VAL LA 611 7.18 36.83 66.82
CA VAL LA 611 6.48 35.76 67.52
C VAL LA 611 5.41 36.34 68.43
N ALA LA 612 5.53 37.62 68.79
CA ALA LA 612 4.62 38.19 69.79
C ALA LA 612 3.20 38.31 69.25
N GLN LA 613 3.05 38.54 67.94
CA GLN LA 613 1.72 38.79 67.39
C GLN LA 613 0.86 37.54 67.48
N PHE LA 614 1.45 36.36 67.37
CA PHE LA 614 0.68 35.13 67.51
C PHE LA 614 0.38 34.83 68.97
N ASN LA 615 1.40 34.89 69.83
CA ASN LA 615 1.22 34.55 71.24
C ASN LA 615 0.23 35.49 71.90
N GLU LA 616 0.13 36.72 71.40
CA GLU LA 616 -0.77 37.69 72.00
C GLU LA 616 -2.18 37.61 71.41
N ASN LA 617 -2.28 37.64 70.08
CA ASN LA 617 -3.57 37.81 69.41
C ASN LA 617 -4.26 36.50 69.08
N SER LA 618 -3.60 35.36 69.24
CA SER LA 618 -4.24 34.09 68.89
C SER LA 618 -5.34 33.71 69.87
N THR LA 619 -5.36 34.34 71.05
CA THR LA 619 -6.38 34.00 72.03
C THR LA 619 -7.77 34.42 71.56
N TYR LA 620 -7.91 35.67 71.13
CA TYR LA 620 -9.20 36.16 70.65
C TYR LA 620 -9.31 35.91 69.14
N LEU LA 621 -10.51 35.50 68.72
CA LEU LA 621 -10.69 35.01 67.36
C LEU LA 621 -10.62 36.13 66.33
N MET LA 622 -10.73 37.38 66.75
CA MET LA 622 -10.53 38.48 65.82
C MET LA 622 -9.07 38.55 65.35
N GLY LA 623 -8.15 38.06 66.18
CA GLY LA 623 -6.76 38.00 65.76
C GLY LA 623 -6.55 37.08 64.57
N TRP LA 624 -7.14 35.89 64.62
CA TRP LA 624 -7.12 35.02 63.45
C TRP LA 624 -7.82 35.66 62.26
N PHE LA 625 -8.84 36.48 62.55
CA PHE LA 625 -9.59 37.16 61.49
C PHE LA 625 -8.79 38.33 60.93
N ARG LA 626 -8.12 39.08 61.81
CA ARG LA 626 -7.44 40.29 61.39
C ARG LA 626 -5.98 40.02 61.01
N ASP LA 627 -5.20 39.51 61.95
CA ASP LA 627 -3.75 39.47 61.77
C ASP LA 627 -3.36 38.44 60.72
N TYR LA 628 -4.17 37.39 60.54
CA TYR LA 628 -3.85 36.28 59.65
C TYR LA 628 -4.58 36.36 58.32
N LEU LA 629 -5.91 36.46 58.35
CA LEU LA 629 -6.69 36.40 57.11
C LEU LA 629 -6.68 37.73 56.37
N TRP LA 630 -6.96 38.82 57.08
CA TRP LA 630 -7.05 40.13 56.42
C TRP LA 630 -5.69 40.61 55.95
N ALA LA 631 -4.69 40.55 56.83
CA ALA LA 631 -3.40 41.16 56.53
C ALA LA 631 -2.66 40.38 55.45
N ASN LA 632 -2.65 39.05 55.53
CA ASN LA 632 -1.87 38.24 54.60
C ASN LA 632 -2.52 38.10 53.24
N SER LA 633 -3.78 38.49 53.09
CA SER LA 633 -4.46 38.42 51.82
C SER LA 633 -4.26 39.66 50.96
N ALA LA 634 -3.42 40.61 51.40
CA ALA LA 634 -3.29 41.87 50.69
C ALA LA 634 -2.59 41.71 49.35
N GLN LA 635 -1.46 41.00 49.34
CA GLN LA 635 -0.71 40.84 48.11
C GLN LA 635 -1.46 39.97 47.10
N LEU LA 636 -2.25 39.02 47.59
CA LEU LA 636 -2.97 38.11 46.71
C LEU LA 636 -4.04 38.84 45.91
N ILE LA 637 -4.93 39.55 46.60
CA ILE LA 637 -6.01 40.27 45.94
C ILE LA 637 -5.47 41.32 44.96
N ASN LA 638 -4.29 41.85 45.24
CA ASN LA 638 -3.62 42.78 44.35
C ASN LA 638 -2.80 42.08 43.26
N GLY LA 639 -3.07 40.79 43.02
CA GLY LA 639 -2.33 40.08 42.00
C GLY LA 639 -2.53 40.65 40.61
N TYR LA 640 -3.78 40.99 40.28
CA TYR LA 640 -4.10 41.69 39.04
C TYR LA 640 -5.02 42.86 39.39
N ASN LA 641 -4.39 43.99 39.73
CA ASN LA 641 -5.09 45.24 39.96
C ASN LA 641 -5.10 46.02 38.64
N PRO LA 642 -5.85 47.12 38.54
CA PRO LA 642 -5.85 47.89 37.29
C PRO LA 642 -4.57 48.65 37.01
N TYR LA 643 -3.55 48.56 37.86
CA TYR LA 643 -2.27 49.22 37.64
C TYR LA 643 -1.20 48.25 37.15
N GLY LA 644 -1.61 47.10 36.60
CA GLY LA 644 -0.72 46.12 36.03
C GLY LA 644 -0.96 44.74 36.60
N VAL LA 645 0.00 43.85 36.36
CA VAL LA 645 -0.08 42.46 36.78
C VAL LA 645 1.29 42.04 37.29
N ASN LA 646 1.30 41.14 38.28
CA ASN LA 646 2.53 40.65 38.87
C ASN LA 646 2.57 39.12 38.85
N ASN LA 647 3.54 38.54 39.55
CA ASN LA 647 3.71 37.08 39.52
C ASN LA 647 2.53 36.35 40.12
N LEU LA 648 1.85 36.97 41.09
CA LEU LA 648 0.78 36.30 41.83
C LEU LA 648 -0.57 36.54 41.18
N SER LA 649 -0.66 36.29 39.88
CA SER LA 649 -1.90 36.45 39.14
C SER LA 649 -2.69 35.16 39.01
N VAL LA 650 -2.02 34.01 38.94
CA VAL LA 650 -2.74 32.75 38.91
C VAL LA 650 -3.45 32.53 40.23
N TRP LA 651 -2.81 32.89 41.33
CA TRP LA 651 -3.36 32.57 42.64
C TRP LA 651 -4.64 33.33 42.90
N ALA LA 652 -4.65 34.63 42.58
CA ALA LA 652 -5.87 35.42 42.73
C ALA LA 652 -6.99 34.86 41.88
N TRP LA 653 -6.68 34.47 40.64
CA TRP LA 653 -7.67 33.81 39.81
C TRP LA 653 -8.09 32.47 40.41
N MET LA 654 -7.13 31.71 40.91
CA MET LA 654 -7.45 30.46 41.59
C MET LA 654 -8.18 30.73 42.90
N PHE LA 655 -7.88 31.86 43.55
CA PHE LA 655 -8.53 32.22 44.79
C PHE LA 655 -10.03 32.42 44.57
N LEU LA 656 -10.37 33.24 43.57
CA LEU LA 656 -11.78 33.45 43.25
C LEU LA 656 -12.39 32.23 42.60
N PHE LA 657 -11.56 31.40 41.95
CA PHE LA 657 -12.08 30.17 41.35
C PHE LA 657 -12.63 29.24 42.40
N GLY LA 658 -11.82 28.89 43.40
CA GLY LA 658 -12.28 27.99 44.43
C GLY LA 658 -13.45 28.53 45.22
N HIS LA 659 -13.54 29.85 45.33
CA HIS LA 659 -14.72 30.48 45.93
C HIS LA 659 -15.97 30.12 45.15
N LEU LA 660 -15.89 30.13 43.83
CA LEU LA 660 -17.05 29.82 43.00
C LEU LA 660 -17.37 28.33 43.05
N VAL LA 661 -16.34 27.48 43.05
CA VAL LA 661 -16.57 26.04 43.12
C VAL LA 661 -17.13 25.67 44.49
N TRP LA 662 -16.68 26.36 45.54
CA TRP LA 662 -17.19 26.12 46.87
C TRP LA 662 -18.67 26.42 46.96
N ALA LA 663 -19.13 27.40 46.18
CA ALA LA 663 -20.50 27.90 46.31
C ALA LA 663 -21.47 27.14 45.43
N THR LA 664 -21.06 26.81 44.20
CA THR LA 664 -21.97 26.11 43.30
C THR LA 664 -22.31 24.72 43.85
N GLY LA 665 -21.47 24.18 44.73
CA GLY LA 665 -21.81 22.96 45.42
C GLY LA 665 -23.03 23.12 46.31
N PHE LA 666 -23.15 24.28 46.98
CA PHE LA 666 -24.22 24.50 47.95
C PHE LA 666 -25.59 24.30 47.34
N MET LA 667 -25.72 24.55 46.04
CA MET LA 667 -26.96 24.29 45.33
C MET LA 667 -27.37 22.83 45.48
N PHE LA 668 -26.42 21.92 45.25
CA PHE LA 668 -26.72 20.50 45.31
C PHE LA 668 -26.96 20.04 46.74
N LEU LA 669 -26.44 20.80 47.72
CA LEU LA 669 -26.66 20.45 49.12
C LEU LA 669 -27.99 21.01 49.61
N ILE LA 670 -28.24 22.29 49.33
CA ILE LA 670 -29.45 22.94 49.82
C ILE LA 670 -30.65 22.56 48.96
N SER LA 671 -30.58 22.84 47.67
CA SER LA 671 -31.66 22.53 46.74
C SER LA 671 -31.63 21.05 46.40
N TRP LA 672 -32.77 20.39 46.52
CA TRP LA 672 -32.87 18.95 46.29
C TRP LA 672 -33.71 18.71 45.03
N ARG LA 673 -33.92 17.43 44.73
CA ARG LA 673 -34.21 17.03 43.35
C ARG LA 673 -35.57 17.51 42.86
N GLY LA 674 -36.62 17.35 43.68
CA GLY LA 674 -37.99 17.47 43.16
C GLY LA 674 -38.28 18.82 42.53
N TYR LA 675 -37.56 19.86 42.95
CA TYR LA 675 -37.70 21.15 42.31
C TYR LA 675 -37.16 21.12 40.90
N TRP LA 676 -36.04 20.43 40.69
CA TRP LA 676 -35.34 20.50 39.41
C TRP LA 676 -35.99 19.61 38.37
N GLN LA 677 -36.56 18.49 38.78
CA GLN LA 677 -37.20 17.58 37.82
C GLN LA 677 -38.40 18.24 37.17
N GLU LA 678 -39.21 18.95 37.96
CA GLU LA 678 -40.34 19.68 37.39
C GLU LA 678 -39.86 20.77 36.44
N LEU LA 679 -38.73 21.40 36.77
CA LEU LA 679 -38.18 22.44 35.90
C LEU LA 679 -37.74 21.84 34.57
N ILE LA 680 -37.14 20.65 34.60
CA ILE LA 680 -36.66 20.03 33.37
C ILE LA 680 -37.83 19.57 32.51
N GLU LA 681 -38.96 19.24 33.15
CA GLU LA 681 -40.13 18.80 32.40
C GLU LA 681 -40.68 19.91 31.52
N THR LA 682 -40.49 21.17 31.95
CA THR LA 682 -40.92 22.29 31.12
C THR LA 682 -40.02 22.45 29.91
N LEU LA 683 -38.71 22.26 30.10
CA LEU LA 683 -37.77 22.35 28.99
C LEU LA 683 -38.05 21.26 27.97
N VAL LA 684 -38.48 20.09 28.44
CA VAL LA 684 -38.84 19.01 27.53
C VAL LA 684 -40.05 19.41 26.69
N TRP LA 685 -41.00 20.12 27.30
CA TRP LA 685 -42.18 20.56 26.56
C TRP LA 685 -41.79 21.53 25.46
N ALA LA 686 -40.97 22.52 25.80
CA ALA LA 686 -40.61 23.56 24.83
C ALA LA 686 -39.82 22.98 23.67
N HIS LA 687 -38.84 22.13 23.96
CA HIS LA 687 -38.03 21.55 22.89
C HIS LA 687 -38.87 20.66 21.99
N GLU LA 688 -39.91 20.03 22.54
CA GLU LA 688 -40.77 19.17 21.74
C GLU LA 688 -41.85 19.96 21.00
N ARG LA 689 -42.03 21.25 21.35
CA ARG LA 689 -43.06 22.09 20.76
C ARG LA 689 -42.51 23.37 20.15
N THR LA 690 -41.18 23.47 19.98
CA THR LA 690 -40.56 24.57 19.27
C THR LA 690 -40.39 24.19 17.81
N PRO LA 691 -40.51 25.11 16.84
CA PRO LA 691 -40.59 24.68 15.43
C PRO LA 691 -39.36 23.97 14.90
N ILE LA 692 -38.20 24.61 14.94
CA ILE LA 692 -37.04 24.13 14.21
C ILE LA 692 -36.18 23.14 14.99
N ALA LA 693 -36.05 23.32 16.30
CA ALA LA 693 -35.30 22.38 17.12
C ALA LA 693 -36.07 21.08 17.38
N ASN LA 694 -37.31 20.98 16.90
CA ASN LA 694 -38.04 19.71 16.96
C ASN LA 694 -37.37 18.61 16.17
N LEU LA 695 -36.54 18.97 15.18
CA LEU LA 695 -35.84 17.95 14.40
C LEU LA 695 -34.92 17.12 15.27
N VAL LA 696 -34.17 17.78 16.14
CA VAL LA 696 -33.19 17.12 17.00
C VAL LA 696 -33.89 16.75 18.30
N ARG LA 697 -33.62 15.54 18.79
CA ARG LA 697 -34.21 15.09 20.04
C ARG LA 697 -33.26 14.11 20.72
N TRP LA 698 -33.21 14.24 22.05
CA TRP LA 698 -32.43 13.36 22.90
C TRP LA 698 -32.72 11.89 22.60
N LYS LA 699 -31.69 11.06 22.72
CA LYS LA 699 -31.89 9.60 22.70
C LYS LA 699 -32.19 9.09 24.10
N ASP LA 700 -31.44 9.55 25.09
CA ASP LA 700 -31.66 9.21 26.49
C ASP LA 700 -32.48 10.32 27.13
N LYS LA 701 -33.55 9.94 27.81
CA LYS LA 701 -34.47 10.92 28.35
C LYS LA 701 -33.78 11.75 29.44
N PRO LA 702 -33.86 13.08 29.41
CA PRO LA 702 -33.16 13.87 30.42
C PRO LA 702 -33.97 13.92 31.72
N VAL LA 703 -33.29 13.70 32.83
CA VAL LA 703 -33.90 13.72 34.15
C VAL LA 703 -32.96 14.40 35.13
N ALA LA 704 -33.51 14.83 36.25
CA ALA LA 704 -32.72 15.46 37.29
C ALA LA 704 -31.76 14.45 37.91
N LEU LA 705 -30.68 14.96 38.49
CA LEU LA 705 -29.72 14.10 39.16
C LEU LA 705 -30.37 13.42 40.35
N SER LA 706 -29.95 12.18 40.61
CA SER LA 706 -30.50 11.44 41.73
C SER LA 706 -30.13 12.12 43.04
N ILE LA 707 -30.75 11.64 44.12
CA ILE LA 707 -30.55 12.26 45.43
C ILE LA 707 -29.11 12.05 45.88
N VAL LA 708 -28.63 10.81 45.80
CA VAL LA 708 -27.28 10.50 46.24
C VAL LA 708 -26.26 11.15 45.32
N GLN LA 709 -26.57 11.23 44.02
CA GLN LA 709 -25.64 11.84 43.08
C GLN LA 709 -25.39 13.30 43.41
N ALA LA 710 -26.45 14.06 43.70
CA ALA LA 710 -26.28 15.48 44.00
C ALA LA 710 -25.45 15.68 45.26
N ARG LA 711 -25.58 14.76 46.22
CA ARG LA 711 -24.69 14.78 47.38
C ARG LA 711 -23.25 14.57 46.97
N VAL LA 712 -23.02 13.68 46.00
CA VAL LA 712 -21.66 13.44 45.52
C VAL LA 712 -21.14 14.67 44.79
N VAL LA 713 -21.96 15.23 43.91
CA VAL LA 713 -21.54 16.37 43.11
C VAL LA 713 -21.34 17.59 43.99
N GLY LA 714 -22.16 17.71 45.05
CA GLY LA 714 -22.09 18.90 45.89
C GLY LA 714 -20.86 18.93 46.77
N LEU LA 715 -20.44 17.77 47.27
CA LEU LA 715 -19.33 17.73 48.22
C LEU LA 715 -18.00 17.90 47.50
N ALA LA 716 -17.86 17.33 46.31
CA ALA LA 716 -16.68 17.57 45.51
C ALA LA 716 -16.52 19.06 45.23
N HIS LA 717 -17.63 19.74 44.95
CA HIS LA 717 -17.60 21.18 44.79
C HIS LA 717 -17.18 21.87 46.08
N PHE LA 718 -17.73 21.42 47.21
CA PHE LA 718 -17.31 21.94 48.51
C PHE LA 718 -15.82 21.71 48.74
N THR LA 719 -15.32 20.56 48.33
CA THR LA 719 -13.94 20.20 48.62
C THR LA 719 -12.98 20.89 47.66
N VAL LA 720 -13.27 20.84 46.36
CA VAL LA 720 -12.37 21.42 45.37
C VAL LA 720 -12.20 22.91 45.61
N GLY LA 721 -13.29 23.60 45.95
CA GLY LA 721 -13.18 24.98 46.34
C GLY LA 721 -12.40 25.15 47.62
N TYR LA 722 -12.67 24.28 48.61
CA TYR LA 722 -11.96 24.35 49.88
C TYR LA 722 -10.46 24.16 49.68
N VAL LA 723 -10.06 23.20 48.85
CA VAL LA 723 -8.65 22.90 48.65
C VAL LA 723 -7.97 24.03 47.90
N LEU LA 724 -8.56 24.45 46.77
CA LEU LA 724 -7.87 25.36 45.87
C LEU LA 724 -7.65 26.74 46.49
N THR LA 725 -8.70 27.32 47.05
CA THR LA 725 -8.63 28.72 47.46
C THR LA 725 -7.71 28.91 48.66
N TYR LA 726 -7.43 27.84 49.40
CA TYR LA 726 -6.46 27.93 50.48
C TYR LA 726 -5.05 27.75 49.98
N ALA LA 727 -4.87 26.87 48.98
CA ALA LA 727 -3.56 26.71 48.36
C ALA LA 727 -3.08 28.03 47.77
N ALA LA 728 -3.97 28.76 47.11
CA ALA LA 728 -3.63 30.07 46.59
C ALA LA 728 -3.23 31.02 47.71
N PHE LA 729 -3.98 31.01 48.81
CA PHE LA 729 -3.65 31.86 49.94
C PHE LA 729 -2.37 31.40 50.61
N LEU LA 730 -2.21 30.09 50.79
CA LEU LA 730 -1.03 29.55 51.46
C LEU LA 730 0.23 29.88 50.68
N ILE LA 731 0.16 29.77 49.36
CA ILE LA 731 1.34 29.96 48.53
C ILE LA 731 1.60 31.43 48.28
N ALA LA 732 0.56 32.18 47.93
CA ALA LA 732 0.73 33.58 47.59
C ALA LA 732 1.13 34.41 48.80
N SER LA 733 0.49 34.16 49.95
CA SER LA 733 0.83 34.89 51.16
C SER LA 733 2.27 34.62 51.58
N THR LA 734 2.71 33.37 51.46
CA THR LA 734 4.07 33.01 51.84
C THR LA 734 5.07 33.45 50.78
N ALA LA 735 4.73 33.27 49.50
CA ALA LA 735 5.67 33.58 48.44
C ALA LA 735 5.88 35.08 48.32
N GLY LA 736 4.83 35.88 48.46
CA GLY LA 736 4.96 37.32 48.35
C GLY LA 736 5.87 37.90 49.41
N LYS LA 737 5.72 37.43 50.64
CA LYS LA 737 6.60 37.87 51.73
C LYS LA 737 7.89 37.07 51.76
N PHE LA 738 7.87 35.83 51.26
CA PHE LA 738 8.99 34.90 51.44
C PHE LA 738 9.35 34.76 52.90
N GLY LA 739 8.34 34.66 53.75
CA GLY LA 739 8.54 34.58 55.19
C GLY LA 739 9.12 35.84 55.77
N SER MA 1 -40.50 -3.00 38.33
CA SER MA 1 -39.07 -3.13 38.58
C SER MA 1 -38.77 -3.12 40.07
N HIS MA 2 -39.19 -2.04 40.74
CA HIS MA 2 -39.02 -1.94 42.19
C HIS MA 2 -39.83 -3.03 42.87
N THR MA 3 -39.13 -3.93 43.55
CA THR MA 3 -39.75 -5.10 44.16
C THR MA 3 -40.50 -4.69 45.42
N VAL MA 4 -41.75 -5.14 45.52
CA VAL MA 4 -42.58 -4.93 46.70
C VAL MA 4 -42.84 -6.28 47.33
N LYS MA 5 -42.28 -6.49 48.51
CA LYS MA 5 -42.36 -7.76 49.22
C LYS MA 5 -43.22 -7.58 50.47
N ILE MA 6 -44.11 -8.54 50.70
CA ILE MA 6 -45.04 -8.52 51.82
C ILE MA 6 -44.67 -9.65 52.77
N TYR MA 7 -44.82 -9.39 54.06
CA TYR MA 7 -44.42 -10.32 55.12
C TYR MA 7 -45.63 -10.76 55.92
N ASP MA 8 -45.40 -11.68 56.85
CA ASP MA 8 -46.47 -12.37 57.54
C ASP MA 8 -47.13 -11.53 58.64
N THR MA 9 -46.62 -10.34 58.92
CA THR MA 9 -47.22 -9.50 59.96
C THR MA 9 -48.45 -8.74 59.49
N CYS MA 10 -48.93 -8.99 58.28
CA CYS MA 10 -50.15 -8.35 57.80
C CYS MA 10 -51.33 -8.73 58.67
N ILE MA 11 -52.27 -7.80 58.79
CA ILE MA 11 -53.51 -7.98 59.55
C ILE MA 11 -54.74 -7.54 58.76
N GLY MA 12 -54.57 -7.25 57.47
CA GLY MA 12 -55.72 -6.94 56.64
C GLY MA 12 -56.37 -5.60 56.91
N CYS MA 13 -55.56 -4.57 57.19
CA CYS MA 13 -56.12 -3.23 57.35
C CYS MA 13 -56.45 -2.60 56.01
N THR MA 14 -55.81 -3.06 54.94
CA THR MA 14 -56.04 -2.58 53.58
C THR MA 14 -55.59 -1.13 53.37
N GLN MA 15 -54.93 -0.52 54.35
CA GLN MA 15 -54.51 0.86 54.22
C GLN MA 15 -53.40 1.05 53.20
N CYS MA 16 -52.68 -0.02 52.86
CA CYS MA 16 -51.64 0.07 51.84
C CYS MA 16 -52.23 0.24 50.45
N VAL MA 17 -53.30 -0.49 50.14
CA VAL MA 17 -53.89 -0.45 48.81
C VAL MA 17 -54.51 0.92 48.54
N ARG MA 18 -55.13 1.51 49.55
CA ARG MA 18 -55.81 2.79 49.35
C ARG MA 18 -54.81 3.91 49.10
N ALA MA 19 -53.56 3.73 49.53
CA ALA MA 19 -52.56 4.78 49.39
C ALA MA 19 -51.78 4.66 48.08
N CYS MA 20 -51.86 3.51 47.41
CA CYS MA 20 -51.10 3.30 46.18
C CYS MA 20 -51.57 4.27 45.11
N PRO MA 21 -50.69 5.14 44.58
CA PRO MA 21 -51.13 6.00 43.47
C PRO MA 21 -51.40 5.24 42.19
N THR MA 22 -50.64 4.18 41.92
CA THR MA 22 -50.66 3.50 40.63
C THR MA 22 -51.36 2.14 40.69
N ASP MA 23 -52.00 1.79 41.80
CA ASP MA 23 -52.79 0.56 41.90
C ASP MA 23 -51.91 -0.67 41.70
N VAL MA 24 -50.81 -0.73 42.46
CA VAL MA 24 -49.89 -1.86 42.41
C VAL MA 24 -50.33 -2.99 43.33
N LEU MA 25 -50.95 -2.67 44.46
CA LEU MA 25 -51.26 -3.65 45.50
C LEU MA 25 -52.73 -4.04 45.38
N GLU MA 26 -53.01 -5.30 45.66
CA GLU MA 26 -54.36 -5.85 45.57
C GLU MA 26 -54.56 -6.87 46.67
N MET MA 27 -55.61 -6.69 47.46
CA MET MA 27 -55.90 -7.63 48.54
C MET MA 27 -56.34 -8.97 47.95
N VAL MA 28 -55.98 -10.04 48.65
CA VAL MA 28 -56.27 -11.40 48.21
C VAL MA 28 -56.71 -12.22 49.42
N PRO MA 29 -57.45 -13.31 49.19
CA PRO MA 29 -57.97 -14.07 50.34
C PRO MA 29 -56.89 -14.96 50.94
N TRP MA 30 -56.68 -14.82 52.25
CA TRP MA 30 -55.77 -15.69 52.99
C TRP MA 30 -56.50 -16.99 53.29
N ASP MA 31 -56.05 -18.09 52.67
CA ASP MA 31 -56.72 -19.38 52.85
C ASP MA 31 -56.70 -19.84 54.29
N GLY MA 32 -55.67 -19.47 55.05
CA GLY MA 32 -55.59 -19.82 56.45
C GLY MA 32 -56.65 -19.12 57.27
N CYS MA 33 -56.61 -19.39 58.58
CA CYS MA 33 -57.60 -18.87 59.52
C CYS MA 33 -57.19 -17.54 60.13
N LYS MA 34 -56.27 -16.81 59.50
CA LYS MA 34 -55.89 -15.50 60.03
C LYS MA 34 -56.97 -14.46 59.75
N ALA MA 35 -57.28 -14.26 58.48
CA ALA MA 35 -58.34 -13.34 58.08
C ALA MA 35 -58.79 -13.72 56.68
N ALA MA 36 -59.82 -13.03 56.20
CA ALA MA 36 -60.29 -13.18 54.84
C ALA MA 36 -59.55 -12.27 53.86
N GLN MA 37 -58.44 -11.67 54.27
CA GLN MA 37 -57.75 -10.72 53.41
C GLN MA 37 -56.30 -10.56 53.84
N VAL MA 38 -55.40 -10.68 52.87
CA VAL MA 38 -53.98 -10.36 53.04
C VAL MA 38 -53.52 -9.73 51.73
N ALA MA 39 -52.59 -8.78 51.84
CA ALA MA 39 -52.21 -7.97 50.70
C ALA MA 39 -51.39 -8.78 49.69
N SER MA 40 -51.28 -8.23 48.48
CA SER MA 40 -50.45 -8.78 47.43
C SER MA 40 -49.95 -7.62 46.57
N SER MA 41 -49.04 -7.93 45.65
CA SER MA 41 -48.43 -6.93 44.77
C SER MA 41 -48.30 -7.50 43.36
N PRO MA 42 -49.42 -7.71 42.68
CA PRO MA 42 -49.33 -8.28 41.32
C PRO MA 42 -48.69 -7.36 40.31
N ARG MA 43 -49.18 -6.13 40.16
CA ARG MA 43 -48.71 -5.20 39.14
C ARG MA 43 -47.54 -4.41 39.70
N THR MA 44 -46.44 -5.11 39.98
CA THR MA 44 -45.25 -4.47 40.53
C THR MA 44 -44.49 -3.64 39.51
N GLU MA 45 -44.74 -3.85 38.21
CA GLU MA 45 -44.06 -3.08 37.18
C GLU MA 45 -44.37 -1.59 37.25
N ASP MA 46 -45.51 -1.21 37.79
CA ASP MA 46 -45.91 0.19 37.89
C ASP MA 46 -45.51 0.82 39.23
N CYS MA 47 -44.67 0.15 40.01
CA CYS MA 47 -44.24 0.68 41.29
C CYS MA 47 -43.29 1.85 41.07
N VAL MA 48 -43.78 3.07 41.29
CA VAL MA 48 -42.91 4.24 41.22
C VAL MA 48 -42.00 4.35 42.42
N GLY MA 49 -42.42 3.83 43.58
CA GLY MA 49 -41.58 3.83 44.76
C GLY MA 49 -41.72 5.02 45.66
N CYS MA 50 -42.93 5.53 45.85
CA CYS MA 50 -43.15 6.69 46.70
C CYS MA 50 -43.34 6.32 48.17
N LYS MA 51 -43.31 5.04 48.50
CA LYS MA 51 -43.33 4.57 49.89
C LYS MA 51 -44.60 4.97 50.63
N ARG MA 52 -45.66 5.35 49.92
CA ARG MA 52 -46.93 5.63 50.59
C ARG MA 52 -47.50 4.39 51.24
N CYS MA 53 -47.20 3.20 50.70
CA CYS MA 53 -47.70 1.97 51.31
C CYS MA 53 -47.09 1.76 52.69
N GLU MA 54 -45.82 2.11 52.86
CA GLU MA 54 -45.15 1.92 54.13
C GLU MA 54 -45.63 2.88 55.20
N THR MA 55 -45.93 4.13 54.84
CA THR MA 55 -46.40 5.10 55.82
C THR MA 55 -47.76 4.73 56.38
N ALA MA 56 -48.56 3.99 55.61
CA ALA MA 56 -49.90 3.62 56.00
C ALA MA 56 -49.98 2.30 56.75
N CYS MA 57 -48.86 1.59 56.91
CA CYS MA 57 -48.90 0.29 57.56
C CYS MA 57 -48.86 0.46 59.08
N PRO MA 58 -49.77 -0.14 59.84
CA PRO MA 58 -49.82 0.13 61.29
C PRO MA 58 -48.99 -0.82 62.16
N THR MA 59 -48.11 -1.62 61.58
CA THR MA 59 -47.34 -2.57 62.36
C THR MA 59 -46.20 -1.86 63.09
N ASP MA 60 -45.53 -2.61 63.98
CA ASP MA 60 -44.35 -2.09 64.67
C ASP MA 60 -43.27 -1.74 63.66
N PHE MA 61 -42.81 -2.74 62.91
CA PHE MA 61 -42.10 -2.53 61.66
C PHE MA 61 -42.93 -3.18 60.55
N LEU MA 62 -42.57 -2.84 59.32
CA LEU MA 62 -43.48 -2.99 58.20
C LEU MA 62 -43.86 -4.43 57.94
N SER MA 63 -45.10 -4.63 57.52
CA SER MA 63 -45.52 -5.87 56.87
C SER MA 63 -45.25 -5.86 55.38
N ILE MA 64 -44.90 -4.71 54.81
CA ILE MA 64 -44.68 -4.56 53.38
C ILE MA 64 -43.52 -3.57 53.19
N ARG MA 65 -42.52 -3.99 52.41
CA ARG MA 65 -41.38 -3.16 52.10
C ARG MA 65 -41.33 -2.91 50.60
N VAL MA 66 -40.50 -1.93 50.21
CA VAL MA 66 -40.32 -1.55 48.82
C VAL MA 66 -38.82 -1.41 48.59
N TYR MA 67 -38.21 -2.48 48.08
CA TYR MA 67 -36.79 -2.51 47.80
C TYR MA 67 -36.56 -1.96 46.40
N LEU MA 68 -35.91 -0.81 46.32
CA LEU MA 68 -35.70 -0.15 45.04
C LEU MA 68 -34.72 -0.95 44.19
N GLY MA 69 -34.82 -0.76 42.89
CA GLY MA 69 -34.01 -1.51 41.93
C GLY MA 69 -33.89 -0.75 40.63
N ALA MA 70 -33.98 -1.49 39.52
CA ALA MA 70 -33.81 -0.90 38.21
C ALA MA 70 -34.93 0.09 37.92
N GLU MA 71 -34.61 1.12 37.13
CA GLU MA 71 -35.57 2.15 36.79
C GLU MA 71 -36.11 1.93 35.38
N THR MA 72 -37.32 2.45 35.17
CA THR MA 72 -37.99 2.38 33.88
C THR MA 72 -38.78 3.68 33.70
N THR MA 73 -39.42 3.80 32.54
CA THR MA 73 -40.26 4.96 32.28
C THR MA 73 -41.44 5.01 33.25
N ARG MA 74 -42.03 3.85 33.53
CA ARG MA 74 -43.19 3.81 34.42
C ARG MA 74 -42.80 4.12 35.86
N SER MA 75 -41.58 3.73 36.25
CA SER MA 75 -41.15 3.93 37.62
C SER MA 75 -40.67 5.34 37.88
N MET MA 76 -39.96 5.94 36.93
CA MET MA 76 -39.41 7.28 37.12
C MET MA 76 -40.47 8.38 36.99
N GLY MA 77 -41.72 8.04 36.71
CA GLY MA 77 -42.77 9.02 36.63
C GLY MA 77 -42.60 10.00 35.48
N LEU MA 78 -42.13 9.51 34.35
CA LEU MA 78 -41.87 10.33 33.18
C LEU MA 78 -43.07 10.30 32.24
N ALA MA 79 -43.63 11.47 31.96
CA ALA MA 79 -44.68 11.63 30.97
C ALA MA 79 -44.14 12.01 29.61
N TYR MA 80 -42.86 11.74 29.35
CA TYR MA 80 -42.23 12.08 28.08
C TYR MA 80 -41.24 11.01 27.67
N LEU NA 1 -63.33 0.98 22.65
CA LEU NA 1 -63.19 2.16 23.48
C LEU NA 1 -64.06 3.30 22.93
N SER NA 2 -64.94 3.82 23.78
CA SER NA 2 -65.90 4.83 23.38
C SER NA 2 -66.10 5.83 24.51
N GLY NA 3 -66.52 7.03 24.14
CA GLY NA 3 -66.84 8.05 25.12
C GLY NA 3 -66.69 9.43 24.51
N LYS NA 4 -67.01 10.43 25.34
CA LYS NA 4 -66.97 11.84 24.96
C LYS NA 4 -65.83 12.52 25.72
N THR NA 5 -65.22 13.52 25.09
CA THR NA 5 -64.13 14.23 25.73
C THR NA 5 -64.68 15.26 26.70
N PRO NA 6 -64.06 15.46 27.86
CA PRO NA 6 -64.43 16.62 28.68
C PRO NA 6 -64.15 17.92 27.94
N LEU NA 7 -65.07 18.87 28.08
CA LEU NA 7 -65.03 20.11 27.31
C LEU NA 7 -64.11 21.11 28.00
N PHE NA 8 -62.91 21.29 27.47
CA PHE NA 8 -61.98 22.31 27.96
C PHE NA 8 -61.15 22.79 26.79
N ALA NA 9 -60.69 24.05 26.90
CA ALA NA 9 -60.05 24.71 25.77
C ALA NA 9 -58.74 24.03 25.38
N GLY NA 10 -58.08 23.39 26.33
CA GLY NA 10 -56.80 22.76 26.08
C GLY NA 10 -55.82 23.18 27.14
N SER NA 11 -54.63 22.57 27.09
CA SER NA 11 -53.62 22.90 28.08
C SER NA 11 -52.28 22.32 27.65
N THR NA 12 -51.21 23.09 27.91
CA THR NA 12 -49.86 22.57 27.72
C THR NA 12 -49.62 21.35 28.60
N GLY NA 13 -50.07 21.40 29.84
CA GLY NA 13 -50.00 20.23 30.70
C GLY NA 13 -50.93 19.15 30.15
N GLY NA 14 -50.34 18.10 29.59
CA GLY NA 14 -51.13 17.07 28.97
C GLY NA 14 -50.25 16.07 28.24
N LEU NA 15 -50.74 15.63 27.09
CA LEU NA 15 -50.08 14.57 26.34
C LEU NA 15 -48.90 15.13 25.56
N LEU NA 16 -47.83 14.34 25.48
CA LEU NA 16 -46.57 14.72 24.87
C LEU NA 16 -46.14 13.63 23.87
N THR NA 17 -44.90 13.71 23.38
CA THR NA 17 -44.43 12.81 22.32
C THR NA 17 -44.48 11.35 22.74
N LYS NA 18 -44.45 11.06 24.04
CA LYS NA 18 -44.41 9.67 24.51
C LYS NA 18 -45.63 8.89 24.03
N ALA NA 19 -46.77 9.57 23.89
CA ALA NA 19 -48.01 8.89 23.54
C ALA NA 19 -47.91 8.24 22.16
N VAL NA 20 -47.30 8.93 21.19
CA VAL NA 20 -47.16 8.38 19.86
C VAL NA 20 -46.20 7.20 19.87
N GLU NA 21 -45.14 7.29 20.69
CA GLU NA 21 -44.06 6.32 20.61
C GLU NA 21 -44.29 5.14 21.53
N GLU NA 22 -44.91 5.35 22.69
CA GLU NA 22 -45.04 4.27 23.66
C GLU NA 22 -46.09 4.59 24.70
N GLU NA 23 -47.09 3.70 24.81
CA GLU NA 23 -47.94 3.52 26.00
C GLU NA 23 -48.58 4.82 26.49
N LYS NA 24 -49.48 5.36 25.69
CA LYS NA 24 -50.44 6.32 26.23
C LYS NA 24 -51.53 5.58 26.99
N TYR NA 25 -52.18 6.29 27.90
CA TYR NA 25 -53.21 5.73 28.76
C TYR NA 25 -54.52 6.49 28.54
N ALA NA 26 -55.60 5.88 29.02
CA ALA NA 26 -56.94 6.46 28.91
C ALA NA 26 -57.74 6.12 30.16
N ILE NA 27 -58.76 6.92 30.40
CA ILE NA 27 -59.66 6.72 31.53
C ILE NA 27 -61.09 7.02 31.07
N THR NA 28 -62.03 6.18 31.50
CA THR NA 28 -63.43 6.29 31.13
C THR NA 28 -64.28 6.33 32.39
N TRP NA 29 -65.33 7.15 32.37
CA TRP NA 29 -66.27 7.20 33.48
C TRP NA 29 -67.60 7.75 32.99
N THR NA 30 -68.64 7.46 33.77
CA THR NA 30 -70.00 7.86 33.46
C THR NA 30 -70.61 8.52 34.69
N SER NA 31 -71.21 9.69 34.50
CA SER NA 31 -71.80 10.48 35.57
C SER NA 31 -73.22 10.86 35.22
N PRO NA 32 -74.15 10.92 36.18
CA PRO NA 32 -75.51 11.37 35.82
C PRO NA 32 -75.58 12.87 35.59
N LYS NA 33 -74.84 13.65 36.38
CA LYS NA 33 -74.84 15.10 36.30
C LYS NA 33 -73.68 15.56 35.41
N ALA NA 34 -73.58 16.88 35.25
CA ALA NA 34 -72.51 17.51 34.49
C ALA NA 34 -71.89 18.62 35.35
N GLN NA 35 -70.91 18.22 36.17
CA GLN NA 35 -70.24 19.15 37.07
C GLN NA 35 -68.94 19.66 36.45
N VAL NA 36 -68.21 20.43 37.26
CA VAL NA 36 -66.88 20.91 36.90
C VAL NA 36 -65.88 20.17 37.77
N PHE NA 37 -64.84 19.62 37.13
CA PHE NA 37 -63.81 18.84 37.82
C PHE NA 37 -62.45 19.33 37.38
N GLU NA 38 -61.51 19.38 38.32
CA GLU NA 38 -60.14 19.75 38.00
C GLU NA 38 -59.45 18.60 37.28
N LEU NA 39 -58.74 18.93 36.22
CA LEU NA 39 -58.05 17.92 35.44
C LEU NA 39 -56.79 17.47 36.16
N PRO NA 40 -56.19 16.35 35.73
CA PRO NA 40 -54.97 15.89 36.42
C PRO NA 40 -53.81 16.86 36.29
N THR NA 41 -53.65 17.51 35.14
CA THR NA 41 -52.56 18.45 34.88
C THR NA 41 -53.16 19.84 34.65
N GLY NA 42 -53.42 20.56 35.73
CA GLY NA 42 -53.88 21.92 35.66
C GLY NA 42 -55.25 22.06 35.02
N GLY NA 43 -55.87 23.21 35.26
CA GLY NA 43 -57.09 23.56 34.57
C GLY NA 43 -58.34 22.95 35.18
N ALA NA 44 -59.47 23.34 34.60
CA ALA NA 44 -60.78 22.85 34.99
C ALA NA 44 -61.55 22.49 33.73
N ALA NA 45 -62.45 21.52 33.84
CA ALA NA 45 -63.18 21.02 32.69
C ALA NA 45 -64.57 20.53 33.12
N THR NA 46 -65.54 20.69 32.23
CA THR NA 46 -66.86 20.14 32.44
C THR NA 46 -66.89 18.69 31.98
N MET NA 47 -67.97 18.00 32.34
CA MET NA 47 -68.13 16.57 32.07
C MET NA 47 -69.56 16.33 31.59
N HIS NA 48 -69.69 15.55 30.52
CA HIS NA 48 -70.99 15.29 29.93
C HIS NA 48 -71.76 14.25 30.75
N GLU NA 49 -73.02 14.05 30.37
CA GLU NA 49 -73.92 13.24 31.18
C GLU NA 49 -73.78 11.75 30.91
N GLY NA 50 -72.97 11.36 29.93
CA GLY NA 50 -72.82 9.96 29.58
C GLY NA 50 -71.50 9.67 28.92
N GLU NA 51 -70.79 8.69 29.50
CA GLU NA 51 -69.62 8.07 28.88
C GLU NA 51 -68.53 9.10 28.58
N ASN NA 52 -68.01 9.72 29.62
CA ASN NA 52 -66.87 10.61 29.47
C ASN NA 52 -65.59 9.81 29.32
N LEU NA 53 -64.71 10.27 28.43
CA LEU NA 53 -63.46 9.60 28.12
C LEU NA 53 -62.35 10.64 28.04
N LEU NA 54 -61.22 10.34 28.68
CA LEU NA 54 -60.08 11.23 28.71
C LEU NA 54 -58.80 10.43 28.50
N TYR NA 55 -57.90 10.99 27.71
CA TYR NA 55 -56.60 10.39 27.43
C TYR NA 55 -55.57 11.05 28.34
N ILE NA 56 -54.75 10.23 28.99
CA ILE NA 56 -53.78 10.68 29.98
C ILE NA 56 -52.43 10.03 29.70
N ALA NA 57 -51.36 10.74 30.03
CA ALA NA 57 -50.02 10.30 29.65
C ALA NA 57 -49.50 9.18 30.54
N ARG NA 58 -50.06 9.03 31.74
CA ARG NA 58 -49.58 8.06 32.71
C ARG NA 58 -50.76 7.44 33.45
N LYS NA 59 -50.44 6.40 34.23
CA LYS NA 59 -51.45 5.75 35.05
C LYS NA 59 -51.75 6.55 36.32
N GLU NA 60 -50.79 7.35 36.78
CA GLU NA 60 -50.98 8.09 38.03
C GLU NA 60 -52.01 9.19 37.86
N TYR NA 61 -52.11 9.77 36.66
CA TYR NA 61 -53.09 10.82 36.42
C TYR NA 61 -54.51 10.29 36.59
N GLY NA 62 -54.73 9.04 36.22
CA GLY NA 62 -56.09 8.50 36.22
C GLY NA 62 -56.59 8.21 37.62
N ILE NA 63 -55.79 7.51 38.42
CA ILE NA 63 -56.20 7.18 39.78
C ILE NA 63 -56.29 8.45 40.63
N ALA NA 64 -55.43 9.42 40.35
CA ALA NA 64 -55.55 10.72 41.00
C ALA NA 64 -56.85 11.40 40.58
N LEU NA 65 -57.26 11.23 39.33
CA LEU NA 65 -58.54 11.73 38.89
C LEU NA 65 -59.68 10.93 39.51
N GLY NA 66 -59.53 9.60 39.55
CA GLY NA 66 -60.57 8.76 40.12
C GLY NA 66 -60.87 9.08 41.57
N GLY NA 67 -59.84 9.44 42.33
CA GLY NA 67 -60.06 9.88 43.70
C GLY NA 67 -60.89 11.15 43.75
N GLN NA 68 -60.67 12.05 42.80
CA GLN NA 68 -61.49 13.25 42.72
C GLN NA 68 -62.91 12.91 42.29
N LEU NA 69 -63.06 11.90 41.44
CA LEU NA 69 -64.39 11.51 40.98
C LEU NA 69 -65.20 10.92 42.13
N ARG NA 70 -64.54 10.24 43.07
CA ARG NA 70 -65.25 9.67 44.21
C ARG NA 70 -65.85 10.74 45.09
N LYS NA 71 -65.29 11.95 45.07
CA LYS NA 71 -65.90 13.06 45.79
C LYS NA 71 -67.26 13.39 45.23
N PHE NA 72 -67.43 13.26 43.91
CA PHE NA 72 -68.71 13.47 43.25
C PHE NA 72 -69.56 12.22 43.18
N LYS NA 73 -69.25 11.21 44.00
CA LYS NA 73 -70.05 9.98 44.08
C LYS NA 73 -70.06 9.23 42.75
N ILE NA 74 -68.91 9.16 42.10
CA ILE NA 74 -68.72 8.41 40.87
C ILE NA 74 -67.69 7.33 41.15
N THR NA 75 -68.12 6.06 41.07
CA THR NA 75 -67.30 4.92 41.43
C THR NA 75 -67.02 3.98 40.26
N ASN NA 76 -67.55 4.26 39.06
CA ASN NA 76 -67.32 3.44 37.88
C ASN NA 76 -66.32 4.16 37.00
N TYR NA 77 -65.03 3.99 37.29
CA TYR NA 77 -63.95 4.57 36.50
C TYR NA 77 -63.01 3.46 36.05
N LYS NA 78 -62.80 3.37 34.75
CA LYS NA 78 -61.99 2.32 34.14
C LYS NA 78 -60.81 2.96 33.42
N ILE NA 79 -59.63 2.39 33.62
CA ILE NA 79 -58.38 2.89 33.05
C ILE NA 79 -57.86 1.88 32.06
N TYR NA 80 -57.37 2.37 30.92
CA TYR NA 80 -56.81 1.54 29.85
C TYR NA 80 -55.36 1.93 29.59
N ARG NA 81 -54.69 1.09 28.82
CA ARG NA 81 -53.31 1.31 28.39
C ARG NA 81 -53.26 1.08 26.89
N ILE NA 82 -53.14 2.18 26.13
CA ILE NA 82 -53.19 2.14 24.67
C ILE NA 82 -51.77 2.20 24.16
N LEU NA 83 -51.36 1.14 23.47
CA LEU NA 83 -50.02 1.05 22.91
C LEU NA 83 -50.00 1.76 21.56
N PRO NA 84 -48.82 2.00 20.98
CA PRO NA 84 -48.77 2.70 19.69
C PRO NA 84 -49.45 1.94 18.57
N SER NA 85 -49.43 0.61 18.61
CA SER NA 85 -50.06 -0.22 17.60
C SER NA 85 -51.57 -0.33 17.78
N GLY NA 86 -52.15 0.39 18.74
CA GLY NA 86 -53.58 0.35 18.97
C GLY NA 86 -54.03 -0.67 19.99
N GLU NA 87 -53.13 -1.51 20.50
CA GLU NA 87 -53.50 -2.51 21.48
C GLU NA 87 -53.92 -1.85 22.79
N THR NA 88 -55.12 -2.18 23.26
CA THR NA 88 -55.67 -1.64 24.49
C THR NA 88 -55.82 -2.76 25.50
N THR NA 89 -55.56 -2.45 26.77
CA THR NA 89 -55.63 -3.44 27.85
C THR NA 89 -56.34 -2.84 29.05
N PHE NA 90 -57.34 -3.56 29.54
CA PHE NA 90 -58.12 -3.13 30.69
C PHE NA 90 -57.40 -3.52 31.98
N ILE NA 91 -57.06 -2.51 32.80
CA ILE NA 91 -56.02 -2.67 33.82
C ILE NA 91 -56.56 -2.49 35.23
N HIS NA 92 -57.06 -1.28 35.56
CA HIS NA 92 -57.10 -0.88 36.96
C HIS NA 92 -58.07 -1.72 37.77
N PRO NA 93 -59.37 -1.81 37.44
CA PRO NA 93 -60.20 -2.82 38.09
C PRO NA 93 -60.09 -4.13 37.34
N ALA NA 94 -58.95 -4.82 37.52
CA ALA NA 94 -58.62 -5.98 36.71
C ALA NA 94 -59.71 -7.05 36.81
N ASP NA 95 -60.34 -7.17 37.98
CA ASP NA 95 -61.56 -7.92 38.15
C ASP NA 95 -62.69 -6.93 38.41
N GLY NA 96 -63.92 -7.45 38.45
CA GLY NA 96 -65.06 -6.59 38.73
C GLY NA 96 -64.98 -5.93 40.09
N VAL NA 97 -64.31 -6.59 41.04
CA VAL NA 97 -64.14 -6.02 42.38
C VAL NA 97 -62.95 -5.08 42.39
N PHE NA 98 -63.06 -4.00 43.15
CA PHE NA 98 -61.96 -3.06 43.29
C PHE NA 98 -60.83 -3.69 44.08
N PRO NA 99 -59.64 -3.08 44.06
CA PRO NA 99 -58.51 -3.69 44.78
C PRO NA 99 -58.67 -3.72 46.28
N GLU NA 100 -59.23 -2.66 46.88
CA GLU NA 100 -59.33 -2.60 48.33
C GLU NA 100 -60.27 -3.68 48.86
N LYS NA 101 -61.27 -4.07 48.08
CA LYS NA 101 -62.18 -5.13 48.46
C LYS NA 101 -61.64 -6.47 47.98
N VAL NA 102 -61.99 -7.53 48.70
CA VAL NA 102 -61.40 -8.84 48.45
C VAL NA 102 -62.23 -9.59 47.42
N ASN NA 103 -61.56 -10.38 46.58
CA ASN NA 103 -62.21 -11.26 45.61
C ASN NA 103 -61.52 -12.62 45.66
N ALA NA 104 -62.32 -13.68 45.53
CA ALA NA 104 -61.81 -15.02 45.76
C ALA NA 104 -60.83 -15.46 44.67
N GLY NA 105 -61.01 -14.94 43.45
CA GLY NA 105 -60.23 -15.46 42.33
C GLY NA 105 -58.76 -15.10 42.38
N ARG NA 106 -58.40 -14.14 43.22
CA ARG NA 106 -57.04 -13.60 43.19
C ARG NA 106 -56.10 -14.47 44.03
N GLU NA 107 -54.81 -14.40 43.70
CA GLU NA 107 -53.76 -15.17 44.34
C GLU NA 107 -52.70 -14.24 44.91
N LYS NA 108 -52.06 -14.68 45.99
CA LYS NA 108 -51.01 -13.88 46.61
C LYS NA 108 -49.72 -13.97 45.82
N VAL NA 109 -49.02 -12.85 45.70
CA VAL NA 109 -47.78 -12.76 44.94
C VAL NA 109 -46.77 -11.95 45.73
N ARG NA 110 -45.51 -12.38 45.67
CA ARG NA 110 -44.41 -11.74 46.38
C ARG NA 110 -44.69 -11.64 47.87
N PHE NA 111 -45.14 -12.76 48.43
CA PHE NA 111 -45.41 -12.90 49.86
C PHE NA 111 -44.29 -13.71 50.49
N ASN NA 112 -43.74 -13.19 51.58
CA ASN NA 112 -42.72 -13.88 52.36
C ASN NA 112 -43.34 -14.37 53.65
N ALA NA 113 -43.27 -15.68 53.90
CA ALA NA 113 -43.91 -16.26 55.07
C ALA NA 113 -43.22 -15.83 56.36
N ARG NA 114 -42.01 -15.30 56.26
CA ARG NA 114 -41.24 -14.92 57.44
C ARG NA 114 -41.38 -13.42 57.72
N SER NA 115 -40.90 -13.02 58.89
CA SER NA 115 -40.84 -11.61 59.25
C SER NA 115 -39.52 -11.01 58.75
N ILE NA 116 -39.45 -9.67 58.80
CA ILE NA 116 -38.30 -8.97 58.25
C ILE NA 116 -37.03 -9.30 59.03
N GLY NA 117 -37.15 -9.52 60.34
CA GLY NA 117 -35.99 -9.88 61.12
C GLY NA 117 -35.41 -11.22 60.72
N GLU NA 118 -36.23 -12.09 60.15
CA GLU NA 118 -35.79 -13.43 59.77
C GLU NA 118 -35.11 -13.48 58.42
N ASN NA 119 -35.01 -12.37 57.71
CA ASN NA 119 -34.35 -12.39 56.40
C ASN NA 119 -32.87 -12.67 56.57
N PRO NA 120 -32.21 -13.28 55.59
CA PRO NA 120 -30.79 -13.59 55.74
C PRO NA 120 -29.93 -12.34 55.60
N ASN NA 121 -28.68 -12.46 56.05
CA ASN NA 121 -27.75 -11.36 55.92
C ASN NA 121 -27.20 -11.29 54.50
N PRO NA 122 -26.64 -10.16 54.09
CA PRO NA 122 -26.06 -10.10 52.74
C PRO NA 122 -24.82 -10.95 52.58
N SER NA 123 -24.03 -11.09 53.65
CA SER NA 123 -22.82 -11.89 53.56
C SER NA 123 -23.15 -13.36 53.33
N GLN NA 124 -24.27 -13.83 53.89
CA GLN NA 124 -24.72 -15.19 53.65
C GLN NA 124 -25.07 -15.41 52.19
N VAL NA 125 -25.43 -14.34 51.48
CA VAL NA 125 -25.84 -14.44 50.09
C VAL NA 125 -25.08 -13.40 49.27
N LYS NA 126 -23.94 -13.79 48.72
CA LYS NA 126 -23.15 -12.95 47.85
C LYS NA 126 -22.53 -13.81 46.76
N PHE NA 127 -22.56 -13.31 45.52
CA PHE NA 127 -22.12 -13.97 44.30
C PHE NA 127 -23.06 -15.10 43.89
N SER NA 128 -24.16 -15.34 44.61
CA SER NA 128 -25.10 -16.40 44.22
C SER NA 128 -26.09 -15.90 43.18
N GLY NA 129 -26.28 -14.59 43.08
CA GLY NA 129 -27.28 -14.03 42.20
C GLY NA 129 -28.65 -13.85 42.82
N LYS NA 130 -28.79 -14.12 44.12
CA LYS NA 130 -30.05 -13.98 44.85
C LYS NA 130 -29.91 -12.82 45.83
N ALA NA 131 -31.05 -12.22 46.20
CA ALA NA 131 -31.08 -11.10 47.12
C ALA NA 131 -31.62 -11.53 48.48
N THR NA 132 -31.40 -10.66 49.48
CA THR NA 132 -31.86 -10.95 50.82
C THR NA 132 -33.38 -10.94 50.91
N TYR NA 133 -34.05 -10.22 50.01
CA TYR NA 133 -35.51 -10.10 50.03
C TYR NA 133 -36.16 -11.19 49.18
N ASP NA 134 -35.76 -12.43 49.47
CA ASP NA 134 -36.26 -13.58 48.73
C ASP NA 134 -35.99 -14.86 49.49
N VAL OA 1 -50.23 -15.65 76.99
CA VAL OA 1 -50.25 -15.04 78.31
C VAL OA 1 -51.63 -14.44 78.56
N GLN OA 2 -52.04 -14.41 79.82
CA GLN OA 2 -53.36 -13.90 80.18
C GLN OA 2 -53.44 -12.41 79.94
N ARG OA 3 -54.67 -11.91 79.82
CA ARG OA 3 -54.89 -10.49 79.61
C ARG OA 3 -54.55 -9.70 80.87
N GLY OA 4 -54.12 -8.45 80.67
CA GLY OA 4 -53.83 -7.58 81.78
C GLY OA 4 -52.48 -7.78 82.44
N SER OA 5 -51.53 -8.40 81.74
CA SER OA 5 -50.23 -8.74 82.29
C SER OA 5 -49.15 -7.87 81.65
N LYS OA 6 -48.25 -7.35 82.48
CA LYS OA 6 -47.09 -6.65 81.96
C LYS OA 6 -46.12 -7.64 81.35
N VAL OA 7 -45.55 -7.25 80.20
CA VAL OA 7 -44.82 -8.18 79.35
C VAL OA 7 -43.66 -7.45 78.69
N ARG OA 8 -42.51 -8.12 78.62
CA ARG OA 8 -41.30 -7.60 78.01
C ARG OA 8 -41.09 -8.29 76.66
N ILE OA 9 -41.19 -7.49 75.59
CA ILE OA 9 -41.02 -8.01 74.24
C ILE OA 9 -39.55 -8.39 74.00
N LEU OA 10 -39.33 -9.39 73.14
CA LEU OA 10 -38.00 -9.83 72.76
C LEU OA 10 -37.78 -9.81 71.25
N ARG OA 11 -38.76 -9.37 70.47
CA ARG OA 11 -38.62 -9.32 69.02
C ARG OA 11 -37.66 -8.20 68.65
N PRO OA 12 -36.55 -8.47 67.95
CA PRO OA 12 -35.78 -7.36 67.41
C PRO OA 12 -36.54 -6.67 66.29
N GLU OA 13 -36.03 -5.50 65.89
CA GLU OA 13 -36.67 -4.63 64.91
C GLU OA 13 -37.96 -4.01 65.42
N SER OA 14 -38.24 -4.12 66.72
CA SER OA 14 -39.40 -3.50 67.34
C SER OA 14 -38.94 -2.30 68.15
N TYR OA 15 -39.71 -1.21 68.06
CA TYR OA 15 -39.35 0.01 68.76
C TYR OA 15 -39.30 -0.20 70.26
N TRP OA 16 -40.23 -1.00 70.78
CA TRP OA 16 -40.31 -1.27 72.21
C TRP OA 16 -39.50 -2.49 72.63
N PHE OA 17 -38.59 -2.96 71.78
CA PHE OA 17 -37.78 -4.14 72.07
C PHE OA 17 -37.04 -3.97 73.39
N GLN OA 18 -37.07 -5.01 74.22
CA GLN OA 18 -36.55 -4.97 75.58
C GLN OA 18 -37.18 -3.85 76.39
N ASP OA 19 -38.49 -3.67 76.24
CA ASP OA 19 -39.26 -2.72 77.03
C ASP OA 19 -40.57 -3.36 77.44
N VAL OA 20 -41.13 -2.91 78.56
CA VAL OA 20 -42.31 -3.55 79.12
C VAL OA 20 -43.57 -3.03 78.42
N GLY OA 21 -44.58 -3.88 78.36
CA GLY OA 21 -45.86 -3.50 77.81
C GLY OA 21 -46.97 -4.41 78.29
N THR OA 22 -48.17 -3.85 78.49
CA THR OA 22 -49.29 -4.65 78.97
C THR OA 22 -49.89 -5.45 77.83
N VAL OA 23 -50.67 -6.47 78.19
CA VAL OA 23 -51.38 -7.32 77.24
C VAL OA 23 -52.85 -6.91 77.28
N ALA OA 24 -53.33 -6.34 76.18
CA ALA OA 24 -54.69 -5.83 76.15
C ALA OA 24 -55.68 -6.93 75.77
N SER OA 25 -55.28 -7.87 74.92
CA SER OA 25 -56.16 -8.94 74.47
C SER OA 25 -55.33 -10.08 73.90
N VAL OA 26 -55.93 -11.27 73.92
CA VAL OA 26 -55.34 -12.46 73.33
C VAL OA 26 -56.41 -13.12 72.46
N ASP OA 27 -56.00 -13.67 71.32
CA ASP OA 27 -56.90 -14.29 70.37
C ASP OA 27 -56.78 -15.81 70.47
N GLN OA 28 -57.90 -16.46 70.78
CA GLN OA 28 -57.96 -17.92 70.86
C GLN OA 28 -58.21 -18.45 69.45
N SER OA 29 -57.15 -18.42 68.64
CA SER OA 29 -57.24 -18.84 67.25
C SER OA 29 -55.86 -19.34 66.83
N GLY OA 30 -55.80 -19.85 65.59
CA GLY OA 30 -54.53 -20.34 65.07
C GLY OA 30 -53.67 -19.27 64.44
N ILE OA 31 -53.99 -17.99 64.70
CA ILE OA 31 -53.28 -16.90 64.04
C ILE OA 31 -51.90 -16.75 64.67
N LYS OA 32 -50.89 -16.55 63.83
CA LYS OA 32 -49.58 -16.18 64.33
C LYS OA 32 -49.59 -14.73 64.80
N TYR OA 33 -48.79 -14.45 65.82
CA TYR OA 33 -48.78 -13.16 66.48
C TYR OA 33 -50.17 -12.84 67.02
N PRO OA 34 -50.74 -13.70 67.88
CA PRO OA 34 -52.12 -13.45 68.32
C PRO OA 34 -52.21 -12.41 69.42
N VAL OA 35 -51.22 -12.34 70.30
CA VAL OA 35 -51.29 -11.47 71.46
C VAL OA 35 -51.25 -10.02 71.02
N ILE OA 36 -52.12 -9.20 71.63
CA ILE OA 36 -52.16 -7.76 71.41
C ILE OA 36 -51.65 -7.09 72.67
N VAL OA 37 -50.82 -6.06 72.50
CA VAL OA 37 -50.20 -5.36 73.61
C VAL OA 37 -50.34 -3.86 73.42
N ARG OA 38 -50.07 -3.12 74.49
CA ARG OA 38 -50.12 -1.66 74.48
C ARG OA 38 -49.01 -1.14 75.36
N PHE OA 39 -48.38 -0.04 74.92
CA PHE OA 39 -47.23 0.54 75.58
C PHE OA 39 -47.51 1.98 75.93
N ASP OA 40 -46.73 2.50 76.89
CA ASP OA 40 -46.83 3.92 77.23
C ASP OA 40 -46.09 4.78 76.22
N LYS OA 41 -44.94 4.31 75.75
CA LYS OA 41 -44.15 5.03 74.76
C LYS OA 41 -44.71 4.73 73.37
N VAL OA 42 -44.86 5.77 72.56
CA VAL OA 42 -45.29 5.60 71.18
C VAL OA 42 -44.07 5.41 70.28
N ASN OA 43 -44.29 4.77 69.14
CA ASN OA 43 -43.24 4.57 68.16
C ASN OA 43 -43.11 5.80 67.27
N TYR OA 44 -42.30 5.69 66.23
CA TYR OA 44 -42.03 6.84 65.37
C TYR OA 44 -43.27 7.25 64.59
N ALA OA 45 -44.17 6.31 64.33
CA ALA OA 45 -45.42 6.59 63.64
C ALA OA 45 -46.54 6.99 64.58
N GLY OA 46 -46.39 6.78 65.89
CA GLY OA 46 -47.41 7.13 66.85
C GLY OA 46 -48.53 6.14 66.98
N ILE OA 47 -48.26 4.84 66.84
CA ILE OA 47 -49.33 3.84 66.79
C ILE OA 47 -49.60 3.27 68.17
N ASN OA 48 -48.55 3.05 68.95
CA ASN OA 48 -48.60 2.67 70.36
C ASN OA 48 -49.00 1.21 70.59
N THR OA 49 -49.36 0.48 69.54
CA THR OA 49 -49.83 -0.91 69.70
C THR OA 49 -49.31 -1.74 68.54
N ASN OA 50 -49.17 -3.04 68.79
CA ASN OA 50 -48.82 -4.00 67.76
C ASN OA 50 -48.96 -5.40 68.34
N ASN OA 51 -49.26 -6.35 67.46
CA ASN OA 51 -49.47 -7.75 67.84
C ASN OA 51 -48.14 -8.48 67.78
N PHE OA 52 -47.94 -9.40 68.72
CA PHE OA 52 -46.70 -10.17 68.82
C PHE OA 52 -47.03 -11.61 69.20
N ALA OA 53 -46.06 -12.49 68.95
CA ALA OA 53 -46.21 -13.90 69.25
C ALA OA 53 -45.96 -14.19 70.72
N VAL OA 54 -46.23 -15.43 71.11
CA VAL OA 54 -46.08 -15.82 72.51
C VAL OA 54 -44.61 -16.04 72.85
N ASP OA 55 -43.84 -16.61 71.92
CA ASP OA 55 -42.44 -16.89 72.17
C ASP OA 55 -41.58 -15.63 72.24
N GLU OA 56 -42.08 -14.50 71.73
CA GLU OA 56 -41.35 -13.24 71.75
C GLU OA 56 -41.60 -12.44 73.02
N LEU OA 57 -42.06 -13.07 74.10
CA LEU OA 57 -42.59 -12.37 75.26
C LEU OA 57 -42.17 -13.08 76.55
N ILE OA 58 -41.95 -12.28 77.59
CA ILE OA 58 -41.67 -12.76 78.94
C ILE OA 58 -42.72 -12.18 79.87
N GLU OA 59 -43.17 -12.99 80.82
CA GLU OA 59 -44.11 -12.55 81.85
C GLU OA 59 -43.32 -11.88 82.97
N VAL OA 60 -43.23 -10.55 82.91
CA VAL OA 60 -42.46 -9.82 83.91
C VAL OA 60 -43.21 -9.77 85.23
N GLU OA 61 -44.48 -9.40 85.19
CA GLU OA 61 -45.30 -9.26 86.39
C GLU OA 61 -46.63 -9.97 86.17
N ALA OA 62 -47.30 -10.27 87.27
CA ALA OA 62 -48.54 -11.01 87.23
C ALA OA 62 -49.68 -10.11 86.78
N PRO OA 63 -50.79 -10.69 86.27
CA PRO OA 63 -51.91 -9.85 85.87
C PRO OA 63 -52.76 -9.40 87.06
N GLY PA 1 5.51 26.69 85.72
CA GLY PA 1 6.24 27.87 85.27
C GLY PA 1 6.92 27.64 83.94
N ALA PA 2 6.63 28.51 82.97
CA ALA PA 2 7.17 28.40 81.62
C ALA PA 2 7.04 29.73 80.91
N ASP PA 3 8.18 30.41 80.69
CA ASP PA 3 8.22 31.64 79.89
C ASP PA 3 7.37 32.73 80.53
N LEU PA 4 7.52 32.90 81.84
CA LEU PA 4 6.68 33.81 82.60
C LEU PA 4 7.43 34.34 83.82
N THR PA 5 6.86 35.34 84.45
CA THR PA 5 7.41 35.98 85.64
C THR PA 5 6.28 36.27 86.61
N PRO PA 6 6.60 36.63 87.86
CA PRO PA 6 5.54 37.05 88.79
C PRO PA 6 4.86 38.31 88.29
N CYS PA 7 3.54 38.35 88.46
CA CYS PA 7 2.75 39.45 87.90
C CYS PA 7 3.01 40.75 88.63
N ALA PA 8 3.40 40.68 89.90
CA ALA PA 8 3.61 41.90 90.67
C ALA PA 8 4.80 42.70 90.16
N GLU PA 9 5.85 42.01 89.71
CA GLU PA 9 7.10 42.65 89.32
C GLU PA 9 7.27 42.80 87.81
N ASN PA 10 6.36 42.26 87.01
CA ASN PA 10 6.52 42.32 85.57
C ASN PA 10 6.34 43.77 85.09
N PRO PA 11 7.24 44.29 84.24
CA PRO PA 11 7.05 45.69 83.80
C PRO PA 11 5.84 45.89 82.92
N ALA PA 12 5.58 44.97 82.00
CA ALA PA 12 4.46 45.13 81.08
C ALA PA 12 3.13 45.17 81.81
N PHE PA 13 3.03 44.43 82.92
CA PHE PA 13 1.81 44.48 83.72
C PHE PA 13 1.62 45.84 84.37
N GLN PA 14 2.69 46.40 84.94
CA GLN PA 14 2.61 47.72 85.54
C GLN PA 14 2.30 48.78 84.49
N ALA PA 15 2.75 48.56 83.25
CA ALA PA 15 2.46 49.51 82.18
C ALA PA 15 0.97 49.56 81.88
N LEU PA 16 0.31 48.41 81.90
CA LEU PA 16 -1.13 48.38 81.64
C LEU PA 16 -1.93 48.83 82.86
N ALA PA 17 -1.35 48.70 84.05
CA ALA PA 17 -2.09 49.02 85.27
C ALA PA 17 -2.37 50.51 85.38
N LYS PA 18 -1.49 51.35 84.82
CA LYS PA 18 -1.71 52.80 84.90
C LYS PA 18 -2.95 53.21 84.13
N ASN PA 19 -3.24 52.52 83.03
CA ASN PA 19 -4.45 52.73 82.23
C ASN PA 19 -5.25 51.43 82.26
N ALA PA 20 -6.09 51.28 83.28
CA ALA PA 20 -6.80 50.04 83.53
C ALA PA 20 -8.21 50.03 82.95
N ARG PA 21 -8.82 51.20 82.75
CA ARG PA 21 -10.17 51.31 82.20
C ARG PA 21 -11.18 50.56 83.09
N ASN PA 22 -11.38 51.16 84.26
CA ASN PA 22 -12.37 50.72 85.25
C ASN PA 22 -13.67 50.28 84.58
N THR PA 23 -14.16 49.10 84.98
CA THR PA 23 -15.31 48.50 84.32
C THR PA 23 -16.62 49.00 84.91
N THR PA 24 -16.79 48.82 86.22
CA THR PA 24 -18.04 49.15 86.87
C THR PA 24 -18.10 50.65 87.17
N ALA PA 25 -19.18 51.06 87.85
CA ALA PA 25 -19.35 52.47 88.18
C ALA PA 25 -18.29 52.95 89.16
N ASP PA 26 -17.70 52.05 89.92
CA ASP PA 26 -16.69 52.44 90.90
C ASP PA 26 -15.48 53.04 90.17
N PRO PA 27 -14.96 54.21 90.60
CA PRO PA 27 -13.81 54.78 89.88
C PRO PA 27 -12.56 53.92 89.98
N GLN PA 28 -12.35 53.27 91.12
CA GLN PA 28 -11.12 52.53 91.37
C GLN PA 28 -11.22 51.06 90.97
N SER PA 29 -12.19 50.72 90.11
CA SER PA 29 -12.34 49.33 89.70
C SER PA 29 -11.13 48.86 88.90
N GLY PA 30 -10.54 49.75 88.11
CA GLY PA 30 -9.37 49.38 87.34
C GLY PA 30 -8.16 49.10 88.20
N GLN PA 31 -7.85 50.01 89.14
CA GLN PA 31 -6.71 49.80 90.02
C GLN PA 31 -6.96 48.62 90.96
N LYS PA 32 -8.19 48.42 91.39
CA LYS PA 32 -8.51 47.29 92.25
C LYS PA 32 -8.35 45.97 91.50
N ARG PA 33 -8.64 45.97 90.20
CA ARG PA 33 -8.46 44.76 89.40
C ARG PA 33 -7.00 44.34 89.37
N PHE PA 34 -6.11 45.26 88.97
CA PHE PA 34 -4.70 44.90 88.79
C PHE PA 34 -4.04 44.60 90.14
N GLU PA 35 -4.61 45.10 91.23
CA GLU PA 35 -4.08 44.80 92.55
C GLU PA 35 -4.21 43.32 92.87
N ARG PA 36 -5.39 42.75 92.67
CA ARG PA 36 -5.62 41.34 92.98
C ARG PA 36 -4.85 40.44 92.01
N TYR PA 37 -4.72 40.86 90.75
CA TYR PA 37 -4.05 40.04 89.75
C TYR PA 37 -2.53 39.99 89.94
N SER PA 38 -1.98 40.79 90.87
CA SER PA 38 -0.55 40.73 91.14
C SER PA 38 -0.15 39.38 91.71
N GLN PA 39 -1.10 38.69 92.36
CA GLN PA 39 -0.80 37.37 92.92
C GLN PA 39 -0.50 36.36 91.83
N ALA PA 40 -1.24 36.40 90.73
CA ALA PA 40 -1.10 35.41 89.68
C ALA PA 40 0.24 35.56 88.96
N LEU PA 41 0.48 34.68 87.99
CA LEU PA 41 1.68 34.74 87.17
C LEU PA 41 1.37 35.38 85.83
N CYS PA 42 2.33 36.14 85.32
CA CYS PA 42 2.17 36.91 84.09
C CYS PA 42 3.31 36.61 83.12
N GLY PA 43 3.04 36.86 81.84
CA GLY PA 43 3.99 36.58 80.79
C GLY PA 43 4.66 37.84 80.26
N PRO PA 44 5.37 37.73 79.14
CA PRO PA 44 5.99 38.93 78.56
C PRO PA 44 4.98 39.95 78.06
N GLU PA 45 3.83 39.49 77.56
CA GLU PA 45 2.86 40.39 76.98
C GLU PA 45 2.25 41.32 78.02
N GLY PA 46 2.23 40.91 79.28
CA GLY PA 46 1.69 41.71 80.36
C GLY PA 46 0.38 41.22 80.90
N TYR PA 47 -0.25 40.24 80.27
CA TYR PA 47 -1.51 39.70 80.75
C TYR PA 47 -1.25 38.54 81.70
N PRO PA 48 -2.18 38.22 82.60
CA PRO PA 48 -1.93 37.12 83.53
C PRO PA 48 -2.16 35.77 82.88
N HIS PA 49 -1.52 34.75 83.45
CA HIS PA 49 -1.66 33.37 83.02
C HIS PA 49 -2.01 32.50 84.22
N LEU PA 50 -2.95 31.59 84.01
CA LEU PA 50 -3.41 30.68 85.05
C LEU PA 50 -2.77 29.32 84.85
N ILE PA 51 -2.45 28.64 85.95
CA ILE PA 51 -1.85 27.31 85.92
C ILE PA 51 -2.83 26.35 86.58
N VAL PA 52 -3.32 25.40 85.79
CA VAL PA 52 -4.32 24.42 86.24
C VAL PA 52 -3.63 23.10 86.57
N ASP PA 53 -2.35 23.19 86.97
CA ASP PA 53 -1.59 22.00 87.34
C ASP PA 53 -2.29 21.18 88.42
N GLY PA 54 -2.95 21.86 89.36
CA GLY PA 54 -3.48 21.23 90.55
C GLY PA 54 -2.66 21.50 91.79
N ARG PA 55 -1.52 22.16 91.66
CA ARG PA 55 -0.73 22.54 92.83
C ARG PA 55 -1.53 23.47 93.73
N LEU PA 56 -1.39 23.27 95.04
CA LEU PA 56 -2.15 24.06 96.00
C LEU PA 56 -1.68 25.50 96.07
N ASP PA 57 -0.48 25.80 95.56
CA ASP PA 57 -0.03 27.18 95.50
C ASP PA 57 -0.94 28.01 94.59
N ARG PA 58 -1.43 27.40 93.51
CA ARG PA 58 -2.35 28.04 92.58
C ARG PA 58 -3.52 27.09 92.33
N ALA PA 59 -4.53 27.18 93.20
CA ALA PA 59 -5.74 26.39 93.13
C ALA PA 59 -6.98 27.23 92.87
N GLY PA 60 -6.93 28.53 93.16
CA GLY PA 60 -8.06 29.39 92.85
C GLY PA 60 -8.28 29.55 91.36
N ASP PA 61 -7.27 29.22 90.56
CA ASP PA 61 -7.40 29.31 89.11
C ASP PA 61 -8.50 28.39 88.59
N PHE PA 62 -8.37 27.09 88.85
CA PHE PA 62 -9.25 26.08 88.27
C PHE PA 62 -9.83 25.15 89.31
N LEU PA 63 -9.05 24.82 90.35
CA LEU PA 63 -9.45 23.77 91.27
C LEU PA 63 -10.63 24.18 92.13
N ILE PA 64 -10.58 25.39 92.68
CA ILE PA 64 -11.68 25.89 93.52
C ILE PA 64 -12.89 26.14 92.63
N PRO PA 65 -12.75 26.80 91.48
CA PRO PA 65 -13.89 26.86 90.54
C PRO PA 65 -14.41 25.50 90.13
N SER PA 66 -13.53 24.50 90.04
CA SER PA 66 -13.97 23.17 89.63
C SER PA 66 -14.89 22.55 90.66
N ILE PA 67 -14.55 22.67 91.94
CA ILE PA 67 -15.37 22.09 92.99
C ILE PA 67 -16.70 22.83 93.08
N LEU PA 68 -16.66 24.15 92.96
CA LEU PA 68 -17.87 24.95 93.10
C LEU PA 68 -18.86 24.64 91.98
N PHE PA 69 -18.36 24.31 90.79
CA PHE PA 69 -19.25 23.96 89.69
C PHE PA 69 -19.99 22.66 89.98
N LEU PA 70 -19.24 21.60 90.28
CA LEU PA 70 -19.80 20.26 90.29
C LEU PA 70 -20.85 20.11 91.40
N TYR PA 71 -20.69 20.86 92.50
CA TYR PA 71 -21.73 20.86 93.51
C TYR PA 71 -22.99 21.53 92.98
N ILE PA 72 -22.82 22.59 92.18
CA ILE PA 72 -23.97 23.27 91.60
C ILE PA 72 -24.60 22.43 90.51
N ALA PA 73 -23.77 21.82 89.65
CA ALA PA 73 -24.29 21.10 88.50
C ALA PA 73 -24.99 19.82 88.93
N GLY PA 74 -24.41 19.08 89.88
CA GLY PA 74 -25.05 17.87 90.35
C GLY PA 74 -26.38 18.16 91.03
N TRP PA 75 -26.51 19.35 91.62
CA TRP PA 75 -27.81 19.78 92.13
C TRP PA 75 -28.85 19.78 91.02
N ILE PA 76 -28.48 20.26 89.84
CA ILE PA 76 -29.44 20.37 88.74
C ILE PA 76 -29.80 18.99 88.21
N GLY PA 77 -28.80 18.11 88.10
CA GLY PA 77 -29.07 16.79 87.57
C GLY PA 77 -29.83 15.91 88.53
N TRP PA 78 -29.46 15.95 89.81
CA TRP PA 78 -30.17 15.15 90.81
C TRP PA 78 -31.61 15.64 90.96
N VAL PA 79 -31.82 16.95 90.90
CA VAL PA 79 -33.17 17.49 90.96
C VAL PA 79 -33.97 17.05 89.74
N GLY PA 80 -33.39 17.21 88.55
CA GLY PA 80 -34.09 16.80 87.34
C GLY PA 80 -34.34 15.31 87.30
N ARG PA 81 -33.39 14.51 87.80
CA ARG PA 81 -33.56 13.07 87.80
C ARG PA 81 -34.66 12.65 88.78
N ALA PA 82 -34.74 13.32 89.92
CA ALA PA 82 -35.74 12.96 90.92
C ALA PA 82 -37.12 13.44 90.51
N TYR PA 83 -37.20 14.65 89.97
CA TYR PA 83 -38.50 15.17 89.51
C TYR PA 83 -39.05 14.33 88.38
N LEU PA 84 -38.18 13.84 87.50
CA LEU PA 84 -38.63 13.01 86.39
C LEU PA 84 -39.09 11.64 86.88
N GLN PA 85 -38.42 11.09 87.89
CA GLN PA 85 -38.81 9.79 88.41
C GLN PA 85 -40.14 9.88 89.15
N ALA PA 86 -40.34 10.94 89.94
CA ALA PA 86 -41.57 11.08 90.70
C ALA PA 86 -42.78 11.21 89.78
N ILE PA 87 -42.60 11.88 88.63
CA ILE PA 87 -43.70 12.06 87.70
C ILE PA 87 -44.12 10.72 87.10
N LYS PA 88 -43.15 9.82 86.89
CA LYS PA 88 -43.43 8.59 86.15
C LYS PA 88 -44.41 7.70 86.89
N LYS PA 89 -44.46 7.80 88.22
CA LYS PA 89 -45.42 7.02 88.99
C LYS PA 89 -46.83 7.58 88.81
N ASP PA 90 -46.95 8.88 88.58
CA ASP PA 90 -48.26 9.49 88.40
C ASP PA 90 -48.91 9.02 87.10
N SER PA 91 -50.17 9.40 86.92
CA SER PA 91 -50.93 8.97 85.75
C SER PA 91 -50.55 9.78 84.52
N ASP PA 92 -50.78 11.09 84.56
CA ASP PA 92 -50.51 11.98 83.43
C ASP PA 92 -49.06 12.46 83.56
N THR PA 93 -48.15 11.77 82.88
CA THR PA 93 -46.73 12.08 83.00
C THR PA 93 -46.33 13.20 82.05
N GLU PA 94 -46.87 13.20 80.83
CA GLU PA 94 -46.40 14.13 79.81
C GLU PA 94 -46.82 15.55 80.12
N GLN PA 95 -48.05 15.74 80.62
CA GLN PA 95 -48.52 17.07 80.94
C GLN PA 95 -47.73 17.67 82.09
N LYS PA 96 -47.37 16.85 83.08
CA LYS PA 96 -46.61 17.34 84.22
C LYS PA 96 -45.21 17.80 83.79
N GLU PA 97 -44.70 17.24 82.69
CA GLU PA 97 -43.41 17.67 82.17
C GLU PA 97 -43.49 19.10 81.65
N ILE PA 98 -44.56 19.42 80.92
CA ILE PA 98 -44.73 20.76 80.40
C ILE PA 98 -45.25 21.69 81.49
N GLN PA 99 -46.41 21.36 82.05
CA GLN PA 99 -47.02 22.14 83.13
C GLN PA 99 -46.49 21.57 84.44
N LEU PA 100 -45.47 22.21 84.99
CA LEU PA 100 -44.74 21.64 86.12
C LEU PA 100 -45.61 21.59 87.36
N ASP PA 101 -45.56 20.46 88.06
CA ASP PA 101 -46.20 20.31 89.36
C ASP PA 101 -45.26 20.90 90.41
N LEU PA 102 -45.45 22.18 90.71
CA LEU PA 102 -44.55 22.86 91.63
C LEU PA 102 -44.64 22.28 93.03
N GLY PA 103 -45.78 21.68 93.37
CA GLY PA 103 -45.90 21.02 94.66
C GLY PA 103 -44.93 19.87 94.80
N ILE PA 104 -44.63 19.19 93.68
CA ILE PA 104 -43.69 18.08 93.70
C ILE PA 104 -42.26 18.57 93.50
N ALA PA 105 -42.09 19.65 92.73
CA ALA PA 105 -40.76 20.06 92.31
C ALA PA 105 -40.03 20.81 93.42
N LEU PA 106 -40.70 21.78 94.04
CA LEU PA 106 -40.03 22.61 95.04
C LEU PA 106 -39.55 21.83 96.25
N PRO PA 107 -40.26 20.82 96.76
CA PRO PA 107 -39.64 19.94 97.77
C PRO PA 107 -38.36 19.28 97.29
N ILE PA 108 -38.31 18.89 96.02
CA ILE PA 108 -37.09 18.30 95.48
C ILE PA 108 -36.00 19.35 95.34
N ILE PA 109 -36.37 20.55 94.88
CA ILE PA 109 -35.39 21.63 94.77
C ILE PA 109 -34.90 22.05 96.15
N ALA PA 110 -35.75 21.92 97.17
CA ALA PA 110 -35.31 22.17 98.53
C ALA PA 110 -34.20 21.20 98.93
N THR PA 111 -34.35 19.93 98.56
CA THR PA 111 -33.26 18.99 98.64
C THR PA 111 -32.29 19.21 97.48
N GLY PA 112 -31.33 18.32 97.35
CA GLY PA 112 -30.27 18.45 96.37
C GLY PA 112 -29.00 19.03 96.91
N PHE PA 113 -29.06 19.76 98.04
CA PHE PA 113 -27.86 20.18 98.73
C PHE PA 113 -27.03 18.99 99.19
N ALA PA 114 -27.66 17.85 99.44
CA ALA PA 114 -26.97 16.62 99.83
C ALA PA 114 -27.01 15.60 98.69
N TRP PA 115 -26.92 16.07 97.45
CA TRP PA 115 -26.89 15.17 96.30
C TRP PA 115 -25.71 14.20 96.30
N PRO PA 116 -24.51 14.52 96.81
CA PRO PA 116 -23.45 13.49 96.78
C PRO PA 116 -23.77 12.29 97.65
N ALA PA 117 -24.43 12.52 98.79
CA ALA PA 117 -24.79 11.40 99.66
C ALA PA 117 -25.79 10.48 98.99
N ALA PA 118 -26.83 11.05 98.38
CA ALA PA 118 -27.82 10.24 97.69
C ALA PA 118 -27.22 9.54 96.48
N ALA PA 119 -26.25 10.19 95.83
CA ALA PA 119 -25.59 9.58 94.68
C ALA PA 119 -24.82 8.33 95.10
N VAL PA 120 -24.05 8.43 96.18
CA VAL PA 120 -23.29 7.28 96.68
C VAL PA 120 -24.25 6.20 97.17
N LYS PA 121 -25.36 6.60 97.78
CA LYS PA 121 -26.32 5.63 98.29
C LYS PA 121 -26.94 4.82 97.14
N GLU PA 122 -27.29 5.48 96.03
CA GLU PA 122 -27.85 4.77 94.90
C GLU PA 122 -26.78 3.94 94.19
N LEU PA 123 -25.53 4.39 94.22
CA LEU PA 123 -24.46 3.65 93.58
C LEU PA 123 -24.14 2.37 94.35
N LEU PA 124 -24.01 2.49 95.68
CA LEU PA 124 -23.67 1.32 96.50
C LEU PA 124 -24.77 0.27 96.42
N SER PA 125 -26.01 0.70 96.55
CA SER PA 125 -27.16 -0.20 96.46
C SER PA 125 -28.38 0.63 96.09
N GLY PA 126 -28.85 0.47 94.85
CA GLY PA 126 -30.03 1.20 94.43
C GLY PA 126 -30.27 1.23 92.94
N GLU PA 127 -30.69 2.38 92.44
CA GLU PA 127 -31.25 2.54 91.11
C GLU PA 127 -30.46 3.50 90.24
N LEU PA 128 -29.17 3.69 90.50
CA LEU PA 128 -28.38 4.62 89.70
C LEU PA 128 -28.24 4.14 88.27
N THR PA 129 -28.29 2.82 88.05
CA THR PA 129 -28.15 2.24 86.73
C THR PA 129 -29.21 1.16 86.54
N ALA PA 130 -29.84 1.16 85.38
CA ALA PA 130 -30.72 0.08 84.98
C ALA PA 130 -29.93 -1.00 84.25
N LYS PA 131 -30.51 -2.20 84.23
CA LYS PA 131 -29.83 -3.33 83.61
C LYS PA 131 -29.83 -3.18 82.09
N ASP PA 132 -28.78 -3.69 81.46
CA ASP PA 132 -28.67 -3.58 80.01
C ASP PA 132 -29.73 -4.43 79.31
N SER PA 133 -30.17 -5.52 79.96
CA SER PA 133 -31.11 -6.42 79.32
C SER PA 133 -32.52 -5.84 79.26
N GLU PA 134 -32.81 -4.83 80.09
CA GLU PA 134 -34.14 -4.23 80.17
C GLU PA 134 -34.16 -2.80 79.64
N ILE PA 135 -33.33 -2.50 78.63
CA ILE PA 135 -33.28 -1.20 77.98
C ILE PA 135 -33.39 -1.40 76.49
N THR PA 136 -34.06 -0.48 75.81
CA THR PA 136 -34.24 -0.58 74.37
C THR PA 136 -32.91 -0.47 73.65
N VAL PA 137 -32.74 -1.29 72.61
CA VAL PA 137 -31.51 -1.36 71.84
C VAL PA 137 -31.86 -1.70 70.40
N SER PA 138 -30.98 -1.26 69.50
CA SER PA 138 -31.13 -1.60 68.10
C SER PA 138 -30.64 -3.04 67.86
N PRO PA 139 -31.00 -3.64 66.72
CA PRO PA 139 -30.46 -4.97 66.44
C PRO PA 139 -28.96 -4.97 66.22
N ALA QA 1 14.00 22.39 21.85
CA ALA QA 1 12.86 21.95 21.07
C ALA QA 1 11.56 22.52 21.64
N SER QA 2 11.51 23.84 21.76
CA SER QA 2 10.34 24.52 22.30
C SER QA 2 9.13 24.46 21.38
N PHE QA 3 9.31 24.11 20.11
CA PHE QA 3 8.18 24.05 19.18
C PHE QA 3 7.22 22.92 19.55
N LEU QA 4 7.69 21.91 20.29
CA LEU QA 4 6.83 20.79 20.64
C LEU QA 4 5.66 21.25 21.51
N SER QA 5 5.88 22.27 22.34
CA SER QA 5 4.80 22.78 23.18
C SER QA 5 3.69 23.37 22.33
N SER QA 6 4.04 23.98 21.19
CA SER QA 6 3.04 24.53 20.29
C SER QA 6 2.24 23.46 19.57
N ILE QA 7 2.73 22.22 19.54
CA ILE QA 7 2.03 21.12 18.88
C ILE QA 7 1.34 20.20 19.87
N PHE QA 8 1.90 20.00 21.07
CA PHE QA 8 1.39 19.04 22.03
C PHE QA 8 0.33 19.64 22.95
N VAL QA 9 0.46 20.93 23.27
CA VAL QA 9 -0.56 21.58 24.10
C VAL QA 9 -1.92 21.55 23.43
N PRO QA 10 -2.11 22.08 22.22
CA PRO QA 10 -3.46 22.10 21.64
C PRO QA 10 -4.01 20.71 21.35
N VAL QA 11 -3.14 19.73 21.14
CA VAL QA 11 -3.62 18.35 20.96
C VAL QA 11 -4.33 17.88 22.23
N ILE QA 12 -3.88 18.34 23.38
CA ILE QA 12 -4.50 17.95 24.64
C ILE QA 12 -5.79 18.72 24.86
N GLY QA 13 -5.87 19.95 24.35
CA GLY QA 13 -7.03 20.78 24.54
C GLY QA 13 -8.12 20.63 23.53
N TRP QA 14 -7.79 20.22 22.30
CA TRP QA 14 -8.75 20.13 21.21
C TRP QA 14 -8.86 18.73 20.63
N VAL QA 15 -7.74 18.11 20.23
CA VAL QA 15 -7.82 16.84 19.52
C VAL QA 15 -8.25 15.72 20.47
N VAL QA 16 -7.68 15.69 21.67
CA VAL QA 16 -8.00 14.62 22.61
C VAL QA 16 -9.45 14.69 23.08
N PRO QA 17 -9.97 15.85 23.49
CA PRO QA 17 -11.40 15.91 23.84
C PRO QA 17 -12.32 15.53 22.69
N ILE QA 18 -12.05 16.04 21.49
CA ILE QA 18 -12.92 15.77 20.36
C ILE QA 18 -12.95 14.28 20.03
N ALA QA 19 -11.78 13.65 20.01
CA ALA QA 19 -11.72 12.23 19.66
C ALA QA 19 -12.34 11.36 20.75
N THR QA 20 -12.07 11.68 22.02
CA THR QA 20 -12.58 10.86 23.11
C THR QA 20 -14.08 11.02 23.27
N PHE QA 21 -14.57 12.27 23.28
CA PHE QA 21 -16.00 12.49 23.43
C PHE QA 21 -16.77 11.99 22.21
N SER QA 22 -16.13 12.00 21.04
CA SER QA 22 -16.79 11.50 19.85
C SER QA 22 -17.02 10.00 19.93
N PHE QA 23 -15.98 9.24 20.25
CA PHE QA 23 -16.13 7.80 20.36
C PHE QA 23 -17.06 7.43 21.50
N LEU QA 24 -16.88 8.08 22.66
CA LEU QA 24 -17.68 7.72 23.83
C LEU QA 24 -19.15 7.99 23.60
N PHE QA 25 -19.48 9.14 23.00
CA PHE QA 25 -20.87 9.46 22.72
C PHE QA 25 -21.52 8.42 21.83
N LEU QA 26 -20.76 7.87 20.88
CA LEU QA 26 -21.29 6.80 20.04
C LEU QA 26 -21.31 5.48 20.79
N TYR QA 27 -20.33 5.26 21.67
CA TYR QA 27 -20.30 4.01 22.43
C TYR QA 27 -21.44 3.95 23.44
N ILE QA 28 -21.70 5.05 24.13
CA ILE QA 28 -22.75 5.04 25.14
C ILE QA 28 -24.13 4.95 24.48
N GLU QA 29 -24.26 5.50 23.27
CA GLU QA 29 -25.52 5.49 22.54
C GLU QA 29 -25.68 4.26 21.65
N ARG QA 30 -24.71 3.35 21.63
CA ARG QA 30 -24.83 2.16 20.79
C ARG QA 30 -25.95 1.26 21.29
N GLU QA 31 -26.28 0.26 20.47
CA GLU QA 31 -27.33 -0.71 20.79
C GLU QA 31 -26.87 -2.12 20.50
N GLN RA 6 -59.83 31.94 87.07
CA GLN RA 6 -59.50 31.57 88.45
C GLN RA 6 -57.99 31.61 88.67
N SER RA 7 -57.59 31.69 89.94
CA SER RA 7 -56.16 31.73 90.25
C SER RA 7 -55.49 30.39 89.98
N SER RA 8 -56.22 29.28 90.13
CA SER RA 8 -55.66 27.97 89.84
C SER RA 8 -55.22 27.85 88.40
N TYR RA 9 -55.95 28.50 87.49
CA TYR RA 9 -55.57 28.48 86.08
C TYR RA 9 -54.34 29.36 85.83
N LEU RA 10 -54.23 30.47 86.56
CA LEU RA 10 -53.09 31.35 86.38
C LEU RA 10 -51.80 30.69 86.85
N ILE RA 11 -51.86 29.92 87.94
CA ILE RA 11 -50.68 29.25 88.46
C ILE RA 11 -50.18 28.22 87.45
N LYS RA 12 -51.11 27.51 86.80
CA LYS RA 12 -50.70 26.54 85.79
C LYS RA 12 -50.01 27.22 84.61
N PHE RA 13 -50.46 28.42 84.25
CA PHE RA 13 -49.81 29.15 83.18
C PHE RA 13 -48.39 29.53 83.56
N ILE RA 14 -48.18 29.91 84.82
CA ILE RA 14 -46.84 30.26 85.27
C ILE RA 14 -45.96 29.03 85.36
N SER RA 15 -46.55 27.88 85.68
CA SER RA 15 -45.79 26.65 85.84
C SER RA 15 -45.41 26.00 84.52
N THR RA 16 -45.87 26.52 83.39
CA THR RA 16 -45.52 25.95 82.11
C THR RA 16 -44.03 26.13 81.82
N ALA RA 17 -43.59 25.50 80.74
CA ALA RA 17 -42.16 25.50 80.40
C ALA RA 17 -41.59 26.89 80.19
N PRO RA 18 -42.16 27.75 79.34
CA PRO RA 18 -41.50 29.04 79.09
C PRO RA 18 -41.49 29.96 80.30
N VAL RA 19 -42.66 30.15 80.92
CA VAL RA 19 -42.78 31.11 82.02
C VAL RA 19 -41.96 30.65 83.21
N ALA RA 20 -41.93 29.35 83.47
CA ALA RA 20 -41.07 28.82 84.52
C ALA RA 20 -39.61 29.02 84.17
N ALA RA 21 -39.26 28.89 82.89
CA ALA RA 21 -37.87 29.08 82.46
C ALA RA 21 -37.49 30.56 82.51
N THR RA 22 -38.39 31.44 82.06
CA THR RA 22 -38.09 32.86 82.05
C THR RA 22 -37.93 33.40 83.47
N ILE RA 23 -38.83 32.98 84.36
CA ILE RA 23 -38.76 33.43 85.75
C ILE RA 23 -37.48 32.94 86.40
N TRP RA 24 -37.11 31.68 86.14
CA TRP RA 24 -35.94 31.11 86.78
C TRP RA 24 -34.65 31.70 86.21
N LEU RA 25 -34.55 31.77 84.87
CA LEU RA 25 -33.32 32.22 84.26
C LEU RA 25 -33.07 33.70 84.55
N THR RA 26 -34.14 34.50 84.62
CA THR RA 26 -33.98 35.90 84.99
C THR RA 26 -33.45 36.03 86.41
N ILE RA 27 -33.83 35.11 87.29
CA ILE RA 27 -33.34 35.15 88.66
C ILE RA 27 -31.87 34.78 88.71
N THR RA 28 -31.50 33.69 88.02
CA THR RA 28 -30.09 33.31 87.96
C THR RA 28 -29.28 34.37 87.23
N ALA RA 29 -29.88 35.01 86.22
CA ALA RA 29 -29.18 36.06 85.50
C ALA RA 29 -28.96 37.29 86.38
N GLY RA 30 -30.01 37.71 87.09
CA GLY RA 30 -29.89 38.88 87.93
C GLY RA 30 -28.85 38.71 89.04
N ILE RA 31 -28.68 37.48 89.51
CA ILE RA 31 -27.69 37.23 90.55
C ILE RA 31 -26.29 37.45 90.01
N LEU RA 32 -25.96 36.81 88.89
CA LEU RA 32 -24.66 37.00 88.26
C LEU RA 32 -24.48 38.45 87.84
N ILE RA 33 -25.54 39.07 87.34
CA ILE RA 33 -25.47 40.48 86.92
C ILE RA 33 -25.21 41.37 88.13
N GLU RA 34 -25.95 41.16 89.21
CA GLU RA 34 -25.83 42.05 90.36
C GLU RA 34 -24.54 41.77 91.13
N PHE RA 35 -24.13 40.50 91.20
CA PHE RA 35 -22.88 40.17 91.87
C PHE RA 35 -21.69 40.79 91.15
N ASN RA 36 -21.80 40.97 89.83
CA ASN RA 36 -20.65 41.40 89.05
C ASN RA 36 -20.46 42.91 89.10
N ARG RA 37 -21.48 43.66 89.53
CA ARG RA 37 -21.34 45.11 89.64
C ARG RA 37 -20.68 45.49 90.96
N PHE RA 38 -20.91 44.68 92.01
CA PHE RA 38 -20.27 44.94 93.30
C PHE RA 38 -18.88 44.33 93.34
N PHE RA 39 -18.77 43.05 92.99
CA PHE RA 39 -17.51 42.33 92.94
C PHE RA 39 -17.08 42.25 91.48
N PRO RA 40 -16.20 43.15 91.01
CA PRO RA 40 -16.14 43.41 89.56
C PRO RA 40 -15.67 42.25 88.70
N ASP RA 41 -14.49 41.70 88.98
CA ASP RA 41 -13.71 41.01 87.95
C ASP RA 41 -13.67 39.50 88.16
N LEU RA 42 -13.12 39.03 89.28
CA LEU RA 42 -13.17 37.63 89.67
C LEU RA 42 -12.61 36.69 88.59
N LEU RA 43 -11.38 36.96 88.19
CA LEU RA 43 -10.71 36.04 87.25
C LEU RA 43 -10.38 34.72 87.93
N PHE RA 44 -9.99 34.78 89.21
CA PHE RA 44 -9.68 33.60 89.99
C PHE RA 44 -10.02 33.89 91.44
N HIS RA 45 -9.93 32.86 92.27
CA HIS RA 45 -10.10 33.04 93.70
C HIS RA 45 -8.76 33.47 94.31
N PRO RA 46 -8.64 34.68 94.87
CA PRO RA 46 -7.37 35.04 95.51
C PRO RA 46 -7.13 34.18 96.74
N LEU RA 47 -5.96 33.56 96.78
CA LEU RA 47 -5.59 32.63 97.84
C LEU RA 47 -4.73 33.35 98.87
N PRO RA 48 -5.03 33.26 100.17
CA PRO RA 48 -4.14 33.92 101.13
C PRO RA 48 -2.84 33.15 101.34
N ALA SA 1 -42.03 82.01 38.58
CA ALA SA 1 -43.25 82.77 38.34
C ALA SA 1 -44.49 81.92 38.59
N ALA SA 2 -45.25 82.27 39.63
CA ALA SA 2 -46.45 81.54 39.96
C ALA SA 2 -47.52 81.75 38.89
N THR SA 3 -48.36 80.75 38.71
CA THR SA 3 -49.45 80.87 37.74
C THR SA 3 -50.42 81.95 38.17
N THR SA 4 -51.03 82.60 37.20
CA THR SA 4 -51.91 83.73 37.50
C THR SA 4 -53.17 83.24 38.21
N PRO SA 5 -53.49 83.73 39.40
CA PRO SA 5 -54.71 83.32 40.08
C PRO SA 5 -55.89 84.20 39.68
N LEU SA 6 -57.01 83.99 40.36
CA LEU SA 6 -58.29 84.56 39.98
C LEU SA 6 -58.87 85.34 41.14
N GLU SA 7 -59.03 86.65 40.96
CA GLU SA 7 -59.90 87.43 41.82
C GLU SA 7 -61.35 87.01 41.65
N TRP SA 8 -62.16 87.21 42.68
CA TRP SA 8 -63.56 86.83 42.61
C TRP SA 8 -64.29 87.68 41.58
N SER SA 9 -65.16 87.03 40.81
CA SER SA 9 -65.92 87.68 39.77
C SER SA 9 -67.24 86.95 39.61
N PRO SA 10 -68.31 87.64 39.19
CA PRO SA 10 -69.57 86.91 38.97
C PRO SA 10 -69.51 85.99 37.77
N THR SA 11 -68.64 86.27 36.80
CA THR SA 11 -68.49 85.39 35.65
C THR SA 11 -68.01 84.02 36.07
N VAL SA 12 -67.23 83.95 37.16
CA VAL SA 12 -66.73 82.68 37.64
C VAL SA 12 -67.88 81.78 38.10
N GLY SA 13 -68.89 82.38 38.73
CA GLY SA 13 -69.97 81.58 39.28
C GLY SA 13 -70.81 80.90 38.20
N ILE SA 14 -70.88 81.51 37.02
CA ILE SA 14 -71.69 80.93 35.95
C ILE SA 14 -71.02 79.68 35.41
N ILE SA 15 -69.69 79.60 35.51
CA ILE SA 15 -68.99 78.39 35.09
C ILE SA 15 -69.27 77.26 36.06
N MET SA 16 -69.28 77.57 37.36
CA MET SA 16 -69.65 76.58 38.36
C MET SA 16 -71.10 76.15 38.18
N VAL SA 17 -71.96 77.09 37.81
CA VAL SA 17 -73.38 76.77 37.60
C VAL SA 17 -73.56 75.85 36.41
N ILE SA 18 -72.97 76.22 35.27
CA ILE SA 18 -73.14 75.42 34.06
C ILE SA 18 -72.47 74.06 34.23
N ALA SA 19 -71.36 74.01 34.97
CA ALA SA 19 -70.68 72.74 35.20
C ALA SA 19 -71.57 71.78 35.97
N ASN SA 20 -72.39 72.30 36.90
CA ASN SA 20 -73.30 71.44 37.65
C ASN SA 20 -74.41 70.91 36.75
N VAL SA 21 -74.89 71.75 35.82
CA VAL SA 21 -76.04 71.37 35.00
C VAL SA 21 -75.67 70.22 34.07
N ILE SA 22 -74.50 70.29 33.44
CA ILE SA 22 -74.06 69.21 32.57
C ILE SA 22 -73.89 67.93 33.37
N ALA SA 23 -73.45 68.04 34.63
CA ALA SA 23 -73.30 66.86 35.46
C ALA SA 23 -74.65 66.22 35.76
N ILE SA 24 -75.66 67.04 36.08
CA ILE SA 24 -76.99 66.51 36.37
C ILE SA 24 -77.56 65.80 35.16
N THR SA 25 -77.40 66.41 33.98
CA THR SA 25 -77.88 65.79 32.76
C THR SA 25 -77.08 64.52 32.43
N PHE SA 26 -75.81 64.50 32.82
CA PHE SA 26 -74.96 63.36 32.50
C PHE SA 26 -75.29 62.17 33.38
N GLY SA 27 -75.55 62.42 34.67
CA GLY SA 27 -75.78 61.32 35.60
C GLY SA 27 -77.18 60.74 35.50
N ARG SA 28 -78.18 61.59 35.27
CA ARG SA 28 -79.58 61.16 35.35
C ARG SA 28 -79.88 60.03 34.38
N GLN SA 29 -79.18 60.00 33.24
CA GLN SA 29 -79.42 58.96 32.25
C GLN SA 29 -78.51 57.75 32.48
N THR SA 30 -77.22 58.00 32.73
CA THR SA 30 -76.22 56.94 32.69
C THR SA 30 -76.00 56.25 34.03
N ILE SA 31 -76.43 56.84 35.15
CA ILE SA 31 -76.26 56.19 36.43
C ILE SA 31 -77.11 54.94 36.47
N LYS SA 32 -76.48 53.81 36.84
CA LYS SA 32 -77.18 52.53 36.79
C LYS SA 32 -78.30 52.45 37.80
N TYR SA 33 -78.05 52.92 39.03
CA TYR SA 33 -79.01 52.88 40.14
C TYR SA 33 -79.18 54.30 40.66
N PRO SA 34 -79.96 55.15 39.99
CA PRO SA 34 -79.98 56.57 40.38
C PRO SA 34 -80.60 56.82 41.73
N SER SA 35 -81.71 56.15 42.05
CA SER SA 35 -82.47 56.42 43.28
C SER SA 35 -82.23 55.31 44.28
N ALA SA 36 -81.87 55.69 45.50
CA ALA SA 36 -81.77 54.76 46.62
C ALA SA 36 -82.41 55.28 47.90
N GLU SA 37 -82.69 56.58 47.99
CA GLU SA 37 -83.34 57.17 49.16
C GLU SA 37 -84.74 57.65 48.79
N PRO SA 52 -79.99 62.69 47.05
CA PRO SA 52 -78.75 61.92 47.17
C PRO SA 52 -77.82 62.11 45.99
N ALA SA 53 -78.24 61.66 44.81
CA ALA SA 53 -77.44 61.85 43.61
C ALA SA 53 -77.36 63.33 43.24
N LEU SA 54 -78.39 64.11 43.58
CA LEU SA 54 -78.34 65.55 43.36
C LEU SA 54 -77.19 66.17 44.15
N LEU SA 55 -77.00 65.72 45.39
CA LEU SA 55 -75.87 66.20 46.18
C LEU SA 55 -74.55 65.77 45.57
N ALA SA 56 -74.52 64.59 44.97
CA ALA SA 56 -73.27 64.05 44.44
C ALA SA 56 -72.92 64.70 43.10
N THR SA 57 -73.90 64.78 42.20
CA THR SA 57 -73.62 65.34 40.87
C THR SA 57 -73.23 66.80 40.96
N THR SA 58 -73.75 67.53 41.95
CA THR SA 58 -73.36 68.91 42.13
C THR SA 58 -71.91 69.01 42.58
N ALA SA 59 -71.43 68.02 43.34
CA ALA SA 59 -70.05 68.02 43.80
C ALA SA 59 -69.09 67.87 42.63
N PHE SA 60 -69.42 67.00 41.67
CA PHE SA 60 -68.56 66.81 40.51
C PHE SA 60 -68.50 68.07 39.67
N GLY SA 61 -69.60 68.82 39.61
CA GLY SA 61 -69.59 70.06 38.86
C GLY SA 61 -68.64 71.09 39.43
N HIS SA 62 -68.40 71.04 40.74
CA HIS SA 62 -67.45 71.96 41.36
C HIS SA 62 -66.03 71.64 40.93
N ILE SA 63 -65.72 70.36 40.75
CA ILE SA 63 -64.40 69.98 40.25
C ILE SA 63 -64.23 70.43 38.82
N LEU SA 64 -65.18 70.07 37.96
CA LEU SA 64 -65.13 70.50 36.57
C LEU SA 64 -65.17 72.02 36.46
N GLY SA 65 -65.97 72.67 37.32
CA GLY SA 65 -65.96 74.12 37.34
C GLY SA 65 -64.63 74.68 37.77
N VAL SA 66 -64.09 74.18 38.89
CA VAL SA 66 -62.78 74.64 39.35
C VAL SA 66 -61.70 74.26 38.36
N GLY SA 67 -61.88 73.12 37.67
CA GLY SA 67 -60.94 72.74 36.64
C GLY SA 67 -61.00 73.67 35.44
N LEU SA 68 -62.21 74.06 35.03
CA LEU SA 68 -62.36 75.00 33.93
C LEU SA 68 -61.96 76.40 34.37
N VAL SA 69 -62.42 76.81 35.55
CA VAL SA 69 -62.22 78.18 36.01
C VAL SA 69 -60.74 78.50 36.14
N LEU SA 70 -60.01 77.71 36.93
CA LEU SA 70 -58.56 77.89 37.03
C LEU SA 70 -57.86 77.51 35.74
N GLY SA 71 -58.42 76.55 34.99
CA GLY SA 71 -57.77 76.08 33.78
C GLY SA 71 -57.79 77.11 32.66
N LEU SA 72 -58.90 77.83 32.54
CA LEU SA 72 -59.01 78.83 31.47
C LEU SA 72 -57.97 79.92 31.62
N HIS SA 73 -57.76 80.40 32.85
CA HIS SA 73 -56.90 81.57 33.08
C HIS SA 73 -55.51 81.13 33.53
N ASN SA 74 -54.68 80.87 32.51
CA ASN SA 74 -53.29 80.51 32.70
C ASN SA 74 -52.48 81.10 31.56
N ASN TA 1 -65.99 40.43 19.44
CA ASN TA 1 -64.83 39.56 19.26
C ASN TA 1 -64.96 38.28 20.07
N ARG TA 2 -64.27 37.23 19.61
CA ARG TA 2 -64.31 35.92 20.22
C ARG TA 2 -62.89 35.37 20.34
N GLU TA 3 -62.78 34.15 20.86
CA GLU TA 3 -61.50 33.61 21.27
C GLU TA 3 -60.54 33.46 20.10
N VAL TA 4 -59.25 33.66 20.40
CA VAL TA 4 -58.18 33.51 19.41
C VAL TA 4 -57.35 32.26 19.65
N VAL TA 5 -57.27 31.78 20.90
CA VAL TA 5 -56.46 30.63 21.26
C VAL TA 5 -57.35 29.39 21.22
N PHE TA 6 -56.86 28.34 20.58
CA PHE TA 6 -57.60 27.10 20.37
C PHE TA 6 -56.71 25.91 20.70
N PRO TA 7 -57.28 24.69 20.88
CA PRO TA 7 -56.42 23.53 21.14
C PRO TA 7 -55.78 23.01 19.86
N ALA TA 8 -54.63 22.34 19.99
CA ALA TA 8 -53.96 21.79 18.83
C ALA TA 8 -54.84 20.75 18.14
N GLY TA 9 -55.26 21.06 16.92
CA GLY TA 9 -56.22 20.22 16.26
C GLY TA 9 -57.55 20.26 16.97
N ARG TA 10 -58.32 19.19 16.77
CA ARG TA 10 -59.62 19.08 17.44
C ARG TA 10 -59.44 18.57 18.87
N ASP TA 11 -58.40 17.79 19.12
CA ASP TA 11 -58.21 17.20 20.43
C ASP TA 11 -57.67 18.24 21.41
N PRO TA 12 -58.37 18.52 22.54
CA PRO TA 12 -57.76 19.35 23.58
C PRO TA 12 -56.87 18.55 24.52
N GLN TA 13 -56.90 17.22 24.41
CA GLN TA 13 -56.11 16.38 25.29
C GLN TA 13 -54.62 16.61 25.08
N TRP TA 14 -54.21 16.85 23.84
CA TRP TA 14 -52.80 17.03 23.54
C TRP TA 14 -52.28 18.32 24.15
N GLY TA 15 -50.95 18.40 24.28
CA GLY TA 15 -50.35 19.52 24.99
C GLY TA 15 -50.47 20.83 24.24
N ASN TA 16 -50.03 20.85 22.98
CA ASN TA 16 -49.82 22.11 22.27
C ASN TA 16 -51.12 22.89 22.10
N LEU TA 17 -50.98 24.21 22.06
CA LEU TA 17 -52.10 25.14 21.91
C LEU TA 17 -51.90 25.95 20.65
N GLU TA 18 -52.98 26.16 19.90
CA GLU TA 18 -52.94 27.02 18.74
C GLU TA 18 -53.01 28.48 19.19
N THR TA 19 -51.96 29.23 18.89
CA THR TA 19 -51.85 30.63 19.25
C THR TA 19 -51.54 31.44 18.00
N PRO TA 20 -51.59 32.77 18.06
CA PRO TA 20 -51.14 33.56 16.91
C PRO TA 20 -49.70 33.28 16.53
N VAL TA 21 -48.79 33.28 17.49
CA VAL TA 21 -47.38 33.03 17.18
C VAL TA 21 -47.19 31.64 16.61
N ASN TA 22 -48.01 30.68 17.06
CA ASN TA 22 -47.81 29.29 16.65
C ASN TA 22 -48.48 29.01 15.31
N ALA TA 23 -49.69 29.55 15.09
CA ALA TA 23 -50.54 29.15 13.99
C ALA TA 23 -51.07 30.33 13.18
N SER TA 24 -50.30 31.40 13.05
CA SER TA 24 -50.70 32.51 12.20
C SER TA 24 -50.47 32.17 10.74
N PRO TA 25 -51.10 32.91 9.82
CA PRO TA 25 -50.79 32.68 8.39
C PRO TA 25 -49.34 32.97 8.04
N LEU TA 26 -48.77 34.05 8.58
CA LEU TA 26 -47.43 34.46 8.20
C LEU TA 26 -46.38 33.51 8.75
N VAL TA 27 -46.50 33.12 10.02
CA VAL TA 27 -45.49 32.30 10.65
C VAL TA 27 -45.48 30.90 10.05
N LYS TA 28 -46.65 30.38 9.70
CA LYS TA 28 -46.72 29.04 9.14
C LYS TA 28 -45.99 28.95 7.80
N TRP TA 29 -46.10 30.01 7.00
CA TRP TA 29 -45.41 30.01 5.71
C TRP TA 29 -43.91 30.05 5.88
N PHE TA 30 -43.42 31.02 6.67
CA PHE TA 30 -41.99 31.20 6.87
C PHE TA 30 -41.34 29.93 7.37
N ILE TA 31 -41.87 29.36 8.46
CA ILE TA 31 -41.26 28.19 9.06
C ILE TA 31 -41.36 26.99 8.12
N ASN TA 32 -42.53 26.77 7.52
CA ASN TA 32 -42.71 25.58 6.69
C ASN TA 32 -41.93 25.70 5.38
N ASN TA 33 -41.69 26.91 4.91
CA ASN TA 33 -40.90 27.12 3.69
C ASN TA 33 -39.45 27.45 3.96
N LEU TA 34 -39.01 27.45 5.21
CA LEU TA 34 -37.60 27.47 5.51
C LEU TA 34 -36.98 26.20 4.98
N PRO TA 35 -35.66 26.18 4.73
CA PRO TA 35 -35.05 25.00 4.10
C PRO TA 35 -35.19 23.74 4.92
N ALA TA 36 -35.28 23.87 6.23
CA ALA TA 36 -35.41 22.69 7.09
C ALA TA 36 -36.77 22.03 6.95
N TYR TA 37 -37.73 22.71 6.33
CA TYR TA 37 -39.10 22.20 6.18
C TYR TA 37 -39.66 22.42 4.78
N ARG TA 38 -38.91 23.03 3.87
CA ARG TA 38 -39.47 23.37 2.57
C ARG TA 38 -39.75 22.09 1.76
N PRO TA 39 -40.89 22.00 1.09
CA PRO TA 39 -41.18 20.79 0.31
C PRO TA 39 -40.46 20.80 -1.03
N GLY TA 40 -40.11 19.61 -1.50
CA GLY TA 40 -39.52 19.46 -2.82
C GLY TA 40 -38.03 19.62 -2.90
N LEU TA 41 -37.32 19.51 -1.77
CA LEU TA 41 -35.87 19.59 -1.73
C LEU TA 41 -35.29 18.29 -1.22
N THR TA 42 -34.06 18.00 -1.62
CA THR TA 42 -33.35 16.82 -1.14
C THR TA 42 -32.61 17.16 0.14
N PRO TA 43 -32.15 16.17 0.90
CA PRO TA 43 -31.42 16.47 2.14
C PRO TA 43 -30.15 17.26 1.91
N PHE TA 44 -29.51 17.09 0.75
CA PHE TA 44 -28.27 17.81 0.47
C PHE TA 44 -28.53 19.30 0.31
N ARG TA 45 -29.56 19.66 -0.45
CA ARG TA 45 -29.81 21.07 -0.72
C ARG TA 45 -30.22 21.81 0.54
N ARG TA 46 -30.89 21.12 1.46
CA ARG TA 46 -31.27 21.75 2.72
C ARG TA 46 -30.05 22.14 3.53
N GLY TA 47 -29.08 21.23 3.65
CA GLY TA 47 -27.89 21.52 4.43
C GLY TA 47 -27.03 22.59 3.79
N LEU TA 48 -27.02 22.66 2.47
CA LEU TA 48 -26.23 23.66 1.78
C LEU TA 48 -26.77 25.06 2.07
N GLU TA 49 -28.07 25.25 1.93
CA GLU TA 49 -28.67 26.56 2.18
C GLU TA 49 -28.54 26.95 3.63
N VAL TA 50 -28.67 25.99 4.54
CA VAL TA 50 -28.54 26.27 5.96
C VAL TA 50 -27.12 26.70 6.30
N GLY TA 51 -26.13 25.94 5.82
CA GLY TA 51 -24.75 26.29 6.09
C GLY TA 51 -24.37 27.63 5.48
N MET TA 52 -24.80 27.88 4.24
CA MET TA 52 -24.50 29.14 3.58
C MET TA 52 -25.02 30.32 4.38
N ALA TA 53 -26.16 30.15 5.06
CA ALA TA 53 -26.68 31.22 5.90
C ALA TA 53 -25.85 31.39 7.17
N HIS TA 54 -25.28 30.28 7.67
CA HIS TA 54 -24.62 30.31 8.97
C HIS TA 54 -23.16 30.75 8.85
N GLY TA 55 -22.46 30.30 7.83
CA GLY TA 55 -21.12 30.80 7.60
C GLY TA 55 -21.09 32.31 7.42
N TYR TA 56 -22.10 32.85 6.75
CA TYR TA 56 -22.20 34.29 6.59
C TYR TA 56 -22.51 34.96 7.92
N PHE TA 57 -23.23 34.27 8.79
CA PHE TA 57 -23.55 34.82 10.11
C PHE TA 57 -22.36 34.76 11.05
N LEU TA 58 -21.62 33.66 11.03
CA LEU TA 58 -20.64 33.42 12.09
C LEU TA 58 -19.34 34.18 11.85
N PHE TA 59 -19.15 34.74 10.66
CA PHE TA 59 -17.89 35.45 10.38
C PHE TA 59 -17.79 36.73 11.19
N GLY TA 60 -18.92 37.42 11.41
CA GLY TA 60 -18.92 38.72 12.04
C GLY TA 60 -18.39 38.77 13.45
N PRO TA 61 -18.90 37.95 14.39
CA PRO TA 61 -18.45 38.05 15.78
C PRO TA 61 -16.96 37.86 15.97
N PHE TA 62 -16.36 36.92 15.24
CA PHE TA 62 -14.92 36.69 15.37
C PHE TA 62 -14.12 37.89 14.89
N ALA TA 63 -14.58 38.54 13.81
CA ALA TA 63 -13.78 39.57 13.18
C ALA TA 63 -13.82 40.88 13.97
N LYS TA 64 -15.00 41.46 14.12
CA LYS TA 64 -15.14 42.79 14.69
C LYS TA 64 -15.06 42.82 16.20
N LEU TA 65 -15.03 41.67 16.88
CA LEU TA 65 -14.98 41.62 18.33
C LEU TA 65 -13.92 40.66 18.87
N GLY TA 66 -13.44 39.73 18.09
CA GLY TA 66 -12.41 38.83 18.55
C GLY TA 66 -11.09 39.54 18.72
N PRO TA 67 -10.08 38.80 19.18
CA PRO TA 67 -8.74 39.38 19.27
C PRO TA 67 -8.20 39.68 17.89
N LEU TA 68 -7.32 40.68 17.82
CA LEU TA 68 -6.77 41.22 16.58
C LEU TA 68 -7.84 41.91 15.74
N ARG TA 69 -8.99 42.25 16.31
CA ARG TA 69 -9.98 43.04 15.58
C ARG TA 69 -9.41 44.39 15.18
N ASP TA 70 -8.57 44.97 16.03
CA ASP TA 70 -7.90 46.24 15.74
C ASP TA 70 -6.50 45.96 15.21
N ALA TA 71 -6.48 45.30 14.04
CA ALA TA 71 -5.23 44.92 13.41
C ALA TA 71 -5.48 44.74 11.92
N ALA TA 72 -4.40 44.47 11.19
CA ALA TA 72 -4.50 44.31 9.74
C ALA TA 72 -5.15 42.99 9.37
N ASN TA 73 -4.86 41.93 10.12
CA ASN TA 73 -5.38 40.60 9.86
C ASN TA 73 -6.68 40.31 10.60
N ALA TA 74 -7.48 41.35 10.88
CA ALA TA 74 -8.71 41.16 11.61
C ALA TA 74 -9.70 40.32 10.82
N ASN TA 75 -9.98 40.71 9.58
CA ASN TA 75 -10.98 40.01 8.78
C ASN TA 75 -10.54 38.58 8.47
N LEU TA 76 -9.24 38.35 8.38
CA LEU TA 76 -8.74 36.99 8.12
C LEU TA 76 -9.03 36.08 9.31
N ALA TA 77 -8.90 36.61 10.53
CA ALA TA 77 -9.17 35.81 11.71
C ALA TA 77 -10.64 35.38 11.76
N GLY TA 78 -11.54 36.22 11.25
CA GLY TA 78 -12.95 35.88 11.25
C GLY TA 78 -13.25 34.72 10.34
N LEU TA 79 -12.54 34.64 9.21
CA LEU TA 79 -12.78 33.57 8.25
C LEU TA 79 -12.27 32.24 8.79
N LEU TA 80 -11.06 32.22 9.33
CA LEU TA 80 -10.50 30.98 9.84
C LEU TA 80 -11.23 30.53 11.11
N GLY TA 81 -11.55 31.48 11.99
CA GLY TA 81 -12.26 31.13 13.21
C GLY TA 81 -13.65 30.59 12.94
N ALA TA 82 -14.32 31.16 11.93
CA ALA TA 82 -15.66 30.70 11.59
C ALA TA 82 -15.62 29.29 10.99
N ILE TA 83 -14.62 29.02 10.15
CA ILE TA 83 -14.52 27.71 9.53
C ILE TA 83 -14.26 26.64 10.59
N GLY TA 84 -13.42 26.95 11.57
CA GLY TA 84 -13.18 26.01 12.65
C GLY TA 84 -14.45 25.74 13.44
N LEU TA 85 -15.32 26.74 13.57
CA LEU TA 85 -16.58 26.53 14.27
C LEU TA 85 -17.56 25.77 13.39
N VAL TA 86 -17.50 25.98 12.08
CA VAL TA 86 -18.38 25.26 11.16
C VAL TA 86 -18.00 23.79 11.13
N VAL TA 87 -16.70 23.49 11.21
CA VAL TA 87 -16.25 22.10 11.20
C VAL TA 87 -16.77 21.37 12.44
N LEU TA 88 -16.71 22.01 13.60
CA LEU TA 88 -17.27 21.41 14.80
C LEU TA 88 -18.77 21.23 14.66
N PHE TA 89 -19.44 22.20 14.05
CA PHE TA 89 -20.86 22.06 13.74
C PHE TA 89 -21.08 20.91 12.77
N THR TA 90 -20.18 20.74 11.81
CA THR TA 90 -20.30 19.62 10.89
C THR TA 90 -20.07 18.29 11.61
N LEU TA 91 -19.08 18.26 12.50
CA LEU TA 91 -18.78 17.03 13.24
C LEU TA 91 -19.95 16.62 14.12
N ALA TA 92 -20.64 17.61 14.71
CA ALA TA 92 -21.78 17.31 15.57
C ALA TA 92 -22.89 16.63 14.80
N LEU TA 93 -23.11 17.04 13.55
CA LEU TA 93 -24.13 16.40 12.73
C LEU TA 93 -23.80 14.94 12.46
N SER TA 94 -22.53 14.65 12.19
CA SER TA 94 -22.13 13.28 11.89
C SER TA 94 -22.33 12.38 13.09
N LEU TA 95 -22.10 12.89 14.30
CA LEU TA 95 -22.32 12.10 15.49
C LEU TA 95 -23.80 11.88 15.75
N TYR TA 96 -24.60 12.96 15.65
CA TYR TA 96 -26.04 12.81 15.80
C TYR TA 96 -26.62 11.95 14.68
N ALA TA 97 -25.98 11.95 13.50
CA ALA TA 97 -26.44 11.10 12.42
C ALA TA 97 -26.03 9.65 12.62
N ASN TA 98 -24.79 9.42 13.03
CA ASN TA 98 -24.23 8.09 13.17
C ASN TA 98 -24.55 7.45 14.51
N SER TA 99 -25.50 8.00 15.27
CA SER TA 99 -25.93 7.47 16.55
C SER TA 99 -27.39 7.03 16.50
N ASN TA 100 -27.91 6.78 15.31
CA ASN TA 100 -29.29 6.37 15.09
C ASN TA 100 -30.27 7.40 15.68
N PRO TA 101 -30.34 8.60 15.11
CA PRO TA 101 -31.20 9.64 15.67
C PRO TA 101 -32.67 9.23 15.55
N PRO TA 102 -33.48 9.46 16.59
CA PRO TA 102 -34.81 8.82 16.62
C PRO TA 102 -35.75 9.25 15.50
N THR TA 103 -36.10 10.52 15.45
CA THR TA 103 -37.18 11.02 14.61
C THR TA 103 -37.15 12.54 14.60
N ALA TA 104 -37.89 13.12 13.66
CA ALA TA 104 -38.22 14.52 13.67
C ALA TA 104 -39.69 14.71 14.01
N LEU TA 105 -39.99 15.74 14.79
CA LEU TA 105 -41.32 15.95 15.33
C LEU TA 105 -42.14 16.86 14.43
N ALA TA 106 -43.46 16.72 14.54
CA ALA TA 106 -44.43 17.52 13.80
C ALA TA 106 -45.28 18.31 14.77
N SER TA 107 -45.24 19.62 14.66
CA SER TA 107 -45.97 20.56 15.50
C SER TA 107 -47.10 21.19 14.69
N VAL TA 108 -47.79 22.15 15.31
CA VAL TA 108 -48.93 22.78 14.66
C VAL TA 108 -48.48 23.62 13.47
N THR TA 109 -47.42 24.41 13.64
CA THR TA 109 -46.95 25.26 12.56
C THR TA 109 -46.48 24.45 11.37
N VAL TA 110 -45.91 23.27 11.62
CA VAL TA 110 -45.50 22.33 10.59
C VAL TA 110 -46.36 21.08 10.74
N PRO TA 111 -47.62 21.11 10.29
CA PRO TA 111 -48.52 19.99 10.60
C PRO TA 111 -48.14 18.68 9.95
N ASN TA 112 -47.77 18.71 8.68
CA ASN TA 112 -47.36 17.50 7.97
C ASN TA 112 -46.08 16.96 8.60
N PRO TA 113 -45.67 15.73 8.31
CA PRO TA 113 -44.32 15.31 8.68
C PRO TA 113 -43.29 16.24 8.07
N PRO TA 114 -42.29 16.67 8.83
CA PRO TA 114 -41.46 17.79 8.35
C PRO TA 114 -40.66 17.46 7.10
N ASP TA 115 -39.87 16.39 7.13
CA ASP TA 115 -38.96 16.06 6.04
C ASP TA 115 -38.44 14.64 6.22
N ALA TA 116 -37.56 14.19 5.32
CA ALA TA 116 -36.97 12.86 5.42
C ALA TA 116 -35.67 12.93 6.21
N PHE TA 117 -35.79 13.45 7.44
CA PHE TA 117 -34.74 13.40 8.46
C PHE TA 117 -34.91 12.19 9.36
N GLN TA 118 -35.66 11.19 8.91
CA GLN TA 118 -36.01 10.03 9.72
C GLN TA 118 -35.00 8.90 9.60
N SER TA 119 -33.78 9.19 9.16
CA SER TA 119 -32.78 8.15 8.94
C SER TA 119 -31.39 8.75 9.03
N LYS TA 120 -30.39 7.86 9.03
CA LYS TA 120 -29.00 8.29 9.07
C LYS TA 120 -28.58 8.97 7.78
N GLU TA 121 -29.12 8.50 6.65
CA GLU TA 121 -28.71 9.03 5.36
C GLU TA 121 -29.10 10.50 5.20
N GLY TA 122 -30.29 10.86 5.66
CA GLY TA 122 -30.74 12.24 5.51
C GLY TA 122 -29.89 13.21 6.31
N TRP TA 123 -29.45 12.79 7.49
CA TRP TA 123 -28.63 13.65 8.33
C TRP TA 123 -27.19 13.69 7.86
N ASN TA 124 -26.68 12.57 7.35
CA ASN TA 124 -25.30 12.55 6.86
C ASN TA 124 -25.15 13.42 5.62
N ASN TA 125 -26.10 13.34 4.69
CA ASN TA 125 -26.07 14.20 3.53
C ASN TA 125 -26.24 15.67 3.93
N PHE TA 126 -27.01 15.92 5.00
CA PHE TA 126 -27.12 17.27 5.53
C PHE TA 126 -25.78 17.77 6.03
N ALA TA 127 -25.00 16.89 6.65
CA ALA TA 127 -23.72 17.31 7.23
C ALA TA 127 -22.71 17.66 6.14
N SER TA 128 -22.66 16.86 5.08
CA SER TA 128 -21.71 17.11 4.01
C SER TA 128 -21.98 18.45 3.33
N ALA TA 129 -23.25 18.83 3.23
CA ALA TA 129 -23.60 20.09 2.59
C ALA TA 129 -23.34 21.27 3.50
N PHE TA 130 -23.43 21.06 4.82
CA PHE TA 130 -23.18 22.14 5.76
C PHE TA 130 -21.74 22.65 5.67
N LEU TA 131 -20.79 21.73 5.53
CA LEU TA 131 -19.40 22.14 5.41
C LEU TA 131 -19.13 22.87 4.10
N ILE TA 132 -19.77 22.41 3.02
CA ILE TA 132 -19.54 23.03 1.72
C ILE TA 132 -20.14 24.43 1.69
N GLY TA 133 -21.40 24.56 2.09
CA GLY TA 133 -22.04 25.86 2.12
C GLY TA 133 -21.55 26.72 3.26
N GLY TA 134 -21.24 26.07 4.39
CA GLY TA 134 -20.79 26.82 5.55
C GLY TA 134 -19.49 27.54 5.31
N ILE TA 135 -18.52 26.87 4.69
CA ILE TA 135 -17.26 27.53 4.37
C ILE TA 135 -17.47 28.58 3.29
N GLY TA 136 -18.43 28.34 2.39
CA GLY TA 136 -18.69 29.30 1.33
C GLY TA 136 -19.23 30.61 1.86
N GLY TA 137 -20.15 30.54 2.82
CA GLY TA 137 -20.73 31.76 3.35
C GLY TA 137 -19.72 32.65 4.05
N ALA TA 138 -18.76 32.03 4.74
CA ALA TA 138 -17.73 32.80 5.42
C ALA TA 138 -16.78 33.44 4.43
N VAL TA 139 -16.38 32.71 3.39
CA VAL TA 139 -15.47 33.24 2.39
C VAL TA 139 -16.11 34.42 1.66
N VAL TA 140 -17.43 34.35 1.44
CA VAL TA 140 -18.14 35.46 0.82
C VAL TA 140 -18.08 36.69 1.71
N ALA TA 141 -18.39 36.53 2.99
CA ALA TA 141 -18.43 37.66 3.90
C ALA TA 141 -17.04 38.29 4.07
N TYR TA 142 -15.99 37.48 3.92
CA TYR TA 142 -14.65 38.02 4.05
C TYR TA 142 -14.31 38.95 2.90
N PHE TA 143 -14.60 38.53 1.67
CA PHE TA 143 -14.20 39.31 0.51
C PHE TA 143 -14.99 40.61 0.41
N LEU TA 144 -16.25 40.59 0.85
CA LEU TA 144 -17.05 41.81 0.83
C LEU TA 144 -16.53 42.82 1.84
N THR TA 145 -16.40 42.42 3.11
CA THR TA 145 -15.97 43.34 4.15
C THR TA 145 -14.54 43.84 3.92
N SER TA 146 -13.64 42.95 3.48
CA SER TA 146 -12.28 43.36 3.20
C SER TA 146 -12.22 44.34 2.04
N ASN TA 147 -13.04 44.12 1.02
CA ASN TA 147 -13.09 44.96 -0.17
C ASN TA 147 -14.31 45.84 -0.21
N LEU TA 148 -14.94 46.13 0.94
CA LEU TA 148 -16.10 47.00 0.95
C LEU TA 148 -15.72 48.43 0.59
N ALA TA 149 -14.51 48.86 0.97
CA ALA TA 149 -14.05 50.19 0.61
C ALA TA 149 -13.91 50.34 -0.90
N LEU TA 150 -13.47 49.27 -1.57
CA LEU TA 150 -13.35 49.31 -3.03
C LEU TA 150 -14.72 49.35 -3.68
N ILE TA 151 -15.65 48.49 -3.21
CA ILE TA 151 -16.98 48.42 -3.80
C ILE TA 151 -17.68 49.76 -3.67
N GLN TA 152 -17.53 50.42 -2.53
CA GLN TA 152 -18.01 51.80 -2.42
C GLN TA 152 -17.12 52.75 -3.20
N GLY TA 153 -15.83 52.45 -3.29
CA GLY TA 153 -14.92 53.32 -4.01
C GLY TA 153 -15.17 53.36 -5.51
N LEU TA 154 -15.88 52.37 -6.03
CA LEU TA 154 -16.21 52.34 -7.45
C LEU TA 154 -17.00 53.57 -7.87
N SER UA 1 22.26 24.16 30.54
CA SER UA 1 21.06 24.95 30.77
C SER UA 1 19.80 24.14 30.50
N SER UA 2 19.90 23.14 29.62
CA SER UA 2 18.77 22.30 29.29
C SER UA 2 19.26 21.04 28.60
N ILE UA 3 18.36 20.07 28.47
CA ILE UA 3 18.68 18.83 27.79
C ILE UA 3 18.85 19.12 26.30
N SER UA 4 19.74 18.36 25.65
CA SER UA 4 19.90 18.47 24.22
C SER UA 4 18.60 18.10 23.50
N ASP UA 5 18.52 18.49 22.23
CA ASP UA 5 17.32 18.22 21.47
C ASP UA 5 17.14 16.73 21.22
N THR UA 6 18.23 16.04 20.89
CA THR UA 6 18.13 14.62 20.51
C THR UA 6 17.62 13.78 21.66
N GLN UA 7 18.02 14.11 22.88
CA GLN UA 7 17.58 13.33 24.04
C GLN UA 7 16.08 13.43 24.25
N VAL UA 8 15.48 14.57 23.87
CA VAL UA 8 14.05 14.76 24.06
C VAL UA 8 13.28 13.81 23.16
N TYR UA 9 13.69 13.69 21.89
CA TYR UA 9 12.99 12.82 20.96
C TYR UA 9 13.13 11.36 21.39
N ILE UA 10 14.24 11.00 22.03
CA ILE UA 10 14.43 9.63 22.47
C ILE UA 10 13.43 9.28 23.57
N ALA UA 11 13.31 10.14 24.58
CA ALA UA 11 12.34 9.90 25.64
C ALA UA 11 10.93 9.90 25.10
N LEU UA 12 10.66 10.73 24.10
CA LEU UA 12 9.33 10.76 23.49
C LEU UA 12 9.04 9.45 22.77
N VAL UA 13 10.03 8.91 22.07
CA VAL UA 13 9.86 7.62 21.40
C VAL UA 13 9.73 6.52 22.45
N VAL UA 14 10.45 6.64 23.56
CA VAL UA 14 10.37 5.64 24.62
C VAL UA 14 8.98 5.61 25.23
N ALA UA 15 8.29 6.74 25.23
CA ALA UA 15 6.98 6.82 25.86
C ALA UA 15 5.93 5.99 25.13
N LEU UA 16 6.20 5.63 23.87
CA LEU UA 16 5.27 4.76 23.15
C LEU UA 16 5.18 3.38 23.79
N ILE UA 17 6.24 2.94 24.44
CA ILE UA 17 6.27 1.57 24.96
C ILE UA 17 5.30 1.40 26.12
N PRO UA 18 5.23 2.30 27.11
CA PRO UA 18 4.12 2.23 28.05
C PRO UA 18 2.77 2.40 27.39
N GLY UA 19 2.70 3.20 26.34
CA GLY UA 19 1.42 3.47 25.71
C GLY UA 19 0.81 2.24 25.07
N LEU UA 20 1.60 1.51 24.28
CA LEU UA 20 1.09 0.29 23.66
C LEU UA 20 0.73 -0.74 24.71
N LEU UA 21 1.45 -0.77 25.83
CA LEU UA 21 1.17 -1.73 26.88
C LEU UA 21 -0.02 -1.29 27.73
N ALA UA 22 -0.14 0.02 27.96
CA ALA UA 22 -1.30 0.53 28.68
C ALA UA 22 -2.58 0.26 27.90
N TRP UA 23 -2.52 0.39 26.58
CA TRP UA 23 -3.66 0.06 25.75
C TRP UA 23 -3.99 -1.43 25.83
N ARG UA 24 -2.96 -2.27 25.89
CA ARG UA 24 -3.18 -3.71 25.91
C ARG UA 24 -3.73 -4.17 27.26
N LEU UA 25 -3.15 -3.67 28.35
CA LEU UA 25 -3.68 -3.98 29.68
C LEU UA 25 -5.12 -3.53 29.81
N ALA UA 26 -5.41 -2.32 29.32
CA ALA UA 26 -6.74 -1.74 29.49
C ALA UA 26 -7.80 -2.52 28.73
N THR UA 27 -7.55 -2.80 27.46
CA THR UA 27 -8.52 -3.56 26.67
C THR UA 27 -8.70 -4.96 27.21
N GLU UA 28 -7.65 -5.53 27.79
CA GLU UA 28 -7.75 -6.87 28.36
C GLU UA 28 -8.63 -6.86 29.61
N LEU UA 29 -8.56 -5.78 30.38
CA LEU UA 29 -9.37 -5.68 31.60
C LEU UA 29 -10.84 -5.55 31.26
N TYR UA 30 -11.16 -4.91 30.14
CA TYR UA 30 -12.55 -4.80 29.71
C TYR UA 30 -13.14 -6.18 29.42
N LYS UA 31 -12.36 -7.05 28.80
CA LYS UA 31 -12.81 -8.39 28.44
C LYS UA 31 -13.01 -9.23 29.70
N LYS VA 1 -32.68 -12.78 66.89
CA LYS VA 1 -32.61 -13.51 68.16
C LYS VA 1 -31.49 -14.56 68.15
N ILE VA 2 -30.61 -14.49 67.15
CA ILE VA 2 -29.57 -15.52 67.03
C ILE VA 2 -28.49 -15.31 68.06
N SER VA 3 -28.10 -14.05 68.29
CA SER VA 3 -27.11 -13.67 69.27
C SER VA 3 -27.70 -12.59 70.18
N PRO VA 4 -27.48 -12.64 71.50
CA PRO VA 4 -28.04 -11.59 72.35
C PRO VA 4 -27.26 -10.29 72.19
N VAL VA 5 -27.96 -9.17 72.37
CA VAL VA 5 -27.35 -7.86 72.20
C VAL VA 5 -26.61 -7.45 73.47
N ALA VA 6 -26.80 -8.18 74.56
CA ALA VA 6 -26.12 -7.93 75.84
C ALA VA 6 -25.28 -9.14 76.23
N ASN VA 7 -24.03 -8.89 76.60
CA ASN VA 7 -23.10 -9.94 77.01
C ASN VA 7 -23.10 -10.07 78.53
N THR VA 8 -22.70 -11.25 79.01
CA THR VA 8 -22.65 -11.56 80.43
C THR VA 8 -21.38 -12.37 80.71
N GLY VA 9 -21.23 -12.78 81.97
CA GLY VA 9 -20.16 -13.68 82.36
C GLY VA 9 -19.02 -13.04 83.14
N ALA VA 10 -19.30 -12.16 84.10
CA ALA VA 10 -18.26 -11.54 84.89
C ALA VA 10 -18.73 -11.37 86.33
N LYS VA 11 -17.78 -11.08 87.21
CA LYS VA 11 -17.97 -11.02 88.65
C LYS VA 11 -17.80 -9.59 89.16
N PRO VA 12 -18.22 -9.31 90.40
CA PRO VA 12 -18.13 -7.92 90.91
C PRO VA 12 -16.73 -7.32 90.89
N PRO VA 13 -15.69 -8.03 91.36
CA PRO VA 13 -14.40 -7.32 91.52
C PRO VA 13 -13.75 -6.91 90.21
N TYR VA 14 -13.84 -7.73 89.17
CA TYR VA 14 -13.19 -7.47 87.89
C TYR VA 14 -11.68 -7.32 88.07
N THR VA 15 -11.05 -8.42 88.51
CA THR VA 15 -9.64 -8.38 88.85
C THR VA 15 -8.77 -8.07 87.64
N PHE VA 16 -9.05 -8.71 86.50
CA PHE VA 16 -8.22 -8.51 85.32
C PHE VA 16 -8.33 -7.08 84.80
N ARG VA 17 -9.54 -6.52 84.82
CA ARG VA 17 -9.72 -5.15 84.38
C ARG VA 17 -9.01 -4.17 85.30
N THR VA 18 -9.13 -4.36 86.60
CA THR VA 18 -8.52 -3.44 87.56
C THR VA 18 -7.00 -3.55 87.53
N GLY VA 19 -6.49 -4.78 87.36
CA GLY VA 19 -5.04 -4.97 87.39
C GLY VA 19 -4.33 -4.23 86.28
N TRP VA 20 -4.84 -4.35 85.05
CA TRP VA 20 -4.21 -3.68 83.93
C TRP VA 20 -4.46 -2.17 83.96
N ALA VA 21 -5.67 -1.76 84.38
CA ALA VA 21 -5.98 -0.35 84.43
C ALA VA 21 -5.18 0.35 85.51
N LEU VA 22 -5.04 -0.29 86.67
CA LEU VA 22 -4.26 0.29 87.75
C LEU VA 22 -2.79 0.40 87.36
N LEU VA 23 -2.30 -0.53 86.55
CA LEU VA 23 -0.95 -0.42 86.01
C LEU VA 23 -0.83 0.80 85.11
N LEU VA 24 -1.79 0.99 84.22
CA LEU VA 24 -1.81 2.19 83.37
C LEU VA 24 -1.91 3.44 84.21
N LEU VA 25 -2.64 3.37 85.33
CA LEU VA 25 -2.74 4.51 86.22
C LEU VA 25 -1.44 4.73 86.99
N ALA VA 26 -0.78 3.64 87.37
CA ALA VA 26 0.49 3.76 88.10
C ALA VA 26 1.54 4.47 87.25
N VAL VA 27 1.55 4.19 85.94
CA VAL VA 27 2.48 4.86 85.04
C VAL VA 27 2.18 6.35 84.98
N ASN VA 28 0.89 6.71 84.98
CA ASN VA 28 0.51 8.11 84.88
C ASN VA 28 1.00 8.91 86.08
N PHE VA 29 0.98 8.29 87.27
CA PHE VA 29 1.49 8.97 88.45
C PHE VA 29 3.01 9.04 88.45
N LEU VA 30 3.67 8.02 87.89
CA LEU VA 30 5.12 8.05 87.77
C LEU VA 30 5.57 9.19 86.89
N VAL VA 31 4.85 9.43 85.79
CA VAL VA 31 5.14 10.57 84.94
C VAL VA 31 4.89 11.87 85.69
N ALA VA 32 3.80 11.91 86.46
CA ALA VA 32 3.52 13.10 87.25
C ALA VA 32 4.56 13.31 88.33
N ALA VA 33 5.14 12.21 88.83
CA ALA VA 33 6.17 12.33 89.85
C ALA VA 33 7.40 13.04 89.32
N TYR VA 34 7.84 12.68 88.10
CA TYR VA 34 8.98 13.36 87.50
C TYR VA 34 8.66 14.82 87.22
N TYR VA 35 7.41 15.11 86.86
CA TYR VA 35 7.03 16.49 86.57
C TYR VA 35 7.07 17.34 87.83
N PHE VA 36 6.47 16.86 88.91
CA PHE VA 36 6.48 17.56 90.18
C PHE VA 36 7.80 17.45 90.93
N HIS VA 37 8.80 16.78 90.35
CA HIS VA 37 10.12 16.63 90.96
C HIS VA 37 10.04 15.89 92.30
N ILE VA 38 9.10 14.95 92.40
CA ILE VA 38 9.07 14.06 93.55
C ILE VA 38 10.24 13.10 93.49
N ILE VA 39 10.63 12.69 92.28
CA ILE VA 39 11.71 11.74 92.06
C ILE VA 39 12.93 12.47 91.52
#